data_9IM3
#
_entry.id   9IM3
#
_cell.length_a   1.00
_cell.length_b   1.00
_cell.length_c   1.00
_cell.angle_alpha   90.00
_cell.angle_beta   90.00
_cell.angle_gamma   90.00
#
_symmetry.space_group_name_H-M   'P 1'
#
_entity_poly.entity_id   1
_entity_poly.type   'polypeptide(L)'
_entity_poly.pdbx_seq_one_letter_code
;MDAAIRGNDVIFVLKTIGVPSACRQNEDPRFVEAFKCDELERYIDNNPECTLFESLRDEEAYSIVRIFMDVDLDACLDEI
DYLTAIQDFIIEVSNCVARFAFTECGAIHENVIKSMRSNFSLTKSTNRDKTSFHIIFLDTYTTMDTLIAMKRTLLELSRS
SENPLTRSIDTAVYRRKTTLRVVGTRKNPNCDTIHVMQPPHDNIEDYLFTYVDMNNNSYYFSLQRRLEDLVPDKLWEPGF
ISFEDAIKRVSKIFINSIINFNDLDENNFTTVPLVIDYVTPCALCKKRSHKHPHQLSLENGAIRIYKTGNPHSCKVKIVP
LDGNKLFNIAQRILDTNSVLLTERGDHIVWINNSWKFNSEEPLITKLILSIRHQLPKEYSSELLCPRKRKTVEANIRDML
VDSVETDTYPDKLPFKNGVLDLVDGMFYSGDDAKKYTCTVSTGFKFDDTKFVEDSPEMEELMNIINDIQPLTDENKKNRE
LYEKTLSSCLCGATKGCLTFFFGETATGKSTTKRLLKSAIGDLFVETGQTILTDVLDKGPNPFIANMHLKRSVFCSELPD
FACSGSKKIRSDNIKKLTEPCVIGRPCFSNKINNRNHATIIIDTNYKPVFDRIDNALMRRIAVVRFRTHFSQPSGREAAE
NNDAYDKVKLLDEGLDGKIQNNRYRFAFLYLLVKWYKKYHIPIMKLYPTPEEIPDFAFYLKIGTLLVSSSVKHIPLMTDL
SKKGYILYDNVVTLPLTTFQQKISKYFNSRLFGHDIESFINRHKKFANVSDEYLQYIFIEDISSP
;
_entity_poly.pdbx_strand_id   A,B,C,E,F,J,M,N,O,Q,R,S
#
# COMPACT_ATOMS: atom_id res chain seq x y z
N TRP A 236 10.70 -37.04 26.37
CA TRP A 236 9.70 -36.66 27.36
C TRP A 236 10.29 -36.78 28.76
N GLU A 237 10.12 -35.74 29.57
CA GLU A 237 10.75 -35.64 30.87
C GLU A 237 9.67 -35.62 31.96
N PRO A 238 9.92 -36.23 33.12
CA PRO A 238 8.90 -36.21 34.19
C PRO A 238 8.53 -34.81 34.64
N GLY A 239 9.44 -33.85 34.58
CA GLY A 239 9.10 -32.48 34.90
C GLY A 239 8.08 -31.87 33.96
N PHE A 240 7.96 -32.40 32.74
CA PHE A 240 6.98 -31.92 31.80
C PHE A 240 5.59 -32.44 32.15
N ILE A 241 4.57 -31.81 31.56
CA ILE A 241 3.22 -32.33 31.70
C ILE A 241 3.11 -33.67 30.99
N SER A 242 2.03 -34.39 31.26
CA SER A 242 1.83 -35.70 30.68
C SER A 242 1.63 -35.60 29.17
N PHE A 243 1.99 -36.70 28.49
CA PHE A 243 2.10 -36.68 27.03
C PHE A 243 0.74 -36.46 26.36
N GLU A 244 -0.26 -37.24 26.75
CA GLU A 244 -1.56 -37.14 26.07
C GLU A 244 -2.21 -35.79 26.30
N ASP A 245 -1.90 -35.13 27.41
CA ASP A 245 -2.38 -33.76 27.61
C ASP A 245 -1.78 -32.82 26.57
N ALA A 246 -0.49 -32.98 26.28
CA ALA A 246 0.14 -32.19 25.22
C ALA A 246 -0.50 -32.48 23.88
N ILE A 247 -0.78 -33.75 23.59
CA ILE A 247 -1.47 -34.08 22.34
C ILE A 247 -2.84 -33.43 22.30
N LYS A 248 -3.55 -33.41 23.43
CA LYS A 248 -4.88 -32.80 23.47
C LYS A 248 -4.82 -31.31 23.18
N ARG A 249 -3.89 -30.60 23.81
CA ARG A 249 -3.80 -29.16 23.54
C ARG A 249 -3.39 -28.91 22.09
N VAL A 250 -2.47 -29.71 21.56
CA VAL A 250 -2.08 -29.59 20.15
C VAL A 250 -3.29 -29.77 19.26
N SER A 251 -4.15 -30.73 19.59
CA SER A 251 -5.39 -30.92 18.83
C SER A 251 -6.29 -29.69 18.93
N LYS A 252 -6.38 -29.10 20.12
CA LYS A 252 -7.20 -27.90 20.27
C LYS A 252 -6.64 -26.71 19.50
N ILE A 253 -5.34 -26.68 19.22
CA ILE A 253 -4.80 -25.61 18.37
C ILE A 253 -5.44 -25.67 16.99
N PHE A 254 -5.54 -26.87 16.42
CA PHE A 254 -6.01 -27.04 15.05
C PHE A 254 -7.52 -27.22 15.06
N ILE A 255 -8.23 -26.24 14.51
CA ILE A 255 -9.68 -26.35 14.38
C ILE A 255 -10.04 -27.51 13.46
N ASN A 256 -9.32 -27.66 12.36
CA ASN A 256 -9.55 -28.75 11.44
C ASN A 256 -9.19 -30.08 12.10
N SER A 257 -9.95 -31.13 11.75
CA SER A 257 -9.74 -32.42 12.36
C SER A 257 -8.47 -33.07 11.83
N ILE A 258 -7.78 -33.79 12.72
CA ILE A 258 -6.56 -34.51 12.37
C ILE A 258 -6.95 -35.90 11.86
N ILE A 259 -6.19 -36.41 10.90
CA ILE A 259 -6.47 -37.73 10.34
C ILE A 259 -5.72 -38.82 11.11
N ASN A 260 -4.44 -38.61 11.38
CA ASN A 260 -3.58 -39.63 11.98
C ASN A 260 -3.27 -39.31 13.44
N PHE A 261 -4.28 -38.83 14.18
CA PHE A 261 -4.07 -38.43 15.57
C PHE A 261 -3.72 -39.61 16.47
N ASN A 262 -4.16 -40.82 16.12
CA ASN A 262 -3.90 -41.99 16.94
C ASN A 262 -2.52 -42.60 16.71
N ASP A 263 -1.78 -42.14 15.69
CA ASP A 263 -0.52 -42.77 15.33
C ASP A 263 0.69 -42.17 16.06
N LEU A 264 0.51 -41.10 16.84
CA LEU A 264 1.61 -40.48 17.54
C LEU A 264 1.73 -41.05 18.95
N ASP A 265 2.93 -41.50 19.31
CA ASP A 265 3.24 -41.99 20.64
C ASP A 265 4.39 -41.19 21.22
N GLU A 266 4.86 -41.61 22.40
CA GLU A 266 5.90 -40.87 23.10
C GLU A 266 7.27 -40.99 22.45
N ASN A 267 7.39 -41.72 21.34
CA ASN A 267 8.69 -41.95 20.73
C ASN A 267 8.78 -41.53 19.27
N ASN A 268 7.66 -41.17 18.63
CA ASN A 268 7.68 -40.87 17.20
C ASN A 268 6.99 -39.57 16.84
N PHE A 269 6.69 -38.70 17.80
CA PHE A 269 5.96 -37.47 17.48
C PHE A 269 6.82 -36.52 16.66
N THR A 270 8.12 -36.45 16.95
CA THR A 270 9.00 -35.54 16.21
C THR A 270 9.21 -35.97 14.76
N THR A 271 8.95 -37.23 14.44
CA THR A 271 9.22 -37.75 13.10
C THR A 271 8.02 -37.73 12.19
N VAL A 272 6.88 -38.26 12.63
CA VAL A 272 5.71 -38.39 11.76
C VAL A 272 5.13 -37.01 11.50
N PRO A 273 5.03 -36.59 10.24
CA PRO A 273 4.34 -35.33 9.94
C PRO A 273 2.84 -35.49 10.16
N LEU A 274 2.19 -34.38 10.48
CA LEU A 274 0.76 -34.41 10.79
C LEU A 274 -0.07 -34.22 9.54
N VAL A 275 -1.09 -35.05 9.39
CA VAL A 275 -1.98 -35.04 8.23
C VAL A 275 -3.24 -34.29 8.61
N ILE A 276 -3.45 -33.12 8.02
CA ILE A 276 -4.57 -32.25 8.36
C ILE A 276 -5.58 -32.30 7.22
N ASP A 277 -6.81 -32.73 7.52
CA ASP A 277 -7.90 -32.72 6.57
C ASP A 277 -8.52 -31.34 6.60
N TYR A 278 -8.05 -30.46 5.70
CA TYR A 278 -8.46 -29.06 5.72
C TYR A 278 -9.87 -28.88 5.21
N VAL A 279 -10.87 -29.27 6.00
CA VAL A 279 -12.25 -28.94 5.68
C VAL A 279 -12.45 -27.43 5.71
N THR A 280 -11.89 -26.78 6.73
CA THR A 280 -11.83 -25.34 6.84
C THR A 280 -10.41 -24.86 6.52
N PRO A 281 -10.22 -23.57 6.26
CA PRO A 281 -8.87 -23.07 5.99
C PRO A 281 -7.92 -23.30 7.17
N CYS A 282 -6.64 -23.41 6.84
CA CYS A 282 -5.58 -23.63 7.82
C CYS A 282 -5.73 -22.71 9.02
N ALA A 283 -5.87 -23.30 10.20
CA ALA A 283 -6.08 -22.50 11.41
C ALA A 283 -4.86 -21.64 11.72
N LEU A 284 -3.66 -22.08 11.33
CA LEU A 284 -2.46 -21.34 11.66
C LEU A 284 -2.29 -20.09 10.79
N CYS A 285 -2.55 -20.19 9.49
CA CYS A 285 -2.27 -19.10 8.58
C CYS A 285 -3.45 -18.72 7.67
N LYS A 286 -4.61 -19.35 7.84
CA LYS A 286 -5.87 -19.00 7.20
C LYS A 286 -5.89 -19.26 5.70
N LYS A 287 -4.83 -19.81 5.11
CA LYS A 287 -4.89 -20.18 3.71
C LYS A 287 -5.57 -21.55 3.56
N ARG A 288 -6.04 -21.83 2.34
CA ARG A 288 -6.95 -22.94 2.14
C ARG A 288 -6.33 -24.28 2.52
N SER A 289 -5.16 -24.58 1.99
CA SER A 289 -4.51 -25.86 2.27
C SER A 289 -3.01 -25.71 2.06
N HIS A 290 -2.25 -26.62 2.66
CA HIS A 290 -0.80 -26.58 2.67
C HIS A 290 -0.25 -27.65 1.73
N LYS A 291 0.69 -27.26 0.88
CA LYS A 291 1.37 -28.24 0.04
C LYS A 291 2.22 -29.20 0.88
N HIS A 292 2.76 -28.72 1.99
CA HIS A 292 3.59 -29.52 2.88
C HIS A 292 2.90 -29.71 4.23
N PRO A 293 2.94 -30.92 4.79
CA PRO A 293 2.30 -31.16 6.09
C PRO A 293 3.08 -30.50 7.22
N HIS A 294 2.38 -30.29 8.33
CA HIS A 294 2.99 -29.72 9.51
C HIS A 294 3.76 -30.78 10.29
N GLN A 295 4.65 -30.31 11.16
CA GLN A 295 5.46 -31.20 12.00
C GLN A 295 5.71 -30.51 13.33
N LEU A 296 6.01 -31.31 14.35
CA LEU A 296 6.24 -30.82 15.70
C LEU A 296 7.55 -31.37 16.25
N SER A 297 8.13 -30.62 17.19
CA SER A 297 9.40 -30.99 17.79
C SER A 297 9.48 -30.40 19.20
N LEU A 298 10.42 -30.92 19.98
CA LEU A 298 10.56 -30.58 21.40
C LEU A 298 11.89 -29.86 21.62
N GLU A 299 11.84 -28.53 21.67
CA GLU A 299 13.00 -27.71 22.00
C GLU A 299 12.72 -26.93 23.28
N ASN A 300 13.65 -27.00 24.23
CA ASN A 300 13.58 -26.23 25.48
C ASN A 300 12.28 -26.50 26.24
N GLY A 301 11.86 -27.77 26.26
CA GLY A 301 10.65 -28.14 26.97
C GLY A 301 9.40 -27.50 26.39
N ALA A 302 9.35 -27.30 25.09
CA ALA A 302 8.20 -26.71 24.43
C ALA A 302 7.98 -27.38 23.08
N ILE A 303 6.72 -27.58 22.73
CA ILE A 303 6.36 -28.18 21.45
C ILE A 303 6.19 -27.06 20.44
N ARG A 304 6.96 -27.11 19.35
CA ARG A 304 6.91 -26.11 18.30
C ARG A 304 6.11 -26.66 17.13
N ILE A 305 5.09 -25.92 16.69
CA ILE A 305 4.28 -26.31 15.55
C ILE A 305 4.77 -25.50 14.34
N TYR A 306 5.24 -26.21 13.32
CA TYR A 306 5.76 -25.56 12.12
C TYR A 306 5.37 -26.37 10.90
N LYS A 307 5.37 -25.70 9.75
CA LYS A 307 5.06 -26.32 8.47
C LYS A 307 6.33 -26.73 7.77
N THR A 308 6.35 -27.95 7.22
CA THR A 308 7.50 -28.42 6.47
C THR A 308 7.60 -27.69 5.14
N GLY A 309 8.67 -27.99 4.40
CA GLY A 309 8.89 -27.30 3.14
C GLY A 309 9.43 -25.91 3.36
N ASN A 310 8.58 -24.90 3.14
CA ASN A 310 8.94 -23.53 3.45
C ASN A 310 8.23 -23.14 4.73
N PRO A 311 8.94 -23.05 5.87
CA PRO A 311 8.25 -22.71 7.12
C PRO A 311 7.69 -21.30 7.16
N HIS A 312 8.18 -20.40 6.30
CA HIS A 312 7.77 -19.01 6.35
C HIS A 312 6.38 -18.76 5.76
N SER A 313 5.81 -19.73 5.07
CA SER A 313 4.45 -19.58 4.55
C SER A 313 3.38 -19.82 5.60
N CYS A 314 3.74 -20.37 6.75
CA CYS A 314 2.79 -20.66 7.83
C CYS A 314 3.35 -20.14 9.15
N LYS A 315 2.46 -19.62 9.98
CA LYS A 315 2.87 -19.04 11.27
C LYS A 315 3.15 -20.15 12.27
N VAL A 316 4.08 -19.87 13.20
CA VAL A 316 4.59 -20.87 14.13
C VAL A 316 3.96 -20.67 15.49
N LYS A 317 3.48 -21.77 16.09
CA LYS A 317 2.99 -21.77 17.47
C LYS A 317 4.00 -22.43 18.40
N ILE A 318 3.94 -22.05 19.67
CA ILE A 318 4.76 -22.60 20.73
C ILE A 318 3.84 -23.06 21.85
N VAL A 319 4.04 -24.28 22.33
CA VAL A 319 3.26 -24.84 23.43
C VAL A 319 4.22 -25.23 24.55
N PRO A 320 4.16 -24.59 25.71
CA PRO A 320 5.03 -25.01 26.82
C PRO A 320 4.61 -26.38 27.36
N LEU A 321 5.59 -27.10 27.90
CA LEU A 321 5.36 -28.43 28.43
C LEU A 321 5.59 -28.54 29.93
N ASP A 322 6.13 -27.52 30.59
CA ASP A 322 6.29 -27.57 32.02
C ASP A 322 4.95 -27.41 32.73
N GLY A 323 4.78 -28.14 33.83
CA GLY A 323 3.52 -28.10 34.55
C GLY A 323 3.62 -27.72 36.02
N ASN A 324 3.09 -26.55 36.36
CA ASN A 324 2.96 -26.07 37.74
C ASN A 324 4.28 -26.21 38.49
N LYS A 325 5.29 -25.46 38.06
CA LYS A 325 6.64 -25.46 38.62
C LYS A 325 6.66 -25.44 40.14
N LEU A 326 5.65 -24.80 40.74
CA LEU A 326 5.57 -24.76 42.20
C LEU A 326 5.39 -26.14 42.81
N PHE A 327 4.58 -26.99 42.16
CA PHE A 327 4.41 -28.35 42.67
C PHE A 327 5.73 -29.12 42.62
N ASN A 328 6.50 -28.93 41.54
CA ASN A 328 7.82 -29.57 41.47
C ASN A 328 8.73 -29.07 42.58
N ILE A 329 8.68 -27.77 42.87
CA ILE A 329 9.47 -27.22 43.97
C ILE A 329 9.06 -27.87 45.29
N ALA A 330 7.75 -28.02 45.51
CA ALA A 330 7.27 -28.65 46.74
C ALA A 330 7.74 -30.10 46.82
N GLN A 331 7.68 -30.83 45.71
CA GLN A 331 8.20 -32.19 45.67
C GLN A 331 9.66 -32.23 46.09
N ARG A 332 10.48 -31.36 45.49
CA ARG A 332 11.91 -31.36 45.77
C ARG A 332 12.19 -31.01 47.23
N ILE A 333 11.45 -30.05 47.78
CA ILE A 333 11.65 -29.67 49.17
C ILE A 333 11.25 -30.82 50.10
N LEU A 334 10.13 -31.48 49.82
CA LEU A 334 9.68 -32.55 50.69
C LEU A 334 10.59 -33.77 50.59
N ASP A 335 11.25 -33.96 49.45
CA ASP A 335 12.15 -35.10 49.31
C ASP A 335 13.32 -35.06 50.28
N THR A 336 13.64 -33.89 50.83
CA THR A 336 14.78 -33.74 51.73
C THR A 336 14.45 -34.06 53.18
N ASN A 337 13.18 -34.30 53.50
CA ASN A 337 12.75 -34.61 54.87
C ASN A 337 13.18 -33.53 55.86
N SER A 338 12.94 -32.28 55.49
CA SER A 338 13.27 -31.15 56.35
C SER A 338 12.11 -30.74 57.25
N VAL A 339 10.87 -31.02 56.85
CA VAL A 339 9.69 -30.67 57.61
C VAL A 339 8.89 -31.94 57.89
N LEU A 340 8.40 -32.07 59.11
CA LEU A 340 7.70 -33.27 59.53
C LEU A 340 6.49 -32.91 60.37
N LEU A 341 5.53 -33.84 60.43
CA LEU A 341 4.35 -33.71 61.27
C LEU A 341 4.64 -34.34 62.63
N THR A 342 4.34 -33.61 63.70
CA THR A 342 4.71 -34.01 65.05
C THR A 342 3.62 -34.79 65.77
N GLU A 343 2.57 -35.19 65.05
CA GLU A 343 1.48 -36.04 65.55
C GLU A 343 0.56 -35.30 66.51
N ARG A 344 0.88 -34.06 66.88
CA ARG A 344 0.05 -33.29 67.80
C ARG A 344 -0.64 -32.11 67.13
N GLY A 345 -0.41 -31.90 65.84
CA GLY A 345 -1.02 -30.80 65.11
C GLY A 345 -0.06 -29.70 64.69
N ASP A 346 1.19 -29.73 65.10
CA ASP A 346 2.18 -28.75 64.72
C ASP A 346 3.11 -29.32 63.65
N HIS A 347 4.12 -28.55 63.28
CA HIS A 347 5.12 -28.99 62.33
C HIS A 347 6.51 -28.69 62.88
N ILE A 348 7.46 -29.58 62.60
CA ILE A 348 8.83 -29.47 63.07
C ILE A 348 9.71 -29.13 61.87
N VAL A 349 10.51 -28.08 62.01
CA VAL A 349 11.29 -27.55 60.91
C VAL A 349 12.77 -27.67 61.24
N TRP A 350 13.56 -28.11 60.28
CA TRP A 350 14.99 -28.34 60.42
C TRP A 350 15.73 -27.14 59.84
N ILE A 351 16.06 -26.17 60.69
CA ILE A 351 16.78 -24.97 60.28
C ILE A 351 17.90 -24.71 61.28
N ASN A 352 19.03 -24.23 60.77
CA ASN A 352 20.21 -23.91 61.60
C ASN A 352 20.64 -25.12 62.43
N ASN A 353 20.64 -26.30 61.80
CA ASN A 353 21.11 -27.53 62.41
C ASN A 353 20.37 -27.83 63.71
N SER A 354 19.04 -27.65 63.70
CA SER A 354 18.22 -27.95 64.87
C SER A 354 16.78 -28.14 64.43
N TRP A 355 16.02 -28.84 65.27
CA TRP A 355 14.59 -29.00 65.07
C TRP A 355 13.87 -28.00 65.97
N LYS A 356 13.06 -27.14 65.36
CA LYS A 356 12.45 -26.01 66.07
C LYS A 356 10.93 -26.18 66.14
N PHE A 357 10.40 -26.17 67.35
CA PHE A 357 8.97 -26.10 67.55
C PHE A 357 8.47 -24.68 67.35
N ASN A 358 7.22 -24.57 66.89
CA ASN A 358 6.56 -23.27 66.81
C ASN A 358 5.07 -23.49 66.56
N SER A 359 4.25 -22.67 67.20
CA SER A 359 2.80 -22.78 67.09
C SER A 359 2.12 -21.53 66.54
N GLU A 360 2.77 -20.37 66.62
CA GLU A 360 2.16 -19.12 66.19
C GLU A 360 2.89 -18.43 65.05
N GLU A 361 4.22 -18.49 65.03
CA GLU A 361 4.92 -17.85 63.93
C GLU A 361 5.29 -18.87 62.86
N PRO A 362 5.10 -18.56 61.59
CA PRO A 362 5.38 -19.54 60.54
C PRO A 362 6.87 -19.82 60.40
N LEU A 363 7.19 -21.11 60.27
CA LEU A 363 8.56 -21.54 60.03
C LEU A 363 8.75 -22.23 58.70
N ILE A 364 7.68 -22.70 58.06
CA ILE A 364 7.81 -23.35 56.75
C ILE A 364 8.34 -22.35 55.72
N THR A 365 7.85 -21.11 55.77
CA THR A 365 8.28 -20.11 54.80
C THR A 365 9.76 -19.79 54.95
N LYS A 366 10.25 -19.76 56.20
CA LYS A 366 11.68 -19.56 56.41
C LYS A 366 12.50 -20.70 55.81
N LEU A 367 12.02 -21.93 55.97
CA LEU A 367 12.70 -23.06 55.34
C LEU A 367 12.70 -22.95 53.82
N ILE A 368 11.57 -22.53 53.25
CA ILE A 368 11.49 -22.35 51.80
C ILE A 368 12.49 -21.31 51.34
N LEU A 369 12.60 -20.20 52.08
CA LEU A 369 13.57 -19.17 51.72
C LEU A 369 15.01 -19.66 51.88
N SER A 370 15.26 -20.53 52.87
CA SER A 370 16.62 -20.98 53.11
C SER A 370 17.08 -22.03 52.11
N ILE A 371 16.17 -22.89 51.63
CA ILE A 371 16.57 -23.99 50.75
C ILE A 371 16.69 -23.57 49.29
N ARG A 372 16.64 -22.26 49.00
CA ARG A 372 16.75 -21.82 47.61
C ARG A 372 18.06 -22.26 46.97
N HIS A 373 19.13 -22.39 47.76
CA HIS A 373 20.43 -22.69 47.18
C HIS A 373 20.54 -24.14 46.73
N GLN A 374 19.90 -25.06 47.45
CA GLN A 374 19.97 -26.47 47.08
C GLN A 374 19.15 -26.76 45.83
N LEU A 375 18.09 -26.00 45.60
CA LEU A 375 17.24 -26.23 44.44
C LEU A 375 17.97 -25.83 43.16
N PRO A 376 17.52 -26.34 42.01
CA PRO A 376 18.14 -25.95 40.74
C PRO A 376 18.05 -24.45 40.50
N LYS A 377 18.85 -23.99 39.54
CA LYS A 377 18.99 -22.55 39.29
C LYS A 377 17.66 -21.92 38.89
N GLU A 378 16.97 -22.50 37.92
CA GLU A 378 15.76 -21.90 37.38
C GLU A 378 14.63 -21.84 38.39
N TYR A 379 14.69 -22.63 39.46
CA TYR A 379 13.67 -22.62 40.51
C TYR A 379 13.95 -21.61 41.60
N SER A 380 15.12 -20.98 41.61
CA SER A 380 15.51 -20.10 42.71
C SER A 380 14.81 -18.75 42.62
N SER A 381 14.58 -18.25 41.41
CA SER A 381 14.06 -16.89 41.26
C SER A 381 12.62 -16.78 41.73
N GLU A 382 11.86 -17.88 41.68
CA GLU A 382 10.45 -17.81 42.06
C GLU A 382 10.26 -17.68 43.56
N LEU A 383 11.18 -18.24 44.34
CA LEU A 383 11.03 -18.29 45.79
C LEU A 383 11.30 -16.96 46.47
N LEU A 384 11.39 -15.87 45.71
CA LEU A 384 11.59 -14.56 46.30
C LEU A 384 10.29 -13.79 46.50
N CYS A 385 9.25 -14.11 45.75
CA CYS A 385 7.96 -13.47 45.93
C CYS A 385 7.21 -14.14 47.08
N PRO A 386 6.74 -13.37 48.08
CA PRO A 386 6.05 -14.00 49.21
C PRO A 386 4.81 -14.78 48.82
N ARG A 387 4.08 -14.35 47.79
CA ARG A 387 2.89 -15.07 47.37
C ARG A 387 3.24 -16.48 46.89
N LYS A 388 4.33 -16.60 46.11
CA LYS A 388 4.75 -17.92 45.65
C LYS A 388 5.20 -18.80 46.81
N ARG A 389 5.89 -18.22 47.80
CA ARG A 389 6.27 -19.00 48.98
C ARG A 389 5.04 -19.48 49.73
N LYS A 390 4.02 -18.64 49.84
CA LYS A 390 2.77 -19.06 50.48
C LYS A 390 2.12 -20.20 49.70
N THR A 391 2.15 -20.12 48.38
CA THR A 391 1.59 -21.19 47.56
C THR A 391 2.34 -22.50 47.77
N VAL A 392 3.67 -22.44 47.81
CA VAL A 392 4.45 -23.64 48.05
C VAL A 392 4.17 -24.20 49.45
N GLU A 393 4.02 -23.32 50.43
CA GLU A 393 3.68 -23.78 51.78
C GLU A 393 2.31 -24.48 51.79
N ALA A 394 1.34 -23.92 51.08
CA ALA A 394 0.02 -24.54 51.01
C ALA A 394 0.10 -25.91 50.34
N ASN A 395 0.90 -26.02 49.28
CA ASN A 395 1.08 -27.32 48.63
C ASN A 395 1.73 -28.32 49.58
N ILE A 396 2.77 -27.88 50.30
CA ILE A 396 3.49 -28.79 51.20
C ILE A 396 2.58 -29.28 52.31
N ARG A 397 1.78 -28.38 52.88
CA ARG A 397 0.91 -28.73 53.99
C ARG A 397 -0.09 -29.82 53.63
N ASP A 398 -0.41 -29.97 52.35
CA ASP A 398 -1.42 -30.94 51.93
C ASP A 398 -0.83 -32.32 51.61
N MET A 399 0.49 -32.45 51.53
CA MET A 399 1.12 -33.72 51.22
C MET A 399 1.66 -34.45 52.44
N LEU A 400 1.41 -33.93 53.63
CA LEU A 400 1.85 -34.57 54.87
C LEU A 400 0.62 -35.21 55.52
N VAL A 401 0.44 -36.50 55.27
CA VAL A 401 -0.68 -37.24 55.84
C VAL A 401 -0.24 -38.26 56.88
N ASP A 402 1.06 -38.42 57.10
CA ASP A 402 1.59 -39.38 58.07
C ASP A 402 2.23 -38.62 59.22
N SER A 403 2.08 -39.16 60.42
CA SER A 403 2.60 -38.54 61.63
C SER A 403 3.74 -39.38 62.20
N VAL A 404 4.73 -38.71 62.78
CA VAL A 404 5.87 -39.39 63.38
C VAL A 404 6.00 -38.93 64.83
N GLU A 405 6.68 -39.75 65.62
CA GLU A 405 6.87 -39.49 67.04
C GLU A 405 8.28 -38.97 67.30
N THR A 406 8.38 -37.92 68.10
CA THR A 406 9.65 -37.29 68.43
C THR A 406 10.21 -37.85 69.72
N ASP A 407 11.55 -37.78 69.85
CA ASP A 407 12.27 -38.20 71.04
C ASP A 407 12.00 -39.67 71.36
N THR A 408 12.39 -40.54 70.43
CA THR A 408 12.18 -41.98 70.57
C THR A 408 13.40 -42.70 71.12
N TYR A 409 14.57 -42.44 70.56
CA TYR A 409 15.78 -43.14 70.98
C TYR A 409 16.21 -42.68 72.36
N PRO A 410 16.32 -43.58 73.34
CA PRO A 410 16.69 -43.17 74.71
C PRO A 410 18.18 -43.27 75.03
N ASP A 411 19.04 -43.56 74.06
CA ASP A 411 20.47 -43.71 74.28
C ASP A 411 21.27 -42.65 73.54
N LYS A 412 20.71 -41.46 73.41
CA LYS A 412 21.34 -40.36 72.68
C LYS A 412 21.51 -39.16 73.61
N LEU A 413 22.67 -38.52 73.51
CA LEU A 413 22.90 -37.25 74.21
C LEU A 413 22.82 -36.11 73.22
N PRO A 414 21.81 -35.25 73.31
CA PRO A 414 21.74 -34.10 72.41
C PRO A 414 22.82 -33.08 72.73
N PHE A 415 23.17 -32.30 71.70
CA PHE A 415 24.12 -31.21 71.85
C PHE A 415 23.72 -30.11 70.89
N LYS A 416 24.23 -28.90 71.13
CA LYS A 416 23.89 -27.78 70.27
C LYS A 416 24.41 -27.99 68.85
N ASN A 417 25.55 -28.66 68.71
CA ASN A 417 26.17 -28.87 67.41
C ASN A 417 26.11 -30.32 66.95
N GLY A 418 25.28 -31.15 67.57
CA GLY A 418 25.15 -32.52 67.13
C GLY A 418 24.56 -33.40 68.22
N VAL A 419 24.78 -34.70 68.08
CA VAL A 419 24.29 -35.70 69.03
C VAL A 419 25.37 -36.74 69.25
N LEU A 420 25.52 -37.21 70.48
CA LEU A 420 26.54 -38.17 70.87
C LEU A 420 25.90 -39.50 71.21
N ASP A 421 26.60 -40.59 70.85
CA ASP A 421 26.12 -41.95 71.09
C ASP A 421 26.83 -42.53 72.31
N LEU A 422 26.06 -43.05 73.26
CA LEU A 422 26.64 -43.68 74.45
C LEU A 422 27.24 -45.05 74.14
N VAL A 423 26.51 -45.88 73.40
CA VAL A 423 26.93 -47.27 73.23
C VAL A 423 28.12 -47.40 72.30
N ASP A 424 28.42 -46.37 71.51
CA ASP A 424 29.52 -46.43 70.56
C ASP A 424 30.56 -45.34 70.75
N GLY A 425 30.26 -44.30 71.51
CA GLY A 425 31.23 -43.26 71.81
C GLY A 425 31.73 -42.48 70.61
N MET A 426 30.81 -42.11 69.71
CA MET A 426 31.16 -41.27 68.57
C MET A 426 30.11 -40.18 68.43
N PHE A 427 30.52 -39.07 67.83
CA PHE A 427 29.71 -37.86 67.75
C PHE A 427 29.27 -37.62 66.32
N TYR A 428 27.96 -37.42 66.15
CA TYR A 428 27.40 -36.99 64.87
C TYR A 428 27.21 -35.48 64.90
N SER A 429 27.38 -34.84 63.74
CA SER A 429 27.18 -33.41 63.59
C SER A 429 26.54 -33.12 62.26
N GLY A 430 25.75 -32.05 62.22
CA GLY A 430 25.14 -31.60 60.99
C GLY A 430 24.03 -32.49 60.48
N ASP A 431 24.03 -32.77 59.17
CA ASP A 431 22.97 -33.56 58.57
C ASP A 431 22.94 -34.99 59.10
N ASP A 432 24.08 -35.49 59.61
CA ASP A 432 24.13 -36.83 60.14
C ASP A 432 23.26 -37.02 61.38
N ALA A 433 22.95 -35.93 62.08
CA ALA A 433 22.09 -35.98 63.26
C ALA A 433 20.63 -35.76 62.94
N LYS A 434 20.29 -35.55 61.66
CA LYS A 434 18.91 -35.27 61.29
C LYS A 434 18.00 -36.48 61.52
N LYS A 435 18.55 -37.69 61.41
CA LYS A 435 17.72 -38.88 61.54
C LYS A 435 17.13 -39.02 62.94
N TYR A 436 17.87 -38.62 63.97
CA TYR A 436 17.35 -38.61 65.33
C TYR A 436 16.62 -37.28 65.57
N THR A 437 15.34 -37.38 65.92
CA THR A 437 14.51 -36.19 66.12
C THR A 437 14.54 -35.81 67.60
N CYS A 438 15.59 -35.07 67.97
CA CYS A 438 15.75 -34.57 69.33
C CYS A 438 15.39 -33.09 69.34
N THR A 439 14.43 -32.72 70.19
CA THR A 439 13.94 -31.35 70.28
C THR A 439 14.53 -30.59 71.44
N VAL A 440 15.51 -31.16 72.15
CA VAL A 440 16.18 -30.51 73.27
C VAL A 440 17.68 -30.63 73.07
N SER A 441 18.43 -29.84 73.82
CA SER A 441 19.87 -29.86 73.74
C SER A 441 20.46 -29.38 75.07
N THR A 442 21.74 -29.71 75.28
CA THR A 442 22.42 -29.30 76.50
C THR A 442 22.72 -27.80 76.52
N GLY A 443 22.65 -27.13 75.37
CA GLY A 443 22.87 -25.70 75.31
C GLY A 443 24.30 -25.26 75.08
N PHE A 444 25.24 -26.19 74.98
CA PHE A 444 26.63 -25.85 74.71
C PHE A 444 27.20 -26.78 73.66
N LYS A 445 28.22 -26.29 72.95
CA LYS A 445 28.83 -27.06 71.88
C LYS A 445 29.67 -28.21 72.45
N PHE A 446 29.99 -29.16 71.57
CA PHE A 446 30.81 -30.31 71.94
C PHE A 446 32.23 -30.08 71.43
N ASP A 447 33.21 -30.29 72.31
CA ASP A 447 34.62 -30.09 72.00
C ASP A 447 35.35 -31.40 72.16
N ASP A 448 35.81 -31.98 71.04
CA ASP A 448 36.54 -33.23 71.08
C ASP A 448 37.97 -33.04 71.58
N THR A 449 38.50 -31.82 71.55
CA THR A 449 39.87 -31.58 72.00
C THR A 449 40.03 -31.91 73.48
N LYS A 450 39.07 -31.49 74.30
CA LYS A 450 39.13 -31.79 75.73
C LYS A 450 38.80 -33.24 76.04
N PHE A 451 37.91 -33.86 75.26
CA PHE A 451 37.51 -35.25 75.50
C PHE A 451 38.66 -36.17 75.08
N VAL A 452 39.59 -36.37 76.01
CA VAL A 452 40.76 -37.22 75.80
C VAL A 452 40.86 -38.21 76.96
N GLU A 453 41.70 -39.22 76.75
CA GLU A 453 41.87 -40.26 77.77
C GLU A 453 42.50 -39.71 79.04
N ASP A 454 43.53 -38.89 78.91
CA ASP A 454 44.25 -38.37 80.06
C ASP A 454 44.42 -36.88 79.94
N SER A 455 44.18 -36.16 81.04
CA SER A 455 44.37 -34.72 81.11
C SER A 455 44.62 -34.36 82.57
N PRO A 456 45.32 -33.25 82.81
CA PRO A 456 45.55 -32.84 84.22
C PRO A 456 44.27 -32.59 84.99
N GLU A 457 43.24 -32.06 84.33
CA GLU A 457 42.02 -31.69 85.03
C GLU A 457 41.29 -32.92 85.58
N MET A 458 41.09 -33.93 84.73
CA MET A 458 40.42 -35.15 85.17
C MET A 458 41.29 -35.91 86.16
N GLU A 459 42.61 -35.85 85.99
CA GLU A 459 43.51 -36.47 86.96
C GLU A 459 43.34 -35.83 88.33
N GLU A 460 43.16 -34.51 88.38
CA GLU A 460 42.93 -33.83 89.65
C GLU A 460 41.55 -34.14 90.22
N LEU A 461 40.54 -34.31 89.36
CA LEU A 461 39.19 -34.56 89.85
C LEU A 461 39.00 -35.98 90.39
N MET A 462 39.57 -36.98 89.71
CA MET A 462 39.25 -38.37 90.05
C MET A 462 39.70 -38.72 91.46
N ASN A 463 40.62 -37.93 92.03
CA ASN A 463 41.07 -38.17 93.40
C ASN A 463 39.94 -38.01 94.40
N ILE A 464 39.10 -36.99 94.24
CA ILE A 464 38.01 -36.77 95.20
C ILE A 464 37.02 -37.93 95.16
N ILE A 465 36.65 -38.35 93.95
CA ILE A 465 35.70 -39.46 93.81
C ILE A 465 36.28 -40.74 94.41
N ASN A 466 37.57 -40.99 94.15
CA ASN A 466 38.19 -42.19 94.72
C ASN A 466 38.31 -42.10 96.24
N ASP A 467 38.45 -40.88 96.78
CA ASP A 467 38.59 -40.72 98.22
C ASP A 467 37.26 -40.93 98.94
N ILE A 468 36.16 -40.41 98.39
CA ILE A 468 34.87 -40.54 99.05
C ILE A 468 34.46 -42.00 99.12
N GLN A 469 34.63 -42.74 98.02
CA GLN A 469 34.44 -44.18 98.01
C GLN A 469 35.76 -44.88 97.71
N PRO A 470 36.49 -45.34 98.72
CA PRO A 470 37.73 -46.10 98.46
C PRO A 470 37.41 -47.44 97.82
N LEU A 471 38.36 -47.93 97.01
CA LEU A 471 38.20 -49.20 96.30
C LEU A 471 38.64 -50.33 97.23
N THR A 472 37.78 -50.63 98.20
CA THR A 472 38.02 -51.70 99.16
C THR A 472 36.95 -52.77 99.01
N ASP A 473 37.31 -54.00 99.39
CA ASP A 473 36.38 -55.12 99.24
C ASP A 473 35.13 -54.92 100.09
N GLU A 474 35.29 -54.37 101.30
CA GLU A 474 34.13 -54.09 102.14
C GLU A 474 33.24 -52.99 101.57
N ASN A 475 33.76 -52.19 100.64
CA ASN A 475 33.01 -51.12 99.99
C ASN A 475 32.66 -51.50 98.55
N LYS A 476 32.35 -52.77 98.31
CA LYS A 476 32.07 -53.24 96.96
C LYS A 476 30.62 -53.00 96.56
N LYS A 477 29.66 -53.44 97.38
CA LYS A 477 28.26 -53.26 97.03
C LYS A 477 27.85 -51.79 97.06
N ASN A 478 28.39 -51.03 98.02
CA ASN A 478 28.12 -49.60 98.06
C ASN A 478 28.67 -48.90 96.84
N ARG A 479 29.89 -49.26 96.41
CA ARG A 479 30.46 -48.69 95.19
C ARG A 479 29.65 -49.08 93.97
N GLU A 480 29.15 -50.32 93.93
CA GLU A 480 28.32 -50.75 92.81
C GLU A 480 27.04 -49.92 92.73
N LEU A 481 26.37 -49.73 93.87
CA LEU A 481 25.16 -48.91 93.89
C LEU A 481 25.48 -47.46 93.51
N TYR A 482 26.60 -46.94 93.99
CA TYR A 482 26.98 -45.56 93.67
C TYR A 482 27.22 -45.40 92.17
N GLU A 483 27.93 -46.35 91.56
CA GLU A 483 28.18 -46.27 90.13
C GLU A 483 26.88 -46.42 89.34
N LYS A 484 25.99 -47.30 89.78
CA LYS A 484 24.74 -47.52 89.06
C LYS A 484 23.82 -46.31 89.15
N THR A 485 23.77 -45.62 90.30
CA THR A 485 22.77 -44.58 90.47
C THR A 485 23.11 -43.30 89.69
N LEU A 486 24.40 -42.97 89.56
CA LEU A 486 24.77 -41.75 88.87
C LEU A 486 24.58 -41.87 87.36
N SER A 487 25.01 -42.99 86.77
CA SER A 487 25.03 -43.11 85.33
C SER A 487 23.65 -43.38 84.72
N SER A 488 22.59 -43.41 85.53
CA SER A 488 21.24 -43.50 84.97
C SER A 488 20.73 -42.15 84.47
N CYS A 489 21.43 -41.06 84.78
CA CYS A 489 20.97 -39.74 84.36
C CYS A 489 21.06 -39.56 82.85
N LEU A 490 22.13 -40.09 82.23
CA LEU A 490 22.31 -39.90 80.79
C LEU A 490 21.23 -40.63 80.00
N CYS A 491 20.82 -41.81 80.45
CA CYS A 491 19.81 -42.57 79.73
C CYS A 491 18.48 -41.83 79.73
N GLY A 492 17.82 -41.84 78.57
CA GLY A 492 16.57 -41.14 78.42
C GLY A 492 15.36 -42.02 78.67
N ALA A 493 15.58 -43.15 79.34
CA ALA A 493 14.48 -44.06 79.64
C ALA A 493 13.52 -43.43 80.64
N THR A 494 12.25 -43.79 80.52
CA THR A 494 11.20 -43.32 81.42
C THR A 494 11.19 -44.21 82.66
N LYS A 495 11.47 -43.63 83.81
CA LYS A 495 11.62 -44.41 85.03
C LYS A 495 11.38 -43.52 86.24
N GLY A 496 10.83 -44.12 87.29
CA GLY A 496 10.52 -43.39 88.50
C GLY A 496 11.00 -44.05 89.78
N CYS A 497 12.16 -44.69 89.72
CA CYS A 497 12.75 -45.35 90.88
C CYS A 497 13.68 -44.37 91.58
N LEU A 498 13.33 -43.97 92.80
CA LEU A 498 14.10 -42.98 93.52
C LEU A 498 15.32 -43.61 94.18
N THR A 499 16.30 -42.77 94.51
CA THR A 499 17.52 -43.18 95.19
C THR A 499 17.85 -42.17 96.28
N PHE A 500 18.38 -42.68 97.39
CA PHE A 500 18.69 -41.86 98.55
C PHE A 500 20.21 -41.78 98.73
N PHE A 501 20.72 -40.55 98.87
CA PHE A 501 22.12 -40.31 99.22
C PHE A 501 22.17 -40.04 100.72
N PHE A 502 22.59 -41.04 101.49
CA PHE A 502 22.68 -40.92 102.94
C PHE A 502 24.14 -40.90 103.36
N GLY A 503 24.48 -39.99 104.25
CA GLY A 503 25.83 -39.88 104.75
C GLY A 503 25.98 -38.65 105.62
N GLU A 504 27.10 -38.62 106.34
CA GLU A 504 27.39 -37.48 107.20
C GLU A 504 27.66 -36.24 106.35
N THR A 505 27.32 -35.08 106.90
CA THR A 505 27.52 -33.83 106.19
C THR A 505 29.00 -33.52 106.05
N ALA A 506 29.34 -32.76 104.99
CA ALA A 506 30.71 -32.36 104.69
C ALA A 506 31.63 -33.57 104.56
N THR A 507 31.14 -34.59 103.85
CA THR A 507 31.90 -35.82 103.61
C THR A 507 32.12 -36.07 102.13
N GLY A 508 32.07 -35.03 101.30
CA GLY A 508 32.22 -35.17 99.87
C GLY A 508 30.94 -35.46 99.12
N LYS A 509 29.83 -35.66 99.82
CA LYS A 509 28.54 -35.87 99.15
C LYS A 509 28.12 -34.62 98.38
N SER A 510 28.35 -33.44 98.96
CA SER A 510 27.90 -32.19 98.36
C SER A 510 28.70 -31.82 97.11
N THR A 511 29.86 -32.43 96.89
CA THR A 511 30.66 -32.07 95.73
C THR A 511 30.00 -32.50 94.42
N THR A 512 29.19 -33.55 94.46
CA THR A 512 28.61 -34.08 93.21
C THR A 512 27.51 -33.19 92.67
N LYS A 513 26.87 -32.39 93.52
CA LYS A 513 25.72 -31.60 93.07
C LYS A 513 26.15 -30.52 92.07
N ARG A 514 27.33 -29.93 92.27
CA ARG A 514 27.81 -28.93 91.32
C ARG A 514 28.36 -29.57 90.05
N LEU A 515 29.00 -30.73 90.18
CA LEU A 515 29.49 -31.42 88.99
C LEU A 515 28.36 -31.91 88.11
N LEU A 516 27.22 -32.26 88.71
CA LEU A 516 26.04 -32.62 87.91
C LEU A 516 25.62 -31.46 87.01
N LYS A 517 25.51 -30.25 87.57
CA LYS A 517 25.13 -29.10 86.77
C LYS A 517 26.20 -28.74 85.76
N SER A 518 27.47 -28.81 86.16
CA SER A 518 28.56 -28.51 85.24
C SER A 518 28.70 -29.56 84.15
N ALA A 519 28.08 -30.74 84.31
CA ALA A 519 28.20 -31.78 83.32
C ALA A 519 27.05 -31.74 82.32
N ILE A 520 25.83 -31.93 82.80
CA ILE A 520 24.68 -32.00 81.89
C ILE A 520 24.33 -30.63 81.35
N GLY A 521 24.21 -29.65 82.23
CA GLY A 521 23.95 -28.27 81.81
C GLY A 521 22.46 -27.94 81.85
N ASP A 522 21.89 -27.63 80.68
CA ASP A 522 20.51 -27.15 80.63
C ASP A 522 19.53 -28.21 81.12
N LEU A 523 19.72 -29.46 80.71
CA LEU A 523 18.76 -30.51 81.07
C LEU A 523 18.73 -30.76 82.57
N PHE A 524 19.86 -30.54 83.25
CA PHE A 524 19.90 -30.72 84.69
C PHE A 524 19.22 -29.54 85.38
N VAL A 525 18.30 -29.85 86.29
CA VAL A 525 17.54 -28.83 87.03
C VAL A 525 17.52 -29.23 88.49
N GLU A 526 17.88 -28.30 89.37
CA GLU A 526 17.84 -28.50 90.81
C GLU A 526 16.58 -27.88 91.40
N THR A 527 16.03 -28.54 92.40
CA THR A 527 14.82 -28.06 93.06
C THR A 527 14.83 -28.50 94.51
N GLY A 528 13.85 -28.01 95.27
CA GLY A 528 13.71 -28.32 96.67
C GLY A 528 12.53 -29.21 96.97
N GLN A 529 12.07 -29.15 98.21
CA GLN A 529 10.98 -29.98 98.70
C GLN A 529 9.61 -29.41 98.39
N THR A 530 9.54 -28.27 97.69
CA THR A 530 8.25 -27.66 97.37
C THR A 530 7.38 -28.61 96.56
N ILE A 531 7.99 -29.37 95.64
CA ILE A 531 7.24 -30.38 94.90
C ILE A 531 6.74 -31.47 95.85
N LEU A 532 7.58 -31.84 96.82
CA LEU A 532 7.20 -32.90 97.76
C LEU A 532 6.02 -32.49 98.62
N THR A 533 5.99 -31.24 99.08
CA THR A 533 4.96 -30.78 100.01
C THR A 533 3.69 -30.33 99.29
N ASP A 534 3.83 -29.43 98.32
CA ASP A 534 2.66 -28.89 97.63
C ASP A 534 1.96 -29.97 96.81
N VAL A 535 0.63 -29.89 96.76
CA VAL A 535 -0.16 -30.85 96.00
C VAL A 535 -0.08 -30.50 94.52
N LEU A 536 0.35 -31.46 93.70
CA LEU A 536 0.49 -31.22 92.28
C LEU A 536 -0.87 -31.14 91.59
N ASP A 537 -1.83 -31.96 92.03
CA ASP A 537 -3.16 -31.94 91.41
C ASP A 537 -3.86 -30.61 91.66
N LYS A 538 -3.72 -30.05 92.85
CA LYS A 538 -4.40 -28.80 93.21
C LYS A 538 -3.66 -27.63 92.56
N GLY A 539 -4.32 -26.97 91.61
CA GLY A 539 -3.76 -25.81 90.97
C GLY A 539 -2.82 -26.16 89.83
N PRO A 540 -2.58 -25.21 88.93
CA PRO A 540 -1.64 -25.44 87.82
C PRO A 540 -0.20 -25.24 88.28
N ASN A 541 0.56 -26.34 88.32
CA ASN A 541 1.95 -26.29 88.76
C ASN A 541 2.85 -26.05 87.56
N PRO A 542 3.53 -24.90 87.46
CA PRO A 542 4.46 -24.70 86.34
C PRO A 542 5.60 -25.69 86.33
N PHE A 543 6.06 -26.14 87.49
CA PHE A 543 7.16 -27.10 87.54
C PHE A 543 6.78 -28.41 86.88
N ILE A 544 5.56 -28.89 87.14
CA ILE A 544 5.10 -30.12 86.51
C ILE A 544 4.96 -29.95 85.00
N ALA A 545 4.49 -28.79 84.55
CA ALA A 545 4.34 -28.57 83.11
C ALA A 545 5.69 -28.40 82.42
N ASN A 546 6.71 -27.95 83.14
CA ASN A 546 8.00 -27.64 82.54
C ASN A 546 9.05 -28.73 82.76
N MET A 547 8.79 -29.72 83.61
CA MET A 547 9.76 -30.79 83.81
C MET A 547 9.81 -31.77 82.65
N HIS A 548 8.89 -31.65 81.69
CA HIS A 548 8.88 -32.53 80.54
C HIS A 548 10.20 -32.44 79.78
N LEU A 549 10.72 -33.61 79.36
CA LEU A 549 11.97 -33.71 78.64
C LEU A 549 13.13 -33.15 79.46
N LYS A 550 13.29 -33.68 80.66
CA LYS A 550 14.42 -33.37 81.53
C LYS A 550 15.02 -34.67 82.01
N ARG A 551 16.31 -34.85 81.77
CA ARG A 551 16.94 -36.15 82.05
C ARG A 551 17.04 -36.42 83.54
N SER A 552 17.52 -35.44 84.32
CA SER A 552 17.72 -35.63 85.74
C SER A 552 17.25 -34.41 86.51
N VAL A 553 16.55 -34.64 87.61
CA VAL A 553 16.07 -33.59 88.50
C VAL A 553 16.53 -33.92 89.91
N PHE A 554 17.25 -33.00 90.54
CA PHE A 554 17.73 -33.17 91.90
C PHE A 554 16.62 -32.76 92.87
N CYS A 555 16.10 -33.73 93.63
CA CYS A 555 14.89 -33.49 94.39
C CYS A 555 15.07 -32.45 95.48
N SER A 556 16.19 -32.50 96.21
CA SER A 556 16.37 -31.61 97.35
C SER A 556 17.84 -31.25 97.50
N GLU A 557 18.09 -30.18 98.25
CA GLU A 557 19.44 -29.73 98.53
C GLU A 557 19.64 -29.34 99.99
N LEU A 558 18.61 -29.39 100.82
CA LEU A 558 18.65 -28.95 102.21
C LEU A 558 18.38 -30.12 103.14
N PRO A 559 18.85 -30.05 104.39
CA PRO A 559 18.67 -31.18 105.31
C PRO A 559 17.19 -31.43 105.61
N ASP A 560 16.94 -32.59 106.22
CA ASP A 560 15.57 -33.06 106.41
C ASP A 560 14.79 -32.13 107.32
N PHE A 561 13.49 -32.03 107.05
CA PHE A 561 12.53 -31.37 107.94
C PHE A 561 11.71 -32.39 108.73
N ALA A 562 12.26 -33.58 108.93
CA ALA A 562 11.55 -34.66 109.61
C ALA A 562 11.28 -34.36 111.08
N CYS A 563 11.94 -33.36 111.66
CA CYS A 563 11.71 -33.01 113.05
C CYS A 563 10.34 -32.35 113.22
N SER A 564 10.03 -31.99 114.46
CA SER A 564 8.74 -31.38 114.76
C SER A 564 8.64 -29.98 114.16
N GLY A 565 7.39 -29.57 113.89
CA GLY A 565 7.12 -28.26 113.35
C GLY A 565 7.11 -28.16 111.84
N SER A 566 7.24 -29.28 111.13
CA SER A 566 7.25 -29.27 109.67
C SER A 566 6.37 -30.38 109.13
N LYS A 567 5.88 -30.20 107.91
CA LYS A 567 5.07 -31.21 107.26
C LYS A 567 5.93 -32.43 106.97
N LYS A 568 5.42 -33.61 107.32
CA LYS A 568 6.15 -34.85 107.14
C LYS A 568 6.15 -35.22 105.65
N ILE A 569 6.79 -36.34 105.32
CA ILE A 569 6.85 -36.80 103.94
C ILE A 569 5.53 -37.48 103.59
N ARG A 570 4.88 -37.01 102.54
CA ARG A 570 3.63 -37.58 102.07
C ARG A 570 3.87 -38.44 100.83
N SER A 571 3.30 -39.65 100.83
CA SER A 571 3.51 -40.60 99.76
C SER A 571 2.53 -40.44 98.61
N ASP A 572 1.53 -39.56 98.75
CA ASP A 572 0.54 -39.41 97.68
C ASP A 572 1.17 -38.87 96.40
N ASN A 573 2.17 -37.99 96.52
CA ASN A 573 2.81 -37.42 95.33
C ASN A 573 3.75 -38.40 94.66
N ILE A 574 4.33 -39.35 95.42
CA ILE A 574 5.33 -40.25 94.88
C ILE A 574 4.75 -41.38 94.04
N LYS A 575 3.43 -41.56 94.05
CA LYS A 575 2.83 -42.61 93.24
C LYS A 575 2.82 -42.23 91.76
N LYS A 576 2.51 -40.97 91.45
CA LYS A 576 2.33 -40.55 90.07
C LYS A 576 3.65 -40.35 89.32
N LEU A 577 4.75 -40.07 90.01
CA LEU A 577 6.00 -39.81 89.32
C LEU A 577 6.63 -41.08 88.75
N THR A 578 6.27 -42.24 89.27
CA THR A 578 6.77 -43.49 88.72
C THR A 578 6.09 -43.87 87.41
N GLU A 579 4.83 -43.46 87.24
CA GLU A 579 4.08 -43.81 86.04
C GLU A 579 4.71 -43.15 84.82
N PRO A 580 4.64 -43.80 83.66
CA PRO A 580 5.24 -43.21 82.45
C PRO A 580 4.61 -41.88 82.06
N CYS A 581 3.33 -41.67 82.34
CA CYS A 581 2.64 -40.45 81.97
C CYS A 581 2.27 -39.65 83.23
N VAL A 582 2.35 -38.33 83.11
CA VAL A 582 2.01 -37.44 84.22
C VAL A 582 0.52 -37.18 84.23
N ARG A 595 4.23 -36.87 79.34
CA ARG A 595 5.36 -37.78 79.42
C ARG A 595 6.46 -37.24 80.34
N ASN A 596 7.01 -38.11 81.17
CA ASN A 596 8.09 -37.75 82.08
C ASN A 596 9.34 -38.56 81.74
N HIS A 597 10.50 -37.96 82.04
CA HIS A 597 11.77 -38.60 81.71
C HIS A 597 12.82 -38.41 82.81
N ALA A 598 12.45 -37.81 83.94
CA ALA A 598 13.42 -37.39 84.94
C ALA A 598 13.85 -38.54 85.85
N THR A 599 15.03 -38.37 86.43
CA THR A 599 15.55 -39.27 87.46
C THR A 599 15.66 -38.49 88.75
N ILE A 600 15.09 -39.04 89.83
CA ILE A 600 14.97 -38.34 91.11
C ILE A 600 15.95 -38.93 92.11
N ILE A 601 16.79 -38.08 92.67
CA ILE A 601 17.75 -38.47 93.71
C ILE A 601 17.59 -37.50 94.87
N ILE A 602 17.48 -38.03 96.08
CA ILE A 602 17.33 -37.24 97.29
C ILE A 602 18.54 -37.48 98.18
N ASP A 603 19.23 -36.40 98.54
CA ASP A 603 20.35 -36.47 99.46
C ASP A 603 19.95 -35.87 100.81
N THR A 604 20.18 -36.63 101.88
CA THR A 604 19.77 -36.19 103.20
C THR A 604 20.75 -36.76 104.23
N ASN A 605 21.05 -35.95 105.25
CA ASN A 605 22.01 -36.37 106.27
C ASN A 605 21.41 -37.37 107.26
N TYR A 606 20.09 -37.32 107.49
CA TYR A 606 19.45 -38.18 108.47
C TYR A 606 18.23 -38.84 107.86
N LYS A 607 17.86 -39.99 108.42
CA LYS A 607 16.72 -40.75 107.91
C LYS A 607 15.42 -40.02 108.19
N PRO A 608 14.53 -39.89 107.21
CA PRO A 608 13.22 -39.28 107.47
C PRO A 608 12.17 -40.30 107.87
N VAL A 609 10.93 -39.84 108.10
CA VAL A 609 9.82 -40.69 108.48
C VAL A 609 8.68 -40.45 107.50
N PHE A 610 7.97 -41.52 107.15
CA PHE A 610 6.89 -41.45 106.17
C PHE A 610 5.54 -41.53 106.88
N ASP A 611 4.64 -40.60 106.55
CA ASP A 611 3.34 -40.56 107.22
C ASP A 611 2.46 -41.73 106.80
N ARG A 612 2.51 -42.11 105.53
CA ARG A 612 1.71 -43.21 104.99
C ARG A 612 2.63 -44.23 104.36
N ILE A 613 2.33 -45.51 104.59
CA ILE A 613 3.26 -46.59 104.28
C ILE A 613 2.48 -47.85 103.92
N ASP A 614 3.00 -48.60 102.96
CA ASP A 614 2.44 -49.88 102.58
C ASP A 614 3.52 -50.71 101.87
N ASN A 615 3.10 -51.81 101.24
CA ASN A 615 4.03 -52.67 100.54
C ASN A 615 4.45 -52.10 99.20
N ALA A 616 3.66 -51.16 98.66
CA ALA A 616 3.93 -50.60 97.34
C ALA A 616 5.20 -49.76 97.29
N LEU A 617 5.78 -49.41 98.43
CA LEU A 617 6.93 -48.51 98.47
C LEU A 617 8.26 -49.22 98.24
N MET A 618 8.29 -50.55 98.22
CA MET A 618 9.55 -51.25 97.93
C MET A 618 10.03 -51.00 96.51
N ARG A 619 9.10 -50.80 95.58
CA ARG A 619 9.47 -50.62 94.18
C ARG A 619 9.88 -49.19 93.85
N ARG A 620 9.82 -48.27 94.81
CA ARG A 620 10.12 -46.87 94.56
C ARG A 620 11.27 -46.32 95.38
N ILE A 621 11.77 -47.05 96.37
CA ILE A 621 12.76 -46.53 97.31
C ILE A 621 14.03 -47.39 97.25
N ALA A 622 15.17 -46.73 97.08
CA ALA A 622 16.47 -47.35 97.17
C ALA A 622 17.43 -46.36 97.83
N VAL A 623 18.48 -46.88 98.47
CA VAL A 623 19.41 -46.06 99.22
C VAL A 623 20.83 -46.54 98.98
N VAL A 624 21.76 -45.59 98.82
CA VAL A 624 23.19 -45.85 98.79
C VAL A 624 23.85 -44.91 99.79
N ARG A 625 24.76 -45.46 100.60
CA ARG A 625 25.27 -44.76 101.76
C ARG A 625 26.79 -44.62 101.69
N PHE A 626 27.30 -43.50 102.22
CA PHE A 626 28.72 -43.21 102.27
C PHE A 626 29.26 -43.64 103.63
N ARG A 627 30.34 -44.42 103.61
CA ARG A 627 30.93 -44.96 104.84
C ARG A 627 32.23 -44.28 105.25
N THR A 628 33.04 -43.84 104.29
CA THR A 628 34.35 -43.29 104.61
C THR A 628 34.25 -41.79 104.88
N HIS A 629 34.93 -41.36 105.94
CA HIS A 629 34.95 -39.96 106.35
C HIS A 629 33.53 -39.43 106.62
N LEU A 655 37.93 -23.62 94.06
CA LEU A 655 37.05 -24.57 94.70
C LEU A 655 35.63 -24.47 94.16
N ASP A 656 34.79 -23.70 94.84
CA ASP A 656 33.41 -23.52 94.40
C ASP A 656 33.35 -22.71 93.10
N GLY A 657 34.26 -21.74 92.95
CA GLY A 657 34.29 -20.95 91.72
C GLY A 657 34.83 -21.69 90.52
N LYS A 658 35.64 -22.72 90.73
CA LYS A 658 36.18 -23.49 89.61
C LYS A 658 35.07 -24.18 88.83
N ILE A 659 34.10 -24.77 89.54
CA ILE A 659 32.99 -25.44 88.88
C ILE A 659 32.13 -24.43 88.14
N GLN A 660 31.88 -23.27 88.75
CA GLN A 660 31.08 -22.24 88.10
C GLN A 660 31.76 -21.74 86.82
N ASN A 661 33.09 -21.75 86.79
CA ASN A 661 33.83 -21.33 85.60
C ASN A 661 33.84 -22.39 84.50
N ASN A 662 33.06 -23.46 84.65
CA ASN A 662 33.00 -24.54 83.67
C ASN A 662 34.38 -25.17 83.44
N ARG A 663 35.21 -25.19 84.48
CA ARG A 663 36.55 -25.74 84.35
C ARG A 663 36.52 -27.24 84.15
N TYR A 664 35.58 -27.93 84.79
CA TYR A 664 35.48 -29.38 84.75
C TYR A 664 34.33 -29.87 83.88
N ARG A 665 34.07 -29.21 82.75
CA ARG A 665 32.88 -29.52 81.95
C ARG A 665 32.94 -30.95 81.41
N PHE A 666 34.10 -31.35 80.87
CA PHE A 666 34.24 -32.66 80.26
C PHE A 666 34.70 -33.73 81.25
N ALA A 667 35.36 -33.34 82.34
CA ALA A 667 35.91 -34.30 83.28
C ALA A 667 34.84 -35.13 83.96
N PHE A 668 33.59 -34.69 83.95
CA PHE A 668 32.49 -35.44 84.54
C PHE A 668 31.64 -36.14 83.49
N LEU A 669 31.51 -35.55 82.29
CA LEU A 669 30.98 -36.29 81.15
C LEU A 669 31.75 -37.58 80.95
N TYR A 670 33.08 -37.52 81.07
CA TYR A 670 33.87 -38.73 80.88
C TYR A 670 33.57 -39.78 81.94
N LEU A 671 33.42 -39.36 83.21
CA LEU A 671 33.08 -40.30 84.26
C LEU A 671 31.73 -40.97 84.00
N LEU A 672 30.71 -40.16 83.68
CA LEU A 672 29.39 -40.72 83.43
C LEU A 672 29.38 -41.65 82.22
N VAL A 673 30.05 -41.25 81.13
CA VAL A 673 30.03 -42.09 79.94
C VAL A 673 30.82 -43.37 80.16
N LYS A 674 31.93 -43.31 80.92
CA LYS A 674 32.68 -44.52 81.17
C LYS A 674 31.89 -45.49 82.06
N TRP A 675 31.16 -44.96 83.05
CA TRP A 675 30.30 -45.84 83.84
C TRP A 675 29.20 -46.45 82.97
N TYR A 676 28.61 -45.64 82.09
CA TYR A 676 27.53 -46.14 81.23
C TYR A 676 28.03 -47.24 80.30
N LYS A 677 29.20 -47.05 79.69
CA LYS A 677 29.74 -48.08 78.80
C LYS A 677 30.29 -49.26 79.58
N LYS A 678 30.60 -49.09 80.87
CA LYS A 678 31.10 -50.20 81.66
C LYS A 678 29.96 -51.13 82.11
N TYR A 679 28.87 -50.55 82.62
CA TYR A 679 27.84 -51.36 83.25
C TYR A 679 26.42 -51.06 82.79
N HIS A 680 26.15 -49.87 82.26
CA HIS A 680 24.79 -49.45 81.93
C HIS A 680 24.34 -49.90 80.54
N ILE A 681 24.97 -50.93 79.99
CA ILE A 681 24.60 -51.43 78.66
C ILE A 681 23.31 -52.25 78.69
N PRO A 682 23.20 -53.32 79.50
CA PRO A 682 22.10 -54.28 79.28
C PRO A 682 20.69 -53.70 79.45
N ILE A 683 20.39 -53.14 80.62
CA ILE A 683 19.04 -52.68 80.92
C ILE A 683 19.12 -51.63 82.01
N MET A 684 18.12 -50.75 82.07
CA MET A 684 18.04 -49.71 83.08
C MET A 684 17.16 -50.17 84.24
N LYS A 685 17.68 -51.14 84.99
CA LYS A 685 16.98 -51.71 86.13
C LYS A 685 17.71 -51.34 87.41
N LEU A 686 16.99 -50.74 88.36
CA LEU A 686 17.53 -50.33 89.65
C LEU A 686 16.95 -51.26 90.70
N TYR A 687 17.81 -52.09 91.30
CA TYR A 687 17.36 -52.98 92.36
C TYR A 687 17.16 -52.19 93.64
N PRO A 688 15.95 -52.14 94.19
CA PRO A 688 15.74 -51.42 95.45
C PRO A 688 16.47 -52.09 96.60
N THR A 689 16.92 -51.27 97.54
CA THR A 689 17.69 -51.76 98.69
C THR A 689 16.88 -51.57 99.97
N PRO A 690 16.34 -52.63 100.55
CA PRO A 690 15.65 -52.53 101.85
C PRO A 690 16.56 -52.65 103.06
N GLU A 691 17.88 -52.49 102.88
CA GLU A 691 18.82 -52.80 103.95
C GLU A 691 18.65 -51.85 105.14
N GLU A 692 18.54 -50.55 104.88
CA GLU A 692 18.36 -49.57 105.96
C GLU A 692 17.34 -48.50 105.58
N ILE A 693 16.22 -48.90 105.00
CA ILE A 693 15.14 -47.93 104.79
C ILE A 693 14.55 -47.55 106.15
N PRO A 694 14.43 -46.26 106.46
CA PRO A 694 13.95 -45.87 107.80
C PRO A 694 12.54 -46.37 108.08
N ASP A 695 12.30 -46.68 109.35
CA ASP A 695 10.99 -47.13 109.86
C ASP A 695 10.38 -48.25 109.01
N PHE A 696 11.24 -49.03 108.34
CA PHE A 696 10.80 -50.16 107.54
C PHE A 696 11.27 -51.50 108.08
N ALA A 697 12.35 -51.53 108.86
CA ALA A 697 12.88 -52.80 109.35
C ALA A 697 11.88 -53.52 110.25
N PHE A 698 11.23 -52.78 111.15
CA PHE A 698 10.22 -53.39 112.01
C PHE A 698 9.05 -53.92 111.20
N TYR A 699 8.63 -53.16 110.17
CA TYR A 699 7.52 -53.61 109.33
C TYR A 699 7.92 -54.83 108.52
N LEU A 700 9.14 -54.86 108.00
CA LEU A 700 9.61 -56.04 107.28
C LEU A 700 9.67 -57.25 108.20
N LYS A 701 10.11 -57.06 109.45
CA LYS A 701 10.15 -58.16 110.40
C LYS A 701 8.74 -58.66 110.73
N ILE A 702 7.79 -57.74 110.94
CA ILE A 702 6.43 -58.13 111.27
C ILE A 702 5.72 -58.74 110.07
N GLY A 703 6.18 -58.45 108.85
CA GLY A 703 5.60 -59.10 107.69
C GLY A 703 5.81 -60.60 107.70
N THR A 704 6.98 -61.05 108.16
CA THR A 704 7.28 -62.46 108.32
C THR A 704 6.73 -63.04 109.61
N LEU A 705 6.13 -62.21 110.48
CA LEU A 705 5.57 -62.67 111.73
C LEU A 705 4.05 -62.70 111.74
N LEU A 706 3.39 -62.03 110.80
CA LEU A 706 1.93 -62.01 110.71
C LEU A 706 1.51 -62.39 109.30
N VAL A 707 0.54 -63.29 109.21
CA VAL A 707 -0.02 -63.71 107.92
C VAL A 707 -1.54 -63.70 108.03
N SER A 708 -2.20 -63.36 106.93
CA SER A 708 -3.65 -63.29 106.90
C SER A 708 -4.25 -64.68 106.79
N SER A 709 -5.47 -64.83 107.33
CA SER A 709 -6.17 -66.10 107.25
C SER A 709 -6.54 -66.42 105.80
N SER A 710 -6.44 -67.70 105.45
CA SER A 710 -6.73 -68.13 104.08
C SER A 710 -7.35 -69.52 104.13
N VAL A 711 -7.64 -70.07 102.95
CA VAL A 711 -8.23 -71.40 102.86
C VAL A 711 -7.24 -72.45 103.34
N LYS A 712 -5.95 -72.24 103.08
CA LYS A 712 -4.93 -73.22 103.46
C LYS A 712 -4.84 -73.40 104.98
N HIS A 713 -5.25 -72.40 105.75
CA HIS A 713 -5.22 -72.48 107.21
C HIS A 713 -6.50 -73.03 107.81
N ILE A 714 -7.55 -73.19 107.02
CA ILE A 714 -8.82 -73.70 107.55
C ILE A 714 -8.71 -75.13 108.06
N PRO A 715 -8.12 -76.09 107.33
CA PRO A 715 -8.09 -77.47 107.83
C PRO A 715 -7.16 -77.69 109.00
N LEU A 716 -6.55 -76.65 109.56
CA LEU A 716 -5.63 -76.77 110.69
C LEU A 716 -6.32 -76.60 112.03
N MET A 717 -7.61 -76.92 112.12
CA MET A 717 -8.35 -76.76 113.36
C MET A 717 -7.85 -77.70 114.45
N THR A 718 -7.24 -78.83 114.05
CA THR A 718 -6.68 -79.74 115.04
C THR A 718 -5.55 -79.10 115.82
N ASP A 719 -4.76 -78.24 115.18
CA ASP A 719 -3.67 -77.54 115.83
C ASP A 719 -4.05 -76.18 116.37
N LEU A 720 -5.04 -75.52 115.77
CA LEU A 720 -5.45 -74.18 116.18
C LEU A 720 -6.52 -74.18 117.26
N SER A 721 -7.07 -75.35 117.61
CA SER A 721 -8.10 -75.40 118.65
C SER A 721 -7.53 -75.00 120.00
N LYS A 722 -6.32 -75.46 120.32
CA LYS A 722 -5.71 -75.15 121.60
C LYS A 722 -5.33 -73.68 121.74
N LYS A 723 -5.21 -72.96 120.62
CA LYS A 723 -4.84 -71.55 120.66
C LYS A 723 -6.02 -70.64 120.99
N GLY A 724 -7.22 -71.17 121.09
CA GLY A 724 -8.40 -70.36 121.35
C GLY A 724 -8.99 -69.70 120.13
N TYR A 725 -8.58 -70.10 118.93
CA TYR A 725 -9.09 -69.50 117.70
C TYR A 725 -10.56 -69.83 117.52
N ILE A 726 -11.31 -68.85 116.99
CA ILE A 726 -12.73 -69.00 116.73
C ILE A 726 -12.99 -68.63 115.28
N LEU A 727 -13.92 -69.35 114.65
CA LEU A 727 -14.23 -69.14 113.24
C LEU A 727 -15.42 -68.19 113.14
N TYR A 728 -15.13 -66.96 112.71
CA TYR A 728 -16.17 -65.94 112.47
C TYR A 728 -16.21 -65.66 110.99
N ASP A 729 -17.39 -65.84 110.39
CA ASP A 729 -17.58 -65.68 108.94
C ASP A 729 -16.62 -66.56 108.15
N ASN A 730 -16.42 -67.80 108.64
CA ASN A 730 -15.53 -68.78 108.02
C ASN A 730 -14.09 -68.26 107.95
N VAL A 731 -13.71 -67.38 108.87
CA VAL A 731 -12.37 -66.81 108.93
C VAL A 731 -11.83 -67.01 110.34
N VAL A 732 -10.59 -67.48 110.43
CA VAL A 732 -9.95 -67.65 111.74
C VAL A 732 -9.60 -66.27 112.28
N THR A 733 -10.10 -65.97 113.48
CA THR A 733 -9.94 -64.65 114.08
C THR A 733 -9.25 -64.75 115.42
N LEU A 734 -8.59 -63.66 115.82
CA LEU A 734 -7.84 -63.59 117.08
C LEU A 734 -8.15 -62.26 117.74
N PRO A 735 -8.48 -62.25 119.03
CA PRO A 735 -8.69 -60.99 119.73
C PRO A 735 -7.36 -60.28 119.98
N LEU A 736 -7.47 -59.00 120.37
CA LEU A 736 -6.29 -58.15 120.46
C LEU A 736 -5.36 -58.58 121.59
N THR A 737 -5.91 -59.07 122.71
CA THR A 737 -5.10 -59.29 123.90
C THR A 737 -4.04 -60.36 123.67
N THR A 738 -4.39 -61.45 122.98
CA THR A 738 -3.42 -62.51 122.72
C THR A 738 -2.29 -62.01 121.83
N PHE A 739 -2.63 -61.25 120.79
CA PHE A 739 -1.59 -60.69 119.92
C PHE A 739 -0.69 -59.73 120.69
N GLN A 740 -1.26 -58.90 121.55
CA GLN A 740 -0.46 -57.96 122.33
C GLN A 740 0.48 -58.69 123.28
N GLN A 741 0.01 -59.73 123.95
CA GLN A 741 0.87 -60.43 124.90
C GLN A 741 1.92 -61.27 124.18
N LYS A 742 1.60 -61.79 123.00
CA LYS A 742 2.57 -62.60 122.26
C LYS A 742 3.48 -61.77 121.37
N ILE A 743 3.25 -60.47 121.24
CA ILE A 743 4.10 -59.64 120.40
C ILE A 743 5.01 -58.71 121.20
N SER A 744 4.70 -58.45 122.46
CA SER A 744 5.47 -57.49 123.25
C SER A 744 6.77 -58.08 123.80
N LYS A 745 6.95 -59.40 123.71
CA LYS A 745 8.15 -60.02 124.26
C LYS A 745 9.36 -59.83 123.35
N TYR A 746 9.16 -59.63 122.05
CA TYR A 746 10.25 -59.57 121.09
C TYR A 746 10.95 -58.21 121.05
N PHE A 747 10.22 -57.13 121.31
CA PHE A 747 10.78 -55.79 121.24
C PHE A 747 10.33 -54.97 122.43
N ASN A 748 11.12 -53.95 122.77
CA ASN A 748 10.77 -53.02 123.83
C ASN A 748 9.89 -51.91 123.29
N SER A 749 8.88 -51.52 124.08
CA SER A 749 7.98 -50.46 123.66
C SER A 749 8.68 -49.11 123.59
N ARG A 750 9.77 -48.94 124.35
CA ARG A 750 10.46 -47.67 124.39
C ARG A 750 10.98 -47.27 123.03
N LEU A 751 11.56 -48.22 122.28
CA LEU A 751 12.18 -47.90 121.01
C LEU A 751 11.24 -48.09 119.82
N PHE A 752 10.16 -48.85 119.97
CA PHE A 752 9.29 -49.17 118.84
C PHE A 752 7.82 -48.90 119.17
N GLY A 753 7.55 -47.92 120.03
CA GLY A 753 6.17 -47.59 120.35
C GLY A 753 5.42 -46.96 119.18
N HIS A 754 6.10 -46.10 118.42
CA HIS A 754 5.43 -45.36 117.36
C HIS A 754 4.80 -46.31 116.34
N ASP A 755 5.58 -47.28 115.88
CA ASP A 755 5.09 -48.19 114.84
C ASP A 755 3.89 -49.00 115.33
N ILE A 756 3.95 -49.52 116.55
CA ILE A 756 2.88 -50.37 117.03
C ILE A 756 1.61 -49.56 117.30
N GLU A 757 1.75 -48.34 117.86
CA GLU A 757 0.56 -47.51 118.04
C GLU A 757 -0.06 -47.11 116.71
N SER A 758 0.77 -46.80 115.71
CA SER A 758 0.24 -46.42 114.41
C SER A 758 -0.34 -47.63 113.66
N PHE A 759 0.12 -48.83 114.00
CA PHE A 759 -0.32 -50.04 113.31
C PHE A 759 -1.58 -50.65 113.94
N ILE A 760 -1.78 -50.46 115.23
CA ILE A 760 -2.91 -51.10 115.92
C ILE A 760 -4.23 -50.60 115.34
N ASN A 761 -4.39 -49.29 115.23
CA ASN A 761 -5.66 -48.73 114.76
C ASN A 761 -5.87 -48.94 113.26
N ARG A 762 -4.79 -49.22 112.50
CA ARG A 762 -4.94 -49.41 111.07
C ARG A 762 -5.73 -50.67 110.74
N HIS A 763 -5.55 -51.74 111.51
CA HIS A 763 -6.13 -53.04 111.17
C HIS A 763 -6.98 -53.60 112.29
N LYS A 764 -7.88 -52.79 112.83
CA LYS A 764 -8.83 -53.24 113.85
C LYS A 764 -10.19 -53.46 113.22
N LYS A 765 -10.78 -54.63 113.48
CA LYS A 765 -12.10 -54.98 113.00
C LYS A 765 -13.01 -55.29 114.19
N PHE A 766 -14.24 -54.82 114.12
CA PHE A 766 -15.21 -54.95 115.21
C PHE A 766 -16.33 -55.87 114.77
N ALA A 767 -16.36 -57.08 115.34
CA ALA A 767 -17.48 -57.98 115.08
C ALA A 767 -18.78 -57.40 115.64
N ASN A 768 -18.72 -56.80 116.81
CA ASN A 768 -19.86 -56.11 117.41
C ASN A 768 -19.32 -54.97 118.25
N VAL A 769 -20.15 -54.43 119.15
CA VAL A 769 -19.72 -53.34 120.00
C VAL A 769 -18.60 -53.78 120.94
N SER A 770 -18.69 -55.02 121.44
CA SER A 770 -17.75 -55.50 122.45
C SER A 770 -16.65 -56.39 121.90
N ASP A 771 -16.80 -56.93 120.69
CA ASP A 771 -15.85 -57.87 120.12
C ASP A 771 -14.94 -57.15 119.13
N GLU A 772 -13.64 -57.19 119.39
CA GLU A 772 -12.62 -56.68 118.47
C GLU A 772 -11.67 -57.81 118.13
N TYR A 773 -11.50 -58.06 116.83
CA TYR A 773 -10.75 -59.22 116.36
C TYR A 773 -9.81 -58.81 115.24
N LEU A 774 -8.75 -59.60 115.08
CA LEU A 774 -7.78 -59.43 114.00
C LEU A 774 -7.68 -60.74 113.24
N GLN A 775 -7.75 -60.65 111.91
CA GLN A 775 -7.68 -61.84 111.06
C GLN A 775 -6.25 -62.13 110.63
N TYR A 776 -5.35 -62.18 111.60
CA TYR A 776 -3.93 -62.41 111.35
C TYR A 776 -3.42 -63.43 112.35
N ILE A 777 -2.66 -64.41 111.86
CA ILE A 777 -2.14 -65.51 112.68
C ILE A 777 -0.62 -65.49 112.58
N PHE A 778 0.04 -65.51 113.74
CA PHE A 778 1.49 -65.58 113.78
C PHE A 778 1.96 -66.99 113.43
N ILE A 779 2.98 -67.07 112.56
CA ILE A 779 3.41 -68.35 112.02
C ILE A 779 4.25 -69.14 113.04
N GLU A 780 4.75 -68.49 114.08
CA GLU A 780 5.63 -69.16 115.04
C GLU A 780 4.93 -70.30 115.78
N ASP A 781 3.60 -70.34 115.79
CA ASP A 781 2.90 -71.43 116.46
C ASP A 781 3.16 -72.76 115.77
N ILE A 782 3.20 -72.77 114.44
CA ILE A 782 3.45 -73.99 113.69
C ILE A 782 4.94 -74.09 113.34
N TRP B 236 10.90 23.64 38.54
CA TRP B 236 10.50 22.34 39.04
C TRP B 236 9.72 22.48 40.35
N GLU B 237 8.44 22.14 40.31
CA GLU B 237 7.59 22.27 41.49
C GLU B 237 7.92 21.19 42.51
N PRO B 238 7.83 21.51 43.81
CA PRO B 238 8.11 20.48 44.83
C PRO B 238 7.18 19.29 44.77
N GLY B 239 5.93 19.48 44.33
CA GLY B 239 4.98 18.38 44.27
C GLY B 239 5.33 17.31 43.26
N PHE B 240 6.23 17.62 42.31
CA PHE B 240 6.63 16.65 41.32
C PHE B 240 7.58 15.61 41.93
N ILE B 241 7.90 14.60 41.14
CA ILE B 241 8.91 13.61 41.53
C ILE B 241 10.28 14.26 41.43
N SER B 242 11.29 13.60 41.96
CA SER B 242 12.64 14.14 41.93
C SER B 242 13.14 14.25 40.49
N PHE B 243 14.03 15.22 40.27
CA PHE B 243 14.57 15.45 38.94
C PHE B 243 15.35 14.22 38.45
N GLU B 244 16.15 13.63 39.33
CA GLU B 244 16.96 12.48 38.94
C GLU B 244 16.10 11.30 38.51
N ASP B 245 14.98 11.07 39.22
CA ASP B 245 14.07 10.00 38.81
C ASP B 245 13.52 10.25 37.42
N ALA B 246 13.16 11.50 37.13
CA ALA B 246 12.66 11.86 35.81
C ALA B 246 13.72 11.62 34.74
N ILE B 247 14.98 11.97 35.03
CA ILE B 247 16.01 11.77 34.02
C ILE B 247 16.28 10.29 33.81
N LYS B 248 16.19 9.47 34.87
CA LYS B 248 16.29 8.03 34.64
C LYS B 248 15.14 7.50 33.81
N ARG B 249 13.92 8.00 34.03
CA ARG B 249 12.79 7.54 33.24
C ARG B 249 12.96 7.90 31.77
N VAL B 250 13.35 9.15 31.50
CA VAL B 250 13.54 9.54 30.10
C VAL B 250 14.73 8.79 29.50
N SER B 251 15.71 8.42 30.32
CA SER B 251 16.83 7.64 29.81
C SER B 251 16.38 6.25 29.40
N LYS B 252 15.56 5.59 30.22
CA LYS B 252 15.13 4.25 29.83
C LYS B 252 14.15 4.33 28.66
N ILE B 253 13.50 5.47 28.47
CA ILE B 253 12.59 5.63 27.33
C ILE B 253 13.33 5.43 26.02
N PHE B 254 14.54 5.98 25.92
CA PHE B 254 15.37 5.79 24.74
C PHE B 254 16.19 4.51 24.90
N ILE B 255 16.10 3.62 23.90
CA ILE B 255 16.95 2.44 23.89
C ILE B 255 18.39 2.85 23.60
N ASN B 256 18.58 3.79 22.67
CA ASN B 256 19.91 4.28 22.35
C ASN B 256 20.49 5.08 23.50
N SER B 257 21.80 4.96 23.70
CA SER B 257 22.47 5.71 24.74
C SER B 257 22.50 7.20 24.40
N ILE B 258 22.44 8.03 25.43
CA ILE B 258 22.44 9.48 25.29
C ILE B 258 23.85 9.98 25.55
N ILE B 259 24.43 10.67 24.56
CA ILE B 259 25.81 11.15 24.69
C ILE B 259 25.89 12.28 25.71
N ASN B 260 24.96 13.23 25.64
CA ASN B 260 24.96 14.40 26.52
C ASN B 260 23.98 14.26 27.68
N PHE B 261 23.82 13.03 28.20
CA PHE B 261 22.87 12.82 29.29
C PHE B 261 23.33 13.48 30.57
N ASN B 262 24.64 13.54 30.81
CA ASN B 262 25.15 14.14 32.05
C ASN B 262 25.04 15.66 32.05
N ASP B 263 24.81 16.28 30.89
CA ASP B 263 24.78 17.73 30.79
C ASP B 263 23.44 18.33 31.18
N LEU B 264 22.44 17.52 31.49
CA LEU B 264 21.11 18.01 31.83
C LEU B 264 21.02 18.30 33.32
N ASP B 265 20.56 19.50 33.66
CA ASP B 265 20.32 19.90 35.04
C ASP B 265 18.88 20.37 35.18
N GLU B 266 18.54 20.89 36.36
CA GLU B 266 17.18 21.33 36.63
C GLU B 266 16.83 22.66 35.96
N ASN B 267 17.74 23.25 35.19
CA ASN B 267 17.50 24.55 34.59
C ASN B 267 17.67 24.58 33.08
N ASN B 268 18.04 23.47 32.45
CA ASN B 268 18.32 23.47 31.02
C ASN B 268 17.78 22.27 30.27
N PHE B 269 16.85 21.51 30.85
CA PHE B 269 16.32 20.35 30.14
C PHE B 269 15.45 20.79 28.96
N THR B 270 14.77 21.93 29.08
CA THR B 270 13.95 22.44 27.99
C THR B 270 14.77 23.12 26.90
N THR B 271 16.04 23.42 27.15
CA THR B 271 16.87 24.15 26.20
C THR B 271 17.88 23.28 25.47
N VAL B 272 18.51 22.34 26.15
CA VAL B 272 19.55 21.51 25.54
C VAL B 272 18.89 20.43 24.68
N PRO B 273 19.19 20.37 23.40
CA PRO B 273 18.63 19.30 22.55
C PRO B 273 19.22 17.96 22.92
N LEU B 274 18.45 16.91 22.63
CA LEU B 274 18.84 15.54 22.95
C LEU B 274 19.72 15.00 21.84
N VAL B 275 20.94 14.59 22.19
CA VAL B 275 21.89 14.01 21.24
C VAL B 275 21.87 12.50 21.45
N ILE B 276 21.39 11.77 20.46
CA ILE B 276 21.25 10.32 20.54
C ILE B 276 22.29 9.66 19.64
N ASP B 277 22.78 8.50 20.05
CA ASP B 277 23.70 7.70 19.26
C ASP B 277 22.89 6.55 18.66
N TYR B 278 22.52 6.70 17.38
CA TYR B 278 21.63 5.73 16.74
C TYR B 278 22.45 4.49 16.34
N VAL B 279 22.67 3.65 17.36
CA VAL B 279 23.17 2.31 17.12
C VAL B 279 22.03 1.40 16.71
N THR B 280 20.84 1.65 17.24
CA THR B 280 19.61 0.95 16.97
C THR B 280 18.57 1.98 16.57
N PRO B 281 17.52 1.59 15.84
CA PRO B 281 16.55 2.60 15.39
C PRO B 281 15.80 3.21 16.56
N CYS B 282 15.45 4.48 16.38
CA CYS B 282 14.82 5.25 17.45
C CYS B 282 13.50 4.61 17.86
N ALA B 283 13.42 4.16 19.11
CA ALA B 283 12.24 3.48 19.59
C ALA B 283 10.99 4.36 19.53
N LEU B 284 11.17 5.68 19.48
CA LEU B 284 10.04 6.59 19.45
C LEU B 284 9.25 6.47 18.14
N CYS B 285 9.95 6.33 17.01
CA CYS B 285 9.28 6.24 15.72
C CYS B 285 9.84 5.18 14.78
N LYS B 286 10.88 4.44 15.18
CA LYS B 286 11.47 3.34 14.42
C LYS B 286 12.08 3.77 13.09
N LYS B 287 12.27 5.07 12.87
CA LYS B 287 12.94 5.50 11.65
C LYS B 287 14.44 5.32 11.77
N ARG B 288 15.13 5.51 10.64
CA ARG B 288 16.56 5.22 10.58
C ARG B 288 17.35 6.23 11.41
N SER B 289 17.26 7.51 11.03
CA SER B 289 17.91 8.57 11.78
C SER B 289 17.13 9.85 11.57
N HIS B 290 17.34 10.81 12.48
CA HIS B 290 16.60 12.07 12.47
C HIS B 290 17.54 13.20 12.09
N LYS B 291 17.12 14.00 11.09
CA LYS B 291 17.89 15.18 10.71
C LYS B 291 17.94 16.20 11.86
N HIS B 292 16.93 16.22 12.70
CA HIS B 292 16.86 17.15 13.81
C HIS B 292 16.87 16.40 15.14
N PRO B 293 17.62 16.87 16.13
CA PRO B 293 17.65 16.20 17.43
C PRO B 293 16.35 16.41 18.20
N HIS B 294 16.16 15.56 19.21
CA HIS B 294 14.98 15.64 20.05
C HIS B 294 15.17 16.68 21.16
N GLN B 295 14.07 17.06 21.79
CA GLN B 295 14.09 18.07 22.83
C GLN B 295 13.00 17.77 23.85
N LEU B 296 13.21 18.24 25.08
CA LEU B 296 12.26 18.07 26.17
C LEU B 296 11.54 19.38 26.46
N SER B 297 10.32 19.25 27.00
CA SER B 297 9.53 20.41 27.41
C SER B 297 8.64 20.01 28.59
N LEU B 298 8.39 20.97 29.46
CA LEU B 298 7.62 20.75 30.69
C LEU B 298 6.30 21.51 30.60
N GLU B 299 5.19 20.76 30.61
CA GLU B 299 3.85 21.35 30.54
C GLU B 299 2.91 20.56 31.45
N ASN B 300 2.18 21.28 32.30
CA ASN B 300 1.11 20.70 33.11
C ASN B 300 1.60 19.53 33.95
N GLY B 301 2.78 19.69 34.55
CA GLY B 301 3.31 18.67 35.43
C GLY B 301 3.77 17.40 34.74
N ALA B 302 4.06 17.48 33.44
CA ALA B 302 4.54 16.32 32.71
C ALA B 302 5.52 16.78 31.64
N ILE B 303 6.56 15.99 31.42
CA ILE B 303 7.58 16.30 30.41
C ILE B 303 7.13 15.73 29.08
N ARG B 304 7.45 16.44 28.00
CA ARG B 304 7.14 15.99 26.64
C ARG B 304 8.45 15.78 25.90
N ILE B 305 8.57 14.62 25.25
CA ILE B 305 9.72 14.32 24.41
C ILE B 305 9.25 14.40 22.96
N TYR B 306 9.90 15.26 22.17
CA TYR B 306 9.53 15.48 20.80
C TYR B 306 10.77 15.77 19.98
N LYS B 307 10.67 15.53 18.68
CA LYS B 307 11.75 15.83 17.74
C LYS B 307 11.58 17.24 17.19
N THR B 308 12.67 18.00 17.16
CA THR B 308 12.64 19.35 16.61
C THR B 308 12.49 19.29 15.08
N GLY B 309 12.28 20.47 14.49
CA GLY B 309 12.10 20.55 13.05
C GLY B 309 10.69 20.17 12.65
N ASN B 310 10.53 18.97 12.09
CA ASN B 310 9.20 18.47 11.77
C ASN B 310 8.73 17.57 12.92
N PRO B 311 7.77 18.02 13.72
CA PRO B 311 7.33 17.19 14.86
C PRO B 311 6.65 15.90 14.45
N HIS B 312 6.11 15.82 13.23
CA HIS B 312 5.38 14.62 12.82
C HIS B 312 6.33 13.44 12.55
N SER B 313 7.52 13.72 12.04
CA SER B 313 8.43 12.66 11.62
C SER B 313 8.84 11.74 12.78
N CYS B 314 8.56 12.13 14.02
CA CYS B 314 8.80 11.29 15.18
C CYS B 314 7.60 11.38 16.11
N LYS B 315 7.30 10.28 16.78
CA LYS B 315 6.13 10.24 17.65
C LYS B 315 6.36 11.07 18.91
N VAL B 316 5.29 11.23 19.69
CA VAL B 316 5.31 12.02 20.91
C VAL B 316 4.87 11.15 22.08
N LYS B 317 5.63 11.17 23.17
CA LYS B 317 5.27 10.46 24.39
C LYS B 317 5.34 11.41 25.58
N ILE B 318 4.56 11.08 26.61
CA ILE B 318 4.41 11.92 27.79
C ILE B 318 4.87 11.15 29.01
N VAL B 319 5.74 11.75 29.81
CA VAL B 319 6.20 11.19 31.07
C VAL B 319 5.68 12.07 32.20
N PRO B 320 4.68 11.62 32.94
CA PRO B 320 4.17 12.42 34.06
C PRO B 320 5.21 12.61 35.13
N LEU B 321 5.17 13.78 35.78
CA LEU B 321 6.16 14.12 36.80
C LEU B 321 5.60 14.20 38.21
N ASP B 322 4.28 14.16 38.37
CA ASP B 322 3.70 14.20 39.70
C ASP B 322 4.03 12.93 40.48
N GLY B 323 4.11 13.08 41.80
CA GLY B 323 4.41 11.97 42.68
C GLY B 323 3.16 11.23 43.09
N ASN B 324 3.28 10.50 44.20
CA ASN B 324 2.13 9.79 44.76
C ASN B 324 1.15 10.81 45.30
N LYS B 325 -0.02 10.91 44.67
CA LYS B 325 -1.01 11.90 45.09
C LYS B 325 -1.48 11.64 46.50
N LEU B 326 -1.73 10.37 46.84
CA LEU B 326 -2.21 10.04 48.17
C LEU B 326 -1.19 10.39 49.25
N PHE B 327 0.10 10.19 48.96
CA PHE B 327 1.12 10.57 49.92
C PHE B 327 1.15 12.08 50.14
N ASN B 328 1.00 12.85 49.06
CA ASN B 328 0.94 14.30 49.20
C ASN B 328 -0.27 14.74 50.01
N ILE B 329 -1.41 14.08 49.78
CA ILE B 329 -2.61 14.40 50.56
C ILE B 329 -2.38 14.09 52.03
N ALA B 330 -1.74 12.94 52.32
CA ALA B 330 -1.47 12.59 53.71
C ALA B 330 -0.53 13.60 54.36
N GLN B 331 0.49 14.05 53.63
CA GLN B 331 1.39 15.07 54.16
C GLN B 331 0.66 16.37 54.43
N ARG B 332 -0.22 16.77 53.52
CA ARG B 332 -1.01 17.99 53.73
C ARG B 332 -1.90 17.87 54.95
N ILE B 333 -2.52 16.71 55.14
CA ILE B 333 -3.37 16.50 56.31
C ILE B 333 -2.54 16.56 57.59
N LEU B 334 -1.38 15.92 57.59
CA LEU B 334 -0.52 15.96 58.78
C LEU B 334 -0.01 17.37 59.05
N ASP B 335 0.09 18.20 58.02
CA ASP B 335 0.55 19.57 58.22
C ASP B 335 -0.39 20.39 59.09
N THR B 336 -1.66 19.97 59.20
CA THR B 336 -2.65 20.72 59.97
C THR B 336 -2.70 20.30 61.43
N ASN B 337 -1.99 19.25 61.82
CA ASN B 337 -1.98 18.76 63.21
C ASN B 337 -3.40 18.46 63.70
N SER B 338 -4.15 17.72 62.88
CA SER B 338 -5.51 17.37 63.23
C SER B 338 -5.62 16.00 63.90
N VAL B 339 -4.59 15.17 63.80
CA VAL B 339 -4.60 13.84 64.40
C VAL B 339 -3.31 13.67 65.20
N LEU B 340 -3.43 13.09 66.40
CA LEU B 340 -2.29 12.96 67.30
C LEU B 340 -2.29 11.56 67.91
N LEU B 341 -1.15 11.20 68.49
CA LEU B 341 -0.98 9.91 69.14
C LEU B 341 -1.14 10.05 70.64
N THR B 342 -1.88 9.12 71.24
CA THR B 342 -2.22 9.19 72.66
C THR B 342 -1.08 8.77 73.59
N GLU B 343 -0.03 8.16 73.06
CA GLU B 343 1.07 7.54 73.79
C GLU B 343 0.63 6.24 74.45
N ARG B 344 -0.67 5.96 74.48
CA ARG B 344 -1.20 4.71 75.00
C ARG B 344 -1.62 3.74 73.92
N GLY B 345 -1.31 4.05 72.65
CA GLY B 345 -1.64 3.18 71.54
C GLY B 345 -2.89 3.57 70.77
N ASP B 346 -3.48 4.73 71.05
CA ASP B 346 -4.70 5.19 70.39
C ASP B 346 -4.43 6.51 69.67
N HIS B 347 -5.49 7.06 69.09
CA HIS B 347 -5.42 8.30 68.33
C HIS B 347 -6.53 9.25 68.75
N ILE B 348 -6.26 10.54 68.62
CA ILE B 348 -7.23 11.59 68.92
C ILE B 348 -7.45 12.39 67.65
N VAL B 349 -8.72 12.64 67.32
CA VAL B 349 -9.11 13.33 66.09
C VAL B 349 -9.84 14.61 66.46
N TRP B 350 -9.41 15.71 65.84
CA TRP B 350 -10.02 17.02 66.07
C TRP B 350 -11.13 17.20 65.04
N ILE B 351 -12.38 16.97 65.47
CA ILE B 351 -13.54 17.09 64.59
C ILE B 351 -14.65 17.79 65.36
N ASN B 352 -15.40 18.63 64.65
CA ASN B 352 -16.52 19.39 65.24
C ASN B 352 -16.06 20.22 66.44
N ASN B 353 -14.90 20.88 66.29
CA ASN B 353 -14.35 21.78 67.30
C ASN B 353 -14.18 21.07 68.65
N SER B 354 -13.74 19.82 68.61
CA SER B 354 -13.53 19.06 69.83
C SER B 354 -12.61 17.88 69.54
N TRP B 355 -11.78 17.52 70.51
CA TRP B 355 -10.93 16.35 70.41
C TRP B 355 -11.71 15.13 70.84
N LYS B 356 -11.82 14.15 69.94
CA LYS B 356 -12.66 12.98 70.16
C LYS B 356 -11.80 11.73 70.23
N PHE B 357 -12.02 10.93 71.27
CA PHE B 357 -11.35 9.65 71.44
C PHE B 357 -12.26 8.51 70.98
N ASN B 358 -11.66 7.51 70.34
CA ASN B 358 -12.39 6.33 69.91
C ASN B 358 -11.42 5.18 69.75
N SER B 359 -11.69 4.06 70.44
CA SER B 359 -10.85 2.88 70.38
C SER B 359 -11.47 1.75 69.56
N GLU B 360 -12.73 1.88 69.16
CA GLU B 360 -13.40 0.85 68.38
C GLU B 360 -13.86 1.33 67.01
N GLU B 361 -14.26 2.59 66.90
CA GLU B 361 -14.74 3.08 65.62
C GLU B 361 -13.72 4.05 65.03
N PRO B 362 -13.17 3.72 63.85
CA PRO B 362 -12.11 4.56 63.27
C PRO B 362 -12.61 5.94 62.88
N LEU B 363 -12.05 6.97 63.53
CA LEU B 363 -12.40 8.36 63.27
C LEU B 363 -11.53 9.02 62.21
N ILE B 364 -10.50 8.35 61.72
CA ILE B 364 -9.59 8.97 60.76
C ILE B 364 -10.29 9.19 59.43
N THR B 365 -11.11 8.23 58.99
CA THR B 365 -11.82 8.38 57.72
C THR B 365 -12.78 9.56 57.77
N LYS B 366 -13.47 9.74 58.89
CA LYS B 366 -14.37 10.88 59.04
C LYS B 366 -13.59 12.20 58.98
N LEU B 367 -12.39 12.22 59.56
CA LEU B 367 -11.54 13.39 59.44
C LEU B 367 -11.17 13.65 57.98
N ILE B 368 -10.83 12.59 57.26
CA ILE B 368 -10.43 12.76 55.86
C ILE B 368 -11.57 13.30 55.02
N LEU B 369 -12.78 12.78 55.22
CA LEU B 369 -13.92 13.22 54.43
C LEU B 369 -14.38 14.62 54.81
N SER B 370 -13.99 15.13 55.97
CA SER B 370 -14.48 16.41 56.45
C SER B 370 -13.56 17.58 56.08
N ILE B 371 -12.42 17.31 55.43
CA ILE B 371 -11.48 18.36 55.08
C ILE B 371 -11.17 18.39 53.60
N ARG B 372 -12.11 17.95 52.75
CA ARG B 372 -11.91 18.04 51.31
C ARG B 372 -11.84 19.50 50.86
N HIS B 373 -12.60 20.38 51.52
CA HIS B 373 -12.70 21.77 51.07
C HIS B 373 -11.38 22.51 51.26
N GLN B 374 -10.65 22.20 52.35
CA GLN B 374 -9.38 22.88 52.58
C GLN B 374 -8.34 22.49 51.52
N LEU B 375 -8.46 21.30 50.95
CA LEU B 375 -7.52 20.86 49.94
C LEU B 375 -7.80 21.55 48.61
N PRO B 376 -6.82 21.60 47.71
CA PRO B 376 -7.04 22.14 46.37
C PRO B 376 -8.12 21.37 45.62
N LYS B 377 -8.55 21.94 44.50
CA LYS B 377 -9.64 21.36 43.73
C LYS B 377 -9.28 19.98 43.19
N GLU B 378 -8.05 19.81 42.71
CA GLU B 378 -7.63 18.53 42.13
C GLU B 378 -7.53 17.42 43.16
N TYR B 379 -7.38 17.76 44.45
CA TYR B 379 -7.28 16.75 45.49
C TYR B 379 -8.62 16.41 46.13
N SER B 380 -9.65 17.24 45.93
CA SER B 380 -10.93 16.97 46.56
C SER B 380 -11.70 15.85 45.87
N SER B 381 -11.47 15.66 44.57
CA SER B 381 -12.31 14.75 43.79
C SER B 381 -12.13 13.29 44.20
N GLU B 382 -10.89 12.83 44.34
CA GLU B 382 -10.65 11.41 44.57
C GLU B 382 -10.84 11.00 46.02
N LEU B 383 -11.09 11.93 46.92
CA LEU B 383 -11.33 11.55 48.32
C LEU B 383 -12.71 10.97 48.54
N LEU B 384 -13.47 10.66 47.49
CA LEU B 384 -14.80 10.09 47.65
C LEU B 384 -14.79 8.56 47.63
N CYS B 385 -13.83 7.95 46.95
CA CYS B 385 -13.75 6.50 46.92
C CYS B 385 -13.23 5.99 48.26
N PRO B 386 -13.93 5.05 48.91
CA PRO B 386 -13.47 4.58 50.22
C PRO B 386 -12.09 3.94 50.21
N ARG B 387 -11.71 3.28 49.12
CA ARG B 387 -10.41 2.63 49.06
C ARG B 387 -9.27 3.65 49.16
N LYS B 388 -9.41 4.78 48.46
CA LYS B 388 -8.39 5.82 48.55
C LYS B 388 -8.33 6.41 49.96
N ARG B 389 -9.49 6.56 50.60
CA ARG B 389 -9.50 7.05 51.98
C ARG B 389 -8.78 6.07 52.91
N LYS B 390 -8.98 4.76 52.71
CA LYS B 390 -8.28 3.78 53.51
C LYS B 390 -6.77 3.84 53.28
N THR B 391 -6.36 4.04 52.03
CA THR B 391 -4.94 4.16 51.73
C THR B 391 -4.34 5.38 52.41
N VAL B 392 -5.05 6.51 52.36
CA VAL B 392 -4.55 7.72 53.02
C VAL B 392 -4.51 7.53 54.53
N GLU B 393 -5.49 6.81 55.09
CA GLU B 393 -5.47 6.54 56.52
C GLU B 393 -4.26 5.69 56.91
N ALA B 394 -3.94 4.68 56.09
CA ALA B 394 -2.75 3.87 56.37
C ALA B 394 -1.49 4.72 56.29
N ASN B 395 -1.41 5.58 55.27
CA ASN B 395 -0.24 6.46 55.15
C ASN B 395 -0.10 7.36 56.36
N ILE B 396 -1.22 7.92 56.84
CA ILE B 396 -1.18 8.79 58.02
C ILE B 396 -0.73 7.99 59.24
N ARG B 397 -1.26 6.78 59.41
CA ARG B 397 -0.84 5.94 60.53
C ARG B 397 0.63 5.57 60.46
N ASP B 398 1.22 5.55 59.28
CA ASP B 398 2.62 5.16 59.14
C ASP B 398 3.60 6.30 59.35
N MET B 399 3.13 7.53 59.57
CA MET B 399 4.03 8.67 59.79
C MET B 399 3.86 9.29 61.18
N LEU B 400 3.29 8.55 62.13
CA LEU B 400 3.14 9.03 63.50
C LEU B 400 4.03 8.18 64.39
N VAL B 401 5.26 8.63 64.59
CA VAL B 401 6.23 7.89 65.38
C VAL B 401 6.42 8.47 66.79
N ASP B 402 6.14 9.75 66.99
CA ASP B 402 6.27 10.38 68.29
C ASP B 402 4.93 10.47 68.99
N SER B 403 4.99 10.59 70.32
CA SER B 403 3.80 10.60 71.15
C SER B 403 3.73 11.91 71.93
N VAL B 404 2.51 12.27 72.33
CA VAL B 404 2.25 13.48 73.09
C VAL B 404 1.41 13.13 74.30
N GLU B 405 1.42 14.03 75.29
CA GLU B 405 0.68 13.85 76.52
C GLU B 405 -0.55 14.75 76.53
N THR B 406 -1.66 14.22 77.04
CA THR B 406 -2.93 14.93 77.05
C THR B 406 -3.19 15.53 78.43
N ASP B 407 -3.91 16.65 78.43
CA ASP B 407 -4.31 17.34 79.65
C ASP B 407 -3.10 17.72 80.50
N THR B 408 -2.24 18.56 79.94
CA THR B 408 -1.01 18.97 80.61
C THR B 408 -1.18 20.26 81.40
N TYR B 409 -1.95 21.21 80.88
CA TYR B 409 -2.09 22.51 81.53
C TYR B 409 -3.12 22.41 82.65
N PRO B 410 -2.74 22.67 83.91
CA PRO B 410 -3.70 22.57 85.01
C PRO B 410 -4.49 23.83 85.28
N ASP B 411 -4.27 24.91 84.51
CA ASP B 411 -4.89 26.20 84.77
C ASP B 411 -5.81 26.62 83.63
N LYS B 412 -6.54 25.67 83.07
CA LYS B 412 -7.49 25.92 82.00
C LYS B 412 -8.86 25.33 82.36
N LEU B 413 -9.92 26.03 82.00
CA LEU B 413 -11.27 25.48 82.11
C LEU B 413 -11.79 25.17 80.71
N PRO B 414 -11.84 23.91 80.31
CA PRO B 414 -12.41 23.59 78.99
C PRO B 414 -13.91 23.80 78.97
N PHE B 415 -14.40 24.22 77.81
CA PHE B 415 -15.83 24.42 77.58
C PHE B 415 -16.21 23.67 76.31
N LYS B 416 -17.52 23.59 76.07
CA LYS B 416 -18.00 22.90 74.87
C LYS B 416 -17.61 23.63 73.59
N ASN B 417 -17.34 24.93 73.67
CA ASN B 417 -16.98 25.71 72.50
C ASN B 417 -15.63 26.41 72.61
N GLY B 418 -14.89 26.21 73.69
CA GLY B 418 -13.61 26.88 73.83
C GLY B 418 -12.96 26.58 75.15
N VAL B 419 -11.90 27.31 75.44
CA VAL B 419 -11.10 27.13 76.66
C VAL B 419 -10.93 28.48 77.33
N LEU B 420 -11.14 28.52 78.64
CA LEU B 420 -11.01 29.73 79.44
C LEU B 420 -9.69 29.73 80.20
N ASP B 421 -9.10 30.92 80.34
CA ASP B 421 -7.82 31.09 81.01
C ASP B 421 -8.03 31.76 82.36
N LEU B 422 -7.58 31.10 83.43
CA LEU B 422 -7.75 31.65 84.77
C LEU B 422 -6.80 32.82 85.05
N VAL B 423 -5.54 32.68 84.64
CA VAL B 423 -4.52 33.65 85.03
C VAL B 423 -4.80 35.03 84.42
N ASP B 424 -5.39 35.06 83.23
CA ASP B 424 -5.68 36.33 82.55
C ASP B 424 -7.16 36.68 82.57
N GLY B 425 -8.02 35.76 82.17
CA GLY B 425 -9.45 36.02 82.18
C GLY B 425 -10.02 36.37 80.82
N MET B 426 -9.55 35.69 79.79
CA MET B 426 -10.05 35.86 78.43
C MET B 426 -10.26 34.49 77.80
N PHE B 427 -11.10 34.46 76.77
CA PHE B 427 -11.64 33.23 76.21
C PHE B 427 -11.05 32.93 74.84
N TYR B 428 -10.60 31.69 74.64
CA TYR B 428 -10.26 31.18 73.33
C TYR B 428 -11.45 30.38 72.81
N SER B 429 -11.81 30.62 71.54
CA SER B 429 -12.92 29.92 70.93
C SER B 429 -12.53 29.47 69.52
N GLY B 430 -12.95 28.27 69.16
CA GLY B 430 -12.69 27.77 67.81
C GLY B 430 -11.31 27.19 67.69
N ASP B 431 -10.62 27.57 66.62
CA ASP B 431 -9.28 27.02 66.35
C ASP B 431 -8.28 27.42 67.44
N ASP B 432 -8.54 28.53 68.14
CA ASP B 432 -7.62 29.00 69.15
C ASP B 432 -7.47 28.02 70.31
N ALA B 433 -8.42 27.10 70.49
CA ALA B 433 -8.38 26.14 71.57
C ALA B 433 -7.73 24.82 71.17
N LYS B 434 -7.23 24.71 69.93
CA LYS B 434 -6.67 23.44 69.48
C LYS B 434 -5.36 23.11 70.19
N LYS B 435 -4.58 24.12 70.56
CA LYS B 435 -3.28 23.87 71.18
C LYS B 435 -3.44 23.15 72.52
N TYR B 436 -4.47 23.49 73.27
CA TYR B 436 -4.74 22.84 74.56
C TYR B 436 -5.50 21.54 74.31
N THR B 437 -4.83 20.41 74.51
CA THR B 437 -5.43 19.11 74.26
C THR B 437 -6.30 18.73 75.45
N CYS B 438 -7.53 19.22 75.47
CA CYS B 438 -8.49 18.92 76.51
C CYS B 438 -9.53 17.95 75.97
N THR B 439 -9.67 16.80 76.64
CA THR B 439 -10.58 15.76 76.20
C THR B 439 -11.91 15.76 76.94
N VAL B 440 -12.12 16.71 77.86
CA VAL B 440 -13.37 16.82 78.59
C VAL B 440 -13.82 18.28 78.55
N SER B 441 -15.10 18.48 78.84
CA SER B 441 -15.69 19.81 78.83
C SER B 441 -16.79 19.88 79.88
N THR B 442 -17.17 21.11 80.23
CA THR B 442 -18.22 21.34 81.21
C THR B 442 -19.58 20.86 80.74
N GLY B 443 -19.76 20.66 79.43
CA GLY B 443 -21.02 20.17 78.92
C GLY B 443 -22.08 21.22 78.68
N PHE B 444 -21.71 22.50 78.66
CA PHE B 444 -22.67 23.55 78.40
C PHE B 444 -21.97 24.73 77.73
N LYS B 445 -22.77 25.58 77.10
CA LYS B 445 -22.25 26.69 76.32
C LYS B 445 -21.63 27.74 77.24
N PHE B 446 -20.88 28.66 76.63
CA PHE B 446 -20.31 29.80 77.32
C PHE B 446 -21.01 31.07 76.86
N ASP B 447 -21.55 31.83 77.81
CA ASP B 447 -22.32 33.04 77.52
C ASP B 447 -21.61 34.23 78.14
N ASP B 448 -21.00 35.07 77.31
CA ASP B 448 -20.33 36.26 77.80
C ASP B 448 -21.31 37.29 78.36
N THR B 449 -22.58 37.22 77.95
CA THR B 449 -23.57 38.17 78.46
C THR B 449 -23.80 38.01 79.96
N LYS B 450 -23.87 36.76 80.43
CA LYS B 450 -24.09 36.51 81.84
C LYS B 450 -22.83 36.65 82.69
N PHE B 451 -21.66 36.74 82.06
CA PHE B 451 -20.40 36.93 82.78
C PHE B 451 -20.08 38.43 82.78
N VAL B 452 -20.75 39.15 83.67
CA VAL B 452 -20.62 40.59 83.77
C VAL B 452 -20.35 40.98 85.22
N GLU B 453 -19.90 42.23 85.40
CA GLU B 453 -19.55 42.70 86.73
C GLU B 453 -20.76 42.78 87.65
N ASP B 454 -21.90 43.23 87.13
CA ASP B 454 -23.11 43.40 87.92
C ASP B 454 -24.30 42.74 87.22
N SER B 455 -25.13 42.06 88.01
CA SER B 455 -26.33 41.42 87.51
C SER B 455 -27.28 41.21 88.68
N PRO B 456 -28.60 41.29 88.46
CA PRO B 456 -29.53 41.06 89.57
C PRO B 456 -29.40 39.68 90.20
N GLU B 457 -29.13 38.65 89.39
CA GLU B 457 -29.05 37.29 89.92
C GLU B 457 -27.83 37.12 90.81
N MET B 458 -26.66 37.60 90.36
CA MET B 458 -25.46 37.48 91.19
C MET B 458 -25.57 38.34 92.44
N GLU B 459 -26.18 39.52 92.33
CA GLU B 459 -26.37 40.36 93.51
C GLU B 459 -27.30 39.68 94.52
N GLU B 460 -28.36 39.05 94.03
CA GLU B 460 -29.25 38.30 94.92
C GLU B 460 -28.53 37.14 95.58
N LEU B 461 -27.71 36.41 94.83
CA LEU B 461 -27.07 35.21 95.35
C LEU B 461 -25.90 35.53 96.29
N MET B 462 -25.22 36.66 96.08
CA MET B 462 -24.05 36.98 96.89
C MET B 462 -24.42 37.29 98.33
N ASN B 463 -25.67 37.67 98.59
CA ASN B 463 -26.11 37.90 99.97
C ASN B 463 -26.01 36.61 100.79
N ILE B 464 -26.38 35.48 100.20
CA ILE B 464 -26.32 34.21 100.91
C ILE B 464 -24.88 33.89 101.33
N ILE B 465 -23.93 34.13 100.42
CA ILE B 465 -22.53 33.86 100.75
C ILE B 465 -22.02 34.84 101.79
N ASN B 466 -22.36 36.13 101.64
CA ASN B 466 -21.78 37.16 102.48
C ASN B 466 -22.33 37.13 103.90
N ASP B 467 -23.62 36.84 104.06
CA ASP B 467 -24.24 36.93 105.38
C ASP B 467 -23.80 35.79 106.30
N ILE B 468 -23.64 34.59 105.76
CA ILE B 468 -23.33 33.43 106.60
C ILE B 468 -21.94 33.58 107.22
N GLN B 469 -20.97 34.04 106.44
CA GLN B 469 -19.63 34.29 106.98
C GLN B 469 -19.41 35.79 107.09
N PRO B 470 -19.44 36.36 108.30
CA PRO B 470 -19.25 37.81 108.43
C PRO B 470 -17.85 38.24 107.99
N LEU B 471 -17.77 39.43 107.42
CA LEU B 471 -16.50 40.02 106.99
C LEU B 471 -15.93 40.91 108.09
N THR B 472 -15.66 40.28 109.23
CA THR B 472 -15.17 40.98 110.42
C THR B 472 -13.76 40.49 110.76
N ASP B 473 -13.07 41.30 111.56
CA ASP B 473 -11.68 41.02 111.90
C ASP B 473 -11.54 39.71 112.67
N GLU B 474 -12.45 39.47 113.62
CA GLU B 474 -12.34 38.28 114.45
C GLU B 474 -12.72 36.99 113.73
N ASN B 475 -12.96 37.04 112.41
CA ASN B 475 -13.30 35.86 111.64
C ASN B 475 -12.46 35.77 110.37
N LYS B 476 -11.34 36.51 110.31
CA LYS B 476 -10.54 36.57 109.09
C LYS B 476 -9.91 35.23 108.77
N LYS B 477 -9.45 34.49 109.78
CA LYS B 477 -8.83 33.19 109.52
C LYS B 477 -9.82 32.23 108.88
N ASN B 478 -11.03 32.14 109.43
CA ASN B 478 -12.05 31.27 108.86
C ASN B 478 -12.47 31.74 107.48
N ARG B 479 -12.57 33.06 107.28
CA ARG B 479 -12.91 33.59 105.96
C ARG B 479 -11.86 33.21 104.92
N GLU B 480 -10.58 33.37 105.27
CA GLU B 480 -9.51 33.01 104.35
C GLU B 480 -9.49 31.52 104.07
N LEU B 481 -9.72 30.69 105.09
CA LEU B 481 -9.74 29.25 104.90
C LEU B 481 -10.89 28.83 103.98
N TYR B 482 -12.08 29.41 104.18
CA TYR B 482 -13.18 29.16 103.26
C TYR B 482 -12.84 29.58 101.85
N GLU B 483 -12.24 30.77 101.70
CA GLU B 483 -11.89 31.29 100.39
C GLU B 483 -10.93 30.35 99.67
N LYS B 484 -9.89 29.90 100.37
CA LYS B 484 -8.91 29.01 99.74
C LYS B 484 -9.53 27.65 99.43
N THR B 485 -10.37 27.13 100.32
CA THR B 485 -10.99 25.82 100.10
C THR B 485 -11.85 25.84 98.84
N LEU B 486 -12.68 26.88 98.68
CA LEU B 486 -13.50 26.93 97.47
C LEU B 486 -12.77 27.48 96.26
N SER B 487 -11.57 28.07 96.45
CA SER B 487 -10.76 28.45 95.31
C SER B 487 -10.03 27.25 94.72
N SER B 488 -9.65 26.28 95.56
CA SER B 488 -8.91 25.12 95.08
C SER B 488 -9.72 24.22 94.17
N CYS B 489 -11.04 24.43 94.08
CA CYS B 489 -11.91 23.52 93.34
C CYS B 489 -11.65 23.53 91.84
N LEU B 490 -11.03 24.57 91.29
CA LEU B 490 -10.86 24.69 89.84
C LEU B 490 -9.46 24.33 89.35
N CYS B 491 -8.47 24.24 90.23
CA CYS B 491 -7.13 23.91 89.79
C CYS B 491 -7.06 22.46 89.33
N GLY B 492 -6.33 22.22 88.24
CA GLY B 492 -6.19 20.91 87.64
C GLY B 492 -5.06 20.07 88.17
N ALA B 493 -4.30 20.55 89.15
CA ALA B 493 -3.21 19.77 89.71
C ALA B 493 -3.75 18.71 90.68
N THR B 494 -2.95 17.67 90.89
CA THR B 494 -3.34 16.61 91.81
C THR B 494 -3.06 17.03 93.25
N LYS B 495 -4.00 16.73 94.13
CA LYS B 495 -3.90 17.11 95.54
C LYS B 495 -4.61 16.06 96.38
N GLY B 496 -4.15 15.88 97.62
CA GLY B 496 -4.74 14.90 98.49
C GLY B 496 -5.00 15.40 99.90
N CYS B 497 -5.31 16.69 100.03
CA CYS B 497 -5.58 17.31 101.32
C CYS B 497 -7.09 17.40 101.52
N LEU B 498 -7.62 16.62 102.46
CA LEU B 498 -9.04 16.65 102.75
C LEU B 498 -9.42 17.95 103.45
N THR B 499 -10.69 18.32 103.32
CA THR B 499 -11.23 19.50 103.97
C THR B 499 -12.58 19.14 104.60
N PHE B 500 -12.84 19.71 105.77
CA PHE B 500 -14.07 19.42 106.52
C PHE B 500 -14.85 20.69 106.81
N PHE B 501 -16.16 20.61 106.65
CA PHE B 501 -17.09 21.69 106.98
C PHE B 501 -17.87 21.28 108.22
N PHE B 502 -17.81 22.09 109.26
CA PHE B 502 -18.50 21.82 110.51
C PHE B 502 -19.39 23.01 110.85
N GLY B 503 -20.61 22.72 111.28
CA GLY B 503 -21.53 23.76 111.66
C GLY B 503 -22.93 23.22 111.79
N GLU B 504 -23.79 24.03 112.38
CA GLU B 504 -25.20 23.66 112.54
C GLU B 504 -25.89 23.58 111.19
N THR B 505 -26.84 22.66 111.07
CA THR B 505 -27.56 22.50 109.83
C THR B 505 -28.49 23.69 109.59
N ALA B 506 -28.92 23.84 108.33
CA ALA B 506 -29.81 24.93 107.92
C ALA B 506 -29.20 26.30 108.20
N THR B 507 -27.87 26.39 108.15
CA THR B 507 -27.17 27.65 108.35
C THR B 507 -26.58 28.20 107.06
N GLY B 508 -27.03 27.71 105.90
CA GLY B 508 -26.54 28.16 104.62
C GLY B 508 -25.31 27.45 104.12
N LYS B 509 -24.72 26.55 104.91
CA LYS B 509 -23.55 25.82 104.45
C LYS B 509 -23.90 24.86 103.33
N SER B 510 -25.01 24.13 103.47
CA SER B 510 -25.42 23.16 102.47
C SER B 510 -25.96 23.80 101.20
N THR B 511 -26.16 25.12 101.19
CA THR B 511 -26.68 25.78 100.00
C THR B 511 -25.71 25.66 98.83
N THR B 512 -24.41 25.74 99.09
CA THR B 512 -23.43 25.70 98.02
C THR B 512 -23.30 24.32 97.39
N LYS B 513 -23.81 23.28 98.05
CA LYS B 513 -23.66 21.92 97.54
C LYS B 513 -24.33 21.75 96.18
N ARG B 514 -25.58 22.22 96.06
CA ARG B 514 -26.28 22.14 94.78
C ARG B 514 -25.79 23.21 93.81
N LEU B 515 -25.33 24.35 94.33
CA LEU B 515 -24.80 25.40 93.47
C LEU B 515 -23.57 24.91 92.72
N LEU B 516 -22.72 24.13 93.39
CA LEU B 516 -21.54 23.58 92.74
C LEU B 516 -21.91 22.63 91.61
N LYS B 517 -22.97 21.84 91.80
CA LYS B 517 -23.51 21.05 90.69
C LYS B 517 -23.99 21.96 89.56
N SER B 518 -24.70 23.03 89.91
CA SER B 518 -25.21 23.96 88.90
C SER B 518 -24.10 24.70 88.17
N ALA B 519 -22.90 24.73 88.73
CA ALA B 519 -21.80 25.52 88.16
C ALA B 519 -20.90 24.69 87.24
N ILE B 520 -20.23 23.68 87.79
CA ILE B 520 -19.20 22.98 87.04
C ILE B 520 -19.81 22.13 85.94
N GLY B 521 -20.84 21.35 86.28
CA GLY B 521 -21.50 20.50 85.30
C GLY B 521 -21.07 19.04 85.45
N ASP B 522 -20.63 18.43 84.35
CA ASP B 522 -20.34 17.00 84.36
C ASP B 522 -19.06 16.68 85.11
N LEU B 523 -18.12 17.63 85.18
CA LEU B 523 -16.85 17.35 85.86
C LEU B 523 -17.08 17.08 87.35
N PHE B 524 -18.02 17.80 87.96
CA PHE B 524 -18.35 17.55 89.37
C PHE B 524 -19.29 16.35 89.46
N VAL B 525 -18.91 15.37 90.27
CA VAL B 525 -19.78 14.25 90.61
C VAL B 525 -19.71 14.06 92.12
N GLU B 526 -20.85 14.11 92.78
CA GLU B 526 -20.93 13.90 94.22
C GLU B 526 -21.41 12.48 94.51
N THR B 527 -21.09 12.00 95.71
CA THR B 527 -21.39 10.63 96.10
C THR B 527 -21.88 10.62 97.54
N GLY B 528 -22.16 9.42 98.04
CA GLY B 528 -22.61 9.23 99.40
C GLY B 528 -21.52 8.63 100.27
N GLN B 529 -21.96 7.99 101.35
CA GLN B 529 -21.03 7.35 102.29
C GLN B 529 -20.63 5.94 101.87
N THR B 530 -21.11 5.47 100.72
CA THR B 530 -20.78 4.12 100.27
C THR B 530 -19.28 3.96 100.05
N ILE B 531 -18.64 4.97 99.47
CA ILE B 531 -17.20 4.90 99.22
C ILE B 531 -16.42 4.80 100.53
N LEU B 532 -16.89 5.48 101.57
CA LEU B 532 -16.22 5.42 102.86
C LEU B 532 -16.49 4.12 103.59
N THR B 533 -17.69 3.55 103.41
CA THR B 533 -18.04 2.32 104.13
C THR B 533 -17.39 1.09 103.51
N ASP B 534 -17.28 1.04 102.19
CA ASP B 534 -16.77 -0.15 101.50
C ASP B 534 -15.28 -0.04 101.23
N VAL B 535 -14.67 -1.19 100.97
CA VAL B 535 -13.25 -1.23 100.61
C VAL B 535 -13.11 -0.98 99.11
N LEU B 536 -12.30 0.00 98.76
CA LEU B 536 -12.11 0.34 97.35
C LEU B 536 -11.45 -0.82 96.59
N ASP B 537 -10.47 -1.48 97.21
CA ASP B 537 -9.77 -2.57 96.54
C ASP B 537 -10.67 -3.78 96.33
N LYS B 538 -11.52 -4.09 97.31
CA LYS B 538 -12.37 -5.27 97.23
C LYS B 538 -13.45 -5.06 96.17
N GLY B 539 -13.37 -5.82 95.09
CA GLY B 539 -14.36 -5.75 94.04
C GLY B 539 -14.13 -4.58 93.11
N PRO B 540 -14.89 -4.53 92.01
CA PRO B 540 -14.77 -3.40 91.08
C PRO B 540 -15.63 -2.23 91.52
N ASN B 541 -15.01 -1.09 91.81
CA ASN B 541 -15.73 0.09 92.26
C ASN B 541 -15.91 1.05 91.10
N PRO B 542 -17.14 1.29 90.63
CA PRO B 542 -17.32 2.24 89.52
C PRO B 542 -16.87 3.65 89.86
N PHE B 543 -16.98 4.06 91.13
CA PHE B 543 -16.57 5.40 91.51
C PHE B 543 -15.08 5.62 91.28
N ILE B 544 -14.27 4.61 91.62
CA ILE B 544 -12.83 4.71 91.35
C ILE B 544 -12.57 4.77 89.85
N ALA B 545 -13.27 3.95 89.08
CA ALA B 545 -13.12 3.97 87.63
C ALA B 545 -13.59 5.29 87.05
N ASN B 546 -14.68 5.85 87.57
CA ASN B 546 -15.21 7.12 87.09
C ASN B 546 -14.56 8.32 87.74
N MET B 547 -13.63 8.11 88.68
CA MET B 547 -12.92 9.22 89.29
C MET B 547 -11.98 9.91 88.30
N HIS B 548 -11.61 9.22 87.21
CA HIS B 548 -10.63 9.70 86.26
C HIS B 548 -10.93 11.10 85.74
N LEU B 549 -10.04 12.05 86.08
CA LEU B 549 -10.09 13.41 85.55
C LEU B 549 -11.41 14.10 85.88
N LYS B 550 -11.68 14.20 87.18
CA LYS B 550 -12.80 14.98 87.70
C LYS B 550 -12.25 16.04 88.64
N ARG B 551 -12.68 17.29 88.44
CA ARG B 551 -12.09 18.40 89.19
C ARG B 551 -12.48 18.35 90.66
N SER B 552 -13.75 18.17 90.96
CA SER B 552 -14.23 18.17 92.33
C SER B 552 -15.19 17.01 92.56
N VAL B 553 -15.06 16.37 93.72
CA VAL B 553 -15.91 15.26 94.12
C VAL B 553 -16.30 15.49 95.58
N PHE B 554 -17.54 15.89 95.81
CA PHE B 554 -18.04 16.04 97.18
C PHE B 554 -18.27 14.66 97.78
N CYS B 555 -17.73 14.44 98.98
CA CYS B 555 -17.66 13.09 99.52
C CYS B 555 -18.99 12.65 100.13
N SER B 556 -19.44 13.31 101.19
CA SER B 556 -20.60 12.83 101.92
C SER B 556 -21.12 13.93 102.82
N GLU B 557 -22.44 13.88 103.08
CA GLU B 557 -23.10 14.74 104.06
C GLU B 557 -23.46 13.97 105.33
N LEU B 558 -22.75 12.89 105.62
CA LEU B 558 -23.10 12.02 106.72
C LEU B 558 -22.96 12.72 108.07
N PRO B 559 -23.78 12.34 109.05
CA PRO B 559 -23.59 12.87 110.41
C PRO B 559 -22.46 12.16 111.15
N ASP B 560 -22.29 12.47 112.42
CA ASP B 560 -21.21 11.86 113.19
C ASP B 560 -21.43 10.36 113.34
N PHE B 561 -20.32 9.64 113.51
CA PHE B 561 -20.36 8.20 113.72
C PHE B 561 -20.42 7.82 115.20
N ALA B 562 -20.59 8.80 116.09
CA ALA B 562 -20.77 8.50 117.50
C ALA B 562 -22.01 7.65 117.75
N CYS B 563 -22.99 7.72 116.86
CA CYS B 563 -24.14 6.83 116.94
C CYS B 563 -23.69 5.37 116.84
N SER B 564 -24.16 4.55 117.76
CA SER B 564 -23.76 3.15 117.78
C SER B 564 -24.34 2.40 116.58
N GLY B 565 -23.59 1.41 116.11
CA GLY B 565 -23.96 0.66 114.94
C GLY B 565 -23.43 1.23 113.63
N SER B 566 -22.77 2.38 113.67
CA SER B 566 -22.19 2.99 112.48
C SER B 566 -20.69 2.72 112.46
N LYS B 567 -20.21 2.18 111.35
CA LYS B 567 -18.81 1.79 111.23
C LYS B 567 -17.93 3.04 111.17
N LYS B 568 -16.81 3.00 111.89
CA LYS B 568 -15.93 4.17 112.00
C LYS B 568 -15.23 4.44 110.67
N ILE B 569 -14.44 5.51 110.66
CA ILE B 569 -13.68 5.90 109.47
C ILE B 569 -12.41 5.08 109.40
N ARG B 570 -12.16 4.48 108.24
CA ARG B 570 -10.98 3.65 108.03
C ARG B 570 -9.85 4.50 107.44
N SER B 571 -8.63 4.26 107.94
CA SER B 571 -7.48 5.00 107.46
C SER B 571 -6.99 4.53 106.09
N ASP B 572 -7.08 3.22 105.81
CA ASP B 572 -6.50 2.67 104.58
C ASP B 572 -7.09 3.34 103.34
N ASN B 573 -8.36 3.76 103.40
CA ASN B 573 -8.97 4.42 102.26
C ASN B 573 -8.35 5.80 102.01
N ILE B 574 -8.18 6.60 103.07
CA ILE B 574 -7.68 7.95 102.88
C ILE B 574 -6.19 7.95 102.58
N LYS B 575 -5.45 6.92 103.03
CA LYS B 575 -4.01 6.93 102.80
C LYS B 575 -3.68 6.88 101.31
N LYS B 576 -4.38 6.04 100.54
CA LYS B 576 -4.07 5.91 99.13
C LYS B 576 -4.73 6.98 98.27
N LEU B 577 -5.57 7.83 98.85
CA LEU B 577 -6.24 8.86 98.06
C LEU B 577 -5.27 9.95 97.62
N THR B 578 -4.30 10.30 98.47
CA THR B 578 -3.42 11.43 98.20
C THR B 578 -2.56 11.18 96.96
N GLU B 579 -2.02 9.97 96.83
CA GLU B 579 -1.12 9.68 95.72
C GLU B 579 -1.88 9.73 94.39
N PRO B 580 -1.26 10.24 93.34
CA PRO B 580 -1.95 10.30 92.04
C PRO B 580 -2.30 8.94 91.47
N CYS B 581 -1.61 7.88 91.87
CA CYS B 581 -1.84 6.54 91.36
C CYS B 581 -2.62 5.73 92.39
N VAL B 582 -3.67 5.06 91.93
CA VAL B 582 -4.50 4.24 92.81
C VAL B 582 -3.79 2.92 93.11
N ARG B 595 -5.50 9.66 85.65
CA ARG B 595 -4.93 10.38 86.79
C ARG B 595 -6.02 10.72 87.82
N ASN B 596 -5.59 11.36 88.92
CA ASN B 596 -6.50 11.74 89.99
C ASN B 596 -6.27 13.21 90.30
N HIS B 597 -7.19 14.07 89.85
CA HIS B 597 -7.09 15.51 90.05
C HIS B 597 -8.24 16.04 90.90
N ALA B 598 -8.92 15.17 91.65
CA ALA B 598 -10.13 15.54 92.35
C ALA B 598 -9.82 16.29 93.63
N THR B 599 -10.75 17.17 94.02
CA THR B 599 -10.74 17.83 95.32
C THR B 599 -11.93 17.33 96.12
N ILE B 600 -11.66 16.84 97.33
CA ILE B 600 -12.66 16.16 98.14
C ILE B 600 -12.98 17.00 99.36
N ILE B 601 -14.25 17.28 99.57
CA ILE B 601 -14.73 18.06 100.70
C ILE B 601 -15.81 17.27 101.43
N ILE B 602 -15.71 17.22 102.75
CA ILE B 602 -16.67 16.52 103.60
C ILE B 602 -17.33 17.53 104.52
N ASP B 603 -18.66 17.50 104.60
CA ASP B 603 -19.41 18.35 105.51
C ASP B 603 -20.20 17.48 106.48
N THR B 604 -20.22 17.89 107.74
CA THR B 604 -20.93 17.13 108.77
C THR B 604 -21.44 18.09 109.83
N ASN B 605 -22.54 17.70 110.48
CA ASN B 605 -23.07 18.48 111.59
C ASN B 605 -22.24 18.29 112.85
N TYR B 606 -21.77 17.06 113.09
CA TYR B 606 -20.99 16.74 114.28
C TYR B 606 -19.74 15.96 113.87
N LYS B 607 -18.67 16.15 114.64
CA LYS B 607 -17.39 15.57 114.29
C LYS B 607 -17.38 14.09 114.62
N PRO B 608 -17.01 13.21 113.67
CA PRO B 608 -17.02 11.77 113.95
C PRO B 608 -15.72 11.26 114.56
N VAL B 609 -15.64 9.95 114.76
CA VAL B 609 -14.51 9.31 115.43
C VAL B 609 -13.85 8.34 114.46
N PHE B 610 -12.53 8.39 114.39
CA PHE B 610 -11.75 7.51 113.53
C PHE B 610 -11.47 6.18 114.22
N ASP B 611 -11.21 5.16 113.41
CA ASP B 611 -10.86 3.84 113.96
C ASP B 611 -9.38 3.73 114.27
N ARG B 612 -8.54 4.49 113.57
CA ARG B 612 -7.10 4.45 113.75
C ARG B 612 -6.55 5.86 113.82
N ILE B 613 -5.39 5.99 114.46
CA ILE B 613 -4.71 7.27 114.59
C ILE B 613 -3.21 7.05 114.45
N ASP B 614 -2.54 7.97 113.77
CA ASP B 614 -1.09 7.90 113.58
C ASP B 614 -0.63 9.29 113.13
N ASN B 615 0.67 9.40 112.82
CA ASN B 615 1.26 10.70 112.51
C ASN B 615 1.00 11.11 111.07
N ALA B 616 0.59 10.18 110.21
CA ALA B 616 0.39 10.50 108.81
C ALA B 616 -0.90 11.30 108.60
N LEU B 617 -1.81 11.29 109.58
CA LEU B 617 -3.13 11.87 109.38
C LEU B 617 -3.16 13.40 109.42
N MET B 618 -2.51 14.03 110.39
CA MET B 618 -2.78 15.45 110.62
C MET B 618 -2.35 16.32 109.44
N ARG B 619 -1.50 15.80 108.58
CA ARG B 619 -1.07 16.51 107.37
C ARG B 619 -2.11 16.42 106.25
N ARG B 620 -3.13 15.58 106.40
CA ARG B 620 -4.16 15.41 105.38
C ARG B 620 -5.50 15.99 105.80
N ILE B 621 -5.60 16.59 106.98
CA ILE B 621 -6.88 16.97 107.57
C ILE B 621 -6.94 18.49 107.65
N ALA B 622 -8.02 19.06 107.11
CA ALA B 622 -8.31 20.47 107.25
C ALA B 622 -9.76 20.63 107.70
N VAL B 623 -9.97 21.46 108.71
CA VAL B 623 -11.29 21.65 109.31
C VAL B 623 -11.70 23.11 109.15
N VAL B 624 -12.90 23.32 108.62
CA VAL B 624 -13.49 24.65 108.48
C VAL B 624 -14.72 24.70 109.37
N ARG B 625 -14.79 25.71 110.24
CA ARG B 625 -15.81 25.75 111.28
C ARG B 625 -16.31 27.18 111.45
N PHE B 626 -17.62 27.33 111.56
CA PHE B 626 -18.23 28.65 111.72
C PHE B 626 -17.87 29.21 113.09
N ARG B 627 -17.07 30.28 113.09
CA ARG B 627 -16.62 30.89 114.34
C ARG B 627 -17.63 31.90 114.88
N THR B 628 -18.16 32.75 114.01
CA THR B 628 -19.05 33.84 114.41
C THR B 628 -20.46 33.57 113.90
N HIS B 629 -21.43 33.71 114.79
CA HIS B 629 -22.84 33.55 114.42
C HIS B 629 -23.74 34.33 115.38
N LEU B 655 -36.41 28.80 95.28
CA LEU B 655 -35.28 28.28 96.04
C LEU B 655 -34.79 26.96 95.48
N ASP B 656 -35.53 25.88 95.78
CA ASP B 656 -35.16 24.57 95.27
C ASP B 656 -35.25 24.51 93.76
N GLY B 657 -36.31 25.07 93.18
CA GLY B 657 -36.46 25.06 91.74
C GLY B 657 -35.54 26.04 91.02
N LYS B 658 -34.99 27.01 91.75
CA LYS B 658 -34.07 27.96 91.13
C LYS B 658 -32.82 27.27 90.60
N ILE B 659 -32.24 26.37 91.40
CA ILE B 659 -31.03 25.68 90.98
C ILE B 659 -31.32 24.69 89.86
N GLN B 660 -32.41 23.94 89.97
CA GLN B 660 -32.74 22.96 88.94
C GLN B 660 -33.02 23.64 87.61
N ASN B 661 -33.73 24.77 87.63
CA ASN B 661 -33.95 25.54 86.42
C ASN B 661 -32.68 26.23 85.93
N ASN B 662 -31.62 26.23 86.76
CA ASN B 662 -30.31 26.76 86.39
C ASN B 662 -30.36 28.28 86.19
N ARG B 663 -31.15 28.96 87.02
CA ARG B 663 -31.11 30.42 87.02
C ARG B 663 -29.76 30.95 87.47
N TYR B 664 -29.02 30.18 88.27
CA TYR B 664 -27.71 30.57 88.77
C TYR B 664 -26.59 29.83 88.06
N ARG B 665 -26.77 29.56 86.75
CA ARG B 665 -25.75 28.84 86.00
C ARG B 665 -24.44 29.60 85.97
N PHE B 666 -24.48 30.88 85.56
CA PHE B 666 -23.29 31.72 85.57
C PHE B 666 -23.18 32.56 86.83
N ALA B 667 -24.18 32.52 87.71
CA ALA B 667 -24.14 33.29 88.95
C ALA B 667 -23.25 32.66 90.01
N PHE B 668 -22.75 31.45 89.78
CA PHE B 668 -21.91 30.78 90.77
C PHE B 668 -20.45 30.65 90.38
N LEU B 669 -20.15 30.44 89.09
CA LEU B 669 -18.75 30.38 88.67
C LEU B 669 -18.04 31.68 88.99
N TYR B 670 -18.75 32.81 88.86
CA TYR B 670 -18.18 34.11 89.09
C TYR B 670 -17.72 34.30 90.53
N LEU B 671 -18.24 33.51 91.46
CA LEU B 671 -17.81 33.65 92.85
C LEU B 671 -16.48 32.96 93.10
N LEU B 672 -16.29 31.74 92.56
CA LEU B 672 -15.02 31.05 92.78
C LEU B 672 -13.92 31.63 91.89
N VAL B 673 -14.27 32.13 90.70
CA VAL B 673 -13.22 32.58 89.79
C VAL B 673 -12.51 33.81 90.35
N LYS B 674 -13.25 34.77 90.92
CA LYS B 674 -12.61 35.92 91.52
C LYS B 674 -11.75 35.52 92.72
N TRP B 675 -12.24 34.60 93.54
CA TRP B 675 -11.47 34.18 94.71
C TRP B 675 -10.17 33.51 94.30
N TYR B 676 -10.21 32.68 93.26
CA TYR B 676 -8.97 32.11 92.73
C TYR B 676 -8.06 33.19 92.16
N LYS B 677 -8.65 34.18 91.49
CA LYS B 677 -7.87 35.22 90.84
C LYS B 677 -7.24 36.19 91.83
N LYS B 678 -7.77 36.27 93.05
CA LYS B 678 -7.37 37.33 93.98
C LYS B 678 -5.95 37.15 94.49
N TYR B 679 -5.68 36.10 95.25
CA TYR B 679 -4.41 35.95 95.94
C TYR B 679 -3.74 34.60 95.75
N HIS B 680 -4.43 33.58 95.25
CA HIS B 680 -3.86 32.24 95.14
C HIS B 680 -3.22 31.98 93.77
N ILE B 681 -2.69 33.02 93.14
CA ILE B 681 -1.94 32.81 91.89
C ILE B 681 -0.75 31.89 92.08
N PRO B 682 0.10 32.04 93.12
CA PRO B 682 1.35 31.26 93.18
C PRO B 682 1.20 29.75 93.15
N ILE B 683 0.52 29.16 94.13
CA ILE B 683 0.56 27.71 94.30
C ILE B 683 -0.68 27.24 95.05
N MET B 684 -1.13 26.03 94.74
CA MET B 684 -2.16 25.33 95.51
C MET B 684 -1.48 24.48 96.58
N LYS B 685 -1.12 25.13 97.68
CA LYS B 685 -0.52 24.46 98.82
C LYS B 685 -1.45 24.65 100.03
N LEU B 686 -2.16 23.59 100.39
CA LEU B 686 -3.13 23.66 101.50
C LEU B 686 -2.43 23.34 102.80
N TYR B 687 -2.62 24.21 103.80
CA TYR B 687 -2.03 24.01 105.11
C TYR B 687 -3.02 23.26 105.99
N PRO B 688 -2.68 22.07 106.51
CA PRO B 688 -3.60 21.36 107.40
C PRO B 688 -3.81 22.12 108.70
N THR B 689 -5.00 21.93 109.28
CA THR B 689 -5.38 22.63 110.50
C THR B 689 -5.51 21.63 111.64
N PRO B 690 -4.51 21.51 112.52
CA PRO B 690 -4.60 20.55 113.62
C PRO B 690 -5.24 21.13 114.87
N GLU B 691 -5.90 22.28 114.73
CA GLU B 691 -6.44 22.98 115.89
C GLU B 691 -7.57 22.19 116.56
N GLU B 692 -8.50 21.65 115.78
CA GLU B 692 -9.68 21.02 116.36
C GLU B 692 -10.01 19.71 115.64
N ILE B 693 -9.00 18.88 115.42
CA ILE B 693 -9.25 17.53 114.92
C ILE B 693 -9.71 16.66 116.09
N PRO B 694 -10.84 15.96 115.96
CA PRO B 694 -11.30 15.09 117.06
C PRO B 694 -10.29 14.00 117.36
N ASP B 695 -10.16 13.68 118.65
CA ASP B 695 -9.26 12.66 119.17
C ASP B 695 -7.80 12.96 118.89
N PHE B 696 -7.48 14.16 118.41
CA PHE B 696 -6.10 14.54 118.10
C PHE B 696 -5.48 15.46 119.13
N ALA B 697 -6.30 16.25 119.83
CA ALA B 697 -5.76 17.15 120.86
C ALA B 697 -5.05 16.38 121.94
N PHE B 698 -5.67 15.28 122.40
CA PHE B 698 -4.99 14.40 123.36
C PHE B 698 -3.72 13.82 122.77
N TYR B 699 -3.78 13.39 121.50
CA TYR B 699 -2.57 12.89 120.84
C TYR B 699 -1.51 13.97 120.73
N LEU B 700 -1.91 15.19 120.36
CA LEU B 700 -0.95 16.27 120.23
C LEU B 700 -0.27 16.58 121.56
N LYS B 701 -1.05 16.63 122.65
CA LYS B 701 -0.46 16.98 123.93
C LYS B 701 0.34 15.83 124.53
N ILE B 702 -0.02 14.58 124.22
CA ILE B 702 0.79 13.44 124.68
C ILE B 702 2.05 13.29 123.85
N GLY B 703 2.07 13.82 122.62
CA GLY B 703 3.30 13.82 121.85
C GLY B 703 4.40 14.63 122.50
N THR B 704 4.02 15.68 123.24
CA THR B 704 4.98 16.48 123.99
C THR B 704 5.33 15.88 125.34
N LEU B 705 4.70 14.76 125.72
CA LEU B 705 4.96 14.12 126.99
C LEU B 705 5.71 12.80 126.87
N LEU B 706 5.68 12.16 125.70
CA LEU B 706 6.36 10.89 125.47
C LEU B 706 7.41 11.07 124.39
N VAL B 707 8.63 10.63 124.67
CA VAL B 707 9.72 10.64 123.70
C VAL B 707 10.43 9.30 123.76
N SER B 708 10.83 8.80 122.59
CA SER B 708 11.49 7.51 122.52
C SER B 708 12.93 7.60 123.04
N SER B 709 13.44 6.48 123.53
CA SER B 709 14.81 6.43 124.02
C SER B 709 15.80 6.62 122.89
N SER B 710 16.91 7.29 123.21
CA SER B 710 17.93 7.58 122.23
C SER B 710 19.28 7.71 122.93
N VAL B 711 20.35 7.64 122.14
CA VAL B 711 21.70 7.78 122.68
C VAL B 711 21.94 9.18 123.24
N LYS B 712 21.17 10.17 122.79
CA LYS B 712 21.34 11.53 123.30
C LYS B 712 20.84 11.68 124.74
N HIS B 713 20.01 10.75 125.21
CA HIS B 713 19.47 10.81 126.56
C HIS B 713 20.31 10.05 127.58
N ILE B 714 21.38 9.38 127.13
CA ILE B 714 22.21 8.62 128.06
C ILE B 714 22.87 9.49 129.12
N PRO B 715 23.51 10.63 128.78
CA PRO B 715 24.16 11.43 129.84
C PRO B 715 23.21 11.96 130.90
N LEU B 716 21.92 12.09 130.60
CA LEU B 716 20.95 12.57 131.57
C LEU B 716 20.40 11.46 132.46
N MET B 717 20.82 10.21 132.25
CA MET B 717 20.35 9.09 133.04
C MET B 717 21.03 9.00 134.41
N THR B 718 22.15 9.71 134.60
CA THR B 718 22.91 9.60 135.85
C THR B 718 22.04 9.90 137.07
N ASP B 719 21.20 10.92 136.98
CA ASP B 719 20.27 11.25 138.06
C ASP B 719 18.90 10.61 137.87
N LEU B 720 18.49 10.37 136.61
CA LEU B 720 17.18 9.78 136.36
C LEU B 720 17.10 8.33 136.82
N SER B 721 18.23 7.66 137.00
CA SER B 721 18.22 6.27 137.45
C SER B 721 17.60 6.12 138.84
N LYS B 722 17.55 7.19 139.63
CA LYS B 722 16.96 7.14 140.96
C LYS B 722 15.45 7.34 140.93
N LYS B 723 14.86 7.66 139.78
CA LYS B 723 13.43 7.92 139.66
C LYS B 723 12.72 6.76 138.96
N GLY B 724 13.18 5.54 139.19
CA GLY B 724 12.55 4.36 138.63
C GLY B 724 12.89 4.06 137.20
N TYR B 725 13.76 4.83 136.57
CA TYR B 725 14.15 4.57 135.19
C TYR B 725 15.21 3.47 135.14
N ILE B 726 14.98 2.47 134.28
CA ILE B 726 15.86 1.32 134.15
C ILE B 726 16.40 1.29 132.72
N LEU B 727 17.71 1.17 132.59
CA LEU B 727 18.36 1.09 131.29
C LEU B 727 18.68 -0.36 130.94
N TYR B 728 18.43 -0.72 129.69
CA TYR B 728 18.71 -2.08 129.20
C TYR B 728 18.91 -1.99 127.71
N ASP B 729 20.07 -2.45 127.24
CA ASP B 729 20.50 -2.26 125.85
C ASP B 729 20.46 -0.78 125.47
N ASN B 730 20.91 0.06 126.40
CA ASN B 730 20.92 1.53 126.22
C ASN B 730 19.53 2.07 125.92
N VAL B 731 18.49 1.45 126.49
CA VAL B 731 17.11 1.88 126.31
C VAL B 731 16.52 2.15 127.69
N VAL B 732 15.94 3.34 127.86
CA VAL B 732 15.32 3.71 129.13
C VAL B 732 13.93 3.11 129.19
N THR B 733 13.66 2.35 130.25
CA THR B 733 12.38 1.68 130.45
C THR B 733 11.78 2.12 131.78
N LEU B 734 10.46 2.26 131.80
CA LEU B 734 9.74 2.65 132.99
C LEU B 734 8.60 1.67 133.26
N PRO B 735 8.24 1.47 134.52
CA PRO B 735 7.15 0.54 134.83
C PRO B 735 5.79 1.13 134.51
N LEU B 736 4.78 0.25 134.49
CA LEU B 736 3.42 0.68 134.23
C LEU B 736 2.87 1.58 135.34
N THR B 737 3.33 1.38 136.58
CA THR B 737 2.79 2.13 137.70
C THR B 737 3.03 3.63 137.55
N THR B 738 4.24 4.01 137.13
CA THR B 738 4.54 5.42 136.94
C THR B 738 3.68 6.02 135.83
N PHE B 739 3.48 5.28 134.74
CA PHE B 739 2.65 5.76 133.65
C PHE B 739 1.21 5.96 134.10
N GLN B 740 0.66 5.00 134.85
CA GLN B 740 -0.71 5.15 135.35
C GLN B 740 -0.83 6.31 136.33
N GLN B 741 0.16 6.48 137.21
CA GLN B 741 0.13 7.60 138.15
C GLN B 741 0.15 8.93 137.40
N LYS B 742 1.01 9.04 136.38
CA LYS B 742 1.08 10.26 135.59
C LYS B 742 -0.22 10.53 134.85
N ILE B 743 -0.78 9.49 134.22
CA ILE B 743 -1.99 9.65 133.43
C ILE B 743 -3.21 9.91 134.31
N SER B 744 -3.17 9.51 135.58
CA SER B 744 -4.24 9.86 136.50
C SER B 744 -4.07 11.25 137.09
N LYS B 745 -2.83 11.67 137.32
CA LYS B 745 -2.59 13.01 137.85
C LYS B 745 -2.96 14.08 136.82
N TYR B 746 -2.48 13.94 135.59
CA TYR B 746 -2.66 14.99 134.59
C TYR B 746 -3.86 14.77 133.67
N PHE B 747 -4.58 13.67 133.79
CA PHE B 747 -5.72 13.41 132.92
C PHE B 747 -6.83 12.72 133.68
N ASN B 748 -8.07 13.07 133.36
CA ASN B 748 -9.24 12.41 133.93
C ASN B 748 -9.56 11.15 133.14
N SER B 749 -9.79 10.05 133.86
CA SER B 749 -10.16 8.80 133.19
C SER B 749 -11.51 8.92 132.50
N ARG B 750 -12.44 9.69 133.07
CA ARG B 750 -13.74 9.89 132.45
C ARG B 750 -13.61 10.67 131.15
N LEU B 751 -12.91 11.80 131.18
CA LEU B 751 -12.89 12.70 130.03
C LEU B 751 -11.99 12.20 128.91
N PHE B 752 -11.10 11.24 129.18
CA PHE B 752 -10.16 10.76 128.17
C PHE B 752 -10.08 9.24 128.17
N GLY B 753 -11.17 8.56 128.53
CA GLY B 753 -11.13 7.11 128.63
C GLY B 753 -10.89 6.43 127.30
N HIS B 754 -11.52 6.93 126.24
CA HIS B 754 -11.41 6.29 124.93
C HIS B 754 -9.97 6.32 124.42
N ASP B 755 -9.36 7.50 124.41
CA ASP B 755 -7.99 7.63 123.90
C ASP B 755 -7.00 6.86 124.76
N ILE B 756 -7.14 6.93 126.08
CA ILE B 756 -6.23 6.22 126.97
C ILE B 756 -6.34 4.72 126.76
N GLU B 757 -7.57 4.20 126.67
CA GLU B 757 -7.76 2.78 126.43
C GLU B 757 -7.21 2.35 125.07
N SER B 758 -7.43 3.17 124.04
CA SER B 758 -6.96 2.82 122.70
C SER B 758 -5.44 2.84 122.62
N PHE B 759 -4.78 3.74 123.37
CA PHE B 759 -3.33 3.71 123.41
C PHE B 759 -2.80 2.58 124.28
N ILE B 760 -3.50 2.24 125.36
CA ILE B 760 -3.03 1.18 126.24
C ILE B 760 -3.10 -0.17 125.55
N ASN B 761 -4.30 -0.55 125.07
CA ASN B 761 -4.45 -1.89 124.50
C ASN B 761 -3.63 -2.08 123.24
N ARG B 762 -3.11 -1.02 122.66
CA ARG B 762 -2.24 -1.08 121.49
C ARG B 762 -0.76 -1.08 121.85
N HIS B 763 -0.35 -0.29 122.85
CA HIS B 763 1.06 -0.06 123.13
C HIS B 763 1.62 -0.92 124.26
N LYS B 764 0.86 -1.89 124.77
CA LYS B 764 1.39 -2.76 125.81
C LYS B 764 2.47 -3.67 125.23
N LYS B 765 3.54 -3.85 126.00
CA LYS B 765 4.64 -4.72 125.62
C LYS B 765 4.81 -5.81 126.67
N PHE B 766 5.04 -7.04 126.21
CA PHE B 766 5.21 -8.18 127.08
C PHE B 766 6.64 -8.70 127.01
N ALA B 767 7.23 -8.96 128.16
CA ALA B 767 8.56 -9.56 128.26
C ALA B 767 8.56 -10.88 129.02
N ASN B 768 7.74 -11.00 130.06
CA ASN B 768 7.58 -12.24 130.79
C ASN B 768 6.22 -12.17 131.51
N VAL B 769 6.02 -13.07 132.48
CA VAL B 769 4.75 -13.10 133.21
C VAL B 769 4.53 -11.79 133.97
N SER B 770 5.57 -11.28 134.62
CA SER B 770 5.44 -10.13 135.51
C SER B 770 6.02 -8.84 134.93
N ASP B 771 7.25 -8.87 134.42
CA ASP B 771 7.93 -7.66 134.00
C ASP B 771 7.35 -7.16 132.68
N GLU B 772 6.68 -6.02 132.74
CA GLU B 772 6.17 -5.34 131.55
C GLU B 772 6.67 -3.89 131.58
N TYR B 773 7.09 -3.39 130.42
CA TYR B 773 7.69 -2.07 130.34
C TYR B 773 7.48 -1.49 128.95
N LEU B 774 7.64 -0.17 128.86
CA LEU B 774 7.57 0.56 127.61
C LEU B 774 8.81 1.41 127.44
N GLN B 775 9.20 1.63 126.19
CA GLN B 775 10.42 2.36 125.87
C GLN B 775 10.11 3.83 125.57
N TYR B 776 9.64 4.52 126.61
CA TYR B 776 9.28 5.92 126.50
C TYR B 776 9.87 6.70 127.66
N ILE B 777 10.21 7.97 127.40
CA ILE B 777 10.78 8.87 128.39
C ILE B 777 9.90 10.11 128.48
N PHE B 778 9.73 10.63 129.69
CA PHE B 778 8.90 11.81 129.91
C PHE B 778 9.76 13.07 129.85
N ILE B 779 9.36 14.01 129.00
CA ILE B 779 10.18 15.20 128.76
C ILE B 779 10.20 16.10 129.99
N GLU B 780 9.06 16.23 130.68
CA GLU B 780 8.96 17.16 131.79
C GLU B 780 9.87 16.79 132.95
N ASP B 781 10.37 15.55 133.00
CA ASP B 781 11.31 15.17 134.05
C ASP B 781 12.64 15.90 133.95
N ILE B 782 12.98 16.40 132.76
CA ILE B 782 14.23 17.15 132.58
C ILE B 782 13.93 18.62 132.33
N TRP C 236 29.63 -8.04 35.63
CA TRP C 236 28.33 -8.46 36.12
C TRP C 236 28.00 -7.85 37.47
N GLU C 237 26.95 -7.02 37.50
CA GLU C 237 26.50 -6.41 38.73
C GLU C 237 25.76 -7.46 39.56
N PRO C 238 26.18 -7.70 40.81
CA PRO C 238 25.51 -8.73 41.62
C PRO C 238 24.04 -8.44 41.89
N GLY C 239 23.61 -7.18 41.79
CA GLY C 239 22.20 -6.86 41.94
C GLY C 239 21.34 -7.40 40.82
N PHE C 240 21.93 -7.72 39.67
CA PHE C 240 21.18 -8.29 38.56
C PHE C 240 20.77 -9.72 38.87
N ILE C 241 19.78 -10.21 38.11
CA ILE C 241 19.46 -11.63 38.14
C ILE C 241 20.67 -12.40 37.60
N SER C 242 20.79 -13.67 38.00
CA SER C 242 21.95 -14.46 37.62
C SER C 242 22.14 -14.48 36.10
N PHE C 243 23.40 -14.52 35.69
CA PHE C 243 23.75 -14.46 34.27
C PHE C 243 23.15 -15.62 33.51
N GLU C 244 23.19 -16.82 34.09
CA GLU C 244 22.67 -17.99 33.40
C GLU C 244 21.16 -17.89 33.22
N ASP C 245 20.44 -17.28 34.17
CA ASP C 245 19.03 -17.02 33.96
C ASP C 245 18.81 -16.11 32.75
N ALA C 246 19.68 -15.12 32.59
CA ALA C 246 19.60 -14.24 31.43
C ALA C 246 19.83 -15.01 30.13
N ILE C 247 20.80 -15.92 30.12
CA ILE C 247 21.07 -16.64 28.87
C ILE C 247 19.95 -17.64 28.59
N LYS C 248 19.32 -18.19 29.63
CA LYS C 248 18.13 -19.01 29.39
C LYS C 248 16.98 -18.17 28.83
N ARG C 249 16.82 -16.94 29.32
CA ARG C 249 15.80 -16.06 28.73
C ARG C 249 16.12 -15.79 27.27
N VAL C 250 17.40 -15.59 26.95
CA VAL C 250 17.81 -15.41 25.56
C VAL C 250 17.50 -16.65 24.73
N SER C 251 17.72 -17.83 25.30
CA SER C 251 17.36 -19.07 24.61
C SER C 251 15.86 -19.15 24.37
N LYS C 252 15.07 -18.73 25.36
CA LYS C 252 13.61 -18.73 25.20
C LYS C 252 13.18 -17.78 24.09
N ILE C 253 13.77 -16.58 24.04
CA ILE C 253 13.29 -15.54 23.13
C ILE C 253 13.57 -15.90 21.67
N PHE C 254 14.46 -16.85 21.42
CA PHE C 254 14.71 -17.36 20.06
C PHE C 254 14.18 -18.78 19.97
N ILE C 255 13.23 -19.00 19.06
CA ILE C 255 12.69 -20.34 18.87
C ILE C 255 13.73 -21.25 18.21
N ASN C 256 14.48 -20.71 17.25
CA ASN C 256 15.51 -21.50 16.58
C ASN C 256 16.63 -21.85 17.55
N SER C 257 17.18 -23.05 17.39
CA SER C 257 18.28 -23.48 18.24
C SER C 257 19.54 -22.67 17.94
N ILE C 258 20.32 -22.42 18.98
CA ILE C 258 21.56 -21.65 18.87
C ILE C 258 22.73 -22.62 18.86
N ILE C 259 23.57 -22.52 17.83
CA ILE C 259 24.68 -23.46 17.65
C ILE C 259 25.75 -23.23 18.72
N ASN C 260 26.12 -21.96 18.94
CA ASN C 260 27.22 -21.61 19.82
C ASN C 260 26.74 -21.16 21.19
N PHE C 261 25.67 -21.78 21.71
CA PHE C 261 25.08 -21.34 22.97
C PHE C 261 26.02 -21.64 24.15
N ASN C 262 26.78 -22.73 24.06
CA ASN C 262 27.72 -23.07 25.12
C ASN C 262 28.93 -22.15 25.16
N ASP C 263 29.20 -21.39 24.11
CA ASP C 263 30.39 -20.56 24.03
C ASP C 263 30.25 -19.21 24.71
N LEU C 264 29.06 -18.89 25.23
CA LEU C 264 28.84 -17.60 25.87
C LEU C 264 29.17 -17.68 27.35
N ASP C 265 29.95 -16.71 27.82
CA ASP C 265 30.28 -16.57 29.24
C ASP C 265 30.03 -15.13 29.68
N GLU C 266 30.33 -14.84 30.94
CA GLU C 266 30.09 -13.51 31.48
C GLU C 266 31.01 -12.46 30.89
N ASN C 267 32.06 -12.86 30.17
CA ASN C 267 33.05 -11.91 29.66
C ASN C 267 32.96 -11.70 28.16
N ASN C 268 32.53 -12.70 27.39
CA ASN C 268 32.51 -12.61 25.93
C ASN C 268 31.10 -12.50 25.36
N PHE C 269 30.08 -12.34 26.22
CA PHE C 269 28.71 -12.30 25.71
C PHE C 269 28.44 -11.03 24.91
N THR C 270 29.12 -9.94 25.23
CA THR C 270 28.95 -8.70 24.48
C THR C 270 29.71 -8.70 23.16
N THR C 271 30.64 -9.63 22.97
CA THR C 271 31.51 -9.64 21.79
C THR C 271 31.16 -10.73 20.78
N VAL C 272 30.86 -11.94 21.24
CA VAL C 272 30.63 -13.07 20.34
C VAL C 272 29.29 -12.92 19.65
N PRO C 273 29.25 -12.87 18.32
CA PRO C 273 27.96 -12.87 17.62
C PRO C 273 27.26 -14.20 17.79
N LEU C 274 25.92 -14.15 17.76
CA LEU C 274 25.12 -15.34 17.99
C LEU C 274 24.84 -16.04 16.67
N VAL C 275 25.18 -17.32 16.61
CA VAL C 275 24.97 -18.14 15.43
C VAL C 275 23.60 -18.81 15.56
N ILE C 276 22.71 -18.52 14.62
CA ILE C 276 21.34 -19.02 14.64
C ILE C 276 21.16 -20.00 13.51
N ASP C 277 20.80 -21.23 13.85
CA ASP C 277 20.46 -22.25 12.85
C ASP C 277 19.02 -22.03 12.44
N TYR C 278 18.82 -21.28 11.36
CA TYR C 278 17.47 -20.92 10.94
C TYR C 278 16.84 -22.15 10.29
N VAL C 279 16.03 -22.85 11.10
CA VAL C 279 15.19 -23.92 10.57
C VAL C 279 13.77 -23.41 10.39
N THR C 280 13.37 -22.44 11.21
CA THR C 280 12.09 -21.76 11.14
C THR C 280 12.36 -20.28 10.92
N PRO C 281 11.35 -19.46 10.59
CA PRO C 281 11.59 -18.02 10.47
C PRO C 281 12.10 -17.43 11.78
N CYS C 282 12.93 -16.40 11.65
CA CYS C 282 13.47 -15.72 12.83
C CYS C 282 12.32 -15.17 13.67
N ALA C 283 12.33 -15.50 14.96
CA ALA C 283 11.22 -15.13 15.84
C ALA C 283 11.11 -13.62 16.04
N LEU C 284 12.18 -12.88 15.77
CA LEU C 284 12.21 -11.46 16.07
C LEU C 284 11.76 -10.58 14.91
N CYS C 285 11.92 -11.05 13.66
CA CYS C 285 11.48 -10.27 12.50
C CYS C 285 10.71 -11.08 11.46
N LYS C 286 10.61 -12.40 11.60
CA LYS C 286 9.84 -13.29 10.72
C LYS C 286 10.37 -13.32 9.29
N LYS C 287 11.57 -12.82 9.04
CA LYS C 287 12.15 -12.92 7.71
C LYS C 287 12.73 -14.31 7.48
N ARG C 288 13.08 -14.58 6.21
CA ARG C 288 13.61 -15.89 5.86
C ARG C 288 14.94 -16.16 6.56
N SER C 289 15.90 -15.23 6.43
CA SER C 289 17.21 -15.40 7.04
C SER C 289 17.87 -14.04 7.12
N HIS C 290 18.99 -13.99 7.84
CA HIS C 290 19.74 -12.76 8.06
C HIS C 290 21.14 -12.92 7.48
N LYS C 291 21.55 -11.95 6.66
CA LYS C 291 22.92 -11.95 6.16
C LYS C 291 23.93 -11.77 7.29
N HIS C 292 23.61 -10.91 8.26
CA HIS C 292 24.44 -10.65 9.42
C HIS C 292 23.87 -11.35 10.65
N PRO C 293 24.73 -11.78 11.59
CA PRO C 293 24.21 -12.43 12.80
C PRO C 293 23.76 -11.42 13.85
N HIS C 294 23.22 -11.91 14.95
CA HIS C 294 22.78 -11.08 16.05
C HIS C 294 23.87 -11.03 17.13
N GLN C 295 23.74 -10.05 18.02
CA GLN C 295 24.74 -9.83 19.05
C GLN C 295 24.05 -9.34 20.32
N LEU C 296 24.71 -9.56 21.45
CA LEU C 296 24.21 -9.16 22.76
C LEU C 296 24.87 -7.86 23.20
N SER C 297 24.14 -7.06 23.97
CA SER C 297 24.64 -5.79 24.46
C SER C 297 24.05 -5.52 25.84
N LEU C 298 24.80 -4.80 26.67
CA LEU C 298 24.42 -4.51 28.05
C LEU C 298 24.33 -3.00 28.25
N GLU C 299 23.12 -2.46 28.22
CA GLU C 299 22.88 -1.04 28.43
C GLU C 299 21.80 -0.86 29.48
N ASN C 300 22.01 0.11 30.38
CA ASN C 300 21.03 0.48 31.41
C ASN C 300 20.63 -0.73 32.25
N GLY C 301 21.60 -1.58 32.53
CA GLY C 301 21.33 -2.79 33.31
C GLY C 301 20.34 -3.72 32.65
N ALA C 302 20.47 -3.93 31.34
CA ALA C 302 19.53 -4.77 30.62
C ALA C 302 20.23 -5.33 29.38
N ILE C 303 19.66 -6.39 28.84
CA ILE C 303 20.18 -7.06 27.64
C ILE C 303 19.33 -6.64 26.45
N ARG C 304 19.99 -6.14 25.41
CA ARG C 304 19.32 -5.71 24.18
C ARG C 304 19.74 -6.61 23.03
N ILE C 305 18.75 -7.07 22.26
CA ILE C 305 18.98 -7.95 21.13
C ILE C 305 18.90 -7.12 19.85
N TYR C 306 19.95 -7.18 19.04
CA TYR C 306 20.00 -6.45 17.79
C TYR C 306 20.74 -7.27 16.75
N LYS C 307 20.49 -6.94 15.48
CA LYS C 307 21.14 -7.60 14.36
C LYS C 307 22.30 -6.72 13.88
N THR C 308 23.45 -7.34 13.64
CA THR C 308 24.61 -6.61 13.15
C THR C 308 24.40 -6.20 11.69
N GLY C 309 25.34 -5.39 11.19
CA GLY C 309 25.23 -4.92 9.82
C GLY C 309 24.29 -3.75 9.72
N ASN C 310 23.08 -4.01 9.21
CA ASN C 310 22.00 -3.03 9.21
C ASN C 310 21.06 -3.40 10.36
N PRO C 311 21.19 -2.78 11.53
CA PRO C 311 20.29 -3.14 12.64
C PRO C 311 18.84 -2.81 12.39
N HIS C 312 18.55 -1.96 11.40
CA HIS C 312 17.18 -1.54 11.13
C HIS C 312 16.40 -2.54 10.30
N SER C 313 17.06 -3.52 9.68
CA SER C 313 16.35 -4.56 8.94
C SER C 313 15.72 -5.59 9.86
N CYS C 314 16.08 -5.61 11.14
CA CYS C 314 15.53 -6.54 12.11
C CYS C 314 15.13 -5.76 13.35
N LYS C 315 14.08 -6.22 14.02
CA LYS C 315 13.57 -5.51 15.18
C LYS C 315 14.54 -5.65 16.36
N VAL C 316 14.24 -4.93 17.44
CA VAL C 316 15.12 -4.84 18.60
C VAL C 316 14.34 -5.34 19.82
N LYS C 317 14.96 -6.25 20.57
CA LYS C 317 14.34 -6.80 21.77
C LYS C 317 15.09 -6.34 23.01
N ILE C 318 14.36 -6.28 24.13
CA ILE C 318 14.88 -5.75 25.39
C ILE C 318 14.64 -6.80 26.47
N VAL C 319 15.68 -7.09 27.24
CA VAL C 319 15.61 -8.05 28.34
C VAL C 319 16.03 -7.38 29.65
N PRO C 320 15.10 -7.11 30.56
CA PRO C 320 15.49 -6.54 31.85
C PRO C 320 16.33 -7.52 32.66
N LEU C 321 17.22 -6.98 33.48
CA LEU C 321 18.16 -7.78 34.25
C LEU C 321 18.04 -7.60 35.76
N ASP C 322 17.24 -6.66 36.24
CA ASP C 322 17.05 -6.52 37.67
C ASP C 322 16.19 -7.67 38.20
N GLY C 323 16.38 -7.98 39.48
CA GLY C 323 15.61 -9.06 40.09
C GLY C 323 14.98 -8.70 41.41
N ASN C 324 13.65 -8.68 41.45
CA ASN C 324 12.85 -8.47 42.66
C ASN C 324 13.38 -7.31 43.49
N LYS C 325 13.22 -6.11 42.91
CA LYS C 325 13.57 -4.85 43.56
C LYS C 325 13.25 -4.85 45.05
N LEU C 326 12.07 -5.36 45.41
CA LEU C 326 11.66 -5.39 46.81
C LEU C 326 12.60 -6.26 47.65
N PHE C 327 13.05 -7.39 47.10
CA PHE C 327 13.98 -8.23 47.85
C PHE C 327 15.31 -7.52 48.08
N ASN C 328 15.80 -6.80 47.07
CA ASN C 328 17.03 -6.04 47.25
C ASN C 328 16.87 -4.96 48.30
N ILE C 329 15.71 -4.29 48.30
CA ILE C 329 15.44 -3.28 49.33
C ILE C 329 15.43 -3.91 50.72
N ALA C 330 14.79 -5.08 50.84
CA ALA C 330 14.76 -5.77 52.12
C ALA C 330 16.14 -6.17 52.59
N GLN C 331 16.97 -6.67 51.67
CA GLN C 331 18.34 -7.04 52.04
C GLN C 331 19.14 -5.82 52.47
N ARG C 332 19.00 -4.70 51.77
CA ARG C 332 19.71 -3.49 52.16
C ARG C 332 19.25 -2.98 53.52
N ILE C 333 17.95 -3.07 53.81
CA ILE C 333 17.45 -2.68 55.12
C ILE C 333 18.02 -3.58 56.20
N LEU C 334 18.03 -4.90 55.95
CA LEU C 334 18.56 -5.83 56.93
C LEU C 334 20.06 -5.64 57.14
N ASP C 335 20.76 -5.12 56.14
CA ASP C 335 22.19 -4.90 56.28
C ASP C 335 22.53 -3.85 57.33
N THR C 336 21.58 -2.99 57.68
CA THR C 336 21.83 -1.91 58.63
C THR C 336 21.66 -2.34 60.08
N ASN C 337 21.15 -3.54 60.33
CA ASN C 337 20.96 -4.06 61.69
C ASN C 337 20.07 -3.14 62.52
N SER C 338 18.92 -2.78 61.96
CA SER C 338 17.97 -1.89 62.63
C SER C 338 16.84 -2.64 63.32
N VAL C 339 16.51 -3.84 62.86
CA VAL C 339 15.43 -4.63 63.43
C VAL C 339 16.00 -5.97 63.85
N LEU C 340 15.66 -6.40 65.07
CA LEU C 340 16.17 -7.64 65.63
C LEU C 340 15.03 -8.47 66.19
N LEU C 341 15.28 -9.76 66.37
CA LEU C 341 14.35 -10.68 66.98
C LEU C 341 14.71 -10.83 68.46
N THR C 342 13.71 -10.68 69.32
CA THR C 342 13.93 -10.59 70.76
C THR C 342 13.97 -11.95 71.46
N GLU C 343 13.89 -13.05 70.71
CA GLU C 343 14.01 -14.41 71.24
C GLU C 343 12.74 -14.78 72.02
N ARG C 344 11.87 -13.80 72.24
CA ARG C 344 10.62 -14.03 72.95
C ARG C 344 9.43 -14.18 72.01
N GLY C 345 9.53 -13.67 70.79
CA GLY C 345 8.44 -13.77 69.83
C GLY C 345 8.07 -12.43 69.23
N ASP C 346 8.70 -11.36 69.72
CA ASP C 346 8.43 -10.01 69.25
C ASP C 346 9.63 -9.49 68.44
N HIS C 347 9.51 -8.27 67.95
CA HIS C 347 10.56 -7.63 67.18
C HIS C 347 10.86 -6.26 67.80
N ILE C 348 12.13 -5.89 67.80
CA ILE C 348 12.59 -4.63 68.37
C ILE C 348 13.11 -3.75 67.24
N VAL C 349 12.61 -2.52 67.17
CA VAL C 349 12.90 -1.61 66.07
C VAL C 349 13.64 -0.40 66.62
N TRP C 350 14.66 0.04 65.88
CA TRP C 350 15.51 1.17 66.26
C TRP C 350 14.99 2.41 65.52
N ILE C 351 14.16 3.20 66.19
CA ILE C 351 13.59 4.41 65.64
C ILE C 351 13.79 5.54 66.62
N ASN C 352 14.22 6.71 66.11
CA ASN C 352 14.44 7.90 66.92
C ASN C 352 15.46 7.64 68.03
N ASN C 353 16.55 6.98 67.67
CA ASN C 353 17.67 6.74 68.58
C ASN C 353 17.23 5.99 69.84
N SER C 354 16.37 5.00 69.67
CA SER C 354 15.90 4.21 70.80
C SER C 354 15.32 2.90 70.29
N TRP C 355 15.46 1.86 71.10
CA TRP C 355 14.87 0.55 70.83
C TRP C 355 13.49 0.49 71.49
N LYS C 356 12.49 0.06 70.73
CA LYS C 356 11.13 0.01 71.23
C LYS C 356 10.50 -1.35 70.97
N PHE C 357 9.81 -1.88 71.98
CA PHE C 357 8.98 -3.05 71.81
C PHE C 357 7.61 -2.65 71.26
N ASN C 358 6.90 -3.62 70.70
CA ASN C 358 5.51 -3.43 70.30
C ASN C 358 4.87 -4.77 69.98
N SER C 359 3.70 -5.03 70.57
CA SER C 359 3.05 -6.32 70.42
C SER C 359 1.78 -6.29 69.57
N GLU C 360 1.15 -5.13 69.42
CA GLU C 360 -0.09 -5.03 68.66
C GLU C 360 0.04 -4.15 67.43
N GLU C 361 0.63 -2.96 67.57
CA GLU C 361 0.79 -2.05 66.44
C GLU C 361 2.08 -2.37 65.68
N PRO C 362 2.04 -2.41 64.34
CA PRO C 362 3.25 -2.70 63.58
C PRO C 362 4.22 -1.52 63.58
N LEU C 363 5.49 -1.83 63.80
CA LEU C 363 6.54 -0.82 63.79
C LEU C 363 7.51 -0.96 62.62
N ILE C 364 7.51 -2.08 61.92
CA ILE C 364 8.46 -2.29 60.83
C ILE C 364 8.16 -1.33 59.68
N THR C 365 6.88 -1.07 59.42
CA THR C 365 6.51 -0.18 58.33
C THR C 365 7.02 1.24 58.59
N LYS C 366 6.91 1.71 59.84
CA LYS C 366 7.47 3.00 60.19
C LYS C 366 8.97 3.03 59.98
N LEU C 367 9.65 1.93 60.33
CA LEU C 367 11.09 1.85 60.10
C LEU C 367 11.42 1.96 58.62
N ILE C 368 10.65 1.29 57.76
CA ILE C 368 10.88 1.36 56.32
C ILE C 368 10.69 2.79 55.83
N LEU C 369 9.59 3.42 56.26
CA LEU C 369 9.30 4.78 55.82
C LEU C 369 10.38 5.75 56.26
N SER C 370 10.94 5.54 57.45
CA SER C 370 12.01 6.42 57.93
C SER C 370 13.32 6.16 57.19
N ILE C 371 13.64 4.89 56.94
CA ILE C 371 14.89 4.53 56.27
C ILE C 371 14.87 4.93 54.79
N ARG C 372 13.68 5.16 54.23
CA ARG C 372 13.51 5.53 52.82
C ARG C 372 14.60 6.45 52.28
N HIS C 373 14.98 7.47 53.06
CA HIS C 373 15.97 8.44 52.58
C HIS C 373 17.33 7.79 52.33
N GLN C 374 17.77 6.92 53.24
CA GLN C 374 19.13 6.38 53.15
C GLN C 374 19.33 5.45 51.96
N LEU C 375 18.24 4.92 51.38
CA LEU C 375 18.35 4.03 50.25
C LEU C 375 18.74 4.82 49.00
N PRO C 376 19.24 4.14 47.96
CA PRO C 376 19.53 4.82 46.70
C PRO C 376 18.29 5.51 46.15
N LYS C 377 18.54 6.51 45.30
CA LYS C 377 17.48 7.41 44.86
C LYS C 377 16.37 6.68 44.11
N GLU C 378 16.76 5.71 43.27
CA GLU C 378 15.75 4.98 42.49
C GLU C 378 14.86 4.11 43.36
N TYR C 379 15.30 3.75 44.57
CA TYR C 379 14.50 2.94 45.47
C TYR C 379 13.57 3.76 46.36
N SER C 380 13.70 5.09 46.36
CA SER C 380 12.91 5.92 47.25
C SER C 380 11.46 6.05 46.80
N SER C 381 11.19 5.93 45.50
CA SER C 381 9.87 6.23 44.99
C SER C 381 8.86 5.12 45.34
N GLU C 382 9.27 3.86 45.24
CA GLU C 382 8.34 2.75 45.40
C GLU C 382 8.01 2.42 46.84
N LEU C 383 8.67 3.06 47.81
CA LEU C 383 8.35 2.83 49.21
C LEU C 383 7.12 3.59 49.68
N LEU C 384 6.54 4.44 48.84
CA LEU C 384 5.38 5.22 49.24
C LEU C 384 4.09 4.42 49.19
N CYS C 385 4.03 3.37 48.39
CA CYS C 385 2.81 2.57 48.30
C CYS C 385 2.72 1.63 49.50
N PRO C 386 1.62 1.66 50.26
CA PRO C 386 1.53 0.79 51.44
C PRO C 386 1.60 -0.69 51.10
N ARG C 387 1.10 -1.11 49.94
CA ARG C 387 1.17 -2.51 49.56
C ARG C 387 2.62 -2.96 49.41
N LYS C 388 3.45 -2.14 48.78
CA LYS C 388 4.87 -2.48 48.63
C LYS C 388 5.56 -2.52 49.99
N ARG C 389 5.20 -1.61 50.89
CA ARG C 389 5.78 -1.62 52.23
C ARG C 389 5.40 -2.90 52.97
N LYS C 390 4.16 -3.34 52.84
CA LYS C 390 3.74 -4.59 53.47
C LYS C 390 4.47 -5.78 52.86
N THR C 391 4.68 -5.77 51.54
CA THR C 391 5.44 -6.84 50.92
C THR C 391 6.88 -6.88 51.43
N VAL C 392 7.51 -5.71 51.57
CA VAL C 392 8.87 -5.65 52.10
C VAL C 392 8.90 -6.14 53.54
N GLU C 393 7.89 -5.80 54.33
CA GLU C 393 7.82 -6.29 55.70
C GLU C 393 7.70 -7.80 55.74
N ALA C 394 6.86 -8.37 54.86
CA ALA C 394 6.73 -9.82 54.80
C ALA C 394 8.05 -10.47 54.40
N ASN C 395 8.77 -9.85 53.47
CA ASN C 395 10.07 -10.37 53.06
C ASN C 395 11.06 -10.35 54.23
N ILE C 396 11.11 -9.23 54.96
CA ILE C 396 12.13 -9.09 55.99
C ILE C 396 11.81 -9.94 57.21
N ARG C 397 10.52 -10.24 57.45
CA ARG C 397 10.18 -11.11 58.57
C ARG C 397 10.67 -12.54 58.36
N ASP C 398 10.99 -12.92 57.13
CA ASP C 398 11.38 -14.29 56.83
C ASP C 398 12.88 -14.53 56.89
N MET C 399 13.69 -13.47 56.83
CA MET C 399 15.14 -13.61 56.85
C MET C 399 15.73 -13.57 58.25
N LEU C 400 14.90 -13.37 59.28
CA LEU C 400 15.35 -13.33 60.66
C LEU C 400 15.09 -14.69 61.28
N VAL C 401 16.12 -15.54 61.30
CA VAL C 401 16.00 -16.88 61.86
C VAL C 401 16.73 -17.03 63.18
N ASP C 402 17.72 -16.20 63.47
CA ASP C 402 18.49 -16.26 64.70
C ASP C 402 17.95 -15.23 65.68
N SER C 403 18.08 -15.53 66.97
CA SER C 403 17.54 -14.69 68.03
C SER C 403 18.68 -14.15 68.90
N VAL C 404 18.46 -12.97 69.45
CA VAL C 404 19.44 -12.31 70.30
C VAL C 404 18.77 -11.92 71.61
N GLU C 405 19.60 -11.66 72.61
CA GLU C 405 19.15 -11.30 73.95
C GLU C 405 19.51 -9.85 74.25
N THR C 406 18.60 -9.15 74.92
CA THR C 406 18.76 -7.74 75.23
C THR C 406 19.14 -7.54 76.71
N ASP C 407 19.72 -6.38 76.99
CA ASP C 407 20.12 -5.99 78.34
C ASP C 407 21.09 -7.01 78.94
N THR C 408 22.21 -7.21 78.24
CA THR C 408 23.21 -8.16 78.67
C THR C 408 24.41 -7.51 79.35
N TYR C 409 24.76 -6.29 78.96
CA TYR C 409 25.90 -5.62 79.56
C TYR C 409 25.51 -5.03 80.92
N PRO C 410 26.19 -5.40 82.00
CA PRO C 410 25.80 -4.93 83.34
C PRO C 410 26.53 -3.68 83.84
N ASP C 411 27.32 -3.03 82.99
CA ASP C 411 28.12 -1.87 83.39
C ASP C 411 27.84 -0.68 82.48
N LYS C 412 26.57 -0.39 82.24
CA LYS C 412 26.17 0.73 81.40
C LYS C 412 25.00 1.46 82.04
N LEU C 413 25.03 2.79 81.96
CA LEU C 413 23.85 3.60 82.28
C LEU C 413 23.22 4.10 81.01
N PRO C 414 22.07 3.59 80.60
CA PRO C 414 21.37 4.16 79.45
C PRO C 414 20.82 5.53 79.78
N PHE C 415 20.75 6.38 78.75
CA PHE C 415 20.20 7.72 78.89
C PHE C 415 19.25 7.97 77.73
N LYS C 416 18.54 9.09 77.80
CA LYS C 416 17.61 9.45 76.74
C LYS C 416 18.36 9.73 75.44
N ASN C 417 19.58 10.27 75.53
CA ASN C 417 20.34 10.67 74.35
C ASN C 417 21.62 9.85 74.18
N GLY C 418 21.71 8.68 74.80
CA GLY C 418 22.87 7.84 74.61
C GLY C 418 23.08 6.89 75.77
N VAL C 419 24.27 6.31 75.80
CA VAL C 419 24.67 5.34 76.81
C VAL C 419 26.03 5.73 77.37
N LEU C 420 26.18 5.65 78.68
CA LEU C 420 27.40 6.04 79.38
C LEU C 420 28.13 4.81 79.86
N ASP C 421 29.43 4.73 79.56
CA ASP C 421 30.27 3.63 80.02
C ASP C 421 30.92 3.98 81.35
N LEU C 422 30.83 3.06 82.31
CA LEU C 422 31.23 3.32 83.68
C LEU C 422 32.67 2.93 83.98
N VAL C 423 33.16 1.84 83.38
CA VAL C 423 34.48 1.34 83.72
C VAL C 423 35.57 2.30 83.25
N ASP C 424 35.28 3.13 82.25
CA ASP C 424 36.28 4.05 81.74
C ASP C 424 35.83 5.51 81.72
N GLY C 425 34.55 5.78 81.42
CA GLY C 425 34.02 7.12 81.61
C GLY C 425 33.81 7.97 80.38
N MET C 426 33.21 7.41 79.33
CA MET C 426 32.87 8.15 78.12
C MET C 426 31.38 7.97 77.81
N PHE C 427 30.85 8.90 77.01
CA PHE C 427 29.44 8.86 76.61
C PHE C 427 29.35 8.51 75.13
N TYR C 428 28.48 7.55 74.80
CA TYR C 428 28.19 7.19 73.42
C TYR C 428 26.77 7.60 73.08
N SER C 429 26.63 8.39 72.02
CA SER C 429 25.35 8.95 71.62
C SER C 429 25.06 8.63 70.16
N GLY C 430 23.78 8.54 69.84
CA GLY C 430 23.37 8.30 68.47
C GLY C 430 23.67 6.87 68.05
N ASP C 431 24.27 6.73 66.87
CA ASP C 431 24.53 5.40 66.33
C ASP C 431 25.50 4.61 67.22
N ASP C 432 26.35 5.31 67.97
CA ASP C 432 27.34 4.62 68.80
C ASP C 432 26.69 3.75 69.87
N ALA C 433 25.49 4.11 70.30
CA ALA C 433 24.78 3.36 71.33
C ALA C 433 23.94 2.23 70.77
N LYS C 434 23.93 2.03 69.45
CA LYS C 434 23.11 0.98 68.87
C LYS C 434 23.61 -0.41 69.24
N LYS C 435 24.93 -0.58 69.37
CA LYS C 435 25.48 -1.91 69.63
C LYS C 435 25.08 -2.45 70.99
N TYR C 436 24.71 -1.59 71.94
CA TYR C 436 24.24 -2.01 73.25
C TYR C 436 22.71 -2.02 73.23
N THR C 437 22.13 -3.21 73.33
CA THR C 437 20.68 -3.37 73.27
C THR C 437 20.09 -3.07 74.64
N CYS C 438 19.96 -1.79 74.94
CA CYS C 438 19.34 -1.32 76.18
C CYS C 438 17.95 -0.80 75.87
N THR C 439 16.94 -1.38 76.52
CA THR C 439 15.55 -1.08 76.23
C THR C 439 14.90 -0.18 77.27
N VAL C 440 15.68 0.32 78.23
CA VAL C 440 15.20 1.23 79.26
C VAL C 440 16.13 2.43 79.32
N SER C 441 15.65 3.50 79.93
CA SER C 441 16.44 4.73 80.04
C SER C 441 16.05 5.46 81.31
N THR C 442 16.94 6.36 81.74
CA THR C 442 16.69 7.14 82.94
C THR C 442 15.53 8.12 82.77
N GLY C 443 15.19 8.47 81.53
CA GLY C 443 14.10 9.38 81.27
C GLY C 443 14.49 10.83 81.10
N PHE C 444 15.80 11.13 81.02
CA PHE C 444 16.25 12.50 80.85
C PHE C 444 17.57 12.48 80.09
N LYS C 445 17.90 13.63 79.48
CA LYS C 445 19.10 13.75 78.70
C LYS C 445 20.31 13.97 79.60
N PHE C 446 21.50 13.85 79.00
CA PHE C 446 22.76 14.01 79.72
C PHE C 446 23.39 15.33 79.30
N ASP C 447 23.78 16.14 80.28
CA ASP C 447 24.39 17.45 80.07
C ASP C 447 25.82 17.41 80.59
N ASP C 448 26.79 17.48 79.67
CA ASP C 448 28.20 17.44 80.06
C ASP C 448 28.60 18.66 80.88
N THR C 449 27.87 19.76 80.76
CA THR C 449 28.22 20.96 81.50
C THR C 449 28.08 20.75 83.01
N LYS C 450 27.01 20.06 83.43
CA LYS C 450 26.82 19.84 84.87
C LYS C 450 27.76 18.77 85.40
N PHE C 451 28.20 17.85 84.55
CA PHE C 451 29.13 16.78 84.96
C PHE C 451 30.55 17.30 84.83
N VAL C 452 30.95 18.10 85.82
CA VAL C 452 32.28 18.72 85.85
C VAL C 452 32.91 18.47 87.21
N GLU C 453 34.18 18.88 87.34
CA GLU C 453 34.94 18.61 88.55
C GLU C 453 34.43 19.40 89.74
N ASP C 454 34.08 20.66 89.54
CA ASP C 454 33.71 21.55 90.64
C ASP C 454 32.43 22.30 90.33
N SER C 455 31.63 22.54 91.37
CA SER C 455 30.38 23.28 91.26
C SER C 455 29.92 23.62 92.66
N PRO C 456 29.22 24.74 92.86
CA PRO C 456 28.70 25.03 94.21
C PRO C 456 27.77 23.96 94.74
N GLU C 457 26.97 23.36 93.85
CA GLU C 457 25.99 22.38 94.29
C GLU C 457 26.68 21.11 94.80
N MET C 458 27.64 20.57 94.04
CA MET C 458 28.33 19.39 94.52
C MET C 458 29.13 19.72 95.77
N GLU C 459 29.65 20.95 95.86
CA GLU C 459 30.33 21.39 97.08
C GLU C 459 29.42 21.28 98.30
N GLU C 460 28.23 21.88 98.22
CA GLU C 460 27.25 21.75 99.30
C GLU C 460 26.94 20.27 99.56
N LEU C 461 26.84 19.49 98.49
CA LEU C 461 26.41 18.10 98.63
C LEU C 461 27.41 17.28 99.42
N MET C 462 28.68 17.28 99.02
CA MET C 462 29.62 16.47 99.79
C MET C 462 29.91 17.10 101.15
N ASN C 463 29.71 18.41 101.30
CA ASN C 463 29.77 18.96 102.66
C ASN C 463 28.72 18.30 103.55
N ILE C 464 27.48 18.25 103.08
CA ILE C 464 26.41 17.62 103.85
C ILE C 464 26.72 16.16 104.09
N ILE C 465 27.22 15.46 103.07
CA ILE C 465 27.48 14.03 103.19
C ILE C 465 28.60 13.76 104.18
N ASN C 466 29.70 14.52 104.08
CA ASN C 466 30.90 14.24 104.86
C ASN C 466 30.76 14.71 106.30
N ASP C 467 30.04 15.81 106.55
CA ASP C 467 29.94 16.33 107.91
C ASP C 467 29.23 15.34 108.83
N ILE C 468 28.17 14.70 108.34
CA ILE C 468 27.42 13.76 109.18
C ILE C 468 28.27 12.54 109.52
N GLN C 469 28.98 11.99 108.54
CA GLN C 469 29.88 10.86 108.79
C GLN C 469 31.31 11.28 108.51
N PRO C 470 32.08 11.69 109.51
CA PRO C 470 33.48 12.06 109.28
C PRO C 470 34.31 10.87 108.83
N LEU C 471 35.35 11.16 108.04
CA LEU C 471 36.27 10.14 107.56
C LEU C 471 37.33 9.86 108.62
N THR C 472 36.90 9.19 109.68
CA THR C 472 37.75 8.86 110.82
C THR C 472 37.90 7.35 110.95
N ASP C 473 39.03 6.95 111.55
CA ASP C 473 39.31 5.53 111.70
C ASP C 473 38.30 4.83 112.60
N GLU C 474 37.68 5.58 113.53
CA GLU C 474 36.66 4.98 114.39
C GLU C 474 35.45 4.52 113.58
N ASN C 475 35.22 5.13 112.42
CA ASN C 475 34.10 4.78 111.56
C ASN C 475 34.54 4.07 110.29
N LYS C 476 35.81 3.71 110.17
CA LYS C 476 36.39 3.33 108.88
C LYS C 476 35.64 2.15 108.24
N LYS C 477 35.41 1.09 109.00
CA LYS C 477 34.69 -0.07 108.46
C LYS C 477 33.29 0.32 108.04
N ASN C 478 32.62 1.15 108.84
CA ASN C 478 31.31 1.68 108.44
C ASN C 478 31.41 2.48 107.16
N ARG C 479 32.51 3.22 106.97
CA ARG C 479 32.66 3.98 105.73
C ARG C 479 32.87 3.07 104.54
N GLU C 480 33.61 1.97 104.70
CA GLU C 480 33.71 1.00 103.62
C GLU C 480 32.35 0.43 103.27
N LEU C 481 31.57 0.06 104.29
CA LEU C 481 30.24 -0.49 104.05
C LEU C 481 29.34 0.52 103.34
N TYR C 482 29.38 1.78 103.78
CA TYR C 482 28.53 2.81 103.19
C TYR C 482 28.95 3.10 101.75
N GLU C 483 30.26 3.18 101.50
CA GLU C 483 30.74 3.44 100.15
C GLU C 483 30.44 2.29 99.21
N LYS C 484 30.42 1.06 99.73
CA LYS C 484 30.15 -0.10 98.89
C LYS C 484 28.65 -0.28 98.63
N THR C 485 27.81 0.02 99.62
CA THR C 485 26.39 -0.28 99.45
C THR C 485 25.72 0.64 98.44
N LEU C 486 26.18 1.88 98.31
CA LEU C 486 25.63 2.78 97.29
C LEU C 486 26.30 2.59 95.93
N SER C 487 27.47 1.94 95.89
CA SER C 487 28.10 1.65 94.62
C SER C 487 27.34 0.58 93.83
N SER C 488 26.62 -0.30 94.53
CA SER C 488 25.87 -1.36 93.87
C SER C 488 24.56 -0.88 93.28
N CYS C 489 24.12 0.35 93.59
CA CYS C 489 22.88 0.86 93.05
C CYS C 489 22.92 1.06 91.53
N LEU C 490 24.11 1.16 90.96
CA LEU C 490 24.28 1.35 89.52
C LEU C 490 24.61 0.08 88.77
N CYS C 491 25.20 -0.91 89.44
CA CYS C 491 25.59 -2.14 88.76
C CYS C 491 24.37 -2.90 88.27
N GLY C 492 24.44 -3.38 87.03
CA GLY C 492 23.36 -4.13 86.43
C GLY C 492 23.32 -5.61 86.75
N ALA C 493 24.30 -6.11 87.50
CA ALA C 493 24.30 -7.52 87.87
C ALA C 493 23.21 -7.81 88.88
N THR C 494 22.85 -9.09 88.99
CA THR C 494 21.81 -9.52 89.91
C THR C 494 22.42 -9.92 91.25
N LYS C 495 21.67 -9.66 92.32
CA LYS C 495 22.10 -10.00 93.67
C LYS C 495 20.90 -9.84 94.60
N GLY C 496 20.93 -10.60 95.71
CA GLY C 496 19.83 -10.57 96.64
C GLY C 496 20.27 -10.38 98.08
N CYS C 497 21.33 -9.60 98.29
CA CYS C 497 21.84 -9.30 99.62
C CYS C 497 21.21 -8.01 100.13
N LEU C 498 20.35 -8.13 101.14
CA LEU C 498 19.69 -6.95 101.69
C LEU C 498 20.66 -6.09 102.47
N THR C 499 20.38 -4.79 102.52
CA THR C 499 21.17 -3.83 103.29
C THR C 499 20.25 -3.08 104.24
N PHE C 500 20.70 -2.92 105.48
CA PHE C 500 19.93 -2.23 106.50
C PHE C 500 20.66 -0.99 106.97
N PHE C 501 19.93 0.12 107.02
CA PHE C 501 20.43 1.38 107.58
C PHE C 501 19.83 1.57 108.97
N PHE C 502 20.69 1.71 109.96
CA PHE C 502 20.27 1.84 111.35
C PHE C 502 20.92 3.06 111.97
N GLY C 503 20.13 3.81 112.74
CA GLY C 503 20.65 4.99 113.40
C GLY C 503 19.54 5.94 113.77
N GLU C 504 19.91 6.94 114.57
CA GLU C 504 18.96 7.95 114.99
C GLU C 504 18.56 8.85 113.82
N THR C 505 17.32 9.32 113.85
CA THR C 505 16.78 10.12 112.77
C THR C 505 17.46 11.50 112.73
N ALA C 506 17.04 12.32 111.77
CA ALA C 506 17.58 13.67 111.57
C ALA C 506 19.09 13.63 111.36
N THR C 507 19.57 12.62 110.63
CA THR C 507 20.99 12.48 110.34
C THR C 507 21.24 12.32 108.84
N GLY C 508 20.30 12.77 108.00
CA GLY C 508 20.46 12.66 106.57
C GLY C 508 20.08 11.33 105.97
N LYS C 509 19.66 10.36 106.81
CA LYS C 509 19.29 9.05 106.28
C LYS C 509 18.06 9.14 105.38
N SER C 510 17.05 9.91 105.80
CA SER C 510 15.85 10.06 104.99
C SER C 510 16.03 11.05 103.85
N THR C 511 17.08 11.87 103.88
CA THR C 511 17.32 12.83 102.81
C THR C 511 17.79 12.12 101.53
N THR C 512 18.53 11.03 101.67
CA THR C 512 19.11 10.36 100.51
C THR C 512 18.06 9.76 99.59
N LYS C 513 16.84 9.51 100.09
CA LYS C 513 15.80 8.91 99.24
C LYS C 513 15.42 9.85 98.09
N ARG C 514 15.27 11.14 98.38
CA ARG C 514 14.93 12.07 97.31
C ARG C 514 16.11 12.30 96.38
N LEU C 515 17.34 12.26 96.92
CA LEU C 515 18.52 12.36 96.08
C LEU C 515 18.59 11.20 95.09
N LEU C 516 18.32 9.97 95.57
CA LEU C 516 18.28 8.83 94.67
C LEU C 516 17.18 8.96 93.63
N LYS C 517 16.00 9.42 94.06
CA LYS C 517 14.89 9.60 93.12
C LYS C 517 15.24 10.61 92.04
N SER C 518 15.90 11.70 92.41
CA SER C 518 16.26 12.71 91.42
C SER C 518 17.42 12.26 90.54
N ALA C 519 18.31 11.42 91.07
CA ALA C 519 19.49 11.02 90.30
C ALA C 519 19.17 9.88 89.34
N ILE C 520 18.75 8.74 89.87
CA ILE C 520 18.49 7.58 89.01
C ILE C 520 17.33 7.86 88.07
N GLY C 521 16.27 8.46 88.57
CA GLY C 521 15.15 8.85 87.73
C GLY C 521 14.09 7.76 87.66
N ASP C 522 13.73 7.36 86.43
CA ASP C 522 12.65 6.41 86.24
C ASP C 522 13.02 5.03 86.78
N LEU C 523 14.30 4.64 86.65
CA LEU C 523 14.71 3.32 87.09
C LEU C 523 14.50 3.14 88.58
N PHE C 524 14.81 4.17 89.38
CA PHE C 524 14.57 4.10 90.81
C PHE C 524 13.08 4.11 91.11
N VAL C 525 12.64 3.17 91.93
CA VAL C 525 11.24 3.05 92.32
C VAL C 525 11.17 2.85 93.83
N GLU C 526 10.29 3.60 94.49
CA GLU C 526 10.16 3.57 95.93
C GLU C 526 8.82 2.93 96.33
N THR C 527 8.85 2.14 97.39
CA THR C 527 7.67 1.47 97.90
C THR C 527 7.71 1.45 99.41
N GLY C 528 6.60 1.04 100.02
CA GLY C 528 6.47 0.96 101.45
C GLY C 528 6.67 -0.45 101.99
N GLN C 529 6.20 -0.66 103.22
CA GLN C 529 6.28 -1.96 103.87
C GLN C 529 5.17 -2.90 103.43
N THR C 530 4.25 -2.44 102.57
CA THR C 530 3.14 -3.29 102.14
C THR C 530 3.64 -4.55 101.45
N ILE C 531 4.69 -4.43 100.62
CA ILE C 531 5.24 -5.59 99.95
C ILE C 531 5.84 -6.57 100.96
N LEU C 532 6.42 -6.05 102.04
CA LEU C 532 6.96 -6.92 103.08
C LEU C 532 5.86 -7.54 103.93
N THR C 533 4.66 -6.95 103.95
CA THR C 533 3.57 -7.50 104.75
C THR C 533 2.81 -8.60 104.00
N ASP C 534 2.27 -8.27 102.83
CA ASP C 534 1.43 -9.23 102.12
C ASP C 534 2.27 -10.35 101.51
N VAL C 535 1.60 -11.47 101.23
CA VAL C 535 2.24 -12.60 100.56
C VAL C 535 2.32 -12.30 99.07
N LEU C 536 3.52 -12.43 98.51
CA LEU C 536 3.72 -12.11 97.10
C LEU C 536 2.91 -13.03 96.20
N ASP C 537 2.87 -14.34 96.53
CA ASP C 537 2.15 -15.28 95.69
C ASP C 537 0.65 -15.05 95.72
N LYS C 538 0.10 -14.71 96.89
CA LYS C 538 -1.33 -14.53 97.03
C LYS C 538 -1.78 -13.26 96.32
N GLY C 539 -2.68 -13.41 95.35
CA GLY C 539 -3.24 -12.29 94.63
C GLY C 539 -2.29 -11.73 93.60
N PRO C 540 -2.77 -10.80 92.78
CA PRO C 540 -1.92 -10.16 91.76
C PRO C 540 -1.17 -8.98 92.39
N ASN C 541 0.16 -9.06 92.36
CA ASN C 541 0.99 -8.02 92.94
C ASN C 541 1.56 -7.15 91.83
N PRO C 542 1.13 -5.88 91.71
CA PRO C 542 1.71 -5.03 90.67
C PRO C 542 3.21 -4.80 90.83
N PHE C 543 3.71 -4.79 92.06
CA PHE C 543 5.13 -4.54 92.28
C PHE C 543 5.99 -5.66 91.69
N ILE C 544 5.51 -6.91 91.79
CA ILE C 544 6.24 -8.03 91.20
C ILE C 544 6.32 -7.89 89.69
N ALA C 545 5.27 -7.34 89.07
CA ALA C 545 5.31 -7.11 87.64
C ALA C 545 6.19 -5.92 87.29
N ASN C 546 6.27 -4.92 88.17
CA ASN C 546 6.98 -3.68 87.90
C ASN C 546 8.44 -3.72 88.29
N MET C 547 8.92 -4.80 88.92
CA MET C 547 10.35 -4.88 89.22
C MET C 547 11.19 -5.21 88.01
N HIS C 548 10.57 -5.48 86.86
CA HIS C 548 11.29 -5.85 85.65
C HIS C 548 12.18 -4.69 85.21
N LEU C 549 13.49 -4.93 85.19
CA LEU C 549 14.49 -3.94 84.76
C LEU C 549 14.40 -2.67 85.59
N LYS C 550 14.70 -2.82 86.89
CA LYS C 550 14.79 -1.70 87.81
C LYS C 550 16.08 -1.87 88.60
N ARG C 551 17.01 -0.92 88.47
CA ARG C 551 18.33 -1.07 89.07
C ARG C 551 18.27 -1.02 90.59
N SER C 552 17.59 -0.01 91.13
CA SER C 552 17.55 0.20 92.58
C SER C 552 16.11 0.46 93.02
N VAL C 553 15.66 -0.29 94.03
CA VAL C 553 14.33 -0.12 94.59
C VAL C 553 14.50 0.01 96.10
N PHE C 554 14.13 1.17 96.65
CA PHE C 554 14.17 1.36 98.09
C PHE C 554 12.98 0.64 98.73
N CYS C 555 13.27 -0.27 99.65
CA CYS C 555 12.25 -1.21 100.09
C CYS C 555 11.21 -0.53 100.98
N SER C 556 11.64 -0.01 102.13
CA SER C 556 10.69 0.55 103.08
C SER C 556 11.39 1.51 104.01
N GLU C 557 10.59 2.36 104.67
CA GLU C 557 11.02 3.19 105.78
C GLU C 557 10.37 2.71 107.08
N LEU C 558 10.28 1.38 107.20
CA LEU C 558 9.51 0.76 108.27
C LEU C 558 10.10 1.08 109.65
N PRO C 559 9.26 1.42 110.63
CA PRO C 559 9.75 1.63 112.00
C PRO C 559 9.85 0.33 112.79
N ASP C 560 10.16 0.43 114.08
CA ASP C 560 10.37 -0.76 114.90
C ASP C 560 9.14 -1.66 114.91
N PHE C 561 9.38 -2.96 114.79
CA PHE C 561 8.32 -3.96 114.83
C PHE C 561 8.25 -4.70 116.16
N ALA C 562 9.18 -4.43 117.08
CA ALA C 562 9.16 -5.13 118.37
C ALA C 562 7.94 -4.76 119.19
N CYS C 563 7.37 -3.58 118.97
CA CYS C 563 6.15 -3.19 119.67
C CYS C 563 4.98 -4.07 119.23
N SER C 564 4.07 -4.30 120.16
CA SER C 564 2.93 -5.17 119.90
C SER C 564 1.95 -4.51 118.93
N GLY C 565 1.05 -5.32 118.39
CA GLY C 565 0.08 -4.87 117.42
C GLY C 565 0.55 -4.84 115.99
N SER C 566 1.78 -5.27 115.72
CA SER C 566 2.34 -5.28 114.37
C SER C 566 2.95 -6.63 114.08
N LYS C 567 2.73 -7.11 112.85
CA LYS C 567 3.19 -8.43 112.45
C LYS C 567 4.70 -8.48 112.34
N LYS C 568 5.28 -9.64 112.65
CA LYS C 568 6.72 -9.83 112.57
C LYS C 568 7.16 -10.07 111.12
N ILE C 569 8.38 -9.64 110.82
CA ILE C 569 8.91 -9.75 109.45
C ILE C 569 9.03 -11.21 109.07
N ARG C 570 8.50 -11.56 107.90
CA ARG C 570 8.52 -12.93 107.42
C ARG C 570 9.71 -13.13 106.48
N SER C 571 10.45 -14.22 106.71
CA SER C 571 11.62 -14.54 105.89
C SER C 571 11.28 -15.34 104.65
N ASP C 572 10.02 -15.76 104.48
CA ASP C 572 9.64 -16.52 103.29
C ASP C 572 9.81 -15.70 102.03
N ASN C 573 9.44 -14.41 102.06
CA ASN C 573 9.56 -13.57 100.88
C ASN C 573 11.00 -13.28 100.53
N ILE C 574 11.88 -13.20 101.53
CA ILE C 574 13.28 -12.86 101.29
C ILE C 574 13.95 -13.92 100.43
N LYS C 575 13.64 -15.20 100.68
CA LYS C 575 14.27 -16.28 99.94
C LYS C 575 13.96 -16.18 98.45
N LYS C 576 12.70 -15.91 98.10
CA LYS C 576 12.34 -15.78 96.70
C LYS C 576 12.81 -14.45 96.12
N LEU C 577 12.96 -13.41 96.95
CA LEU C 577 13.51 -12.16 96.46
C LEU C 577 14.97 -12.31 96.07
N THR C 578 15.75 -13.06 96.85
CA THR C 578 17.17 -13.21 96.57
C THR C 578 17.40 -13.92 95.24
N GLU C 579 16.67 -15.01 95.00
CA GLU C 579 16.87 -15.76 93.76
C GLU C 579 16.32 -14.97 92.58
N PRO C 580 17.00 -15.02 91.42
CA PRO C 580 16.49 -14.27 90.25
C PRO C 580 15.09 -14.67 89.83
N CYS C 581 14.74 -15.95 89.94
CA CYS C 581 13.44 -16.44 89.50
C CYS C 581 12.49 -16.52 90.68
N VAL C 582 11.29 -15.97 90.51
CA VAL C 582 10.28 -15.98 91.56
C VAL C 582 9.63 -17.35 91.65
N ARG C 595 14.25 -12.42 85.47
CA ARG C 595 15.03 -11.24 85.16
C ARG C 595 14.98 -10.23 86.30
N ASN C 596 15.84 -10.40 87.29
CA ASN C 596 15.89 -9.55 88.48
C ASN C 596 17.19 -8.77 88.47
N HIS C 597 17.09 -7.46 88.73
CA HIS C 597 18.27 -6.60 88.76
C HIS C 597 18.22 -5.57 89.88
N ALA C 598 17.29 -5.70 90.83
CA ALA C 598 17.06 -4.67 91.82
C ALA C 598 17.96 -4.83 93.03
N THR C 599 18.22 -3.71 93.71
CA THR C 599 18.94 -3.68 94.96
C THR C 599 17.99 -3.19 96.06
N ILE C 600 17.91 -3.95 97.14
CA ILE C 600 16.93 -3.69 98.20
C ILE C 600 17.65 -3.15 99.42
N ILE C 601 17.21 -1.99 99.89
CA ILE C 601 17.76 -1.35 101.08
C ILE C 601 16.62 -0.94 102.00
N ILE C 602 16.75 -1.25 103.28
CA ILE C 602 15.76 -0.92 104.29
C ILE C 602 16.43 -0.04 105.35
N ASP C 603 15.80 1.08 105.68
CA ASP C 603 16.25 1.93 106.77
C ASP C 603 15.21 1.95 107.87
N THR C 604 15.66 1.75 109.11
CA THR C 604 14.76 1.71 110.26
C THR C 604 15.39 2.45 111.42
N ASN C 605 14.54 3.04 112.26
CA ASN C 605 15.03 3.73 113.44
C ASN C 605 15.49 2.75 114.51
N TYR C 606 14.74 1.67 114.70
CA TYR C 606 15.04 0.67 115.72
C TYR C 606 15.00 -0.72 115.11
N LYS C 607 15.75 -1.63 115.73
CA LYS C 607 15.95 -2.96 115.17
C LYS C 607 14.69 -3.81 115.32
N PRO C 608 14.14 -4.34 114.24
CA PRO C 608 12.91 -5.15 114.33
C PRO C 608 13.23 -6.58 114.74
N VAL C 609 12.18 -7.41 114.76
CA VAL C 609 12.27 -8.81 115.15
C VAL C 609 11.69 -9.68 114.05
N PHE C 610 12.37 -10.77 113.73
CA PHE C 610 11.94 -11.70 112.70
C PHE C 610 11.23 -12.89 113.32
N ASP C 611 10.16 -13.35 112.67
CA ASP C 611 9.39 -14.47 113.20
C ASP C 611 10.09 -15.80 112.99
N ARG C 612 10.76 -15.98 111.85
CA ARG C 612 11.39 -17.24 111.49
C ARG C 612 12.86 -16.99 111.18
N ILE C 613 13.71 -17.90 111.66
CA ILE C 613 15.15 -17.77 111.50
C ILE C 613 15.74 -19.13 111.13
N ASP C 614 16.70 -19.13 110.22
CA ASP C 614 17.37 -20.36 109.80
C ASP C 614 18.71 -19.98 109.16
N ASN C 615 19.34 -20.97 108.50
CA ASN C 615 20.63 -20.74 107.86
C ASN C 615 20.53 -19.79 106.68
N ALA C 616 19.33 -19.52 106.18
CA ALA C 616 19.16 -18.67 105.00
C ALA C 616 19.38 -17.20 105.28
N LEU C 617 19.54 -16.80 106.54
CA LEU C 617 19.53 -15.37 106.87
C LEU C 617 20.92 -14.75 106.94
N MET C 618 21.93 -15.45 107.47
CA MET C 618 23.23 -14.80 107.68
C MET C 618 23.88 -14.39 106.36
N ARG C 619 23.59 -15.08 105.26
CA ARG C 619 24.11 -14.70 103.96
C ARG C 619 23.18 -13.76 103.21
N ARG C 620 22.09 -13.33 103.83
CA ARG C 620 21.12 -12.45 103.19
C ARG C 620 20.96 -11.11 103.89
N ILE C 621 21.70 -10.85 104.96
CA ILE C 621 21.51 -9.66 105.78
C ILE C 621 22.83 -8.90 105.87
N ALA C 622 22.78 -7.60 105.57
CA ALA C 622 23.91 -6.70 105.76
C ALA C 622 23.42 -5.45 106.44
N VAL C 623 24.19 -4.95 107.41
CA VAL C 623 23.78 -3.83 108.26
C VAL C 623 24.79 -2.71 108.12
N VAL C 624 24.28 -1.49 107.88
CA VAL C 624 25.08 -0.27 107.92
C VAL C 624 24.48 0.64 108.99
N ARG C 625 25.32 1.09 109.92
CA ARG C 625 24.86 1.83 111.07
C ARG C 625 25.68 3.10 111.23
N PHE C 626 25.00 4.19 111.61
CA PHE C 626 25.65 5.48 111.79
C PHE C 626 26.26 5.56 113.18
N ARG C 627 27.57 5.79 113.25
CA ARG C 627 28.28 5.86 114.51
C ARG C 627 28.35 7.29 115.06
N THR C 628 28.70 8.24 114.21
CA THR C 628 28.88 9.62 114.65
C THR C 628 27.54 10.23 115.09
N HIS C 629 27.57 10.93 116.22
CA HIS C 629 26.38 11.60 116.74
C HIS C 629 25.96 12.76 115.84
N LEU C 655 17.53 22.06 101.69
CA LEU C 655 16.16 22.42 101.36
C LEU C 655 15.50 21.31 100.54
N ASP C 656 14.43 20.74 101.08
CA ASP C 656 13.74 19.64 100.39
C ASP C 656 13.14 20.12 99.06
N GLY C 657 12.57 21.32 99.05
CA GLY C 657 12.01 21.84 97.81
C GLY C 657 13.05 22.06 96.73
N LYS C 658 14.25 22.51 97.11
CA LYS C 658 15.31 22.72 96.13
C LYS C 658 15.74 21.40 95.49
N ILE C 659 15.81 20.32 96.28
CA ILE C 659 16.09 19.01 95.71
C ILE C 659 14.93 18.55 94.83
N GLN C 660 13.70 18.85 95.26
CA GLN C 660 12.53 18.54 94.42
C GLN C 660 12.59 19.30 93.10
N ASN C 661 13.21 20.48 93.11
CA ASN C 661 13.39 21.29 91.91
C ASN C 661 14.57 20.82 91.06
N ASN C 662 15.02 19.58 91.24
CA ASN C 662 16.10 18.93 90.49
C ASN C 662 17.36 19.77 90.40
N ARG C 663 17.62 20.63 91.39
CA ARG C 663 18.86 21.40 91.40
C ARG C 663 20.07 20.49 91.50
N TYR C 664 19.98 19.41 92.26
CA TYR C 664 21.08 18.45 92.44
C TYR C 664 20.92 17.25 91.53
N ARG C 665 20.37 17.42 90.33
CA ARG C 665 20.07 16.27 89.48
C ARG C 665 21.34 15.54 89.06
N PHE C 666 22.39 16.28 88.65
CA PHE C 666 23.64 15.65 88.22
C PHE C 666 24.65 15.51 89.35
N ALA C 667 24.55 16.30 90.41
CA ALA C 667 25.50 16.19 91.50
C ALA C 667 25.45 14.80 92.13
N PHE C 668 24.26 14.22 92.23
CA PHE C 668 24.16 12.92 92.89
C PHE C 668 24.73 11.79 92.02
N LEU C 669 24.51 11.83 90.69
CA LEU C 669 25.18 10.87 89.84
C LEU C 669 26.69 11.03 89.90
N TYR C 670 27.18 12.27 89.92
CA TYR C 670 28.60 12.48 90.12
C TYR C 670 29.08 11.95 91.46
N LEU C 671 28.19 11.92 92.46
CA LEU C 671 28.58 11.42 93.78
C LEU C 671 28.67 9.90 93.79
N LEU C 672 27.70 9.21 93.19
CA LEU C 672 27.79 7.74 93.14
C LEU C 672 28.89 7.26 92.21
N VAL C 673 29.13 7.95 91.09
CA VAL C 673 29.96 7.38 90.04
C VAL C 673 31.38 7.12 90.53
N LYS C 674 31.91 8.02 91.37
CA LYS C 674 33.31 7.92 91.78
C LYS C 674 33.56 6.66 92.61
N TRP C 675 32.63 6.29 93.48
CA TRP C 675 32.84 5.15 94.36
C TRP C 675 32.94 3.84 93.57
N TYR C 676 32.09 3.67 92.56
CA TYR C 676 32.25 2.52 91.68
C TYR C 676 33.49 2.66 90.82
N LYS C 677 33.89 3.90 90.50
CA LYS C 677 35.03 4.11 89.63
C LYS C 677 36.34 3.68 90.30
N LYS C 678 36.50 3.97 91.60
CA LYS C 678 37.81 3.82 92.22
C LYS C 678 38.26 2.37 92.36
N TYR C 679 37.52 1.56 93.12
CA TYR C 679 38.00 0.25 93.52
C TYR C 679 37.05 -0.90 93.18
N HIS C 680 35.75 -0.65 93.12
CA HIS C 680 34.76 -1.71 92.99
C HIS C 680 34.57 -2.18 91.55
N ILE C 681 35.57 -1.98 90.69
CA ILE C 681 35.48 -2.48 89.32
C ILE C 681 35.32 -4.00 89.26
N PRO C 682 36.14 -4.82 89.97
CA PRO C 682 36.15 -6.26 89.69
C PRO C 682 34.82 -6.99 89.92
N ILE C 683 34.25 -6.92 91.11
CA ILE C 683 33.10 -7.76 91.44
C ILE C 683 32.24 -7.09 92.51
N MET C 684 30.94 -7.31 92.41
CA MET C 684 29.96 -6.88 93.42
C MET C 684 29.74 -8.01 94.43
N LYS C 685 30.82 -8.34 95.13
CA LYS C 685 30.78 -9.38 96.17
C LYS C 685 30.45 -8.69 97.49
N LEU C 686 29.17 -8.70 97.85
CA LEU C 686 28.70 -8.05 99.07
C LEU C 686 28.89 -9.00 100.25
N TYR C 687 29.75 -8.61 101.18
CA TYR C 687 30.00 -9.42 102.38
C TYR C 687 28.96 -9.10 103.44
N PRO C 688 28.19 -10.08 103.90
CA PRO C 688 27.19 -9.81 104.93
C PRO C 688 27.84 -9.44 106.26
N THR C 689 27.07 -8.68 107.07
CA THR C 689 27.55 -8.20 108.36
C THR C 689 26.75 -8.84 109.48
N PRO C 690 27.27 -9.85 110.16
CA PRO C 690 26.55 -10.48 111.27
C PRO C 690 26.82 -9.87 112.64
N GLU C 691 27.45 -8.70 112.70
CA GLU C 691 27.84 -8.13 114.00
C GLU C 691 26.63 -7.80 114.86
N GLU C 692 25.62 -7.16 114.27
CA GLU C 692 24.47 -6.68 115.05
C GLU C 692 23.16 -6.98 114.34
N ILE C 693 23.03 -8.18 113.80
CA ILE C 693 21.72 -8.60 113.28
C ILE C 693 20.79 -8.89 114.45
N PRO C 694 19.55 -8.39 114.45
CA PRO C 694 18.67 -8.59 115.61
C PRO C 694 18.35 -10.06 115.81
N ASP C 695 18.09 -10.41 117.08
CA ASP C 695 17.81 -11.77 117.55
C ASP C 695 18.74 -12.80 116.93
N PHE C 696 20.02 -12.45 116.77
CA PHE C 696 21.03 -13.35 116.26
C PHE C 696 22.12 -13.69 117.27
N ALA C 697 22.20 -12.95 118.37
CA ALA C 697 23.26 -13.20 119.35
C ALA C 697 23.12 -14.60 119.96
N PHE C 698 21.90 -15.00 120.31
CA PHE C 698 21.70 -16.33 120.87
C PHE C 698 21.98 -17.41 119.83
N TYR C 699 21.55 -17.20 118.58
CA TYR C 699 21.75 -18.19 117.54
C TYR C 699 23.20 -18.27 117.08
N LEU C 700 24.00 -17.24 117.35
CA LEU C 700 25.44 -17.31 117.13
C LEU C 700 26.17 -17.88 118.33
N LYS C 701 25.64 -17.68 119.53
CA LYS C 701 26.27 -18.24 120.73
C LYS C 701 26.07 -19.74 120.81
N ILE C 702 24.90 -20.23 120.39
CA ILE C 702 24.63 -21.67 120.45
C ILE C 702 25.51 -22.48 119.50
N GLY C 703 26.20 -21.81 118.58
CA GLY C 703 27.12 -22.53 117.70
C GLY C 703 28.27 -23.18 118.46
N THR C 704 28.75 -22.51 119.50
CA THR C 704 29.83 -23.04 120.34
C THR C 704 29.31 -23.91 121.47
N LEU C 705 27.99 -24.04 121.62
CA LEU C 705 27.39 -24.82 122.70
C LEU C 705 26.66 -26.05 122.21
N LEU C 706 26.14 -26.05 120.99
CA LEU C 706 25.33 -27.15 120.47
C LEU C 706 25.94 -27.66 119.16
N VAL C 707 25.99 -28.99 119.03
CA VAL C 707 26.44 -29.62 117.79
C VAL C 707 25.67 -30.92 117.64
N SER C 708 25.40 -31.29 116.38
CA SER C 708 24.67 -32.52 116.10
C SER C 708 25.54 -33.74 116.38
N SER C 709 24.88 -34.84 116.74
CA SER C 709 25.58 -36.09 116.96
C SER C 709 26.19 -36.59 115.66
N SER C 710 27.39 -37.18 115.76
CA SER C 710 28.11 -37.63 114.59
C SER C 710 28.90 -38.89 114.92
N VAL C 711 29.42 -39.52 113.88
CA VAL C 711 30.23 -40.72 114.05
C VAL C 711 31.51 -40.42 114.81
N LYS C 712 32.02 -39.20 114.69
CA LYS C 712 33.25 -38.82 115.38
C LYS C 712 33.12 -38.92 116.90
N HIS C 713 31.89 -38.86 117.43
CA HIS C 713 31.68 -39.00 118.86
C HIS C 713 31.56 -40.46 119.31
N ILE C 714 31.53 -41.40 118.36
CA ILE C 714 31.38 -42.81 118.72
C ILE C 714 32.54 -43.31 119.59
N PRO C 715 33.81 -43.04 119.27
CA PRO C 715 34.89 -43.56 120.14
C PRO C 715 34.81 -43.09 121.57
N LEU C 716 34.23 -41.92 121.83
CA LEU C 716 34.15 -41.36 123.18
C LEU C 716 32.73 -41.39 123.75
N MET C 717 31.92 -42.37 123.36
CA MET C 717 30.56 -42.46 123.87
C MET C 717 30.54 -42.85 125.35
N THR C 718 31.47 -43.72 125.77
CA THR C 718 31.47 -44.19 127.15
C THR C 718 31.72 -43.04 128.13
N ASP C 719 32.64 -42.15 127.80
CA ASP C 719 32.93 -41.01 128.67
C ASP C 719 31.77 -40.03 128.75
N LEU C 720 30.85 -40.06 127.77
CA LEU C 720 29.70 -39.17 127.81
C LEU C 720 28.74 -39.49 128.95
N SER C 721 28.81 -40.70 129.50
CA SER C 721 27.96 -41.04 130.64
C SER C 721 28.27 -40.18 131.86
N LYS C 722 29.48 -39.66 131.97
CA LYS C 722 29.84 -38.76 133.07
C LYS C 722 29.21 -37.38 132.93
N LYS C 723 28.66 -37.06 131.76
CA LYS C 723 28.05 -35.77 131.50
C LYS C 723 26.53 -35.81 131.54
N GLY C 724 25.96 -36.83 132.20
CA GLY C 724 24.52 -36.98 132.29
C GLY C 724 23.86 -37.67 131.12
N TYR C 725 24.63 -38.10 130.13
CA TYR C 725 24.07 -38.78 128.97
C TYR C 725 23.71 -40.23 129.32
N ILE C 726 22.95 -40.86 128.44
CA ILE C 726 22.50 -42.22 128.61
C ILE C 726 23.30 -43.12 127.68
N LEU C 727 23.39 -44.41 128.05
CA LEU C 727 24.13 -45.41 127.28
C LEU C 727 23.28 -46.67 127.21
N TYR C 728 22.49 -46.80 126.15
CA TYR C 728 21.64 -47.97 125.96
C TYR C 728 21.32 -48.12 124.48
N ASP C 729 21.71 -49.25 123.90
CA ASP C 729 21.45 -49.56 122.49
C ASP C 729 22.01 -48.47 121.58
N ASN C 730 23.17 -47.93 121.95
CA ASN C 730 23.86 -46.88 121.18
C ASN C 730 22.97 -45.65 121.00
N VAL C 731 22.04 -45.43 121.93
CA VAL C 731 21.19 -44.25 121.94
C VAL C 731 21.65 -43.35 123.06
N VAL C 732 22.32 -42.26 122.72
CA VAL C 732 22.92 -41.35 123.68
C VAL C 732 22.28 -39.98 123.46
N THR C 733 21.39 -39.60 124.36
CA THR C 733 20.69 -38.32 124.27
C THR C 733 20.64 -37.68 125.66
N LEU C 734 20.37 -36.38 125.68
CA LEU C 734 20.24 -35.63 126.91
C LEU C 734 18.84 -35.06 127.00
N PRO C 735 18.09 -35.32 128.07
CA PRO C 735 16.71 -34.86 128.14
C PRO C 735 16.61 -33.35 128.22
N LEU C 736 15.52 -32.81 127.68
CA LEU C 736 15.31 -31.37 127.67
C LEU C 736 15.00 -30.85 129.07
N THR C 737 14.44 -31.69 129.95
CA THR C 737 14.15 -31.26 131.31
C THR C 737 15.43 -30.92 132.07
N THR C 738 16.47 -31.71 131.89
CA THR C 738 17.74 -31.44 132.55
C THR C 738 18.41 -30.18 132.01
N PHE C 739 18.22 -29.89 130.72
CA PHE C 739 18.86 -28.75 130.09
C PHE C 739 18.45 -27.42 130.71
N GLN C 740 17.26 -27.37 131.33
CA GLN C 740 16.76 -26.11 131.87
C GLN C 740 17.65 -25.58 132.98
N GLN C 741 18.07 -26.45 133.90
CA GLN C 741 18.79 -25.96 135.08
C GLN C 741 20.23 -25.56 134.75
N LYS C 742 20.78 -26.07 133.65
CA LYS C 742 22.13 -25.70 133.24
C LYS C 742 22.15 -24.69 132.10
N ILE C 743 20.98 -24.32 131.56
CA ILE C 743 20.92 -23.22 130.59
C ILE C 743 20.56 -21.89 131.24
N SER C 744 19.93 -21.91 132.42
CA SER C 744 19.59 -20.66 133.10
C SER C 744 20.82 -19.97 133.69
N LYS C 745 21.92 -20.70 133.83
CA LYS C 745 23.14 -20.13 134.41
C LYS C 745 23.86 -19.19 133.45
N TYR C 746 23.57 -19.26 132.15
CA TYR C 746 24.30 -18.48 131.16
C TYR C 746 23.44 -17.42 130.48
N PHE C 747 22.12 -17.53 130.54
CA PHE C 747 21.23 -16.59 129.86
C PHE C 747 20.16 -16.11 130.82
N ASN C 748 19.69 -14.87 130.61
CA ASN C 748 18.63 -14.30 131.42
C ASN C 748 17.30 -14.91 131.01
N SER C 749 16.71 -15.72 131.89
CA SER C 749 15.47 -16.41 131.56
C SER C 749 14.32 -15.43 131.37
N ARG C 750 14.23 -14.40 132.21
CA ARG C 750 13.07 -13.52 132.22
C ARG C 750 12.89 -12.77 130.91
N LEU C 751 13.93 -12.69 130.08
CA LEU C 751 13.84 -11.98 128.80
C LEU C 751 14.08 -12.85 127.59
N PHE C 752 14.86 -13.93 127.72
CA PHE C 752 15.13 -14.85 126.61
C PHE C 752 14.30 -16.13 126.71
N GLY C 753 13.32 -16.17 127.61
CA GLY C 753 12.52 -17.37 127.76
C GLY C 753 11.73 -17.71 126.51
N HIS C 754 11.19 -16.70 125.84
CA HIS C 754 10.43 -16.95 124.61
C HIS C 754 11.32 -17.59 123.55
N ASP C 755 12.53 -17.05 123.38
CA ASP C 755 13.45 -17.61 122.38
C ASP C 755 13.87 -19.02 122.74
N ILE C 756 14.20 -19.26 124.01
CA ILE C 756 14.62 -20.60 124.42
C ILE C 756 13.49 -21.61 124.23
N GLU C 757 12.28 -21.23 124.62
CA GLU C 757 11.14 -22.13 124.47
C GLU C 757 10.83 -22.39 123.01
N SER C 758 10.94 -21.36 122.16
CA SER C 758 10.70 -21.56 120.74
C SER C 758 11.72 -22.52 120.14
N PHE C 759 13.00 -22.36 120.50
CA PHE C 759 14.03 -23.26 119.99
C PHE C 759 13.78 -24.69 120.47
N ILE C 760 13.43 -24.85 121.75
CA ILE C 760 13.20 -26.19 122.29
C ILE C 760 12.02 -26.85 121.59
N ASN C 761 10.92 -26.11 121.41
CA ASN C 761 9.76 -26.65 120.72
C ASN C 761 10.08 -26.96 119.26
N ARG C 762 10.98 -26.19 118.65
CA ARG C 762 11.42 -26.48 117.29
C ARG C 762 12.17 -27.79 117.24
N HIS C 763 13.03 -28.08 118.23
CA HIS C 763 13.86 -29.27 118.20
C HIS C 763 13.39 -30.36 119.16
N LYS C 764 12.21 -30.24 119.75
CA LYS C 764 11.72 -31.27 120.65
C LYS C 764 11.26 -32.50 119.88
N LYS C 765 11.39 -33.66 120.51
CA LYS C 765 10.93 -34.93 119.93
C LYS C 765 10.14 -35.71 120.97
N PHE C 766 9.15 -36.47 120.49
CA PHE C 766 8.19 -37.15 121.35
C PHE C 766 8.22 -38.63 120.98
N ALA C 767 8.45 -39.49 121.99
CA ALA C 767 8.40 -40.94 121.80
C ALA C 767 7.27 -41.60 122.59
N ASN C 768 7.07 -41.19 123.84
CA ASN C 768 5.91 -41.59 124.62
C ASN C 768 5.69 -40.50 125.66
N VAL C 769 4.86 -40.79 126.67
CA VAL C 769 4.50 -39.78 127.66
C VAL C 769 5.73 -39.30 128.42
N SER C 770 6.67 -40.21 128.72
CA SER C 770 7.82 -39.88 129.53
C SER C 770 9.13 -39.79 128.75
N ASP C 771 9.14 -40.12 127.46
CA ASP C 771 10.37 -40.14 126.67
C ASP C 771 10.46 -38.84 125.87
N GLU C 772 11.35 -37.95 126.31
CA GLU C 772 11.67 -36.72 125.59
C GLU C 772 13.19 -36.61 125.49
N TYR C 773 13.68 -36.37 124.27
CA TYR C 773 15.13 -36.35 124.05
C TYR C 773 15.43 -35.51 122.82
N LEU C 774 16.69 -35.08 122.74
CA LEU C 774 17.18 -34.29 121.61
C LEU C 774 18.54 -34.82 121.19
N GLN C 775 18.82 -34.75 119.89
CA GLN C 775 20.08 -35.25 119.35
C GLN C 775 21.09 -34.11 119.27
N TYR C 776 21.51 -33.65 120.44
CA TYR C 776 22.49 -32.58 120.55
C TYR C 776 23.54 -32.95 121.59
N ILE C 777 24.77 -32.51 121.34
CA ILE C 777 25.91 -32.78 122.21
C ILE C 777 26.66 -31.47 122.45
N PHE C 778 27.09 -31.26 123.68
CA PHE C 778 27.89 -30.08 124.01
C PHE C 778 29.28 -30.20 123.40
N ILE C 779 29.93 -29.04 123.23
CA ILE C 779 31.29 -28.98 122.72
C ILE C 779 32.29 -28.73 123.85
N GLU C 780 31.91 -27.91 124.84
CA GLU C 780 32.83 -27.56 125.92
C GLU C 780 33.24 -28.76 126.75
N ASP C 781 32.43 -29.83 126.75
CA ASP C 781 32.80 -31.03 127.51
C ASP C 781 33.99 -31.77 126.90
N ILE C 782 34.29 -31.52 125.62
CA ILE C 782 35.41 -32.17 124.97
C ILE C 782 36.72 -31.52 125.38
N TRP D 236 -23.82 -35.87 21.51
CA TRP D 236 -23.94 -35.16 22.77
C TRP D 236 -23.58 -36.08 23.93
N GLU D 237 -22.63 -35.64 24.76
CA GLU D 237 -22.11 -36.43 25.86
C GLU D 237 -22.50 -35.83 27.20
N PRO D 238 -22.58 -36.65 28.26
CA PRO D 238 -23.02 -36.13 29.56
C PRO D 238 -22.14 -35.01 30.10
N GLY D 239 -20.85 -35.02 29.82
CA GLY D 239 -19.97 -33.96 30.30
C GLY D 239 -20.22 -32.63 29.63
N PHE D 240 -20.86 -32.63 28.47
CA PHE D 240 -21.14 -31.38 27.77
C PHE D 240 -22.26 -30.61 28.46
N ILE D 241 -22.28 -29.30 28.21
CA ILE D 241 -23.41 -28.48 28.60
C ILE D 241 -24.63 -28.94 27.79
N SER D 242 -25.80 -28.84 28.41
CA SER D 242 -27.03 -29.31 27.78
C SER D 242 -27.28 -28.61 26.45
N PHE D 243 -28.04 -29.29 25.59
CA PHE D 243 -28.15 -28.91 24.18
C PHE D 243 -28.78 -27.54 24.01
N GLU D 244 -29.88 -27.28 24.72
CA GLU D 244 -30.63 -26.04 24.50
C GLU D 244 -29.81 -24.82 24.86
N ASP D 245 -28.99 -24.89 25.92
CA ASP D 245 -28.12 -23.78 26.25
C ASP D 245 -27.14 -23.49 25.11
N ALA D 246 -26.60 -24.56 24.50
CA ALA D 246 -25.70 -24.38 23.37
C ALA D 246 -26.41 -23.73 22.19
N ILE D 247 -27.64 -24.16 21.90
CA ILE D 247 -28.33 -23.58 20.75
C ILE D 247 -28.73 -22.14 21.02
N LYS D 248 -29.06 -21.78 22.26
CA LYS D 248 -29.31 -20.38 22.57
C LYS D 248 -28.04 -19.55 22.44
N ARG D 249 -26.90 -20.11 22.84
CA ARG D 249 -25.64 -19.40 22.62
C ARG D 249 -25.37 -19.18 21.14
N VAL D 250 -25.64 -20.21 20.32
CA VAL D 250 -25.46 -20.08 18.88
C VAL D 250 -26.39 -19.00 18.33
N SER D 251 -27.63 -18.97 18.80
CA SER D 251 -28.57 -17.94 18.36
C SER D 251 -28.08 -16.55 18.75
N LYS D 252 -27.55 -16.40 19.97
CA LYS D 252 -26.99 -15.12 20.37
C LYS D 252 -25.76 -14.74 19.56
N ILE D 253 -25.06 -15.72 18.99
CA ILE D 253 -23.94 -15.41 18.11
C ILE D 253 -24.43 -14.65 16.88
N PHE D 254 -25.52 -15.11 16.27
CA PHE D 254 -26.04 -14.51 15.05
C PHE D 254 -26.89 -13.29 15.40
N ILE D 255 -26.48 -12.12 14.92
CA ILE D 255 -27.29 -10.93 15.07
C ILE D 255 -28.60 -11.09 14.31
N ASN D 256 -28.52 -11.61 13.09
CA ASN D 256 -29.71 -11.88 12.31
C ASN D 256 -30.50 -13.03 12.91
N SER D 257 -31.83 -12.93 12.81
CA SER D 257 -32.69 -13.98 13.32
C SER D 257 -32.57 -15.24 12.48
N ILE D 258 -32.82 -16.38 13.11
CA ILE D 258 -32.73 -17.68 12.44
C ILE D 258 -34.15 -18.13 12.09
N ILE D 259 -34.39 -18.36 10.80
CA ILE D 259 -35.73 -18.74 10.35
C ILE D 259 -36.08 -20.15 10.80
N ASN D 260 -35.14 -21.08 10.64
CA ASN D 260 -35.37 -22.50 10.96
C ASN D 260 -34.74 -22.92 12.28
N PHE D 261 -34.69 -22.02 13.26
CA PHE D 261 -34.06 -22.34 14.53
C PHE D 261 -34.82 -23.43 15.28
N ASN D 262 -36.14 -23.47 15.15
CA ASN D 262 -36.95 -24.47 15.86
C ASN D 262 -36.74 -25.88 15.32
N ASP D 263 -36.15 -26.03 14.14
CA ASP D 263 -35.98 -27.34 13.52
C ASP D 263 -34.72 -28.06 13.98
N LEU D 264 -33.91 -27.44 14.83
CA LEU D 264 -32.65 -28.03 15.26
C LEU D 264 -32.87 -28.92 16.47
N ASP D 265 -32.36 -30.15 16.42
CA ASP D 265 -32.41 -31.09 17.53
C ASP D 265 -31.03 -31.70 17.74
N GLU D 266 -30.94 -32.59 18.73
CA GLU D 266 -29.65 -33.18 19.09
C GLU D 266 -29.12 -34.13 18.03
N ASN D 267 -29.94 -34.52 17.05
CA ASN D 267 -29.53 -35.51 16.07
C ASN D 267 -29.28 -34.94 14.67
N ASN D 268 -29.97 -33.85 14.30
CA ASN D 268 -29.82 -33.27 12.98
C ASN D 268 -29.06 -31.95 12.96
N PHE D 269 -28.46 -31.55 14.09
CA PHE D 269 -27.78 -30.26 14.12
C PHE D 269 -26.49 -30.27 13.32
N THR D 270 -25.88 -31.43 13.12
CA THR D 270 -24.68 -31.53 12.31
C THR D 270 -24.97 -31.59 10.81
N THR D 271 -26.24 -31.72 10.41
CA THR D 271 -26.60 -31.90 9.02
C THR D 271 -27.39 -30.75 8.43
N VAL D 272 -28.37 -30.21 9.15
CA VAL D 272 -29.27 -29.19 8.62
C VAL D 272 -28.54 -27.86 8.51
N PRO D 273 -28.45 -27.26 7.33
CA PRO D 273 -27.90 -25.92 7.23
C PRO D 273 -28.83 -24.90 7.86
N LEU D 274 -28.25 -23.78 8.28
CA LEU D 274 -28.97 -22.76 9.02
C LEU D 274 -29.48 -21.69 8.07
N VAL D 275 -30.79 -21.45 8.10
CA VAL D 275 -31.41 -20.44 7.26
C VAL D 275 -31.35 -19.10 8.01
N ILE D 276 -30.58 -18.16 7.47
CA ILE D 276 -30.33 -16.88 8.11
C ILE D 276 -31.02 -15.79 7.30
N ASP D 277 -31.86 -15.00 7.96
CA ASP D 277 -32.50 -13.84 7.34
C ASP D 277 -31.56 -12.66 7.49
N TYR D 278 -30.79 -12.38 6.44
CA TYR D 278 -29.76 -11.35 6.48
C TYR D 278 -30.36 -9.95 6.37
N VAL D 279 -31.16 -9.59 7.38
CA VAL D 279 -31.65 -8.22 7.49
C VAL D 279 -30.49 -7.27 7.73
N THR D 280 -29.51 -7.70 8.52
CA THR D 280 -28.28 -6.98 8.78
C THR D 280 -27.10 -7.73 8.17
N PRO D 281 -25.93 -7.09 8.07
CA PRO D 281 -24.76 -7.81 7.57
C PRO D 281 -24.42 -9.00 8.44
N CYS D 282 -23.82 -10.02 7.81
CA CYS D 282 -23.49 -11.27 8.48
C CYS D 282 -22.66 -11.00 9.73
N ALA D 283 -23.07 -11.63 10.84
CA ALA D 283 -22.44 -11.34 12.13
C ALA D 283 -20.97 -11.71 12.13
N LEU D 284 -20.62 -12.86 11.53
CA LEU D 284 -19.24 -13.34 11.61
C LEU D 284 -18.31 -12.57 10.69
N CYS D 285 -18.77 -12.20 9.49
CA CYS D 285 -17.88 -11.64 8.47
C CYS D 285 -18.31 -10.28 7.95
N LYS D 286 -19.40 -9.71 8.44
CA LYS D 286 -19.88 -8.37 8.08
C LYS D 286 -20.23 -8.22 6.60
N LYS D 287 -20.30 -9.31 5.85
CA LYS D 287 -20.65 -9.21 4.44
C LYS D 287 -22.14 -9.02 4.26
N ARG D 288 -22.53 -8.67 3.03
CA ARG D 288 -23.92 -8.33 2.75
C ARG D 288 -24.81 -9.56 2.86
N SER D 289 -24.42 -10.66 2.22
CA SER D 289 -25.16 -11.90 2.26
C SER D 289 -24.23 -13.03 1.84
N HIS D 290 -24.67 -14.26 2.09
CA HIS D 290 -23.90 -15.45 1.75
C HIS D 290 -24.66 -16.27 0.72
N LYS D 291 -23.95 -16.64 -0.35
CA LYS D 291 -24.54 -17.52 -1.36
C LYS D 291 -24.86 -18.89 -0.79
N HIS D 292 -24.09 -19.33 0.21
CA HIS D 292 -24.27 -20.64 0.80
C HIS D 292 -24.55 -20.51 2.30
N PRO D 293 -25.40 -21.35 2.86
CA PRO D 293 -25.72 -21.26 4.28
C PRO D 293 -24.60 -21.81 5.16
N HIS D 294 -24.73 -21.52 6.45
CA HIS D 294 -23.76 -22.00 7.44
C HIS D 294 -24.18 -23.37 7.97
N GLN D 295 -23.23 -24.03 8.63
CA GLN D 295 -23.46 -25.39 9.13
C GLN D 295 -22.68 -25.58 10.43
N LEU D 296 -23.14 -26.52 11.24
CA LEU D 296 -22.53 -26.83 12.52
C LEU D 296 -21.69 -28.10 12.43
N SER D 297 -20.72 -28.21 13.34
CA SER D 297 -19.89 -29.40 13.45
C SER D 297 -19.51 -29.59 14.90
N LEU D 298 -19.31 -30.85 15.29
CA LEU D 298 -18.99 -31.22 16.67
C LEU D 298 -17.67 -31.97 16.70
N GLU D 299 -16.61 -31.29 17.11
CA GLU D 299 -15.29 -31.90 17.26
C GLU D 299 -14.62 -31.34 18.49
N ASN D 300 -13.82 -32.19 19.15
CA ASN D 300 -13.04 -31.82 20.33
C ASN D 300 -13.94 -31.26 21.44
N GLY D 301 -15.16 -31.76 21.53
CA GLY D 301 -16.10 -31.24 22.53
C GLY D 301 -16.45 -29.78 22.34
N ALA D 302 -16.59 -29.34 21.09
CA ALA D 302 -16.89 -27.95 20.79
C ALA D 302 -17.76 -27.89 19.54
N ILE D 303 -18.46 -26.76 19.39
CA ILE D 303 -19.33 -26.51 18.25
C ILE D 303 -18.67 -25.46 17.37
N ARG D 304 -18.52 -25.78 16.09
CA ARG D 304 -17.93 -24.89 15.11
C ARG D 304 -19.00 -24.41 14.14
N ILE D 305 -19.05 -23.10 13.91
CA ILE D 305 -19.92 -22.50 12.92
C ILE D 305 -19.08 -22.06 11.74
N TYR D 306 -19.42 -22.53 10.56
CA TYR D 306 -18.65 -22.25 9.35
C TYR D 306 -19.60 -22.14 8.17
N LYS D 307 -19.14 -21.44 7.13
CA LYS D 307 -19.93 -21.23 5.93
C LYS D 307 -19.63 -22.33 4.93
N THR D 308 -20.68 -22.96 4.41
CA THR D 308 -20.51 -23.98 3.40
C THR D 308 -20.03 -23.37 2.09
N GLY D 309 -19.46 -24.21 1.23
CA GLY D 309 -18.90 -23.73 -0.01
C GLY D 309 -17.47 -23.28 0.15
N ASN D 310 -17.27 -21.98 0.32
CA ASN D 310 -15.95 -21.41 0.59
C ASN D 310 -15.91 -20.94 2.03
N PRO D 311 -15.43 -21.78 2.97
CA PRO D 311 -15.37 -21.34 4.37
C PRO D 311 -14.42 -20.18 4.61
N HIS D 312 -13.47 -19.93 3.70
CA HIS D 312 -12.54 -18.82 3.89
C HIS D 312 -13.24 -17.48 3.80
N SER D 313 -14.32 -17.40 3.03
CA SER D 313 -15.03 -16.13 2.83
C SER D 313 -15.76 -15.65 4.08
N CYS D 314 -15.90 -16.48 5.10
CA CYS D 314 -16.57 -16.11 6.34
C CYS D 314 -15.72 -16.52 7.53
N LYS D 315 -15.80 -15.74 8.60
CA LYS D 315 -15.02 -16.00 9.81
C LYS D 315 -15.61 -17.19 10.55
N VAL D 316 -14.74 -18.04 11.08
CA VAL D 316 -15.14 -19.24 11.81
C VAL D 316 -14.98 -18.98 13.31
N LYS D 317 -16.01 -19.31 14.08
CA LYS D 317 -16.02 -19.10 15.52
C LYS D 317 -16.29 -20.42 16.23
N ILE D 318 -15.66 -20.61 17.39
CA ILE D 318 -15.70 -21.85 18.14
C ILE D 318 -16.52 -21.66 19.41
N VAL D 319 -17.43 -22.60 19.66
CA VAL D 319 -18.20 -22.60 20.91
C VAL D 319 -17.82 -23.83 21.72
N PRO D 320 -17.24 -23.66 22.90
CA PRO D 320 -16.92 -24.82 23.73
C PRO D 320 -18.18 -25.41 24.36
N LEU D 321 -18.22 -26.74 24.44
CA LEU D 321 -19.34 -27.44 25.03
C LEU D 321 -19.06 -27.99 26.42
N ASP D 322 -17.82 -27.89 26.91
CA ASP D 322 -17.50 -28.41 28.23
C ASP D 322 -18.20 -27.60 29.31
N GLY D 323 -18.80 -28.30 30.27
CA GLY D 323 -19.48 -27.66 31.38
C GLY D 323 -18.52 -27.20 32.45
N ASN D 324 -18.97 -27.26 33.70
CA ASN D 324 -18.13 -26.89 34.83
C ASN D 324 -17.24 -28.07 35.19
N LYS D 325 -15.94 -27.93 34.92
CA LYS D 325 -15.00 -29.02 35.16
C LYS D 325 -14.94 -29.39 36.64
N LEU D 326 -14.85 -28.38 37.51
CA LEU D 326 -14.71 -28.63 38.93
C LEU D 326 -15.95 -29.29 39.53
N PHE D 327 -17.13 -28.93 39.04
CA PHE D 327 -18.34 -29.59 39.52
C PHE D 327 -18.35 -31.07 39.15
N ASN D 328 -17.92 -31.40 37.93
CA ASN D 328 -17.82 -32.79 37.52
C ASN D 328 -16.81 -33.54 38.38
N ILE D 329 -15.67 -32.90 38.68
CA ILE D 329 -14.67 -33.54 39.53
C ILE D 329 -15.23 -33.80 40.91
N ALA D 330 -15.96 -32.82 41.47
CA ALA D 330 -16.54 -32.99 42.80
C ALA D 330 -17.58 -34.10 42.80
N GLN D 331 -18.40 -34.17 41.75
CA GLN D 331 -19.39 -35.25 41.66
C GLN D 331 -18.71 -36.61 41.58
N ARG D 332 -17.63 -36.70 40.79
CA ARG D 332 -16.90 -37.97 40.69
C ARG D 332 -16.32 -38.36 42.03
N ILE D 333 -15.77 -37.39 42.77
CA ILE D 333 -15.21 -37.70 44.09
C ILE D 333 -16.32 -38.17 45.04
N LEU D 334 -17.47 -37.50 45.02
CA LEU D 334 -18.56 -37.88 45.90
C LEU D 334 -19.11 -39.26 45.56
N ASP D 335 -19.04 -39.65 44.29
CA ASP D 335 -19.54 -40.97 43.90
C ASP D 335 -18.77 -42.11 44.56
N THR D 336 -17.56 -41.85 45.04
CA THR D 336 -16.77 -42.90 45.68
C THR D 336 -17.17 -43.16 47.13
N ASN D 337 -17.94 -42.27 47.74
CA ASN D 337 -18.40 -42.42 49.12
C ASN D 337 -17.22 -42.57 50.08
N SER D 338 -16.36 -41.56 50.08
CA SER D 338 -15.18 -41.56 50.93
C SER D 338 -15.20 -40.46 52.00
N VAL D 339 -16.07 -39.46 51.86
CA VAL D 339 -16.21 -38.40 52.86
C VAL D 339 -17.67 -38.34 53.29
N LEU D 340 -17.90 -38.28 54.60
CA LEU D 340 -19.23 -38.37 55.15
C LEU D 340 -19.43 -37.26 56.18
N LEU D 341 -20.68 -37.13 56.63
CA LEU D 341 -21.06 -36.13 57.62
C LEU D 341 -21.25 -36.80 58.97
N THR D 342 -20.85 -36.11 60.04
CA THR D 342 -20.79 -36.69 61.38
C THR D 342 -22.08 -36.52 62.18
N GLU D 343 -23.11 -35.91 61.60
CA GLU D 343 -24.36 -35.55 62.26
C GLU D 343 -24.15 -34.66 63.48
N ARG D 344 -22.92 -34.19 63.70
CA ARG D 344 -22.59 -33.29 64.79
C ARG D 344 -22.07 -31.95 64.30
N GLY D 345 -21.59 -31.87 63.06
CA GLY D 345 -21.02 -30.65 62.52
C GLY D 345 -19.65 -30.80 61.92
N ASP D 346 -19.08 -32.01 61.88
CA ASP D 346 -17.76 -32.24 61.33
C ASP D 346 -17.85 -33.23 60.16
N HIS D 347 -16.69 -33.63 59.65
CA HIS D 347 -16.59 -34.55 58.53
C HIS D 347 -15.55 -35.61 58.82
N ILE D 348 -15.71 -36.78 58.20
CA ILE D 348 -14.77 -37.89 58.34
C ILE D 348 -14.19 -38.19 56.97
N VAL D 349 -12.87 -38.30 56.89
CA VAL D 349 -12.18 -38.58 55.65
C VAL D 349 -11.56 -39.97 55.73
N TRP D 350 -11.42 -40.60 54.57
CA TRP D 350 -10.90 -41.95 54.45
C TRP D 350 -9.57 -41.89 53.69
N ILE D 351 -8.49 -41.79 54.45
CA ILE D 351 -7.14 -41.75 53.89
C ILE D 351 -6.30 -42.82 54.58
N ASN D 352 -5.39 -43.42 53.81
CA ASN D 352 -4.47 -44.43 54.32
C ASN D 352 -5.22 -45.59 54.97
N ASN D 353 -6.31 -46.02 54.33
CA ASN D 353 -7.10 -47.18 54.76
C ASN D 353 -7.59 -47.02 56.20
N SER D 354 -8.08 -45.82 56.53
CA SER D 354 -8.61 -45.56 57.86
C SER D 354 -9.47 -44.31 57.81
N TRP D 355 -10.44 -44.23 58.72
CA TRP D 355 -11.29 -43.06 58.87
C TRP D 355 -10.65 -42.13 59.89
N LYS D 356 -10.41 -40.89 59.50
CA LYS D 356 -9.79 -39.90 60.37
C LYS D 356 -10.77 -38.80 60.73
N PHE D 357 -10.59 -38.23 61.91
CA PHE D 357 -11.47 -37.21 62.47
C PHE D 357 -10.63 -36.01 62.85
N ASN D 358 -11.05 -34.82 62.41
CA ASN D 358 -10.37 -33.59 62.78
C ASN D 358 -11.36 -32.44 62.71
N SER D 359 -11.15 -31.45 63.58
CA SER D 359 -12.01 -30.28 63.65
C SER D 359 -11.30 -28.97 63.36
N GLU D 360 -9.97 -28.95 63.34
CA GLU D 360 -9.21 -27.72 63.10
C GLU D 360 -8.38 -27.75 61.83
N GLU D 361 -7.70 -28.86 61.54
CA GLU D 361 -7.00 -28.99 60.26
C GLU D 361 -7.86 -29.82 59.32
N PRO D 362 -8.38 -29.24 58.25
CA PRO D 362 -9.22 -30.01 57.32
C PRO D 362 -8.38 -31.02 56.54
N LEU D 363 -9.05 -32.12 56.16
CA LEU D 363 -8.41 -33.15 55.38
C LEU D 363 -9.08 -33.35 54.02
N ILE D 364 -10.14 -32.60 53.72
CA ILE D 364 -10.79 -32.72 52.42
C ILE D 364 -9.81 -32.35 51.30
N THR D 365 -9.01 -31.32 51.53
CA THR D 365 -8.00 -30.93 50.55
C THR D 365 -6.96 -32.04 50.36
N LYS D 366 -6.54 -32.68 51.45
CA LYS D 366 -5.62 -33.80 51.35
C LYS D 366 -6.24 -34.94 50.56
N LEU D 367 -7.53 -35.23 50.81
CA LEU D 367 -8.22 -36.26 50.06
C LEU D 367 -8.27 -35.92 48.57
N ILE D 368 -8.58 -34.67 48.23
CA ILE D 368 -8.63 -34.26 46.84
C ILE D 368 -7.27 -34.43 46.20
N LEU D 369 -6.20 -34.07 46.91
CA LEU D 369 -4.86 -34.25 46.37
C LEU D 369 -4.54 -35.73 46.15
N SER D 370 -4.97 -36.61 47.05
CA SER D 370 -4.63 -38.02 46.94
C SER D 370 -5.51 -38.78 45.96
N ILE D 371 -6.67 -38.25 45.57
CA ILE D 371 -7.56 -38.97 44.65
C ILE D 371 -7.17 -38.83 43.19
N ARG D 372 -6.22 -37.93 42.88
CA ARG D 372 -5.97 -37.53 41.49
C ARG D 372 -5.79 -38.73 40.56
N HIS D 373 -5.11 -39.77 41.04
CA HIS D 373 -4.75 -40.90 40.17
C HIS D 373 -6.00 -41.62 39.65
N GLN D 374 -7.00 -41.82 40.50
CA GLN D 374 -8.18 -42.57 40.08
C GLN D 374 -9.06 -41.77 39.11
N LEU D 375 -8.94 -40.45 39.08
CA LEU D 375 -9.73 -39.64 38.18
C LEU D 375 -9.23 -39.82 36.74
N PRO D 376 -10.06 -39.46 35.76
CA PRO D 376 -9.58 -39.44 34.38
C PRO D 376 -8.38 -38.52 34.23
N LYS D 377 -7.55 -38.84 33.23
CA LYS D 377 -6.24 -38.20 33.12
C LYS D 377 -6.36 -36.68 32.98
N GLU D 378 -7.28 -36.20 32.14
CA GLU D 378 -7.43 -34.77 31.94
C GLU D 378 -7.94 -34.05 33.18
N TYR D 379 -8.44 -34.79 34.18
CA TYR D 379 -8.87 -34.18 35.43
C TYR D 379 -7.76 -34.08 36.45
N SER D 380 -6.72 -34.93 36.35
CA SER D 380 -5.69 -34.98 37.38
C SER D 380 -4.88 -33.69 37.43
N SER D 381 -4.49 -33.16 36.27
CA SER D 381 -3.65 -31.97 36.24
C SER D 381 -4.36 -30.72 36.75
N GLU D 382 -5.68 -30.76 36.88
CA GLU D 382 -6.43 -29.58 37.32
C GLU D 382 -6.38 -29.40 38.84
N LEU D 383 -5.97 -30.42 39.59
CA LEU D 383 -6.04 -30.40 41.05
C LEU D 383 -4.73 -29.96 41.69
N LEU D 384 -3.73 -29.58 40.91
CA LEU D 384 -2.46 -29.16 41.49
C LEU D 384 -2.50 -27.75 42.06
N CYS D 385 -3.45 -26.92 41.62
CA CYS D 385 -3.54 -25.55 42.12
C CYS D 385 -4.41 -25.52 43.38
N PRO D 386 -3.92 -24.96 44.48
CA PRO D 386 -4.73 -24.95 45.72
C PRO D 386 -6.05 -24.24 45.58
N ARG D 387 -6.15 -23.22 44.72
CA ARG D 387 -7.41 -22.51 44.52
C ARG D 387 -8.49 -23.45 43.99
N LYS D 388 -8.14 -24.28 43.01
CA LYS D 388 -9.09 -25.23 42.47
C LYS D 388 -9.47 -26.29 43.50
N ARG D 389 -8.52 -26.70 44.33
CA ARG D 389 -8.83 -27.64 45.40
C ARG D 389 -9.81 -27.04 46.40
N LYS D 390 -9.63 -25.76 46.74
CA LYS D 390 -10.58 -25.09 47.63
C LYS D 390 -11.96 -25.01 46.99
N THR D 391 -12.02 -24.72 45.69
CA THR D 391 -13.32 -24.65 45.02
C THR D 391 -14.01 -26.01 45.04
N VAL D 392 -13.26 -27.08 44.76
CA VAL D 392 -13.84 -28.43 44.79
C VAL D 392 -14.31 -28.78 46.20
N GLU D 393 -13.53 -28.38 47.21
CA GLU D 393 -13.94 -28.63 48.60
C GLU D 393 -15.23 -27.90 48.93
N ALA D 394 -15.36 -26.64 48.46
CA ALA D 394 -16.58 -25.90 48.70
C ALA D 394 -17.77 -26.58 48.05
N ASN D 395 -17.59 -27.07 46.81
CA ASN D 395 -18.68 -27.78 46.14
C ASN D 395 -19.06 -29.04 46.91
N ILE D 396 -18.07 -29.78 47.38
CA ILE D 396 -18.35 -31.01 48.13
C ILE D 396 -19.10 -30.69 49.41
N ARG D 397 -18.67 -29.65 50.13
CA ARG D 397 -19.35 -29.27 51.36
C ARG D 397 -20.79 -28.85 51.10
N ASP D 398 -21.02 -28.13 50.00
CA ASP D 398 -22.38 -27.74 49.67
C ASP D 398 -23.22 -28.91 49.16
N MET D 399 -22.60 -30.01 48.75
CA MET D 399 -23.33 -31.14 48.19
C MET D 399 -23.64 -32.24 49.21
N LEU D 400 -23.33 -32.04 50.49
CA LEU D 400 -23.66 -32.99 51.54
C LEU D 400 -24.77 -32.39 52.40
N VAL D 401 -25.93 -33.04 52.40
CA VAL D 401 -27.06 -32.58 53.20
C VAL D 401 -27.57 -33.64 54.17
N ASP D 402 -27.30 -34.92 53.94
CA ASP D 402 -27.79 -35.99 54.79
C ASP D 402 -26.66 -36.50 55.68
N SER D 403 -26.99 -36.80 56.94
CA SER D 403 -26.02 -37.22 57.92
C SER D 403 -26.09 -38.73 58.14
N VAL D 404 -24.97 -39.30 58.58
CA VAL D 404 -24.86 -40.73 58.87
C VAL D 404 -24.28 -40.90 60.27
N GLU D 405 -24.54 -42.07 60.84
CA GLU D 405 -24.10 -42.39 62.19
C GLU D 405 -22.91 -43.34 62.14
N THR D 406 -21.95 -43.10 63.02
CA THR D 406 -20.72 -43.87 63.07
C THR D 406 -20.74 -44.84 64.25
N ASP D 407 -19.95 -45.91 64.13
CA ASP D 407 -19.83 -46.94 65.16
C ASP D 407 -21.19 -47.54 65.49
N THR D 408 -21.80 -48.16 64.47
CA THR D 408 -23.12 -48.75 64.59
C THR D 408 -23.09 -50.24 64.87
N TYR D 409 -22.27 -50.99 64.15
CA TYR D 409 -22.22 -52.44 64.31
C TYR D 409 -21.50 -52.80 65.60
N PRO D 410 -22.13 -53.51 66.53
CA PRO D 410 -21.45 -53.86 67.78
C PRO D 410 -20.62 -55.13 67.69
N ASP D 411 -20.74 -55.90 66.61
CA ASP D 411 -20.11 -57.21 66.50
C ASP D 411 -18.96 -57.18 65.50
N LYS D 412 -18.19 -56.10 65.51
CA LYS D 412 -17.03 -55.95 64.65
C LYS D 412 -15.81 -55.63 65.48
N LEU D 413 -14.67 -56.24 65.13
CA LEU D 413 -13.42 -56.01 65.84
C LEU D 413 -12.49 -55.19 64.96
N PRO D 414 -12.28 -53.91 65.26
CA PRO D 414 -11.41 -53.09 64.41
C PRO D 414 -9.94 -53.44 64.58
N PHE D 415 -9.15 -53.07 63.58
CA PHE D 415 -7.72 -53.27 63.60
C PHE D 415 -7.06 -52.14 62.82
N LYS D 416 -5.73 -52.10 62.89
CA LYS D 416 -4.99 -51.06 62.18
C LYS D 416 -5.07 -51.23 60.67
N ASN D 417 -5.14 -52.48 60.20
CA ASN D 417 -5.15 -52.75 58.77
C ASN D 417 -6.44 -53.41 58.28
N GLY D 418 -7.48 -53.44 59.11
CA GLY D 418 -8.73 -54.04 58.69
C GLY D 418 -9.69 -54.19 59.86
N VAL D 419 -10.70 -55.02 59.64
CA VAL D 419 -11.70 -55.31 60.65
C VAL D 419 -11.97 -56.81 60.64
N LEU D 420 -12.30 -57.35 61.80
CA LEU D 420 -12.54 -58.78 61.97
C LEU D 420 -13.99 -59.01 62.38
N ASP D 421 -14.64 -59.96 61.72
CA ASP D 421 -16.02 -60.32 62.03
C ASP D 421 -16.02 -61.41 63.11
N LEU D 422 -16.59 -61.09 64.26
CA LEU D 422 -16.64 -62.06 65.36
C LEU D 422 -17.55 -63.23 65.03
N VAL D 423 -18.68 -62.96 64.36
CA VAL D 423 -19.66 -64.01 64.11
C VAL D 423 -19.10 -65.07 63.16
N ASP D 424 -18.45 -64.64 62.08
CA ASP D 424 -18.02 -65.56 61.03
C ASP D 424 -16.52 -65.79 61.00
N GLY D 425 -15.73 -65.01 61.74
CA GLY D 425 -14.29 -65.20 61.73
C GLY D 425 -13.62 -64.90 60.41
N MET D 426 -14.05 -63.85 59.71
CA MET D 426 -13.45 -63.43 58.45
C MET D 426 -12.84 -62.05 58.62
N PHE D 427 -11.70 -61.83 57.98
CA PHE D 427 -11.00 -60.57 58.04
C PHE D 427 -11.22 -59.78 56.76
N TYR D 428 -11.66 -58.53 56.90
CA TYR D 428 -11.87 -57.63 55.78
C TYR D 428 -10.86 -56.50 55.89
N SER D 429 -10.09 -56.28 54.83
CA SER D 429 -9.03 -55.28 54.83
C SER D 429 -9.16 -54.39 53.61
N GLY D 430 -8.60 -53.18 53.72
CA GLY D 430 -8.63 -52.26 52.61
C GLY D 430 -10.02 -51.71 52.36
N ASP D 431 -10.41 -51.68 51.09
CA ASP D 431 -11.70 -51.12 50.71
C ASP D 431 -12.86 -51.92 51.28
N ASP D 432 -12.65 -53.21 51.58
CA ASP D 432 -13.72 -54.04 52.11
C ASP D 432 -14.18 -53.59 53.49
N ALA D 433 -13.33 -52.89 54.23
CA ALA D 433 -13.68 -52.41 55.57
C ALA D 433 -14.24 -50.99 55.55
N LYS D 434 -14.39 -50.37 54.38
CA LYS D 434 -14.87 -49.00 54.31
C LYS D 434 -16.33 -48.90 54.76
N LYS D 435 -17.13 -49.93 54.52
CA LYS D 435 -18.55 -49.86 54.85
C LYS D 435 -18.77 -49.72 56.36
N TYR D 436 -17.99 -50.45 57.16
CA TYR D 436 -18.09 -50.35 58.61
C TYR D 436 -17.36 -49.10 59.07
N THR D 437 -18.12 -48.10 59.51
CA THR D 437 -17.55 -46.82 59.94
C THR D 437 -17.05 -46.96 61.37
N CYS D 438 -15.77 -47.31 61.50
CA CYS D 438 -15.11 -47.43 62.79
C CYS D 438 -14.02 -46.39 62.89
N THR D 439 -14.06 -45.59 63.95
CA THR D 439 -13.09 -44.51 64.17
C THR D 439 -12.05 -44.87 65.22
N VAL D 440 -12.06 -46.11 65.72
CA VAL D 440 -11.08 -46.56 66.70
C VAL D 440 -10.53 -47.90 66.25
N SER D 441 -9.36 -48.25 66.78
CA SER D 441 -8.70 -49.49 66.40
C SER D 441 -7.79 -49.92 67.54
N THR D 442 -7.40 -51.21 67.49
CA THR D 442 -6.51 -51.75 68.51
C THR D 442 -5.13 -51.13 68.45
N GLY D 443 -4.71 -50.68 67.28
CA GLY D 443 -3.42 -50.02 67.13
C GLY D 443 -2.28 -50.88 66.65
N PHE D 444 -2.56 -52.07 66.13
CA PHE D 444 -1.50 -52.94 65.65
C PHE D 444 -2.00 -53.76 64.47
N LYS D 445 -1.06 -54.30 63.71
CA LYS D 445 -1.36 -55.09 62.53
C LYS D 445 -1.95 -56.45 62.94
N PHE D 446 -2.65 -57.06 61.99
CA PHE D 446 -3.22 -58.39 62.16
C PHE D 446 -2.44 -59.39 61.30
N ASP D 447 -2.01 -60.48 61.92
CA ASP D 447 -1.22 -61.50 61.25
C ASP D 447 -2.04 -62.78 61.16
N ASP D 448 -2.41 -63.18 59.94
CA ASP D 448 -3.16 -64.41 59.74
C ASP D 448 -2.29 -65.64 59.86
N THR D 449 -0.98 -65.51 59.70
CA THR D 449 -0.09 -66.66 59.82
C THR D 449 -0.12 -67.24 61.24
N LYS D 450 -0.12 -66.37 62.24
CA LYS D 450 -0.20 -66.82 63.63
C LYS D 450 -1.60 -67.27 64.03
N PHE D 451 -2.63 -66.91 63.26
CA PHE D 451 -4.00 -67.31 63.56
C PHE D 451 -4.19 -68.73 63.04
N VAL D 452 -3.74 -69.69 63.84
CA VAL D 452 -3.79 -71.10 63.48
C VAL D 452 -4.44 -71.88 64.63
N GLU D 453 -4.97 -73.05 64.27
CA GLU D 453 -5.64 -73.89 65.26
C GLU D 453 -4.66 -74.41 66.30
N ASP D 454 -3.47 -74.84 65.89
CA ASP D 454 -2.48 -75.44 66.77
C ASP D 454 -1.19 -74.63 66.73
N SER D 455 -0.60 -74.40 67.90
CA SER D 455 0.63 -73.63 68.05
C SER D 455 1.26 -73.94 69.40
N PRO D 456 2.59 -73.95 69.51
CA PRO D 456 3.22 -74.21 70.81
C PRO D 456 2.89 -73.15 71.85
N GLU D 457 2.73 -71.89 71.41
CA GLU D 457 2.48 -70.81 72.36
C GLU D 457 1.12 -70.94 73.03
N MET D 458 0.06 -71.18 72.24
CA MET D 458 -1.26 -71.33 72.83
C MET D 458 -1.32 -72.56 73.72
N GLU D 459 -0.62 -73.63 73.33
CA GLU D 459 -0.56 -74.83 74.15
C GLU D 459 0.13 -74.55 75.48
N GLU D 460 1.21 -73.77 75.46
CA GLU D 460 1.87 -73.39 76.71
C GLU D 460 0.97 -72.48 77.54
N LEU D 461 0.16 -71.64 76.88
CA LEU D 461 -0.58 -70.62 77.60
C LEU D 461 -1.87 -71.16 78.23
N MET D 462 -2.59 -72.04 77.54
CA MET D 462 -3.89 -72.46 78.04
C MET D 462 -3.76 -73.32 79.29
N ASN D 463 -2.56 -73.82 79.58
CA ASN D 463 -2.37 -74.57 80.83
C ASN D 463 -2.70 -73.69 82.03
N ILE D 464 -2.25 -72.44 82.02
CA ILE D 464 -2.57 -71.51 83.09
C ILE D 464 -4.08 -71.28 83.18
N ILE D 465 -4.73 -71.17 82.02
CA ILE D 465 -6.16 -70.87 82.01
C ILE D 465 -6.95 -72.05 82.56
N ASN D 466 -6.62 -73.27 82.13
CA ASN D 466 -7.38 -74.45 82.56
C ASN D 466 -6.95 -74.97 83.92
N ASP D 467 -5.86 -74.46 84.48
CA ASP D 467 -5.46 -74.87 85.82
C ASP D 467 -6.43 -74.36 86.87
N ILE D 468 -6.81 -73.08 86.79
CA ILE D 468 -7.62 -72.48 87.85
C ILE D 468 -9.04 -73.06 87.84
N GLN D 469 -9.59 -73.33 86.64
CA GLN D 469 -10.96 -73.80 86.51
C GLN D 469 -10.97 -75.08 85.68
N PRO D 470 -10.79 -76.24 86.33
CA PRO D 470 -10.86 -77.50 85.59
C PRO D 470 -12.24 -77.74 85.00
N LEU D 471 -12.26 -78.42 83.85
CA LEU D 471 -13.51 -78.71 83.15
C LEU D 471 -14.19 -79.91 83.83
N THR D 472 -14.79 -79.64 84.98
CA THR D 472 -15.47 -80.65 85.77
C THR D 472 -16.91 -80.23 86.04
N ASP D 473 -17.73 -81.21 86.39
CA ASP D 473 -19.14 -80.95 86.68
C ASP D 473 -19.30 -80.10 87.94
N GLU D 474 -18.40 -80.25 88.91
CA GLU D 474 -18.47 -79.45 90.13
C GLU D 474 -18.24 -77.98 89.82
N ASN D 475 -17.34 -77.68 88.90
CA ASN D 475 -17.01 -76.31 88.52
C ASN D 475 -17.86 -75.79 87.38
N LYS D 476 -18.86 -76.55 86.93
CA LYS D 476 -19.64 -76.16 85.75
C LYS D 476 -20.43 -74.88 86.01
N LYS D 477 -20.98 -74.72 87.21
CA LYS D 477 -21.78 -73.53 87.50
C LYS D 477 -20.92 -72.27 87.45
N ASN D 478 -19.74 -72.32 88.06
CA ASN D 478 -18.82 -71.19 87.97
C ASN D 478 -18.17 -71.09 86.60
N ARG D 479 -18.06 -72.21 85.88
CA ARG D 479 -17.59 -72.17 84.50
C ARG D 479 -18.53 -71.35 83.63
N GLU D 480 -19.84 -71.51 83.83
CA GLU D 480 -20.81 -70.79 83.02
C GLU D 480 -20.61 -69.28 83.11
N LEU D 481 -20.15 -68.79 84.26
CA LEU D 481 -19.92 -67.36 84.44
C LEU D 481 -18.52 -66.92 84.04
N TYR D 482 -17.51 -67.71 84.40
CA TYR D 482 -16.13 -67.35 84.08
C TYR D 482 -15.88 -67.38 82.58
N GLU D 483 -16.42 -68.38 81.89
CA GLU D 483 -16.21 -68.52 80.45
C GLU D 483 -16.80 -67.35 79.67
N LYS D 484 -17.79 -66.65 80.24
CA LYS D 484 -18.49 -65.61 79.51
C LYS D 484 -18.17 -64.20 79.98
N THR D 485 -17.74 -64.02 81.23
CA THR D 485 -17.38 -62.69 81.70
C THR D 485 -16.18 -62.13 80.94
N LEU D 486 -15.25 -63.00 80.54
CA LEU D 486 -14.14 -62.56 79.70
C LEU D 486 -14.60 -62.28 78.28
N SER D 487 -15.42 -63.18 77.71
CA SER D 487 -15.86 -63.05 76.33
C SER D 487 -16.79 -61.87 76.11
N SER D 488 -17.42 -61.36 77.16
CA SER D 488 -18.28 -60.19 77.00
C SER D 488 -17.51 -58.90 76.73
N CYS D 489 -16.18 -58.92 76.85
CA CYS D 489 -15.38 -57.71 76.74
C CYS D 489 -15.12 -57.28 75.31
N LEU D 490 -15.40 -58.12 74.32
CA LEU D 490 -15.07 -57.81 72.94
C LEU D 490 -16.14 -56.98 72.24
N CYS D 491 -17.40 -57.33 72.42
CA CYS D 491 -18.48 -56.65 71.72
C CYS D 491 -18.62 -55.21 72.19
N GLY D 492 -19.02 -54.34 71.26
CA GLY D 492 -19.17 -52.92 71.57
C GLY D 492 -20.56 -52.54 72.03
N ALA D 493 -21.35 -53.53 72.45
CA ALA D 493 -22.69 -53.26 72.94
C ALA D 493 -22.63 -52.50 74.27
N THR D 494 -23.67 -51.71 74.51
CA THR D 494 -23.77 -50.89 75.71
C THR D 494 -24.41 -51.71 76.82
N LYS D 495 -23.62 -52.05 77.85
CA LYS D 495 -24.10 -52.81 78.98
C LYS D 495 -23.42 -52.28 80.24
N GLY D 496 -24.19 -52.18 81.32
CA GLY D 496 -23.68 -51.63 82.57
C GLY D 496 -23.81 -52.57 83.75
N CYS D 497 -23.58 -53.86 83.53
CA CYS D 497 -23.64 -54.87 84.57
C CYS D 497 -22.21 -55.20 85.01
N LEU D 498 -21.85 -54.77 86.21
CA LEU D 498 -20.51 -55.01 86.72
C LEU D 498 -20.34 -56.48 87.13
N THR D 499 -19.09 -56.92 87.15
CA THR D 499 -18.75 -58.30 87.50
C THR D 499 -17.63 -58.29 88.53
N PHE D 500 -17.68 -59.25 89.45
CA PHE D 500 -16.70 -59.36 90.51
C PHE D 500 -15.89 -60.65 90.34
N PHE D 501 -14.58 -60.54 90.50
CA PHE D 501 -13.69 -61.69 90.53
C PHE D 501 -13.31 -61.97 91.98
N PHE D 502 -13.56 -63.19 92.44
CA PHE D 502 -13.30 -63.59 93.82
C PHE D 502 -12.51 -64.89 93.81
N GLY D 503 -11.47 -64.95 94.63
CA GLY D 503 -10.66 -66.15 94.73
C GLY D 503 -9.36 -65.86 95.42
N GLU D 504 -8.61 -66.93 95.65
CA GLU D 504 -7.31 -66.82 96.30
C GLU D 504 -6.24 -66.35 95.32
N THR D 505 -5.15 -65.84 95.89
CA THR D 505 -4.04 -65.35 95.08
C THR D 505 -3.20 -66.52 94.59
N ALA D 506 -2.07 -66.20 93.95
CA ALA D 506 -1.14 -67.19 93.41
C ALA D 506 -1.84 -68.13 92.43
N THR D 507 -2.74 -67.58 91.63
CA THR D 507 -3.46 -68.35 90.63
C THR D 507 -3.30 -67.78 89.22
N GLY D 508 -2.51 -66.71 89.06
CA GLY D 508 -2.38 -66.05 87.78
C GLY D 508 -3.51 -65.14 87.42
N LYS D 509 -4.49 -64.93 88.32
CA LYS D 509 -5.60 -64.06 88.02
C LYS D 509 -5.15 -62.61 87.89
N SER D 510 -4.21 -62.17 88.75
CA SER D 510 -3.71 -60.81 88.66
C SER D 510 -2.93 -60.56 87.38
N THR D 511 -2.28 -61.59 86.84
CA THR D 511 -1.54 -61.44 85.59
C THR D 511 -2.48 -61.21 84.41
N THR D 512 -3.71 -61.69 84.50
CA THR D 512 -4.67 -61.48 83.42
C THR D 512 -4.99 -60.01 83.23
N LYS D 513 -4.86 -59.21 84.28
CA LYS D 513 -5.15 -57.78 84.18
C LYS D 513 -4.23 -57.11 83.17
N ARG D 514 -2.95 -57.46 83.17
CA ARG D 514 -2.02 -56.93 82.18
C ARG D 514 -2.02 -57.75 80.89
N LEU D 515 -2.38 -59.04 80.97
CA LEU D 515 -2.45 -59.84 79.75
C LEU D 515 -3.56 -59.37 78.83
N LEU D 516 -4.66 -58.86 79.39
CA LEU D 516 -5.72 -58.28 78.56
C LEU D 516 -5.20 -57.06 77.80
N LYS D 517 -4.42 -56.21 78.45
CA LYS D 517 -3.78 -55.09 77.76
C LYS D 517 -2.81 -55.60 76.70
N SER D 518 -2.13 -56.72 76.98
CA SER D 518 -1.26 -57.32 75.99
C SER D 518 -2.03 -57.75 74.75
N ALA D 519 -3.25 -58.27 74.94
CA ALA D 519 -4.02 -58.76 73.79
C ALA D 519 -4.74 -57.62 73.07
N ILE D 520 -5.67 -56.96 73.75
CA ILE D 520 -6.51 -55.96 73.09
C ILE D 520 -5.69 -54.73 72.71
N GLY D 521 -4.91 -54.22 73.66
CA GLY D 521 -4.03 -53.09 73.38
C GLY D 521 -4.68 -51.76 73.74
N ASP D 522 -4.89 -50.92 72.72
CA ASP D 522 -5.32 -49.54 72.97
C ASP D 522 -6.70 -49.48 73.60
N LEU D 523 -7.63 -50.31 73.11
CA LEU D 523 -9.01 -50.23 73.60
C LEU D 523 -9.08 -50.58 75.08
N PHE D 524 -8.33 -51.59 75.52
CA PHE D 524 -8.33 -51.97 76.92
C PHE D 524 -7.63 -50.92 77.76
N VAL D 525 -8.18 -50.66 78.95
CA VAL D 525 -7.62 -49.70 79.89
C VAL D 525 -7.69 -50.29 81.29
N GLU D 526 -6.60 -50.18 82.04
CA GLU D 526 -6.56 -50.62 83.42
C GLU D 526 -6.38 -49.41 84.33
N THR D 527 -7.05 -49.45 85.48
CA THR D 527 -7.03 -48.32 86.42
C THR D 527 -7.19 -48.88 87.83
N GLY D 528 -7.43 -47.99 88.79
CA GLY D 528 -7.53 -48.38 90.19
C GLY D 528 -8.80 -47.96 90.88
N GLN D 529 -8.74 -47.83 92.21
CA GLN D 529 -9.90 -47.52 93.03
C GLN D 529 -10.18 -46.03 93.13
N THR D 530 -9.35 -45.18 92.54
CA THR D 530 -9.54 -43.74 92.66
C THR D 530 -10.85 -43.30 92.02
N ILE D 531 -11.21 -43.88 90.89
CA ILE D 531 -12.48 -43.55 90.24
C ILE D 531 -13.65 -43.97 91.13
N LEU D 532 -13.52 -45.12 91.79
CA LEU D 532 -14.58 -45.57 92.68
C LEU D 532 -14.73 -44.64 93.88
N THR D 533 -13.62 -44.23 94.48
CA THR D 533 -13.68 -43.37 95.66
C THR D 533 -14.15 -41.96 95.30
N ASP D 534 -13.60 -41.40 94.22
CA ASP D 534 -13.92 -40.03 93.84
C ASP D 534 -15.24 -39.95 93.11
N VAL D 535 -15.94 -38.83 93.31
CA VAL D 535 -17.19 -38.55 92.62
C VAL D 535 -16.88 -37.90 91.29
N LEU D 536 -17.46 -38.45 90.22
CA LEU D 536 -17.14 -37.97 88.87
C LEU D 536 -17.65 -36.55 88.65
N ASP D 537 -18.81 -36.20 89.21
CA ASP D 537 -19.36 -34.87 89.00
C ASP D 537 -18.48 -33.79 89.63
N LYS D 538 -17.86 -34.09 90.75
CA LYS D 538 -17.04 -33.10 91.46
C LYS D 538 -15.76 -32.83 90.66
N GLY D 539 -15.70 -31.67 90.03
CA GLY D 539 -14.54 -31.25 89.29
C GLY D 539 -14.49 -31.85 87.89
N PRO D 540 -13.59 -31.33 87.06
CA PRO D 540 -13.45 -31.88 85.70
C PRO D 540 -12.49 -33.05 85.66
N ASN D 541 -12.97 -34.19 85.15
CA ASN D 541 -12.16 -35.41 85.04
C ASN D 541 -11.90 -35.71 83.58
N PRO D 542 -10.68 -35.49 83.08
CA PRO D 542 -10.40 -35.80 81.66
C PRO D 542 -10.57 -37.27 81.32
N PHE D 543 -10.30 -38.18 82.26
CA PHE D 543 -10.44 -39.60 81.96
C PHE D 543 -11.89 -39.99 81.73
N ILE D 544 -12.81 -39.37 82.47
CA ILE D 544 -14.24 -39.64 82.25
C ILE D 544 -14.66 -39.13 80.87
N ALA D 545 -14.01 -38.08 80.37
CA ALA D 545 -14.30 -37.62 79.01
C ALA D 545 -13.64 -38.52 77.97
N ASN D 546 -12.51 -39.13 78.31
CA ASN D 546 -11.75 -39.94 77.36
C ASN D 546 -12.11 -41.41 77.40
N MET D 547 -13.03 -41.82 78.28
CA MET D 547 -13.52 -43.20 78.27
C MET D 547 -14.40 -43.51 77.07
N HIS D 548 -14.76 -42.50 76.29
CA HIS D 548 -15.62 -42.67 75.13
C HIS D 548 -15.04 -43.70 74.18
N LEU D 549 -15.82 -44.73 73.85
CA LEU D 549 -15.40 -45.84 72.99
C LEU D 549 -14.16 -46.55 73.57
N LYS D 550 -14.36 -47.14 74.74
CA LYS D 550 -13.40 -48.04 75.35
C LYS D 550 -14.12 -49.35 75.64
N ARG D 551 -13.68 -50.43 75.02
CA ARG D 551 -14.42 -51.68 75.06
C ARG D 551 -14.42 -52.29 76.46
N SER D 552 -13.25 -52.40 77.08
CA SER D 552 -13.12 -53.02 78.40
C SER D 552 -12.23 -52.16 79.28
N VAL D 553 -12.67 -51.94 80.51
CA VAL D 553 -11.93 -51.16 81.49
C VAL D 553 -11.84 -51.97 82.77
N PHE D 554 -10.66 -52.49 83.08
CA PHE D 554 -10.43 -53.16 84.35
C PHE D 554 -10.48 -52.13 85.47
N CYS D 555 -11.38 -52.34 86.43
CA CYS D 555 -11.67 -51.30 87.41
C CYS D 555 -10.55 -51.17 88.45
N SER D 556 -10.33 -52.21 89.24
CA SER D 556 -9.38 -52.12 90.34
C SER D 556 -9.06 -53.52 90.86
N GLU D 557 -8.03 -53.58 91.69
CA GLU D 557 -7.61 -54.78 92.40
C GLU D 557 -7.63 -54.57 93.92
N LEU D 558 -8.54 -53.71 94.37
CA LEU D 558 -8.50 -53.20 95.73
C LEU D 558 -8.69 -54.33 96.76
N PRO D 559 -8.04 -54.20 97.92
CA PRO D 559 -8.26 -55.19 99.00
C PRO D 559 -9.53 -54.90 99.78
N ASP D 560 -9.71 -55.62 100.89
CA ASP D 560 -10.91 -55.46 101.71
C ASP D 560 -11.08 -54.02 102.17
N PHE D 561 -12.30 -53.51 102.04
CA PHE D 561 -12.66 -52.20 102.57
C PHE D 561 -13.30 -52.28 103.95
N ALA D 562 -13.54 -53.48 104.47
CA ALA D 562 -14.07 -53.62 105.82
C ALA D 562 -13.05 -53.21 106.87
N CYS D 563 -11.76 -53.28 106.55
CA CYS D 563 -10.72 -52.88 107.46
C CYS D 563 -10.79 -51.38 107.72
N SER D 564 -10.41 -50.99 108.94
CA SER D 564 -10.45 -49.59 109.33
C SER D 564 -9.45 -48.78 108.51
N GLY D 565 -9.82 -47.54 108.20
CA GLY D 565 -8.98 -46.64 107.45
C GLY D 565 -9.23 -46.62 105.95
N SER D 566 -10.25 -47.32 105.47
CA SER D 566 -10.59 -47.36 104.05
C SER D 566 -12.00 -46.81 103.86
N LYS D 567 -12.14 -45.85 102.95
CA LYS D 567 -13.45 -45.27 102.67
C LYS D 567 -14.34 -46.28 101.97
N LYS D 568 -15.64 -46.22 102.28
CA LYS D 568 -16.60 -47.13 101.69
C LYS D 568 -16.90 -46.74 100.25
N ILE D 569 -17.54 -47.65 99.53
CA ILE D 569 -17.84 -47.43 98.11
C ILE D 569 -18.96 -46.41 97.98
N ARG D 570 -18.74 -45.42 97.12
CA ARG D 570 -19.76 -44.42 96.83
C ARG D 570 -20.77 -45.01 95.86
N SER D 571 -21.98 -45.28 96.36
CA SER D 571 -23.01 -45.93 95.55
C SER D 571 -23.60 -45.01 94.49
N ASP D 572 -23.31 -43.71 94.53
CA ASP D 572 -23.84 -42.80 93.53
C ASP D 572 -23.17 -43.02 92.18
N ASN D 573 -21.87 -43.32 92.18
CA ASN D 573 -21.14 -43.46 90.93
C ASN D 573 -21.59 -44.69 90.13
N ILE D 574 -21.87 -45.80 90.83
CA ILE D 574 -22.21 -47.04 90.13
C ILE D 574 -23.55 -46.91 89.41
N LYS D 575 -24.44 -46.04 89.90
CA LYS D 575 -25.77 -45.91 89.29
C LYS D 575 -25.68 -45.38 87.87
N LYS D 576 -24.83 -44.39 87.62
CA LYS D 576 -24.74 -43.78 86.31
C LYS D 576 -23.92 -44.61 85.33
N LEU D 577 -23.15 -45.59 85.81
CA LEU D 577 -22.35 -46.42 84.91
C LEU D 577 -23.24 -47.29 84.03
N THR D 578 -24.36 -47.78 84.59
CA THR D 578 -25.28 -48.60 83.80
C THR D 578 -25.94 -47.80 82.68
N GLU D 579 -26.18 -46.51 82.91
CA GLU D 579 -26.87 -45.69 81.93
C GLU D 579 -26.06 -45.61 80.65
N PRO D 580 -26.70 -45.70 79.48
CA PRO D 580 -25.96 -45.62 78.21
C PRO D 580 -25.22 -44.30 78.02
N CYS D 581 -25.73 -43.20 78.56
CA CYS D 581 -25.11 -41.89 78.40
C CYS D 581 -24.35 -41.51 79.66
N VAL D 582 -23.12 -41.04 79.47
CA VAL D 582 -22.28 -40.63 80.59
C VAL D 582 -22.42 -39.14 80.82
N ARG D 595 -21.54 -41.69 74.44
CA ARG D 595 -21.76 -43.12 74.36
C ARG D 595 -20.73 -43.89 75.19
N ASN D 596 -21.18 -44.96 75.83
CA ASN D 596 -20.30 -45.84 76.59
C ASN D 596 -20.50 -47.29 76.15
N HIS D 597 -19.39 -48.04 76.14
CA HIS D 597 -19.44 -49.44 75.79
C HIS D 597 -18.52 -50.28 76.67
N ALA D 598 -18.09 -49.73 77.80
CA ALA D 598 -17.10 -50.39 78.64
C ALA D 598 -17.69 -51.54 79.43
N THR D 599 -16.89 -52.57 79.64
CA THR D 599 -17.22 -53.67 80.53
C THR D 599 -16.33 -53.57 81.76
N ILE D 600 -16.94 -53.52 82.94
CA ILE D 600 -16.24 -53.26 84.19
C ILE D 600 -16.19 -54.55 85.00
N ILE D 601 -14.98 -54.96 85.36
CA ILE D 601 -14.76 -56.14 86.20
C ILE D 601 -13.88 -55.72 87.37
N ILE D 602 -14.30 -56.06 88.58
CA ILE D 602 -13.57 -55.72 89.79
C ILE D 602 -13.03 -57.00 90.41
N ASP D 603 -11.72 -57.06 90.59
CA ASP D 603 -11.05 -58.21 91.19
C ASP D 603 -10.69 -57.88 92.63
N THR D 604 -11.14 -58.71 93.56
CA THR D 604 -10.81 -58.55 94.97
C THR D 604 -10.45 -59.91 95.57
N ASN D 605 -9.52 -59.88 96.52
CA ASN D 605 -9.15 -61.11 97.23
C ASN D 605 -10.29 -61.58 98.13
N TYR D 606 -10.92 -60.66 98.85
CA TYR D 606 -12.00 -60.96 99.77
C TYR D 606 -13.12 -59.96 99.59
N LYS D 607 -14.28 -60.28 100.16
CA LYS D 607 -15.49 -59.50 99.93
C LYS D 607 -15.39 -58.14 100.61
N PRO D 608 -15.71 -57.05 99.90
CA PRO D 608 -15.69 -55.72 100.54
C PRO D 608 -16.99 -55.41 101.28
N VAL D 609 -17.13 -54.18 101.76
CA VAL D 609 -18.33 -53.73 102.46
C VAL D 609 -18.78 -52.42 101.86
N PHE D 610 -20.07 -52.32 101.53
CA PHE D 610 -20.65 -51.12 100.95
C PHE D 610 -21.23 -50.22 102.05
N ASP D 611 -21.69 -49.05 101.62
CA ASP D 611 -22.30 -48.09 102.54
C ASP D 611 -23.78 -47.87 102.31
N ARG D 612 -24.27 -48.05 101.08
CA ARG D 612 -25.67 -47.85 100.74
C ARG D 612 -26.23 -49.15 100.19
N ILE D 613 -27.43 -49.50 100.62
CA ILE D 613 -28.06 -50.77 100.26
C ILE D 613 -29.46 -50.49 99.74
N ASP D 614 -29.84 -51.19 98.66
CA ASP D 614 -31.14 -51.02 98.04
C ASP D 614 -31.42 -52.24 97.18
N ASN D 615 -32.49 -52.18 96.39
CA ASN D 615 -32.87 -53.28 95.51
C ASN D 615 -32.29 -53.13 94.11
N ALA D 616 -31.89 -51.92 93.70
CA ALA D 616 -31.33 -51.72 92.38
C ALA D 616 -30.01 -52.48 92.23
N LEU D 617 -29.21 -52.51 93.29
CA LEU D 617 -27.89 -53.14 93.23
C LEU D 617 -27.94 -54.65 93.09
N MET D 618 -29.10 -55.28 93.31
CA MET D 618 -29.20 -56.72 93.09
C MET D 618 -28.93 -57.08 91.63
N ARG D 619 -29.47 -56.30 90.71
CA ARG D 619 -29.39 -56.60 89.28
C ARG D 619 -28.11 -56.09 88.64
N ARG D 620 -27.26 -55.39 89.38
CA ARG D 620 -26.07 -54.77 88.83
C ARG D 620 -24.78 -55.47 89.22
N ILE D 621 -24.84 -56.58 89.95
CA ILE D 621 -23.66 -57.23 90.52
C ILE D 621 -23.63 -58.69 90.10
N ALA D 622 -22.47 -59.13 89.61
CA ALA D 622 -22.21 -60.54 89.32
C ALA D 622 -20.86 -60.91 89.91
N VAL D 623 -20.74 -62.16 90.34
CA VAL D 623 -19.56 -62.64 91.05
C VAL D 623 -19.04 -63.90 90.39
N VAL D 624 -17.73 -63.95 90.15
CA VAL D 624 -17.05 -65.14 89.65
C VAL D 624 -16.11 -65.62 90.74
N ARG D 625 -16.20 -66.90 91.08
CA ARG D 625 -15.47 -67.48 92.20
C ARG D 625 -14.52 -68.56 91.70
N PHE D 626 -13.37 -68.67 92.35
CA PHE D 626 -12.34 -69.64 91.98
C PHE D 626 -12.14 -70.63 93.12
N ARG D 627 -11.84 -71.88 92.74
CA ARG D 627 -11.63 -72.96 93.70
C ARG D 627 -10.24 -73.56 93.63
N THR D 628 -9.76 -73.88 92.44
CA THR D 628 -8.49 -74.59 92.29
C THR D 628 -7.33 -73.61 92.29
N HIS D 629 -6.31 -73.89 93.10
CA HIS D 629 -5.13 -73.06 93.18
C HIS D 629 -4.23 -73.23 91.96
N LEU D 655 5.58 -64.39 82.94
CA LEU D 655 6.60 -63.37 83.19
C LEU D 655 6.17 -62.01 82.64
N ASP D 656 6.59 -60.95 83.33
CA ASP D 656 6.25 -59.60 82.88
C ASP D 656 6.89 -59.29 81.53
N GLY D 657 8.13 -59.71 81.33
CA GLY D 657 8.80 -59.45 80.07
C GLY D 657 8.12 -60.10 78.89
N LYS D 658 7.51 -61.27 79.10
CA LYS D 658 6.74 -61.90 78.04
C LYS D 658 5.58 -61.01 77.60
N ILE D 659 4.90 -60.39 78.56
CA ILE D 659 3.80 -59.48 78.23
C ILE D 659 4.32 -58.24 77.51
N GLN D 660 5.40 -57.64 78.04
CA GLN D 660 5.96 -56.45 77.40
C GLN D 660 6.49 -56.75 76.01
N ASN D 661 7.14 -57.90 75.83
CA ASN D 661 7.56 -58.31 74.50
C ASN D 661 6.38 -58.68 73.62
N ASN D 662 5.19 -58.86 74.20
CA ASN D 662 3.98 -59.23 73.48
C ASN D 662 4.13 -60.60 72.81
N ARG D 663 4.76 -61.53 73.54
CA ARG D 663 4.90 -62.89 73.04
C ARG D 663 3.55 -63.58 72.91
N TYR D 664 2.61 -63.25 73.80
CA TYR D 664 1.28 -63.87 73.82
C TYR D 664 0.21 -62.97 73.25
N ARG D 665 0.54 -62.17 72.24
CA ARG D 665 -0.44 -61.28 71.61
C ARG D 665 -1.57 -62.08 70.98
N PHE D 666 -1.27 -62.86 69.94
CA PHE D 666 -2.28 -63.67 69.30
C PHE D 666 -2.72 -64.82 70.19
N ALA D 667 -1.82 -65.30 71.05
CA ALA D 667 -2.17 -66.39 71.97
C ALA D 667 -3.31 -65.99 72.89
N PHE D 668 -3.37 -64.72 73.29
CA PHE D 668 -4.48 -64.23 74.10
C PHE D 668 -5.61 -63.63 73.28
N LEU D 669 -5.34 -63.20 72.04
CA LEU D 669 -6.43 -62.80 71.15
C LEU D 669 -7.33 -63.99 70.82
N TYR D 670 -6.74 -65.16 70.58
CA TYR D 670 -7.53 -66.34 70.24
C TYR D 670 -8.24 -66.94 71.43
N LEU D 671 -7.93 -66.49 72.65
CA LEU D 671 -8.51 -67.08 73.85
C LEU D 671 -9.89 -66.52 74.20
N LEU D 672 -10.41 -65.59 73.40
CA LEU D 672 -11.68 -64.94 73.70
C LEU D 672 -12.77 -65.19 72.66
N VAL D 673 -12.42 -65.29 71.39
CA VAL D 673 -13.41 -65.40 70.33
C VAL D 673 -14.15 -66.75 70.42
N LYS D 674 -13.49 -67.77 70.98
CA LYS D 674 -14.10 -69.09 71.04
C LYS D 674 -15.38 -69.07 71.87
N TRP D 675 -15.34 -68.45 73.04
CA TRP D 675 -16.54 -68.40 73.88
C TRP D 675 -17.61 -67.51 73.27
N TYR D 676 -17.20 -66.46 72.55
CA TYR D 676 -18.16 -65.61 71.87
C TYR D 676 -18.94 -66.39 70.81
N LYS D 677 -18.24 -67.21 70.02
CA LYS D 677 -18.97 -68.04 69.06
C LYS D 677 -19.62 -69.23 69.74
N LYS D 678 -19.25 -69.55 70.98
CA LYS D 678 -19.94 -70.60 71.71
C LYS D 678 -21.32 -70.15 72.16
N TYR D 679 -21.41 -69.00 72.84
CA TYR D 679 -22.65 -68.59 73.47
C TYR D 679 -23.10 -67.17 73.14
N HIS D 680 -22.20 -66.27 72.80
CA HIS D 680 -22.61 -64.86 72.74
C HIS D 680 -23.47 -64.53 71.51
N ILE D 681 -23.89 -65.51 70.71
CA ILE D 681 -24.62 -65.26 69.47
C ILE D 681 -25.99 -64.64 69.72
N PRO D 682 -26.86 -65.20 70.60
CA PRO D 682 -28.22 -64.66 70.71
C PRO D 682 -28.29 -63.23 71.22
N ILE D 683 -27.71 -62.97 72.39
CA ILE D 683 -27.87 -61.68 73.04
C ILE D 683 -26.83 -61.50 74.14
N MET D 684 -26.47 -60.25 74.43
CA MET D 684 -25.61 -59.92 75.58
C MET D 684 -26.48 -59.85 76.84
N LYS D 685 -26.81 -61.02 77.36
CA LYS D 685 -27.55 -61.15 78.61
C LYS D 685 -26.74 -62.01 79.57
N LEU D 686 -26.31 -61.42 80.67
CA LEU D 686 -25.61 -62.13 81.74
C LEU D 686 -26.47 -62.08 82.99
N TYR D 687 -26.79 -63.25 83.53
CA TYR D 687 -27.64 -63.32 84.70
C TYR D 687 -26.88 -62.85 85.93
N PRO D 688 -27.38 -61.86 86.67
CA PRO D 688 -26.71 -61.47 87.91
C PRO D 688 -26.74 -62.58 88.94
N THR D 689 -25.71 -62.62 89.78
CA THR D 689 -25.55 -63.67 90.77
C THR D 689 -25.66 -63.08 92.17
N PRO D 690 -26.84 -63.16 92.80
CA PRO D 690 -27.00 -62.64 94.16
C PRO D 690 -26.71 -63.64 95.29
N GLU D 691 -26.12 -64.79 94.97
CA GLU D 691 -25.93 -65.82 95.99
C GLU D 691 -24.94 -65.39 97.07
N GLU D 692 -23.82 -64.78 96.68
CA GLU D 692 -22.75 -64.49 97.62
C GLU D 692 -22.20 -63.07 97.40
N ILE D 693 -23.10 -62.11 97.21
CA ILE D 693 -22.69 -60.71 97.17
C ILE D 693 -22.47 -60.27 98.61
N PRO D 694 -21.47 -59.44 98.89
CA PRO D 694 -21.20 -59.03 100.27
C PRO D 694 -22.40 -58.37 100.94
N ASP D 695 -22.57 -58.67 102.23
CA ASP D 695 -23.52 -58.04 103.15
C ASP D 695 -24.93 -57.89 102.55
N PHE D 696 -25.30 -58.74 101.60
CA PHE D 696 -26.61 -58.70 100.98
C PHE D 696 -27.46 -59.92 101.31
N ALA D 697 -26.91 -60.91 102.01
CA ALA D 697 -27.69 -62.09 102.37
C ALA D 697 -28.84 -61.72 103.30
N PHE D 698 -28.57 -60.88 104.29
CA PHE D 698 -29.62 -60.43 105.20
C PHE D 698 -30.69 -59.64 104.46
N TYR D 699 -30.27 -58.76 103.55
CA TYR D 699 -31.23 -57.99 102.77
C TYR D 699 -32.09 -58.88 101.89
N LEU D 700 -31.52 -59.99 101.41
CA LEU D 700 -32.30 -60.92 100.59
C LEU D 700 -33.28 -61.73 101.44
N LYS D 701 -32.84 -62.17 102.62
CA LYS D 701 -33.73 -63.02 103.42
C LYS D 701 -34.83 -62.21 104.10
N ILE D 702 -34.57 -60.92 104.39
CA ILE D 702 -35.58 -60.10 105.06
C ILE D 702 -36.77 -59.84 104.14
N GLY D 703 -36.60 -59.96 102.82
CA GLY D 703 -37.71 -59.78 101.92
C GLY D 703 -38.79 -60.84 102.07
N THR D 704 -38.45 -62.02 102.57
CA THR D 704 -39.40 -63.08 102.81
C THR D 704 -39.99 -63.04 104.22
N LEU D 705 -39.55 -62.08 105.05
CA LEU D 705 -40.03 -61.98 106.42
C LEU D 705 -40.85 -60.73 106.68
N LEU D 706 -40.58 -59.62 105.98
CA LEU D 706 -41.30 -58.37 106.16
C LEU D 706 -41.93 -57.96 104.84
N VAL D 707 -43.20 -57.54 104.90
CA VAL D 707 -43.91 -57.03 103.73
C VAL D 707 -44.58 -55.72 104.12
N SER D 708 -44.72 -54.83 103.15
CA SER D 708 -45.32 -53.53 103.40
C SER D 708 -46.84 -53.68 103.59
N SER D 709 -47.44 -52.62 104.13
CA SER D 709 -48.89 -52.60 104.32
C SER D 709 -49.60 -52.66 102.97
N SER D 710 -50.70 -53.42 102.92
CA SER D 710 -51.43 -53.62 101.67
C SER D 710 -52.89 -53.90 101.98
N VAL D 711 -53.71 -53.83 100.94
CA VAL D 711 -55.14 -54.10 101.08
C VAL D 711 -55.39 -55.55 101.46
N LYS D 712 -54.44 -56.45 101.19
CA LYS D 712 -54.62 -57.87 101.48
C LYS D 712 -54.77 -58.12 102.99
N HIS D 713 -54.27 -57.23 103.83
CA HIS D 713 -54.41 -57.37 105.27
C HIS D 713 -55.75 -56.88 105.80
N ILE D 714 -56.53 -56.18 104.98
CA ILE D 714 -57.85 -55.71 105.43
C ILE D 714 -58.77 -56.86 105.81
N PRO D 715 -58.87 -57.95 105.03
CA PRO D 715 -59.69 -59.09 105.50
C PRO D 715 -59.21 -59.72 106.79
N LEU D 716 -57.93 -59.58 107.12
CA LEU D 716 -57.34 -60.28 108.26
C LEU D 716 -57.29 -59.39 109.51
N MET D 717 -58.47 -58.89 109.89
CA MET D 717 -58.58 -58.20 111.17
C MET D 717 -58.50 -59.17 112.34
N THR D 718 -58.93 -60.42 112.14
CA THR D 718 -58.95 -61.39 113.24
C THR D 718 -57.54 -61.63 113.77
N ASP D 719 -56.57 -61.82 112.87
CA ASP D 719 -55.19 -62.01 113.31
C ASP D 719 -54.59 -60.72 113.82
N LEU D 720 -54.79 -59.62 113.10
CA LEU D 720 -54.18 -58.35 113.49
C LEU D 720 -54.69 -57.83 114.83
N SER D 721 -55.86 -58.28 115.26
CA SER D 721 -56.38 -57.85 116.56
C SER D 721 -55.56 -58.43 117.71
N LYS D 722 -55.27 -59.73 117.65
CA LYS D 722 -54.57 -60.38 118.75
C LYS D 722 -53.07 -60.06 118.76
N LYS D 723 -52.48 -59.76 117.61
CA LYS D 723 -51.05 -59.49 117.55
C LYS D 723 -50.71 -58.05 117.94
N GLY D 724 -51.69 -57.22 118.27
CA GLY D 724 -51.44 -55.86 118.68
C GLY D 724 -51.45 -54.84 117.56
N TYR D 725 -51.60 -55.27 116.31
CA TYR D 725 -51.69 -54.32 115.21
C TYR D 725 -52.97 -53.51 115.30
N ILE D 726 -52.84 -52.21 115.04
CA ILE D 726 -53.97 -51.29 115.05
C ILE D 726 -54.10 -50.69 113.65
N LEU D 727 -55.27 -50.85 113.04
CA LEU D 727 -55.54 -50.34 111.70
C LEU D 727 -56.56 -49.20 111.85
N TYR D 728 -56.07 -47.96 111.84
CA TYR D 728 -56.90 -46.78 111.94
C TYR D 728 -56.54 -45.82 110.82
N ASP D 729 -57.54 -45.40 110.05
CA ASP D 729 -57.35 -44.50 108.92
C ASP D 729 -56.32 -45.05 107.94
N ASN D 730 -56.43 -46.35 107.66
CA ASN D 730 -55.52 -47.05 106.74
C ASN D 730 -54.07 -46.96 107.19
N VAL D 731 -53.84 -46.94 108.49
CA VAL D 731 -52.50 -46.90 109.08
C VAL D 731 -52.35 -48.11 109.99
N VAL D 732 -51.33 -48.93 109.72
CA VAL D 732 -51.04 -50.12 110.51
C VAL D 732 -49.87 -49.82 111.42
N THR D 733 -50.05 -50.02 112.72
CA THR D 733 -49.04 -49.71 113.72
C THR D 733 -48.51 -51.00 114.35
N LEU D 734 -47.19 -51.05 114.53
CA LEU D 734 -46.55 -52.20 115.14
C LEU D 734 -45.47 -51.73 116.10
N PRO D 735 -45.60 -52.02 117.40
CA PRO D 735 -44.58 -51.61 118.35
C PRO D 735 -43.23 -52.26 118.04
N LEU D 736 -42.16 -51.52 118.32
CA LEU D 736 -40.82 -52.03 118.06
C LEU D 736 -40.48 -53.23 118.94
N THR D 737 -41.14 -53.37 120.09
CA THR D 737 -40.86 -54.50 120.98
C THR D 737 -41.19 -55.83 120.31
N THR D 738 -42.23 -55.87 119.49
CA THR D 738 -42.56 -57.08 118.76
C THR D 738 -41.44 -57.48 117.81
N PHE D 739 -40.92 -56.51 117.07
CA PHE D 739 -39.80 -56.77 116.16
C PHE D 739 -38.56 -57.22 116.93
N GLN D 740 -38.31 -56.61 118.08
CA GLN D 740 -37.15 -56.99 118.89
C GLN D 740 -37.28 -58.44 119.37
N GLN D 741 -38.45 -58.80 119.93
CA GLN D 741 -38.60 -60.14 120.48
C GLN D 741 -38.60 -61.18 119.37
N LYS D 742 -39.06 -60.81 118.17
CA LYS D 742 -39.02 -61.76 117.06
C LYS D 742 -37.61 -61.93 116.52
N ILE D 743 -36.86 -60.84 116.38
CA ILE D 743 -35.53 -60.92 115.78
C ILE D 743 -34.51 -61.45 116.78
N SER D 744 -34.84 -61.46 118.07
CA SER D 744 -33.94 -62.06 119.06
C SER D 744 -33.91 -63.58 118.92
N LYS D 745 -34.99 -64.19 118.44
CA LYS D 745 -35.05 -65.65 118.37
C LYS D 745 -34.17 -66.20 117.26
N TYR D 746 -34.20 -65.60 116.07
CA TYR D 746 -33.39 -66.09 114.96
C TYR D 746 -31.97 -65.53 114.98
N PHE D 747 -31.81 -64.23 115.15
CA PHE D 747 -30.50 -63.60 115.10
C PHE D 747 -29.97 -63.35 116.50
N ASN D 748 -28.69 -63.68 116.70
CA ASN D 748 -28.02 -63.40 117.97
C ASN D 748 -27.88 -61.88 118.13
N SER D 749 -28.62 -61.32 119.09
CA SER D 749 -28.59 -59.88 119.30
C SER D 749 -27.21 -59.40 119.72
N ARG D 750 -26.55 -60.14 120.60
CA ARG D 750 -25.25 -59.73 121.12
C ARG D 750 -24.18 -59.68 120.03
N LEU D 751 -24.41 -60.33 118.89
CA LEU D 751 -23.43 -60.37 117.81
C LEU D 751 -23.82 -59.56 116.59
N PHE D 752 -25.10 -59.21 116.43
CA PHE D 752 -25.56 -58.53 115.23
C PHE D 752 -26.46 -57.33 115.52
N GLY D 753 -26.54 -56.88 116.77
CA GLY D 753 -27.39 -55.75 117.09
C GLY D 753 -26.92 -54.46 116.42
N HIS D 754 -25.61 -54.25 116.38
CA HIS D 754 -25.07 -53.07 115.72
C HIS D 754 -25.43 -53.05 114.25
N ASP D 755 -25.37 -54.21 113.59
CA ASP D 755 -25.75 -54.29 112.18
C ASP D 755 -27.25 -54.05 112.01
N ILE D 756 -28.08 -54.69 112.83
CA ILE D 756 -29.52 -54.63 112.63
C ILE D 756 -30.05 -53.23 112.92
N GLU D 757 -29.49 -52.55 113.93
CA GLU D 757 -29.94 -51.19 114.25
C GLU D 757 -29.65 -50.23 113.11
N SER D 758 -28.59 -50.48 112.33
CA SER D 758 -28.24 -49.61 111.22
C SER D 758 -29.34 -49.58 110.15
N PHE D 759 -30.18 -50.61 110.12
CA PHE D 759 -31.35 -50.61 109.25
C PHE D 759 -32.62 -50.26 110.01
N ILE D 760 -32.67 -50.56 111.30
CA ILE D 760 -33.83 -50.21 112.12
C ILE D 760 -34.03 -48.70 112.13
N ASN D 761 -32.94 -47.94 112.34
CA ASN D 761 -33.07 -46.50 112.35
C ASN D 761 -33.34 -45.94 110.96
N ARG D 762 -32.95 -46.68 109.91
CA ARG D 762 -33.20 -46.23 108.55
C ARG D 762 -34.69 -46.36 108.20
N HIS D 763 -35.29 -47.50 108.52
CA HIS D 763 -36.68 -47.75 108.14
C HIS D 763 -37.67 -47.50 109.28
N LYS D 764 -37.28 -46.73 110.29
CA LYS D 764 -38.20 -46.40 111.36
C LYS D 764 -39.12 -45.26 110.96
N LYS D 765 -40.36 -45.31 111.43
CA LYS D 765 -41.37 -44.31 111.13
C LYS D 765 -41.94 -43.76 112.43
N PHE D 766 -42.23 -42.46 112.45
CA PHE D 766 -42.66 -41.75 113.66
C PHE D 766 -44.15 -41.48 113.60
N ALA D 767 -44.85 -41.80 114.69
CA ALA D 767 -46.25 -41.45 114.86
C ALA D 767 -46.44 -40.20 115.71
N ASN D 768 -45.63 -40.04 116.75
CA ASN D 768 -45.64 -38.87 117.62
C ASN D 768 -44.28 -38.76 118.30
N VAL D 769 -44.19 -37.96 119.35
CA VAL D 769 -42.93 -37.78 120.05
C VAL D 769 -42.43 -39.09 120.62
N SER D 770 -43.32 -39.90 121.19
CA SER D 770 -42.96 -41.13 121.87
C SER D 770 -43.26 -42.39 121.08
N ASP D 771 -44.47 -42.52 120.53
CA ASP D 771 -44.86 -43.75 119.85
C ASP D 771 -44.11 -43.90 118.54
N GLU D 772 -43.60 -45.10 118.29
CA GLU D 772 -42.88 -45.42 117.07
C GLU D 772 -43.41 -46.74 116.52
N TYR D 773 -43.61 -46.79 115.20
CA TYR D 773 -44.16 -47.98 114.58
C TYR D 773 -43.60 -48.12 113.16
N LEU D 774 -43.68 -49.33 112.64
CA LEU D 774 -43.29 -49.64 111.27
C LEU D 774 -44.45 -50.30 110.55
N GLN D 775 -44.63 -49.96 109.27
CA GLN D 775 -45.69 -50.54 108.46
C GLN D 775 -45.23 -51.83 107.78
N TYR D 776 -44.69 -52.74 108.56
CA TYR D 776 -44.22 -54.04 108.06
C TYR D 776 -44.86 -55.13 108.90
N ILE D 777 -45.41 -56.15 108.23
CA ILE D 777 -46.11 -57.24 108.88
C ILE D 777 -45.42 -58.55 108.50
N PHE D 778 -45.14 -59.39 109.49
CA PHE D 778 -44.47 -60.66 109.24
C PHE D 778 -45.40 -61.61 108.49
N ILE D 779 -44.90 -62.14 107.37
CA ILE D 779 -45.72 -63.02 106.54
C ILE D 779 -45.88 -64.39 107.19
N GLU D 780 -44.84 -64.88 107.86
CA GLU D 780 -44.82 -66.26 108.35
C GLU D 780 -45.78 -66.51 109.50
N ASP D 781 -46.40 -65.46 110.05
CA ASP D 781 -47.36 -65.66 111.14
C ASP D 781 -48.55 -66.49 110.70
N ILE D 782 -48.87 -66.46 109.41
CA ILE D 782 -49.99 -67.24 108.88
C ILE D 782 -49.65 -68.73 108.90
N TRP E 236 -42.19 -5.41 25.98
CA TRP E 236 -41.27 -5.23 27.10
C TRP E 236 -41.60 -6.25 28.19
N GLU E 237 -40.71 -7.21 28.38
CA GLU E 237 -40.88 -8.27 29.37
C GLU E 237 -40.49 -7.77 30.76
N PRO E 238 -41.07 -8.34 31.82
CA PRO E 238 -40.72 -7.91 33.18
C PRO E 238 -39.27 -8.16 33.53
N GLY E 239 -38.61 -9.14 32.91
CA GLY E 239 -37.22 -9.41 33.22
C GLY E 239 -36.23 -8.44 32.60
N PHE E 240 -36.68 -7.63 31.66
CA PHE E 240 -35.80 -6.66 31.01
C PHE E 240 -35.53 -5.48 31.94
N ILE E 241 -34.52 -4.70 31.58
CA ILE E 241 -34.20 -3.47 32.30
C ILE E 241 -35.28 -2.44 32.01
N SER E 242 -35.28 -1.35 32.77
CA SER E 242 -36.28 -0.30 32.58
C SER E 242 -36.16 0.31 31.18
N PHE E 243 -37.32 0.67 30.62
CA PHE E 243 -37.35 1.25 29.28
C PHE E 243 -36.59 2.56 29.24
N GLU E 244 -36.72 3.37 30.29
CA GLU E 244 -36.03 4.66 30.33
C GLU E 244 -34.51 4.50 30.32
N ASP E 245 -33.98 3.51 31.05
CA ASP E 245 -32.54 3.26 30.99
C ASP E 245 -32.11 2.82 29.61
N ALA E 246 -32.94 2.02 28.94
CA ALA E 246 -32.61 1.60 27.58
C ALA E 246 -32.55 2.78 26.62
N ILE E 247 -33.54 3.67 26.69
CA ILE E 247 -33.52 4.83 25.80
C ILE E 247 -32.39 5.78 26.18
N LYS E 248 -32.03 5.84 27.46
CA LYS E 248 -30.87 6.65 27.86
C LYS E 248 -29.59 6.09 27.26
N ARG E 249 -29.42 4.76 27.28
CA ARG E 249 -28.26 4.16 26.65
C ARG E 249 -28.25 4.41 25.14
N VAL E 250 -29.43 4.35 24.52
CA VAL E 250 -29.56 4.69 23.11
C VAL E 250 -29.12 6.13 22.86
N SER E 251 -29.47 7.04 23.77
CA SER E 251 -29.03 8.42 23.63
C SER E 251 -27.51 8.52 23.76
N LYS E 252 -26.91 7.79 24.70
CA LYS E 252 -25.46 7.87 24.88
C LYS E 252 -24.70 7.30 23.70
N ILE E 253 -25.19 6.21 23.09
CA ILE E 253 -24.40 5.57 22.03
C ILE E 253 -24.28 6.49 20.83
N PHE E 254 -25.26 7.37 20.62
CA PHE E 254 -25.19 8.38 19.56
C PHE E 254 -24.65 9.68 20.14
N ILE E 255 -23.49 10.13 19.67
CA ILE E 255 -22.94 11.37 20.16
C ILE E 255 -23.78 12.55 19.69
N ASN E 256 -24.28 12.49 18.46
CA ASN E 256 -25.18 13.53 17.96
C ASN E 256 -26.50 13.48 18.71
N SER E 257 -27.08 14.65 18.94
CA SER E 257 -28.36 14.72 19.64
C SER E 257 -29.48 14.17 18.77
N ILE E 258 -30.48 13.60 19.42
CA ILE E 258 -31.63 13.01 18.73
C ILE E 258 -32.77 14.03 18.76
N ILE E 259 -33.23 14.43 17.59
CA ILE E 259 -34.26 15.47 17.50
C ILE E 259 -35.58 14.95 18.04
N ASN E 260 -35.97 13.73 17.63
CA ASN E 260 -37.24 13.13 18.03
C ASN E 260 -37.08 12.20 19.23
N PHE E 261 -36.12 12.49 20.11
CA PHE E 261 -35.87 11.62 21.26
C PHE E 261 -37.08 11.56 22.19
N ASN E 262 -37.72 12.71 22.45
CA ASN E 262 -38.85 12.75 23.37
C ASN E 262 -40.11 12.13 22.79
N ASP E 263 -40.13 11.83 21.49
CA ASP E 263 -41.29 11.21 20.86
C ASP E 263 -41.30 9.70 20.99
N LEU E 264 -40.29 9.11 21.63
CA LEU E 264 -40.18 7.66 21.76
C LEU E 264 -40.96 7.22 22.99
N ASP E 265 -41.84 6.23 22.81
CA ASP E 265 -42.63 5.67 23.89
C ASP E 265 -42.47 4.16 23.90
N GLU E 266 -43.18 3.51 24.83
CA GLU E 266 -43.08 2.06 25.01
C GLU E 266 -43.89 1.28 23.99
N ASN E 267 -44.36 1.89 22.92
CA ASN E 267 -45.16 1.19 21.91
C ASN E 267 -44.73 1.45 20.48
N ASN E 268 -43.88 2.45 20.22
CA ASN E 268 -43.51 2.81 18.85
C ASN E 268 -42.00 2.86 18.65
N PHE E 269 -41.22 2.20 19.51
CA PHE E 269 -39.78 2.25 19.37
C PHE E 269 -39.30 1.48 18.14
N THR E 270 -39.99 0.40 17.80
CA THR E 270 -39.62 -0.39 16.63
C THR E 270 -40.09 0.24 15.32
N THR E 271 -40.96 1.23 15.38
CA THR E 271 -41.54 1.82 14.18
C THR E 271 -40.96 3.19 13.81
N VAL E 272 -40.84 4.09 14.78
CA VAL E 272 -40.38 5.45 14.49
C VAL E 272 -38.88 5.44 14.23
N PRO E 273 -38.43 5.89 13.06
CA PRO E 273 -36.99 6.00 12.82
C PRO E 273 -36.37 7.12 13.62
N LEU E 274 -35.08 6.99 13.87
CA LEU E 274 -34.34 7.98 14.65
C LEU E 274 -33.93 9.14 13.77
N VAL E 275 -34.24 10.36 14.21
CA VAL E 275 -33.86 11.58 13.52
C VAL E 275 -32.57 12.08 14.16
N ILE E 276 -31.48 12.04 13.42
CA ILE E 276 -30.16 12.39 13.92
C ILE E 276 -29.77 13.73 13.33
N ASP E 277 -29.56 14.72 14.19
CA ASP E 277 -29.05 16.03 13.80
C ASP E 277 -27.53 15.93 13.73
N TYR E 278 -27.00 15.67 12.54
CA TYR E 278 -25.56 15.47 12.38
C TYR E 278 -24.88 16.84 12.45
N VAL E 279 -24.30 17.13 13.61
CA VAL E 279 -23.37 18.24 13.75
C VAL E 279 -21.94 17.75 13.82
N THR E 280 -21.76 16.60 14.45
CA THR E 280 -20.54 15.83 14.48
C THR E 280 -20.70 14.56 13.67
N PRO E 281 -19.61 13.86 13.34
CA PRO E 281 -19.75 12.62 12.56
C PRO E 281 -20.59 11.59 13.29
N CYS E 282 -21.29 10.77 12.51
CA CYS E 282 -22.07 9.67 13.07
C CYS E 282 -21.17 8.78 13.91
N ALA E 283 -21.59 8.53 15.16
CA ALA E 283 -20.78 7.76 16.10
C ALA E 283 -20.65 6.30 15.70
N LEU E 284 -21.33 5.87 14.64
CA LEU E 284 -21.42 4.45 14.32
C LEU E 284 -20.76 4.09 12.99
N CYS E 285 -20.62 5.02 12.05
CA CYS E 285 -19.93 4.74 10.80
C CYS E 285 -19.00 5.87 10.33
N LYS E 286 -18.94 6.99 11.05
CA LYS E 286 -18.05 8.11 10.77
C LYS E 286 -18.31 8.80 9.44
N LYS E 287 -19.45 8.53 8.80
CA LYS E 287 -19.75 9.17 7.53
C LYS E 287 -20.36 10.55 7.76
N ARG E 288 -20.44 11.33 6.67
CA ARG E 288 -21.01 12.66 6.72
C ARG E 288 -22.47 12.62 7.19
N SER E 289 -23.32 11.97 6.40
CA SER E 289 -24.74 11.86 6.74
C SER E 289 -25.29 10.62 6.06
N HIS E 290 -26.47 10.20 6.52
CA HIS E 290 -27.16 9.05 5.98
C HIS E 290 -28.41 9.50 5.24
N LYS E 291 -28.52 9.08 3.97
CA LYS E 291 -29.73 9.38 3.21
C LYS E 291 -30.95 8.75 3.85
N HIS E 292 -30.77 7.65 4.56
CA HIS E 292 -31.84 6.94 5.22
C HIS E 292 -31.75 7.14 6.73
N PRO E 293 -32.89 7.25 7.43
CA PRO E 293 -32.86 7.37 8.88
C PRO E 293 -32.52 6.05 9.54
N HIS E 294 -32.08 6.14 10.79
CA HIS E 294 -31.79 4.95 11.59
C HIS E 294 -33.04 4.49 12.32
N GLN E 295 -33.22 3.17 12.37
CA GLN E 295 -34.40 2.59 12.98
C GLN E 295 -33.98 1.60 14.06
N LEU E 296 -34.86 1.39 15.02
CA LEU E 296 -34.60 0.62 16.22
C LEU E 296 -35.44 -0.66 16.20
N SER E 297 -34.83 -1.76 16.66
CA SER E 297 -35.48 -3.06 16.63
C SER E 297 -35.23 -3.79 17.94
N LEU E 298 -36.12 -4.74 18.24
CA LEU E 298 -36.04 -5.54 19.46
C LEU E 298 -36.01 -7.01 19.08
N GLU E 299 -34.97 -7.72 19.52
CA GLU E 299 -34.82 -9.14 19.24
C GLU E 299 -33.97 -9.80 20.32
N ASN E 300 -34.26 -11.07 20.60
CA ASN E 300 -33.49 -11.88 21.55
C ASN E 300 -33.36 -11.20 22.90
N GLY E 301 -34.41 -10.52 23.33
CA GLY E 301 -34.38 -9.81 24.60
C GLY E 301 -33.34 -8.71 24.65
N ALA E 302 -32.97 -8.16 23.50
CA ALA E 302 -31.93 -7.15 23.41
C ALA E 302 -32.33 -6.15 22.34
N ILE E 303 -31.74 -4.95 22.43
CA ILE E 303 -32.14 -3.82 21.62
C ILE E 303 -31.08 -3.57 20.56
N ARG E 304 -31.48 -3.53 19.29
CA ARG E 304 -30.54 -3.47 18.18
C ARG E 304 -30.81 -2.22 17.36
N ILE E 305 -29.73 -1.55 16.94
CA ILE E 305 -29.80 -0.32 16.16
C ILE E 305 -29.21 -0.59 14.77
N TYR E 306 -29.89 -0.11 13.73
CA TYR E 306 -29.47 -0.32 12.37
C TYR E 306 -29.88 0.87 11.51
N LYS E 307 -29.31 0.95 10.31
CA LYS E 307 -29.65 1.99 9.35
C LYS E 307 -30.65 1.44 8.33
N THR E 308 -31.70 2.20 8.07
CA THR E 308 -32.70 1.78 7.09
C THR E 308 -32.14 1.91 5.68
N GLY E 309 -32.88 1.35 4.72
CA GLY E 309 -32.46 1.41 3.33
C GLY E 309 -31.42 0.35 3.02
N ASN E 310 -30.16 0.75 2.99
CA ASN E 310 -29.02 -0.16 2.85
C ASN E 310 -28.35 -0.26 4.21
N PRO E 311 -28.76 -1.21 5.07
CA PRO E 311 -28.11 -1.34 6.38
C PRO E 311 -26.65 -1.76 6.29
N HIS E 312 -26.22 -2.29 5.15
CA HIS E 312 -24.85 -2.78 5.01
C HIS E 312 -23.83 -1.65 4.93
N SER E 313 -24.25 -0.44 4.56
CA SER E 313 -23.35 0.69 4.49
C SER E 313 -23.01 1.29 5.85
N CYS E 314 -23.72 0.88 6.90
CA CYS E 314 -23.52 1.40 8.23
C CYS E 314 -23.42 0.25 9.22
N LYS E 315 -22.55 0.39 10.21
CA LYS E 315 -22.36 -0.68 11.18
C LYS E 315 -23.61 -0.90 12.02
N VAL E 316 -23.71 -2.08 12.62
CA VAL E 316 -24.84 -2.47 13.46
C VAL E 316 -24.31 -2.78 14.85
N LYS E 317 -24.91 -2.15 15.86
CA LYS E 317 -24.54 -2.37 17.25
C LYS E 317 -25.71 -2.97 18.02
N ILE E 318 -25.38 -3.69 19.09
CA ILE E 318 -26.36 -4.37 19.92
C ILE E 318 -26.09 -4.02 21.37
N VAL E 319 -27.16 -3.69 22.10
CA VAL E 319 -27.09 -3.40 23.52
C VAL E 319 -28.01 -4.36 24.25
N PRO E 320 -27.51 -5.14 25.21
CA PRO E 320 -28.38 -6.08 25.94
C PRO E 320 -29.44 -5.33 26.73
N LEU E 321 -30.62 -5.93 26.83
CA LEU E 321 -31.75 -5.32 27.50
C LEU E 321 -32.23 -6.11 28.72
N ASP E 322 -31.77 -7.35 28.90
CA ASP E 322 -32.15 -8.13 30.06
C ASP E 322 -31.59 -7.52 31.35
N GLY E 323 -32.27 -7.82 32.46
CA GLY E 323 -31.89 -7.28 33.75
C GLY E 323 -30.80 -8.10 34.41
N ASN E 324 -30.53 -7.77 35.67
CA ASN E 324 -29.53 -8.48 36.44
C ASN E 324 -30.04 -9.89 36.74
N LYS E 325 -29.26 -10.90 36.34
CA LYS E 325 -29.74 -12.28 36.39
C LYS E 325 -29.81 -12.80 37.82
N LEU E 326 -28.79 -12.51 38.63
CA LEU E 326 -28.74 -13.04 39.98
C LEU E 326 -29.86 -12.49 40.84
N PHE E 327 -30.23 -11.22 40.67
CA PHE E 327 -31.36 -10.68 41.40
C PHE E 327 -32.66 -11.39 41.03
N ASN E 328 -32.84 -11.68 39.75
CA ASN E 328 -34.03 -12.41 39.33
C ASN E 328 -34.04 -13.82 39.93
N ILE E 329 -32.89 -14.48 39.97
CA ILE E 329 -32.82 -15.81 40.57
C ILE E 329 -33.16 -15.74 42.05
N ALA E 330 -32.64 -14.73 42.75
CA ALA E 330 -32.93 -14.58 44.17
C ALA E 330 -34.41 -14.34 44.41
N GLN E 331 -35.03 -13.49 43.58
CA GLN E 331 -36.46 -13.25 43.71
C GLN E 331 -37.26 -14.52 43.47
N ARG E 332 -36.88 -15.28 42.44
CA ARG E 332 -37.59 -16.53 42.15
C ARG E 332 -37.47 -17.51 43.31
N ILE E 333 -36.28 -17.61 43.90
CA ILE E 333 -36.08 -18.52 45.03
C ILE E 333 -36.92 -18.07 46.22
N LEU E 334 -36.91 -16.77 46.52
CA LEU E 334 -37.66 -16.27 47.67
C LEU E 334 -39.16 -16.39 47.45
N ASP E 335 -39.61 -16.41 46.19
CA ASP E 335 -41.04 -16.53 45.91
C ASP E 335 -41.63 -17.85 46.39
N THR E 336 -40.79 -18.86 46.66
CA THR E 336 -41.27 -20.17 47.06
C THR E 336 -41.42 -20.31 48.58
N ASN E 337 -41.08 -19.28 49.35
CA ASN E 337 -41.19 -19.31 50.81
C ASN E 337 -40.43 -20.50 51.41
N SER E 338 -39.21 -20.70 50.93
CA SER E 338 -38.39 -21.80 51.41
C SER E 338 -37.45 -21.41 52.54
N VAL E 339 -37.19 -20.11 52.72
CA VAL E 339 -36.32 -19.62 53.79
C VAL E 339 -37.03 -18.48 54.50
N LEU E 340 -37.03 -18.52 55.83
CA LEU E 340 -37.70 -17.51 56.64
C LEU E 340 -36.79 -17.06 57.76
N LEU E 341 -37.23 -16.04 58.49
CA LEU E 341 -36.47 -15.47 59.60
C LEU E 341 -37.01 -16.00 60.93
N THR E 342 -36.10 -16.17 61.88
CA THR E 342 -36.45 -16.78 63.16
C THR E 342 -37.02 -15.79 64.17
N GLU E 343 -36.90 -14.49 63.91
CA GLU E 343 -37.20 -13.40 64.84
C GLU E 343 -36.16 -13.32 65.95
N ARG E 344 -35.28 -14.31 66.06
CA ARG E 344 -34.21 -14.34 67.05
C ARG E 344 -32.87 -13.92 66.49
N GLY E 345 -32.60 -14.22 65.21
CA GLY E 345 -31.35 -13.84 64.59
C GLY E 345 -30.80 -14.89 63.65
N ASP E 346 -31.47 -16.04 63.56
CA ASP E 346 -31.05 -17.13 62.71
C ASP E 346 -31.97 -17.24 61.49
N HIS E 347 -31.74 -18.28 60.69
CA HIS E 347 -32.54 -18.54 59.50
C HIS E 347 -33.00 -19.99 59.50
N ILE E 348 -34.16 -20.23 58.90
CA ILE E 348 -34.80 -21.54 58.87
C ILE E 348 -35.01 -21.94 57.41
N VAL E 349 -34.69 -23.20 57.10
CA VAL E 349 -34.60 -23.67 55.72
C VAL E 349 -35.45 -24.92 55.55
N TRP E 350 -36.20 -24.97 54.46
CA TRP E 350 -36.96 -26.16 54.06
C TRP E 350 -36.09 -26.99 53.13
N ILE E 351 -35.44 -28.02 53.67
CA ILE E 351 -34.60 -28.90 52.89
C ILE E 351 -34.90 -30.34 53.26
N ASN E 352 -34.87 -31.22 52.26
CA ASN E 352 -35.09 -32.65 52.46
C ASN E 352 -36.41 -32.94 53.14
N ASN E 353 -37.43 -32.14 52.80
CA ASN E 353 -38.76 -32.25 53.40
C ASN E 353 -38.69 -32.19 54.92
N SER E 354 -37.86 -31.27 55.42
CA SER E 354 -37.67 -31.11 56.86
C SER E 354 -37.26 -29.67 57.16
N TRP E 355 -37.78 -29.14 58.24
CA TRP E 355 -37.48 -27.79 58.68
C TRP E 355 -36.29 -27.83 59.64
N LYS E 356 -35.23 -27.09 59.31
CA LYS E 356 -33.99 -27.15 60.06
C LYS E 356 -33.52 -25.76 60.47
N PHE E 357 -32.99 -25.67 61.68
CA PHE E 357 -32.25 -24.51 62.17
C PHE E 357 -30.79 -24.66 61.82
N ASN E 358 -30.04 -23.56 61.99
CA ASN E 358 -28.59 -23.64 61.91
C ASN E 358 -27.97 -22.39 62.51
N SER E 359 -26.71 -22.49 62.94
CA SER E 359 -26.02 -21.39 63.54
C SER E 359 -24.54 -21.26 63.14
N GLU E 360 -23.88 -22.35 62.76
CA GLU E 360 -22.44 -22.32 62.50
C GLU E 360 -22.10 -22.44 61.01
N GLU E 361 -22.42 -23.58 60.38
CA GLU E 361 -22.24 -23.69 58.94
C GLU E 361 -23.56 -23.45 58.22
N PRO E 362 -23.52 -22.91 57.00
CA PRO E 362 -24.74 -22.40 56.38
C PRO E 362 -25.59 -23.46 55.70
N LEU E 363 -26.88 -23.14 55.57
CA LEU E 363 -27.83 -23.95 54.83
C LEU E 363 -28.41 -23.25 53.60
N ILE E 364 -28.30 -21.93 53.50
CA ILE E 364 -28.89 -21.22 52.36
C ILE E 364 -28.22 -21.65 51.07
N THR E 365 -26.90 -21.86 51.10
CA THR E 365 -26.21 -22.33 49.90
C THR E 365 -26.70 -23.71 49.49
N LYS E 366 -26.91 -24.60 50.46
CA LYS E 366 -27.44 -25.92 50.15
C LYS E 366 -28.84 -25.82 49.56
N LEU E 367 -29.65 -24.90 50.07
CA LEU E 367 -30.96 -24.66 49.46
C LEU E 367 -30.83 -24.20 48.02
N ILE E 368 -29.89 -23.28 47.77
CA ILE E 368 -29.71 -22.77 46.41
C ILE E 368 -29.30 -23.88 45.47
N LEU E 369 -28.41 -24.76 45.92
CA LEU E 369 -27.92 -25.83 45.06
C LEU E 369 -28.99 -26.87 44.73
N SER E 370 -30.06 -26.96 45.52
CA SER E 370 -31.05 -28.01 45.36
C SER E 370 -32.31 -27.55 44.65
N ILE E 371 -32.33 -26.34 44.10
CA ILE E 371 -33.51 -25.82 43.41
C ILE E 371 -33.33 -25.70 41.90
N ARG E 372 -32.09 -25.78 41.42
CA ARG E 372 -31.75 -25.56 40.01
C ARG E 372 -32.71 -26.24 39.05
N HIS E 373 -33.22 -27.41 39.42
CA HIS E 373 -34.14 -28.13 38.55
C HIS E 373 -35.45 -27.37 38.37
N GLN E 374 -35.95 -26.75 39.44
CA GLN E 374 -37.23 -26.06 39.36
C GLN E 374 -37.13 -24.74 38.61
N LEU E 375 -35.98 -24.08 38.66
CA LEU E 375 -35.80 -22.80 38.00
C LEU E 375 -35.79 -22.98 36.48
N PRO E 376 -36.02 -21.90 35.74
CA PRO E 376 -35.85 -21.97 34.28
C PRO E 376 -34.43 -22.41 33.93
N LYS E 377 -34.33 -23.16 32.84
CA LYS E 377 -33.11 -23.90 32.55
C LYS E 377 -31.91 -22.98 32.38
N GLU E 378 -32.09 -21.86 31.68
CA GLU E 378 -30.96 -20.95 31.47
C GLU E 378 -30.42 -20.40 32.77
N TYR E 379 -31.24 -20.36 33.83
CA TYR E 379 -30.76 -19.93 35.14
C TYR E 379 -29.94 -20.99 35.84
N SER E 380 -30.22 -22.28 35.59
CA SER E 380 -29.61 -23.35 36.36
C SER E 380 -28.12 -23.49 36.08
N SER E 381 -27.68 -23.12 34.87
CA SER E 381 -26.27 -23.33 34.52
C SER E 381 -25.34 -22.48 35.36
N GLU E 382 -25.81 -21.33 35.86
CA GLU E 382 -24.96 -20.42 36.61
C GLU E 382 -24.91 -20.73 38.10
N LEU E 383 -25.71 -21.68 38.58
CA LEU E 383 -25.74 -22.01 40.00
C LEU E 383 -24.72 -23.08 40.37
N LEU E 384 -23.66 -23.23 39.57
CA LEU E 384 -22.63 -24.22 39.86
C LEU E 384 -21.35 -23.60 40.43
N CYS E 385 -21.13 -22.31 40.22
CA CYS E 385 -19.94 -21.67 40.76
C CYS E 385 -20.22 -21.13 42.16
N PRO E 386 -19.36 -21.41 43.14
CA PRO E 386 -19.66 -21.00 44.52
C PRO E 386 -19.83 -19.50 44.70
N ARG E 387 -19.10 -18.67 43.95
CA ARG E 387 -19.20 -17.22 44.13
C ARG E 387 -20.60 -16.72 43.77
N LYS E 388 -21.20 -17.29 42.72
CA LYS E 388 -22.55 -16.89 42.34
C LYS E 388 -23.56 -17.32 43.39
N ARG E 389 -23.36 -18.51 43.98
CA ARG E 389 -24.22 -18.94 45.07
C ARG E 389 -24.10 -18.00 46.26
N LYS E 390 -22.88 -17.56 46.57
CA LYS E 390 -22.69 -16.61 47.66
C LYS E 390 -23.40 -15.29 47.37
N THR E 391 -23.32 -14.81 46.12
CA THR E 391 -24.02 -13.57 45.77
C THR E 391 -25.52 -13.72 45.91
N VAL E 392 -26.08 -14.84 45.46
CA VAL E 392 -27.52 -15.09 45.61
C VAL E 392 -27.88 -15.15 47.08
N GLU E 393 -27.03 -15.78 47.90
CA GLU E 393 -27.27 -15.81 49.34
C GLU E 393 -27.28 -14.41 49.93
N ALA E 394 -26.34 -13.56 49.52
CA ALA E 394 -26.31 -12.20 50.02
C ALA E 394 -27.59 -11.46 49.66
N ASN E 395 -28.06 -11.61 48.43
CA ASN E 395 -29.31 -10.98 48.04
C ASN E 395 -30.48 -11.50 48.89
N ILE E 396 -30.52 -12.82 49.12
CA ILE E 396 -31.64 -13.40 49.86
C ILE E 396 -31.67 -12.87 51.28
N ARG E 397 -30.52 -12.85 51.96
CA ARG E 397 -30.49 -12.28 53.30
C ARG E 397 -30.72 -10.78 53.30
N ASP E 398 -30.47 -10.11 52.18
CA ASP E 398 -30.75 -8.68 52.10
C ASP E 398 -32.22 -8.36 51.93
N MET E 399 -32.99 -9.23 51.28
CA MET E 399 -34.40 -8.95 51.02
C MET E 399 -35.33 -9.62 52.04
N LEU E 400 -34.83 -9.92 53.24
CA LEU E 400 -35.66 -10.46 54.32
C LEU E 400 -35.64 -9.47 55.47
N VAL E 401 -36.76 -8.80 55.70
CA VAL E 401 -36.84 -7.76 56.72
C VAL E 401 -37.83 -8.13 57.81
N ASP E 402 -38.84 -8.92 57.47
CA ASP E 402 -39.89 -9.30 58.40
C ASP E 402 -39.61 -10.67 59.00
N SER E 403 -40.12 -10.87 60.21
CA SER E 403 -39.88 -12.08 60.98
C SER E 403 -41.17 -12.84 61.22
N VAL E 404 -41.04 -14.14 61.49
CA VAL E 404 -42.17 -15.01 61.79
C VAL E 404 -41.85 -15.81 63.04
N GLU E 405 -42.91 -16.36 63.64
CA GLU E 405 -42.80 -17.15 64.86
C GLU E 405 -43.04 -18.61 64.53
N THR E 406 -42.20 -19.49 65.05
CA THR E 406 -42.26 -20.91 64.78
C THR E 406 -43.00 -21.64 65.90
N ASP E 407 -43.59 -22.78 65.55
CA ASP E 407 -44.30 -23.66 66.49
C ASP E 407 -45.44 -22.90 67.17
N THR E 408 -46.32 -22.35 66.35
CA THR E 408 -47.47 -21.58 66.84
C THR E 408 -48.71 -22.44 67.05
N TYR E 409 -48.94 -23.42 66.19
CA TYR E 409 -50.15 -24.24 66.29
C TYR E 409 -50.01 -25.24 67.43
N PRO E 410 -50.90 -25.23 68.42
CA PRO E 410 -50.83 -26.22 69.50
C PRO E 410 -51.64 -27.48 69.25
N ASP E 411 -52.26 -27.62 68.08
CA ASP E 411 -53.09 -28.77 67.75
C ASP E 411 -52.54 -29.51 66.53
N LYS E 412 -51.22 -29.69 66.50
CA LYS E 412 -50.56 -30.40 65.41
C LYS E 412 -49.61 -31.43 65.97
N LEU E 413 -49.53 -32.58 65.31
CA LEU E 413 -48.63 -33.66 65.72
C LEU E 413 -47.56 -33.84 64.64
N PRO E 414 -46.35 -33.31 64.84
CA PRO E 414 -45.32 -33.44 63.81
C PRO E 414 -44.82 -34.88 63.71
N PHE E 415 -44.35 -35.24 62.52
CA PHE E 415 -43.76 -36.53 62.25
C PHE E 415 -42.55 -36.32 61.35
N LYS E 416 -41.74 -37.38 61.22
CA LYS E 416 -40.56 -37.29 60.38
C LYS E 416 -40.93 -37.08 58.92
N ASN E 417 -42.01 -37.70 58.46
CA ASN E 417 -42.43 -37.64 57.07
C ASN E 417 -43.72 -36.85 56.86
N GLY E 418 -44.12 -36.05 57.85
CA GLY E 418 -45.32 -35.26 57.69
C GLY E 418 -45.77 -34.70 59.02
N VAL E 419 -47.02 -34.21 59.02
CA VAL E 419 -47.65 -33.69 60.23
C VAL E 419 -49.05 -34.28 60.33
N LEU E 420 -49.54 -34.39 61.56
CA LEU E 420 -50.83 -35.02 61.84
C LEU E 420 -51.74 -34.01 62.53
N ASP E 421 -52.96 -33.85 61.99
CA ASP E 421 -53.97 -32.99 62.59
C ASP E 421 -54.94 -33.87 63.39
N LEU E 422 -54.80 -33.83 64.71
CA LEU E 422 -55.62 -34.67 65.57
C LEU E 422 -57.05 -34.15 65.72
N VAL E 423 -57.29 -32.88 65.42
CA VAL E 423 -58.64 -32.34 65.53
C VAL E 423 -59.59 -32.95 64.49
N ASP E 424 -59.05 -33.48 63.40
CA ASP E 424 -59.87 -34.13 62.38
C ASP E 424 -59.32 -35.45 61.88
N GLY E 425 -58.10 -35.83 62.24
CA GLY E 425 -57.53 -37.09 61.80
C GLY E 425 -57.16 -37.11 60.34
N MET E 426 -56.21 -36.26 59.95
CA MET E 426 -55.80 -36.18 58.55
C MET E 426 -54.29 -35.96 58.53
N PHE E 427 -53.59 -36.78 57.76
CA PHE E 427 -52.13 -36.75 57.71
C PHE E 427 -51.68 -35.94 56.49
N TYR E 428 -50.94 -34.86 56.75
CA TYR E 428 -50.38 -34.02 55.70
C TYR E 428 -48.92 -34.39 55.52
N SER E 429 -48.54 -34.71 54.28
CA SER E 429 -47.18 -35.10 53.97
C SER E 429 -46.67 -34.29 52.77
N GLY E 430 -45.36 -34.13 52.71
CA GLY E 430 -44.74 -33.40 51.63
C GLY E 430 -44.82 -31.89 51.82
N ASP E 431 -45.04 -31.17 50.72
CA ASP E 431 -45.12 -29.71 50.78
C ASP E 431 -46.34 -29.22 51.56
N ASP E 432 -47.31 -30.09 51.81
CA ASP E 432 -48.51 -29.69 52.54
C ASP E 432 -48.20 -29.33 53.99
N ALA E 433 -47.10 -29.84 54.54
CA ALA E 433 -46.71 -29.55 55.90
C ALA E 433 -45.78 -28.34 56.01
N LYS E 434 -45.49 -27.67 54.90
CA LYS E 434 -44.60 -26.52 54.94
C LYS E 434 -45.24 -25.34 55.68
N LYS E 435 -46.56 -25.20 55.59
CA LYS E 435 -47.22 -24.07 56.24
C LYS E 435 -47.05 -24.11 57.75
N TYR E 436 -47.15 -25.29 58.35
CA TYR E 436 -46.97 -25.44 59.79
C TYR E 436 -45.47 -25.49 60.08
N THR E 437 -44.94 -24.40 60.61
CA THR E 437 -43.50 -24.32 60.90
C THR E 437 -43.23 -25.12 62.17
N CYS E 438 -42.97 -26.41 61.99
CA CYS E 438 -42.65 -27.31 63.08
C CYS E 438 -41.19 -27.72 62.98
N THR E 439 -40.44 -27.51 64.05
CA THR E 439 -39.00 -27.74 64.05
C THR E 439 -38.60 -28.97 64.86
N VAL E 440 -39.57 -29.76 65.31
CA VAL E 440 -39.31 -30.99 66.04
C VAL E 440 -40.15 -32.10 65.42
N SER E 441 -39.74 -33.34 65.67
CA SER E 441 -40.43 -34.49 65.11
C SER E 441 -40.24 -35.69 66.03
N THR E 442 -41.12 -36.68 65.87
CA THR E 442 -41.06 -37.89 66.68
C THR E 442 -39.87 -38.76 66.30
N GLY E 443 -39.30 -38.57 65.12
CA GLY E 443 -38.13 -39.33 64.70
C GLY E 443 -38.43 -40.65 64.01
N PHE E 444 -39.70 -40.93 63.70
CA PHE E 444 -40.05 -42.16 63.00
C PHE E 444 -41.18 -41.88 62.02
N LYS E 445 -41.23 -42.69 60.96
CA LYS E 445 -42.22 -42.52 59.92
C LYS E 445 -43.62 -42.92 60.40
N PHE E 446 -44.62 -42.36 59.75
CA PHE E 446 -46.02 -42.66 60.04
C PHE E 446 -46.57 -43.61 58.97
N ASP E 447 -47.16 -44.71 59.42
CA ASP E 447 -47.73 -45.71 58.53
C ASP E 447 -49.25 -45.71 58.69
N ASP E 448 -49.96 -45.51 57.58
CA ASP E 448 -51.43 -45.48 57.63
C ASP E 448 -52.01 -46.88 57.72
N THR E 449 -51.31 -47.90 57.20
CA THR E 449 -51.85 -49.25 57.21
C THR E 449 -52.04 -49.79 58.63
N LYS E 450 -51.07 -49.53 59.50
CA LYS E 450 -51.18 -50.03 60.88
C LYS E 450 -52.17 -49.21 61.70
N PHE E 451 -52.47 -47.98 61.29
CA PHE E 451 -53.42 -47.13 62.00
C PHE E 451 -54.82 -47.42 61.48
N VAL E 452 -55.40 -48.51 62.00
CA VAL E 452 -56.72 -48.96 61.60
C VAL E 452 -57.57 -49.17 62.85
N GLU E 453 -58.86 -49.44 62.62
CA GLU E 453 -59.79 -49.60 63.73
C GLU E 453 -59.53 -50.90 64.50
N ASP E 454 -59.35 -52.01 63.78
CA ASP E 454 -59.20 -53.32 64.40
C ASP E 454 -57.85 -53.91 64.01
N SER E 455 -57.05 -54.26 65.01
CA SER E 455 -55.76 -54.91 64.83
C SER E 455 -55.43 -55.74 66.07
N PRO E 456 -55.44 -57.08 65.97
CA PRO E 456 -55.31 -57.94 67.16
C PRO E 456 -54.33 -57.44 68.21
N GLU E 457 -53.22 -56.84 67.76
CA GLU E 457 -52.27 -56.21 68.67
C GLU E 457 -52.94 -55.13 69.52
N MET E 458 -53.69 -54.22 68.88
CA MET E 458 -54.34 -53.18 69.67
C MET E 458 -55.50 -53.75 70.47
N GLU E 459 -56.07 -54.87 70.03
CA GLU E 459 -57.08 -55.56 70.84
C GLU E 459 -56.48 -56.03 72.15
N GLU E 460 -55.33 -56.71 72.09
CA GLU E 460 -54.71 -57.17 73.33
C GLU E 460 -54.22 -55.99 74.16
N LEU E 461 -53.72 -54.93 73.51
CA LEU E 461 -53.27 -53.76 74.25
C LEU E 461 -54.43 -53.09 74.98
N MET E 462 -55.58 -52.96 74.33
CA MET E 462 -56.75 -52.37 74.99
C MET E 462 -57.28 -53.28 76.08
N ASN E 463 -57.16 -54.59 75.92
CA ASN E 463 -57.49 -55.50 77.02
C ASN E 463 -56.62 -55.22 78.23
N ILE E 464 -55.30 -55.10 78.02
CA ILE E 464 -54.38 -54.82 79.12
C ILE E 464 -54.71 -53.47 79.75
N ILE E 465 -55.04 -52.48 78.93
CA ILE E 465 -55.31 -51.14 79.46
C ILE E 465 -56.61 -51.13 80.27
N ASN E 466 -57.67 -51.74 79.74
CA ASN E 466 -58.97 -51.66 80.37
C ASN E 466 -59.19 -52.68 81.48
N ASP E 467 -58.32 -53.66 81.64
CA ASP E 467 -58.47 -54.55 82.79
C ASP E 467 -58.14 -53.83 84.10
N ILE E 468 -57.32 -52.77 84.03
CA ILE E 468 -57.04 -51.99 85.23
C ILE E 468 -58.27 -51.19 85.65
N GLN E 469 -58.96 -50.58 84.69
CA GLN E 469 -60.12 -49.73 84.99
C GLN E 469 -61.37 -50.33 84.36
N PRO E 470 -62.24 -50.99 85.13
CA PRO E 470 -63.49 -51.51 84.58
C PRO E 470 -64.40 -50.37 84.11
N LEU E 471 -65.20 -50.67 83.08
CA LEU E 471 -66.17 -49.73 82.54
C LEU E 471 -67.44 -49.76 83.38
N THR E 472 -67.33 -49.22 84.59
CA THR E 472 -68.44 -49.23 85.54
C THR E 472 -68.66 -47.83 86.09
N ASP E 473 -69.89 -47.58 86.53
CA ASP E 473 -70.25 -46.28 87.10
C ASP E 473 -69.58 -46.03 88.44
N GLU E 474 -69.09 -47.09 89.10
CA GLU E 474 -68.43 -46.91 90.39
C GLU E 474 -67.16 -46.09 90.25
N ASN E 475 -66.39 -46.33 89.19
CA ASN E 475 -65.10 -45.68 88.98
C ASN E 475 -65.19 -44.57 87.93
N LYS E 476 -66.40 -44.14 87.60
CA LYS E 476 -66.59 -43.23 86.46
C LYS E 476 -65.86 -41.91 86.69
N LYS E 477 -65.87 -41.39 87.92
CA LYS E 477 -65.08 -40.21 88.23
C LYS E 477 -63.59 -40.48 88.00
N ASN E 478 -63.12 -41.62 88.48
CA ASN E 478 -61.74 -42.02 88.24
C ASN E 478 -61.47 -42.26 86.76
N ARG E 479 -62.46 -42.78 86.04
CA ARG E 479 -62.30 -42.94 84.60
C ARG E 479 -62.14 -41.60 83.90
N GLU E 480 -62.92 -40.59 84.30
CA GLU E 480 -62.76 -39.27 83.73
C GLU E 480 -61.38 -38.70 84.04
N LEU E 481 -60.92 -38.86 85.28
CA LEU E 481 -59.58 -38.38 85.62
C LEU E 481 -58.50 -39.08 84.79
N TYR E 482 -58.62 -40.40 84.63
CA TYR E 482 -57.63 -41.16 83.89
C TYR E 482 -57.63 -40.78 82.41
N GLU E 483 -58.80 -40.55 81.83
CA GLU E 483 -58.87 -40.08 80.46
C GLU E 483 -58.30 -38.68 80.31
N LYS E 484 -58.56 -37.81 81.28
CA LYS E 484 -58.11 -36.42 81.18
C LYS E 484 -56.59 -36.32 81.30
N THR E 485 -55.99 -37.08 82.22
CA THR E 485 -54.58 -36.87 82.53
C THR E 485 -53.67 -37.25 81.35
N LEU E 486 -54.04 -38.29 80.59
CA LEU E 486 -53.17 -38.71 79.49
C LEU E 486 -53.42 -37.91 78.21
N SER E 487 -54.63 -37.37 78.03
CA SER E 487 -54.92 -36.62 76.81
C SER E 487 -54.16 -35.31 76.75
N SER E 488 -53.69 -34.79 77.88
CA SER E 488 -52.96 -33.53 77.88
C SER E 488 -51.59 -33.66 77.24
N CYS E 489 -51.01 -34.86 77.25
CA CYS E 489 -49.69 -35.07 76.66
C CYS E 489 -49.71 -34.83 75.14
N LEU E 490 -50.86 -35.02 74.50
CA LEU E 490 -50.93 -34.74 73.06
C LEU E 490 -50.98 -33.25 72.78
N CYS E 491 -51.47 -32.46 73.73
CA CYS E 491 -51.54 -31.02 73.53
C CYS E 491 -50.15 -30.39 73.52
N GLY E 492 -49.98 -29.36 72.69
CA GLY E 492 -48.75 -28.61 72.62
C GLY E 492 -48.74 -27.30 73.37
N ALA E 493 -49.87 -26.89 73.94
CA ALA E 493 -49.92 -25.63 74.67
C ALA E 493 -49.22 -25.78 76.02
N THR E 494 -48.93 -24.64 76.64
CA THR E 494 -48.26 -24.61 77.93
C THR E 494 -49.27 -24.81 79.05
N LYS E 495 -49.00 -25.79 79.92
CA LYS E 495 -49.86 -26.07 81.06
C LYS E 495 -49.00 -26.48 82.25
N GLY E 496 -49.43 -26.08 83.44
CA GLY E 496 -48.66 -26.35 84.65
C GLY E 496 -49.47 -26.99 85.76
N CYS E 497 -50.43 -27.85 85.41
CA CYS E 497 -51.26 -28.55 86.38
C CYS E 497 -50.72 -29.97 86.52
N LEU E 498 -50.03 -30.24 87.62
CA LEU E 498 -49.45 -31.56 87.84
C LEU E 498 -50.53 -32.56 88.20
N THR E 499 -50.25 -33.83 87.91
CA THR E 499 -51.16 -34.93 88.21
C THR E 499 -50.39 -36.04 88.91
N PHE E 500 -51.02 -36.65 89.92
CA PHE E 500 -50.40 -37.71 90.71
C PHE E 500 -51.08 -39.04 90.42
N PHE E 501 -50.26 -40.08 90.26
CA PHE E 501 -50.75 -41.45 90.08
C PHE E 501 -50.63 -42.18 91.40
N PHE E 502 -51.77 -42.62 91.94
CA PHE E 502 -51.82 -43.31 93.22
C PHE E 502 -52.47 -44.68 93.03
N GLY E 503 -51.74 -45.72 93.37
CA GLY E 503 -52.26 -47.07 93.24
C GLY E 503 -51.23 -48.09 93.69
N GLU E 504 -51.68 -49.34 93.75
CA GLU E 504 -50.81 -50.43 94.16
C GLU E 504 -49.93 -50.89 93.01
N THR E 505 -48.83 -51.55 93.36
CA THR E 505 -47.92 -52.09 92.36
C THR E 505 -48.50 -53.33 91.71
N ALA E 506 -47.86 -53.76 90.62
CA ALA E 506 -48.28 -54.94 89.85
C ALA E 506 -49.73 -54.81 89.40
N THR E 507 -50.12 -53.59 89.00
CA THR E 507 -51.47 -53.33 88.52
C THR E 507 -51.49 -52.83 87.08
N GLY E 508 -50.36 -52.91 86.37
CA GLY E 508 -50.27 -52.42 85.02
C GLY E 508 -50.04 -50.93 84.88
N LYS E 509 -49.96 -50.20 86.00
CA LYS E 509 -49.71 -48.77 85.93
C LYS E 509 -48.32 -48.47 85.40
N SER E 510 -47.31 -49.23 85.83
CA SER E 510 -45.95 -49.02 85.36
C SER E 510 -45.78 -49.36 83.89
N THR E 511 -46.71 -50.15 83.31
CA THR E 511 -46.63 -50.47 81.90
C THR E 511 -46.81 -49.22 81.04
N THR E 512 -47.70 -48.32 81.45
CA THR E 512 -47.93 -47.09 80.70
C THR E 512 -46.67 -46.24 80.61
N LYS E 513 -45.79 -46.33 81.61
CA LYS E 513 -44.54 -45.57 81.57
C LYS E 513 -43.70 -45.95 80.37
N ARG E 514 -43.57 -47.24 80.08
CA ARG E 514 -42.84 -47.68 78.90
C ARG E 514 -43.67 -47.51 77.63
N LEU E 515 -45.00 -47.64 77.74
CA LEU E 515 -45.85 -47.48 76.57
C LEU E 515 -45.78 -46.07 76.02
N LEU E 516 -45.71 -45.07 76.90
CA LEU E 516 -45.58 -43.69 76.44
C LEU E 516 -44.27 -43.47 75.70
N LYS E 517 -43.17 -44.00 76.23
CA LYS E 517 -41.88 -43.85 75.56
C LYS E 517 -41.87 -44.54 74.21
N SER E 518 -42.43 -45.76 74.14
CA SER E 518 -42.47 -46.46 72.86
C SER E 518 -43.45 -45.80 71.89
N ALA E 519 -44.42 -45.06 72.41
CA ALA E 519 -45.47 -44.49 71.56
C ALA E 519 -45.03 -43.17 70.93
N ILE E 520 -44.79 -42.15 71.75
CA ILE E 520 -44.50 -40.82 71.22
C ILE E 520 -43.11 -40.80 70.61
N GLY E 521 -42.11 -41.33 71.32
CA GLY E 521 -40.77 -41.39 70.80
C GLY E 521 -39.85 -40.28 71.27
N ASP E 522 -39.37 -39.47 70.33
CA ASP E 522 -38.36 -38.47 70.67
C ASP E 522 -38.90 -37.38 71.60
N LEU E 523 -40.15 -36.96 71.37
CA LEU E 523 -40.71 -35.87 72.17
C LEU E 523 -40.82 -36.26 73.64
N PHE E 524 -41.22 -37.50 73.91
CA PHE E 524 -41.35 -37.96 75.29
C PHE E 524 -39.99 -38.18 75.91
N VAL E 525 -39.72 -37.51 77.03
CA VAL E 525 -38.48 -37.66 77.77
C VAL E 525 -38.82 -37.93 79.23
N GLU E 526 -38.31 -39.03 79.77
CA GLU E 526 -38.55 -39.41 81.15
C GLU E 526 -37.38 -39.01 82.03
N THR E 527 -37.63 -38.94 83.33
CA THR E 527 -36.62 -38.54 84.30
C THR E 527 -36.94 -39.18 85.64
N GLY E 528 -36.16 -38.81 86.66
CA GLY E 528 -36.31 -39.33 88.00
C GLY E 528 -36.62 -38.25 89.01
N GLN E 529 -36.38 -38.58 90.28
CA GLN E 529 -36.62 -37.65 91.38
C GLN E 529 -35.47 -36.69 91.63
N THR E 530 -34.35 -36.86 90.93
CA THR E 530 -33.20 -35.97 91.14
C THR E 530 -33.51 -34.54 90.73
N ILE E 531 -34.44 -34.33 89.79
CA ILE E 531 -34.76 -32.98 89.34
C ILE E 531 -35.55 -32.21 90.39
N LEU E 532 -36.11 -32.88 91.39
CA LEU E 532 -36.95 -32.20 92.37
C LEU E 532 -36.10 -31.45 93.39
N THR E 533 -35.22 -32.16 94.12
CA THR E 533 -34.44 -31.52 95.17
C THR E 533 -33.31 -30.67 94.60
N ASP E 534 -32.78 -31.01 93.44
CA ASP E 534 -31.66 -30.27 92.87
C ASP E 534 -32.09 -28.86 92.48
N VAL E 535 -31.18 -27.91 92.67
CA VAL E 535 -31.42 -26.51 92.31
C VAL E 535 -30.96 -26.32 90.88
N LEU E 536 -31.88 -25.86 90.02
CA LEU E 536 -31.56 -25.66 88.62
C LEU E 536 -30.67 -24.45 88.41
N ASP E 537 -30.80 -23.43 89.25
CA ASP E 537 -29.99 -22.22 89.10
C ASP E 537 -28.52 -22.51 89.33
N LYS E 538 -28.20 -23.36 90.31
CA LYS E 538 -26.82 -23.64 90.65
C LYS E 538 -26.19 -24.55 89.59
N GLY E 539 -25.18 -24.04 88.89
CA GLY E 539 -24.47 -24.81 87.90
C GLY E 539 -25.19 -24.88 86.58
N PRO E 540 -24.50 -25.33 85.53
CA PRO E 540 -25.14 -25.49 84.23
C PRO E 540 -25.84 -26.83 84.10
N ASN E 541 -27.16 -26.80 83.91
CA ASN E 541 -27.94 -28.03 83.81
C ASN E 541 -28.31 -28.27 82.35
N PRO E 542 -27.75 -29.28 81.70
CA PRO E 542 -28.16 -29.56 80.31
C PRO E 542 -29.62 -29.96 80.18
N PHE E 543 -30.21 -30.52 81.23
CA PHE E 543 -31.60 -30.93 81.16
C PHE E 543 -32.53 -29.72 80.99
N ILE E 544 -32.20 -28.60 81.64
CA ILE E 544 -32.99 -27.38 81.48
C ILE E 544 -32.94 -26.91 80.03
N ALA E 545 -31.76 -26.93 79.42
CA ALA E 545 -31.64 -26.55 78.02
C ALA E 545 -32.41 -27.51 77.12
N ASN E 546 -32.38 -28.81 77.44
CA ASN E 546 -33.09 -29.80 76.66
C ASN E 546 -34.58 -29.88 76.98
N MET E 547 -35.05 -29.15 77.99
CA MET E 547 -36.47 -29.14 78.31
C MET E 547 -37.29 -28.50 77.20
N HIS E 548 -36.68 -27.67 76.37
CA HIS E 548 -37.39 -26.96 75.32
C HIS E 548 -38.06 -27.92 74.36
N LEU E 549 -39.33 -27.64 74.05
CA LEU E 549 -40.14 -28.40 73.10
C LEU E 549 -40.15 -29.90 73.45
N LYS E 550 -40.73 -30.18 74.61
CA LYS E 550 -40.99 -31.55 75.04
C LYS E 550 -42.45 -31.62 75.47
N ARG E 551 -43.22 -32.52 74.85
CA ARG E 551 -44.66 -32.55 75.10
C ARG E 551 -44.97 -33.12 76.48
N SER E 552 -44.33 -34.23 76.85
CA SER E 552 -44.63 -34.89 78.10
C SER E 552 -43.33 -35.32 78.78
N VAL E 553 -43.28 -35.15 80.10
CA VAL E 553 -42.12 -35.51 80.90
C VAL E 553 -42.63 -36.31 82.10
N PHE E 554 -42.40 -37.62 82.08
CA PHE E 554 -42.72 -38.46 83.24
C PHE E 554 -41.74 -38.14 84.36
N CYS E 555 -42.25 -37.57 85.45
CA CYS E 555 -41.37 -36.99 86.47
C CYS E 555 -40.66 -38.07 87.27
N SER E 556 -41.41 -38.90 88.00
CA SER E 556 -40.77 -39.84 88.91
C SER E 556 -41.68 -41.02 89.18
N GLU E 557 -41.06 -42.11 89.63
CA GLU E 557 -41.74 -43.27 90.18
C GLU E 557 -41.34 -43.53 91.62
N LEU E 558 -41.04 -42.44 92.35
CA LEU E 558 -40.41 -42.53 93.65
C LEU E 558 -41.33 -43.20 94.67
N PRO E 559 -40.75 -43.87 95.68
CA PRO E 559 -41.56 -44.40 96.78
C PRO E 559 -41.89 -43.32 97.81
N ASP E 560 -42.50 -43.73 98.93
CA ASP E 560 -42.91 -42.77 99.94
C ASP E 560 -41.70 -42.05 100.53
N PHE E 561 -41.90 -40.77 100.86
CA PHE E 561 -40.90 -39.98 101.57
C PHE E 561 -41.14 -39.97 103.07
N ALA E 562 -42.16 -40.67 103.56
CA ALA E 562 -42.42 -40.72 105.00
C ALA E 562 -41.33 -41.47 105.75
N CYS E 563 -40.60 -42.36 105.08
CA CYS E 563 -39.50 -43.08 105.72
C CYS E 563 -38.37 -42.11 106.08
N SER E 564 -37.72 -42.39 107.19
CA SER E 564 -36.65 -41.52 107.67
C SER E 564 -35.46 -41.54 106.72
N GLY E 565 -34.74 -40.43 106.68
CA GLY E 565 -33.57 -40.30 105.83
C GLY E 565 -33.85 -39.86 104.41
N SER E 566 -35.09 -39.48 104.10
CA SER E 566 -35.46 -39.03 102.76
C SER E 566 -35.87 -37.56 102.82
N LYS E 567 -35.32 -36.76 101.92
CA LYS E 567 -35.66 -35.35 101.86
C LYS E 567 -37.11 -35.16 101.43
N LYS E 568 -37.79 -34.21 102.07
CA LYS E 568 -39.20 -33.98 101.78
C LYS E 568 -39.34 -33.23 100.45
N ILE E 569 -40.59 -33.13 99.99
CA ILE E 569 -40.86 -32.50 98.70
C ILE E 569 -40.58 -31.01 98.78
N ARG E 570 -39.77 -30.51 97.85
CA ARG E 570 -39.45 -29.09 97.80
C ARG E 570 -40.53 -28.35 97.01
N SER E 571 -41.09 -27.31 97.62
CA SER E 571 -42.19 -26.57 97.02
C SER E 571 -41.74 -25.35 96.23
N ASP E 572 -40.43 -25.08 96.16
CA ASP E 572 -39.94 -23.90 95.45
C ASP E 572 -39.68 -24.15 93.97
N ASN E 573 -39.65 -25.42 93.53
CA ASN E 573 -39.50 -25.69 92.11
C ASN E 573 -40.84 -25.80 91.40
N ILE E 574 -41.86 -26.28 92.12
CA ILE E 574 -43.20 -26.40 91.54
C ILE E 574 -43.80 -25.02 91.28
N LYS E 575 -43.38 -24.01 92.04
CA LYS E 575 -43.86 -22.65 91.79
C LYS E 575 -43.40 -22.14 90.43
N LYS E 576 -42.15 -22.42 90.08
CA LYS E 576 -41.57 -21.89 88.84
C LYS E 576 -41.82 -22.78 87.64
N LEU E 577 -41.98 -24.10 87.83
CA LEU E 577 -42.23 -24.96 86.68
C LEU E 577 -43.62 -24.73 86.09
N THR E 578 -44.59 -24.35 86.92
CA THR E 578 -45.94 -24.07 86.44
C THR E 578 -45.97 -22.83 85.55
N GLU E 579 -45.04 -21.90 85.75
CA GLU E 579 -45.08 -20.64 85.03
C GLU E 579 -44.93 -20.88 83.53
N PRO E 580 -45.62 -20.12 82.68
CA PRO E 580 -45.55 -20.37 81.23
C PRO E 580 -44.14 -20.25 80.66
N CYS E 581 -43.32 -19.35 81.18
CA CYS E 581 -41.98 -19.11 80.68
C CYS E 581 -40.95 -19.60 81.69
N VAL E 582 -39.89 -20.22 81.19
CA VAL E 582 -38.82 -20.72 82.05
C VAL E 582 -37.66 -19.74 82.07
N ARG E 595 -39.17 -21.72 76.24
CA ARG E 595 -40.58 -22.05 76.32
C ARG E 595 -40.79 -23.46 76.86
N ASN E 596 -41.83 -23.63 77.67
CA ASN E 596 -42.15 -24.93 78.27
C ASN E 596 -43.52 -25.37 77.76
N HIS E 597 -43.58 -26.56 77.16
CA HIS E 597 -44.82 -27.13 76.67
C HIS E 597 -45.09 -28.51 77.27
N ALA E 598 -44.45 -28.82 78.40
CA ALA E 598 -44.45 -30.17 78.95
C ALA E 598 -45.61 -30.38 79.91
N THR E 599 -46.04 -31.63 80.01
CA THR E 599 -46.99 -32.07 81.02
C THR E 599 -46.29 -33.02 81.97
N ILE E 600 -46.38 -32.75 83.27
CA ILE E 600 -45.64 -33.47 84.29
C ILE E 600 -46.60 -34.32 85.09
N ILE E 601 -46.32 -35.62 85.18
CA ILE E 601 -47.10 -36.57 85.96
C ILE E 601 -46.17 -37.30 86.91
N ILE E 602 -46.56 -37.38 88.18
CA ILE E 602 -45.77 -38.05 89.21
C ILE E 602 -46.51 -39.32 89.62
N ASP E 603 -45.79 -40.44 89.63
CA ASP E 603 -46.34 -41.71 90.06
C ASP E 603 -45.70 -42.10 91.39
N THR E 604 -46.54 -42.37 92.40
CA THR E 604 -46.06 -42.77 93.71
C THR E 604 -47.04 -43.78 94.29
N ASN E 605 -46.50 -44.83 94.92
CA ASN E 605 -47.35 -45.91 95.41
C ASN E 605 -48.31 -45.41 96.49
N TYR E 606 -47.83 -44.58 97.41
CA TYR E 606 -48.66 -44.06 98.49
C TYR E 606 -48.42 -42.56 98.62
N LYS E 607 -49.02 -41.96 99.64
CA LYS E 607 -49.07 -40.50 99.71
C LYS E 607 -47.82 -39.95 100.38
N PRO E 608 -47.11 -39.01 99.75
CA PRO E 608 -45.95 -38.39 100.37
C PRO E 608 -46.36 -37.25 101.30
N VAL E 609 -45.36 -36.56 101.85
CA VAL E 609 -45.57 -35.45 102.77
C VAL E 609 -44.76 -34.26 102.29
N PHE E 610 -45.39 -33.08 102.30
CA PHE E 610 -44.75 -31.85 101.88
C PHE E 610 -44.10 -31.15 103.06
N ASP E 611 -42.92 -30.56 102.83
CA ASP E 611 -42.23 -29.85 103.91
C ASP E 611 -42.85 -28.49 104.18
N ARG E 612 -43.28 -27.79 103.14
CA ARG E 612 -43.85 -26.45 103.26
C ARG E 612 -45.06 -26.33 102.36
N ILE E 613 -46.02 -25.51 102.77
CA ILE E 613 -47.33 -25.45 102.14
C ILE E 613 -47.91 -24.06 102.30
N ASP E 614 -48.75 -23.67 101.35
CA ASP E 614 -49.50 -22.42 101.42
C ASP E 614 -50.85 -22.63 100.76
N ASN E 615 -51.55 -21.53 100.45
CA ASN E 615 -52.86 -21.59 99.83
C ASN E 615 -52.82 -21.53 98.30
N ALA E 616 -51.72 -21.98 97.69
CA ALA E 616 -51.59 -21.95 96.24
C ALA E 616 -51.34 -23.31 95.62
N LEU E 617 -50.87 -24.30 96.39
CA LEU E 617 -50.43 -25.57 95.82
C LEU E 617 -51.60 -26.46 95.41
N MET E 618 -52.77 -26.32 96.04
CA MET E 618 -53.87 -27.22 95.73
C MET E 618 -54.35 -27.06 94.28
N ARG E 619 -54.25 -25.86 93.72
CA ARG E 619 -54.57 -25.67 92.31
C ARG E 619 -53.53 -26.29 91.38
N ARG E 620 -52.34 -26.61 91.91
CA ARG E 620 -51.26 -27.16 91.11
C ARG E 620 -51.17 -28.68 91.17
N ILE E 621 -52.07 -29.33 91.91
CA ILE E 621 -51.97 -30.76 92.18
C ILE E 621 -53.27 -31.44 91.79
N ALA E 622 -53.15 -32.56 91.08
CA ALA E 622 -54.27 -33.44 90.77
C ALA E 622 -53.85 -34.88 91.06
N VAL E 623 -54.84 -35.72 91.33
CA VAL E 623 -54.60 -37.10 91.73
C VAL E 623 -55.42 -38.03 90.85
N VAL E 624 -54.83 -39.17 90.50
CA VAL E 624 -55.50 -40.24 89.79
C VAL E 624 -55.47 -41.48 90.66
N ARG E 625 -56.64 -42.09 90.87
CA ARG E 625 -56.81 -43.15 91.84
C ARG E 625 -56.87 -44.51 91.14
N PHE E 626 -56.36 -45.54 91.82
CA PHE E 626 -56.40 -46.90 91.33
C PHE E 626 -57.06 -47.79 92.38
N ARG E 627 -58.01 -48.61 91.95
CA ARG E 627 -58.70 -49.53 92.85
C ARG E 627 -58.37 -50.99 92.58
N THR E 628 -58.31 -51.39 91.30
CA THR E 628 -58.05 -52.77 90.96
C THR E 628 -56.64 -53.16 91.34
N HIS E 629 -56.50 -54.34 91.96
CA HIS E 629 -55.20 -54.85 92.35
C HIS E 629 -54.82 -56.07 91.52
N LEU E 655 -43.96 -59.86 76.19
CA LEU E 655 -44.59 -58.93 77.13
C LEU E 655 -43.71 -57.72 77.36
N ASP E 656 -42.71 -57.88 78.23
CA ASP E 656 -41.77 -56.79 78.49
C ASP E 656 -40.96 -56.43 77.25
N GLY E 657 -40.50 -57.45 76.51
CA GLY E 657 -39.77 -57.19 75.28
C GLY E 657 -40.65 -56.72 74.13
N LYS E 658 -41.97 -56.90 74.25
CA LYS E 658 -42.87 -56.43 73.20
C LYS E 658 -42.82 -54.91 73.06
N ILE E 659 -42.79 -54.21 74.20
CA ILE E 659 -42.75 -52.74 74.16
C ILE E 659 -41.42 -52.27 73.59
N GLN E 660 -40.32 -52.87 74.04
CA GLN E 660 -39.00 -52.46 73.54
C GLN E 660 -38.84 -52.78 72.06
N ASN E 661 -39.50 -53.84 71.57
CA ASN E 661 -39.47 -54.17 70.15
C ASN E 661 -40.27 -53.19 69.31
N ASN E 662 -41.08 -52.33 69.95
CA ASN E 662 -41.91 -51.33 69.28
C ASN E 662 -43.03 -51.96 68.46
N ARG E 663 -43.52 -53.11 68.91
CA ARG E 663 -44.67 -53.74 68.26
C ARG E 663 -45.95 -52.94 68.50
N TYR E 664 -46.07 -52.28 69.65
CA TYR E 664 -47.23 -51.49 70.00
C TYR E 664 -47.03 -50.01 69.72
N ARG E 665 -46.31 -49.69 68.63
CA ARG E 665 -45.97 -48.30 68.36
C ARG E 665 -47.21 -47.47 68.03
N PHE E 666 -48.10 -48.00 67.20
CA PHE E 666 -49.30 -47.28 66.80
C PHE E 666 -50.54 -47.68 67.59
N ALA E 667 -50.53 -48.87 68.20
CA ALA E 667 -51.66 -49.28 69.02
C ALA E 667 -51.85 -48.35 70.21
N PHE E 668 -50.79 -47.68 70.64
CA PHE E 668 -50.92 -46.72 71.73
C PHE E 668 -51.29 -45.33 71.25
N LEU E 669 -50.73 -44.89 70.12
CA LEU E 669 -51.17 -43.62 69.53
C LEU E 669 -52.67 -43.64 69.26
N TYR E 670 -53.20 -44.78 68.84
CA TYR E 670 -54.65 -44.87 68.68
C TYR E 670 -55.34 -44.63 70.02
N LEU E 671 -54.79 -45.17 71.11
CA LEU E 671 -55.38 -44.99 72.42
C LEU E 671 -55.39 -43.52 72.84
N LEU E 672 -54.28 -42.81 72.64
CA LEU E 672 -54.27 -41.39 73.01
C LEU E 672 -55.19 -40.58 72.09
N VAL E 673 -55.19 -40.87 70.78
CA VAL E 673 -55.95 -40.03 69.87
C VAL E 673 -57.45 -40.22 70.09
N LYS E 674 -57.90 -41.44 70.41
CA LYS E 674 -59.32 -41.63 70.69
C LYS E 674 -59.75 -40.87 71.94
N TRP E 675 -58.89 -40.87 72.98
CA TRP E 675 -59.20 -40.10 74.19
C TRP E 675 -59.25 -38.61 73.91
N TYR E 676 -58.33 -38.10 73.10
CA TYR E 676 -58.38 -36.70 72.72
C TYR E 676 -59.63 -36.40 71.89
N LYS E 677 -60.04 -37.37 71.06
CA LYS E 677 -61.14 -37.14 70.14
C LYS E 677 -62.49 -37.12 70.84
N LYS E 678 -62.71 -38.00 71.81
CA LYS E 678 -64.06 -38.20 72.34
C LYS E 678 -64.61 -36.92 72.95
N TYR E 679 -63.86 -36.29 73.85
CA TYR E 679 -64.37 -35.13 74.57
C TYR E 679 -63.46 -33.91 74.54
N HIS E 680 -62.15 -34.08 74.30
CA HIS E 680 -61.17 -33.04 74.53
C HIS E 680 -61.13 -31.97 73.43
N ILE E 681 -62.19 -31.87 72.61
CA ILE E 681 -62.21 -30.88 71.55
C ILE E 681 -62.18 -29.44 72.07
N PRO E 682 -63.03 -29.02 73.02
CA PRO E 682 -63.16 -27.57 73.29
C PRO E 682 -61.91 -26.91 73.84
N ILE E 683 -61.36 -27.42 74.94
CA ILE E 683 -60.27 -26.72 75.61
C ILE E 683 -59.46 -27.73 76.42
N MET E 684 -58.19 -27.41 76.66
CA MET E 684 -57.32 -28.19 77.51
C MET E 684 -57.34 -27.58 78.91
N LYS E 685 -58.21 -28.12 79.77
CA LYS E 685 -58.35 -27.63 81.14
C LYS E 685 -58.26 -28.81 82.09
N LEU E 686 -57.46 -28.65 83.16
CA LEU E 686 -57.29 -29.68 84.17
C LEU E 686 -57.78 -29.12 85.50
N TYR E 687 -58.91 -29.63 85.97
CA TYR E 687 -59.45 -29.23 87.26
C TYR E 687 -58.65 -29.86 88.38
N PRO E 688 -58.09 -29.09 89.31
CA PRO E 688 -57.39 -29.70 90.44
C PRO E 688 -58.35 -30.49 91.32
N THR E 689 -57.82 -31.57 91.91
CA THR E 689 -58.61 -32.50 92.72
C THR E 689 -58.04 -32.53 94.13
N PRO E 690 -58.55 -31.71 95.04
CA PRO E 690 -58.06 -31.71 96.43
C PRO E 690 -58.74 -32.70 97.36
N GLU E 691 -59.48 -33.67 96.82
CA GLU E 691 -60.21 -34.59 97.68
C GLU E 691 -59.27 -35.53 98.44
N GLU E 692 -58.25 -36.05 97.77
CA GLU E 692 -57.40 -37.07 98.35
C GLU E 692 -55.93 -36.66 98.45
N ILE E 693 -55.62 -35.38 98.25
CA ILE E 693 -54.23 -34.94 98.39
C ILE E 693 -53.81 -35.05 99.85
N PRO E 694 -52.63 -35.59 100.15
CA PRO E 694 -52.21 -35.73 101.55
C PRO E 694 -51.98 -34.37 102.20
N ASP E 695 -52.05 -34.39 103.54
CA ASP E 695 -51.87 -33.24 104.41
C ASP E 695 -52.59 -31.99 103.90
N PHE E 696 -53.76 -32.18 103.29
CA PHE E 696 -54.62 -31.07 102.90
C PHE E 696 -55.91 -30.98 103.69
N ALA E 697 -56.43 -32.10 104.17
CA ALA E 697 -57.70 -32.09 104.89
C ALA E 697 -57.61 -31.24 106.15
N PHE E 698 -56.53 -31.39 106.90
CA PHE E 698 -56.34 -30.58 108.11
C PHE E 698 -56.28 -29.10 107.77
N TYR E 699 -55.54 -28.74 106.73
CA TYR E 699 -55.45 -27.34 106.33
C TYR E 699 -56.80 -26.81 105.83
N LEU E 700 -57.52 -27.63 105.06
CA LEU E 700 -58.84 -27.21 104.59
C LEU E 700 -59.79 -26.94 105.75
N LYS E 701 -59.84 -27.85 106.72
CA LYS E 701 -60.78 -27.66 107.83
C LYS E 701 -60.32 -26.53 108.76
N ILE E 702 -59.01 -26.33 108.92
CA ILE E 702 -58.57 -25.21 109.74
C ILE E 702 -58.84 -23.89 109.04
N GLY E 703 -58.81 -23.87 107.70
CA GLY E 703 -59.24 -22.69 106.96
C GLY E 703 -60.72 -22.43 107.08
N THR E 704 -61.53 -23.48 107.03
CA THR E 704 -62.97 -23.32 107.20
C THR E 704 -63.36 -23.00 108.64
N LEU E 705 -62.48 -23.26 109.61
CA LEU E 705 -62.76 -22.98 111.02
C LEU E 705 -62.09 -21.71 111.53
N LEU E 706 -61.13 -21.15 110.79
CA LEU E 706 -60.45 -19.94 111.20
C LEU E 706 -60.54 -18.90 110.08
N VAL E 707 -60.81 -17.65 110.48
CA VAL E 707 -60.89 -16.54 109.54
C VAL E 707 -60.09 -15.38 110.12
N SER E 708 -59.63 -14.51 109.22
CA SER E 708 -58.87 -13.33 109.61
C SER E 708 -59.81 -12.18 109.93
N SER E 709 -59.45 -11.39 110.93
CA SER E 709 -60.25 -10.24 111.32
C SER E 709 -60.28 -9.20 110.21
N SER E 710 -61.42 -8.52 110.09
CA SER E 710 -61.61 -7.52 109.06
C SER E 710 -62.54 -6.43 109.59
N VAL E 711 -62.86 -5.48 108.72
CA VAL E 711 -63.76 -4.39 109.11
C VAL E 711 -65.16 -4.93 109.38
N LYS E 712 -65.59 -5.94 108.63
CA LYS E 712 -66.91 -6.52 108.81
C LYS E 712 -67.06 -7.20 110.16
N HIS E 713 -65.97 -7.59 110.79
CA HIS E 713 -66.00 -8.23 112.10
C HIS E 713 -66.03 -7.23 113.25
N ILE E 714 -65.92 -5.93 112.96
CA ILE E 714 -65.92 -4.94 114.03
C ILE E 714 -67.23 -4.90 114.82
N PRO E 715 -68.41 -4.82 114.18
CA PRO E 715 -69.66 -4.78 114.97
C PRO E 715 -69.97 -6.10 115.67
N LEU E 716 -69.29 -7.20 115.33
CA LEU E 716 -69.53 -8.48 115.97
C LEU E 716 -68.76 -8.65 117.26
N MET E 717 -67.87 -7.71 117.59
CA MET E 717 -66.98 -7.79 118.74
C MET E 717 -67.71 -7.62 120.07
N THR E 718 -68.87 -6.97 120.07
CA THR E 718 -69.53 -6.60 121.33
C THR E 718 -69.89 -7.82 122.15
N ASP E 719 -70.35 -8.90 121.51
CA ASP E 719 -70.65 -10.12 122.23
C ASP E 719 -69.49 -11.12 122.24
N LEU E 720 -68.56 -11.01 121.30
CA LEU E 720 -67.40 -11.88 121.29
C LEU E 720 -66.37 -11.51 122.33
N SER E 721 -66.50 -10.34 122.97
CA SER E 721 -65.56 -9.96 124.02
C SER E 721 -65.53 -10.98 125.16
N LYS E 722 -66.64 -11.69 125.39
CA LYS E 722 -66.69 -12.66 126.47
C LYS E 722 -65.98 -13.97 126.14
N LYS E 723 -65.55 -14.16 124.90
CA LYS E 723 -64.82 -15.35 124.50
C LYS E 723 -63.31 -15.21 124.67
N GLY E 724 -62.85 -14.08 125.19
CA GLY E 724 -61.44 -13.80 125.26
C GLY E 724 -60.91 -12.92 124.15
N TYR E 725 -61.78 -12.42 123.28
CA TYR E 725 -61.37 -11.55 122.18
C TYR E 725 -61.28 -10.11 122.66
N ILE E 726 -60.14 -9.47 122.41
CA ILE E 726 -59.95 -8.06 122.72
C ILE E 726 -59.43 -7.37 121.47
N LEU E 727 -59.96 -6.18 121.18
CA LEU E 727 -59.51 -5.37 120.06
C LEU E 727 -58.40 -4.46 120.57
N TYR E 728 -57.18 -4.97 120.56
CA TYR E 728 -56.01 -4.22 121.02
C TYR E 728 -55.09 -3.99 119.83
N ASP E 729 -54.57 -2.76 119.72
CA ASP E 729 -53.72 -2.36 118.60
C ASP E 729 -54.43 -2.55 117.26
N ASN E 730 -55.75 -2.30 117.26
CA ASN E 730 -56.60 -2.39 116.07
C ASN E 730 -56.60 -3.80 115.47
N VAL E 731 -56.32 -4.82 116.27
CA VAL E 731 -56.33 -6.20 115.80
C VAL E 731 -56.99 -7.07 116.88
N VAL E 732 -57.69 -8.10 116.46
CA VAL E 732 -58.36 -9.03 117.37
C VAL E 732 -57.46 -10.25 117.54
N THR E 733 -57.08 -10.53 118.80
CA THR E 733 -56.18 -11.62 119.11
C THR E 733 -56.79 -12.52 120.17
N LEU E 734 -56.38 -13.79 120.16
CA LEU E 734 -56.82 -14.77 121.13
C LEU E 734 -55.61 -15.52 121.65
N PRO E 735 -55.44 -15.63 122.96
CA PRO E 735 -54.28 -16.35 123.51
C PRO E 735 -54.43 -17.86 123.31
N LEU E 736 -53.31 -18.55 123.50
CA LEU E 736 -53.28 -19.99 123.27
C LEU E 736 -54.16 -20.76 124.25
N THR E 737 -54.52 -20.16 125.39
CA THR E 737 -55.34 -20.87 126.36
C THR E 737 -56.69 -21.27 125.78
N THR E 738 -57.34 -20.36 125.06
CA THR E 738 -58.58 -20.71 124.38
C THR E 738 -58.35 -21.55 123.13
N PHE E 739 -57.25 -21.30 122.41
CA PHE E 739 -56.99 -22.00 121.17
C PHE E 739 -56.79 -23.49 121.39
N GLN E 740 -56.01 -23.86 122.41
CA GLN E 740 -55.77 -25.28 122.67
C GLN E 740 -57.06 -26.02 123.05
N GLN E 741 -57.89 -25.40 123.90
CA GLN E 741 -59.12 -26.08 124.31
C GLN E 741 -60.18 -26.06 123.22
N LYS E 742 -60.09 -25.13 122.26
CA LYS E 742 -60.97 -25.19 121.11
C LYS E 742 -60.51 -26.25 120.10
N ILE E 743 -59.20 -26.40 119.91
CA ILE E 743 -58.70 -27.40 118.98
C ILE E 743 -58.76 -28.81 119.55
N SER E 744 -58.81 -28.95 120.89
CA SER E 744 -58.96 -30.26 121.48
C SER E 744 -60.36 -30.84 121.31
N LYS E 745 -61.34 -30.00 120.95
CA LYS E 745 -62.70 -30.50 120.75
C LYS E 745 -62.77 -31.47 119.58
N TYR E 746 -62.07 -31.16 118.49
CA TYR E 746 -62.12 -31.98 117.29
C TYR E 746 -60.89 -32.87 117.11
N PHE E 747 -59.77 -32.51 117.72
CA PHE E 747 -58.52 -33.26 117.59
C PHE E 747 -58.06 -33.74 118.96
N ASN E 748 -57.54 -34.96 119.00
CA ASN E 748 -56.89 -35.47 120.20
C ASN E 748 -55.44 -35.02 120.20
N SER E 749 -55.04 -34.31 121.26
CA SER E 749 -53.67 -33.80 121.33
C SER E 749 -52.65 -34.93 121.36
N ARG E 750 -52.93 -35.99 122.12
CA ARG E 750 -52.00 -37.10 122.27
C ARG E 750 -51.76 -37.86 120.97
N LEU E 751 -52.60 -37.67 119.95
CA LEU E 751 -52.45 -38.36 118.68
C LEU E 751 -51.92 -37.48 117.57
N PHE E 752 -52.39 -36.24 117.45
CA PHE E 752 -51.99 -35.33 116.38
C PHE E 752 -51.26 -34.10 116.93
N GLY E 753 -50.57 -34.27 118.06
CA GLY E 753 -49.88 -33.13 118.66
C GLY E 753 -48.77 -32.59 117.77
N HIS E 754 -47.96 -33.48 117.21
CA HIS E 754 -46.90 -33.04 116.31
C HIS E 754 -47.47 -32.39 115.05
N ASP E 755 -48.54 -32.95 114.50
CA ASP E 755 -49.16 -32.39 113.31
C ASP E 755 -49.70 -30.98 113.57
N ILE E 756 -50.36 -30.79 114.71
CA ILE E 756 -50.89 -29.47 115.03
C ILE E 756 -49.77 -28.49 115.34
N GLU E 757 -48.73 -28.95 116.05
CA GLU E 757 -47.62 -28.08 116.38
C GLU E 757 -46.80 -27.69 115.16
N SER E 758 -46.79 -28.52 114.11
CA SER E 758 -46.10 -28.15 112.88
C SER E 758 -46.68 -26.88 112.27
N PHE E 759 -47.96 -26.61 112.53
CA PHE E 759 -48.58 -25.36 112.13
C PHE E 759 -48.45 -24.30 113.21
N ILE E 760 -48.54 -24.71 114.49
CA ILE E 760 -48.47 -23.76 115.59
C ILE E 760 -47.12 -23.02 115.59
N ASN E 761 -46.03 -23.78 115.52
CA ASN E 761 -44.70 -23.17 115.58
C ASN E 761 -44.45 -22.27 114.37
N ARG E 762 -44.99 -22.63 113.22
CA ARG E 762 -44.92 -21.73 112.07
C ARG E 762 -45.68 -20.44 112.34
N HIS E 763 -46.87 -20.54 112.95
CA HIS E 763 -47.71 -19.39 113.19
C HIS E 763 -47.61 -18.87 114.62
N LYS E 764 -46.66 -19.36 115.41
CA LYS E 764 -46.46 -18.82 116.75
C LYS E 764 -45.81 -17.44 116.68
N LYS E 765 -46.04 -16.65 117.73
CA LYS E 765 -45.51 -15.30 117.81
C LYS E 765 -44.78 -15.12 119.13
N PHE E 766 -43.70 -14.35 119.08
CA PHE E 766 -42.89 -14.08 120.27
C PHE E 766 -43.49 -12.88 121.00
N ALA E 767 -44.40 -13.17 121.93
CA ALA E 767 -45.06 -12.15 122.73
C ALA E 767 -44.45 -12.02 124.12
N ASN E 768 -44.31 -13.13 124.83
CA ASN E 768 -43.71 -13.15 126.16
C ASN E 768 -43.20 -14.57 126.41
N VAL E 769 -42.92 -14.89 127.68
CA VAL E 769 -42.33 -16.18 128.02
C VAL E 769 -43.28 -17.32 127.65
N SER E 770 -44.56 -17.18 128.00
CA SER E 770 -45.49 -18.29 127.85
C SER E 770 -46.69 -17.97 126.97
N ASP E 771 -47.29 -16.79 127.10
CA ASP E 771 -48.53 -16.47 126.41
C ASP E 771 -48.24 -16.20 124.94
N GLU E 772 -48.94 -16.91 124.05
CA GLU E 772 -48.85 -16.72 122.62
C GLU E 772 -50.25 -16.49 122.06
N TYR E 773 -50.35 -15.56 121.12
CA TYR E 773 -51.64 -15.18 120.55
C TYR E 773 -51.60 -15.28 119.03
N LEU E 774 -52.77 -15.49 118.44
CA LEU E 774 -52.94 -15.55 117.00
C LEU E 774 -54.05 -14.59 116.58
N GLN E 775 -53.99 -14.18 115.31
CA GLN E 775 -54.93 -13.20 114.77
C GLN E 775 -56.05 -13.84 113.96
N TYR E 776 -56.50 -15.03 114.37
CA TYR E 776 -57.58 -15.74 113.69
C TYR E 776 -58.79 -15.85 114.61
N ILE E 777 -59.97 -15.80 114.00
CA ILE E 777 -61.24 -15.81 114.72
C ILE E 777 -62.05 -17.02 114.28
N PHE E 778 -62.53 -17.79 115.25
CA PHE E 778 -63.36 -18.95 114.97
C PHE E 778 -64.72 -18.50 114.43
N ILE E 779 -65.29 -19.32 113.56
CA ILE E 779 -66.53 -18.98 112.87
C ILE E 779 -67.71 -19.70 113.54
N GLU E 780 -67.46 -20.90 114.05
CA GLU E 780 -68.55 -21.72 114.61
C GLU E 780 -69.20 -21.06 115.81
N ASP E 781 -68.56 -20.08 116.43
CA ASP E 781 -69.18 -19.37 117.54
C ASP E 781 -70.44 -18.63 117.09
N ILE E 782 -70.39 -18.01 115.92
CA ILE E 782 -71.54 -17.29 115.38
C ILE E 782 -72.41 -18.23 114.55
N TRP F 236 -24.79 24.47 34.75
CA TRP F 236 -23.94 23.52 35.46
C TRP F 236 -24.74 22.76 36.52
N GLU F 237 -25.02 21.50 36.26
CA GLU F 237 -25.76 20.69 37.21
C GLU F 237 -24.91 20.40 38.43
N PRO F 238 -25.49 20.43 39.63
CA PRO F 238 -24.69 20.17 40.84
C PRO F 238 -24.06 18.79 40.86
N GLY F 239 -24.69 17.79 40.24
CA GLY F 239 -24.13 16.46 40.22
C GLY F 239 -22.85 16.33 39.44
N PHE F 240 -22.56 17.29 38.56
CA PHE F 240 -21.34 17.26 37.77
C PHE F 240 -20.12 17.55 38.65
N ILE F 241 -18.95 17.21 38.12
CA ILE F 241 -17.68 17.51 38.77
C ILE F 241 -17.44 19.01 38.67
N SER F 242 -16.46 19.51 39.42
CA SER F 242 -16.16 20.93 39.40
C SER F 242 -15.69 21.36 38.02
N PHE F 243 -16.00 22.62 37.68
CA PHE F 243 -15.62 23.16 36.38
C PHE F 243 -14.10 23.18 36.22
N GLU F 244 -13.38 23.42 37.32
CA GLU F 244 -11.93 23.42 37.27
C GLU F 244 -11.39 22.05 36.87
N ASP F 245 -11.97 20.99 37.40
CA ASP F 245 -11.53 19.64 37.02
C ASP F 245 -11.84 19.37 35.54
N ALA F 246 -12.98 19.84 35.04
CA ALA F 246 -13.31 19.65 33.64
C ALA F 246 -12.32 20.37 32.73
N ILE F 247 -11.99 21.62 33.06
CA ILE F 247 -11.04 22.35 32.23
C ILE F 247 -9.65 21.73 32.35
N LYS F 248 -9.30 21.20 33.53
CA LYS F 248 -8.03 20.50 33.67
C LYS F 248 -7.99 19.27 32.77
N ARG F 249 -9.10 18.53 32.70
CA ARG F 249 -9.14 17.34 31.83
C ARG F 249 -9.02 17.72 30.37
N VAL F 250 -9.77 18.73 29.93
CA VAL F 250 -9.72 19.12 28.52
C VAL F 250 -8.40 19.78 28.17
N SER F 251 -7.67 20.28 29.16
CA SER F 251 -6.29 20.69 28.91
C SER F 251 -5.36 19.48 28.86
N LYS F 252 -5.65 18.45 29.66
CA LYS F 252 -4.82 17.26 29.67
C LYS F 252 -4.89 16.48 28.37
N ILE F 253 -6.05 16.42 27.72
CA ILE F 253 -6.12 15.70 26.46
C ILE F 253 -5.22 16.35 25.41
N PHE F 254 -5.21 17.68 25.35
CA PHE F 254 -4.38 18.40 24.39
C PHE F 254 -2.99 18.60 24.99
N ILE F 255 -2.01 17.87 24.47
CA ILE F 255 -0.63 18.12 24.90
C ILE F 255 -0.19 19.51 24.45
N ASN F 256 -0.64 19.94 23.28
CA ASN F 256 -0.38 21.30 22.84
C ASN F 256 -1.08 22.29 23.76
N SER F 257 -0.34 23.33 24.16
CA SER F 257 -0.89 24.32 25.08
C SER F 257 -1.99 25.12 24.41
N ILE F 258 -2.95 25.56 25.23
CA ILE F 258 -4.08 26.36 24.77
C ILE F 258 -3.78 27.82 25.13
N ILE F 259 -3.74 28.67 24.11
CA ILE F 259 -3.38 30.07 24.32
C ILE F 259 -4.43 30.79 25.15
N ASN F 260 -5.71 30.61 24.80
CA ASN F 260 -6.81 31.28 25.48
C ASN F 260 -7.44 30.42 26.57
N PHE F 261 -6.66 29.55 27.20
CA PHE F 261 -7.20 28.64 28.21
C PHE F 261 -7.76 29.41 29.41
N ASN F 262 -7.18 30.55 29.74
CA ASN F 262 -7.67 31.33 30.87
C ASN F 262 -8.97 32.07 30.57
N ASP F 263 -9.38 32.12 29.29
CA ASP F 263 -10.58 32.86 28.93
C ASP F 263 -11.87 32.10 29.26
N LEU F 264 -11.83 30.77 29.21
CA LEU F 264 -13.04 29.98 29.38
C LEU F 264 -13.61 30.14 30.78
N ASP F 265 -14.94 30.15 30.87
CA ASP F 265 -15.66 30.18 32.12
C ASP F 265 -16.88 29.26 32.00
N GLU F 266 -17.71 29.24 33.04
CA GLU F 266 -18.86 28.35 33.05
C GLU F 266 -19.97 28.81 32.10
N ASN F 267 -19.85 30.00 31.52
CA ASN F 267 -20.88 30.53 30.64
C ASN F 267 -20.48 30.63 29.17
N ASN F 268 -19.20 30.79 28.88
CA ASN F 268 -18.72 30.96 27.51
C ASN F 268 -17.95 29.76 26.97
N PHE F 269 -17.87 28.67 27.72
CA PHE F 269 -17.07 27.52 27.28
C PHE F 269 -17.70 26.82 26.08
N THR F 270 -19.02 26.96 25.89
CA THR F 270 -19.68 26.36 24.74
C THR F 270 -19.56 27.22 23.48
N THR F 271 -19.13 28.48 23.61
CA THR F 271 -19.12 29.41 22.48
C THR F 271 -17.72 29.76 22.00
N VAL F 272 -16.76 29.89 22.90
CA VAL F 272 -15.43 30.36 22.54
C VAL F 272 -14.62 29.24 21.89
N PRO F 273 -14.16 29.42 20.66
CA PRO F 273 -13.25 28.44 20.06
C PRO F 273 -11.87 28.50 20.72
N LEU F 274 -11.15 27.39 20.60
CA LEU F 274 -9.85 27.23 21.24
C LEU F 274 -8.75 27.50 20.23
N VAL F 275 -7.78 28.33 20.61
CA VAL F 275 -6.61 28.63 19.79
C VAL F 275 -5.50 27.71 20.27
N ILE F 276 -5.24 26.65 19.52
CA ILE F 276 -4.22 25.67 19.87
C ILE F 276 -2.89 26.08 19.25
N ASP F 277 -1.81 25.78 19.95
CA ASP F 277 -0.46 26.06 19.45
C ASP F 277 0.13 24.74 18.97
N TYR F 278 0.17 24.56 17.65
CA TYR F 278 0.57 23.28 17.06
C TYR F 278 2.10 23.12 17.03
N VAL F 279 2.70 23.26 18.21
CA VAL F 279 4.12 22.95 18.36
C VAL F 279 4.37 21.49 17.99
N THR F 280 3.42 20.62 18.30
CA THR F 280 3.36 19.25 17.86
C THR F 280 2.03 19.04 17.13
N PRO F 281 1.92 17.99 16.31
CA PRO F 281 0.65 17.74 15.62
C PRO F 281 -0.50 17.58 16.61
N CYS F 282 -1.72 17.68 16.09
CA CYS F 282 -2.92 17.68 16.92
C CYS F 282 -2.96 16.46 17.83
N ALA F 283 -3.39 16.68 19.08
CA ALA F 283 -3.40 15.63 20.08
C ALA F 283 -4.29 14.46 19.69
N LEU F 284 -5.31 14.69 18.88
CA LEU F 284 -6.34 13.68 18.63
C LEU F 284 -6.38 13.21 17.18
N CYS F 285 -6.18 14.10 16.20
CA CYS F 285 -6.26 13.72 14.80
C CYS F 285 -4.91 13.54 14.14
N LYS F 286 -3.83 14.01 14.76
CA LYS F 286 -2.44 13.87 14.32
C LYS F 286 -2.14 14.67 13.04
N LYS F 287 -3.15 15.29 12.42
CA LYS F 287 -2.88 16.17 11.30
C LYS F 287 -2.23 17.45 11.81
N ARG F 288 -1.42 18.08 10.95
CA ARG F 288 -0.52 19.15 11.37
C ARG F 288 -1.27 20.27 12.07
N SER F 289 -2.14 20.96 11.34
CA SER F 289 -2.90 22.08 11.90
C SER F 289 -4.31 22.03 11.37
N HIS F 290 -5.19 22.83 12.00
CA HIS F 290 -6.59 22.88 11.65
C HIS F 290 -6.94 24.25 11.12
N LYS F 291 -7.52 24.29 9.91
CA LYS F 291 -8.02 25.55 9.37
C LYS F 291 -9.12 26.11 10.24
N HIS F 292 -9.87 25.25 10.94
CA HIS F 292 -10.96 25.65 11.81
C HIS F 292 -10.65 25.23 13.24
N PRO F 293 -10.80 26.13 14.21
CA PRO F 293 -10.47 25.78 15.60
C PRO F 293 -11.51 24.83 16.19
N HIS F 294 -11.11 24.16 17.27
CA HIS F 294 -11.98 23.23 17.99
C HIS F 294 -12.99 23.99 18.83
N GLN F 295 -14.02 23.27 19.28
CA GLN F 295 -15.03 23.83 20.16
C GLN F 295 -15.55 22.74 21.09
N LEU F 296 -16.06 23.16 22.25
CA LEU F 296 -16.68 22.25 23.20
C LEU F 296 -18.20 22.37 23.12
N SER F 297 -18.89 21.27 23.41
CA SER F 297 -20.33 21.25 23.51
C SER F 297 -20.73 20.28 24.61
N LEU F 298 -21.92 20.51 25.19
CA LEU F 298 -22.36 19.79 26.37
C LEU F 298 -23.68 19.09 26.09
N GLU F 299 -23.66 17.75 26.06
CA GLU F 299 -24.87 16.94 25.97
C GLU F 299 -24.71 15.69 26.84
N ASN F 300 -25.85 15.22 27.35
CA ASN F 300 -25.92 13.95 28.07
C ASN F 300 -24.95 13.91 29.26
N GLY F 301 -24.80 15.05 29.94
CA GLY F 301 -23.92 15.12 31.08
C GLY F 301 -22.46 14.86 30.75
N ALA F 302 -22.03 15.26 29.55
CA ALA F 302 -20.65 15.07 29.14
C ALA F 302 -20.26 16.18 28.19
N ILE F 303 -18.97 16.49 28.15
CA ILE F 303 -18.43 17.53 27.27
C ILE F 303 -17.86 16.86 26.03
N ARG F 304 -18.29 17.32 24.87
CA ARG F 304 -17.81 16.82 23.58
C ARG F 304 -16.90 17.86 22.97
N ILE F 305 -15.70 17.44 22.58
CA ILE F 305 -14.74 18.30 21.90
C ILE F 305 -14.73 17.90 20.43
N TYR F 306 -14.79 18.90 19.55
CA TYR F 306 -14.91 18.67 18.12
C TYR F 306 -14.29 19.84 17.38
N LYS F 307 -13.92 19.60 16.12
CA LYS F 307 -13.39 20.63 15.26
C LYS F 307 -14.51 21.28 14.46
N THR F 308 -14.50 22.60 14.40
CA THR F 308 -15.48 23.32 13.60
C THR F 308 -15.18 23.13 12.11
N GLY F 309 -16.10 23.59 11.27
CA GLY F 309 -15.95 23.44 9.83
C GLY F 309 -16.36 22.07 9.37
N ASN F 310 -15.37 21.23 9.05
CA ASN F 310 -15.63 19.84 8.67
C ASN F 310 -15.27 18.94 9.85
N PRO F 311 -16.25 18.40 10.60
CA PRO F 311 -15.91 17.60 11.77
C PRO F 311 -15.37 16.22 11.45
N HIS F 312 -15.18 15.86 10.18
CA HIS F 312 -14.70 14.54 9.81
C HIS F 312 -13.19 14.49 9.64
N SER F 313 -12.54 15.63 9.33
CA SER F 313 -11.09 15.66 9.28
C SER F 313 -10.45 15.56 10.66
N CYS F 314 -11.24 15.72 11.73
CA CYS F 314 -10.75 15.63 13.09
C CYS F 314 -11.73 14.81 13.90
N LYS F 315 -11.22 13.79 14.61
CA LYS F 315 -12.09 12.87 15.32
C LYS F 315 -12.80 13.57 16.48
N VAL F 316 -13.67 12.82 17.16
CA VAL F 316 -14.52 13.35 18.23
C VAL F 316 -14.24 12.56 19.50
N LYS F 317 -14.04 13.28 20.60
CA LYS F 317 -13.83 12.67 21.91
C LYS F 317 -14.93 13.06 22.89
N ILE F 318 -15.05 12.27 23.95
CA ILE F 318 -16.02 12.50 25.01
C ILE F 318 -15.31 12.46 26.35
N VAL F 319 -15.69 13.37 27.25
CA VAL F 319 -15.25 13.33 28.64
C VAL F 319 -16.47 13.41 29.54
N PRO F 320 -16.68 12.45 30.44
CA PRO F 320 -17.85 12.53 31.33
C PRO F 320 -17.71 13.68 32.33
N LEU F 321 -18.86 14.21 32.73
CA LEU F 321 -18.91 15.31 33.69
C LEU F 321 -19.51 14.94 35.03
N ASP F 322 -20.31 13.88 35.09
CA ASP F 322 -20.95 13.50 36.35
C ASP F 322 -19.91 13.11 37.39
N GLY F 323 -20.20 13.44 38.64
CA GLY F 323 -19.33 13.05 39.74
C GLY F 323 -19.47 11.58 40.06
N ASN F 324 -18.91 11.20 41.21
CA ASN F 324 -19.04 9.82 41.66
C ASN F 324 -20.50 9.51 41.95
N LYS F 325 -21.00 8.42 41.35
CA LYS F 325 -22.42 8.11 41.44
C LYS F 325 -22.81 7.68 42.84
N LEU F 326 -21.99 6.83 43.46
CA LEU F 326 -22.34 6.27 44.76
C LEU F 326 -22.35 7.34 45.85
N PHE F 327 -21.46 8.33 45.76
CA PHE F 327 -21.51 9.42 46.73
C PHE F 327 -22.79 10.23 46.60
N ASN F 328 -23.24 10.46 45.36
CA ASN F 328 -24.51 11.16 45.16
C ASN F 328 -25.67 10.35 45.73
N ILE F 329 -25.66 9.03 45.53
CA ILE F 329 -26.71 8.19 46.07
C ILE F 329 -26.69 8.25 47.60
N ALA F 330 -25.50 8.20 48.20
CA ALA F 330 -25.39 8.27 49.65
C ALA F 330 -25.89 9.61 50.17
N GLN F 331 -25.56 10.70 49.48
CA GLN F 331 -26.07 12.01 49.89
C GLN F 331 -27.59 12.06 49.82
N ARG F 332 -28.17 11.53 48.74
CA ARG F 332 -29.62 11.51 48.62
C ARG F 332 -30.26 10.70 49.73
N ILE F 333 -29.66 9.54 50.06
CA ILE F 333 -30.21 8.72 51.14
C ILE F 333 -30.13 9.43 52.47
N LEU F 334 -28.99 10.05 52.77
CA LEU F 334 -28.83 10.78 54.01
C LEU F 334 -29.75 11.99 54.09
N ASP F 335 -30.16 12.54 52.95
CA ASP F 335 -31.08 13.68 52.96
C ASP F 335 -32.45 13.31 53.52
N THR F 336 -32.79 12.03 53.57
CA THR F 336 -34.11 11.60 54.01
C THR F 336 -34.19 11.34 55.52
N ASN F 337 -33.07 11.40 56.23
CA ASN F 337 -33.04 11.19 57.68
C ASN F 337 -33.63 9.83 58.06
N SER F 338 -33.15 8.78 57.40
CA SER F 338 -33.61 7.43 57.67
C SER F 338 -32.64 6.63 58.52
N VAL F 339 -31.41 7.12 58.73
CA VAL F 339 -30.42 6.46 59.56
C VAL F 339 -29.79 7.49 60.48
N LEU F 340 -29.56 7.12 61.73
CA LEU F 340 -29.04 8.04 62.73
C LEU F 340 -28.00 7.33 63.58
N LEU F 341 -27.36 8.09 64.46
CA LEU F 341 -26.34 7.57 65.37
C LEU F 341 -26.91 7.50 66.78
N THR F 342 -26.56 6.42 67.49
CA THR F 342 -27.14 6.14 68.79
C THR F 342 -26.37 6.75 69.96
N GLU F 343 -25.22 7.36 69.69
CA GLU F 343 -24.38 8.00 70.70
C GLU F 343 -23.68 6.95 71.56
N ARG F 344 -24.06 5.68 71.40
CA ARG F 344 -23.41 4.59 72.12
C ARG F 344 -22.46 3.77 71.27
N GLY F 345 -22.49 3.92 69.94
CA GLY F 345 -21.53 3.26 69.10
C GLY F 345 -22.10 2.44 67.96
N ASP F 346 -23.40 2.59 67.70
CA ASP F 346 -24.04 1.87 66.59
C ASP F 346 -25.12 2.77 65.99
N HIS F 347 -25.91 2.19 65.10
CA HIS F 347 -26.84 2.95 64.27
C HIS F 347 -28.24 2.39 64.41
N ILE F 348 -29.23 3.23 64.09
CA ILE F 348 -30.63 2.82 64.02
C ILE F 348 -31.15 3.11 62.63
N VAL F 349 -32.11 2.30 62.19
CA VAL F 349 -32.68 2.42 60.86
C VAL F 349 -34.20 2.47 60.97
N TRP F 350 -34.82 3.17 60.03
CA TRP F 350 -36.27 3.35 59.98
C TRP F 350 -36.80 2.59 58.77
N ILE F 351 -37.33 1.39 59.00
CA ILE F 351 -37.93 0.58 57.95
C ILE F 351 -39.23 -0.02 58.45
N ASN F 352 -40.09 -0.37 57.49
CA ASN F 352 -41.38 -1.00 57.78
C ASN F 352 -42.23 -0.13 58.71
N ASN F 353 -42.12 1.19 58.55
CA ASN F 353 -42.85 2.15 59.37
C ASN F 353 -42.59 1.92 60.85
N SER F 354 -41.34 1.60 61.18
CA SER F 354 -40.96 1.33 62.56
C SER F 354 -39.47 1.61 62.73
N TRP F 355 -39.05 1.79 63.97
CA TRP F 355 -37.66 2.06 64.32
C TRP F 355 -37.00 0.76 64.74
N LYS F 356 -35.91 0.40 64.07
CA LYS F 356 -35.20 -0.83 64.34
C LYS F 356 -33.79 -0.51 64.86
N PHE F 357 -33.46 -1.14 65.99
CA PHE F 357 -32.15 -1.01 66.61
C PHE F 357 -31.51 -2.38 66.63
N ASN F 358 -30.32 -2.50 66.06
CA ASN F 358 -29.66 -3.81 66.00
C ASN F 358 -28.16 -3.60 65.89
N SER F 359 -27.39 -4.59 66.36
CA SER F 359 -25.96 -4.44 66.51
C SER F 359 -25.12 -5.40 65.67
N GLU F 360 -25.61 -6.60 65.36
CA GLU F 360 -24.77 -7.61 64.73
C GLU F 360 -25.13 -7.84 63.26
N GLU F 361 -26.38 -8.18 62.95
CA GLU F 361 -26.80 -8.28 61.56
C GLU F 361 -26.98 -6.89 60.95
N PRO F 362 -26.73 -6.71 59.65
CA PRO F 362 -26.68 -5.39 59.08
C PRO F 362 -27.97 -4.80 58.51
N LEU F 363 -28.46 -3.75 59.17
CA LEU F 363 -29.73 -3.12 58.82
C LEU F 363 -29.61 -1.98 57.83
N ILE F 364 -28.40 -1.48 57.59
CA ILE F 364 -28.24 -0.38 56.63
C ILE F 364 -28.47 -0.86 55.21
N THR F 365 -27.96 -2.06 54.88
CA THR F 365 -28.07 -2.56 53.52
C THR F 365 -29.53 -2.84 53.14
N LYS F 366 -30.32 -3.31 54.10
CA LYS F 366 -31.75 -3.52 53.84
C LYS F 366 -32.43 -2.20 53.53
N LEU F 367 -32.07 -1.14 54.25
CA LEU F 367 -32.62 0.18 53.96
C LEU F 367 -32.21 0.64 52.57
N ILE F 368 -30.95 0.41 52.20
CA ILE F 368 -30.48 0.81 50.87
C ILE F 368 -31.27 0.09 49.80
N LEU F 369 -31.52 -1.21 49.99
CA LEU F 369 -32.30 -1.96 49.03
C LEU F 369 -33.74 -1.46 48.96
N SER F 370 -34.34 -1.12 50.10
CA SER F 370 -35.75 -0.74 50.12
C SER F 370 -35.97 0.67 49.56
N ILE F 371 -34.98 1.55 49.71
CA ILE F 371 -35.16 2.94 49.29
C ILE F 371 -35.28 3.09 47.77
N ARG F 372 -34.81 2.09 47.02
CA ARG F 372 -34.62 2.18 45.56
C ARG F 372 -35.72 2.92 44.82
N HIS F 373 -36.98 2.74 45.22
CA HIS F 373 -38.09 3.28 44.46
C HIS F 373 -38.14 4.80 44.51
N GLN F 374 -37.71 5.40 45.62
CA GLN F 374 -37.78 6.85 45.75
C GLN F 374 -36.67 7.58 45.01
N LEU F 375 -35.57 6.91 44.71
CA LEU F 375 -34.46 7.54 44.01
C LEU F 375 -34.80 7.75 42.54
N PRO F 376 -34.06 8.62 41.85
CA PRO F 376 -34.25 8.74 40.40
C PRO F 376 -34.01 7.41 39.70
N LYS F 377 -34.77 7.19 38.63
CA LYS F 377 -34.85 5.86 38.04
C LYS F 377 -33.51 5.39 37.49
N GLU F 378 -32.66 6.30 37.03
CA GLU F 378 -31.34 5.90 36.57
C GLU F 378 -30.45 5.42 37.72
N TYR F 379 -30.71 5.91 38.94
CA TYR F 379 -29.93 5.47 40.10
C TYR F 379 -30.33 4.07 40.56
N SER F 380 -31.58 3.68 40.29
CA SER F 380 -32.13 2.46 40.88
C SER F 380 -31.39 1.20 40.43
N SER F 381 -31.03 1.14 39.14
CA SER F 381 -30.49 -0.10 38.59
C SER F 381 -29.14 -0.48 39.19
N GLU F 382 -28.44 0.46 39.81
CA GLU F 382 -27.11 0.18 40.35
C GLU F 382 -27.13 -0.32 41.78
N LEU F 383 -28.29 -0.38 42.43
CA LEU F 383 -28.39 -0.82 43.82
C LEU F 383 -28.66 -2.31 43.95
N LEU F 384 -28.63 -3.06 42.84
CA LEU F 384 -28.84 -4.50 42.89
C LEU F 384 -27.56 -5.28 43.18
N CYS F 385 -26.41 -4.75 42.76
CA CYS F 385 -25.15 -5.43 43.03
C CYS F 385 -24.76 -5.26 44.49
N PRO F 386 -24.48 -6.35 45.22
CA PRO F 386 -24.18 -6.21 46.66
C PRO F 386 -22.96 -5.34 46.95
N ARG F 387 -21.94 -5.38 46.10
CA ARG F 387 -20.73 -4.60 46.36
C ARG F 387 -21.02 -3.10 46.34
N LYS F 388 -21.88 -2.66 45.42
CA LYS F 388 -22.26 -1.25 45.38
C LYS F 388 -23.01 -0.86 46.64
N ARG F 389 -23.88 -1.75 47.14
CA ARG F 389 -24.56 -1.48 48.40
C ARG F 389 -23.58 -1.37 49.56
N LYS F 390 -22.56 -2.23 49.58
CA LYS F 390 -21.55 -2.15 50.62
C LYS F 390 -20.80 -0.82 50.55
N THR F 391 -20.47 -0.37 49.34
CA THR F 391 -19.79 0.92 49.19
C THR F 391 -20.67 2.07 49.67
N VAL F 392 -21.96 2.03 49.33
CA VAL F 392 -22.87 3.08 49.78
C VAL F 392 -22.99 3.06 51.29
N GLU F 393 -23.02 1.86 51.89
CA GLU F 393 -23.07 1.75 53.34
C GLU F 393 -21.81 2.35 53.98
N ALA F 394 -20.65 2.08 53.39
CA ALA F 394 -19.41 2.65 53.90
C ALA F 394 -19.44 4.17 53.84
N ASN F 395 -19.92 4.72 52.73
CA ASN F 395 -20.04 6.18 52.63
C ASN F 395 -20.98 6.73 53.70
N ILE F 396 -22.13 6.07 53.88
CA ILE F 396 -23.11 6.56 54.86
C ILE F 396 -22.51 6.56 56.26
N ARG F 397 -21.82 5.47 56.62
CA ARG F 397 -21.15 5.43 57.92
C ARG F 397 -20.07 6.50 58.03
N ASP F 398 -19.43 6.84 56.92
CA ASP F 398 -18.38 7.86 56.96
C ASP F 398 -18.92 9.28 57.05
N MET F 399 -20.18 9.51 56.67
CA MET F 399 -20.76 10.85 56.71
C MET F 399 -21.65 11.08 57.92
N LEU F 400 -21.50 10.29 58.98
CA LEU F 400 -22.26 10.46 60.22
C LEU F 400 -21.27 10.79 61.35
N VAL F 401 -21.25 12.04 61.78
CA VAL F 401 -20.32 12.48 62.81
C VAL F 401 -21.01 12.98 64.08
N ASP F 402 -22.31 13.27 64.02
CA ASP F 402 -23.04 13.78 65.17
C ASP F 402 -23.94 12.70 65.75
N SER F 403 -24.22 12.82 67.04
CA SER F 403 -25.02 11.85 67.77
C SER F 403 -26.31 12.49 68.27
N VAL F 404 -27.34 11.66 68.39
CA VAL F 404 -28.65 12.10 68.89
C VAL F 404 -29.09 11.15 69.99
N GLU F 405 -29.95 11.65 70.86
CA GLU F 405 -30.47 10.89 71.99
C GLU F 405 -31.88 10.41 71.69
N THR F 406 -32.13 9.14 71.96
CA THR F 406 -33.43 8.52 71.71
C THR F 406 -34.30 8.59 72.96
N ASP F 407 -35.61 8.61 72.73
CA ASP F 407 -36.61 8.59 73.80
C ASP F 407 -36.43 9.79 74.74
N THR F 408 -36.55 10.98 74.16
CA THR F 408 -36.42 12.22 74.89
C THR F 408 -37.75 12.76 75.41
N TYR F 409 -38.81 12.64 74.62
CA TYR F 409 -40.11 13.18 75.01
C TYR F 409 -40.80 12.23 75.97
N PRO F 410 -41.16 12.68 77.18
CA PRO F 410 -41.85 11.80 78.15
C PRO F 410 -43.37 11.88 78.11
N ASP F 411 -43.97 12.60 77.17
CA ASP F 411 -45.40 12.76 77.07
C ASP F 411 -45.97 12.12 75.81
N LYS F 412 -45.26 11.15 75.25
CA LYS F 412 -45.68 10.46 74.03
C LYS F 412 -45.99 9.00 74.35
N LEU F 413 -46.98 8.46 73.66
CA LEU F 413 -47.33 7.05 73.82
C LEU F 413 -47.06 6.31 72.52
N PRO F 414 -45.95 5.58 72.42
CA PRO F 414 -45.68 4.84 71.19
C PRO F 414 -46.65 3.68 71.00
N PHE F 415 -46.95 3.41 69.74
CA PHE F 415 -47.78 2.27 69.35
C PHE F 415 -47.05 1.52 68.24
N LYS F 416 -47.62 0.39 67.83
CA LYS F 416 -47.00 -0.38 66.74
C LYS F 416 -47.13 0.35 65.41
N ASN F 417 -48.18 1.16 65.24
CA ASN F 417 -48.42 1.85 63.98
C ASN F 417 -48.50 3.37 64.14
N GLY F 418 -47.96 3.91 65.24
CA GLY F 418 -47.98 5.34 65.40
C GLY F 418 -47.64 5.73 66.83
N VAL F 419 -47.84 7.01 67.13
CA VAL F 419 -47.63 7.57 68.45
C VAL F 419 -48.85 8.41 68.83
N LEU F 420 -49.24 8.35 70.10
CA LEU F 420 -50.41 9.05 70.60
C LEU F 420 -49.96 10.21 71.48
N ASP F 421 -50.45 11.40 71.18
CA ASP F 421 -50.16 12.59 71.99
C ASP F 421 -51.09 12.62 73.20
N LEU F 422 -50.52 12.53 74.39
CA LEU F 422 -51.34 12.60 75.60
C LEU F 422 -51.79 14.01 75.91
N VAL F 423 -50.98 15.01 75.55
CA VAL F 423 -51.32 16.40 75.85
C VAL F 423 -52.57 16.82 75.09
N ASP F 424 -52.66 16.46 73.81
CA ASP F 424 -53.74 16.92 72.95
C ASP F 424 -54.65 15.81 72.43
N GLY F 425 -54.36 14.54 72.72
CA GLY F 425 -55.21 13.46 72.29
C GLY F 425 -55.27 13.29 70.78
N MET F 426 -54.11 13.33 70.11
CA MET F 426 -54.04 13.22 68.67
C MET F 426 -53.08 12.09 68.30
N PHE F 427 -53.48 11.27 67.33
CA PHE F 427 -52.70 10.12 66.90
C PHE F 427 -51.95 10.45 65.62
N TYR F 428 -50.64 10.26 65.63
CA TYR F 428 -49.79 10.45 64.45
C TYR F 428 -49.34 9.07 63.97
N SER F 429 -49.53 8.82 62.67
CA SER F 429 -49.18 7.53 62.08
C SER F 429 -48.34 7.76 60.84
N GLY F 430 -47.58 6.72 60.47
CA GLY F 430 -46.72 6.79 59.30
C GLY F 430 -45.48 7.63 59.51
N ASP F 431 -45.12 8.43 58.51
CA ASP F 431 -43.93 9.26 58.61
C ASP F 431 -44.08 10.37 59.64
N ASP F 432 -45.32 10.67 60.06
CA ASP F 432 -45.52 11.69 61.08
C ASP F 432 -44.88 11.29 62.41
N ALA F 433 -44.75 9.99 62.67
CA ALA F 433 -44.14 9.49 63.89
C ALA F 433 -42.63 9.34 63.79
N LYS F 434 -42.05 9.63 62.63
CA LYS F 434 -40.61 9.46 62.48
C LYS F 434 -39.83 10.43 63.38
N LYS F 435 -40.33 11.66 63.51
CA LYS F 435 -39.61 12.68 64.27
C LYS F 435 -39.46 12.32 65.75
N TYR F 436 -40.37 11.50 66.28
CA TYR F 436 -40.26 11.03 67.66
C TYR F 436 -39.48 9.73 67.66
N THR F 437 -38.24 9.76 68.15
CA THR F 437 -37.37 8.59 68.16
C THR F 437 -37.82 7.65 69.27
N CYS F 438 -38.84 6.85 68.97
CA CYS F 438 -39.38 5.87 69.90
C CYS F 438 -38.78 4.50 69.61
N THR F 439 -38.22 3.87 70.65
CA THR F 439 -37.58 2.58 70.50
C THR F 439 -38.46 1.42 70.91
N VAL F 440 -39.48 1.66 71.73
CA VAL F 440 -40.37 0.62 72.22
C VAL F 440 -41.79 0.91 71.75
N SER F 441 -42.66 -0.08 71.92
CA SER F 441 -44.05 0.05 71.50
C SER F 441 -44.92 -0.85 72.35
N THR F 442 -46.23 -0.58 72.31
CA THR F 442 -47.16 -1.36 73.11
C THR F 442 -47.36 -2.78 72.59
N GLY F 443 -47.03 -3.02 71.32
CA GLY F 443 -47.18 -4.34 70.75
C GLY F 443 -48.55 -4.64 70.16
N PHE F 444 -49.45 -3.66 70.11
CA PHE F 444 -50.76 -3.87 69.52
C PHE F 444 -51.16 -2.61 68.75
N LYS F 445 -52.04 -2.80 67.76
CA LYS F 445 -52.47 -1.71 66.91
C LYS F 445 -53.41 -0.77 67.65
N PHE F 446 -53.63 0.41 67.07
CA PHE F 446 -54.54 1.42 67.60
C PHE F 446 -55.74 1.56 66.69
N ASP F 447 -56.93 1.55 67.27
CA ASP F 447 -58.19 1.65 66.54
C ASP F 447 -58.97 2.85 67.02
N ASP F 448 -59.32 3.75 66.11
CA ASP F 448 -60.13 4.90 66.47
C ASP F 448 -61.60 4.56 66.69
N THR F 449 -62.05 3.42 66.17
CA THR F 449 -63.45 3.03 66.33
C THR F 449 -63.78 2.71 67.78
N LYS F 450 -62.88 2.00 68.47
CA LYS F 450 -63.12 1.63 69.86
C LYS F 450 -62.85 2.77 70.83
N PHE F 451 -62.18 3.84 70.38
CA PHE F 451 -61.88 4.99 71.23
C PHE F 451 -62.99 6.02 71.02
N VAL F 452 -64.12 5.80 71.72
CA VAL F 452 -65.30 6.64 71.56
C VAL F 452 -65.77 7.09 72.93
N GLU F 453 -66.65 8.10 72.92
CA GLU F 453 -67.11 8.71 74.16
C GLU F 453 -68.07 7.80 74.92
N ASP F 454 -68.79 6.94 74.21
CA ASP F 454 -69.78 6.05 74.82
C ASP F 454 -69.65 4.64 74.25
N SER F 455 -69.72 3.64 75.13
CA SER F 455 -69.71 2.24 74.73
C SER F 455 -70.24 1.41 75.88
N PRO F 456 -70.90 0.28 75.60
CA PRO F 456 -71.40 -0.56 76.71
C PRO F 456 -70.30 -1.06 77.63
N GLU F 457 -69.13 -1.39 77.07
CA GLU F 457 -68.07 -1.99 77.88
C GLU F 457 -67.48 -0.99 78.85
N MET F 458 -67.27 0.25 78.41
CA MET F 458 -66.71 1.26 79.30
C MET F 458 -67.71 1.67 80.36
N GLU F 459 -69.01 1.63 80.04
CA GLU F 459 -70.03 1.79 81.07
C GLU F 459 -69.94 0.68 82.11
N GLU F 460 -69.83 -0.57 81.64
CA GLU F 460 -69.61 -1.70 82.53
C GLU F 460 -68.40 -1.47 83.42
N LEU F 461 -67.36 -0.84 82.88
CA LEU F 461 -66.17 -0.57 83.67
C LEU F 461 -66.40 0.53 84.70
N MET F 462 -67.13 1.60 84.35
CA MET F 462 -67.33 2.63 85.37
C MET F 462 -68.23 2.14 86.49
N ASN F 463 -69.16 1.22 86.22
CA ASN F 463 -69.90 0.64 87.35
C ASN F 463 -68.94 0.01 88.36
N ILE F 464 -67.99 -0.79 87.86
CA ILE F 464 -67.03 -1.45 88.75
C ILE F 464 -66.17 -0.42 89.47
N ILE F 465 -65.64 0.56 88.74
CA ILE F 465 -64.70 1.50 89.36
C ILE F 465 -65.41 2.37 90.38
N ASN F 466 -66.67 2.73 90.14
CA ASN F 466 -67.41 3.48 91.14
C ASN F 466 -67.78 2.62 92.33
N ASP F 467 -68.00 1.32 92.11
CA ASP F 467 -68.23 0.41 93.23
C ASP F 467 -67.00 0.31 94.11
N ILE F 468 -65.81 0.24 93.51
CA ILE F 468 -64.59 0.09 94.30
C ILE F 468 -64.36 1.32 95.16
N GLN F 469 -64.54 2.51 94.60
CA GLN F 469 -64.43 3.76 95.34
C GLN F 469 -65.61 4.66 94.99
N PRO F 470 -66.55 4.86 95.91
CA PRO F 470 -67.63 5.81 95.66
C PRO F 470 -67.09 7.21 95.44
N LEU F 471 -67.72 7.94 94.52
CA LEU F 471 -67.30 9.31 94.19
C LEU F 471 -68.09 10.30 95.05
N THR F 472 -67.68 10.38 96.31
CA THR F 472 -68.35 11.20 97.30
C THR F 472 -67.37 12.18 97.93
N ASP F 473 -67.93 13.23 98.54
CA ASP F 473 -67.10 14.26 99.17
C ASP F 473 -66.36 13.73 100.39
N GLU F 474 -66.95 12.76 101.10
CA GLU F 474 -66.31 12.21 102.29
C GLU F 474 -65.00 11.50 101.97
N ASN F 475 -64.76 11.16 100.71
CA ASN F 475 -63.57 10.45 100.29
C ASN F 475 -62.70 11.26 99.34
N LYS F 476 -62.93 12.58 99.26
CA LYS F 476 -62.33 13.39 98.19
C LYS F 476 -60.82 13.41 98.27
N LYS F 477 -60.26 13.48 99.48
CA LYS F 477 -58.81 13.48 99.62
C LYS F 477 -58.22 12.17 99.10
N ASN F 478 -58.85 11.05 99.43
CA ASN F 478 -58.39 9.76 98.93
C ASN F 478 -58.53 9.67 97.42
N ARG F 479 -59.60 10.21 96.85
CA ARG F 479 -59.72 10.24 95.39
C ARG F 479 -58.60 11.06 94.77
N GLU F 480 -58.28 12.21 95.35
CA GLU F 480 -57.19 13.03 94.85
C GLU F 480 -55.86 12.28 94.89
N LEU F 481 -55.62 11.56 96.00
CA LEU F 481 -54.38 10.81 96.14
C LEU F 481 -54.32 9.61 95.18
N TYR F 482 -55.47 8.99 94.92
CA TYR F 482 -55.51 7.71 94.22
C TYR F 482 -55.58 7.89 92.71
N GLU F 483 -56.23 8.96 92.24
CA GLU F 483 -56.26 9.24 90.81
C GLU F 483 -54.85 9.50 90.28
N LYS F 484 -54.04 10.24 91.04
CA LYS F 484 -52.68 10.55 90.60
C LYS F 484 -51.85 9.29 90.45
N THR F 485 -51.95 8.37 91.41
CA THR F 485 -51.19 7.12 91.29
C THR F 485 -51.78 6.17 90.26
N LEU F 486 -53.05 6.34 89.89
CA LEU F 486 -53.56 5.64 88.72
C LEU F 486 -52.89 6.16 87.45
N SER F 487 -52.89 7.48 87.28
CA SER F 487 -52.52 8.10 86.01
C SER F 487 -51.02 8.33 85.85
N SER F 488 -50.22 8.14 86.91
CA SER F 488 -48.78 8.37 86.77
C SER F 488 -48.06 7.26 86.03
N CYS F 489 -48.70 6.10 85.82
CA CYS F 489 -48.01 4.97 85.22
C CYS F 489 -47.75 5.19 83.73
N LEU F 490 -48.61 5.96 83.06
CA LEU F 490 -48.49 6.10 81.61
C LEU F 490 -47.32 7.00 81.22
N CYS F 491 -47.01 8.01 82.03
CA CYS F 491 -45.98 8.98 81.67
C CYS F 491 -44.60 8.33 81.66
N GLY F 492 -43.73 8.85 80.80
CA GLY F 492 -42.37 8.38 80.66
C GLY F 492 -41.36 9.05 81.55
N ALA F 493 -41.79 9.86 82.51
CA ALA F 493 -40.87 10.53 83.41
C ALA F 493 -40.26 9.52 84.39
N THR F 494 -39.17 9.93 85.04
CA THR F 494 -38.46 9.11 86.00
C THR F 494 -38.90 9.50 87.41
N LYS F 495 -39.43 8.53 88.15
CA LYS F 495 -39.86 8.76 89.52
C LYS F 495 -39.51 7.54 90.37
N GLY F 496 -39.32 7.79 91.67
CA GLY F 496 -39.01 6.72 92.60
C GLY F 496 -39.91 6.74 93.83
N CYS F 497 -41.06 7.38 93.70
CA CYS F 497 -42.01 7.50 94.82
C CYS F 497 -42.88 6.25 94.85
N LEU F 498 -42.53 5.32 95.73
CA LEU F 498 -43.30 4.10 95.86
C LEU F 498 -44.68 4.39 96.43
N THR F 499 -45.70 3.75 95.86
CA THR F 499 -47.08 3.93 96.29
C THR F 499 -47.60 2.62 96.87
N PHE F 500 -48.33 2.73 97.97
CA PHE F 500 -48.88 1.58 98.68
C PHE F 500 -50.39 1.55 98.54
N PHE F 501 -50.94 0.34 98.41
CA PHE F 501 -52.37 0.12 98.33
C PHE F 501 -52.80 -0.72 99.52
N PHE F 502 -53.70 -0.19 100.34
CA PHE F 502 -54.14 -0.85 101.55
C PHE F 502 -55.66 -0.94 101.54
N GLY F 503 -56.18 -2.13 101.81
CA GLY F 503 -57.62 -2.32 101.84
C GLY F 503 -57.94 -3.78 102.08
N GLU F 504 -59.23 -4.05 102.24
CA GLU F 504 -59.70 -5.41 102.46
C GLU F 504 -59.64 -6.22 101.16
N THR F 505 -59.48 -7.53 101.32
CA THR F 505 -59.45 -8.41 100.17
C THR F 505 -60.84 -8.59 99.58
N ALA F 506 -60.87 -9.12 98.35
CA ALA F 506 -62.12 -9.36 97.61
C ALA F 506 -62.94 -8.07 97.48
N THR F 507 -62.25 -6.95 97.30
CA THR F 507 -62.90 -5.64 97.13
C THR F 507 -62.52 -5.01 95.80
N GLY F 508 -62.21 -5.83 94.81
CA GLY F 508 -61.85 -5.34 93.49
C GLY F 508 -60.44 -4.82 93.37
N LYS F 509 -59.62 -4.96 94.41
CA LYS F 509 -58.23 -4.49 94.33
C LYS F 509 -57.44 -5.30 93.31
N SER F 510 -57.69 -6.61 93.24
CA SER F 510 -56.96 -7.47 92.32
C SER F 510 -57.36 -7.29 90.86
N THR F 511 -58.43 -6.53 90.59
CA THR F 511 -58.88 -6.37 89.21
C THR F 511 -57.97 -5.43 88.43
N THR F 512 -57.44 -4.40 89.11
CA THR F 512 -56.64 -3.41 88.40
C THR F 512 -55.32 -3.99 87.90
N LYS F 513 -54.80 -5.03 88.55
CA LYS F 513 -53.56 -5.63 88.07
C LYS F 513 -53.76 -6.35 86.74
N ARG F 514 -54.93 -6.94 86.52
CA ARG F 514 -55.23 -7.52 85.22
C ARG F 514 -55.59 -6.44 84.20
N LEU F 515 -56.29 -5.38 84.65
CA LEU F 515 -56.64 -4.29 83.74
C LEU F 515 -55.39 -3.59 83.21
N LEU F 516 -54.37 -3.43 84.04
CA LEU F 516 -53.14 -2.78 83.60
C LEU F 516 -52.48 -3.57 82.47
N LYS F 517 -52.41 -4.90 82.61
CA LYS F 517 -51.86 -5.72 81.55
C LYS F 517 -52.75 -5.69 80.31
N SER F 518 -54.07 -5.63 80.51
CA SER F 518 -54.98 -5.61 79.37
C SER F 518 -54.82 -4.33 78.55
N ALA F 519 -54.68 -3.19 79.21
CA ALA F 519 -54.66 -1.92 78.49
C ALA F 519 -53.27 -1.59 77.95
N ILE F 520 -52.28 -1.46 78.82
CA ILE F 520 -50.95 -1.01 78.41
C ILE F 520 -50.31 -2.06 77.50
N GLY F 521 -50.34 -3.30 77.92
CA GLY F 521 -49.84 -4.40 77.09
C GLY F 521 -48.37 -4.72 77.41
N ASP F 522 -47.50 -4.52 76.42
CA ASP F 522 -46.12 -4.98 76.55
C ASP F 522 -45.36 -4.18 77.61
N LEU F 523 -45.59 -2.87 77.68
CA LEU F 523 -44.82 -2.03 78.60
C LEU F 523 -45.06 -2.43 80.05
N PHE F 524 -46.31 -2.72 80.41
CA PHE F 524 -46.62 -3.12 81.77
C PHE F 524 -46.08 -4.51 82.06
N VAL F 525 -45.29 -4.64 83.12
CA VAL F 525 -44.74 -5.91 83.56
C VAL F 525 -44.91 -6.02 85.07
N GLU F 526 -45.59 -7.06 85.53
CA GLU F 526 -45.79 -7.31 86.94
C GLU F 526 -44.83 -8.38 87.45
N THR F 527 -44.57 -8.33 88.75
CA THR F 527 -43.66 -9.28 89.37
C THR F 527 -44.13 -9.56 90.79
N GLY F 528 -43.36 -10.37 91.52
CA GLY F 528 -43.69 -10.76 92.87
C GLY F 528 -42.75 -10.17 93.90
N GLN F 529 -42.72 -10.80 95.07
CA GLN F 529 -41.90 -10.34 96.19
C GLN F 529 -40.46 -10.82 96.11
N THR F 530 -40.11 -11.60 95.08
CA THR F 530 -38.75 -12.11 94.96
C THR F 530 -37.74 -10.98 94.81
N ILE F 531 -38.10 -9.91 94.09
CA ILE F 531 -37.19 -8.80 93.90
C ILE F 531 -36.91 -8.10 95.23
N LEU F 532 -37.90 -8.02 96.11
CA LEU F 532 -37.69 -7.39 97.41
C LEU F 532 -36.80 -8.24 98.32
N THR F 533 -36.78 -9.56 98.09
CA THR F 533 -35.99 -10.45 98.94
C THR F 533 -34.54 -10.54 98.49
N ASP F 534 -34.31 -10.84 97.21
CA ASP F 534 -32.94 -10.99 96.71
C ASP F 534 -32.29 -9.61 96.52
N VAL F 535 -30.97 -9.64 96.38
CA VAL F 535 -30.20 -8.42 96.14
C VAL F 535 -29.95 -8.31 94.64
N LEU F 536 -30.37 -7.20 94.05
CA LEU F 536 -30.21 -7.01 92.61
C LEU F 536 -28.74 -6.93 92.23
N ASP F 537 -27.93 -6.26 93.04
CA ASP F 537 -26.50 -6.13 92.75
C ASP F 537 -25.81 -7.49 92.83
N LYS F 538 -26.17 -8.32 93.81
CA LYS F 538 -25.52 -9.60 93.99
C LYS F 538 -25.96 -10.57 92.90
N GLY F 539 -25.00 -11.08 92.13
CA GLY F 539 -25.26 -12.04 91.09
C GLY F 539 -25.86 -11.42 89.84
N PRO F 540 -26.06 -12.24 88.81
CA PRO F 540 -26.69 -11.72 87.58
C PRO F 540 -28.20 -11.79 87.64
N ASN F 541 -28.85 -10.64 87.44
CA ASN F 541 -30.31 -10.55 87.48
C ASN F 541 -30.84 -10.18 86.10
N PRO F 542 -31.41 -11.12 85.35
CA PRO F 542 -31.97 -10.76 84.04
C PRO F 542 -33.09 -9.74 84.11
N PHE F 543 -33.89 -9.76 85.19
CA PHE F 543 -34.90 -8.73 85.37
C PHE F 543 -34.28 -7.36 85.52
N ILE F 544 -33.22 -7.27 86.33
CA ILE F 544 -32.47 -6.01 86.44
C ILE F 544 -31.70 -5.74 85.15
N ALA F 545 -31.41 -6.79 84.38
CA ALA F 545 -30.80 -6.56 83.07
C ALA F 545 -31.81 -6.03 82.06
N ASN F 546 -33.10 -6.31 82.26
CA ASN F 546 -34.14 -5.97 81.28
C ASN F 546 -35.23 -5.07 81.85
N MET F 547 -34.93 -4.27 82.87
CA MET F 547 -35.93 -3.34 83.37
C MET F 547 -36.00 -2.05 82.56
N HIS F 548 -35.08 -1.88 81.61
CA HIS F 548 -34.96 -0.63 80.88
C HIS F 548 -36.20 -0.37 80.02
N LEU F 549 -36.62 0.89 79.97
CA LEU F 549 -37.77 1.33 79.18
C LEU F 549 -39.03 0.54 79.54
N LYS F 550 -39.45 0.68 80.79
CA LYS F 550 -40.70 0.11 81.28
C LYS F 550 -41.47 1.20 81.99
N ARG F 551 -42.72 1.43 81.57
CA ARG F 551 -43.49 2.53 82.12
C ARG F 551 -43.99 2.23 83.53
N SER F 552 -44.47 1.02 83.78
CA SER F 552 -45.02 0.65 85.07
C SER F 552 -44.63 -0.78 85.41
N VAL F 553 -44.27 -1.00 86.67
CA VAL F 553 -43.89 -2.33 87.17
C VAL F 553 -44.68 -2.57 88.46
N PHE F 554 -45.63 -3.51 88.41
CA PHE F 554 -46.37 -3.92 89.59
C PHE F 554 -45.44 -4.74 90.48
N CYS F 555 -45.11 -4.21 91.67
CA CYS F 555 -44.03 -4.78 92.47
C CYS F 555 -44.44 -6.12 93.07
N SER F 556 -45.45 -6.12 93.94
CA SER F 556 -45.76 -7.33 94.68
C SER F 556 -47.22 -7.31 95.12
N GLU F 557 -47.72 -8.51 95.46
CA GLU F 557 -49.03 -8.69 96.06
C GLU F 557 -48.91 -9.45 97.38
N LEU F 558 -47.80 -9.26 98.07
CA LEU F 558 -47.47 -10.05 99.24
C LEU F 558 -48.46 -9.78 100.38
N PRO F 559 -48.69 -10.77 101.26
CA PRO F 559 -49.53 -10.54 102.43
C PRO F 559 -48.78 -9.84 103.55
N ASP F 560 -49.43 -9.72 104.71
CA ASP F 560 -48.82 -9.05 105.86
C ASP F 560 -47.56 -9.77 106.30
N PHE F 561 -46.57 -8.99 106.76
CA PHE F 561 -45.31 -9.52 107.24
C PHE F 561 -45.23 -9.57 108.76
N ALA F 562 -46.34 -9.31 109.45
CA ALA F 562 -46.32 -9.32 110.91
C ALA F 562 -46.11 -10.73 111.46
N CYS F 563 -46.69 -11.72 110.79
CA CYS F 563 -46.57 -13.10 111.27
C CYS F 563 -45.12 -13.58 111.20
N SER F 564 -44.78 -14.48 112.11
CA SER F 564 -43.42 -15.00 112.19
C SER F 564 -43.13 -15.91 111.00
N GLY F 565 -41.84 -16.12 110.76
CA GLY F 565 -41.39 -16.94 109.65
C GLY F 565 -41.23 -16.21 108.34
N SER F 566 -41.52 -14.91 108.30
CA SER F 566 -41.41 -14.11 107.08
C SER F 566 -40.39 -13.00 107.31
N LYS F 567 -39.46 -12.85 106.37
CA LYS F 567 -38.42 -11.85 106.50
C LYS F 567 -38.99 -10.45 106.35
N LYS F 568 -38.48 -9.52 107.15
CA LYS F 568 -38.98 -8.16 107.14
C LYS F 568 -38.50 -7.41 105.89
N ILE F 569 -39.14 -6.28 105.63
CA ILE F 569 -38.81 -5.46 104.47
C ILE F 569 -37.46 -4.81 104.68
N ARG F 570 -36.61 -4.86 103.64
CA ARG F 570 -35.30 -4.22 103.66
C ARG F 570 -35.36 -2.90 102.93
N SER F 571 -34.81 -1.85 103.54
CA SER F 571 -34.84 -0.51 102.98
C SER F 571 -33.67 -0.24 102.05
N ASP F 572 -32.75 -1.18 101.87
CA ASP F 572 -31.60 -0.95 101.00
C ASP F 572 -32.00 -0.90 99.52
N ASN F 573 -33.04 -1.63 99.14
CA ASN F 573 -33.42 -1.67 97.73
C ASN F 573 -34.09 -0.38 97.29
N ILE F 574 -34.85 0.26 98.19
CA ILE F 574 -35.59 1.46 97.82
C ILE F 574 -34.65 2.61 97.51
N LYS F 575 -33.54 2.72 98.25
CA LYS F 575 -32.63 3.85 98.07
C LYS F 575 -32.01 3.85 96.68
N LYS F 576 -31.83 2.68 96.07
CA LYS F 576 -31.33 2.62 94.70
C LYS F 576 -32.44 2.51 93.66
N LEU F 577 -33.62 2.05 94.05
CA LEU F 577 -34.76 2.07 93.13
C LEU F 577 -35.20 3.50 92.86
N THR F 578 -35.12 4.37 93.87
CA THR F 578 -35.50 5.76 93.68
C THR F 578 -34.53 6.49 92.77
N GLU F 579 -33.27 6.06 92.73
CA GLU F 579 -32.26 6.74 91.92
C GLU F 579 -32.64 6.66 90.44
N PRO F 580 -32.50 7.75 89.70
CA PRO F 580 -32.84 7.71 88.26
C PRO F 580 -31.99 6.73 87.47
N CYS F 581 -30.76 6.47 87.89
CA CYS F 581 -29.85 5.59 87.18
C CYS F 581 -29.60 4.33 87.99
N VAL F 582 -29.48 3.20 87.28
CA VAL F 582 -29.24 1.91 87.92
C VAL F 582 -27.75 1.57 87.84
N ARG F 595 -31.38 4.75 84.15
CA ARG F 595 -32.22 5.07 83.00
C ARG F 595 -33.54 4.32 83.05
N ASN F 596 -34.35 4.60 84.08
CA ASN F 596 -35.62 3.93 84.25
C ASN F 596 -36.74 4.96 84.35
N HIS F 597 -37.94 4.52 83.98
CA HIS F 597 -39.13 5.36 84.03
C HIS F 597 -40.30 4.64 84.68
N ALA F 598 -40.02 3.56 85.41
CA ALA F 598 -41.08 2.71 85.94
C ALA F 598 -41.80 3.37 87.12
N THR F 599 -43.04 2.98 87.31
CA THR F 599 -43.84 3.37 88.47
C THR F 599 -44.10 2.12 89.30
N ILE F 600 -43.80 2.18 90.60
CA ILE F 600 -43.84 1.03 91.47
C ILE F 600 -45.01 1.18 92.43
N ILE F 601 -45.89 0.18 92.46
CA ILE F 601 -47.06 0.16 93.33
C ILE F 601 -47.14 -1.20 94.01
N ILE F 602 -47.39 -1.19 95.32
CA ILE F 602 -47.53 -2.41 96.11
C ILE F 602 -48.90 -2.40 96.78
N ASP F 603 -49.63 -3.50 96.66
CA ASP F 603 -50.91 -3.68 97.33
C ASP F 603 -50.79 -4.76 98.39
N THR F 604 -51.37 -4.50 99.56
CA THR F 604 -51.31 -5.43 100.67
C THR F 604 -52.53 -5.22 101.56
N ASN F 605 -53.09 -6.32 102.07
CA ASN F 605 -54.26 -6.23 102.92
C ASN F 605 -53.94 -5.52 104.23
N TYR F 606 -52.85 -5.91 104.88
CA TYR F 606 -52.46 -5.34 106.17
C TYR F 606 -51.04 -4.81 106.08
N LYS F 607 -50.78 -3.74 106.84
CA LYS F 607 -49.53 -3.00 106.69
C LYS F 607 -48.37 -3.82 107.25
N PRO F 608 -47.33 -4.10 106.46
CA PRO F 608 -46.22 -4.93 106.96
C PRO F 608 -45.31 -4.19 107.92
N VAL F 609 -44.21 -4.83 108.32
CA VAL F 609 -43.27 -4.29 109.28
C VAL F 609 -41.91 -4.12 108.62
N PHE F 610 -41.32 -2.95 108.77
CA PHE F 610 -40.01 -2.65 108.22
C PHE F 610 -38.92 -3.00 109.23
N ASP F 611 -37.67 -3.05 108.73
CA ASP F 611 -36.53 -3.33 109.58
C ASP F 611 -35.64 -2.13 109.84
N ARG F 612 -35.64 -1.14 108.93
CA ARG F 612 -34.79 0.03 109.06
C ARG F 612 -35.65 1.27 108.84
N ILE F 613 -35.42 2.29 109.67
CA ILE F 613 -36.18 3.53 109.64
C ILE F 613 -35.23 4.70 109.82
N ASP F 614 -35.47 5.77 109.06
CA ASP F 614 -34.68 6.99 109.18
C ASP F 614 -35.51 8.15 108.62
N ASN F 615 -34.86 9.29 108.40
CA ASN F 615 -35.52 10.49 107.91
C ASN F 615 -35.56 10.57 106.40
N ALA F 616 -35.39 9.46 105.69
CA ALA F 616 -35.43 9.47 104.23
C ALA F 616 -36.64 8.75 103.66
N LEU F 617 -37.27 7.86 104.45
CA LEU F 617 -38.30 6.99 103.88
C LEU F 617 -39.63 7.71 103.63
N MET F 618 -40.05 8.58 104.55
CA MET F 618 -41.41 9.12 104.45
C MET F 618 -41.59 10.09 103.28
N ARG F 619 -40.50 10.52 102.65
CA ARG F 619 -40.62 11.21 101.37
C ARG F 619 -40.78 10.26 100.20
N ARG F 620 -40.60 8.96 100.42
CA ARG F 620 -40.62 7.96 99.35
C ARG F 620 -41.85 7.07 99.38
N ILE F 621 -42.75 7.26 100.34
CA ILE F 621 -43.84 6.32 100.58
C ILE F 621 -45.17 7.07 100.55
N ALA F 622 -46.12 6.54 99.78
CA ALA F 622 -47.50 7.00 99.79
C ALA F 622 -48.41 5.78 99.84
N VAL F 623 -49.48 5.87 100.60
CA VAL F 623 -50.39 4.75 100.83
C VAL F 623 -51.80 5.14 100.43
N VAL F 624 -52.47 4.27 99.69
CA VAL F 624 -53.84 4.47 99.24
C VAL F 624 -54.74 3.52 100.01
N ARG F 625 -55.84 4.05 100.55
CA ARG F 625 -56.73 3.30 101.42
C ARG F 625 -58.04 3.00 100.70
N PHE F 626 -58.49 1.75 100.80
CA PHE F 626 -59.76 1.33 100.23
C PHE F 626 -60.90 1.63 101.20
N ARG F 627 -61.93 2.30 100.71
CA ARG F 627 -63.12 2.61 101.50
C ARG F 627 -64.30 1.71 101.16
N THR F 628 -64.09 0.69 100.34
CA THR F 628 -65.18 -0.20 99.97
C THR F 628 -65.70 -0.96 101.19
N HIS F 629 -67.01 -0.97 101.36
CA HIS F 629 -67.63 -1.67 102.48
C HIS F 629 -67.75 -3.16 102.19
N LEU F 655 -65.53 -13.35 83.95
CA LEU F 655 -64.88 -12.14 84.44
C LEU F 655 -63.41 -12.11 84.04
N ASP F 656 -62.65 -13.09 84.54
CA ASP F 656 -61.24 -13.19 84.17
C ASP F 656 -61.08 -13.45 82.68
N GLY F 657 -61.94 -14.29 82.11
CA GLY F 657 -61.91 -14.51 80.68
C GLY F 657 -62.19 -13.26 79.88
N LYS F 658 -63.07 -12.39 80.38
CA LYS F 658 -63.35 -11.12 79.71
C LYS F 658 -62.10 -10.27 79.60
N ILE F 659 -61.34 -10.16 80.70
CA ILE F 659 -60.10 -9.41 80.67
C ILE F 659 -59.07 -10.08 79.76
N GLN F 660 -58.95 -11.40 79.86
CA GLN F 660 -58.03 -12.13 79.00
C GLN F 660 -58.42 -12.05 77.53
N ASN F 661 -59.71 -11.89 77.24
CA ASN F 661 -60.20 -11.74 75.89
C ASN F 661 -59.84 -10.39 75.28
N ASN F 662 -59.30 -9.48 76.07
CA ASN F 662 -59.04 -8.08 75.67
C ASN F 662 -60.34 -7.35 75.37
N ARG F 663 -61.38 -7.68 76.15
CA ARG F 663 -62.66 -6.99 76.01
C ARG F 663 -62.53 -5.51 76.34
N TYR F 664 -61.75 -5.18 77.37
CA TYR F 664 -61.62 -3.81 77.86
C TYR F 664 -60.24 -3.23 77.54
N ARG F 665 -59.68 -3.57 76.38
CA ARG F 665 -58.32 -3.13 76.06
C ARG F 665 -58.26 -1.61 75.87
N PHE F 666 -59.25 -1.02 75.20
CA PHE F 666 -59.21 0.40 74.86
C PHE F 666 -59.89 1.28 75.89
N ALA F 667 -61.00 0.82 76.48
CA ALA F 667 -61.75 1.66 77.41
C ALA F 667 -60.92 2.00 78.64
N PHE F 668 -60.16 1.04 79.16
CA PHE F 668 -59.30 1.33 80.30
C PHE F 668 -58.25 2.37 79.94
N LEU F 669 -57.70 2.29 78.72
CA LEU F 669 -56.80 3.32 78.24
C LEU F 669 -57.49 4.68 78.20
N TYR F 670 -58.77 4.70 77.84
CA TYR F 670 -59.54 5.94 77.89
C TYR F 670 -59.62 6.49 79.31
N LEU F 671 -59.84 5.60 80.29
CA LEU F 671 -59.84 6.05 81.67
C LEU F 671 -58.49 6.63 82.07
N LEU F 672 -57.39 5.96 81.68
CA LEU F 672 -56.06 6.47 82.03
C LEU F 672 -55.79 7.83 81.40
N VAL F 673 -56.18 8.02 80.14
CA VAL F 673 -55.89 9.29 79.48
C VAL F 673 -56.75 10.40 80.05
N LYS F 674 -58.03 10.12 80.32
CA LYS F 674 -58.87 11.15 80.92
C LYS F 674 -58.43 11.47 82.35
N TRP F 675 -57.81 10.50 83.04
CA TRP F 675 -57.25 10.78 84.35
C TRP F 675 -56.00 11.66 84.24
N TYR F 676 -55.09 11.30 83.32
CA TYR F 676 -53.88 12.10 83.13
C TYR F 676 -54.23 13.53 82.70
N LYS F 677 -55.37 13.71 82.05
CA LYS F 677 -55.78 15.05 81.63
C LYS F 677 -56.00 15.97 82.83
N LYS F 678 -56.39 15.42 83.98
CA LYS F 678 -56.89 16.26 85.07
C LYS F 678 -55.79 17.08 85.72
N TYR F 679 -54.82 16.43 86.37
CA TYR F 679 -53.84 17.16 87.17
C TYR F 679 -52.39 16.95 86.75
N HIS F 680 -52.09 16.05 85.83
CA HIS F 680 -50.72 15.83 85.40
C HIS F 680 -50.23 16.87 84.40
N ILE F 681 -50.97 17.97 84.24
CA ILE F 681 -50.63 18.99 83.25
C ILE F 681 -49.46 19.85 83.70
N PRO F 682 -49.52 20.55 84.85
CA PRO F 682 -48.50 21.56 85.13
C PRO F 682 -47.19 20.99 85.65
N ILE F 683 -47.24 19.94 86.47
CA ILE F 683 -46.05 19.40 87.10
C ILE F 683 -46.35 17.97 87.53
N MET F 684 -45.30 17.14 87.59
CA MET F 684 -45.41 15.77 88.07
C MET F 684 -44.81 15.70 89.47
N LYS F 685 -45.65 15.99 90.45
CA LYS F 685 -45.25 15.97 91.86
C LYS F 685 -46.17 15.02 92.62
N LEU F 686 -45.58 14.12 93.41
CA LEU F 686 -46.33 13.15 94.20
C LEU F 686 -46.17 13.51 95.67
N TYR F 687 -47.27 13.88 96.30
CA TYR F 687 -47.24 14.26 97.71
C TYR F 687 -47.08 13.01 98.57
N PRO F 688 -46.04 12.93 99.39
CA PRO F 688 -45.91 11.78 100.30
C PRO F 688 -46.92 11.87 101.43
N THR F 689 -47.43 10.71 101.84
CA THR F 689 -48.45 10.63 102.89
C THR F 689 -47.91 9.85 104.08
N PRO F 690 -47.42 10.52 105.13
CA PRO F 690 -46.93 9.83 106.32
C PRO F 690 -47.97 9.59 107.41
N GLU F 691 -49.26 9.75 107.12
CA GLU F 691 -50.28 9.65 108.15
C GLU F 691 -50.37 8.23 108.71
N GLU F 692 -50.35 7.22 107.85
CA GLU F 692 -50.58 5.84 108.25
C GLU F 692 -49.53 4.92 107.65
N ILE F 693 -48.26 5.31 107.78
CA ILE F 693 -47.16 4.41 107.44
C ILE F 693 -46.88 3.55 108.67
N PRO F 694 -46.77 2.23 108.52
CA PRO F 694 -46.58 1.37 109.70
C PRO F 694 -45.29 1.67 110.43
N ASP F 695 -45.30 1.38 111.74
CA ASP F 695 -44.21 1.64 112.67
C ASP F 695 -43.57 3.01 112.45
N PHE F 696 -44.41 4.02 112.23
CA PHE F 696 -43.94 5.40 112.11
C PHE F 696 -44.58 6.35 113.11
N ALA F 697 -45.62 5.93 113.82
CA ALA F 697 -46.21 6.79 114.84
C ALA F 697 -45.23 7.08 115.97
N PHE F 698 -44.48 6.06 116.39
CA PHE F 698 -43.46 6.25 117.42
C PHE F 698 -42.38 7.21 116.94
N TYR F 699 -41.96 7.07 115.68
CA TYR F 699 -40.91 7.94 115.14
C TYR F 699 -41.35 9.40 115.13
N LEU F 700 -42.57 9.67 114.64
CA LEU F 700 -43.07 11.03 114.61
C LEU F 700 -43.27 11.57 116.02
N LYS F 701 -43.80 10.75 116.92
CA LYS F 701 -44.03 11.20 118.29
C LYS F 701 -42.72 11.56 118.98
N ILE F 702 -41.67 10.74 118.78
CA ILE F 702 -40.41 11.02 119.45
C ILE F 702 -39.67 12.16 118.73
N GLY F 703 -39.92 12.37 117.45
CA GLY F 703 -39.40 13.56 116.79
C GLY F 703 -39.99 14.83 117.34
N THR F 704 -41.30 14.81 117.63
CA THR F 704 -41.92 15.93 118.31
C THR F 704 -41.39 16.09 119.73
N LEU F 705 -41.21 14.97 120.44
CA LEU F 705 -40.75 15.04 121.83
C LEU F 705 -39.26 15.31 121.94
N LEU F 706 -38.48 14.88 120.96
CA LEU F 706 -37.02 14.88 121.08
C LEU F 706 -36.42 15.43 119.79
N VAL F 707 -35.55 16.44 119.93
CA VAL F 707 -34.82 17.00 118.80
C VAL F 707 -33.39 17.27 119.25
N SER F 708 -32.47 17.31 118.28
CA SER F 708 -31.09 17.63 118.58
C SER F 708 -30.93 19.10 118.93
N SER F 709 -29.93 19.40 119.75
CA SER F 709 -29.68 20.77 120.17
C SER F 709 -29.22 21.63 119.00
N SER F 710 -29.65 22.89 118.99
CA SER F 710 -29.29 23.81 117.92
C SER F 710 -28.68 25.09 118.49
N VAL F 711 -28.48 26.09 117.63
CA VAL F 711 -27.86 27.34 118.07
C VAL F 711 -28.72 28.01 119.13
N LYS F 712 -30.05 27.93 119.00
CA LYS F 712 -30.96 28.55 119.94
C LYS F 712 -31.14 27.76 121.22
N HIS F 713 -30.56 26.55 121.31
CA HIS F 713 -30.76 25.69 122.47
C HIS F 713 -29.52 25.56 123.36
N ILE F 714 -28.31 25.57 122.80
CA ILE F 714 -27.12 25.34 123.60
C ILE F 714 -26.92 26.42 124.68
N PRO F 715 -26.94 27.71 124.37
CA PRO F 715 -26.59 28.69 125.42
C PRO F 715 -27.69 28.91 126.44
N LEU F 716 -28.96 28.76 126.07
CA LEU F 716 -30.05 29.15 126.94
C LEU F 716 -30.41 28.10 127.99
N MET F 717 -29.90 26.87 127.88
CA MET F 717 -30.33 25.82 128.79
C MET F 717 -29.49 25.86 130.07
N THR F 718 -28.37 26.59 130.06
CA THR F 718 -27.57 26.74 131.26
C THR F 718 -28.35 27.45 132.36
N ASP F 719 -29.14 28.47 131.99
CA ASP F 719 -29.97 29.14 132.97
C ASP F 719 -31.05 28.20 133.52
N LEU F 720 -31.65 27.39 132.65
CA LEU F 720 -32.67 26.45 133.08
C LEU F 720 -32.12 25.32 133.92
N SER F 721 -30.81 25.04 133.81
CA SER F 721 -30.20 23.98 134.61
C SER F 721 -30.28 24.28 136.11
N LYS F 722 -30.54 25.53 136.49
CA LYS F 722 -30.73 25.86 137.90
C LYS F 722 -32.00 25.25 138.47
N LYS F 723 -32.89 24.74 137.61
CA LYS F 723 -34.15 24.13 138.03
C LYS F 723 -34.01 22.67 138.42
N GLY F 724 -32.80 22.22 138.78
CA GLY F 724 -32.58 20.85 139.17
C GLY F 724 -31.95 19.96 138.11
N TYR F 725 -31.72 20.48 136.91
CA TYR F 725 -31.09 19.72 135.85
C TYR F 725 -29.58 19.72 136.02
N ILE F 726 -28.93 18.75 135.38
CA ILE F 726 -27.49 18.53 135.53
C ILE F 726 -26.82 18.80 134.20
N LEU F 727 -25.83 19.71 134.21
CA LEU F 727 -25.04 20.00 133.02
C LEU F 727 -23.82 19.08 132.97
N TYR F 728 -23.70 18.35 131.86
CA TYR F 728 -22.62 17.38 131.71
C TYR F 728 -22.02 17.54 130.32
N ASP F 729 -20.72 17.85 130.27
CA ASP F 729 -20.01 18.07 129.00
C ASP F 729 -20.69 19.16 128.17
N ASN F 730 -21.13 20.22 128.85
CA ASN F 730 -21.68 21.42 128.23
C ASN F 730 -22.99 21.17 127.50
N VAL F 731 -23.48 19.94 127.52
CA VAL F 731 -24.77 19.59 126.93
C VAL F 731 -25.54 18.76 127.95
N VAL F 732 -26.65 19.31 128.42
CA VAL F 732 -27.42 18.67 129.49
C VAL F 732 -28.02 17.37 128.92
N THR F 733 -27.53 16.24 129.41
CA THR F 733 -28.00 14.93 128.98
C THR F 733 -28.45 14.14 130.20
N LEU F 734 -29.55 13.41 130.05
CA LEU F 734 -30.07 12.64 131.17
C LEU F 734 -29.72 11.16 131.00
N PRO F 735 -29.45 10.45 132.10
CA PRO F 735 -29.21 9.02 132.02
C PRO F 735 -30.40 8.29 131.41
N LEU F 736 -30.10 7.23 130.65
CA LEU F 736 -31.15 6.45 130.02
C LEU F 736 -32.06 5.79 131.04
N THR F 737 -31.53 5.47 132.22
CA THR F 737 -32.35 4.85 133.27
C THR F 737 -33.44 5.79 133.74
N THR F 738 -33.12 7.07 133.93
CA THR F 738 -34.12 8.04 134.35
C THR F 738 -35.16 8.26 133.25
N PHE F 739 -34.71 8.31 131.99
CA PHE F 739 -35.63 8.54 130.88
C PHE F 739 -36.55 7.34 130.66
N GLN F 740 -36.08 6.14 130.99
CA GLN F 740 -36.90 4.94 130.80
C GLN F 740 -38.16 4.99 131.65
N GLN F 741 -38.04 5.43 132.90
CA GLN F 741 -39.21 5.51 133.78
C GLN F 741 -40.23 6.52 133.27
N LYS F 742 -39.77 7.67 132.79
CA LYS F 742 -40.69 8.70 132.31
C LYS F 742 -41.23 8.38 130.93
N ILE F 743 -40.58 7.49 130.18
CA ILE F 743 -41.05 7.14 128.83
C ILE F 743 -41.92 5.88 128.83
N SER F 744 -41.91 5.10 129.90
CA SER F 744 -42.74 3.88 129.94
C SER F 744 -44.22 4.20 130.03
N LYS F 745 -44.58 5.42 130.42
CA LYS F 745 -45.99 5.80 130.51
C LYS F 745 -46.65 5.81 129.14
N TYR F 746 -45.95 6.37 128.13
CA TYR F 746 -46.59 6.65 126.85
C TYR F 746 -46.93 5.36 126.09
N PHE F 747 -46.01 4.39 126.08
CA PHE F 747 -46.24 3.12 125.40
C PHE F 747 -46.04 1.96 126.36
N ASN F 748 -46.82 0.90 126.14
CA ASN F 748 -46.67 -0.32 126.91
C ASN F 748 -45.37 -1.01 126.57
N SER F 749 -44.71 -1.59 127.58
CA SER F 749 -43.47 -2.29 127.35
C SER F 749 -43.68 -3.67 126.73
N ARG F 750 -44.81 -4.31 127.04
CA ARG F 750 -45.02 -5.72 126.70
C ARG F 750 -44.91 -5.96 125.20
N LEU F 751 -45.28 -4.98 124.37
CA LEU F 751 -45.19 -5.11 122.93
C LEU F 751 -44.13 -4.22 122.29
N PHE F 752 -43.97 -2.99 122.78
CA PHE F 752 -43.07 -2.02 122.17
C PHE F 752 -41.69 -1.98 122.83
N GLY F 753 -41.41 -2.91 123.75
CA GLY F 753 -40.13 -2.91 124.42
C GLY F 753 -38.97 -3.16 123.46
N HIS F 754 -39.18 -4.04 122.48
CA HIS F 754 -38.12 -4.31 121.51
C HIS F 754 -37.76 -3.06 120.72
N ASP F 755 -38.77 -2.35 120.23
CA ASP F 755 -38.52 -1.13 119.47
C ASP F 755 -37.87 -0.06 120.34
N ILE F 756 -38.36 0.10 121.57
CA ILE F 756 -37.79 1.11 122.47
C ILE F 756 -36.32 0.80 122.77
N GLU F 757 -36.02 -0.47 123.06
CA GLU F 757 -34.65 -0.87 123.33
C GLU F 757 -33.76 -0.68 122.11
N SER F 758 -34.27 -1.01 120.92
CA SER F 758 -33.48 -0.81 119.71
C SER F 758 -33.16 0.66 119.50
N PHE F 759 -34.14 1.54 119.67
CA PHE F 759 -33.90 2.96 119.50
C PHE F 759 -32.93 3.48 120.57
N ILE F 760 -33.04 2.98 121.80
CA ILE F 760 -32.15 3.43 122.86
C ILE F 760 -30.71 2.99 122.56
N ASN F 761 -30.54 1.74 122.14
CA ASN F 761 -29.19 1.22 121.91
C ASN F 761 -28.55 1.78 120.64
N ARG F 762 -29.35 2.16 119.63
CA ARG F 762 -28.75 2.70 118.41
C ARG F 762 -28.07 4.04 118.68
N HIS F 763 -28.68 4.89 119.51
CA HIS F 763 -28.17 6.22 119.78
C HIS F 763 -27.43 6.33 121.10
N LYS F 764 -27.12 5.21 121.74
CA LYS F 764 -26.47 5.23 123.05
C LYS F 764 -24.99 5.59 122.88
N LYS F 765 -24.54 6.58 123.63
CA LYS F 765 -23.14 7.00 123.64
C LYS F 765 -22.51 6.62 124.97
N PHE F 766 -21.26 6.17 124.92
CA PHE F 766 -20.54 5.70 126.10
C PHE F 766 -19.65 6.82 126.63
N ALA F 767 -19.88 7.22 127.87
CA ALA F 767 -19.03 8.22 128.53
C ALA F 767 -17.90 7.57 129.32
N ASN F 768 -18.22 6.52 130.09
CA ASN F 768 -17.23 5.76 130.83
C ASN F 768 -17.79 4.36 131.05
N VAL F 769 -17.20 3.62 132.00
CA VAL F 769 -17.68 2.29 132.30
C VAL F 769 -19.12 2.33 132.82
N SER F 770 -19.42 3.29 133.69
CA SER F 770 -20.72 3.38 134.34
C SER F 770 -21.62 4.46 133.76
N ASP F 771 -21.14 5.71 133.69
CA ASP F 771 -21.97 6.81 133.23
C ASP F 771 -22.29 6.66 131.75
N GLU F 772 -23.57 6.74 131.40
CA GLU F 772 -24.04 6.63 130.03
C GLU F 772 -25.05 7.74 129.77
N TYR F 773 -24.97 8.36 128.60
CA TYR F 773 -25.81 9.51 128.28
C TYR F 773 -26.13 9.53 126.80
N LEU F 774 -27.19 10.26 126.46
CA LEU F 774 -27.59 10.51 125.08
C LEU F 774 -27.69 12.02 124.85
N GLN F 775 -27.11 12.48 123.75
CA GLN F 775 -27.05 13.91 123.43
C GLN F 775 -28.36 14.42 122.84
N TYR F 776 -29.44 14.27 123.60
CA TYR F 776 -30.77 14.72 123.19
C TYR F 776 -31.40 15.51 124.32
N ILE F 777 -32.18 16.54 123.98
CA ILE F 777 -32.75 17.47 124.95
C ILE F 777 -34.26 17.49 124.78
N PHE F 778 -34.97 17.39 125.91
CA PHE F 778 -36.42 17.50 125.91
C PHE F 778 -36.84 18.94 125.63
N ILE F 779 -37.99 19.09 124.97
CA ILE F 779 -38.43 20.40 124.50
C ILE F 779 -39.71 20.87 125.18
N GLU F 780 -40.55 19.95 125.67
CA GLU F 780 -41.83 20.35 126.25
C GLU F 780 -41.66 21.27 127.45
N ASP F 781 -40.51 21.17 128.14
CA ASP F 781 -40.24 22.08 129.26
C ASP F 781 -40.14 23.53 128.80
N ILE F 782 -39.74 23.76 127.56
CA ILE F 782 -39.63 25.11 127.02
C ILE F 782 -41.01 25.73 126.89
N TRP G 236 15.05 -27.78 -35.90
CA TRP G 236 15.51 -26.70 -36.77
C TRP G 236 15.04 -26.91 -38.20
N GLU G 237 14.04 -26.13 -38.61
CA GLU G 237 13.43 -26.18 -39.93
C GLU G 237 14.16 -25.23 -40.88
N PRO G 238 14.17 -25.55 -42.18
CA PRO G 238 14.87 -24.68 -43.15
C PRO G 238 14.31 -23.26 -43.19
N GLY G 239 13.04 -23.06 -42.87
CA GLY G 239 12.46 -21.72 -42.89
C GLY G 239 12.87 -20.85 -41.72
N PHE G 240 13.52 -21.42 -40.71
CA PHE G 240 13.96 -20.65 -39.57
C PHE G 240 15.25 -19.89 -39.90
N ILE G 241 15.56 -18.89 -39.08
CA ILE G 241 16.83 -18.18 -39.16
C ILE G 241 17.93 -19.13 -38.70
N SER G 242 19.18 -18.74 -38.92
CA SER G 242 20.31 -19.58 -38.55
C SER G 242 20.28 -19.89 -37.06
N PHE G 243 20.61 -21.14 -36.72
CA PHE G 243 20.67 -21.53 -35.32
C PHE G 243 21.73 -20.73 -34.57
N GLU G 244 22.87 -20.48 -35.21
CA GLU G 244 23.94 -19.76 -34.53
C GLU G 244 23.58 -18.29 -34.32
N ASP G 245 22.89 -17.67 -35.28
CA ASP G 245 22.29 -16.36 -35.03
C ASP G 245 21.31 -16.43 -33.87
N ALA G 246 20.51 -17.49 -33.83
CA ALA G 246 19.49 -17.63 -32.79
C ALA G 246 20.10 -17.69 -31.40
N ILE G 247 21.16 -18.49 -31.24
CA ILE G 247 21.82 -18.56 -29.93
C ILE G 247 22.54 -17.24 -29.64
N LYS G 248 22.98 -16.54 -30.67
CA LYS G 248 23.53 -15.20 -30.44
C LYS G 248 22.48 -14.29 -29.80
N ARG G 249 21.27 -14.28 -30.37
CA ARG G 249 20.21 -13.44 -29.78
C ARG G 249 19.85 -13.91 -28.38
N VAL G 250 19.81 -15.23 -28.17
CA VAL G 250 19.51 -15.76 -26.84
C VAL G 250 20.55 -15.28 -25.83
N SER G 251 21.81 -15.22 -26.24
CA SER G 251 22.85 -14.64 -25.39
C SER G 251 22.59 -13.17 -25.15
N LYS G 252 22.16 -12.45 -26.19
CA LYS G 252 21.78 -11.05 -26.02
C LYS G 252 20.65 -10.87 -25.00
N ILE G 253 19.79 -11.87 -24.85
CA ILE G 253 18.68 -11.76 -23.90
C ILE G 253 19.21 -11.64 -22.48
N PHE G 254 20.21 -12.46 -22.13
CA PHE G 254 20.74 -12.49 -20.78
C PHE G 254 21.92 -11.53 -20.64
N ILE G 255 21.84 -10.63 -19.66
CA ILE G 255 23.00 -9.80 -19.33
C ILE G 255 24.11 -10.66 -18.72
N ASN G 256 23.75 -11.58 -17.84
CA ASN G 256 24.72 -12.47 -17.22
C ASN G 256 25.34 -13.39 -18.26
N SER G 257 26.62 -13.68 -18.09
CA SER G 257 27.32 -14.58 -19.00
C SER G 257 26.83 -16.00 -18.82
N ILE G 258 26.80 -16.74 -19.92
CA ILE G 258 26.38 -18.13 -19.94
C ILE G 258 27.63 -19.00 -19.91
N ILE G 259 27.76 -19.81 -18.85
CA ILE G 259 28.95 -20.64 -18.69
C ILE G 259 28.98 -21.76 -19.73
N ASN G 260 27.83 -22.40 -19.96
CA ASN G 260 27.72 -23.50 -20.92
C ASN G 260 27.29 -23.03 -22.30
N PHE G 261 27.63 -21.80 -22.68
CA PHE G 261 27.20 -21.27 -23.97
C PHE G 261 27.80 -22.05 -25.13
N ASN G 262 29.09 -22.40 -25.03
CA ASN G 262 29.76 -23.10 -26.11
C ASN G 262 29.30 -24.55 -26.27
N ASP G 263 28.55 -25.09 -25.32
CA ASP G 263 28.07 -26.46 -25.38
C ASP G 263 26.73 -26.58 -26.10
N LEU G 264 26.22 -25.49 -26.66
CA LEU G 264 24.92 -25.48 -27.31
C LEU G 264 25.07 -25.86 -28.78
N ASP G 265 24.30 -26.87 -29.22
CA ASP G 265 24.31 -27.29 -30.61
C ASP G 265 22.88 -27.51 -31.07
N GLU G 266 22.73 -27.85 -32.35
CA GLU G 266 21.40 -27.97 -32.96
C GLU G 266 20.65 -29.19 -32.46
N ASN G 267 21.29 -30.09 -31.74
CA ASN G 267 20.64 -31.32 -31.28
C ASN G 267 20.31 -31.34 -29.80
N ASN G 268 21.14 -30.71 -28.96
CA ASN G 268 20.92 -30.70 -27.52
C ASN G 268 20.42 -29.35 -27.02
N PHE G 269 19.97 -28.46 -27.91
CA PHE G 269 19.58 -27.12 -27.49
C PHE G 269 18.32 -27.13 -26.64
N THR G 270 17.37 -28.03 -26.92
CA THR G 270 16.16 -28.13 -26.11
C THR G 270 16.37 -28.88 -24.80
N THR G 271 17.49 -29.57 -24.64
CA THR G 271 17.71 -30.42 -23.47
C THR G 271 18.69 -29.82 -22.47
N VAL G 272 19.76 -29.19 -22.93
CA VAL G 272 20.79 -28.67 -22.04
C VAL G 272 20.30 -27.41 -21.34
N PRO G 273 20.24 -27.39 -20.01
CA PRO G 273 19.85 -26.15 -19.32
C PRO G 273 20.96 -25.11 -19.40
N LEU G 274 20.56 -23.85 -19.27
CA LEU G 274 21.49 -22.74 -19.35
C LEU G 274 22.13 -22.50 -17.98
N VAL G 275 23.45 -22.51 -17.94
CA VAL G 275 24.20 -22.20 -16.73
C VAL G 275 24.46 -20.70 -16.73
N ILE G 276 23.90 -19.99 -15.76
CA ILE G 276 23.93 -18.53 -15.71
C ILE G 276 24.71 -18.10 -14.48
N ASP G 277 25.74 -17.29 -14.71
CA ASP G 277 26.55 -16.71 -13.63
C ASP G 277 25.90 -15.39 -13.22
N TYR G 278 25.15 -15.42 -12.11
CA TYR G 278 24.34 -14.27 -11.69
C TYR G 278 25.20 -13.21 -11.01
N VAL G 279 26.17 -12.69 -11.76
CA VAL G 279 26.92 -11.52 -11.30
C VAL G 279 26.04 -10.29 -11.33
N THR G 280 25.27 -10.11 -12.39
CA THR G 280 24.29 -9.06 -12.56
C THR G 280 22.89 -9.62 -12.35
N PRO G 281 21.89 -8.76 -12.14
CA PRO G 281 20.53 -9.26 -11.93
C PRO G 281 20.03 -10.04 -13.15
N CYS G 282 19.22 -11.05 -12.88
CA CYS G 282 18.62 -11.84 -13.94
C CYS G 282 17.79 -10.94 -14.86
N ALA G 283 18.11 -10.96 -16.15
CA ALA G 283 17.47 -10.05 -17.09
C ALA G 283 15.97 -10.30 -17.22
N LEU G 284 15.47 -11.44 -16.75
CA LEU G 284 14.07 -11.78 -16.88
C LEU G 284 13.25 -11.33 -15.68
N CYS G 285 13.78 -11.50 -14.46
CA CYS G 285 13.02 -11.19 -13.26
C CYS G 285 13.80 -10.42 -12.19
N LYS G 286 15.07 -10.08 -12.44
CA LYS G 286 15.85 -9.24 -11.53
C LYS G 286 15.97 -9.83 -10.13
N LYS G 287 16.14 -11.14 -10.02
CA LYS G 287 16.35 -11.79 -8.74
C LYS G 287 17.82 -12.09 -8.50
N ARG G 288 18.17 -12.36 -7.24
CA ARG G 288 19.54 -12.67 -6.88
C ARG G 288 20.06 -13.88 -7.66
N SER G 289 19.31 -14.98 -7.63
CA SER G 289 19.68 -16.19 -8.35
C SER G 289 18.43 -17.07 -8.44
N HIS G 290 18.57 -18.19 -9.14
CA HIS G 290 17.49 -19.14 -9.29
C HIS G 290 17.95 -20.51 -8.82
N LYS G 291 17.17 -21.13 -7.93
CA LYS G 291 17.49 -22.48 -7.49
C LYS G 291 17.39 -23.47 -8.63
N HIS G 292 16.55 -23.18 -9.62
CA HIS G 292 16.37 -24.02 -10.79
C HIS G 292 16.85 -23.26 -12.03
N PRO G 293 17.84 -23.78 -12.76
CA PRO G 293 18.36 -23.05 -13.91
C PRO G 293 17.35 -22.99 -15.05
N HIS G 294 17.48 -21.95 -15.86
CA HIS G 294 16.58 -21.76 -16.99
C HIS G 294 16.80 -22.82 -18.05
N GLN G 295 15.71 -23.27 -18.66
CA GLN G 295 15.74 -24.25 -19.73
C GLN G 295 15.19 -23.62 -21.01
N LEU G 296 15.44 -24.30 -22.13
CA LEU G 296 15.06 -23.80 -23.44
C LEU G 296 14.02 -24.72 -24.06
N SER G 297 13.09 -24.13 -24.80
CA SER G 297 12.05 -24.89 -25.49
C SER G 297 11.78 -24.25 -26.85
N LEU G 298 11.50 -25.10 -27.84
CA LEU G 298 11.20 -24.68 -29.20
C LEU G 298 9.75 -25.02 -29.51
N GLU G 299 8.93 -24.00 -29.72
CA GLU G 299 7.51 -24.18 -29.99
C GLU G 299 7.02 -23.13 -30.97
N ASN G 300 6.18 -23.57 -31.91
CA ASN G 300 5.51 -22.66 -32.87
C ASN G 300 6.50 -21.82 -33.65
N GLY G 301 7.64 -22.42 -34.02
CA GLY G 301 8.64 -21.70 -34.78
C GLY G 301 9.23 -20.52 -34.06
N ALA G 302 9.16 -20.48 -32.74
CA ALA G 302 9.70 -19.39 -31.94
C ALA G 302 10.48 -19.98 -30.78
N ILE G 303 11.60 -19.35 -30.44
CA ILE G 303 12.45 -19.82 -29.35
C ILE G 303 11.91 -19.26 -28.04
N ARG G 304 11.78 -20.13 -27.04
CA ARG G 304 11.20 -19.77 -25.74
C ARG G 304 12.19 -20.09 -24.65
N ILE G 305 12.40 -19.14 -23.74
CA ILE G 305 13.31 -19.30 -22.61
C ILE G 305 12.47 -19.26 -21.34
N TYR G 306 12.55 -20.32 -20.55
CA TYR G 306 11.77 -20.45 -19.32
C TYR G 306 12.67 -20.98 -18.21
N LYS G 307 12.18 -20.88 -16.99
CA LYS G 307 12.89 -21.35 -15.80
C LYS G 307 12.35 -22.70 -15.38
N THR G 308 13.24 -23.63 -15.04
CA THR G 308 12.83 -24.93 -14.54
C THR G 308 12.23 -24.80 -13.14
N GLY G 309 11.82 -25.93 -12.58
CA GLY G 309 11.09 -25.91 -11.32
C GLY G 309 9.71 -25.30 -11.52
N ASN G 310 9.51 -24.09 -11.01
CA ASN G 310 8.29 -23.35 -11.32
C ASN G 310 8.62 -22.25 -12.32
N PRO G 311 8.03 -22.27 -13.52
CA PRO G 311 8.32 -21.22 -14.51
C PRO G 311 7.65 -19.90 -14.21
N HIS G 312 6.79 -19.83 -13.19
CA HIS G 312 6.03 -18.62 -12.90
C HIS G 312 6.80 -17.63 -12.04
N SER G 313 7.94 -18.03 -11.47
CA SER G 313 8.77 -17.11 -10.70
C SER G 313 9.72 -16.31 -11.58
N CYS G 314 9.86 -16.67 -12.85
CA CYS G 314 10.74 -15.98 -13.78
C CYS G 314 9.99 -15.71 -15.08
N LYS G 315 10.24 -14.56 -15.69
CA LYS G 315 9.52 -14.17 -16.90
C LYS G 315 9.99 -14.99 -18.10
N VAL G 316 9.03 -15.47 -18.88
CA VAL G 316 9.33 -16.27 -20.06
C VAL G 316 9.41 -15.37 -21.28
N LYS G 317 10.48 -15.52 -22.05
CA LYS G 317 10.73 -14.69 -23.22
C LYS G 317 10.58 -15.51 -24.50
N ILE G 318 10.02 -14.88 -25.53
CA ILE G 318 9.76 -15.54 -26.81
C ILE G 318 10.34 -14.67 -27.91
N VAL G 319 11.08 -15.31 -28.83
CA VAL G 319 11.53 -14.64 -30.05
C VAL G 319 11.27 -15.58 -31.24
N PRO G 320 10.60 -15.11 -32.29
CA PRO G 320 10.34 -15.98 -33.44
C PRO G 320 11.62 -16.40 -34.14
N LEU G 321 11.58 -17.60 -34.74
CA LEU G 321 12.71 -18.12 -35.50
C LEU G 321 12.57 -17.94 -37.00
N ASP G 322 11.37 -17.70 -37.51
CA ASP G 322 11.18 -17.58 -38.95
C ASP G 322 11.89 -16.36 -39.50
N GLY G 323 12.44 -16.49 -40.71
CA GLY G 323 13.11 -15.39 -41.36
C GLY G 323 12.13 -14.39 -41.95
N ASN G 324 12.57 -13.64 -42.96
CA ASN G 324 11.69 -12.67 -43.61
C ASN G 324 10.64 -13.41 -44.42
N LYS G 325 9.37 -13.15 -44.13
CA LYS G 325 8.29 -13.83 -44.83
C LYS G 325 8.30 -13.51 -46.31
N LEU G 326 8.51 -12.23 -46.65
CA LEU G 326 8.52 -11.83 -48.06
C LEU G 326 9.68 -12.48 -48.80
N PHE G 327 10.81 -12.69 -48.12
CA PHE G 327 11.93 -13.38 -48.74
C PHE G 327 11.55 -14.81 -49.13
N ASN G 328 10.88 -15.53 -48.22
CA ASN G 328 10.45 -16.89 -48.52
C ASN G 328 9.43 -16.90 -49.64
N ILE G 329 8.50 -15.95 -49.62
CA ILE G 329 7.50 -15.87 -50.69
C ILE G 329 8.17 -15.64 -52.03
N ALA G 330 9.16 -14.74 -52.06
CA ALA G 330 9.89 -14.48 -53.30
C ALA G 330 10.64 -15.72 -53.77
N GLN G 331 11.27 -16.43 -52.83
CA GLN G 331 12.00 -17.65 -53.18
C GLN G 331 11.06 -18.68 -53.81
N ARG G 332 9.89 -18.89 -53.19
CA ARG G 332 8.96 -19.88 -53.73
C ARG G 332 8.41 -19.45 -55.09
N ILE G 333 8.07 -18.17 -55.24
CA ILE G 333 7.52 -17.70 -56.52
C ILE G 333 8.57 -17.82 -57.61
N LEU G 334 9.84 -17.56 -57.29
CA LEU G 334 10.91 -17.80 -58.24
C LEU G 334 11.06 -19.28 -58.54
N ASP G 335 10.86 -20.14 -57.53
CA ASP G 335 10.87 -21.58 -57.75
C ASP G 335 9.76 -22.02 -58.70
N THR G 336 8.66 -21.29 -58.74
CA THR G 336 7.63 -21.58 -59.75
C THR G 336 8.08 -21.22 -61.17
N ASN G 337 9.10 -20.38 -61.31
CA ASN G 337 9.64 -19.97 -62.61
C ASN G 337 8.55 -19.40 -63.52
N SER G 338 7.63 -18.62 -62.92
CA SER G 338 6.56 -18.02 -63.70
C SER G 338 7.04 -16.81 -64.49
N VAL G 339 8.07 -16.12 -64.02
CA VAL G 339 8.57 -14.91 -64.65
C VAL G 339 10.08 -15.03 -64.84
N LEU G 340 10.57 -14.58 -65.99
CA LEU G 340 11.99 -14.62 -66.30
C LEU G 340 12.36 -13.35 -67.05
N LEU G 341 13.57 -13.35 -67.62
CA LEU G 341 14.13 -12.19 -68.31
C LEU G 341 14.17 -12.42 -69.81
N THR G 342 14.04 -11.35 -70.57
CA THR G 342 14.00 -11.40 -72.02
C THR G 342 15.37 -11.15 -72.66
N GLU G 343 16.43 -11.02 -71.86
CA GLU G 343 17.80 -10.76 -72.29
C GLU G 343 17.99 -9.35 -72.83
N ARG G 344 16.92 -8.56 -72.95
CA ARG G 344 17.01 -7.20 -73.45
C ARG G 344 16.85 -6.14 -72.37
N GLY G 345 16.13 -6.44 -71.29
CA GLY G 345 15.93 -5.48 -70.22
C GLY G 345 14.52 -5.52 -69.67
N ASP G 346 13.62 -6.18 -70.39
CA ASP G 346 12.23 -6.31 -69.99
C ASP G 346 12.02 -7.62 -69.24
N HIS G 347 10.78 -7.88 -68.86
CA HIS G 347 10.41 -9.08 -68.13
C HIS G 347 9.21 -9.74 -68.80
N ILE G 348 9.23 -11.07 -68.85
CA ILE G 348 8.16 -11.86 -69.46
C ILE G 348 7.48 -12.65 -68.35
N VAL G 349 6.15 -12.55 -68.29
CA VAL G 349 5.36 -13.13 -67.21
C VAL G 349 4.40 -14.16 -67.79
N TRP G 350 4.29 -15.30 -67.10
CA TRP G 350 3.38 -16.36 -67.50
C TRP G 350 2.06 -16.17 -66.74
N ILE G 351 1.07 -15.60 -67.41
CA ILE G 351 -0.24 -15.37 -66.82
C ILE G 351 -1.30 -15.69 -67.88
N ASN G 352 -2.41 -16.27 -67.43
CA ASN G 352 -3.52 -16.65 -68.31
C ASN G 352 -3.05 -17.59 -69.42
N ASN G 353 -2.37 -18.66 -69.02
CA ASN G 353 -1.81 -19.69 -69.90
C ASN G 353 -1.18 -19.07 -71.15
N SER G 354 -0.34 -18.06 -70.94
CA SER G 354 0.33 -17.40 -72.04
C SER G 354 1.53 -16.63 -71.50
N TRP G 355 2.45 -16.30 -72.39
CA TRP G 355 3.60 -15.46 -72.07
C TRP G 355 3.33 -14.06 -72.60
N LYS G 356 3.39 -13.07 -71.71
CA LYS G 356 3.04 -11.71 -72.04
C LYS G 356 4.23 -10.78 -71.82
N PHE G 357 4.38 -9.81 -72.71
CA PHE G 357 5.42 -8.79 -72.62
C PHE G 357 4.81 -7.47 -72.18
N ASN G 358 5.66 -6.62 -71.60
CA ASN G 358 5.23 -5.28 -71.19
C ASN G 358 6.42 -4.37 -70.93
N SER G 359 6.35 -3.14 -71.42
CA SER G 359 7.40 -2.16 -71.20
C SER G 359 6.97 -0.96 -70.35
N GLU G 360 5.66 -0.75 -70.19
CA GLU G 360 5.15 0.38 -69.43
C GLU G 360 4.23 -0.03 -68.29
N GLU G 361 3.46 -1.11 -68.45
CA GLU G 361 2.56 -1.54 -67.40
C GLU G 361 3.21 -2.62 -66.55
N PRO G 362 3.29 -2.45 -65.23
CA PRO G 362 3.90 -3.48 -64.38
C PRO G 362 2.99 -4.70 -64.29
N LEU G 363 3.47 -5.83 -64.80
CA LEU G 363 2.73 -7.08 -64.78
C LEU G 363 3.16 -8.02 -63.67
N ILE G 364 4.23 -7.70 -62.94
CA ILE G 364 4.67 -8.55 -61.85
C ILE G 364 3.63 -8.58 -60.73
N THR G 365 2.99 -7.43 -60.47
CA THR G 365 2.02 -7.35 -59.39
C THR G 365 0.78 -8.19 -59.69
N LYS G 366 0.35 -8.22 -60.96
CA LYS G 366 -0.80 -9.04 -61.32
C LYS G 366 -0.53 -10.52 -61.10
N LEU G 367 0.65 -10.99 -61.51
CA LEU G 367 1.03 -12.37 -61.24
C LEU G 367 1.12 -12.62 -59.74
N ILE G 368 1.65 -11.64 -59.00
CA ILE G 368 1.76 -11.77 -57.55
C ILE G 368 0.40 -11.97 -56.92
N LEU G 369 -0.59 -11.21 -57.38
CA LEU G 369 -1.95 -11.35 -56.85
C LEU G 369 -2.62 -12.62 -57.35
N SER G 370 -2.23 -13.12 -58.52
CA SER G 370 -2.86 -14.32 -59.06
C SER G 370 -2.37 -15.59 -58.36
N ILE G 371 -1.08 -15.65 -58.02
CA ILE G 371 -0.48 -16.87 -57.48
C ILE G 371 -0.92 -17.16 -56.05
N ARG G 372 -1.68 -16.26 -55.42
CA ARG G 372 -1.98 -16.38 -53.99
C ARG G 372 -2.55 -17.75 -53.62
N HIS G 373 -3.35 -18.34 -54.52
CA HIS G 373 -3.97 -19.63 -54.22
C HIS G 373 -2.93 -20.74 -54.06
N GLN G 374 -1.88 -20.71 -54.89
CA GLN G 374 -0.89 -21.78 -54.86
C GLN G 374 -0.12 -21.82 -53.54
N LEU G 375 0.21 -20.67 -52.97
CA LEU G 375 0.89 -20.66 -51.69
C LEU G 375 -0.05 -21.13 -50.59
N PRO G 376 0.49 -21.65 -49.48
CA PRO G 376 -0.36 -22.07 -48.37
C PRO G 376 -1.20 -20.91 -47.83
N LYS G 377 -2.14 -21.29 -46.95
CA LYS G 377 -3.12 -20.34 -46.44
C LYS G 377 -2.47 -19.20 -45.66
N GLU G 378 -1.48 -19.51 -44.83
CA GLU G 378 -0.92 -18.50 -43.94
C GLU G 378 -0.23 -17.37 -44.71
N TYR G 379 0.40 -17.68 -45.84
CA TYR G 379 1.07 -16.66 -46.63
C TYR G 379 0.12 -15.91 -47.57
N SER G 380 -1.11 -16.38 -47.74
CA SER G 380 -2.02 -15.74 -48.68
C SER G 380 -2.62 -14.46 -48.13
N SER G 381 -2.74 -14.34 -46.80
CA SER G 381 -3.44 -13.20 -46.21
C SER G 381 -2.69 -11.90 -46.43
N GLU G 382 -1.37 -11.91 -46.24
CA GLU G 382 -0.60 -10.68 -46.31
C GLU G 382 -0.44 -10.15 -47.72
N LEU G 383 -0.81 -10.93 -48.74
CA LEU G 383 -0.57 -10.56 -50.13
C LEU G 383 -1.63 -9.62 -50.69
N LEU G 384 -2.42 -8.97 -49.84
CA LEU G 384 -3.45 -8.06 -50.30
C LEU G 384 -3.02 -6.59 -50.24
N CYS G 385 -2.14 -6.24 -49.32
CA CYS G 385 -1.68 -4.86 -49.21
C CYS G 385 -0.75 -4.52 -50.37
N PRO G 386 -0.99 -3.42 -51.08
CA PRO G 386 -0.11 -3.07 -52.21
C PRO G 386 1.34 -2.86 -51.82
N ARG G 387 1.61 -2.36 -50.61
CA ARG G 387 2.99 -2.13 -50.19
C ARG G 387 3.76 -3.44 -50.10
N LYS G 388 3.15 -4.47 -49.51
CA LYS G 388 3.82 -5.76 -49.44
C LYS G 388 4.04 -6.35 -50.82
N ARG G 389 3.06 -6.16 -51.71
CA ARG G 389 3.21 -6.67 -53.09
C ARG G 389 4.37 -5.98 -53.81
N LYS G 390 4.49 -4.67 -53.65
CA LYS G 390 5.59 -3.97 -54.31
C LYS G 390 6.93 -4.34 -53.67
N THR G 391 6.96 -4.59 -52.37
CA THR G 391 8.18 -5.06 -51.73
C THR G 391 8.60 -6.41 -52.28
N VAL G 392 7.64 -7.33 -52.44
CA VAL G 392 7.96 -8.64 -52.99
C VAL G 392 8.40 -8.51 -54.45
N GLU G 393 7.78 -7.59 -55.20
CA GLU G 393 8.21 -7.35 -56.57
C GLU G 393 9.65 -6.86 -56.62
N ALA G 394 10.02 -5.95 -55.72
CA ALA G 394 11.40 -5.49 -55.64
C ALA G 394 12.33 -6.65 -55.28
N ASN G 395 11.89 -7.54 -54.41
CA ASN G 395 12.68 -8.73 -54.09
C ASN G 395 12.88 -9.60 -55.34
N ILE G 396 11.82 -9.78 -56.13
CA ILE G 396 11.94 -10.56 -57.37
C ILE G 396 12.93 -9.90 -58.32
N ARG G 397 12.86 -8.57 -58.46
CA ARG G 397 13.72 -7.87 -59.41
C ARG G 397 15.19 -8.03 -59.05
N ASP G 398 15.50 -8.27 -57.79
CA ASP G 398 16.88 -8.33 -57.32
C ASP G 398 17.45 -9.75 -57.30
N MET G 399 16.67 -10.76 -57.69
CA MET G 399 17.15 -12.13 -57.71
C MET G 399 17.52 -12.62 -59.09
N LEU G 400 17.16 -11.89 -60.14
CA LEU G 400 17.39 -12.33 -61.52
C LEU G 400 18.73 -11.78 -62.00
N VAL G 401 19.65 -12.68 -62.33
CA VAL G 401 20.98 -12.29 -62.80
C VAL G 401 21.36 -12.95 -64.12
N ASP G 402 20.65 -13.98 -64.56
CA ASP G 402 20.97 -14.69 -65.78
C ASP G 402 19.91 -14.41 -66.84
N SER G 403 20.36 -14.29 -68.09
CA SER G 403 19.50 -13.94 -69.21
C SER G 403 19.32 -15.14 -70.13
N VAL G 404 18.12 -15.25 -70.70
CA VAL G 404 17.77 -16.35 -71.59
C VAL G 404 17.18 -15.77 -72.87
N GLU G 405 17.14 -16.60 -73.90
CA GLU G 405 16.63 -16.22 -75.21
C GLU G 405 15.30 -16.90 -75.48
N THR G 406 14.35 -16.12 -75.99
CA THR G 406 13.03 -16.63 -76.35
C THR G 406 12.96 -16.90 -77.85
N ASP G 407 11.97 -17.72 -78.23
CA ASP G 407 11.74 -18.11 -79.63
C ASP G 407 13.01 -18.74 -80.21
N THR G 408 13.37 -19.88 -79.61
CA THR G 408 14.56 -20.63 -80.01
C THR G 408 14.24 -21.87 -80.84
N TYR G 409 13.18 -22.58 -80.51
CA TYR G 409 12.83 -23.79 -81.26
C TYR G 409 12.13 -23.40 -82.56
N PRO G 410 12.66 -23.79 -83.72
CA PRO G 410 12.02 -23.45 -85.00
C PRO G 410 11.06 -24.50 -85.53
N ASP G 411 10.81 -25.59 -84.79
CA ASP G 411 9.91 -26.65 -85.21
C ASP G 411 8.63 -26.68 -84.38
N LYS G 412 8.25 -25.54 -83.81
CA LYS G 412 7.06 -25.44 -82.98
C LYS G 412 6.00 -24.60 -83.69
N LEU G 413 4.75 -25.03 -83.55
CA LEU G 413 3.62 -24.29 -84.13
C LEU G 413 2.83 -23.64 -83.00
N PRO G 414 2.94 -22.32 -82.82
CA PRO G 414 2.21 -21.67 -81.73
C PRO G 414 0.72 -21.65 -81.97
N PHE G 415 -0.04 -21.57 -80.87
CA PHE G 415 -1.49 -21.48 -80.93
C PHE G 415 -1.97 -20.69 -79.73
N LYS G 416 -3.23 -20.26 -79.80
CA LYS G 416 -3.81 -19.48 -78.71
C LYS G 416 -3.87 -20.28 -77.42
N ASN G 417 -4.19 -21.58 -77.53
CA ASN G 417 -4.37 -22.44 -76.36
C ASN G 417 -3.26 -23.48 -76.20
N GLY G 418 -2.14 -23.30 -76.89
CA GLY G 418 -1.03 -24.22 -76.72
C GLY G 418 -0.07 -24.14 -77.89
N VAL G 419 0.69 -25.22 -78.07
CA VAL G 419 1.70 -25.32 -79.10
C VAL G 419 1.65 -26.72 -79.71
N LEU G 420 1.79 -26.80 -81.03
CA LEU G 420 1.73 -28.06 -81.75
C LEU G 420 3.11 -28.43 -82.27
N ASP G 421 3.46 -29.71 -82.16
CA ASP G 421 4.73 -30.23 -82.64
C ASP G 421 4.54 -30.78 -84.05
N LEU G 422 5.24 -30.19 -85.02
CA LEU G 422 5.08 -30.61 -86.41
C LEU G 422 5.77 -31.94 -86.70
N VAL G 423 6.97 -32.14 -86.14
CA VAL G 423 7.75 -33.32 -86.49
C VAL G 423 7.25 -34.59 -85.81
N ASP G 424 6.45 -34.47 -84.76
CA ASP G 424 5.98 -35.63 -84.02
C ASP G 424 4.47 -35.75 -83.94
N GLY G 425 3.73 -34.64 -84.01
CA GLY G 425 2.29 -34.70 -84.15
C GLY G 425 1.46 -34.86 -82.88
N MET G 426 1.75 -34.07 -81.85
CA MET G 426 0.85 -33.92 -80.70
C MET G 426 0.80 -32.46 -80.29
N PHE G 427 -0.30 -32.10 -79.64
CA PHE G 427 -0.57 -30.73 -79.21
C PHE G 427 -0.37 -30.63 -77.70
N TYR G 428 0.44 -29.66 -77.28
CA TYR G 428 0.68 -29.40 -75.87
C TYR G 428 -0.12 -28.17 -75.46
N SER G 429 -0.95 -28.32 -74.42
CA SER G 429 -1.82 -27.25 -73.95
C SER G 429 -1.70 -27.13 -72.44
N GLY G 430 -1.60 -25.90 -71.96
CA GLY G 430 -1.51 -25.64 -70.54
C GLY G 430 -0.08 -25.51 -70.03
N ASP G 431 0.18 -26.07 -68.85
CA ASP G 431 1.51 -25.94 -68.25
C ASP G 431 2.57 -26.70 -69.03
N ASP G 432 2.15 -27.72 -69.81
CA ASP G 432 3.11 -28.48 -70.61
C ASP G 432 3.73 -27.65 -71.73
N ALA G 433 3.10 -26.54 -72.11
CA ALA G 433 3.64 -25.64 -73.12
C ALA G 433 4.52 -24.54 -72.54
N LYS G 434 4.75 -24.56 -71.22
CA LYS G 434 5.55 -23.52 -70.59
C LYS G 434 7.01 -23.61 -71.00
N LYS G 435 7.50 -24.83 -71.26
CA LYS G 435 8.92 -25.01 -71.57
C LYS G 435 9.32 -24.30 -72.85
N TYR G 436 8.39 -24.13 -73.78
CA TYR G 436 8.65 -23.37 -75.00
C TYR G 436 8.26 -21.92 -74.79
N THR G 437 9.24 -21.03 -74.86
CA THR G 437 9.02 -19.59 -74.65
C THR G 437 8.60 -18.97 -75.97
N CYS G 438 7.31 -18.96 -76.23
CA CYS G 438 6.74 -18.39 -77.44
C CYS G 438 5.93 -17.16 -77.10
N THR G 439 6.26 -16.04 -77.72
CA THR G 439 5.58 -14.77 -77.50
C THR G 439 4.57 -14.45 -78.60
N VAL G 440 4.33 -15.38 -79.53
CA VAL G 440 3.41 -15.17 -80.64
C VAL G 440 2.48 -16.38 -80.72
N SER G 441 1.36 -16.18 -81.39
CA SER G 441 0.37 -17.24 -81.57
C SER G 441 -0.48 -16.92 -82.79
N THR G 442 -1.20 -17.93 -83.26
CA THR G 442 -2.11 -17.74 -84.39
C THR G 442 -3.32 -16.90 -84.01
N GLY G 443 -3.62 -16.76 -82.71
CA GLY G 443 -4.76 -16.01 -82.26
C GLY G 443 -6.05 -16.81 -82.20
N PHE G 444 -6.05 -18.05 -82.68
CA PHE G 444 -7.22 -18.90 -82.65
C PHE G 444 -6.89 -20.21 -81.93
N LYS G 445 -7.92 -20.83 -81.37
CA LYS G 445 -7.75 -22.04 -80.60
C LYS G 445 -7.57 -23.24 -81.53
N PHE G 446 -7.20 -24.37 -80.92
CA PHE G 446 -6.97 -25.62 -81.63
C PHE G 446 -8.08 -26.59 -81.33
N ASP G 447 -8.66 -27.18 -82.38
CA ASP G 447 -9.76 -28.13 -82.25
C ASP G 447 -9.32 -29.46 -82.87
N ASP G 448 -9.18 -30.48 -82.02
CA ASP G 448 -8.76 -31.80 -82.49
C ASP G 448 -9.85 -32.54 -83.25
N THR G 449 -11.11 -32.08 -83.15
CA THR G 449 -12.20 -32.77 -83.84
C THR G 449 -12.04 -32.70 -85.35
N LYS G 450 -11.65 -31.52 -85.86
CA LYS G 450 -11.50 -31.36 -87.31
C LYS G 450 -10.18 -31.92 -87.84
N PHE G 451 -9.22 -32.22 -86.96
CA PHE G 451 -7.94 -32.78 -87.39
C PHE G 451 -8.06 -34.31 -87.41
N VAL G 452 -8.66 -34.81 -88.50
CA VAL G 452 -8.88 -36.23 -88.68
C VAL G 452 -8.34 -36.66 -90.03
N GLU G 453 -8.10 -37.96 -90.17
CA GLU G 453 -7.56 -38.50 -91.41
C GLU G 453 -8.52 -38.32 -92.57
N ASP G 454 -9.81 -38.57 -92.35
CA ASP G 454 -10.81 -38.55 -93.41
C ASP G 454 -11.96 -37.65 -92.98
N SER G 455 -12.34 -36.72 -93.86
CA SER G 455 -13.50 -35.87 -93.67
C SER G 455 -14.02 -35.47 -95.04
N PRO G 456 -15.33 -35.23 -95.18
CA PRO G 456 -15.86 -34.82 -96.50
C PRO G 456 -15.23 -33.55 -97.03
N GLU G 457 -14.95 -32.58 -96.16
CA GLU G 457 -14.28 -31.36 -96.58
C GLU G 457 -12.89 -31.66 -97.12
N MET G 458 -12.18 -32.59 -96.47
CA MET G 458 -10.86 -32.99 -96.92
C MET G 458 -10.92 -33.54 -98.34
N GLU G 459 -11.86 -34.45 -98.60
CA GLU G 459 -11.96 -35.08 -99.90
C GLU G 459 -12.41 -34.11 -100.97
N GLU G 460 -13.31 -33.18 -100.63
CA GLU G 460 -13.77 -32.20 -101.61
C GLU G 460 -12.65 -31.23 -101.97
N LEU G 461 -11.87 -30.80 -100.97
CA LEU G 461 -10.84 -29.80 -101.25
C LEU G 461 -9.63 -30.40 -101.96
N MET G 462 -9.18 -31.59 -101.55
CA MET G 462 -7.92 -32.13 -102.03
C MET G 462 -7.97 -32.38 -103.54
N ASN G 463 -9.16 -32.57 -104.10
CA ASN G 463 -9.31 -32.77 -105.54
C ASN G 463 -8.80 -31.59 -106.35
N ILE G 464 -8.90 -30.37 -105.81
CA ILE G 464 -8.41 -29.20 -106.53
C ILE G 464 -6.90 -29.27 -106.69
N ILE G 465 -6.20 -29.61 -105.60
CA ILE G 465 -4.76 -29.78 -105.66
C ILE G 465 -4.39 -30.95 -106.58
N ASN G 466 -5.23 -31.99 -106.62
CA ASN G 466 -5.00 -33.05 -107.59
C ASN G 466 -5.08 -32.52 -109.02
N ASP G 467 -6.06 -31.66 -109.28
CA ASP G 467 -6.32 -31.21 -110.64
C ASP G 467 -5.25 -30.24 -111.14
N ILE G 468 -4.83 -29.31 -110.27
CA ILE G 468 -3.86 -28.30 -110.70
C ILE G 468 -2.53 -28.95 -111.06
N GLN G 469 -2.04 -29.86 -110.22
CA GLN G 469 -0.88 -30.66 -110.54
C GLN G 469 -1.26 -32.14 -110.57
N PRO G 470 -1.50 -32.72 -111.75
CA PRO G 470 -1.78 -34.15 -111.81
C PRO G 470 -0.55 -34.98 -111.45
N LEU G 471 -0.81 -36.17 -110.90
CA LEU G 471 0.27 -37.08 -110.50
C LEU G 471 0.71 -37.89 -111.72
N THR G 472 1.55 -37.25 -112.53
CA THR G 472 2.08 -37.85 -113.75
C THR G 472 3.60 -37.86 -113.71
N ASP G 473 4.19 -38.78 -114.48
CA ASP G 473 5.65 -38.88 -114.53
C ASP G 473 6.27 -37.62 -115.14
N GLU G 474 5.61 -37.01 -116.11
CA GLU G 474 6.11 -35.77 -116.70
C GLU G 474 6.08 -34.61 -115.72
N ASN G 475 5.34 -34.75 -114.61
CA ASN G 475 5.18 -33.70 -113.61
C ASN G 475 5.75 -34.14 -112.27
N LYS G 476 6.96 -34.71 -112.29
CA LYS G 476 7.58 -35.24 -111.08
C LYS G 476 8.44 -34.17 -110.39
N LYS G 477 9.42 -33.60 -111.10
CA LYS G 477 10.27 -32.59 -110.50
C LYS G 477 9.47 -31.34 -110.16
N ASN G 478 8.53 -30.97 -111.02
CA ASN G 478 7.68 -29.81 -110.75
C ASN G 478 6.83 -30.04 -109.51
N ARG G 479 6.28 -31.25 -109.35
CA ARG G 479 5.51 -31.55 -108.15
C ARG G 479 6.39 -31.52 -106.91
N GLU G 480 7.62 -32.02 -107.02
CA GLU G 480 8.55 -31.97 -105.90
C GLU G 480 8.84 -30.53 -105.49
N LEU G 481 9.10 -29.66 -106.48
CA LEU G 481 9.34 -28.25 -106.18
C LEU G 481 8.11 -27.61 -105.54
N TYR G 482 6.91 -27.94 -106.04
CA TYR G 482 5.70 -27.37 -105.49
C TYR G 482 5.50 -27.79 -104.03
N GLU G 483 5.67 -29.08 -103.73
CA GLU G 483 5.45 -29.53 -102.36
C GLU G 483 6.57 -29.06 -101.43
N LYS G 484 7.76 -28.79 -101.97
CA LYS G 484 8.82 -28.23 -101.14
C LYS G 484 8.61 -26.75 -100.86
N THR G 485 8.04 -26.01 -101.80
CA THR G 485 7.84 -24.58 -101.57
C THR G 485 6.55 -24.29 -100.80
N LEU G 486 5.56 -25.19 -100.86
CA LEU G 486 4.31 -24.95 -100.13
C LEU G 486 4.52 -25.09 -98.63
N SER G 487 5.23 -26.13 -98.18
CA SER G 487 5.36 -26.40 -96.76
C SER G 487 6.48 -25.60 -96.10
N SER G 488 7.15 -24.72 -96.84
CA SER G 488 8.25 -23.94 -96.27
C SER G 488 7.78 -22.88 -95.27
N CYS G 489 6.47 -22.58 -95.25
CA CYS G 489 5.98 -21.50 -94.39
C CYS G 489 5.92 -21.92 -92.92
N LEU G 490 5.79 -23.22 -92.65
CA LEU G 490 5.55 -23.67 -91.27
C LEU G 490 6.81 -23.52 -90.41
N CYS G 491 7.96 -23.92 -90.94
CA CYS G 491 9.18 -23.89 -90.15
C CYS G 491 9.59 -22.46 -89.81
N GLY G 492 10.13 -22.29 -88.61
CA GLY G 492 10.55 -20.97 -88.16
C GLY G 492 12.01 -20.71 -88.44
N ALA G 493 12.60 -21.48 -89.35
CA ALA G 493 14.00 -21.29 -89.70
C ALA G 493 14.21 -19.95 -90.39
N THR G 494 15.30 -19.28 -90.02
CA THR G 494 15.65 -17.99 -90.61
C THR G 494 16.22 -18.23 -92.01
N LYS G 495 15.49 -17.78 -93.03
CA LYS G 495 15.90 -18.05 -94.41
C LYS G 495 15.26 -17.00 -95.32
N GLY G 496 15.99 -16.63 -96.38
CA GLY G 496 15.52 -15.63 -97.30
C GLY G 496 15.60 -16.05 -98.75
N CYS G 497 15.34 -17.32 -99.04
CA CYS G 497 15.39 -17.84 -100.40
C CYS G 497 14.01 -17.62 -101.05
N LEU G 498 13.95 -16.68 -101.98
CA LEU G 498 12.70 -16.36 -102.63
C LEU G 498 12.30 -17.45 -103.63
N THR G 499 10.99 -17.57 -103.86
CA THR G 499 10.44 -18.55 -104.77
C THR G 499 9.45 -17.87 -105.71
N PHE G 500 9.39 -18.34 -106.95
CA PHE G 500 8.54 -17.76 -107.98
C PHE G 500 7.41 -18.73 -108.32
N PHE G 501 6.19 -18.20 -108.37
CA PHE G 501 5.02 -18.93 -108.85
C PHE G 501 4.70 -18.42 -110.25
N PHE G 502 5.03 -19.20 -111.27
CA PHE G 502 4.80 -18.83 -112.66
C PHE G 502 3.78 -19.76 -113.30
N GLY G 503 2.83 -19.16 -114.02
CA GLY G 503 1.81 -19.95 -114.69
C GLY G 503 0.77 -19.06 -115.31
N GLU G 504 -0.07 -19.68 -116.13
CA GLU G 504 -1.15 -18.95 -116.78
C GLU G 504 -2.20 -18.53 -115.75
N THR G 505 -2.85 -17.40 -116.03
CA THR G 505 -3.85 -16.88 -115.11
C THR G 505 -5.10 -17.76 -115.11
N ALA G 506 -5.85 -17.68 -114.02
CA ALA G 506 -7.09 -18.45 -113.84
C ALA G 506 -6.85 -19.94 -114.02
N THR G 507 -5.75 -20.44 -113.46
CA THR G 507 -5.39 -21.85 -113.54
C THR G 507 -5.30 -22.50 -112.16
N GLY G 508 -6.01 -21.95 -111.17
CA GLY G 508 -5.96 -22.45 -109.82
C GLY G 508 -4.84 -21.90 -108.96
N LYS G 509 -3.96 -21.08 -109.52
CA LYS G 509 -2.87 -20.50 -108.74
C LYS G 509 -3.39 -19.54 -107.69
N SER G 510 -4.42 -18.76 -108.03
CA SER G 510 -4.96 -17.77 -107.10
C SER G 510 -5.63 -18.41 -105.89
N THR G 511 -6.03 -19.67 -105.99
CA THR G 511 -6.70 -20.33 -104.86
C THR G 511 -5.75 -20.54 -103.69
N THR G 512 -4.44 -20.59 -103.95
CA THR G 512 -3.48 -20.96 -102.91
C THR G 512 -3.39 -19.88 -101.82
N LYS G 513 -3.46 -18.61 -102.20
CA LYS G 513 -3.22 -17.53 -101.24
C LYS G 513 -4.34 -17.46 -100.19
N ARG G 514 -5.59 -17.67 -100.59
CA ARG G 514 -6.68 -17.63 -99.62
C ARG G 514 -6.60 -18.80 -98.65
N LEU G 515 -6.21 -19.99 -99.13
CA LEU G 515 -6.00 -21.10 -98.21
C LEU G 515 -4.81 -20.85 -97.29
N LEU G 516 -3.77 -20.19 -97.80
CA LEU G 516 -2.65 -19.79 -96.94
C LEU G 516 -3.12 -18.88 -95.82
N LYS G 517 -3.93 -17.88 -96.15
CA LYS G 517 -4.44 -16.96 -95.13
C LYS G 517 -5.35 -17.69 -94.14
N SER G 518 -6.23 -18.56 -94.64
CA SER G 518 -7.14 -19.29 -93.78
C SER G 518 -6.43 -20.32 -92.92
N ALA G 519 -5.22 -20.74 -93.29
CA ALA G 519 -4.49 -21.75 -92.54
C ALA G 519 -3.62 -21.14 -91.45
N ILE G 520 -2.63 -20.33 -91.84
CA ILE G 520 -1.70 -19.77 -90.87
C ILE G 520 -2.39 -18.74 -89.99
N GLY G 521 -3.17 -17.87 -90.59
CA GLY G 521 -3.95 -16.90 -89.83
C GLY G 521 -3.20 -15.60 -89.59
N ASP G 522 -2.92 -15.30 -88.32
CA ASP G 522 -2.32 -14.01 -87.96
C ASP G 522 -0.91 -13.89 -88.51
N LEU G 523 -0.11 -14.95 -88.42
CA LEU G 523 1.29 -14.88 -88.85
C LEU G 523 1.40 -14.62 -90.35
N PHE G 524 0.50 -15.20 -91.14
CA PHE G 524 0.53 -14.98 -92.57
C PHE G 524 0.00 -13.60 -92.90
N VAL G 525 0.84 -12.77 -93.52
CA VAL G 525 0.47 -11.42 -93.93
C VAL G 525 0.86 -11.24 -95.39
N GLU G 526 -0.10 -10.82 -96.21
CA GLU G 526 0.14 -10.58 -97.62
C GLU G 526 0.31 -9.09 -97.88
N THR G 527 1.06 -8.78 -98.93
CA THR G 527 1.36 -7.39 -99.28
C THR G 527 1.68 -7.30 -100.76
N GLY G 528 1.81 -6.07 -101.24
CA GLY G 528 2.15 -5.80 -102.62
C GLY G 528 3.62 -5.52 -102.81
N GLN G 529 3.93 -4.87 -103.92
CA GLN G 529 5.31 -4.52 -104.27
C GLN G 529 5.74 -3.18 -103.70
N THR G 530 5.12 -2.72 -102.61
CA THR G 530 5.55 -1.48 -101.99
C THR G 530 6.96 -1.58 -101.46
N ILE G 531 7.29 -2.70 -100.82
CA ILE G 531 8.67 -2.91 -100.34
C ILE G 531 9.63 -3.05 -101.51
N LEU G 532 9.20 -3.66 -102.61
CA LEU G 532 10.07 -3.83 -103.77
C LEU G 532 10.45 -2.49 -104.38
N THR G 533 9.49 -1.56 -104.47
CA THR G 533 9.74 -0.27 -105.09
C THR G 533 10.33 0.73 -104.11
N ASP G 534 9.64 0.99 -103.00
CA ASP G 534 10.12 1.94 -102.01
C ASP G 534 11.40 1.42 -101.34
N VAL G 535 12.32 2.33 -101.08
CA VAL G 535 13.60 1.96 -100.48
C VAL G 535 13.41 1.77 -98.98
N LEU G 536 13.86 0.61 -98.48
CA LEU G 536 13.73 0.32 -97.06
C LEU G 536 14.69 1.14 -96.21
N ASP G 537 15.90 1.40 -96.72
CA ASP G 537 16.90 2.13 -95.94
C ASP G 537 16.48 3.58 -95.71
N LYS G 538 15.98 4.25 -96.76
CA LYS G 538 15.60 5.64 -96.65
C LYS G 538 14.25 5.77 -95.98
N GLY G 539 14.20 6.49 -94.87
CA GLY G 539 12.98 6.71 -94.14
C GLY G 539 12.60 5.54 -93.25
N PRO G 540 11.68 5.78 -92.31
CA PRO G 540 11.23 4.69 -91.42
C PRO G 540 10.12 3.89 -92.09
N ASN G 541 10.35 2.59 -92.25
CA ASN G 541 9.37 1.72 -92.89
C ASN G 541 8.62 0.94 -91.81
N PRO G 542 7.33 1.21 -91.58
CA PRO G 542 6.60 0.45 -90.57
C PRO G 542 6.50 -1.04 -90.87
N PHE G 543 6.44 -1.41 -92.15
CA PHE G 543 6.34 -2.82 -92.51
C PHE G 543 7.60 -3.58 -92.11
N ILE G 544 8.77 -2.98 -92.34
CA ILE G 544 10.03 -3.63 -91.99
C ILE G 544 10.15 -3.77 -90.47
N ALA G 545 9.66 -2.77 -89.74
CA ALA G 545 9.70 -2.84 -88.27
C ALA G 545 8.75 -3.91 -87.75
N ASN G 546 7.57 -4.04 -88.36
CA ASN G 546 6.52 -4.91 -87.86
C ASN G 546 6.56 -6.31 -88.46
N MET G 547 7.47 -6.58 -89.40
CA MET G 547 7.55 -7.92 -89.98
C MET G 547 8.24 -8.93 -89.07
N HIS G 548 8.81 -8.49 -87.96
CA HIS G 548 9.52 -9.39 -87.06
C HIS G 548 8.58 -10.46 -86.50
N LEU G 549 9.10 -11.68 -86.37
CA LEU G 549 8.34 -12.85 -85.92
C LEU G 549 7.09 -13.06 -86.78
N LYS G 550 7.31 -13.14 -88.08
CA LYS G 550 6.27 -13.51 -89.04
C LYS G 550 6.78 -14.68 -89.86
N ARG G 551 5.97 -15.75 -89.92
CA ARG G 551 6.44 -16.98 -90.56
C ARG G 551 6.52 -16.82 -92.07
N SER G 552 5.51 -16.23 -92.70
CA SER G 552 5.47 -16.10 -94.15
C SER G 552 4.86 -14.77 -94.55
N VAL G 553 5.40 -14.18 -95.61
CA VAL G 553 4.90 -12.93 -96.17
C VAL G 553 4.71 -13.13 -97.66
N PHE G 554 3.51 -12.81 -98.16
CA PHE G 554 3.20 -12.95 -99.58
C PHE G 554 3.66 -11.68 -100.29
N CYS G 555 4.62 -11.82 -101.20
CA CYS G 555 5.30 -10.65 -101.77
C CYS G 555 4.35 -9.82 -102.63
N SER G 556 3.54 -10.46 -103.46
CA SER G 556 2.69 -9.73 -104.39
C SER G 556 1.41 -10.52 -104.65
N GLU G 557 0.40 -9.81 -105.16
CA GLU G 557 -0.86 -10.44 -105.51
C GLU G 557 -1.45 -9.93 -106.83
N LEU G 558 -0.72 -9.10 -107.57
CA LEU G 558 -1.19 -8.51 -108.81
C LEU G 558 -0.16 -8.75 -109.90
N PRO G 559 -0.58 -8.75 -111.17
CA PRO G 559 0.34 -9.11 -112.26
C PRO G 559 1.52 -8.15 -112.37
N ASP G 560 2.47 -8.54 -113.22
CA ASP G 560 3.74 -7.83 -113.31
C ASP G 560 3.57 -6.42 -113.85
N PHE G 561 4.47 -5.54 -113.42
CA PHE G 561 4.59 -4.20 -113.97
C PHE G 561 5.86 -4.04 -114.80
N ALA G 562 6.36 -5.16 -115.34
CA ALA G 562 7.61 -5.18 -116.09
C ALA G 562 7.52 -4.41 -117.41
N CYS G 563 6.32 -4.06 -117.86
CA CYS G 563 6.18 -3.30 -119.09
C CYS G 563 6.64 -1.86 -118.89
N SER G 564 6.59 -1.08 -119.97
CA SER G 564 7.02 0.30 -119.92
C SER G 564 6.07 1.14 -119.07
N GLY G 565 6.60 2.24 -118.53
CA GLY G 565 5.83 3.14 -117.70
C GLY G 565 5.87 2.84 -116.21
N SER G 566 6.61 1.83 -115.78
CA SER G 566 6.69 1.47 -114.37
C SER G 566 8.14 1.18 -114.01
N LYS G 567 8.47 1.38 -112.74
CA LYS G 567 9.81 1.10 -112.26
C LYS G 567 10.11 -0.39 -112.34
N LYS G 568 11.35 -0.71 -112.73
CA LYS G 568 11.76 -2.10 -112.90
C LYS G 568 12.13 -2.71 -111.56
N ILE G 569 12.44 -4.00 -111.58
CA ILE G 569 12.82 -4.72 -110.37
C ILE G 569 14.25 -4.37 -110.01
N ARG G 570 14.46 -3.94 -108.76
CA ARG G 570 15.77 -3.57 -108.27
C ARG G 570 16.30 -4.63 -107.31
N SER G 571 17.59 -4.93 -107.44
CA SER G 571 18.22 -6.00 -106.66
C SER G 571 18.88 -5.51 -105.38
N ASP G 572 18.80 -4.21 -105.08
CA ASP G 572 19.42 -3.71 -103.84
C ASP G 572 18.61 -4.09 -102.61
N ASN G 573 17.28 -4.19 -102.74
CA ASN G 573 16.45 -4.55 -101.60
C ASN G 573 16.52 -6.04 -101.28
N ILE G 574 16.69 -6.90 -102.30
CA ILE G 574 16.66 -8.34 -102.09
C ILE G 574 17.92 -8.83 -101.38
N LYS G 575 19.01 -8.06 -101.43
CA LYS G 575 20.26 -8.51 -100.81
C LYS G 575 20.12 -8.66 -99.30
N LYS G 576 19.46 -7.69 -98.65
CA LYS G 576 19.32 -7.73 -97.20
C LYS G 576 18.26 -8.72 -96.73
N LEU G 577 17.34 -9.12 -97.60
CA LEU G 577 16.30 -10.06 -97.21
C LEU G 577 16.88 -11.42 -96.83
N THR G 578 17.87 -11.90 -97.60
CA THR G 578 18.46 -13.19 -97.32
C THR G 578 19.28 -13.18 -96.02
N GLU G 579 19.78 -12.01 -95.64
CA GLU G 579 20.61 -11.92 -94.44
C GLU G 579 19.80 -12.29 -93.21
N PRO G 580 20.39 -13.03 -92.26
CA PRO G 580 19.62 -13.42 -91.06
C PRO G 580 19.11 -12.25 -90.23
N CYS G 581 19.83 -11.14 -90.21
CA CYS G 581 19.44 -9.96 -89.44
C CYS G 581 19.13 -8.80 -90.38
N VAL G 582 18.09 -8.05 -90.03
CA VAL G 582 17.69 -6.89 -90.83
C VAL G 582 18.48 -5.67 -90.40
N ARG G 595 16.33 -9.44 -86.48
CA ARG G 595 16.06 -10.83 -86.83
C ARG G 595 14.81 -10.94 -87.71
N ASN G 596 14.92 -11.70 -88.80
CA ASN G 596 13.81 -11.95 -89.70
C ASN G 596 13.45 -13.44 -89.69
N HIS G 597 12.17 -13.71 -89.98
CA HIS G 597 11.68 -15.09 -89.93
C HIS G 597 10.72 -15.41 -91.07
N ALA G 598 10.62 -14.56 -92.08
CA ALA G 598 9.59 -14.69 -93.10
C ALA G 598 10.12 -15.43 -94.33
N THR G 599 9.19 -16.02 -95.07
CA THR G 599 9.47 -16.66 -96.35
C THR G 599 8.75 -15.89 -97.44
N ILE G 600 9.47 -15.55 -98.50
CA ILE G 600 8.97 -14.66 -99.56
C ILE G 600 8.71 -15.51 -100.79
N ILE G 601 7.47 -15.45 -101.29
CA ILE G 601 7.08 -16.12 -102.53
C ILE G 601 6.38 -15.10 -103.42
N ILE G 602 6.77 -15.05 -104.68
CA ILE G 602 6.22 -14.10 -105.65
C ILE G 602 5.50 -14.89 -106.73
N ASP G 603 4.22 -14.59 -106.94
CA ASP G 603 3.42 -15.18 -108.01
C ASP G 603 3.23 -14.15 -109.11
N THR G 604 3.58 -14.52 -110.33
CA THR G 604 3.52 -13.59 -111.45
C THR G 604 3.17 -14.36 -112.72
N ASN G 605 2.32 -13.74 -113.55
CA ASN G 605 1.86 -14.40 -114.77
C ASN G 605 2.91 -14.42 -115.87
N TYR G 606 3.83 -13.46 -115.87
CA TYR G 606 4.83 -13.36 -116.93
C TYR G 606 6.20 -13.08 -116.33
N LYS G 607 7.23 -13.46 -117.06
CA LYS G 607 8.61 -13.31 -116.58
C LYS G 607 8.98 -11.83 -116.52
N PRO G 608 9.51 -11.35 -115.38
CA PRO G 608 9.95 -9.95 -115.31
C PRO G 608 11.40 -9.79 -115.73
N VAL G 609 11.91 -8.55 -115.66
CA VAL G 609 13.28 -8.23 -116.04
C VAL G 609 13.97 -7.53 -114.88
N PHE G 610 15.21 -7.91 -114.61
CA PHE G 610 16.00 -7.34 -113.53
C PHE G 610 16.90 -6.23 -114.09
N ASP G 611 16.87 -5.06 -113.43
CA ASP G 611 17.68 -3.96 -113.91
C ASP G 611 19.17 -4.18 -113.62
N ARG G 612 19.48 -4.82 -112.50
CA ARG G 612 20.85 -5.09 -112.10
C ARG G 612 21.00 -6.58 -111.84
N ILE G 613 22.09 -7.17 -112.32
CA ILE G 613 22.26 -8.61 -112.32
C ILE G 613 23.73 -8.95 -112.14
N ASP G 614 23.99 -10.05 -111.44
CA ASP G 614 25.34 -10.59 -111.26
C ASP G 614 25.21 -12.09 -111.00
N ASN G 615 26.31 -12.70 -110.52
CA ASN G 615 26.34 -14.12 -110.23
C ASN G 615 25.84 -14.44 -108.83
N ALA G 616 25.54 -13.44 -108.01
CA ALA G 616 25.07 -13.66 -106.64
C ALA G 616 23.58 -13.89 -106.54
N LEU G 617 22.83 -13.67 -107.62
CA LEU G 617 21.38 -13.84 -107.58
C LEU G 617 20.95 -15.29 -107.74
N MET G 618 21.85 -16.19 -108.15
CA MET G 618 21.50 -17.59 -108.29
C MET G 618 21.16 -18.25 -106.96
N ARG G 619 21.68 -17.73 -105.85
CA ARG G 619 21.42 -18.27 -104.52
C ARG G 619 20.17 -17.70 -103.88
N ARG G 620 19.45 -16.84 -104.59
CA ARG G 620 18.26 -16.20 -104.04
C ARG G 620 17.00 -16.40 -104.87
N ILE G 621 17.08 -17.01 -106.04
CA ILE G 621 15.97 -17.10 -106.98
C ILE G 621 15.65 -18.57 -107.24
N ALA G 622 14.39 -18.95 -107.04
CA ALA G 622 13.89 -20.26 -107.41
C ALA G 622 12.51 -20.08 -108.04
N VAL G 623 12.19 -20.96 -109.00
CA VAL G 623 10.95 -20.87 -109.75
C VAL G 623 10.30 -22.24 -109.82
N VAL G 624 8.97 -22.26 -109.62
CA VAL G 624 8.15 -23.45 -109.81
C VAL G 624 6.98 -23.05 -110.70
N ARG G 625 6.69 -23.87 -111.71
CA ARG G 625 5.77 -23.50 -112.78
C ARG G 625 4.63 -24.50 -112.88
N PHE G 626 3.48 -24.01 -113.34
CA PHE G 626 2.29 -24.84 -113.52
C PHE G 626 2.18 -25.26 -114.98
N ARG G 627 2.05 -26.57 -115.22
CA ARG G 627 2.00 -27.11 -116.57
C ARG G 627 0.57 -27.37 -117.04
N THR G 628 -0.17 -28.18 -116.30
CA THR G 628 -1.52 -28.55 -116.73
C THR G 628 -2.48 -27.39 -116.58
N HIS G 629 -3.29 -27.18 -117.61
CA HIS G 629 -4.31 -26.12 -117.64
C HIS G 629 -3.68 -24.75 -117.42
N LEU G 655 -17.93 -20.10 -102.99
CA LEU G 655 -16.64 -20.08 -103.67
C LEU G 655 -15.64 -19.19 -102.94
N ASP G 656 -15.68 -17.89 -103.22
CA ASP G 656 -14.78 -16.96 -102.54
C ASP G 656 -15.17 -16.79 -101.07
N GLY G 657 -16.47 -16.78 -100.79
CA GLY G 657 -16.93 -16.54 -99.42
C GLY G 657 -16.76 -17.74 -98.50
N LYS G 658 -16.64 -18.95 -99.06
CA LYS G 658 -16.51 -20.13 -98.20
C LYS G 658 -15.18 -20.14 -97.46
N ILE G 659 -14.13 -19.61 -98.07
CA ILE G 659 -12.84 -19.52 -97.39
C ILE G 659 -12.90 -18.49 -96.27
N GLN G 660 -13.58 -17.36 -96.52
CA GLN G 660 -13.69 -16.32 -95.50
C GLN G 660 -14.47 -16.79 -94.29
N ASN G 661 -15.35 -17.78 -94.46
CA ASN G 661 -16.14 -18.32 -93.37
C ASN G 661 -15.39 -19.34 -92.52
N ASN G 662 -14.06 -19.44 -92.70
CA ASN G 662 -13.22 -20.37 -91.94
C ASN G 662 -13.67 -21.82 -92.13
N ARG G 663 -14.22 -22.13 -93.30
CA ARG G 663 -14.65 -23.49 -93.58
C ARG G 663 -13.47 -24.43 -93.77
N TYR G 664 -12.37 -23.93 -94.33
CA TYR G 664 -11.18 -24.72 -94.59
C TYR G 664 -10.02 -24.33 -93.67
N ARG G 665 -10.32 -24.08 -92.40
CA ARG G 665 -9.29 -23.67 -91.46
C ARG G 665 -8.23 -24.75 -91.27
N PHE G 666 -8.67 -25.99 -91.07
CA PHE G 666 -7.75 -27.12 -90.90
C PHE G 666 -7.45 -27.84 -92.20
N ALA G 667 -8.27 -27.61 -93.24
CA ALA G 667 -8.14 -28.32 -94.50
C ALA G 667 -6.85 -27.99 -95.24
N PHE G 668 -6.14 -26.93 -94.84
CA PHE G 668 -4.82 -26.65 -95.36
C PHE G 668 -3.72 -26.86 -94.32
N LEU G 669 -4.03 -26.73 -93.03
CA LEU G 669 -3.09 -27.11 -92.00
C LEU G 669 -2.67 -28.57 -92.13
N TYR G 670 -3.65 -29.45 -92.36
CA TYR G 670 -3.32 -30.87 -92.49
C TYR G 670 -2.43 -31.12 -93.69
N LEU G 671 -2.71 -30.46 -94.83
CA LEU G 671 -1.88 -30.64 -96.01
C LEU G 671 -0.46 -30.16 -95.76
N LEU G 672 -0.31 -28.97 -95.16
CA LEU G 672 1.02 -28.45 -94.88
C LEU G 672 1.78 -29.34 -93.91
N VAL G 673 1.12 -29.81 -92.86
CA VAL G 673 1.83 -30.63 -91.88
C VAL G 673 2.19 -31.99 -92.46
N LYS G 674 1.34 -32.55 -93.33
CA LYS G 674 1.68 -33.83 -93.95
C LYS G 674 2.85 -33.67 -94.91
N TRP G 675 2.89 -32.57 -95.67
CA TRP G 675 4.05 -32.32 -96.51
C TRP G 675 5.31 -32.15 -95.66
N TYR G 676 5.20 -31.43 -94.55
CA TYR G 676 6.35 -31.19 -93.67
C TYR G 676 6.88 -32.50 -93.11
N LYS G 677 6.00 -33.38 -92.63
CA LYS G 677 6.48 -34.63 -92.06
C LYS G 677 6.95 -35.60 -93.14
N LYS G 678 6.42 -35.48 -94.36
CA LYS G 678 6.84 -36.40 -95.41
C LYS G 678 8.21 -36.03 -95.97
N TYR G 679 8.52 -34.72 -96.07
CA TYR G 679 9.77 -34.36 -96.72
C TYR G 679 10.57 -33.27 -96.01
N HIS G 680 9.97 -32.43 -95.18
CA HIS G 680 10.68 -31.33 -94.54
C HIS G 680 11.40 -31.76 -93.25
N ILE G 681 11.68 -33.04 -93.09
CA ILE G 681 12.32 -33.56 -91.88
C ILE G 681 13.82 -33.24 -91.85
N PRO G 682 14.63 -33.64 -92.86
CA PRO G 682 16.09 -33.59 -92.69
C PRO G 682 16.66 -32.19 -92.49
N ILE G 683 16.38 -31.27 -93.42
CA ILE G 683 16.98 -29.93 -93.38
C ILE G 683 16.12 -29.00 -94.21
N MET G 684 16.24 -27.70 -93.96
CA MET G 684 15.49 -26.68 -94.69
C MET G 684 16.37 -26.15 -95.81
N LYS G 685 16.39 -26.89 -96.91
CA LYS G 685 17.20 -26.54 -98.08
C LYS G 685 16.29 -26.34 -99.28
N LEU G 686 16.46 -25.22 -99.97
CA LEU G 686 15.72 -24.89 -101.18
C LEU G 686 16.72 -24.76 -102.32
N TYR G 687 16.83 -25.81 -103.13
CA TYR G 687 17.77 -25.80 -104.24
C TYR G 687 17.24 -24.91 -105.35
N PRO G 688 17.98 -23.87 -105.75
CA PRO G 688 17.50 -23.00 -106.83
C PRO G 688 17.45 -23.74 -108.15
N THR G 689 16.48 -23.35 -108.98
CA THR G 689 16.28 -23.97 -110.28
C THR G 689 16.68 -23.00 -111.38
N PRO G 690 17.81 -23.21 -112.06
CA PRO G 690 18.22 -22.29 -113.13
C PRO G 690 17.55 -22.62 -114.46
N GLU G 691 16.47 -23.40 -114.41
CA GLU G 691 15.83 -23.90 -115.63
C GLU G 691 15.33 -22.76 -116.50
N GLU G 692 14.39 -21.97 -116.01
CA GLU G 692 13.75 -20.94 -116.83
C GLU G 692 13.64 -19.63 -116.06
N ILE G 693 14.72 -19.22 -115.40
CA ILE G 693 14.75 -17.89 -114.79
C ILE G 693 14.87 -16.84 -115.89
N PRO G 694 14.07 -15.78 -115.88
CA PRO G 694 14.12 -14.80 -116.97
C PRO G 694 15.47 -14.11 -117.09
N ASP G 695 15.81 -13.74 -118.32
CA ASP G 695 17.04 -13.01 -118.68
C ASP G 695 18.28 -13.63 -118.03
N PHE G 696 18.28 -14.94 -117.83
CA PHE G 696 19.42 -15.64 -117.28
C PHE G 696 20.00 -16.69 -118.21
N ALA G 697 19.22 -17.21 -119.16
CA ALA G 697 19.70 -18.27 -120.03
C ALA G 697 20.87 -17.80 -120.89
N PHE G 698 20.75 -16.62 -121.48
CA PHE G 698 21.84 -16.08 -122.30
C PHE G 698 23.06 -15.79 -121.44
N TYR G 699 22.86 -15.24 -120.25
CA TYR G 699 23.99 -14.95 -119.38
C TYR G 699 24.68 -16.22 -118.90
N LEU G 700 23.90 -17.25 -118.55
CA LEU G 700 24.50 -18.53 -118.18
C LEU G 700 25.26 -19.15 -119.36
N LYS G 701 24.71 -19.02 -120.56
CA LYS G 701 25.40 -19.54 -121.75
C LYS G 701 26.71 -18.81 -121.98
N ILE G 702 26.71 -17.49 -121.84
CA ILE G 702 27.92 -16.71 -122.07
C ILE G 702 28.92 -16.85 -120.92
N GLY G 703 28.47 -17.28 -119.74
CA GLY G 703 29.41 -17.56 -118.66
C GLY G 703 30.35 -18.70 -119.00
N THR G 704 29.86 -19.70 -119.72
CA THR G 704 30.70 -20.80 -120.20
C THR G 704 31.41 -20.47 -121.50
N LEU G 705 31.12 -19.31 -122.10
CA LEU G 705 31.78 -18.90 -123.33
C LEU G 705 32.86 -17.84 -123.10
N LEU G 706 32.84 -17.16 -121.97
CA LEU G 706 33.82 -16.12 -121.65
C LEU G 706 34.44 -16.43 -120.30
N VAL G 707 35.77 -16.41 -120.24
CA VAL G 707 36.51 -16.63 -119.01
C VAL G 707 37.53 -15.52 -118.84
N SER G 708 37.83 -15.19 -117.58
CA SER G 708 38.79 -14.14 -117.28
C SER G 708 40.23 -14.65 -117.43
N SER G 709 41.12 -13.75 -117.82
CA SER G 709 42.52 -14.10 -117.94
C SER G 709 43.13 -14.39 -116.58
N SER G 710 43.98 -15.42 -116.53
CA SER G 710 44.60 -15.84 -115.29
C SER G 710 46.02 -16.30 -115.57
N VAL G 711 46.71 -16.75 -114.52
CA VAL G 711 48.08 -17.22 -114.68
C VAL G 711 48.13 -18.49 -115.52
N LYS G 712 47.11 -19.35 -115.40
CA LYS G 712 47.11 -20.61 -116.12
C LYS G 712 47.11 -20.44 -117.63
N HIS G 713 46.67 -19.29 -118.12
CA HIS G 713 46.68 -19.00 -119.56
C HIS G 713 47.94 -18.29 -120.01
N ILE G 714 48.81 -17.86 -119.08
CA ILE G 714 50.05 -17.18 -119.47
C ILE G 714 50.97 -18.06 -120.30
N PRO G 715 51.22 -19.33 -119.95
CA PRO G 715 52.15 -20.14 -120.77
C PRO G 715 51.60 -20.55 -122.13
N LEU G 716 50.44 -20.01 -122.52
CA LEU G 716 49.78 -20.41 -123.75
C LEU G 716 50.09 -19.47 -124.92
N MET G 717 51.25 -18.80 -124.88
CA MET G 717 51.67 -17.97 -126.00
C MET G 717 51.94 -18.78 -127.25
N THR G 718 52.15 -20.10 -127.11
CA THR G 718 52.36 -20.94 -128.28
C THR G 718 51.14 -20.95 -129.19
N ASP G 719 49.93 -21.02 -128.61
CA ASP G 719 48.71 -21.03 -129.40
C ASP G 719 47.97 -19.70 -129.44
N LEU G 720 48.26 -18.78 -128.52
CA LEU G 720 47.61 -17.47 -128.54
C LEU G 720 48.31 -16.48 -129.45
N SER G 721 49.47 -16.84 -130.03
CA SER G 721 50.16 -15.93 -130.93
C SER G 721 49.39 -15.74 -132.23
N LYS G 722 48.82 -16.82 -132.77
CA LYS G 722 48.10 -16.74 -134.04
C LYS G 722 46.78 -15.98 -133.92
N LYS G 723 46.24 -15.86 -132.71
CA LYS G 723 44.98 -15.15 -132.52
C LYS G 723 45.14 -13.64 -132.49
N GLY G 724 46.38 -13.14 -132.55
CA GLY G 724 46.61 -11.72 -132.42
C GLY G 724 46.55 -11.18 -131.01
N TYR G 725 46.59 -12.06 -130.01
CA TYR G 725 46.49 -11.64 -128.62
C TYR G 725 47.73 -10.87 -128.20
N ILE G 726 47.54 -9.88 -127.35
CA ILE G 726 48.62 -9.03 -126.86
C ILE G 726 48.59 -9.03 -125.33
N LEU G 727 49.75 -8.85 -124.72
CA LEU G 727 49.90 -8.84 -123.27
C LEU G 727 50.08 -7.41 -122.81
N TYR G 728 49.09 -6.89 -122.07
CA TYR G 728 49.13 -5.56 -121.49
C TYR G 728 49.04 -5.69 -119.99
N ASP G 729 50.04 -5.15 -119.28
CA ASP G 729 50.14 -5.26 -117.82
C ASP G 729 50.10 -6.73 -117.38
N ASN G 730 50.79 -7.59 -118.13
CA ASN G 730 50.82 -9.02 -117.86
C ASN G 730 49.44 -9.65 -117.89
N VAL G 731 48.53 -9.08 -118.68
CA VAL G 731 47.17 -9.57 -118.82
C VAL G 731 46.88 -9.77 -120.30
N VAL G 732 46.31 -10.93 -120.65
CA VAL G 732 45.96 -11.24 -122.02
C VAL G 732 44.70 -10.45 -122.37
N THR G 733 44.82 -9.51 -123.30
CA THR G 733 43.75 -8.57 -123.62
C THR G 733 43.33 -8.73 -125.06
N LEU G 734 42.03 -8.50 -125.31
CA LEU G 734 41.42 -8.62 -126.62
C LEU G 734 40.63 -7.36 -126.95
N PRO G 735 40.74 -6.85 -128.17
CA PRO G 735 39.92 -5.70 -128.57
C PRO G 735 38.48 -6.14 -128.84
N LEU G 736 37.60 -5.14 -128.92
CA LEU G 736 36.17 -5.40 -129.05
C LEU G 736 35.80 -5.95 -130.42
N THR G 737 36.60 -5.67 -131.46
CA THR G 737 36.23 -6.10 -132.80
C THR G 737 36.21 -7.62 -132.92
N THR G 738 37.26 -8.28 -132.43
CA THR G 738 37.33 -9.73 -132.53
C THR G 738 36.20 -10.40 -131.75
N PHE G 739 35.95 -9.92 -130.52
CA PHE G 739 34.86 -10.47 -129.72
C PHE G 739 33.52 -10.26 -130.41
N GLN G 740 33.31 -9.08 -130.99
CA GLN G 740 32.04 -8.80 -131.67
C GLN G 740 31.85 -9.71 -132.87
N GLN G 741 32.90 -9.93 -133.66
CA GLN G 741 32.72 -10.74 -134.86
C GLN G 741 32.61 -12.23 -134.51
N LYS G 742 33.23 -12.67 -133.42
CA LYS G 742 33.13 -14.07 -133.04
C LYS G 742 31.90 -14.36 -132.18
N ILE G 743 31.20 -13.33 -131.69
CA ILE G 743 30.03 -13.56 -130.86
C ILE G 743 28.71 -13.38 -131.62
N SER G 744 28.70 -12.62 -132.71
CA SER G 744 27.47 -12.41 -133.47
C SER G 744 27.04 -13.64 -134.25
N LYS G 745 27.91 -14.63 -134.40
CA LYS G 745 27.57 -15.83 -135.16
C LYS G 745 26.56 -16.69 -134.41
N TYR G 746 26.70 -16.82 -133.09
CA TYR G 746 25.90 -17.79 -132.35
C TYR G 746 24.45 -17.35 -132.21
N PHE G 747 24.20 -16.07 -131.97
CA PHE G 747 22.86 -15.56 -131.70
C PHE G 747 22.51 -14.45 -132.68
N ASN G 748 21.21 -14.29 -132.91
CA ASN G 748 20.72 -13.19 -133.73
C ASN G 748 20.54 -11.94 -132.88
N SER G 749 20.79 -10.78 -133.50
CA SER G 749 20.67 -9.52 -132.77
C SER G 749 19.23 -9.17 -132.46
N ARG G 750 18.28 -9.66 -133.27
CA ARG G 750 16.88 -9.29 -133.11
C ARG G 750 16.36 -9.67 -131.72
N LEU G 751 16.63 -10.90 -131.28
CA LEU G 751 16.05 -11.40 -130.04
C LEU G 751 16.97 -11.25 -128.83
N PHE G 752 18.22 -10.81 -129.03
CA PHE G 752 19.17 -10.71 -127.92
C PHE G 752 20.01 -9.44 -128.01
N GLY G 753 19.47 -8.39 -128.63
CA GLY G 753 20.24 -7.15 -128.74
C GLY G 753 20.35 -6.40 -127.43
N HIS G 754 19.29 -6.40 -126.63
CA HIS G 754 19.28 -5.61 -125.41
C HIS G 754 20.32 -6.12 -124.40
N ASP G 755 20.42 -7.43 -124.25
CA ASP G 755 21.36 -7.99 -123.29
C ASP G 755 22.80 -7.64 -123.66
N ILE G 756 23.16 -7.81 -124.92
CA ILE G 756 24.54 -7.52 -125.33
C ILE G 756 24.81 -6.01 -125.29
N GLU G 757 23.81 -5.19 -125.62
CA GLU G 757 23.99 -3.75 -125.52
C GLU G 757 24.22 -3.32 -124.08
N SER G 758 23.50 -3.91 -123.14
CA SER G 758 23.70 -3.58 -121.72
C SER G 758 24.96 -4.21 -121.16
N PHE G 759 25.48 -5.27 -121.78
CA PHE G 759 26.66 -5.95 -121.26
C PHE G 759 27.96 -5.41 -121.83
N ILE G 760 27.93 -4.80 -123.03
CA ILE G 760 29.17 -4.34 -123.66
C ILE G 760 29.84 -3.27 -122.82
N ASN G 761 29.06 -2.29 -122.35
CA ASN G 761 29.62 -1.20 -121.57
C ASN G 761 29.93 -1.59 -120.13
N ARG G 762 29.44 -2.74 -119.66
CA ARG G 762 29.70 -3.14 -118.28
C ARG G 762 31.16 -3.52 -118.07
N HIS G 763 31.74 -4.26 -119.01
CA HIS G 763 33.08 -4.81 -118.87
C HIS G 763 34.04 -4.25 -119.92
N LYS G 764 33.98 -2.95 -120.15
CA LYS G 764 34.87 -2.28 -121.11
C LYS G 764 35.98 -1.55 -120.36
N LYS G 765 37.20 -1.71 -120.85
CA LYS G 765 38.37 -1.05 -120.28
C LYS G 765 39.11 -0.29 -121.37
N PHE G 766 39.63 0.88 -121.02
CA PHE G 766 40.31 1.76 -121.97
C PHE G 766 41.78 1.83 -121.58
N ALA G 767 42.64 1.18 -122.38
CA ALA G 767 44.08 1.30 -122.17
C ALA G 767 44.54 2.73 -122.40
N ASN G 768 44.02 3.38 -123.43
CA ASN G 768 44.29 4.79 -123.70
C ASN G 768 43.06 5.38 -124.36
N VAL G 769 43.21 6.54 -125.00
CA VAL G 769 42.08 7.20 -125.65
C VAL G 769 41.58 6.36 -126.82
N SER G 770 42.49 5.72 -127.56
CA SER G 770 42.13 5.00 -128.78
C SER G 770 42.05 3.50 -128.61
N ASP G 771 42.61 2.94 -127.54
CA ASP G 771 42.64 1.50 -127.34
C ASP G 771 41.55 1.10 -126.34
N GLU G 772 40.64 0.23 -126.78
CA GLU G 772 39.59 -0.33 -125.94
C GLU G 772 39.73 -1.85 -125.96
N TYR G 773 39.83 -2.46 -124.77
CA TYR G 773 40.10 -3.88 -124.67
C TYR G 773 39.20 -4.51 -123.62
N LEU G 774 38.96 -5.82 -123.78
CA LEU G 774 38.22 -6.62 -122.82
C LEU G 774 39.09 -7.78 -122.37
N GLN G 775 39.11 -8.02 -121.06
CA GLN G 775 39.96 -9.06 -120.48
C GLN G 775 39.23 -10.40 -120.39
N TYR G 776 38.66 -10.85 -121.51
CA TYR G 776 37.93 -12.11 -121.57
C TYR G 776 38.42 -12.91 -122.77
N ILE G 777 38.60 -14.21 -122.57
CA ILE G 777 39.07 -15.13 -123.59
C ILE G 777 38.03 -16.22 -123.78
N PHE G 778 37.63 -16.44 -125.04
CA PHE G 778 36.66 -17.48 -125.34
C PHE G 778 37.35 -18.84 -125.42
N ILE G 779 36.72 -19.84 -124.81
CA ILE G 779 37.35 -21.16 -124.69
C ILE G 779 37.22 -21.97 -125.97
N GLU G 780 36.36 -21.57 -126.90
CA GLU G 780 36.16 -22.34 -128.13
C GLU G 780 37.43 -22.43 -128.97
N ASP G 781 38.40 -21.54 -128.75
CA ASP G 781 39.66 -21.63 -129.50
C ASP G 781 40.41 -22.91 -129.16
N ILE G 782 40.42 -23.30 -127.89
CA ILE G 782 41.11 -24.51 -127.47
C ILE G 782 40.12 -25.64 -127.24
N TRP H 236 -29.86 14.64 -33.94
CA TRP H 236 -28.91 14.23 -34.97
C TRP H 236 -28.76 15.34 -36.01
N GLU H 237 -27.62 16.01 -35.97
CA GLU H 237 -27.35 17.10 -36.90
C GLU H 237 -26.83 16.57 -38.24
N PRO H 238 -27.09 17.29 -39.33
CA PRO H 238 -26.61 16.81 -40.63
C PRO H 238 -25.11 16.65 -40.72
N GLY H 239 -24.34 17.46 -39.99
CA GLY H 239 -22.90 17.36 -40.04
C GLY H 239 -22.34 16.13 -39.35
N PHE H 240 -23.13 15.50 -38.48
CA PHE H 240 -22.69 14.30 -37.79
C PHE H 240 -22.65 13.11 -38.75
N ILE H 241 -21.92 12.07 -38.35
CA ILE H 241 -21.96 10.82 -39.10
C ILE H 241 -23.33 10.17 -38.93
N SER H 242 -23.58 9.17 -39.77
CA SER H 242 -24.87 8.48 -39.75
C SER H 242 -25.11 7.82 -38.39
N PHE H 243 -26.37 7.82 -37.97
CA PHE H 243 -26.73 7.33 -36.65
C PHE H 243 -26.35 5.87 -36.46
N GLU H 244 -26.61 5.04 -37.48
CA GLU H 244 -26.28 3.63 -37.38
C GLU H 244 -24.78 3.39 -37.26
N ASP H 245 -23.96 4.24 -37.89
CA ASP H 245 -22.52 4.12 -37.71
C ASP H 245 -22.12 4.36 -36.26
N ALA H 246 -22.68 5.40 -35.64
CA ALA H 246 -22.39 5.68 -34.24
C ALA H 246 -22.87 4.55 -33.34
N ILE H 247 -24.04 3.99 -33.65
CA ILE H 247 -24.56 2.86 -32.87
C ILE H 247 -23.63 1.65 -33.02
N LYS H 248 -23.11 1.42 -34.22
CA LYS H 248 -22.15 0.33 -34.43
C LYS H 248 -20.88 0.57 -33.63
N ARG H 249 -20.38 1.81 -33.60
CA ARG H 249 -19.20 2.11 -32.80
C ARG H 249 -19.46 1.86 -31.32
N VAL H 250 -20.63 2.26 -30.84
CA VAL H 250 -20.99 2.03 -29.44
C VAL H 250 -21.04 0.53 -29.14
N SER H 251 -21.62 -0.24 -30.06
CA SER H 251 -21.65 -1.69 -29.89
C SER H 251 -20.24 -2.27 -29.86
N LYS H 252 -19.35 -1.77 -30.72
CA LYS H 252 -17.97 -2.22 -30.71
C LYS H 252 -17.27 -1.86 -29.41
N ILE H 253 -17.69 -0.77 -28.77
CA ILE H 253 -17.09 -0.38 -27.49
C ILE H 253 -17.36 -1.44 -26.44
N PHE H 254 -18.59 -1.95 -26.38
CA PHE H 254 -18.97 -2.96 -25.39
C PHE H 254 -18.67 -4.34 -25.92
N ILE H 255 -17.79 -5.07 -25.22
CA ILE H 255 -17.54 -6.46 -25.58
C ILE H 255 -18.76 -7.32 -25.29
N ASN H 256 -19.47 -7.02 -24.20
CA ASN H 256 -20.70 -7.74 -23.88
C ASN H 256 -21.82 -7.34 -24.82
N SER H 257 -22.71 -8.29 -25.10
CA SER H 257 -23.82 -8.04 -26.01
C SER H 257 -24.84 -7.10 -25.37
N ILE H 258 -25.55 -6.35 -26.21
CA ILE H 258 -26.58 -5.42 -25.78
C ILE H 258 -27.93 -6.05 -26.10
N ILE H 259 -28.74 -6.26 -25.05
CA ILE H 259 -30.03 -6.93 -25.24
C ILE H 259 -31.01 -6.04 -25.99
N ASN H 260 -31.06 -4.74 -25.63
CA ASN H 260 -31.97 -3.79 -26.25
C ASN H 260 -31.33 -3.06 -27.43
N PHE H 261 -30.39 -3.72 -28.13
CA PHE H 261 -29.64 -3.05 -29.20
C PHE H 261 -30.56 -2.63 -30.34
N ASN H 262 -31.51 -3.48 -30.72
CA ASN H 262 -32.37 -3.20 -31.85
C ASN H 262 -33.46 -2.18 -31.55
N ASP H 263 -33.64 -1.79 -30.30
CA ASP H 263 -34.66 -0.82 -29.92
C ASP H 263 -34.16 0.62 -29.95
N LEU H 264 -32.94 0.85 -30.42
CA LEU H 264 -32.32 2.16 -30.41
C LEU H 264 -32.65 2.89 -31.71
N ASP H 265 -33.14 4.11 -31.61
CA ASP H 265 -33.43 4.95 -32.77
C ASP H 265 -32.93 6.37 -32.51
N GLU H 266 -33.04 7.22 -33.53
CA GLU H 266 -32.51 8.57 -33.46
C GLU H 266 -33.21 9.43 -32.42
N ASN H 267 -34.43 9.07 -32.00
CA ASN H 267 -35.21 9.91 -31.10
C ASN H 267 -35.19 9.46 -29.65
N ASN H 268 -34.86 8.20 -29.37
CA ASN H 268 -34.85 7.69 -28.01
C ASN H 268 -33.47 7.24 -27.54
N PHE H 269 -32.41 7.60 -28.27
CA PHE H 269 -31.08 7.13 -27.88
C PHE H 269 -30.57 7.81 -26.62
N THR H 270 -31.06 9.03 -26.33
CA THR H 270 -30.70 9.71 -25.09
C THR H 270 -31.53 9.27 -23.91
N THR H 271 -32.64 8.56 -24.14
CA THR H 271 -33.55 8.18 -23.06
C THR H 271 -33.52 6.70 -22.71
N VAL H 272 -33.36 5.82 -23.70
CA VAL H 272 -33.39 4.38 -23.45
C VAL H 272 -32.06 3.93 -22.85
N PRO H 273 -32.06 3.37 -21.66
CA PRO H 273 -30.81 2.86 -21.08
C PRO H 273 -30.33 1.62 -21.81
N LEU H 274 -29.03 1.39 -21.74
CA LEU H 274 -28.42 0.24 -22.39
C LEU H 274 -28.54 -0.99 -21.50
N VAL H 275 -29.15 -2.04 -22.03
CA VAL H 275 -29.28 -3.31 -21.32
C VAL H 275 -28.11 -4.18 -21.76
N ILE H 276 -27.19 -4.44 -20.83
CA ILE H 276 -25.94 -5.15 -21.12
C ILE H 276 -25.99 -6.51 -20.42
N ASP H 277 -25.77 -7.57 -21.19
CA ASP H 277 -25.68 -8.92 -20.64
C ASP H 277 -24.27 -9.12 -20.13
N TYR H 278 -24.09 -9.04 -18.82
CA TYR H 278 -22.77 -9.09 -18.20
C TYR H 278 -22.27 -10.53 -18.07
N VAL H 279 -22.09 -11.18 -19.22
CA VAL H 279 -21.39 -12.46 -19.25
C VAL H 279 -19.95 -12.28 -18.83
N THR H 280 -19.33 -11.19 -19.27
CA THR H 280 -18.00 -10.77 -18.89
C THR H 280 -18.07 -9.42 -18.18
N PRO H 281 -17.05 -9.05 -17.41
CA PRO H 281 -17.08 -7.73 -16.76
C PRO H 281 -17.16 -6.61 -17.77
N CYS H 282 -17.83 -5.53 -17.37
CA CYS H 282 -18.07 -4.40 -18.27
C CYS H 282 -16.74 -3.85 -18.80
N ALA H 283 -16.69 -3.62 -20.11
CA ALA H 283 -15.46 -3.16 -20.74
C ALA H 283 -15.06 -1.77 -20.28
N LEU H 284 -16.01 -0.98 -19.75
CA LEU H 284 -15.70 0.39 -19.36
C LEU H 284 -14.88 0.46 -18.08
N CYS H 285 -15.23 -0.36 -17.08
CA CYS H 285 -14.57 -0.28 -15.77
C CYS H 285 -14.20 -1.65 -15.21
N LYS H 286 -14.35 -2.72 -15.97
CA LYS H 286 -13.93 -4.07 -15.60
C LYS H 286 -14.63 -4.60 -14.35
N LYS H 287 -15.82 -4.10 -14.03
CA LYS H 287 -16.59 -4.65 -12.94
C LYS H 287 -17.51 -5.75 -13.43
N ARG H 288 -17.74 -6.74 -12.58
CA ARG H 288 -18.52 -7.92 -12.98
C ARG H 288 -19.93 -7.54 -13.42
N SER H 289 -20.60 -6.68 -12.65
CA SER H 289 -21.94 -6.24 -12.99
C SER H 289 -22.18 -4.87 -12.37
N HIS H 290 -23.18 -4.19 -12.90
CA HIS H 290 -23.56 -2.85 -12.44
C HIS H 290 -25.00 -2.89 -11.97
N LYS H 291 -25.26 -2.29 -10.80
CA LYS H 291 -26.62 -2.19 -10.30
C LYS H 291 -27.49 -1.32 -11.20
N HIS H 292 -26.90 -0.31 -11.84
CA HIS H 292 -27.62 0.58 -12.71
C HIS H 292 -27.14 0.45 -14.15
N PRO H 293 -28.03 0.50 -15.14
CA PRO H 293 -27.62 0.36 -16.53
C PRO H 293 -26.95 1.61 -17.05
N HIS H 294 -26.30 1.46 -18.19
CA HIS H 294 -25.63 2.56 -18.86
C HIS H 294 -26.58 3.28 -19.81
N GLN H 295 -26.26 4.53 -20.13
CA GLN H 295 -27.12 5.37 -20.95
C GLN H 295 -26.26 6.23 -21.86
N LEU H 296 -26.86 6.65 -22.97
CA LEU H 296 -26.21 7.51 -23.96
C LEU H 296 -26.77 8.92 -23.89
N SER H 297 -26.01 9.86 -24.44
CA SER H 297 -26.44 11.25 -24.49
C SER H 297 -25.70 11.96 -25.62
N LEU H 298 -26.27 13.10 -26.04
CA LEU H 298 -25.70 13.92 -27.10
C LEU H 298 -25.21 15.23 -26.50
N GLU H 299 -23.89 15.43 -26.52
CA GLU H 299 -23.29 16.64 -25.97
C GLU H 299 -22.06 17.00 -26.80
N ASN H 300 -21.88 18.29 -27.06
CA ASN H 300 -20.72 18.85 -27.75
C ASN H 300 -20.50 18.23 -29.13
N GLY H 301 -21.50 17.54 -29.67
CA GLY H 301 -21.32 16.85 -30.92
C GLY H 301 -20.67 15.50 -30.80
N ALA H 302 -20.79 14.86 -29.64
CA ALA H 302 -20.22 13.53 -29.41
C ALA H 302 -21.15 12.76 -28.48
N ILE H 303 -21.15 11.44 -28.65
CA ILE H 303 -21.98 10.56 -27.83
C ILE H 303 -21.17 10.11 -26.63
N ARG H 304 -21.69 10.38 -25.43
CA ARG H 304 -21.04 10.01 -24.19
C ARG H 304 -21.77 8.82 -23.57
N ILE H 305 -21.00 7.82 -23.15
CA ILE H 305 -21.54 6.62 -22.53
C ILE H 305 -21.23 6.67 -21.04
N TYR H 306 -22.27 6.68 -20.21
CA TYR H 306 -22.12 6.81 -18.78
C TYR H 306 -23.02 5.80 -18.08
N LYS H 307 -22.66 5.47 -16.85
CA LYS H 307 -23.47 4.61 -16.01
C LYS H 307 -24.39 5.45 -15.14
N THR H 308 -25.68 5.13 -15.14
CA THR H 308 -26.63 5.86 -14.34
C THR H 308 -26.40 5.59 -12.85
N GLY H 309 -27.01 6.44 -12.02
CA GLY H 309 -26.80 6.34 -10.58
C GLY H 309 -25.56 7.08 -10.15
N ASN H 310 -24.47 6.34 -9.91
CA ASN H 310 -23.18 6.94 -9.60
C ASN H 310 -22.27 6.82 -10.81
N PRO H 311 -22.05 7.91 -11.56
CA PRO H 311 -21.17 7.82 -12.74
C PRO H 311 -19.71 7.61 -12.41
N HIS H 312 -19.30 7.76 -11.15
CA HIS H 312 -17.92 7.57 -10.78
C HIS H 312 -17.55 6.10 -10.59
N SER H 313 -18.53 5.21 -10.51
CA SER H 313 -18.26 3.79 -10.38
C SER H 313 -17.94 3.13 -11.71
N CYS H 314 -18.13 3.82 -12.83
CA CYS H 314 -17.84 3.28 -14.14
C CYS H 314 -17.23 4.37 -15.01
N LYS H 315 -16.21 4.00 -15.78
CA LYS H 315 -15.52 4.96 -16.63
C LYS H 315 -16.43 5.41 -17.77
N VAL H 316 -16.31 6.68 -18.14
CA VAL H 316 -17.18 7.28 -19.15
C VAL H 316 -16.43 7.33 -20.48
N LYS H 317 -17.07 6.82 -21.53
CA LYS H 317 -16.53 6.83 -22.87
C LYS H 317 -17.18 7.92 -23.70
N ILE H 318 -16.40 8.51 -24.60
CA ILE H 318 -16.86 9.55 -25.52
C ILE H 318 -16.45 9.16 -26.93
N VAL H 319 -17.38 9.22 -27.86
CA VAL H 319 -17.13 8.93 -29.27
C VAL H 319 -17.57 10.13 -30.10
N PRO H 320 -16.70 10.69 -30.94
CA PRO H 320 -17.10 11.84 -31.76
C PRO H 320 -18.13 11.46 -32.80
N LEU H 321 -18.94 12.45 -33.20
CA LEU H 321 -19.99 12.24 -34.18
C LEU H 321 -19.70 12.85 -35.54
N ASP H 322 -18.74 13.77 -35.64
CA ASP H 322 -18.45 14.40 -36.91
C ASP H 322 -17.63 13.46 -37.81
N GLY H 323 -17.73 13.70 -39.11
CA GLY H 323 -16.99 12.90 -40.07
C GLY H 323 -15.71 13.59 -40.52
N ASN H 324 -15.45 13.58 -41.83
CA ASN H 324 -14.26 14.23 -42.37
C ASN H 324 -14.54 15.71 -42.54
N LYS H 325 -13.87 16.53 -41.73
CA LYS H 325 -14.07 17.98 -41.81
C LYS H 325 -13.61 18.52 -43.16
N LEU H 326 -12.51 17.96 -43.70
CA LEU H 326 -12.03 18.41 -45.00
C LEU H 326 -13.05 18.12 -46.09
N PHE H 327 -13.79 17.02 -45.97
CA PHE H 327 -14.86 16.73 -46.92
C PHE H 327 -15.94 17.81 -46.89
N ASN H 328 -16.35 18.22 -45.68
CA ASN H 328 -17.33 19.28 -45.54
C ASN H 328 -16.81 20.59 -46.11
N ILE H 329 -15.53 20.87 -45.88
CA ILE H 329 -14.91 22.07 -46.46
C ILE H 329 -14.96 22.00 -47.97
N ALA H 330 -14.70 20.82 -48.54
CA ALA H 330 -14.74 20.66 -49.99
C ALA H 330 -16.13 20.92 -50.55
N GLN H 331 -17.16 20.37 -49.89
CA GLN H 331 -18.52 20.63 -50.33
C GLN H 331 -18.87 22.11 -50.22
N ARG H 332 -18.46 22.75 -49.12
CA ARG H 332 -18.72 24.18 -48.96
C ARG H 332 -18.03 24.99 -50.05
N ILE H 333 -16.81 24.60 -50.42
CA ILE H 333 -16.09 25.32 -51.47
C ILE H 333 -16.78 25.15 -52.82
N LEU H 334 -17.17 23.92 -53.16
CA LEU H 334 -17.80 23.71 -54.47
C LEU H 334 -19.21 24.30 -54.53
N ASP H 335 -19.84 24.51 -53.37
CA ASP H 335 -21.16 25.14 -53.37
C ASP H 335 -21.13 26.58 -53.85
N THR H 336 -19.95 27.22 -53.85
CA THR H 336 -19.81 28.58 -54.35
C THR H 336 -19.53 28.63 -55.84
N ASN H 337 -19.32 27.49 -56.49
CA ASN H 337 -19.04 27.41 -57.92
C ASN H 337 -17.84 28.27 -58.30
N SER H 338 -16.81 28.24 -57.45
CA SER H 338 -15.62 29.05 -57.70
C SER H 338 -14.66 28.40 -58.68
N VAL H 339 -14.69 27.07 -58.81
CA VAL H 339 -13.80 26.34 -59.69
C VAL H 339 -14.65 25.54 -60.68
N LEU H 340 -14.31 25.64 -61.96
CA LEU H 340 -15.02 24.94 -63.02
C LEU H 340 -14.02 24.32 -63.99
N LEU H 341 -14.48 23.30 -64.70
CA LEU H 341 -13.66 22.60 -65.67
C LEU H 341 -13.66 23.33 -67.01
N THR H 342 -12.51 23.31 -67.68
CA THR H 342 -12.36 23.97 -68.97
C THR H 342 -12.89 23.15 -70.14
N GLU H 343 -13.32 21.91 -69.90
CA GLU H 343 -13.75 20.94 -70.90
C GLU H 343 -12.58 20.47 -71.76
N ARG H 344 -11.38 21.01 -71.57
CA ARG H 344 -10.20 20.63 -72.33
C ARG H 344 -9.16 19.89 -71.49
N GLY H 345 -9.14 20.11 -70.19
CA GLY H 345 -8.20 19.42 -69.32
C GLY H 345 -7.61 20.30 -68.24
N ASP H 346 -8.04 21.56 -68.19
CA ASP H 346 -7.55 22.53 -67.22
C ASP H 346 -8.72 23.02 -66.36
N HIS H 347 -8.44 24.03 -65.53
CA HIS H 347 -9.43 24.55 -64.60
C HIS H 347 -9.44 26.07 -64.64
N ILE H 348 -10.58 26.66 -64.28
CA ILE H 348 -10.74 28.10 -64.17
C ILE H 348 -11.04 28.44 -62.72
N VAL H 349 -10.34 29.44 -62.20
CA VAL H 349 -10.46 29.84 -60.80
C VAL H 349 -10.97 31.28 -60.74
N TRP H 350 -12.01 31.51 -59.94
CA TRP H 350 -12.59 32.84 -59.76
C TRP H 350 -11.93 33.48 -58.55
N ILE H 351 -10.98 34.37 -58.79
CA ILE H 351 -10.27 35.07 -57.73
C ILE H 351 -9.98 36.49 -58.18
N ASN H 352 -9.94 37.41 -57.22
CA ASN H 352 -9.70 38.83 -57.49
C ASN H 352 -10.73 39.38 -58.48
N ASN H 353 -11.97 38.93 -58.35
CA ASN H 353 -13.08 39.36 -59.21
C ASN H 353 -12.74 39.14 -60.68
N SER H 354 -12.12 38.02 -60.99
CA SER H 354 -11.75 37.69 -62.36
C SER H 354 -11.57 36.19 -62.49
N TRP H 355 -11.67 35.71 -63.72
CA TRP H 355 -11.42 34.31 -64.04
C TRP H 355 -9.99 34.17 -64.56
N LYS H 356 -9.22 33.30 -63.92
CA LYS H 356 -7.79 33.17 -64.23
C LYS H 356 -7.51 31.76 -64.73
N PHE H 357 -6.64 31.67 -65.73
CA PHE H 357 -6.24 30.41 -66.34
C PHE H 357 -4.79 30.09 -65.98
N ASN H 358 -4.53 28.81 -65.72
CA ASN H 358 -3.19 28.36 -65.38
C ASN H 358 -3.06 26.87 -65.70
N SER H 359 -1.97 26.51 -66.38
CA SER H 359 -1.69 25.13 -66.72
C SER H 359 -0.46 24.57 -66.03
N GLU H 360 0.36 25.42 -65.42
CA GLU H 360 1.60 24.98 -64.77
C GLU H 360 1.65 25.35 -63.30
N GLU H 361 0.99 26.43 -62.88
CA GLU H 361 1.00 26.83 -61.48
C GLU H 361 -0.34 26.51 -60.84
N PRO H 362 -0.35 25.87 -59.67
CA PRO H 362 -1.63 25.47 -59.05
C PRO H 362 -2.38 26.68 -58.49
N LEU H 363 -3.50 27.00 -59.12
CA LEU H 363 -4.36 28.09 -58.67
C LEU H 363 -5.36 27.64 -57.60
N ILE H 364 -5.50 26.33 -57.38
CA ILE H 364 -6.51 25.84 -56.44
C ILE H 364 -6.15 26.21 -55.01
N THR H 365 -4.88 26.04 -54.64
CA THR H 365 -4.48 26.25 -53.24
C THR H 365 -4.67 27.70 -52.82
N LYS H 366 -4.30 28.65 -53.69
CA LYS H 366 -4.49 30.05 -53.36
C LYS H 366 -5.96 30.41 -53.26
N LEU H 367 -6.80 29.81 -54.11
CA LEU H 367 -8.25 30.02 -53.99
C LEU H 367 -8.75 29.51 -52.65
N ILE H 368 -8.31 28.31 -52.25
CA ILE H 368 -8.77 27.73 -50.99
C ILE H 368 -8.31 28.59 -49.81
N LEU H 369 -7.12 29.18 -49.92
CA LEU H 369 -6.65 30.06 -48.86
C LEU H 369 -7.52 31.30 -48.72
N SER H 370 -8.12 31.77 -49.80
CA SER H 370 -8.83 33.05 -49.81
C SER H 370 -10.27 32.94 -49.33
N ILE H 371 -10.76 31.75 -48.99
CA ILE H 371 -12.13 31.58 -48.54
C ILE H 371 -12.20 31.23 -47.05
N ARG H 372 -11.14 31.52 -46.30
CA ARG H 372 -11.19 31.26 -44.86
C ARG H 372 -12.22 32.13 -44.15
N HIS H 373 -12.33 33.39 -44.56
CA HIS H 373 -13.20 34.33 -43.85
C HIS H 373 -14.67 33.97 -44.04
N GLN H 374 -15.08 33.74 -45.28
CA GLN H 374 -16.48 33.40 -45.54
C GLN H 374 -16.83 32.04 -44.94
N LEU H 375 -15.90 31.08 -45.00
CA LEU H 375 -16.11 29.78 -44.40
C LEU H 375 -16.22 29.91 -42.88
N PRO H 376 -17.03 29.07 -42.24
CA PRO H 376 -17.31 29.24 -40.81
C PRO H 376 -16.06 29.18 -39.94
N LYS H 377 -16.26 29.56 -38.67
CA LYS H 377 -15.14 29.76 -37.75
C LYS H 377 -14.48 28.44 -37.35
N GLU H 378 -15.23 27.34 -37.35
CA GLU H 378 -14.66 26.07 -36.87
C GLU H 378 -13.64 25.49 -37.83
N TYR H 379 -13.83 25.67 -39.13
CA TYR H 379 -12.97 25.08 -40.14
C TYR H 379 -11.88 26.03 -40.63
N SER H 380 -11.83 27.26 -40.13
CA SER H 380 -10.87 28.23 -40.64
C SER H 380 -9.46 27.98 -40.12
N SER H 381 -9.33 27.52 -38.86
CA SER H 381 -8.02 27.38 -38.25
C SER H 381 -7.19 26.29 -38.94
N GLU H 382 -7.84 25.18 -39.33
CA GLU H 382 -7.12 24.07 -39.92
C GLU H 382 -6.60 24.36 -41.32
N LEU H 383 -7.00 25.48 -41.93
CA LEU H 383 -6.61 25.79 -43.30
C LEU H 383 -5.24 26.45 -43.40
N LEU H 384 -4.38 26.31 -42.38
CA LEU H 384 -3.06 26.89 -42.43
C LEU H 384 -1.97 25.90 -42.82
N CYS H 385 -2.10 24.64 -42.41
CA CYS H 385 -1.11 23.64 -42.78
C CYS H 385 -1.25 23.30 -44.27
N PRO H 386 -0.16 23.35 -45.03
CA PRO H 386 -0.27 23.09 -46.49
C PRO H 386 -0.80 21.70 -46.82
N ARG H 387 -0.48 20.69 -46.02
CA ARG H 387 -0.90 19.33 -46.33
C ARG H 387 -2.41 19.20 -46.37
N LYS H 388 -3.09 19.83 -45.42
CA LYS H 388 -4.56 19.83 -45.44
C LYS H 388 -5.08 20.52 -46.69
N ARG H 389 -4.41 21.60 -47.12
CA ARG H 389 -4.83 22.27 -48.34
C ARG H 389 -4.68 21.37 -49.57
N LYS H 390 -3.58 20.62 -49.65
CA LYS H 390 -3.43 19.68 -50.75
C LYS H 390 -4.49 18.59 -50.70
N THR H 391 -4.82 18.11 -49.51
CA THR H 391 -5.87 17.10 -49.38
C THR H 391 -7.21 17.66 -49.85
N VAL H 392 -7.53 18.90 -49.47
CA VAL H 392 -8.78 19.53 -49.91
C VAL H 392 -8.77 19.71 -51.43
N GLU H 393 -7.63 20.10 -52.00
CA GLU H 393 -7.55 20.26 -53.45
C GLU H 393 -7.78 18.94 -54.15
N ALA H 394 -7.22 17.85 -53.63
CA ALA H 394 -7.48 16.53 -54.19
C ALA H 394 -8.96 16.18 -54.09
N ASN H 395 -9.59 16.51 -52.96
CA ASN H 395 -11.02 16.25 -52.82
C ASN H 395 -11.83 17.01 -53.86
N ILE H 396 -11.47 18.26 -54.12
CA ILE H 396 -12.13 19.03 -55.19
C ILE H 396 -11.91 18.34 -56.54
N ARG H 397 -10.67 17.93 -56.80
CA ARG H 397 -10.36 17.32 -58.09
C ARG H 397 -11.09 15.99 -58.29
N ASP H 398 -11.48 15.33 -57.20
CA ASP H 398 -12.10 14.01 -57.29
C ASP H 398 -13.61 14.08 -57.51
N MET H 399 -14.19 15.28 -57.60
CA MET H 399 -15.64 15.42 -57.73
C MET H 399 -16.09 16.23 -58.93
N LEU H 400 -15.21 16.99 -59.58
CA LEU H 400 -15.57 17.72 -60.79
C LEU H 400 -15.64 16.75 -61.97
N VAL H 401 -16.85 16.40 -62.39
CA VAL H 401 -17.06 15.48 -63.50
C VAL H 401 -17.62 16.19 -64.72
N ASP H 402 -18.58 17.10 -64.53
CA ASP H 402 -19.18 17.80 -65.65
C ASP H 402 -18.24 18.86 -66.19
N SER H 403 -18.31 19.09 -67.49
CA SER H 403 -17.49 20.08 -68.17
C SER H 403 -18.38 21.18 -68.74
N VAL H 404 -17.84 22.40 -68.78
CA VAL H 404 -18.56 23.57 -69.26
C VAL H 404 -17.73 24.26 -70.33
N GLU H 405 -18.42 25.07 -71.13
CA GLU H 405 -17.81 25.80 -72.25
C GLU H 405 -17.75 27.28 -71.91
N THR H 406 -16.61 27.90 -72.19
CA THR H 406 -16.38 29.30 -71.83
C THR H 406 -16.60 30.21 -73.03
N ASP H 407 -16.97 31.46 -72.74
CA ASP H 407 -17.27 32.48 -73.74
C ASP H 407 -18.39 32.01 -74.66
N THR H 408 -19.57 31.85 -74.05
CA THR H 408 -20.75 31.40 -74.76
C THR H 408 -21.60 32.55 -75.27
N TYR H 409 -21.70 33.64 -74.50
CA TYR H 409 -22.54 34.76 -74.86
C TYR H 409 -21.79 35.71 -75.78
N PRO H 410 -22.24 35.92 -77.02
CA PRO H 410 -21.54 36.84 -77.93
C PRO H 410 -21.96 38.29 -77.78
N ASP H 411 -22.88 38.61 -76.88
CA ASP H 411 -23.42 39.96 -76.75
C ASP H 411 -22.97 40.64 -75.45
N LYS H 412 -21.83 40.21 -74.91
CA LYS H 412 -21.30 40.78 -73.68
C LYS H 412 -19.98 41.48 -73.97
N LEU H 413 -19.75 42.61 -73.29
CA LEU H 413 -18.51 43.37 -73.43
C LEU H 413 -17.68 43.21 -72.16
N PRO H 414 -16.61 42.43 -72.19
CA PRO H 414 -15.79 42.25 -70.98
C PRO H 414 -15.02 43.51 -70.63
N PHE H 415 -14.69 43.63 -69.34
CA PHE H 415 -13.91 44.74 -68.84
C PHE H 415 -13.01 44.24 -67.72
N LYS H 416 -12.16 45.14 -67.22
CA LYS H 416 -11.22 44.76 -66.17
C LYS H 416 -11.94 44.39 -64.88
N ASN H 417 -13.00 45.12 -64.53
CA ASN H 417 -13.69 44.92 -63.27
C ASN H 417 -15.17 44.57 -63.44
N GLY H 418 -15.57 44.13 -64.63
CA GLY H 418 -16.95 43.74 -64.84
C GLY H 418 -17.24 43.44 -66.30
N VAL H 419 -18.53 43.26 -66.57
CA VAL H 419 -19.02 42.93 -67.91
C VAL H 419 -20.16 43.90 -68.24
N LEU H 420 -20.13 44.45 -69.45
CA LEU H 420 -21.13 45.40 -69.90
C LEU H 420 -22.11 44.71 -70.85
N ASP H 421 -23.40 44.96 -70.63
CA ASP H 421 -24.45 44.41 -71.47
C ASP H 421 -24.78 45.39 -72.59
N LEU H 422 -24.55 44.96 -73.84
CA LEU H 422 -24.77 45.85 -74.97
C LEU H 422 -26.24 45.98 -75.33
N VAL H 423 -27.04 44.93 -75.14
CA VAL H 423 -28.42 44.94 -75.59
C VAL H 423 -29.26 45.89 -74.74
N ASP H 424 -29.01 45.93 -73.43
CA ASP H 424 -29.79 46.78 -72.52
C ASP H 424 -29.04 47.99 -72.03
N GLY H 425 -27.74 47.88 -71.77
CA GLY H 425 -26.94 49.03 -71.40
C GLY H 425 -26.76 49.25 -69.91
N MET H 426 -26.38 48.20 -69.18
CA MET H 426 -26.04 48.31 -67.76
C MET H 426 -24.80 47.47 -67.51
N PHE H 427 -24.10 47.81 -66.43
CA PHE H 427 -22.79 47.23 -66.11
C PHE H 427 -22.93 46.26 -64.94
N TYR H 428 -22.44 45.04 -65.15
CA TYR H 428 -22.33 44.04 -64.10
C TYR H 428 -20.88 44.02 -63.60
N SER H 429 -20.66 44.46 -62.37
CA SER H 429 -19.32 44.52 -61.80
C SER H 429 -19.30 43.78 -60.47
N GLY H 430 -18.45 42.77 -60.38
CA GLY H 430 -18.29 42.03 -59.14
C GLY H 430 -18.88 40.63 -59.16
N ASP H 431 -19.57 40.27 -58.08
CA ASP H 431 -20.15 38.94 -57.97
C ASP H 431 -21.24 38.73 -59.02
N ASP H 432 -22.02 39.77 -59.32
CA ASP H 432 -23.10 39.66 -60.28
C ASP H 432 -22.61 39.38 -61.69
N ALA H 433 -21.33 39.55 -61.97
CA ALA H 433 -20.75 39.22 -63.26
C ALA H 433 -20.14 37.82 -63.30
N LYS H 434 -20.29 37.05 -62.22
CA LYS H 434 -19.70 35.72 -62.17
C LYS H 434 -20.36 34.76 -63.15
N LYS H 435 -21.64 34.96 -63.44
CA LYS H 435 -22.36 34.03 -64.32
C LYS H 435 -21.80 34.03 -65.74
N TYR H 436 -21.17 35.12 -66.16
CA TYR H 436 -20.55 35.19 -67.48
C TYR H 436 -19.12 34.67 -67.39
N THR H 437 -18.83 33.57 -68.09
CA THR H 437 -17.51 32.96 -68.07
C THR H 437 -16.66 33.59 -69.17
N CYS H 438 -16.09 34.74 -68.86
CA CYS H 438 -15.22 35.48 -69.76
C CYS H 438 -13.79 35.41 -69.26
N THR H 439 -12.87 35.01 -70.14
CA THR H 439 -11.46 34.88 -69.80
C THR H 439 -10.60 36.00 -70.39
N VAL H 440 -11.23 37.03 -70.96
CA VAL H 440 -10.52 38.14 -71.55
C VAL H 440 -11.08 39.45 -70.99
N SER H 441 -10.29 40.51 -71.14
CA SER H 441 -10.70 41.82 -70.67
C SER H 441 -10.05 42.89 -71.55
N THR H 442 -10.64 44.08 -71.52
CA THR H 442 -10.11 45.20 -72.30
C THR H 442 -8.83 45.77 -71.71
N GLY H 443 -8.50 45.40 -70.48
CA GLY H 443 -7.29 45.88 -69.83
C GLY H 443 -7.43 47.21 -69.13
N PHE H 444 -8.64 47.75 -69.02
CA PHE H 444 -8.84 49.02 -68.33
C PHE H 444 -10.18 49.00 -67.61
N LYS H 445 -10.30 49.86 -66.61
CA LYS H 445 -11.51 49.92 -65.79
C LYS H 445 -12.61 50.69 -66.51
N PHE H 446 -13.81 50.62 -65.96
CA PHE H 446 -14.99 51.30 -66.50
C PHE H 446 -15.31 52.50 -65.63
N ASP H 447 -15.48 53.66 -66.26
CA ASP H 447 -15.78 54.92 -65.58
C ASP H 447 -17.14 55.41 -66.03
N ASP H 448 -18.13 55.30 -65.15
CA ASP H 448 -19.48 55.75 -65.49
C ASP H 448 -19.58 57.25 -65.61
N THR H 449 -18.64 57.99 -65.02
CA THR H 449 -18.68 59.45 -65.11
C THR H 449 -18.49 59.92 -66.55
N LYS H 450 -17.55 59.31 -67.28
CA LYS H 450 -17.31 59.70 -68.66
C LYS H 450 -18.37 59.17 -69.62
N PHE H 451 -19.15 58.17 -69.20
CA PHE H 451 -20.21 57.61 -70.05
C PHE H 451 -21.50 58.37 -69.76
N VAL H 452 -21.61 59.55 -70.36
CA VAL H 452 -22.76 60.42 -70.18
C VAL H 452 -23.27 60.85 -71.57
N GLU H 453 -24.50 61.37 -71.58
CA GLU H 453 -25.12 61.76 -72.85
C GLU H 453 -24.37 62.91 -73.50
N ASP H 454 -23.96 63.90 -72.72
CA ASP H 454 -23.29 65.08 -73.23
C ASP H 454 -21.99 65.32 -72.50
N SER H 455 -20.94 65.67 -73.26
CA SER H 455 -19.63 65.96 -72.70
C SER H 455 -18.88 66.84 -73.70
N PRO H 456 -18.05 67.78 -73.24
CA PRO H 456 -17.31 68.61 -74.19
C PRO H 456 -16.44 67.80 -75.14
N GLU H 457 -15.78 66.76 -74.64
CA GLU H 457 -15.00 65.89 -75.51
C GLU H 457 -15.90 65.11 -76.46
N MET H 458 -17.07 64.68 -75.96
CA MET H 458 -18.05 64.01 -76.82
C MET H 458 -18.40 64.89 -78.00
N GLU H 459 -18.80 66.14 -77.74
CA GLU H 459 -19.21 67.04 -78.80
C GLU H 459 -18.05 67.39 -79.72
N GLU H 460 -16.86 67.56 -79.15
CA GLU H 460 -15.69 67.85 -79.97
C GLU H 460 -15.35 66.69 -80.91
N LEU H 461 -15.59 65.46 -80.47
CA LEU H 461 -15.21 64.32 -81.31
C LEU H 461 -16.29 63.94 -82.33
N MET H 462 -17.57 64.06 -81.99
CA MET H 462 -18.57 63.64 -82.98
C MET H 462 -18.59 64.53 -84.21
N ASN H 463 -17.98 65.72 -84.15
CA ASN H 463 -17.93 66.57 -85.34
C ASN H 463 -17.16 65.89 -86.47
N ILE H 464 -16.04 65.26 -86.14
CA ILE H 464 -15.24 64.57 -87.17
C ILE H 464 -16.03 63.44 -87.80
N ILE H 465 -16.73 62.67 -86.97
CA ILE H 465 -17.53 61.56 -87.50
C ILE H 465 -18.67 62.08 -88.38
N ASN H 466 -19.33 63.16 -87.95
CA ASN H 466 -20.52 63.62 -88.64
C ASN H 466 -20.19 64.34 -89.95
N ASP H 467 -19.12 65.14 -89.99
CA ASP H 467 -18.89 65.99 -91.15
C ASP H 467 -18.37 65.21 -92.34
N ILE H 468 -17.63 64.12 -92.11
CA ILE H 468 -17.06 63.35 -93.22
C ILE H 468 -18.16 62.70 -94.05
N GLN H 469 -19.15 62.10 -93.38
CA GLN H 469 -20.28 61.52 -94.09
C GLN H 469 -21.50 62.40 -93.88
N PRO H 470 -21.92 63.19 -94.88
CA PRO H 470 -23.10 64.05 -94.69
C PRO H 470 -24.35 63.23 -94.41
N LEU H 471 -25.19 63.77 -93.53
CA LEU H 471 -26.46 63.13 -93.18
C LEU H 471 -27.56 63.60 -94.14
N THR H 472 -27.39 63.21 -95.40
CA THR H 472 -28.30 63.60 -96.47
C THR H 472 -28.89 62.35 -97.12
N ASP H 473 -30.07 62.51 -97.72
CA ASP H 473 -30.74 61.41 -98.38
C ASP H 473 -29.97 60.89 -99.58
N GLU H 474 -29.14 61.74 -100.21
CA GLU H 474 -28.35 61.30 -101.35
C GLU H 474 -27.19 60.40 -100.93
N ASN H 475 -26.89 60.35 -99.64
CA ASN H 475 -25.78 59.55 -99.11
C ASN H 475 -26.29 58.51 -98.11
N LYS H 476 -27.57 58.15 -98.21
CA LYS H 476 -28.20 57.31 -97.19
C LYS H 476 -27.63 55.90 -97.20
N LYS H 477 -27.41 55.31 -98.38
CA LYS H 477 -26.90 53.95 -98.42
C LYS H 477 -25.47 53.87 -97.89
N ASN H 478 -24.65 54.87 -98.22
CA ASN H 478 -23.29 54.91 -97.68
C ASN H 478 -23.29 55.13 -96.17
N ARG H 479 -24.20 55.99 -95.68
CA ARG H 479 -24.32 56.18 -94.24
C ARG H 479 -24.73 54.91 -93.54
N GLU H 480 -25.68 54.17 -94.12
CA GLU H 480 -26.10 52.89 -93.53
C GLU H 480 -24.96 51.89 -93.52
N LEU H 481 -24.19 51.81 -94.61
CA LEU H 481 -23.06 50.88 -94.66
C LEU H 481 -22.01 51.25 -93.63
N TYR H 482 -21.70 52.55 -93.50
CA TYR H 482 -20.71 53.00 -92.53
C TYR H 482 -21.17 52.73 -91.11
N GLU H 483 -22.46 52.94 -90.83
CA GLU H 483 -23.01 52.65 -89.52
C GLU H 483 -22.98 51.16 -89.21
N LYS H 484 -23.23 50.32 -90.21
CA LYS H 484 -23.29 48.88 -90.00
C LYS H 484 -21.91 48.25 -89.86
N THR H 485 -20.91 48.76 -90.60
CA THR H 485 -19.59 48.13 -90.57
C THR H 485 -18.85 48.37 -89.26
N LEU H 486 -19.08 49.51 -88.60
CA LEU H 486 -18.38 49.80 -87.36
C LEU H 486 -18.92 49.02 -86.17
N SER H 487 -20.22 48.73 -86.16
CA SER H 487 -20.82 47.97 -85.08
C SER H 487 -20.38 46.51 -85.05
N SER H 488 -19.79 46.01 -86.14
CA SER H 488 -19.37 44.62 -86.18
C SER H 488 -18.17 44.35 -85.27
N CYS H 489 -17.45 45.39 -84.84
CA CYS H 489 -16.30 45.19 -83.98
C CYS H 489 -16.68 44.82 -82.56
N LEU H 490 -17.95 44.95 -82.18
CA LEU H 490 -18.39 44.65 -80.82
C LEU H 490 -18.92 43.23 -80.67
N CYS H 491 -19.54 42.67 -81.71
CA CYS H 491 -20.10 41.33 -81.63
C CYS H 491 -18.99 40.29 -81.54
N GLY H 492 -19.20 39.27 -80.72
CA GLY H 492 -18.22 38.23 -80.53
C GLY H 492 -18.50 36.97 -81.33
N ALA H 493 -19.36 37.08 -82.33
CA ALA H 493 -19.70 35.93 -83.16
C ALA H 493 -18.61 35.68 -84.20
N THR H 494 -18.67 34.50 -84.82
CA THR H 494 -17.72 34.10 -85.85
C THR H 494 -18.24 34.56 -87.21
N LYS H 495 -17.59 35.57 -87.78
CA LYS H 495 -17.95 36.08 -89.09
C LYS H 495 -16.68 36.31 -89.91
N GLY H 496 -16.80 36.11 -91.22
CA GLY H 496 -15.67 36.27 -92.12
C GLY H 496 -15.99 37.12 -93.34
N CYS H 497 -16.87 38.11 -93.17
CA CYS H 497 -17.27 38.99 -94.26
C CYS H 497 -16.31 40.16 -94.31
N LEU H 498 -15.44 40.17 -95.32
CA LEU H 498 -14.47 41.25 -95.47
C LEU H 498 -15.16 42.55 -95.84
N THR H 499 -14.63 43.65 -95.31
CA THR H 499 -15.14 44.99 -95.59
C THR H 499 -14.02 45.85 -96.17
N PHE H 500 -14.35 46.62 -97.20
CA PHE H 500 -13.38 47.44 -97.91
C PHE H 500 -13.73 48.91 -97.72
N PHE H 501 -12.73 49.72 -97.37
CA PHE H 501 -12.87 51.16 -97.27
C PHE H 501 -12.12 51.82 -98.41
N PHE H 502 -12.79 52.71 -99.13
CA PHE H 502 -12.19 53.40 -100.26
C PHE H 502 -12.45 54.89 -100.13
N GLY H 503 -11.45 55.68 -100.49
CA GLY H 503 -11.57 57.13 -100.44
C GLY H 503 -10.22 57.79 -100.54
N GLU H 504 -10.26 59.10 -100.79
CA GLU H 504 -9.04 59.87 -100.90
C GLU H 504 -8.37 60.02 -99.53
N THR H 505 -7.04 60.12 -99.54
CA THR H 505 -6.29 60.22 -98.30
C THR H 505 -6.52 61.58 -97.64
N ALA H 506 -6.23 61.62 -96.33
CA ALA H 506 -6.38 62.83 -95.51
C ALA H 506 -7.80 63.36 -95.53
N THR H 507 -8.78 62.46 -95.66
CA THR H 507 -10.19 62.82 -95.65
C THR H 507 -10.87 62.47 -94.33
N GLY H 508 -10.08 62.19 -93.29
CA GLY H 508 -10.62 61.86 -91.98
C GLY H 508 -10.99 60.40 -91.79
N LYS H 509 -10.90 59.58 -92.84
CA LYS H 509 -11.21 58.16 -92.69
C LYS H 509 -10.19 57.46 -91.80
N SER H 510 -8.91 57.79 -91.97
CA SER H 510 -7.85 57.15 -91.21
C SER H 510 -7.83 57.57 -89.74
N THR H 511 -8.60 58.59 -89.37
CA THR H 511 -8.61 59.04 -87.98
C THR H 511 -9.16 57.97 -87.04
N THR H 512 -10.12 57.17 -87.51
CA THR H 512 -10.73 56.15 -86.67
C THR H 512 -9.79 54.99 -86.36
N LYS H 513 -8.67 54.87 -87.07
CA LYS H 513 -7.76 53.76 -86.85
C LYS H 513 -7.19 53.78 -85.42
N ARG H 514 -6.75 54.95 -84.96
CA ARG H 514 -6.25 55.07 -83.60
C ARG H 514 -7.39 55.14 -82.59
N LEU H 515 -8.55 55.67 -82.99
CA LEU H 515 -9.69 55.75 -82.07
C LEU H 515 -10.18 54.37 -81.69
N LEU H 516 -10.20 53.44 -82.65
CA LEU H 516 -10.63 52.07 -82.35
C LEU H 516 -9.68 51.39 -81.37
N LYS H 517 -8.37 51.64 -81.53
CA LYS H 517 -7.41 51.15 -80.55
C LYS H 517 -7.65 51.77 -79.18
N SER H 518 -7.94 53.07 -79.15
CA SER H 518 -8.20 53.75 -77.88
C SER H 518 -9.46 53.22 -77.20
N ALA H 519 -10.43 52.77 -77.98
CA ALA H 519 -11.71 52.31 -77.41
C ALA H 519 -11.65 50.86 -76.97
N ILE H 520 -11.40 49.95 -77.92
CA ILE H 520 -11.39 48.53 -77.59
C ILE H 520 -10.21 48.19 -76.68
N GLY H 521 -9.02 48.64 -77.04
CA GLY H 521 -7.85 48.46 -76.21
C GLY H 521 -7.13 47.15 -76.50
N ASP H 522 -7.09 46.26 -75.50
CA ASP H 522 -6.30 45.04 -75.61
C ASP H 522 -6.83 44.12 -76.70
N LEU H 523 -8.15 43.97 -76.78
CA LEU H 523 -8.73 42.99 -77.69
C LEU H 523 -8.41 43.32 -79.16
N PHE H 524 -8.48 44.60 -79.52
CA PHE H 524 -8.21 45.00 -80.89
C PHE H 524 -6.71 45.11 -81.13
N VAL H 525 -6.24 44.46 -82.19
CA VAL H 525 -4.83 44.50 -82.58
C VAL H 525 -4.76 44.70 -84.08
N GLU H 526 -3.97 45.68 -84.53
CA GLU H 526 -3.77 45.95 -85.94
C GLU H 526 -2.43 45.39 -86.40
N THR H 527 -2.33 45.15 -87.71
CA THR H 527 -1.15 44.54 -88.29
C THR H 527 -0.91 45.15 -89.67
N GLY H 528 0.16 44.69 -90.32
CA GLY H 528 0.54 45.15 -91.63
C GLY H 528 0.11 44.20 -92.73
N GLN H 529 0.84 44.25 -93.84
CA GLN H 529 0.55 43.43 -95.01
C GLN H 529 1.28 42.10 -95.02
N THR H 530 2.00 41.78 -93.94
CA THR H 530 2.73 40.51 -93.88
C THR H 530 1.78 39.33 -93.91
N ILE H 531 0.63 39.44 -93.23
CA ILE H 531 -0.33 38.33 -93.19
C ILE H 531 -0.91 38.07 -94.57
N LEU H 532 -1.02 39.10 -95.41
CA LEU H 532 -1.54 38.94 -96.76
C LEU H 532 -0.46 38.47 -97.74
N THR H 533 0.77 38.95 -97.57
CA THR H 533 1.84 38.58 -98.49
C THR H 533 2.37 37.17 -98.23
N ASP H 534 2.39 36.74 -96.97
CA ASP H 534 2.96 35.45 -96.59
C ASP H 534 1.88 34.40 -96.43
N VAL H 535 2.24 33.15 -96.71
CA VAL H 535 1.29 32.04 -96.56
C VAL H 535 1.11 31.75 -95.08
N LEU H 536 -0.15 31.68 -94.65
CA LEU H 536 -0.44 31.40 -93.25
C LEU H 536 -0.03 29.98 -92.88
N ASP H 537 -0.26 29.02 -93.77
CA ASP H 537 0.05 27.62 -93.45
C ASP H 537 1.55 27.37 -93.39
N LYS H 538 2.31 28.00 -94.28
CA LYS H 538 3.75 27.77 -94.35
C LYS H 538 4.43 28.41 -93.14
N GLY H 539 5.01 27.58 -92.28
CA GLY H 539 5.71 28.05 -91.11
C GLY H 539 4.77 28.42 -89.98
N PRO H 540 5.33 28.68 -88.80
CA PRO H 540 4.49 29.10 -87.65
C PRO H 540 4.25 30.60 -87.68
N ASN H 541 2.99 30.98 -87.82
CA ASN H 541 2.62 32.39 -87.88
C ASN H 541 2.14 32.84 -86.51
N PRO H 542 2.86 33.74 -85.82
CA PRO H 542 2.38 34.20 -84.51
C PRO H 542 1.04 34.92 -84.58
N PHE H 543 0.76 35.63 -85.67
CA PHE H 543 -0.50 36.36 -85.77
C PHE H 543 -1.70 35.43 -85.75
N ILE H 544 -1.60 34.28 -86.44
CA ILE H 544 -2.68 33.31 -86.42
C ILE H 544 -2.88 32.76 -85.01
N ALA H 545 -1.79 32.44 -84.33
CA ALA H 545 -1.89 31.92 -82.96
C ALA H 545 -2.43 32.97 -81.99
N ASN H 546 -2.21 34.25 -82.28
CA ASN H 546 -2.68 35.33 -81.43
C ASN H 546 -4.06 35.85 -81.85
N MET H 547 -4.67 35.25 -82.87
CA MET H 547 -6.00 35.67 -83.30
C MET H 547 -7.08 35.24 -82.33
N HIS H 548 -6.79 34.26 -81.46
CA HIS H 548 -7.80 33.70 -80.56
C HIS H 548 -8.37 34.78 -79.65
N LEU H 549 -9.69 34.76 -79.50
CA LEU H 549 -10.41 35.63 -78.56
C LEU H 549 -10.13 37.11 -78.85
N LYS H 550 -10.06 37.46 -80.13
CA LYS H 550 -9.90 38.84 -80.56
C LYS H 550 -11.15 39.26 -81.31
N ARG H 551 -11.79 40.35 -80.88
CA ARG H 551 -13.04 40.78 -81.50
C ARG H 551 -12.79 41.38 -82.88
N SER H 552 -11.80 42.25 -83.01
CA SER H 552 -11.51 42.92 -84.26
C SER H 552 -10.02 42.96 -84.50
N VAL H 553 -9.61 42.73 -85.76
CA VAL H 553 -8.22 42.77 -86.17
C VAL H 553 -8.14 43.59 -87.46
N PHE H 554 -7.51 44.76 -87.39
CA PHE H 554 -7.31 45.56 -88.59
C PHE H 554 -6.29 44.89 -89.49
N CYS H 555 -6.60 44.81 -90.78
CA CYS H 555 -5.75 44.05 -91.69
C CYS H 555 -4.54 44.86 -92.15
N SER H 556 -4.77 45.95 -92.88
CA SER H 556 -3.68 46.71 -93.46
C SER H 556 -4.18 48.07 -93.91
N GLU H 557 -3.23 48.99 -94.09
CA GLU H 557 -3.48 50.29 -94.72
C GLU H 557 -2.78 50.41 -96.06
N LEU H 558 -2.52 49.27 -96.73
CA LEU H 558 -1.73 49.25 -97.94
C LEU H 558 -2.44 49.98 -99.08
N PRO H 559 -1.68 50.56 -100.01
CA PRO H 559 -2.29 51.15 -101.21
C PRO H 559 -2.61 50.10 -102.26
N ASP H 560 -3.02 50.54 -103.45
CA ASP H 560 -3.38 49.62 -104.51
C ASP H 560 -2.17 48.82 -104.96
N PHE H 561 -2.45 47.62 -105.48
CA PHE H 561 -1.42 46.72 -105.98
C PHE H 561 -1.13 46.92 -107.46
N ALA H 562 -1.71 47.95 -108.09
CA ALA H 562 -1.45 48.22 -109.50
C ALA H 562 0.01 48.52 -109.76
N CYS H 563 0.75 48.97 -108.75
CA CYS H 563 2.19 49.20 -108.91
C CYS H 563 2.89 47.87 -109.16
N SER H 564 3.77 47.85 -110.17
CA SER H 564 4.48 46.63 -110.50
C SER H 564 5.47 46.25 -109.40
N GLY H 565 5.72 44.96 -109.27
CA GLY H 565 6.58 44.44 -108.23
C GLY H 565 5.87 44.11 -106.93
N SER H 566 4.57 44.36 -106.84
CA SER H 566 3.79 44.05 -105.65
C SER H 566 2.94 42.80 -105.91
N LYS H 567 3.04 41.82 -105.01
CA LYS H 567 2.34 40.57 -105.18
C LYS H 567 0.83 40.78 -105.00
N LYS H 568 0.05 40.11 -105.84
CA LYS H 568 -1.40 40.28 -105.85
C LYS H 568 -2.03 39.63 -104.61
N ILE H 569 -3.35 39.72 -104.53
CA ILE H 569 -4.11 39.17 -103.41
C ILE H 569 -4.49 37.73 -103.73
N ARG H 570 -4.25 36.84 -102.77
CA ARG H 570 -4.50 35.41 -102.93
C ARG H 570 -5.82 35.04 -102.28
N SER H 571 -6.62 34.26 -103.00
CA SER H 571 -7.93 33.83 -102.49
C SER H 571 -7.84 32.69 -101.49
N ASP H 572 -6.73 31.94 -101.48
CA ASP H 572 -6.61 30.82 -100.56
C ASP H 572 -6.63 31.28 -99.11
N ASN H 573 -5.94 32.38 -98.80
CA ASN H 573 -5.98 32.93 -97.46
C ASN H 573 -7.38 33.42 -97.10
N ILE H 574 -8.07 34.03 -98.05
CA ILE H 574 -9.41 34.57 -97.79
C ILE H 574 -10.40 33.45 -97.53
N LYS H 575 -10.23 32.31 -98.21
CA LYS H 575 -11.21 31.23 -98.09
C LYS H 575 -11.31 30.71 -96.67
N LYS H 576 -10.19 30.51 -95.99
CA LYS H 576 -10.22 29.93 -94.64
C LYS H 576 -10.46 30.96 -93.55
N LEU H 577 -10.41 32.26 -93.86
CA LEU H 577 -10.72 33.26 -92.84
C LEU H 577 -12.18 33.17 -92.40
N THR H 578 -13.09 32.96 -93.36
CA THR H 578 -14.51 32.88 -93.02
C THR H 578 -14.80 31.67 -92.14
N GLU H 579 -14.16 30.54 -92.41
CA GLU H 579 -14.43 29.32 -91.66
C GLU H 579 -14.04 29.50 -90.20
N PRO H 580 -14.86 29.04 -89.26
CA PRO H 580 -14.50 29.19 -87.83
C PRO H 580 -13.22 28.47 -87.46
N CYS H 581 -12.91 27.35 -88.11
CA CYS H 581 -11.72 26.56 -87.79
C CYS H 581 -10.66 26.80 -88.85
N VAL H 582 -9.44 27.09 -88.41
CA VAL H 582 -8.34 27.33 -89.33
C VAL H 582 -7.90 26.03 -90.00
N ARG H 595 -11.18 29.63 -80.98
CA ARG H 595 -12.14 30.01 -82.01
C ARG H 595 -11.70 31.28 -82.73
N ASN H 596 -12.53 31.74 -83.66
CA ASN H 596 -12.23 32.92 -84.48
C ASN H 596 -13.41 33.89 -84.41
N HIS H 597 -13.25 34.95 -83.62
CA HIS H 597 -14.25 36.00 -83.51
C HIS H 597 -13.78 37.31 -84.11
N ALA H 598 -12.71 37.28 -84.90
CA ALA H 598 -12.10 38.50 -85.42
C ALA H 598 -12.91 39.07 -86.58
N THR H 599 -13.00 40.40 -86.61
CA THR H 599 -13.59 41.13 -87.72
C THR H 599 -12.48 41.89 -88.44
N ILE H 600 -12.38 41.69 -89.75
CA ILE H 600 -11.26 42.19 -90.54
C ILE H 600 -11.81 43.23 -91.52
N ILE H 601 -11.21 44.42 -91.50
CA ILE H 601 -11.58 45.52 -92.40
C ILE H 601 -10.31 46.04 -93.06
N ILE H 602 -10.37 46.24 -94.37
CA ILE H 602 -9.24 46.69 -95.17
C ILE H 602 -9.59 48.03 -95.79
N ASP H 603 -8.69 49.01 -95.65
CA ASP H 603 -8.84 50.31 -96.29
C ASP H 603 -7.73 50.52 -97.31
N THR H 604 -8.06 51.13 -98.43
CA THR H 604 -7.10 51.37 -99.49
C THR H 604 -7.44 52.67 -100.20
N ASN H 605 -6.41 53.31 -100.77
CA ASN H 605 -6.61 54.53 -101.52
C ASN H 605 -7.18 54.25 -102.91
N TYR H 606 -6.78 53.14 -103.52
CA TYR H 606 -7.26 52.75 -104.84
C TYR H 606 -7.55 51.25 -104.84
N LYS H 607 -8.44 50.85 -105.75
CA LYS H 607 -8.87 49.47 -105.79
C LYS H 607 -7.71 48.54 -106.17
N PRO H 608 -7.61 47.37 -105.55
CA PRO H 608 -6.53 46.44 -105.91
C PRO H 608 -6.93 45.46 -107.00
N VAL H 609 -6.00 44.59 -107.40
CA VAL H 609 -6.24 43.59 -108.44
C VAL H 609 -5.97 42.22 -107.84
N PHE H 610 -6.92 41.31 -108.02
CA PHE H 610 -6.81 39.95 -107.50
C PHE H 610 -6.11 39.04 -108.49
N ASP H 611 -5.48 37.99 -107.98
CA ASP H 611 -4.81 37.03 -108.84
C ASP H 611 -5.76 35.95 -109.35
N ARG H 612 -6.82 35.65 -108.60
CA ARG H 612 -7.78 34.62 -108.96
C ARG H 612 -9.19 35.16 -108.76
N ILE H 613 -10.12 34.58 -109.53
CA ILE H 613 -11.53 34.95 -109.42
C ILE H 613 -12.36 33.66 -109.40
N ASP H 614 -13.35 33.62 -108.52
CA ASP H 614 -14.25 32.48 -108.39
C ASP H 614 -15.51 32.96 -107.69
N ASN H 615 -16.55 32.11 -107.75
CA ASN H 615 -17.88 32.51 -107.31
C ASN H 615 -17.94 32.82 -105.81
N ALA H 616 -16.97 32.34 -105.03
CA ALA H 616 -17.01 32.56 -103.58
C ALA H 616 -16.72 34.01 -103.19
N LEU H 617 -16.22 34.83 -104.12
CA LEU H 617 -15.81 36.19 -103.76
C LEU H 617 -16.95 37.19 -103.76
N MET H 618 -18.11 36.87 -104.34
CA MET H 618 -19.27 37.75 -104.19
C MET H 618 -19.76 37.78 -102.75
N ARG H 619 -19.69 36.66 -102.06
CA ARG H 619 -20.24 36.54 -100.72
C ARG H 619 -19.28 36.95 -99.62
N ARG H 620 -18.07 37.41 -99.97
CA ARG H 620 -17.06 37.76 -98.98
C ARG H 620 -16.58 39.20 -99.05
N ILE H 621 -16.97 39.97 -100.05
CA ILE H 621 -16.43 41.31 -100.26
C ILE H 621 -17.53 42.34 -100.09
N ALA H 622 -17.28 43.32 -99.22
CA ALA H 622 -18.15 44.48 -99.05
C ALA H 622 -17.31 45.74 -99.20
N VAL H 623 -17.84 46.71 -99.92
CA VAL H 623 -17.11 47.92 -100.29
C VAL H 623 -17.82 49.14 -99.71
N VAL H 624 -17.07 50.00 -99.02
CA VAL H 624 -17.57 51.27 -98.52
C VAL H 624 -16.75 52.37 -99.18
N ARG H 625 -17.44 53.31 -99.84
CA ARG H 625 -16.79 54.36 -100.60
C ARG H 625 -17.55 55.67 -100.38
N PHE H 626 -16.82 56.78 -100.47
CA PHE H 626 -17.40 58.10 -100.27
C PHE H 626 -18.09 58.54 -101.56
N ARG H 627 -19.42 58.67 -101.50
CA ARG H 627 -20.18 59.08 -102.68
C ARG H 627 -20.16 60.60 -102.85
N THR H 628 -20.68 61.31 -101.85
CA THR H 628 -20.96 62.74 -101.98
C THR H 628 -19.90 63.56 -101.25
N HIS H 629 -19.32 64.52 -101.97
CA HIS H 629 -18.39 65.49 -101.39
C HIS H 629 -18.51 66.84 -102.11
N LEU H 655 -3.72 66.62 -81.56
CA LEU H 655 -4.30 65.68 -82.51
C LEU H 655 -3.73 64.28 -82.31
N ASP H 656 -2.47 64.09 -82.73
CA ASP H 656 -1.82 62.79 -82.56
C ASP H 656 -1.63 62.46 -81.09
N GLY H 657 -1.24 63.46 -80.28
CA GLY H 657 -1.05 63.22 -78.87
C GLY H 657 -2.33 63.06 -78.08
N LYS H 658 -3.46 63.56 -78.63
CA LYS H 658 -4.74 63.43 -77.93
C LYS H 658 -5.13 61.98 -77.77
N ILE H 659 -4.97 61.18 -78.84
CA ILE H 659 -5.31 59.76 -78.77
C ILE H 659 -4.31 59.02 -77.89
N GLN H 660 -3.02 59.36 -77.99
CA GLN H 660 -2.01 58.70 -77.17
C GLN H 660 -2.20 58.99 -75.69
N ASN H 661 -2.70 60.18 -75.36
CA ASN H 661 -2.98 60.54 -73.97
C ASN H 661 -4.28 59.93 -73.45
N ASN H 662 -5.01 59.20 -74.30
CA ASN H 662 -6.26 58.54 -73.91
C ASN H 662 -7.32 59.55 -73.46
N ARG H 663 -7.27 60.77 -74.00
CA ARG H 663 -8.31 61.74 -73.72
C ARG H 663 -9.64 61.31 -74.34
N TYR H 664 -9.60 60.58 -75.44
CA TYR H 664 -10.79 60.04 -76.10
C TYR H 664 -10.99 58.56 -75.78
N ARG H 665 -10.65 58.16 -74.55
CA ARG H 665 -10.79 56.75 -74.16
C ARG H 665 -12.25 56.31 -74.23
N PHE H 666 -13.15 57.10 -73.67
CA PHE H 666 -14.58 56.80 -73.74
C PHE H 666 -15.29 57.51 -74.88
N ALA H 667 -14.60 58.39 -75.61
CA ALA H 667 -15.25 59.18 -76.64
C ALA H 667 -15.60 58.36 -77.87
N PHE H 668 -14.90 57.23 -78.09
CA PHE H 668 -15.14 56.43 -79.28
C PHE H 668 -15.98 55.18 -79.02
N LEU H 669 -15.94 54.64 -77.79
CA LEU H 669 -16.77 53.47 -77.50
C LEU H 669 -18.25 53.82 -77.47
N TYR H 670 -18.58 55.03 -76.98
CA TYR H 670 -19.96 55.48 -77.05
C TYR H 670 -20.38 55.74 -78.49
N LEU H 671 -19.44 56.12 -79.35
CA LEU H 671 -19.73 56.26 -80.77
C LEU H 671 -20.15 54.92 -81.37
N LEU H 672 -19.44 53.84 -81.02
CA LEU H 672 -19.72 52.53 -81.58
C LEU H 672 -21.00 51.91 -80.99
N VAL H 673 -21.20 52.05 -79.68
CA VAL H 673 -22.25 51.29 -79.02
C VAL H 673 -23.64 51.74 -79.49
N LYS H 674 -23.80 53.05 -79.76
CA LYS H 674 -25.12 53.55 -80.09
C LYS H 674 -25.63 53.01 -81.42
N TRP H 675 -24.73 52.85 -82.40
CA TRP H 675 -25.15 52.34 -83.70
C TRP H 675 -25.62 50.89 -83.59
N TYR H 676 -24.92 50.07 -82.80
CA TYR H 676 -25.36 48.70 -82.59
C TYR H 676 -26.66 48.67 -81.79
N LYS H 677 -26.83 49.59 -80.85
CA LYS H 677 -28.03 49.61 -80.02
C LYS H 677 -29.26 50.07 -80.79
N LYS H 678 -29.07 50.92 -81.81
CA LYS H 678 -30.21 51.55 -82.48
C LYS H 678 -31.09 50.51 -83.17
N TYR H 679 -30.56 49.83 -84.19
CA TYR H 679 -31.38 48.95 -85.00
C TYR H 679 -30.76 47.59 -85.28
N HIS H 680 -29.46 47.40 -85.05
CA HIS H 680 -28.79 46.13 -85.32
C HIS H 680 -29.00 45.10 -84.21
N ILE H 681 -30.01 45.27 -83.37
CA ILE H 681 -30.27 44.31 -82.29
C ILE H 681 -30.57 42.91 -82.80
N PRO H 682 -31.48 42.69 -83.78
CA PRO H 682 -31.92 41.32 -84.08
C PRO H 682 -30.82 40.35 -84.48
N ILE H 683 -30.07 40.64 -85.55
CA ILE H 683 -29.13 39.68 -86.11
C ILE H 683 -27.94 40.42 -86.69
N MET H 684 -26.79 39.74 -86.70
CA MET H 684 -25.56 40.26 -87.29
C MET H 684 -25.36 39.57 -88.65
N LYS H 685 -26.04 40.12 -89.67
CA LYS H 685 -25.97 39.60 -91.03
C LYS H 685 -25.47 40.72 -91.94
N LEU H 686 -24.29 40.53 -92.51
CA LEU H 686 -23.67 41.52 -93.38
C LEU H 686 -23.95 41.17 -94.83
N TYR H 687 -24.52 42.13 -95.58
CA TYR H 687 -24.83 41.92 -96.98
C TYR H 687 -23.68 42.43 -97.84
N PRO H 688 -23.05 41.57 -98.64
CA PRO H 688 -21.94 42.04 -99.48
C PRO H 688 -22.41 43.00 -100.55
N THR H 689 -21.51 43.89 -100.96
CA THR H 689 -21.81 44.91 -101.95
C THR H 689 -21.08 44.61 -103.26
N PRO H 690 -21.77 44.06 -104.27
CA PRO H 690 -21.10 43.76 -105.54
C PRO H 690 -21.13 44.92 -106.53
N GLU H 691 -21.47 46.11 -106.04
CA GLU H 691 -21.65 47.25 -106.94
C GLU H 691 -20.35 47.67 -107.61
N GLU H 692 -19.28 47.82 -106.82
CA GLU H 692 -18.03 48.38 -107.34
C GLU H 692 -16.82 47.58 -106.84
N ILE H 693 -16.91 46.26 -106.91
CA ILE H 693 -15.73 45.43 -106.62
C ILE H 693 -14.80 45.45 -107.83
N PRO H 694 -13.53 45.79 -107.66
CA PRO H 694 -12.63 45.87 -108.82
C PRO H 694 -12.49 44.54 -109.53
N ASP H 695 -12.41 44.60 -110.86
CA ASP H 695 -12.26 43.44 -111.73
C ASP H 695 -13.40 42.44 -111.59
N PHE H 696 -14.59 42.91 -111.19
CA PHE H 696 -15.74 42.04 -111.03
C PHE H 696 -16.92 42.44 -111.90
N ALA H 697 -16.97 43.66 -112.43
CA ALA H 697 -18.05 44.05 -113.32
C ALA H 697 -18.03 43.23 -114.59
N PHE H 698 -16.84 42.96 -115.14
CA PHE H 698 -16.73 42.13 -116.33
C PHE H 698 -17.25 40.72 -116.05
N TYR H 699 -16.89 40.16 -114.89
CA TYR H 699 -17.37 38.81 -114.57
C TYR H 699 -18.88 38.79 -114.40
N LEU H 700 -19.44 39.79 -113.74
CA LEU H 700 -20.90 39.85 -113.57
C LEU H 700 -21.59 39.98 -114.92
N LYS H 701 -21.04 40.79 -115.82
CA LYS H 701 -21.65 40.95 -117.13
C LYS H 701 -21.55 39.67 -117.96
N ILE H 702 -20.40 39.00 -117.92
CA ILE H 702 -20.22 37.78 -118.70
C ILE H 702 -21.01 36.62 -118.10
N GLY H 703 -21.35 36.69 -116.82
CA GLY H 703 -22.22 35.67 -116.24
C GLY H 703 -23.62 35.68 -116.82
N THR H 704 -24.04 36.81 -117.38
CA THR H 704 -25.30 36.92 -118.10
C THR H 704 -25.15 36.63 -119.58
N LEU H 705 -23.96 36.20 -120.03
CA LEU H 705 -23.72 35.89 -121.42
C LEU H 705 -23.31 34.45 -121.67
N LEU H 706 -22.87 33.71 -120.65
CA LEU H 706 -22.41 32.33 -120.81
C LEU H 706 -23.06 31.45 -119.75
N VAL H 707 -23.67 30.35 -120.21
CA VAL H 707 -24.18 29.31 -119.32
C VAL H 707 -23.69 27.97 -119.83
N SER H 708 -23.52 27.02 -118.91
CA SER H 708 -23.09 25.68 -119.28
C SER H 708 -24.21 24.92 -119.97
N SER H 709 -23.83 23.94 -120.78
CA SER H 709 -24.80 23.13 -121.49
C SER H 709 -25.62 22.28 -120.52
N SER H 710 -26.88 22.05 -120.87
CA SER H 710 -27.78 21.29 -120.03
C SER H 710 -28.84 20.63 -120.90
N VAL H 711 -29.53 19.64 -120.31
CA VAL H 711 -30.58 18.92 -121.02
C VAL H 711 -31.74 19.85 -121.34
N LYS H 712 -31.94 20.89 -120.52
CA LYS H 712 -33.06 21.81 -120.71
C LYS H 712 -32.95 22.61 -122.01
N HIS H 713 -31.76 22.70 -122.59
CA HIS H 713 -31.54 23.46 -123.82
C HIS H 713 -31.64 22.61 -125.07
N ILE H 714 -31.95 21.32 -124.94
CA ILE H 714 -32.05 20.46 -126.11
C ILE H 714 -33.16 20.89 -127.07
N PRO H 715 -34.40 21.13 -126.61
CA PRO H 715 -35.47 21.46 -127.57
C PRO H 715 -35.24 22.74 -128.37
N LEU H 716 -34.41 23.66 -127.86
CA LEU H 716 -34.17 24.93 -128.55
C LEU H 716 -33.09 24.82 -129.62
N MET H 717 -32.47 23.66 -129.79
CA MET H 717 -31.39 23.50 -130.76
C MET H 717 -31.89 23.26 -132.18
N THR H 718 -33.19 23.00 -132.36
CA THR H 718 -33.71 22.69 -133.70
C THR H 718 -33.39 23.80 -134.69
N ASP H 719 -33.48 25.06 -134.26
CA ASP H 719 -33.07 26.19 -135.08
C ASP H 719 -31.65 26.66 -134.79
N LEU H 720 -31.15 26.42 -133.58
CA LEU H 720 -29.80 26.86 -133.22
C LEU H 720 -28.72 26.09 -133.96
N SER H 721 -29.04 24.90 -134.48
CA SER H 721 -28.05 24.11 -135.20
C SER H 721 -27.56 24.80 -136.47
N LYS H 722 -28.30 25.79 -136.97
CA LYS H 722 -27.93 26.50 -138.18
C LYS H 722 -27.05 27.71 -137.92
N LYS H 723 -26.79 28.05 -136.65
CA LYS H 723 -25.99 29.21 -136.29
C LYS H 723 -24.65 28.80 -135.68
N GLY H 724 -24.06 27.73 -136.22
CA GLY H 724 -22.75 27.29 -135.78
C GLY H 724 -22.72 26.47 -134.51
N TYR H 725 -23.87 26.17 -133.91
CA TYR H 725 -23.92 25.36 -132.72
C TYR H 725 -23.86 23.89 -133.09
N ILE H 726 -22.93 23.16 -132.45
CA ILE H 726 -22.71 21.74 -132.73
C ILE H 726 -23.00 20.96 -131.45
N LEU H 727 -23.82 19.92 -131.56
CA LEU H 727 -24.22 19.10 -130.43
C LEU H 727 -23.45 17.79 -130.46
N TYR H 728 -22.79 17.47 -129.35
CA TYR H 728 -22.08 16.21 -129.18
C TYR H 728 -22.19 15.77 -127.74
N ASP H 729 -22.68 14.54 -127.52
CA ASP H 729 -22.84 13.97 -126.19
C ASP H 729 -23.70 14.88 -125.31
N ASN H 730 -24.76 15.43 -125.89
CA ASN H 730 -25.68 16.34 -125.20
C ASN H 730 -24.92 17.52 -124.60
N VAL H 731 -24.01 18.07 -125.40
CA VAL H 731 -23.21 19.23 -125.01
C VAL H 731 -23.18 20.21 -126.17
N VAL H 732 -23.42 21.49 -125.87
CA VAL H 732 -23.39 22.55 -126.87
C VAL H 732 -21.95 23.05 -127.01
N THR H 733 -21.44 23.02 -128.24
CA THR H 733 -20.08 23.43 -128.54
C THR H 733 -20.10 24.57 -129.55
N LEU H 734 -19.16 25.51 -129.38
CA LEU H 734 -19.06 26.68 -130.25
C LEU H 734 -17.58 26.92 -130.55
N PRO H 735 -17.21 27.11 -131.81
CA PRO H 735 -15.81 27.41 -132.13
C PRO H 735 -15.38 28.76 -131.60
N LEU H 736 -14.08 28.90 -131.37
CA LEU H 736 -13.53 30.12 -130.77
C LEU H 736 -13.71 31.34 -131.66
N THR H 737 -13.88 31.15 -132.97
CA THR H 737 -14.07 32.29 -133.86
C THR H 737 -15.33 33.06 -133.52
N THR H 738 -16.43 32.34 -133.26
CA THR H 738 -17.67 32.99 -132.86
C THR H 738 -17.51 33.69 -131.52
N PHE H 739 -16.76 33.08 -130.60
CA PHE H 739 -16.52 33.71 -129.30
C PHE H 739 -15.77 35.02 -129.46
N GLN H 740 -14.72 35.04 -130.29
CA GLN H 740 -13.98 36.27 -130.52
C GLN H 740 -14.85 37.32 -131.21
N GLN H 741 -15.65 36.90 -132.18
CA GLN H 741 -16.50 37.85 -132.90
C GLN H 741 -17.53 38.47 -131.96
N LYS H 742 -18.09 37.68 -131.05
CA LYS H 742 -19.06 38.21 -130.10
C LYS H 742 -18.40 39.07 -129.03
N ILE H 743 -17.17 38.73 -128.63
CA ILE H 743 -16.51 39.50 -127.58
C ILE H 743 -15.96 40.81 -128.12
N SER H 744 -15.66 40.89 -129.42
CA SER H 744 -15.13 42.12 -129.99
C SER H 744 -16.20 43.18 -130.20
N LYS H 745 -17.44 42.77 -130.45
CA LYS H 745 -18.49 43.73 -130.81
C LYS H 745 -18.88 44.61 -129.63
N TYR H 746 -19.00 44.03 -128.43
CA TYR H 746 -19.48 44.77 -127.27
C TYR H 746 -18.38 45.13 -126.29
N PHE H 747 -17.41 44.26 -126.07
CA PHE H 747 -16.30 44.51 -125.16
C PHE H 747 -15.11 45.06 -125.93
N ASN H 748 -14.53 46.15 -125.41
CA ASN H 748 -13.35 46.76 -126.01
C ASN H 748 -12.10 46.03 -125.52
N SER H 749 -11.24 45.63 -126.45
CA SER H 749 -10.03 44.90 -126.07
C SER H 749 -9.08 45.77 -125.26
N ARG H 750 -8.96 47.05 -125.61
CA ARG H 750 -8.03 47.92 -124.89
C ARG H 750 -8.49 48.13 -123.45
N LEU H 751 -9.78 48.33 -123.23
CA LEU H 751 -10.28 48.61 -121.89
C LEU H 751 -10.49 47.36 -121.05
N PHE H 752 -10.71 46.20 -121.68
CA PHE H 752 -10.98 44.97 -120.96
C PHE H 752 -9.95 43.89 -121.31
N GLY H 753 -8.71 44.29 -121.56
CA GLY H 753 -7.70 43.32 -121.95
C GLY H 753 -7.34 42.34 -120.85
N HIS H 754 -7.24 42.83 -119.61
CA HIS H 754 -6.79 41.98 -118.51
C HIS H 754 -7.76 40.84 -118.26
N ASP H 755 -9.05 41.16 -118.13
CA ASP H 755 -10.05 40.13 -117.82
C ASP H 755 -10.16 39.11 -118.95
N ILE H 756 -10.17 39.58 -120.20
CA ILE H 756 -10.30 38.68 -121.33
C ILE H 756 -9.07 37.77 -121.43
N GLU H 757 -7.88 38.34 -121.23
CA GLU H 757 -6.66 37.53 -121.26
C GLU H 757 -6.65 36.50 -120.15
N SER H 758 -7.09 36.89 -118.95
CA SER H 758 -7.13 35.95 -117.83
C SER H 758 -8.17 34.85 -118.06
N PHE H 759 -9.28 35.17 -118.73
CA PHE H 759 -10.30 34.16 -118.97
C PHE H 759 -9.89 33.19 -120.08
N ILE H 760 -9.28 33.70 -121.15
CA ILE H 760 -9.03 32.87 -122.33
C ILE H 760 -8.06 31.75 -122.00
N ASN H 761 -6.91 32.09 -121.39
CA ASN H 761 -5.90 31.07 -121.13
C ASN H 761 -6.33 30.11 -120.03
N ARG H 762 -7.17 30.57 -119.09
CA ARG H 762 -7.64 29.69 -118.03
C ARG H 762 -8.74 28.74 -118.49
N HIS H 763 -9.59 29.17 -119.43
CA HIS H 763 -10.72 28.37 -119.86
C HIS H 763 -10.53 27.79 -121.27
N LYS H 764 -9.33 27.89 -121.83
CA LYS H 764 -9.10 27.29 -123.14
C LYS H 764 -9.05 25.77 -123.05
N LYS H 765 -9.60 25.11 -124.07
CA LYS H 765 -9.67 23.66 -124.12
C LYS H 765 -8.98 23.16 -125.37
N PHE H 766 -8.22 22.07 -125.23
CA PHE H 766 -7.48 21.46 -126.33
C PHE H 766 -7.98 20.03 -126.52
N ALA H 767 -8.71 19.81 -127.61
CA ALA H 767 -9.16 18.47 -127.96
C ALA H 767 -8.20 17.78 -128.93
N ASN H 768 -7.69 18.51 -129.91
CA ASN H 768 -6.70 17.99 -130.85
C ASN H 768 -5.83 19.16 -131.31
N VAL H 769 -5.10 18.96 -132.41
CA VAL H 769 -4.24 20.01 -132.92
C VAL H 769 -5.05 21.21 -133.40
N SER H 770 -6.16 20.97 -134.09
CA SER H 770 -6.92 22.03 -134.74
C SER H 770 -8.24 22.33 -134.07
N ASP H 771 -9.08 21.32 -133.82
CA ASP H 771 -10.44 21.54 -133.34
C ASP H 771 -10.40 21.90 -131.86
N GLU H 772 -10.81 23.12 -131.53
CA GLU H 772 -10.93 23.58 -130.15
C GLU H 772 -12.31 24.19 -129.96
N TYR H 773 -12.92 23.92 -128.81
CA TYR H 773 -14.28 24.37 -128.55
C TYR H 773 -14.47 24.58 -127.05
N LEU H 774 -15.50 25.36 -126.72
CA LEU H 774 -15.87 25.62 -125.33
C LEU H 774 -17.35 25.29 -125.15
N GLN H 775 -17.69 24.84 -123.95
CA GLN H 775 -19.05 24.40 -123.65
C GLN H 775 -19.84 25.53 -122.98
N TYR H 776 -20.10 26.58 -123.76
CA TYR H 776 -20.83 27.75 -123.29
C TYR H 776 -21.90 28.12 -124.30
N ILE H 777 -23.00 28.68 -123.79
CA ILE H 777 -24.15 29.08 -124.60
C ILE H 777 -24.42 30.56 -124.36
N PHE H 778 -24.80 31.27 -125.41
CA PHE H 778 -25.13 32.69 -125.32
C PHE H 778 -26.63 32.86 -125.17
N ILE H 779 -27.04 33.63 -124.16
CA ILE H 779 -28.45 33.76 -123.83
C ILE H 779 -29.18 34.56 -124.90
N GLU H 780 -28.58 35.64 -125.38
CA GLU H 780 -29.27 36.56 -126.29
C GLU H 780 -29.66 35.92 -127.60
N ASP H 781 -29.08 34.76 -127.95
CA ASP H 781 -29.49 34.06 -129.16
C ASP H 781 -30.93 33.57 -129.05
N ILE H 782 -31.41 33.33 -127.84
CA ILE H 782 -32.79 32.89 -127.63
C ILE H 782 -33.61 34.01 -127.01
N TRP I 236 -19.96 -18.91 -39.64
CA TRP I 236 -18.91 -18.21 -40.35
C TRP I 236 -19.47 -17.47 -41.57
N GLU I 237 -19.19 -16.18 -41.65
CA GLU I 237 -19.69 -15.36 -42.75
C GLU I 237 -18.76 -15.43 -43.95
N PRO I 238 -19.29 -15.30 -45.16
CA PRO I 238 -18.42 -15.30 -46.35
C PRO I 238 -17.39 -14.19 -46.37
N GLY I 239 -17.72 -13.04 -45.79
CA GLY I 239 -16.78 -11.93 -45.74
C GLY I 239 -15.69 -12.05 -44.71
N PHE I 240 -15.73 -13.10 -43.89
CA PHE I 240 -14.72 -13.32 -42.86
C PHE I 240 -13.45 -13.85 -43.49
N ILE I 241 -12.38 -13.87 -42.69
CA ILE I 241 -11.16 -14.57 -43.07
C ILE I 241 -11.41 -16.06 -42.92
N SER I 242 -10.51 -16.88 -43.44
CA SER I 242 -10.69 -18.33 -43.37
C SER I 242 -10.67 -18.78 -41.91
N PHE I 243 -11.49 -19.81 -41.62
CA PHE I 243 -11.57 -20.31 -40.25
C PHE I 243 -10.24 -20.86 -39.77
N GLU I 244 -9.48 -21.49 -40.68
CA GLU I 244 -8.17 -22.01 -40.30
C GLU I 244 -7.21 -20.90 -39.93
N ASP I 245 -7.30 -19.74 -40.62
CA ASP I 245 -6.52 -18.58 -40.21
C ASP I 245 -6.88 -18.17 -38.78
N ALA I 246 -8.17 -18.16 -38.46
CA ALA I 246 -8.61 -17.77 -37.13
C ALA I 246 -8.07 -18.73 -36.06
N ILE I 247 -8.15 -20.04 -36.32
CA ILE I 247 -7.67 -20.98 -35.31
C ILE I 247 -6.15 -20.94 -35.20
N LYS I 248 -5.44 -20.68 -36.29
CA LYS I 248 -4.00 -20.50 -36.19
C LYS I 248 -3.66 -19.27 -35.36
N ARG I 249 -4.41 -18.17 -35.55
CA ARG I 249 -4.20 -16.99 -34.73
C ARG I 249 -4.45 -17.29 -33.26
N VAL I 250 -5.53 -18.02 -32.97
CA VAL I 250 -5.85 -18.38 -31.58
C VAL I 250 -4.75 -19.23 -30.98
N SER I 251 -4.24 -20.20 -31.74
CA SER I 251 -3.14 -21.03 -31.26
C SER I 251 -1.89 -20.20 -30.99
N LYS I 252 -1.59 -19.24 -31.89
CA LYS I 252 -0.43 -18.39 -31.70
C LYS I 252 -0.61 -17.42 -30.53
N ILE I 253 -1.85 -17.16 -30.12
CA ILE I 253 -2.08 -16.33 -28.94
C ILE I 253 -1.50 -16.99 -27.70
N PHE I 254 -1.73 -18.30 -27.56
CA PHE I 254 -1.34 -19.04 -26.37
C PHE I 254 0.09 -19.53 -26.48
N ILE I 255 0.91 -19.22 -25.47
CA ILE I 255 2.22 -19.84 -25.35
C ILE I 255 2.08 -21.33 -25.12
N ASN I 256 1.17 -21.71 -24.22
CA ASN I 256 0.95 -23.12 -23.92
C ASN I 256 0.25 -23.81 -25.09
N SER I 257 0.60 -25.08 -25.29
CA SER I 257 -0.01 -25.87 -26.36
C SER I 257 -1.46 -26.19 -26.01
N ILE I 258 -2.30 -26.25 -27.04
CA ILE I 258 -3.71 -26.58 -26.89
C ILE I 258 -3.89 -28.06 -27.18
N ILE I 259 -4.36 -28.81 -26.18
CA ILE I 259 -4.46 -30.26 -26.33
C ILE I 259 -5.55 -30.62 -27.32
N ASN I 260 -6.72 -29.97 -27.21
CA ASN I 260 -7.87 -30.28 -28.04
C ASN I 260 -8.01 -29.36 -29.23
N PHE I 261 -6.87 -28.83 -29.73
CA PHE I 261 -6.93 -27.87 -30.84
C PHE I 261 -7.48 -28.50 -32.11
N ASN I 262 -7.18 -29.78 -32.35
CA ASN I 262 -7.69 -30.46 -33.55
C ASN I 262 -9.19 -30.65 -33.51
N ASP I 263 -9.83 -30.50 -32.35
CA ASP I 263 -11.25 -30.78 -32.20
C ASP I 263 -12.14 -29.60 -32.56
N LEU I 264 -11.58 -28.42 -32.82
CA LEU I 264 -12.39 -27.25 -33.15
C LEU I 264 -12.73 -27.25 -34.62
N ASP I 265 -14.01 -27.00 -34.93
CA ASP I 265 -14.48 -26.84 -36.30
C ASP I 265 -15.33 -25.57 -36.37
N GLU I 266 -15.87 -25.29 -37.56
CA GLU I 266 -16.65 -24.08 -37.75
C GLU I 266 -17.96 -24.08 -36.98
N ASN I 267 -18.41 -25.23 -36.48
CA ASN I 267 -19.70 -25.31 -35.82
C ASN I 267 -19.60 -25.47 -34.31
N ASN I 268 -18.47 -25.95 -33.78
CA ASN I 268 -18.33 -26.18 -32.35
C ASN I 268 -17.27 -25.31 -31.68
N PHE I 269 -16.67 -24.37 -32.39
CA PHE I 269 -15.61 -23.56 -31.78
C PHE I 269 -16.16 -22.64 -30.70
N THR I 270 -17.44 -22.25 -30.80
CA THR I 270 -18.05 -21.42 -29.76
C THR I 270 -18.44 -22.22 -28.52
N THR I 271 -18.51 -23.55 -28.63
CA THR I 271 -18.98 -24.39 -27.52
C THR I 271 -17.88 -25.20 -26.85
N VAL I 272 -16.88 -25.66 -27.60
CA VAL I 272 -15.83 -26.50 -27.03
C VAL I 272 -14.82 -25.62 -26.30
N PRO I 273 -14.62 -25.81 -25.00
CA PRO I 273 -13.59 -25.04 -24.30
C PRO I 273 -12.20 -25.50 -24.67
N LEU I 274 -11.24 -24.60 -24.53
CA LEU I 274 -9.85 -24.90 -24.84
C LEU I 274 -9.21 -25.65 -23.67
N VAL I 275 -8.58 -26.79 -23.96
CA VAL I 275 -7.80 -27.52 -22.98
C VAL I 275 -6.37 -27.03 -23.10
N ILE I 276 -5.90 -26.29 -22.10
CA ILE I 276 -4.60 -25.64 -22.13
C ILE I 276 -3.68 -26.36 -21.14
N ASP I 277 -2.54 -26.82 -21.63
CA ASP I 277 -1.53 -27.48 -20.81
C ASP I 277 -0.61 -26.40 -20.26
N TYR I 278 -0.83 -26.00 -19.01
CA TYR I 278 -0.13 -24.88 -18.40
C TYR I 278 1.30 -25.27 -17.99
N VAL I 279 2.08 -25.66 -19.00
CA VAL I 279 3.51 -25.91 -18.77
C VAL I 279 4.22 -24.60 -18.47
N THR I 280 3.94 -23.57 -19.25
CA THR I 280 4.45 -22.22 -19.06
C THR I 280 3.39 -21.36 -18.39
N PRO I 281 3.76 -20.18 -17.90
CA PRO I 281 2.73 -19.26 -17.41
C PRO I 281 1.74 -18.95 -18.52
N CYS I 282 0.48 -18.79 -18.14
CA CYS I 282 -0.57 -18.53 -19.11
C CYS I 282 -0.24 -17.27 -19.91
N ALA I 283 -0.30 -17.38 -21.23
CA ALA I 283 -0.01 -16.23 -22.09
C ALA I 283 -0.98 -15.09 -21.88
N LEU I 284 -2.16 -15.37 -21.33
CA LEU I 284 -3.19 -14.35 -21.16
C LEU I 284 -3.00 -13.54 -19.88
N CYS I 285 -2.76 -14.22 -18.74
CA CYS I 285 -2.70 -13.55 -17.45
C CYS I 285 -1.50 -13.93 -16.59
N LYS I 286 -0.63 -14.83 -17.04
CA LYS I 286 0.62 -15.20 -16.38
C LYS I 286 0.42 -15.89 -15.05
N LYS I 287 -0.76 -16.45 -14.79
CA LYS I 287 -0.99 -17.19 -13.57
C LYS I 287 -0.50 -18.63 -13.70
N ARG I 288 -0.44 -19.32 -12.57
CA ARG I 288 0.04 -20.70 -12.56
C ARG I 288 -0.91 -21.60 -13.33
N SER I 289 -2.20 -21.54 -13.02
CA SER I 289 -3.20 -22.37 -13.68
C SER I 289 -4.57 -21.73 -13.47
N HIS I 290 -5.53 -22.19 -14.27
CA HIS I 290 -6.91 -21.71 -14.19
C HIS I 290 -7.81 -22.88 -13.79
N LYS I 291 -8.64 -22.65 -12.76
CA LYS I 291 -9.60 -23.67 -12.35
C LYS I 291 -10.64 -23.92 -13.44
N HIS I 292 -10.93 -22.90 -14.25
CA HIS I 292 -11.92 -23.01 -15.31
C HIS I 292 -11.26 -22.85 -16.68
N PRO I 293 -11.59 -23.71 -17.63
CA PRO I 293 -10.98 -23.61 -18.96
C PRO I 293 -11.49 -22.40 -19.74
N HIS I 294 -10.69 -21.99 -20.71
CA HIS I 294 -11.05 -20.87 -21.56
C HIS I 294 -12.03 -21.29 -22.65
N GLN I 295 -12.81 -20.34 -23.12
CA GLN I 295 -13.84 -20.60 -24.12
C GLN I 295 -13.80 -19.52 -25.19
N LEU I 296 -14.33 -19.87 -26.37
CA LEU I 296 -14.35 -18.98 -27.53
C LEU I 296 -15.77 -18.51 -27.81
N SER I 297 -15.87 -17.36 -28.47
CA SER I 297 -17.15 -16.80 -28.87
C SER I 297 -16.94 -15.84 -30.02
N LEU I 298 -17.93 -15.78 -30.91
CA LEU I 298 -17.90 -14.89 -32.07
C LEU I 298 -18.93 -13.78 -31.86
N GLU I 299 -18.46 -12.54 -31.74
CA GLU I 299 -19.32 -11.40 -31.51
C GLU I 299 -18.77 -10.19 -32.26
N ASN I 300 -19.65 -9.50 -32.99
CA ASN I 300 -19.33 -8.26 -33.68
C ASN I 300 -18.14 -8.45 -34.64
N GLY I 301 -18.10 -9.58 -35.31
CA GLY I 301 -17.07 -9.82 -36.30
C GLY I 301 -15.68 -10.09 -35.75
N ALA I 302 -15.58 -10.51 -34.49
CA ALA I 302 -14.28 -10.79 -33.90
C ALA I 302 -14.42 -11.96 -32.93
N ILE I 303 -13.39 -12.81 -32.90
CA ILE I 303 -13.37 -13.94 -31.98
C ILE I 303 -12.90 -13.45 -30.62
N ARG I 304 -13.69 -13.72 -29.58
CA ARG I 304 -13.38 -13.29 -28.23
C ARG I 304 -13.00 -14.51 -27.40
N ILE I 305 -11.80 -14.46 -26.82
CA ILE I 305 -11.28 -15.55 -25.97
C ILE I 305 -11.41 -15.10 -24.53
N TYR I 306 -12.11 -15.90 -23.72
CA TYR I 306 -12.37 -15.57 -22.34
C TYR I 306 -12.26 -16.82 -21.48
N LYS I 307 -12.13 -16.61 -20.18
CA LYS I 307 -12.08 -17.70 -19.21
C LYS I 307 -13.46 -17.91 -18.59
N THR I 308 -13.89 -19.17 -18.53
CA THR I 308 -15.17 -19.47 -17.92
C THR I 308 -15.12 -19.29 -16.41
N GLY I 309 -16.28 -19.42 -15.77
CA GLY I 309 -16.38 -19.16 -14.35
C GLY I 309 -16.44 -17.67 -14.07
N ASN I 310 -15.35 -17.10 -13.55
CA ASN I 310 -15.25 -15.67 -13.40
C ASN I 310 -14.28 -15.13 -14.45
N PRO I 311 -14.77 -14.49 -15.51
CA PRO I 311 -13.86 -13.98 -16.55
C PRO I 311 -12.99 -12.81 -16.10
N HIS I 312 -13.22 -12.25 -14.91
CA HIS I 312 -12.39 -11.15 -14.46
C HIS I 312 -10.99 -11.60 -14.05
N SER I 313 -10.80 -12.88 -13.76
CA SER I 313 -9.49 -13.37 -13.35
C SER I 313 -8.54 -13.57 -14.53
N CYS I 314 -9.02 -13.49 -15.76
CA CYS I 314 -8.17 -13.63 -16.94
C CYS I 314 -8.60 -12.63 -17.99
N LYS I 315 -7.64 -11.89 -18.55
CA LYS I 315 -7.96 -10.77 -19.43
C LYS I 315 -8.50 -11.26 -20.78
N VAL I 316 -9.53 -10.57 -21.28
CA VAL I 316 -10.13 -10.92 -22.57
C VAL I 316 -9.45 -10.13 -23.69
N LYS I 317 -8.96 -10.85 -24.70
CA LYS I 317 -8.39 -10.27 -25.91
C LYS I 317 -9.35 -10.48 -27.07
N ILE I 318 -9.30 -9.56 -28.05
CA ILE I 318 -10.18 -9.56 -29.22
C ILE I 318 -9.30 -9.71 -30.47
N VAL I 319 -9.69 -10.61 -31.37
CA VAL I 319 -9.00 -10.77 -32.64
C VAL I 319 -9.97 -10.50 -33.79
N PRO I 320 -9.79 -9.41 -34.52
CA PRO I 320 -10.62 -9.15 -35.70
C PRO I 320 -10.57 -10.31 -36.69
N LEU I 321 -11.74 -10.65 -37.23
CA LEU I 321 -11.85 -11.69 -38.24
C LEU I 321 -12.18 -11.13 -39.63
N ASP I 322 -12.43 -9.83 -39.76
CA ASP I 322 -12.58 -9.23 -41.07
C ASP I 322 -11.21 -9.06 -41.72
N GLY I 323 -11.16 -9.29 -43.02
CA GLY I 323 -9.92 -9.22 -43.79
C GLY I 323 -9.65 -7.81 -44.29
N ASN I 324 -9.08 -7.73 -45.49
CA ASN I 324 -8.77 -6.44 -46.10
C ASN I 324 -10.06 -5.78 -46.56
N LYS I 325 -10.47 -4.73 -45.84
CA LYS I 325 -11.70 -4.02 -46.20
C LYS I 325 -11.58 -3.39 -47.58
N LEU I 326 -10.42 -2.82 -47.89
CA LEU I 326 -10.21 -2.19 -49.19
C LEU I 326 -10.27 -3.22 -50.31
N PHE I 327 -9.73 -4.42 -50.08
CA PHE I 327 -9.83 -5.48 -51.08
C PHE I 327 -11.28 -5.86 -51.33
N ASN I 328 -12.08 -5.97 -50.26
CA ASN I 328 -13.49 -6.28 -50.44
C ASN I 328 -14.21 -5.18 -51.22
N ILE I 329 -13.90 -3.92 -50.91
CA ILE I 329 -14.50 -2.80 -51.65
C ILE I 329 -14.12 -2.86 -53.12
N ALA I 330 -12.85 -3.15 -53.40
CA ALA I 330 -12.38 -3.24 -54.78
C ALA I 330 -13.08 -4.37 -55.52
N GLN I 331 -13.24 -5.52 -54.86
CA GLN I 331 -13.94 -6.64 -55.49
C GLN I 331 -15.40 -6.30 -55.76
N ARG I 332 -16.06 -5.63 -54.79
CA ARG I 332 -17.44 -5.23 -54.98
C ARG I 332 -17.57 -4.27 -56.17
N ILE I 333 -16.64 -3.33 -56.29
CA ILE I 333 -16.63 -2.43 -57.44
C ILE I 333 -16.43 -3.22 -58.73
N LEU I 334 -15.52 -4.20 -58.70
CA LEU I 334 -15.20 -4.98 -59.88
C LEU I 334 -16.40 -5.80 -60.37
N ASP I 335 -17.20 -6.34 -59.45
CA ASP I 335 -18.38 -7.11 -59.89
C ASP I 335 -19.37 -6.26 -60.67
N THR I 336 -19.35 -4.93 -60.50
CA THR I 336 -20.26 -4.07 -61.25
C THR I 336 -19.88 -3.94 -62.72
N ASN I 337 -18.68 -4.36 -63.10
CA ASN I 337 -18.22 -4.27 -64.49
C ASN I 337 -18.33 -2.84 -65.02
N SER I 338 -17.94 -1.88 -64.18
CA SER I 338 -18.05 -0.47 -64.54
C SER I 338 -16.78 0.09 -65.17
N VAL I 339 -15.64 -0.61 -65.05
CA VAL I 339 -14.39 -0.20 -65.66
C VAL I 339 -13.77 -1.41 -66.35
N LEU I 340 -13.33 -1.23 -67.60
CA LEU I 340 -12.77 -2.31 -68.40
C LEU I 340 -11.49 -1.85 -69.07
N LEU I 341 -10.69 -2.83 -69.48
CA LEU I 341 -9.45 -2.57 -70.19
C LEU I 341 -9.73 -2.38 -71.69
N THR I 342 -9.03 -1.42 -72.29
CA THR I 342 -9.27 -1.04 -73.68
C THR I 342 -8.37 -1.78 -74.66
N GLU I 343 -7.58 -2.74 -74.18
CA GLU I 343 -6.61 -3.54 -74.94
C GLU I 343 -5.61 -2.69 -75.73
N ARG I 344 -5.50 -1.39 -75.42
CA ARG I 344 -4.43 -0.56 -75.96
C ARG I 344 -3.45 -0.09 -74.89
N GLY I 345 -3.85 -0.07 -73.63
CA GLY I 345 -2.97 0.36 -72.56
C GLY I 345 -3.61 1.39 -71.64
N ASP I 346 -4.86 1.74 -71.91
CA ASP I 346 -5.60 2.73 -71.14
C ASP I 346 -6.75 2.06 -70.40
N HIS I 347 -7.54 2.89 -69.71
CA HIS I 347 -8.71 2.43 -68.98
C HIS I 347 -9.91 3.27 -69.38
N ILE I 348 -11.06 2.63 -69.53
CA ILE I 348 -12.31 3.29 -69.90
C ILE I 348 -13.27 3.15 -68.73
N VAL I 349 -13.85 4.26 -68.30
CA VAL I 349 -14.62 4.34 -67.05
C VAL I 349 -16.02 4.84 -67.35
N TRP I 350 -17.00 4.27 -66.66
CA TRP I 350 -18.43 4.51 -66.91
C TRP I 350 -18.95 5.51 -65.88
N ILE I 351 -19.01 6.78 -66.27
CA ILE I 351 -19.57 7.84 -65.44
C ILE I 351 -20.73 8.48 -66.19
N ASN I 352 -21.70 9.00 -65.43
CA ASN I 352 -22.81 9.80 -65.95
C ASN I 352 -23.50 9.15 -67.15
N ASN I 353 -23.60 7.82 -67.13
CA ASN I 353 -24.24 7.05 -68.19
C ASN I 353 -23.54 7.27 -69.53
N SER I 354 -22.22 7.10 -69.53
CA SER I 354 -21.43 7.26 -70.74
C SER I 354 -20.13 6.50 -70.58
N TRP I 355 -19.48 6.24 -71.72
CA TRP I 355 -18.18 5.59 -71.76
C TRP I 355 -17.15 6.63 -72.21
N LYS I 356 -16.14 6.88 -71.38
CA LYS I 356 -15.13 7.87 -71.69
C LYS I 356 -13.74 7.30 -71.48
N PHE I 357 -12.80 7.76 -72.29
CA PHE I 357 -11.39 7.42 -72.18
C PHE I 357 -10.63 8.55 -71.50
N ASN I 358 -9.43 8.23 -71.02
CA ASN I 358 -8.55 9.23 -70.42
C ASN I 358 -7.13 8.69 -70.29
N SER I 359 -6.15 9.50 -70.69
CA SER I 359 -4.74 9.09 -70.64
C SER I 359 -3.90 9.91 -69.68
N GLU I 360 -4.36 11.08 -69.25
CA GLU I 360 -3.59 11.95 -68.37
C GLU I 360 -4.25 12.21 -67.03
N GLU I 361 -5.58 12.13 -66.94
CA GLU I 361 -6.18 12.41 -65.64
C GLU I 361 -6.68 11.11 -65.00
N PRO I 362 -6.43 10.92 -63.70
CA PRO I 362 -6.92 9.70 -63.03
C PRO I 362 -8.42 9.78 -62.79
N LEU I 363 -9.18 9.03 -63.58
CA LEU I 363 -10.64 9.05 -63.53
C LEU I 363 -11.23 7.87 -62.78
N ILE I 364 -10.43 6.88 -62.41
CA ILE I 364 -10.95 5.76 -61.63
C ILE I 364 -11.44 6.24 -60.27
N THR I 365 -10.73 7.20 -59.68
CA THR I 365 -11.13 7.75 -58.39
C THR I 365 -12.51 8.36 -58.45
N LYS I 366 -12.90 8.89 -59.61
CA LYS I 366 -14.26 9.41 -59.77
C LYS I 366 -15.29 8.31 -59.57
N LEU I 367 -15.08 7.15 -60.18
CA LEU I 367 -15.97 6.01 -59.95
C LEU I 367 -15.93 5.57 -58.49
N ILE I 368 -14.73 5.52 -57.91
CA ILE I 368 -14.57 5.04 -56.54
C ILE I 368 -15.33 5.94 -55.58
N LEU I 369 -15.40 7.24 -55.87
CA LEU I 369 -16.15 8.17 -55.05
C LEU I 369 -17.64 8.18 -55.38
N SER I 370 -18.00 7.93 -56.63
CA SER I 370 -19.40 8.00 -57.05
C SER I 370 -20.20 6.78 -56.61
N ILE I 371 -19.58 5.61 -56.54
CA ILE I 371 -20.30 4.39 -56.19
C ILE I 371 -20.37 4.28 -54.67
N ARG I 372 -19.99 5.36 -53.97
CA ARG I 372 -20.03 5.36 -52.51
C ARG I 372 -21.42 5.04 -51.98
N HIS I 373 -22.47 5.43 -52.70
CA HIS I 373 -23.83 5.25 -52.20
C HIS I 373 -24.30 3.80 -52.33
N GLN I 374 -24.11 3.20 -53.51
CA GLN I 374 -24.64 1.86 -53.75
C GLN I 374 -23.92 0.81 -52.92
N LEU I 375 -22.63 1.00 -52.64
CA LEU I 375 -21.91 0.05 -51.82
C LEU I 375 -22.43 0.08 -50.38
N PRO I 376 -22.27 -1.01 -49.62
CA PRO I 376 -22.87 -1.08 -48.29
C PRO I 376 -22.35 0.02 -47.37
N LYS I 377 -23.22 0.43 -46.44
CA LYS I 377 -22.99 1.63 -45.65
C LYS I 377 -21.71 1.53 -44.82
N GLU I 378 -21.45 0.36 -44.24
CA GLU I 378 -20.32 0.24 -43.32
C GLU I 378 -18.98 0.52 -43.99
N TYR I 379 -18.89 0.34 -45.31
CA TYR I 379 -17.68 0.71 -46.05
C TYR I 379 -17.71 2.12 -46.59
N SER I 380 -18.86 2.82 -46.47
CA SER I 380 -19.01 4.13 -47.12
C SER I 380 -18.15 5.19 -46.46
N SER I 381 -18.09 5.20 -45.12
CA SER I 381 -17.41 6.27 -44.40
C SER I 381 -15.90 6.26 -44.68
N GLU I 382 -15.33 5.09 -44.95
CA GLU I 382 -13.90 4.98 -45.20
C GLU I 382 -13.50 5.47 -46.58
N LEU I 383 -14.45 5.84 -47.43
CA LEU I 383 -14.20 6.20 -48.80
C LEU I 383 -13.83 7.67 -48.99
N LEU I 384 -13.79 8.45 -47.91
CA LEU I 384 -13.53 9.88 -48.02
C LEU I 384 -12.06 10.23 -48.01
N CYS I 385 -11.22 9.43 -47.38
CA CYS I 385 -9.78 9.72 -47.33
C CYS I 385 -9.17 9.47 -48.70
N PRO I 386 -8.45 10.44 -49.28
CA PRO I 386 -7.86 10.23 -50.61
C PRO I 386 -6.88 9.07 -50.67
N ARG I 387 -6.12 8.85 -49.59
CA ARG I 387 -5.15 7.75 -49.57
C ARG I 387 -5.83 6.40 -49.73
N LYS I 388 -6.96 6.21 -49.05
CA LYS I 388 -7.72 4.97 -49.20
C LYS I 388 -8.22 4.81 -50.63
N ARG I 389 -8.65 5.90 -51.26
CA ARG I 389 -9.10 5.83 -52.64
C ARG I 389 -7.96 5.45 -53.58
N LYS I 390 -6.77 6.00 -53.35
CA LYS I 390 -5.61 5.60 -54.15
C LYS I 390 -5.27 4.13 -53.97
N THR I 391 -5.35 3.65 -52.72
CA THR I 391 -5.10 2.23 -52.48
C THR I 391 -6.13 1.36 -53.19
N VAL I 392 -7.40 1.77 -53.15
CA VAL I 392 -8.45 1.01 -53.83
C VAL I 392 -8.22 1.01 -55.34
N GLU I 393 -7.79 2.15 -55.89
CA GLU I 393 -7.48 2.19 -57.33
C GLU I 393 -6.32 1.28 -57.67
N ALA I 394 -5.29 1.26 -56.83
CA ALA I 394 -4.16 0.36 -57.05
C ALA I 394 -4.59 -1.09 -57.01
N ASN I 395 -5.49 -1.43 -56.08
CA ASN I 395 -6.04 -2.78 -56.06
C ASN I 395 -6.83 -3.07 -57.33
N ILE I 396 -7.62 -2.10 -57.78
CA ILE I 396 -8.45 -2.29 -58.97
C ILE I 396 -7.60 -2.57 -60.20
N ARG I 397 -6.50 -1.84 -60.34
CA ARG I 397 -5.63 -2.03 -61.49
C ARG I 397 -4.89 -3.37 -61.46
N ASP I 398 -4.98 -4.12 -60.36
CA ASP I 398 -4.24 -5.36 -60.20
C ASP I 398 -5.04 -6.61 -60.56
N MET I 399 -6.37 -6.55 -60.58
CA MET I 399 -7.18 -7.71 -60.92
C MET I 399 -7.79 -7.59 -62.31
N LEU I 400 -7.30 -6.67 -63.14
CA LEU I 400 -7.75 -6.53 -64.52
C LEU I 400 -6.64 -7.08 -65.42
N VAL I 401 -6.83 -8.30 -65.89
CA VAL I 401 -5.81 -8.99 -66.68
C VAL I 401 -6.31 -9.23 -68.10
N ASP I 402 -7.62 -9.36 -68.25
CA ASP I 402 -8.21 -9.62 -69.56
C ASP I 402 -8.43 -8.32 -70.31
N SER I 403 -8.66 -8.45 -71.62
CA SER I 403 -8.85 -7.31 -72.49
C SER I 403 -10.11 -7.50 -73.33
N VAL I 404 -10.79 -6.39 -73.63
CA VAL I 404 -11.99 -6.38 -74.44
C VAL I 404 -11.85 -5.33 -75.52
N GLU I 405 -12.64 -5.49 -76.58
CA GLU I 405 -12.64 -4.58 -77.72
C GLU I 405 -13.92 -3.76 -77.75
N THR I 406 -13.77 -2.47 -77.99
CA THR I 406 -14.90 -1.55 -78.08
C THR I 406 -15.26 -1.28 -79.54
N ASP I 407 -16.50 -0.84 -79.74
CA ASP I 407 -17.04 -0.54 -81.07
C ASP I 407 -16.91 -1.77 -81.99
N THR I 408 -17.65 -2.80 -81.60
CA THR I 408 -17.70 -4.04 -82.36
C THR I 408 -19.03 -4.29 -83.04
N TYR I 409 -20.11 -3.71 -82.53
CA TYR I 409 -21.42 -3.88 -83.15
C TYR I 409 -21.61 -2.84 -84.25
N PRO I 410 -21.78 -3.25 -85.51
CA PRO I 410 -21.96 -2.27 -86.60
C PRO I 410 -23.41 -1.91 -86.91
N ASP I 411 -24.37 -2.41 -86.15
CA ASP I 411 -25.78 -2.12 -86.37
C ASP I 411 -26.40 -1.33 -85.22
N LYS I 412 -25.60 -0.50 -84.56
CA LYS I 412 -26.05 0.28 -83.41
C LYS I 412 -25.85 1.76 -83.70
N LEU I 413 -26.85 2.56 -83.34
CA LEU I 413 -26.77 4.01 -83.50
C LEU I 413 -26.58 4.67 -82.14
N PRO I 414 -25.37 5.15 -81.82
CA PRO I 414 -25.16 5.76 -80.51
C PRO I 414 -25.86 7.11 -80.40
N PHE I 415 -26.16 7.48 -79.15
CA PHE I 415 -26.79 8.75 -78.85
C PHE I 415 -26.28 9.23 -77.50
N LYS I 416 -26.58 10.49 -77.18
CA LYS I 416 -26.14 11.07 -75.92
C LYS I 416 -26.75 10.34 -74.73
N ASN I 417 -28.03 10.00 -74.82
CA ASN I 417 -28.76 9.41 -73.69
C ASN I 417 -29.06 7.92 -73.90
N GLY I 418 -28.44 7.29 -74.90
CA GLY I 418 -28.66 5.88 -75.10
C GLY I 418 -28.12 5.42 -76.43
N VAL I 419 -28.52 4.20 -76.81
CA VAL I 419 -28.11 3.57 -78.06
C VAL I 419 -29.36 3.06 -78.77
N LEU I 420 -29.45 3.31 -80.07
CA LEU I 420 -30.60 2.94 -80.88
C LEU I 420 -30.24 1.76 -81.77
N ASP I 421 -31.10 0.75 -81.77
CA ASP I 421 -30.96 -0.42 -82.65
C ASP I 421 -31.88 -0.25 -83.84
N LEU I 422 -31.35 -0.51 -85.04
CA LEU I 422 -32.11 -0.30 -86.27
C LEU I 422 -32.77 -1.56 -86.81
N VAL I 423 -32.23 -2.74 -86.47
CA VAL I 423 -32.81 -3.98 -86.99
C VAL I 423 -34.20 -4.20 -86.41
N ASP I 424 -34.42 -3.81 -85.15
CA ASP I 424 -35.71 -3.94 -84.51
C ASP I 424 -36.37 -2.62 -84.14
N GLY I 425 -35.60 -1.54 -83.99
CA GLY I 425 -36.18 -0.25 -83.69
C GLY I 425 -36.61 -0.08 -82.24
N MET I 426 -35.65 -0.14 -81.32
CA MET I 426 -35.94 -0.01 -79.90
C MET I 426 -34.75 0.64 -79.21
N PHE I 427 -35.02 1.72 -78.49
CA PHE I 427 -33.99 2.61 -77.95
C PHE I 427 -33.65 2.24 -76.52
N TYR I 428 -32.41 1.84 -76.29
CA TYR I 428 -31.92 1.45 -74.98
C TYR I 428 -31.30 2.67 -74.31
N SER I 429 -31.84 3.04 -73.14
CA SER I 429 -31.34 4.18 -72.39
C SER I 429 -31.11 3.77 -70.95
N GLY I 430 -29.96 4.16 -70.41
CA GLY I 430 -29.64 3.85 -69.03
C GLY I 430 -28.66 2.69 -68.87
N ASP I 431 -28.84 1.89 -67.82
CA ASP I 431 -27.94 0.77 -67.58
C ASP I 431 -28.06 -0.32 -68.63
N ASP I 432 -29.22 -0.42 -69.28
CA ASP I 432 -29.41 -1.43 -70.31
C ASP I 432 -28.55 -1.19 -71.55
N ALA I 433 -28.03 0.03 -71.74
CA ALA I 433 -27.14 0.34 -72.84
C ALA I 433 -25.67 0.23 -72.47
N LYS I 434 -25.37 -0.18 -71.23
CA LYS I 434 -23.98 -0.33 -70.82
C LYS I 434 -23.31 -1.50 -71.52
N LYS I 435 -24.09 -2.48 -71.97
CA LYS I 435 -23.52 -3.64 -72.66
C LYS I 435 -22.81 -3.21 -73.94
N TYR I 436 -23.43 -2.32 -74.72
CA TYR I 436 -22.85 -1.87 -75.97
C TYR I 436 -21.74 -0.88 -75.69
N THR I 437 -20.50 -1.28 -75.99
CA THR I 437 -19.32 -0.45 -75.71
C THR I 437 -19.13 0.54 -76.84
N CYS I 438 -19.77 1.69 -76.72
CA CYS I 438 -19.67 2.77 -77.69
C CYS I 438 -19.00 3.98 -77.03
N THR I 439 -17.95 4.49 -77.67
CA THR I 439 -17.21 5.63 -77.15
C THR I 439 -17.53 6.92 -77.88
N VAL I 440 -18.51 6.91 -78.77
CA VAL I 440 -18.90 8.09 -79.54
C VAL I 440 -20.41 8.29 -79.43
N SER I 441 -20.84 9.50 -79.75
CA SER I 441 -22.25 9.85 -79.70
C SER I 441 -22.54 10.93 -80.72
N THR I 442 -23.81 11.04 -81.09
CA THR I 442 -24.23 12.05 -82.06
C THR I 442 -24.17 13.46 -81.47
N GLY I 443 -24.10 13.59 -80.16
CA GLY I 443 -24.05 14.89 -79.52
C GLY I 443 -25.38 15.49 -79.15
N PHE I 444 -26.49 14.80 -79.46
CA PHE I 444 -27.82 15.29 -79.12
C PHE I 444 -28.66 14.13 -78.59
N LYS I 445 -29.67 14.48 -77.80
CA LYS I 445 -30.53 13.48 -77.17
C LYS I 445 -31.58 12.99 -78.16
N PHE I 446 -32.34 11.98 -77.72
CA PHE I 446 -33.39 11.36 -78.53
C PHE I 446 -34.74 11.72 -77.94
N ASP I 447 -35.66 12.16 -78.79
CA ASP I 447 -37.02 12.54 -78.38
C ASP I 447 -38.00 11.63 -79.08
N ASP I 448 -38.67 10.76 -78.31
CA ASP I 448 -39.62 9.82 -78.89
C ASP I 448 -40.85 10.51 -79.46
N THR I 449 -41.18 11.72 -78.99
CA THR I 449 -42.34 12.43 -79.49
C THR I 449 -42.19 12.79 -80.97
N LYS I 450 -40.99 13.23 -81.36
CA LYS I 450 -40.77 13.59 -82.76
C LYS I 450 -40.71 12.36 -83.66
N PHE I 451 -40.26 11.22 -83.12
CA PHE I 451 -40.13 10.00 -83.90
C PHE I 451 -41.48 9.28 -83.93
N VAL I 452 -42.39 9.82 -84.75
CA VAL I 452 -43.74 9.30 -84.89
C VAL I 452 -44.04 9.11 -86.37
N GLU I 453 -45.21 8.52 -86.64
CA GLU I 453 -45.59 8.20 -88.01
C GLU I 453 -45.90 9.47 -88.81
N ASP I 454 -46.70 10.37 -88.25
CA ASP I 454 -47.23 11.52 -88.96
C ASP I 454 -46.84 12.81 -88.26
N SER I 455 -46.42 13.80 -89.07
CA SER I 455 -46.08 15.14 -88.60
C SER I 455 -46.04 16.05 -89.80
N PRO I 456 -46.51 17.30 -89.70
CA PRO I 456 -46.54 18.15 -90.90
C PRO I 456 -45.18 18.34 -91.56
N GLU I 457 -44.12 18.51 -90.75
CA GLU I 457 -42.77 18.60 -91.31
C GLU I 457 -42.39 17.28 -91.97
N MET I 458 -42.81 16.16 -91.38
CA MET I 458 -42.52 14.86 -91.95
C MET I 458 -43.12 14.76 -93.35
N GLU I 459 -44.39 15.12 -93.49
CA GLU I 459 -45.05 15.08 -94.79
C GLU I 459 -44.38 16.03 -95.77
N GLU I 460 -44.03 17.23 -95.32
CA GLU I 460 -43.33 18.17 -96.20
C GLU I 460 -42.06 17.55 -96.74
N LEU I 461 -41.27 16.92 -95.86
CA LEU I 461 -40.01 16.34 -96.30
C LEU I 461 -40.22 15.19 -97.27
N MET I 462 -41.23 14.33 -97.02
CA MET I 462 -41.46 13.27 -97.99
C MET I 462 -41.91 13.82 -99.34
N ASN I 463 -42.74 14.87 -99.35
CA ASN I 463 -43.12 15.45 -100.65
C ASN I 463 -41.90 15.99 -101.37
N ILE I 464 -41.01 16.70 -100.65
CA ILE I 464 -39.82 17.25 -101.28
C ILE I 464 -38.96 16.14 -101.86
N ILE I 465 -38.80 15.03 -101.11
CA ILE I 465 -37.96 13.94 -101.57
C ILE I 465 -38.59 13.24 -102.77
N ASN I 466 -39.89 12.97 -102.71
CA ASN I 466 -40.55 12.11 -103.69
C ASN I 466 -40.86 12.85 -105.00
N ASP I 467 -41.17 14.15 -104.94
CA ASP I 467 -41.55 14.85 -106.17
C ASP I 467 -40.41 14.90 -107.17
N ILE I 468 -39.18 15.09 -106.69
CA ILE I 468 -38.04 15.21 -107.60
C ILE I 468 -37.79 13.89 -108.32
N GLN I 469 -37.87 12.77 -107.61
CA GLN I 469 -37.72 11.46 -108.24
C GLN I 469 -39.02 10.68 -108.11
N PRO I 470 -39.89 10.69 -109.12
CA PRO I 470 -41.12 9.88 -109.05
C PRO I 470 -40.79 8.40 -108.97
N LEU I 471 -41.65 7.67 -108.26
CA LEU I 471 -41.49 6.21 -108.09
C LEU I 471 -42.14 5.49 -109.26
N THR I 472 -41.51 5.62 -110.42
CA THR I 472 -41.99 5.03 -111.66
C THR I 472 -41.00 3.97 -112.14
N ASP I 473 -41.43 3.21 -113.15
CA ASP I 473 -40.59 2.15 -113.69
C ASP I 473 -39.35 2.70 -114.38
N GLU I 474 -39.44 3.92 -114.95
CA GLU I 474 -38.28 4.52 -115.57
C GLU I 474 -37.18 4.82 -114.55
N ASN I 475 -37.57 5.11 -113.32
CA ASN I 475 -36.64 5.45 -112.25
C ASN I 475 -36.37 4.26 -111.32
N LYS I 476 -36.86 3.06 -111.66
CA LYS I 476 -36.89 1.95 -110.72
C LYS I 476 -35.49 1.54 -110.29
N LYS I 477 -34.59 1.28 -111.24
CA LYS I 477 -33.23 0.91 -110.89
C LYS I 477 -32.49 2.08 -110.26
N ASN I 478 -32.72 3.29 -110.79
CA ASN I 478 -32.14 4.49 -110.19
C ASN I 478 -32.66 4.70 -108.77
N ARG I 479 -33.96 4.48 -108.56
CA ARG I 479 -34.50 4.60 -107.21
C ARG I 479 -33.91 3.55 -106.28
N GLU I 480 -33.68 2.33 -106.78
CA GLU I 480 -33.02 1.31 -105.97
C GLU I 480 -31.62 1.76 -105.57
N LEU I 481 -30.87 2.30 -106.52
CA LEU I 481 -29.52 2.78 -106.22
C LEU I 481 -29.54 3.91 -105.21
N TYR I 482 -30.46 4.85 -105.37
CA TYR I 482 -30.56 5.99 -104.45
C TYR I 482 -30.96 5.52 -103.05
N GLU I 483 -31.91 4.59 -102.97
CA GLU I 483 -32.35 4.08 -101.67
C GLU I 483 -31.25 3.28 -100.99
N LYS I 484 -30.45 2.56 -101.77
CA LYS I 484 -29.38 1.75 -101.20
C LYS I 484 -28.17 2.57 -100.76
N THR I 485 -27.81 3.62 -101.52
CA THR I 485 -26.62 4.38 -101.19
C THR I 485 -26.78 5.23 -99.93
N LEU I 486 -27.98 5.73 -99.66
CA LEU I 486 -28.19 6.54 -98.47
C LEU I 486 -28.30 5.69 -97.21
N SER I 487 -28.71 4.43 -97.35
CA SER I 487 -28.82 3.55 -96.18
C SER I 487 -27.45 3.20 -95.61
N SER I 488 -26.41 3.22 -96.44
CA SER I 488 -25.07 2.85 -95.98
C SER I 488 -24.47 3.90 -95.05
N CYS I 489 -25.02 5.11 -95.01
CA CYS I 489 -24.47 6.15 -94.16
C CYS I 489 -24.66 5.84 -92.68
N LEU I 490 -25.64 5.01 -92.32
CA LEU I 490 -25.91 4.68 -90.93
C LEU I 490 -25.27 3.37 -90.50
N CYS I 491 -24.90 2.49 -91.45
CA CYS I 491 -24.28 1.23 -91.08
C CYS I 491 -22.87 1.46 -90.57
N GLY I 492 -22.48 0.67 -89.57
CA GLY I 492 -21.17 0.76 -88.96
C GLY I 492 -20.12 -0.14 -89.58
N ALA I 493 -20.43 -0.81 -90.68
CA ALA I 493 -19.46 -1.70 -91.32
C ALA I 493 -18.38 -0.89 -92.03
N THR I 494 -17.23 -1.54 -92.21
CA THR I 494 -16.09 -0.92 -92.89
C THR I 494 -16.16 -1.23 -94.37
N LYS I 495 -16.50 -0.21 -95.17
CA LYS I 495 -16.57 -0.35 -96.62
C LYS I 495 -15.94 0.88 -97.27
N GLY I 496 -15.41 0.68 -98.47
CA GLY I 496 -14.76 1.75 -99.19
C GLY I 496 -15.23 1.90 -100.62
N CYS I 497 -16.51 1.66 -100.87
CA CYS I 497 -17.08 1.76 -102.21
C CYS I 497 -17.59 3.19 -102.41
N LEU I 498 -16.89 3.95 -103.25
CA LEU I 498 -17.27 5.32 -103.51
C LEU I 498 -18.54 5.39 -104.35
N THR I 499 -19.35 6.42 -104.10
CA THR I 499 -20.59 6.65 -104.82
C THR I 499 -20.57 8.02 -105.47
N PHE I 500 -21.03 8.09 -106.71
CA PHE I 500 -21.04 9.33 -107.48
C PHE I 500 -22.47 9.79 -107.73
N PHE I 501 -22.70 11.09 -107.55
CA PHE I 501 -23.98 11.71 -107.84
C PHE I 501 -23.83 12.63 -109.05
N PHE I 502 -24.67 12.43 -110.05
CA PHE I 502 -24.61 13.18 -111.29
C PHE I 502 -26.00 13.69 -111.66
N GLY I 503 -26.07 14.88 -112.20
CA GLY I 503 -27.33 15.45 -112.62
C GLY I 503 -27.29 16.96 -112.64
N GLU I 504 -28.35 17.54 -113.19
CA GLU I 504 -28.46 18.98 -113.28
C GLU I 504 -28.72 19.58 -111.89
N THR I 505 -28.19 20.78 -111.67
CA THR I 505 -28.30 21.44 -110.38
C THR I 505 -29.73 21.90 -110.13
N ALA I 506 -29.94 22.53 -108.96
CA ALA I 506 -31.25 23.03 -108.55
C ALA I 506 -32.30 21.92 -108.54
N THR I 507 -31.88 20.72 -108.15
CA THR I 507 -32.77 19.57 -108.08
C THR I 507 -32.77 18.95 -106.69
N GLY I 508 -32.38 19.71 -105.67
CA GLY I 508 -32.34 19.21 -104.31
C GLY I 508 -31.11 18.42 -103.94
N LYS I 509 -30.19 18.22 -104.88
CA LYS I 509 -28.98 17.46 -104.58
C LYS I 509 -28.11 18.17 -103.55
N SER I 510 -27.95 19.49 -103.68
CA SER I 510 -27.13 20.24 -102.74
C SER I 510 -27.82 20.43 -101.40
N THR I 511 -29.15 20.37 -101.35
CA THR I 511 -29.87 20.55 -100.10
C THR I 511 -29.66 19.37 -99.16
N THR I 512 -29.42 18.17 -99.71
CA THR I 512 -29.33 16.96 -98.90
C THR I 512 -28.14 16.98 -97.95
N LYS I 513 -27.09 17.74 -98.25
CA LYS I 513 -25.90 17.75 -97.38
C LYS I 513 -26.25 18.28 -96.00
N ARG I 514 -26.98 19.39 -95.93
CA ARG I 514 -27.39 19.91 -94.64
C ARG I 514 -28.38 18.98 -93.95
N LEU I 515 -29.17 18.22 -94.72
CA LEU I 515 -30.04 17.21 -94.12
C LEU I 515 -29.22 16.13 -93.44
N LEU I 516 -28.16 15.64 -94.09
CA LEU I 516 -27.27 14.68 -93.46
C LEU I 516 -26.62 15.26 -92.22
N LYS I 517 -26.17 16.52 -92.30
CA LYS I 517 -25.52 17.14 -91.16
C LYS I 517 -26.48 17.26 -89.97
N SER I 518 -27.73 17.66 -90.24
CA SER I 518 -28.72 17.76 -89.16
C SER I 518 -29.06 16.39 -88.60
N ALA I 519 -29.16 15.37 -89.45
CA ALA I 519 -29.59 14.05 -88.99
C ALA I 519 -28.49 13.37 -88.17
N ILE I 520 -27.34 13.12 -88.79
CA ILE I 520 -26.28 12.39 -88.10
C ILE I 520 -25.66 13.26 -87.01
N GLY I 521 -25.37 14.51 -87.32
CA GLY I 521 -24.86 15.45 -86.33
C GLY I 521 -23.34 15.40 -86.25
N ASP I 522 -22.81 15.04 -85.07
CA ASP I 522 -21.37 15.07 -84.84
C ASP I 522 -20.66 14.06 -85.73
N LEU I 523 -21.25 12.87 -85.90
CA LEU I 523 -20.59 11.82 -86.67
C LEU I 523 -20.37 12.24 -88.12
N PHE I 524 -21.33 12.96 -88.70
CA PHE I 524 -21.21 13.42 -90.07
C PHE I 524 -20.23 14.58 -90.14
N VAL I 525 -19.26 14.48 -91.05
CA VAL I 525 -18.27 15.52 -91.27
C VAL I 525 -18.16 15.77 -92.77
N GLU I 526 -18.25 17.03 -93.17
CA GLU I 526 -18.18 17.40 -94.57
C GLU I 526 -16.84 18.07 -94.88
N THR I 527 -16.43 17.96 -96.14
CA THR I 527 -15.17 18.57 -96.59
C THR I 527 -15.26 18.78 -98.10
N GLY I 528 -14.23 19.42 -98.63
CA GLY I 528 -14.17 19.76 -100.03
C GLY I 528 -13.24 18.87 -100.83
N GLN I 529 -12.79 19.39 -101.98
CA GLN I 529 -11.92 18.66 -102.89
C GLN I 529 -10.46 18.71 -102.51
N THR I 530 -10.11 19.43 -101.43
CA THR I 530 -8.72 19.54 -101.03
C THR I 530 -8.13 18.19 -100.68
N ILE I 531 -8.89 17.34 -100.00
CA ILE I 531 -8.40 16.01 -99.63
C ILE I 531 -8.16 15.17 -100.88
N LEU I 532 -9.00 15.33 -101.90
CA LEU I 532 -8.83 14.58 -103.13
C LEU I 532 -7.65 15.09 -103.95
N THR I 533 -7.35 16.39 -103.85
CA THR I 533 -6.24 16.94 -104.62
C THR I 533 -4.89 16.58 -104.03
N ASP I 534 -4.69 16.83 -102.74
CA ASP I 534 -3.40 16.64 -102.12
C ASP I 534 -3.12 15.16 -101.86
N VAL I 535 -1.83 14.84 -101.69
CA VAL I 535 -1.43 13.48 -101.37
C VAL I 535 -1.61 13.25 -99.87
N LEU I 536 -2.29 12.15 -99.52
CA LEU I 536 -2.55 11.87 -98.11
C LEU I 536 -1.27 11.55 -97.34
N ASP I 537 -0.26 11.01 -98.02
CA ASP I 537 0.93 10.54 -97.32
C ASP I 537 1.80 11.69 -96.82
N LYS I 538 2.04 12.71 -97.65
CA LYS I 538 2.99 13.75 -97.29
C LYS I 538 2.39 14.69 -96.26
N GLY I 539 3.23 15.13 -95.33
CA GLY I 539 2.83 16.06 -94.29
C GLY I 539 1.78 15.50 -93.35
N PRO I 540 1.36 16.30 -92.38
CA PRO I 540 0.29 15.87 -91.47
C PRO I 540 -1.08 16.22 -92.02
N ASN I 541 -1.94 15.21 -92.18
CA ASN I 541 -3.29 15.43 -92.70
C ASN I 541 -4.29 15.34 -91.56
N PRO I 542 -4.89 16.45 -91.12
CA PRO I 542 -5.87 16.37 -90.03
C PRO I 542 -7.09 15.54 -90.36
N PHE I 543 -7.50 15.50 -91.63
CA PHE I 543 -8.68 14.74 -92.02
C PHE I 543 -8.47 13.25 -91.80
N ILE I 544 -7.28 12.74 -92.10
CA ILE I 544 -6.99 11.32 -91.90
C ILE I 544 -7.07 10.97 -90.43
N ALA I 545 -6.49 11.82 -89.56
CA ALA I 545 -6.55 11.57 -88.12
C ALA I 545 -7.98 11.64 -87.61
N ASN I 546 -8.77 12.59 -88.10
CA ASN I 546 -10.15 12.77 -87.67
C ASN I 546 -11.09 11.79 -88.35
N MET I 547 -10.62 10.99 -89.31
CA MET I 547 -11.47 10.03 -89.99
C MET I 547 -11.92 8.94 -89.03
N HIS I 548 -11.15 8.67 -87.98
CA HIS I 548 -11.45 7.56 -87.07
C HIS I 548 -12.83 7.73 -86.44
N LEU I 549 -13.59 6.64 -86.42
CA LEU I 549 -14.93 6.57 -85.82
C LEU I 549 -15.83 7.67 -86.38
N LYS I 550 -16.04 7.62 -87.70
CA LYS I 550 -16.95 8.50 -88.40
C LYS I 550 -17.78 7.68 -89.37
N ARG I 551 -19.08 7.61 -89.14
CA ARG I 551 -19.94 6.75 -89.97
C ARG I 551 -20.02 7.26 -91.40
N SER I 552 -20.32 8.54 -91.58
CA SER I 552 -20.48 9.11 -92.92
C SER I 552 -19.67 10.39 -93.01
N VAL I 553 -18.87 10.50 -94.08
CA VAL I 553 -18.07 11.69 -94.35
C VAL I 553 -18.33 12.13 -95.78
N PHE I 554 -18.87 13.33 -95.96
CA PHE I 554 -19.07 13.86 -97.29
C PHE I 554 -17.73 14.22 -97.91
N CYS I 555 -17.49 13.74 -99.13
CA CYS I 555 -16.16 13.86 -99.72
C CYS I 555 -15.93 15.22 -100.34
N SER I 556 -16.69 15.56 -101.38
CA SER I 556 -16.47 16.80 -102.11
C SER I 556 -17.71 17.18 -102.87
N GLU I 557 -17.77 18.45 -103.28
CA GLU I 557 -18.80 18.99 -104.15
C GLU I 557 -18.19 19.59 -105.41
N LEU I 558 -17.10 19.00 -105.88
CA LEU I 558 -16.29 19.59 -106.94
C LEU I 558 -17.07 19.66 -108.26
N PRO I 559 -16.81 20.69 -109.07
CA PRO I 559 -17.41 20.76 -110.40
C PRO I 559 -16.66 19.92 -111.42
N ASP I 560 -17.02 20.07 -112.70
CA ASP I 560 -16.38 19.31 -113.77
C ASP I 560 -14.87 19.55 -113.77
N PHE I 561 -14.11 18.48 -113.93
CA PHE I 561 -12.65 18.53 -113.97
C PHE I 561 -12.09 18.42 -115.38
N ALA I 562 -12.94 18.24 -116.39
CA ALA I 562 -12.44 18.14 -117.75
C ALA I 562 -11.89 19.47 -118.26
N CYS I 563 -12.31 20.59 -117.68
CA CYS I 563 -11.80 21.89 -118.08
C CYS I 563 -10.32 22.01 -117.70
N SER I 564 -9.58 22.77 -118.50
CA SER I 564 -8.17 22.97 -118.25
C SER I 564 -7.94 23.84 -117.01
N GLY I 565 -6.71 23.78 -116.49
CA GLY I 565 -6.35 24.53 -115.31
C GLY I 565 -6.64 23.84 -113.99
N SER I 566 -7.18 22.63 -114.02
CA SER I 566 -7.49 21.88 -112.81
C SER I 566 -6.84 20.51 -112.88
N LYS I 567 -6.24 20.08 -111.77
CA LYS I 567 -5.57 18.80 -111.73
C LYS I 567 -6.58 17.65 -111.83
N LYS I 568 -6.19 16.58 -112.53
CA LYS I 568 -7.06 15.44 -112.68
C LYS I 568 -7.15 14.65 -111.39
N ILE I 569 -8.18 13.80 -111.31
CA ILE I 569 -8.41 12.99 -110.11
C ILE I 569 -7.42 11.82 -110.12
N ARG I 570 -6.68 11.68 -109.03
CA ARG I 570 -5.68 10.62 -108.90
C ARG I 570 -6.29 9.41 -108.20
N SER I 571 -6.01 8.22 -108.75
CA SER I 571 -6.55 6.98 -108.23
C SER I 571 -5.68 6.35 -107.14
N ASP I 572 -4.53 6.95 -106.83
CA ASP I 572 -3.66 6.39 -105.80
C ASP I 572 -4.27 6.51 -104.41
N ASN I 573 -5.00 7.59 -104.14
CA ASN I 573 -5.58 7.77 -102.82
C ASN I 573 -6.78 6.86 -102.60
N ILE I 574 -7.54 6.58 -103.66
CA ILE I 574 -8.75 5.78 -103.53
C ILE I 574 -8.40 4.35 -103.10
N LYS I 575 -7.27 3.82 -103.59
CA LYS I 575 -6.88 2.47 -103.25
C LYS I 575 -6.66 2.31 -101.75
N LYS I 576 -5.96 3.27 -101.13
CA LYS I 576 -5.75 3.21 -99.69
C LYS I 576 -7.00 3.60 -98.90
N LEU I 577 -7.85 4.46 -99.48
CA LEU I 577 -9.10 4.80 -98.80
C LEU I 577 -10.02 3.59 -98.68
N THR I 578 -10.11 2.78 -99.74
CA THR I 578 -10.98 1.61 -99.71
C THR I 578 -10.50 0.60 -98.66
N GLU I 579 -9.19 0.37 -98.59
CA GLU I 579 -8.66 -0.59 -97.62
C GLU I 579 -8.85 -0.07 -96.21
N PRO I 580 -9.20 -0.95 -95.26
CA PRO I 580 -9.36 -0.50 -93.87
C PRO I 580 -8.11 0.15 -93.30
N CYS I 581 -6.93 -0.34 -93.68
CA CYS I 581 -5.66 0.18 -93.18
C CYS I 581 -5.03 1.08 -94.25
N VAL I 582 -4.58 2.26 -93.82
CA VAL I 582 -3.95 3.20 -94.74
C VAL I 582 -2.54 2.75 -95.10
N ARG I 595 -8.53 1.80 -88.42
CA ARG I 595 -9.95 1.79 -88.05
C ARG I 595 -10.74 2.77 -88.91
N ASN I 596 -11.34 2.24 -89.98
CA ASN I 596 -12.09 3.05 -90.92
C ASN I 596 -13.57 2.66 -90.89
N HIS I 597 -14.43 3.67 -90.85
CA HIS I 597 -15.88 3.43 -90.86
C HIS I 597 -16.62 4.44 -91.73
N ALA I 598 -15.92 5.18 -92.58
CA ALA I 598 -16.52 6.26 -93.34
C ALA I 598 -17.07 5.77 -94.67
N THR I 599 -18.09 6.47 -95.17
CA THR I 599 -18.67 6.23 -96.47
C THR I 599 -18.43 7.45 -97.35
N ILE I 600 -17.94 7.23 -98.56
CA ILE I 600 -17.49 8.30 -99.45
C ILE I 600 -18.52 8.46 -100.56
N ILE I 601 -19.08 9.67 -100.67
CA ILE I 601 -20.02 10.02 -101.73
C ILE I 601 -19.59 11.35 -102.32
N ILE I 602 -19.54 11.42 -103.66
CA ILE I 602 -19.13 12.62 -104.37
C ILE I 602 -20.25 13.03 -105.32
N ASP I 603 -20.63 14.29 -105.29
CA ASP I 603 -21.60 14.85 -106.22
C ASP I 603 -20.92 15.89 -107.11
N THR I 604 -21.16 15.79 -108.41
CA THR I 604 -20.55 16.70 -109.37
C THR I 604 -21.58 17.09 -110.43
N ASN I 605 -21.39 18.28 -111.01
CA ASN I 605 -22.28 18.72 -112.06
C ASN I 605 -22.01 17.98 -113.37
N TYR I 606 -20.74 17.75 -113.69
CA TYR I 606 -20.36 17.02 -114.89
C TYR I 606 -19.27 16.02 -114.54
N LYS I 607 -19.21 14.94 -115.31
CA LYS I 607 -18.29 13.84 -115.00
C LYS I 607 -16.84 14.29 -115.19
N PRO I 608 -15.96 14.00 -114.23
CA PRO I 608 -14.55 14.36 -114.38
C PRO I 608 -13.81 13.34 -115.23
N VAL I 609 -12.50 13.53 -115.34
CA VAL I 609 -11.62 12.65 -116.09
C VAL I 609 -10.53 12.15 -115.16
N PHE I 610 -10.30 10.84 -115.15
CA PHE I 610 -9.28 10.22 -114.31
C PHE I 610 -7.96 10.12 -115.08
N ASP I 611 -6.87 10.46 -114.38
CA ASP I 611 -5.55 10.41 -115.02
C ASP I 611 -5.04 8.98 -115.14
N ARG I 612 -5.32 8.13 -114.15
CA ARG I 612 -4.85 6.76 -114.14
C ARG I 612 -6.04 5.84 -114.01
N ILE I 613 -6.05 4.76 -114.81
CA ILE I 613 -7.15 3.80 -114.84
C ILE I 613 -6.55 2.40 -114.84
N ASP I 614 -7.18 1.49 -114.10
CA ASP I 614 -6.75 0.10 -114.06
C ASP I 614 -7.94 -0.76 -113.59
N ASN I 615 -7.65 -2.02 -113.26
CA ASN I 615 -8.70 -2.95 -112.85
C ASN I 615 -9.23 -2.63 -111.46
N ALA I 616 -8.54 -1.79 -110.70
CA ALA I 616 -8.97 -1.50 -109.33
C ALA I 616 -10.18 -0.56 -109.28
N LEU I 617 -10.61 -0.01 -110.42
CA LEU I 617 -11.62 1.04 -110.39
C LEU I 617 -13.05 0.53 -110.47
N MET I 618 -13.34 -0.52 -111.26
CA MET I 618 -14.73 -0.92 -111.41
C MET I 618 -15.32 -1.55 -110.15
N ARG I 619 -14.49 -1.87 -109.15
CA ARG I 619 -14.99 -2.28 -107.84
C ARG I 619 -14.99 -1.12 -106.85
N ARG I 620 -14.68 0.09 -107.30
CA ARG I 620 -14.57 1.24 -106.41
C ARG I 620 -15.43 2.42 -106.80
N ILE I 621 -16.16 2.34 -107.92
CA ILE I 621 -16.93 3.46 -108.44
C ILE I 621 -18.39 3.05 -108.56
N ALA I 622 -19.28 3.87 -108.00
CA ALA I 622 -20.72 3.70 -108.15
C ALA I 622 -21.32 5.04 -108.57
N VAL I 623 -22.23 5.00 -109.53
CA VAL I 623 -22.80 6.21 -110.13
C VAL I 623 -24.31 6.19 -109.94
N VAL I 624 -24.86 7.28 -109.41
CA VAL I 624 -26.29 7.50 -109.30
C VAL I 624 -26.63 8.81 -109.99
N ARG I 625 -27.57 8.76 -110.93
CA ARG I 625 -27.91 9.91 -111.75
C ARG I 625 -29.42 10.14 -111.75
N PHE I 626 -29.81 11.40 -111.79
CA PHE I 626 -31.22 11.78 -111.76
C PHE I 626 -31.80 11.73 -113.16
N ARG I 627 -32.80 10.87 -113.36
CA ARG I 627 -33.43 10.69 -114.67
C ARG I 627 -34.54 11.71 -114.92
N THR I 628 -35.39 11.95 -113.93
CA THR I 628 -36.55 12.81 -114.11
C THR I 628 -36.13 14.26 -114.33
N HIS I 629 -36.78 14.92 -115.28
CA HIS I 629 -36.53 16.33 -115.57
C HIS I 629 -36.90 17.20 -114.37
N LEU I 655 -37.23 25.61 -96.00
CA LEU I 655 -36.31 26.73 -96.13
C LEU I 655 -34.93 26.36 -95.56
N ASP I 656 -33.89 26.96 -96.14
CA ASP I 656 -32.53 26.68 -95.69
C ASP I 656 -32.33 27.11 -94.23
N GLY I 657 -32.86 28.28 -93.86
CA GLY I 657 -32.77 28.71 -92.49
C GLY I 657 -33.52 27.79 -91.54
N LYS I 658 -34.66 27.26 -91.98
CA LYS I 658 -35.41 26.32 -91.15
C LYS I 658 -34.60 25.05 -90.90
N ILE I 659 -33.92 24.54 -91.93
CA ILE I 659 -33.05 23.38 -91.75
C ILE I 659 -31.90 23.72 -90.81
N GLN I 660 -31.35 24.94 -90.94
CA GLN I 660 -30.28 25.37 -90.05
C GLN I 660 -30.76 25.48 -88.62
N ASN I 661 -32.06 25.74 -88.41
CA ASN I 661 -32.65 25.84 -87.08
C ASN I 661 -33.00 24.48 -86.48
N ASN I 662 -32.48 23.40 -87.05
CA ASN I 662 -32.71 22.03 -86.54
C ASN I 662 -34.18 21.66 -86.55
N ARG I 663 -34.95 22.27 -87.46
CA ARG I 663 -36.37 21.93 -87.57
C ARG I 663 -36.56 20.50 -88.07
N TYR I 664 -35.73 20.07 -89.01
CA TYR I 664 -35.81 18.75 -89.62
C TYR I 664 -34.78 17.79 -89.03
N ARG I 665 -34.51 17.90 -87.72
CA ARG I 665 -33.50 17.06 -87.09
C ARG I 665 -33.88 15.59 -87.16
N PHE I 666 -35.14 15.27 -86.87
CA PHE I 666 -35.63 13.89 -86.95
C PHE I 666 -36.26 13.58 -88.30
N ALA I 667 -36.63 14.60 -89.07
CA ALA I 667 -37.31 14.37 -90.34
C ALA I 667 -36.43 13.64 -91.34
N PHE I 668 -35.12 13.80 -91.24
CA PHE I 668 -34.21 13.06 -92.09
C PHE I 668 -33.78 11.73 -91.47
N LEU I 669 -33.69 11.68 -90.14
CA LEU I 669 -33.32 10.43 -89.47
C LEU I 669 -34.38 9.35 -89.72
N TYR I 670 -35.66 9.73 -89.62
CA TYR I 670 -36.71 8.75 -89.88
C TYR I 670 -36.76 8.34 -91.34
N LEU I 671 -36.46 9.28 -92.25
CA LEU I 671 -36.40 8.92 -93.66
C LEU I 671 -35.28 7.92 -93.93
N LEU I 672 -34.12 8.12 -93.28
CA LEU I 672 -32.99 7.24 -93.53
C LEU I 672 -33.20 5.87 -92.89
N VAL I 673 -33.80 5.82 -91.71
CA VAL I 673 -33.86 4.56 -90.96
C VAL I 673 -34.75 3.53 -91.67
N LYS I 674 -35.82 3.97 -92.32
CA LYS I 674 -36.76 3.01 -92.90
C LYS I 674 -36.16 2.26 -94.08
N TRP I 675 -35.29 2.91 -94.85
CA TRP I 675 -34.64 2.21 -95.96
C TRP I 675 -33.79 1.06 -95.47
N TYR I 676 -33.03 1.29 -94.39
CA TYR I 676 -32.25 0.20 -93.78
C TYR I 676 -33.18 -0.85 -93.19
N LYS I 677 -34.28 -0.43 -92.56
CA LYS I 677 -35.16 -1.36 -91.88
C LYS I 677 -35.91 -2.27 -92.85
N LYS I 678 -36.22 -1.78 -94.05
CA LYS I 678 -37.13 -2.52 -94.94
C LYS I 678 -36.49 -3.82 -95.43
N TYR I 679 -35.41 -3.71 -96.20
CA TYR I 679 -34.85 -4.88 -96.89
C TYR I 679 -33.35 -5.06 -96.72
N HIS I 680 -32.60 -4.01 -96.42
CA HIS I 680 -31.14 -4.07 -96.39
C HIS I 680 -30.58 -4.60 -95.08
N ILE I 681 -31.38 -5.35 -94.32
CA ILE I 681 -30.89 -5.94 -93.07
C ILE I 681 -29.70 -6.88 -93.28
N PRO I 682 -29.74 -7.85 -94.23
CA PRO I 682 -28.70 -8.89 -94.24
C PRO I 682 -27.27 -8.41 -94.45
N ILE I 683 -27.00 -7.70 -95.55
CA ILE I 683 -25.63 -7.36 -95.91
C ILE I 683 -25.62 -6.03 -96.66
N MET I 684 -24.53 -5.29 -96.48
CA MET I 684 -24.29 -4.05 -97.22
C MET I 684 -23.38 -4.33 -98.42
N LYS I 685 -23.90 -5.15 -99.33
CA LYS I 685 -23.16 -5.53 -100.53
C LYS I 685 -23.50 -4.53 -101.62
N LEU I 686 -22.65 -3.52 -101.79
CA LEU I 686 -22.88 -2.47 -102.77
C LEU I 686 -22.41 -2.94 -104.14
N TYR I 687 -23.30 -2.89 -105.12
CA TYR I 687 -22.97 -3.31 -106.47
C TYR I 687 -22.53 -2.09 -107.29
N PRO I 688 -21.29 -2.06 -107.79
CA PRO I 688 -20.85 -0.92 -108.58
C PRO I 688 -21.60 -0.83 -109.90
N THR I 689 -21.73 0.40 -110.40
CA THR I 689 -22.47 0.67 -111.64
C THR I 689 -21.51 1.13 -112.73
N PRO I 690 -21.12 0.26 -113.66
CA PRO I 690 -20.24 0.67 -114.75
C PRO I 690 -20.93 1.18 -116.00
N GLU I 691 -22.23 1.50 -115.93
CA GLU I 691 -22.97 1.90 -117.12
C GLU I 691 -22.44 3.22 -117.69
N GLU I 692 -22.21 4.21 -116.83
CA GLU I 692 -21.86 5.55 -117.29
C GLU I 692 -20.73 6.14 -116.46
N ILE I 693 -19.70 5.33 -116.19
CA ILE I 693 -18.49 5.86 -115.56
C ILE I 693 -17.68 6.60 -116.61
N PRO I 694 -17.21 7.81 -116.33
CA PRO I 694 -16.45 8.56 -117.34
C PRO I 694 -15.16 7.86 -117.73
N ASP I 695 -14.74 8.10 -118.98
CA ASP I 695 -13.53 7.52 -119.58
C ASP I 695 -13.42 6.02 -119.29
N PHE I 696 -14.54 5.31 -119.43
CA PHE I 696 -14.58 3.87 -119.25
C PHE I 696 -15.16 3.11 -120.42
N ALA I 697 -15.82 3.78 -121.37
CA ALA I 697 -16.43 3.08 -122.50
C ALA I 697 -15.38 2.40 -123.36
N PHE I 698 -14.28 3.11 -123.66
CA PHE I 698 -13.22 2.51 -124.47
C PHE I 698 -12.55 1.35 -123.75
N TYR I 699 -12.30 1.50 -122.44
CA TYR I 699 -11.62 0.46 -121.69
C TYR I 699 -12.53 -0.74 -121.43
N LEU I 700 -13.84 -0.56 -121.53
CA LEU I 700 -14.76 -1.69 -121.49
C LEU I 700 -14.95 -2.33 -122.85
N LYS I 701 -14.82 -1.55 -123.93
CA LYS I 701 -14.95 -2.09 -125.28
C LYS I 701 -13.72 -2.87 -125.71
N ILE I 702 -12.53 -2.47 -125.27
CA ILE I 702 -11.31 -3.16 -125.64
C ILE I 702 -11.26 -4.59 -125.10
N GLY I 703 -12.14 -4.94 -124.16
CA GLY I 703 -12.18 -6.30 -123.68
C GLY I 703 -12.53 -7.31 -124.76
N THR I 704 -13.38 -6.91 -125.71
CA THR I 704 -13.75 -7.76 -126.83
C THR I 704 -12.83 -7.58 -128.03
N LEU I 705 -11.82 -6.72 -127.94
CA LEU I 705 -10.89 -6.46 -129.03
C LEU I 705 -9.48 -6.94 -128.75
N LEU I 706 -9.02 -6.87 -127.51
CA LEU I 706 -7.66 -7.26 -127.16
C LEU I 706 -7.70 -8.28 -126.03
N VAL I 707 -6.86 -9.31 -126.15
CA VAL I 707 -6.71 -10.32 -125.11
C VAL I 707 -5.25 -10.73 -125.04
N SER I 708 -4.80 -11.08 -123.85
CA SER I 708 -3.41 -11.47 -123.66
C SER I 708 -3.13 -12.81 -124.33
N SER I 709 -1.90 -12.96 -124.82
CA SER I 709 -1.49 -14.21 -125.45
C SER I 709 -1.49 -15.34 -124.42
N SER I 710 -1.86 -16.53 -124.88
CA SER I 710 -1.98 -17.68 -124.00
C SER I 710 -1.62 -18.96 -124.76
N VAL I 711 -1.43 -20.04 -124.01
CA VAL I 711 -1.10 -21.32 -124.62
C VAL I 711 -2.26 -21.84 -125.46
N LYS I 712 -3.49 -21.39 -125.17
CA LYS I 712 -4.65 -21.88 -125.90
C LYS I 712 -4.59 -21.50 -127.38
N HIS I 713 -3.88 -20.42 -127.72
CA HIS I 713 -3.75 -20.01 -129.11
C HIS I 713 -2.66 -20.75 -129.86
N ILE I 714 -1.87 -21.58 -129.16
CA ILE I 714 -0.79 -22.32 -129.81
C ILE I 714 -1.29 -23.32 -130.85
N PRO I 715 -2.31 -24.15 -130.58
CA PRO I 715 -2.73 -25.12 -131.60
C PRO I 715 -3.17 -24.51 -132.92
N LEU I 716 -3.83 -23.35 -132.89
CA LEU I 716 -4.27 -22.67 -134.11
C LEU I 716 -3.30 -21.57 -134.52
N MET I 717 -2.02 -21.71 -134.20
CA MET I 717 -1.15 -20.54 -134.18
C MET I 717 -0.69 -20.17 -135.58
N THR I 718 -0.62 -21.14 -136.48
CA THR I 718 -0.19 -20.88 -137.86
C THR I 718 -1.23 -20.07 -138.61
N ASP I 719 -2.52 -20.36 -138.38
CA ASP I 719 -3.59 -19.68 -139.11
C ASP I 719 -3.61 -18.19 -138.85
N LEU I 720 -2.98 -17.72 -137.76
CA LEU I 720 -2.93 -16.29 -137.47
C LEU I 720 -2.04 -15.53 -138.45
N SER I 721 -1.20 -16.22 -139.22
CA SER I 721 -0.36 -15.55 -140.20
C SER I 721 -1.18 -14.85 -141.27
N LYS I 722 -2.39 -15.33 -141.54
CA LYS I 722 -3.28 -14.69 -142.50
C LYS I 722 -3.84 -13.37 -141.99
N LYS I 723 -3.70 -13.07 -140.71
CA LYS I 723 -4.20 -11.85 -140.11
C LYS I 723 -3.11 -10.81 -139.88
N GLY I 724 -2.02 -10.87 -140.65
CA GLY I 724 -0.93 -9.94 -140.52
C GLY I 724 0.12 -10.31 -139.49
N TYR I 725 -0.05 -11.43 -138.80
CA TYR I 725 0.92 -11.84 -137.80
C TYR I 725 2.15 -12.47 -138.45
N ILE I 726 3.24 -12.54 -137.69
CA ILE I 726 4.50 -13.10 -138.15
C ILE I 726 4.72 -14.44 -137.46
N LEU I 727 5.48 -15.31 -138.12
CA LEU I 727 5.75 -16.66 -137.62
C LEU I 727 7.24 -16.90 -137.69
N TYR I 728 7.93 -16.75 -136.57
CA TYR I 728 9.37 -16.97 -136.51
C TYR I 728 9.78 -17.21 -135.07
N ASP I 729 10.37 -18.37 -134.80
CA ASP I 729 10.86 -18.73 -133.47
C ASP I 729 9.78 -18.61 -132.40
N ASN I 730 8.57 -19.06 -132.74
CA ASN I 730 7.39 -19.01 -131.87
C ASN I 730 7.13 -17.61 -131.31
N VAL I 731 7.71 -16.58 -131.91
CA VAL I 731 7.49 -15.20 -131.49
C VAL I 731 6.52 -14.59 -132.50
N VAL I 732 5.27 -14.46 -132.11
CA VAL I 732 4.20 -13.97 -132.97
C VAL I 732 3.59 -12.73 -132.34
N THR I 733 3.80 -11.58 -132.97
CA THR I 733 3.27 -10.31 -132.49
C THR I 733 2.82 -9.47 -133.68
N LEU I 734 1.99 -8.48 -133.39
CA LEU I 734 1.45 -7.58 -134.39
C LEU I 734 2.03 -6.19 -134.16
N PRO I 735 2.65 -5.58 -135.18
CA PRO I 735 3.25 -4.26 -134.96
C PRO I 735 2.20 -3.18 -134.75
N LEU I 736 2.59 -2.17 -133.96
CA LEU I 736 1.68 -1.08 -133.63
C LEU I 736 1.45 -0.14 -134.80
N THR I 737 2.39 -0.06 -135.74
CA THR I 737 2.23 0.82 -136.89
C THR I 737 1.04 0.40 -137.74
N THR I 738 0.89 -0.91 -137.97
CA THR I 738 -0.26 -1.39 -138.74
C THR I 738 -1.56 -1.21 -137.98
N PHE I 739 -1.51 -1.20 -136.65
CA PHE I 739 -2.71 -1.09 -135.84
C PHE I 739 -3.42 0.24 -136.06
N GLN I 740 -2.68 1.29 -136.40
CA GLN I 740 -3.28 2.61 -136.60
C GLN I 740 -4.29 2.60 -137.75
N GLN I 741 -3.94 1.95 -138.85
CA GLN I 741 -4.81 1.97 -140.03
C GLN I 741 -6.14 1.25 -139.75
N LYS I 742 -6.10 0.14 -139.03
CA LYS I 742 -7.30 -0.64 -138.77
C LYS I 742 -7.97 -0.28 -137.44
N ILE I 743 -7.44 0.68 -136.70
CA ILE I 743 -8.12 1.16 -135.50
C ILE I 743 -8.85 2.47 -135.72
N SER I 744 -8.49 3.25 -136.75
CA SER I 744 -9.19 4.49 -137.05
C SER I 744 -10.56 4.26 -137.65
N LYS I 745 -10.86 3.06 -138.13
CA LYS I 745 -12.15 2.79 -138.74
C LYS I 745 -13.27 2.83 -137.71
N TYR I 746 -13.05 2.22 -136.54
CA TYR I 746 -14.11 2.07 -135.55
C TYR I 746 -14.22 3.22 -134.58
N PHE I 747 -13.13 3.95 -134.33
CA PHE I 747 -13.12 5.01 -133.34
C PHE I 747 -12.77 6.35 -133.99
N ASN I 748 -13.43 7.41 -133.53
CA ASN I 748 -13.14 8.76 -134.01
C ASN I 748 -11.80 9.22 -133.42
N SER I 749 -10.77 9.26 -134.27
CA SER I 749 -9.45 9.66 -133.79
C SER I 749 -9.42 11.12 -133.36
N ARG I 750 -10.24 11.97 -133.98
CA ARG I 750 -10.21 13.41 -133.71
C ARG I 750 -10.49 13.73 -132.25
N LEU I 751 -11.25 12.88 -131.55
CA LEU I 751 -11.56 13.07 -130.14
C LEU I 751 -10.77 12.14 -129.22
N PHE I 752 -10.58 10.89 -129.62
CA PHE I 752 -9.97 9.87 -128.75
C PHE I 752 -8.50 9.63 -129.07
N GLY I 753 -7.86 10.53 -129.82
CA GLY I 753 -6.46 10.34 -130.15
C GLY I 753 -5.57 10.31 -128.93
N HIS I 754 -5.83 11.20 -127.97
CA HIS I 754 -5.03 11.23 -126.75
C HIS I 754 -5.17 9.92 -125.97
N ASP I 755 -6.40 9.42 -125.85
CA ASP I 755 -6.61 8.17 -125.12
C ASP I 755 -5.94 7.00 -125.82
N ILE I 756 -6.06 6.93 -127.14
CA ILE I 756 -5.43 5.84 -127.88
C ILE I 756 -3.92 5.91 -127.76
N GLU I 757 -3.35 7.11 -127.87
CA GLU I 757 -1.90 7.26 -127.75
C GLU I 757 -1.42 6.89 -126.36
N SER I 758 -2.15 7.29 -125.31
CA SER I 758 -1.76 6.92 -123.95
C SER I 758 -1.83 5.41 -123.76
N PHE I 759 -2.89 4.77 -124.26
CA PHE I 759 -3.02 3.33 -124.13
C PHE I 759 -1.89 2.61 -124.85
N ILE I 760 -1.51 3.10 -126.04
CA ILE I 760 -0.42 2.48 -126.79
C ILE I 760 0.90 2.66 -126.05
N ASN I 761 1.17 3.88 -125.56
CA ASN I 761 2.42 4.14 -124.85
C ASN I 761 2.51 3.36 -123.56
N ARG I 762 1.37 3.03 -122.94
CA ARG I 762 1.40 2.25 -121.71
C ARG I 762 1.91 0.83 -121.95
N HIS I 763 1.61 0.25 -123.12
CA HIS I 763 1.96 -1.13 -123.42
C HIS I 763 3.02 -1.27 -124.50
N LYS I 764 3.65 -0.17 -124.91
CA LYS I 764 4.68 -0.24 -125.94
C LYS I 764 5.96 -0.84 -125.39
N LYS I 765 6.66 -1.60 -126.23
CA LYS I 765 7.91 -2.24 -125.88
C LYS I 765 8.96 -1.92 -126.94
N PHE I 766 10.21 -1.85 -126.51
CA PHE I 766 11.33 -1.51 -127.38
C PHE I 766 12.42 -2.57 -127.26
N ALA I 767 12.84 -3.10 -128.41
CA ALA I 767 13.99 -4.00 -128.48
C ALA I 767 15.16 -3.36 -129.22
N ASN I 768 14.90 -2.65 -130.31
CA ASN I 768 15.90 -1.87 -131.01
C ASN I 768 15.18 -0.75 -131.75
N VAL I 769 15.85 -0.12 -132.71
CA VAL I 769 15.27 1.02 -133.42
C VAL I 769 14.01 0.59 -134.18
N SER I 770 14.06 -0.55 -134.87
CA SER I 770 12.99 -0.98 -135.74
C SER I 770 12.09 -2.06 -135.16
N ASP I 771 12.36 -2.52 -133.94
CA ASP I 771 11.58 -3.61 -133.33
C ASP I 771 10.56 -3.00 -132.37
N GLU I 772 9.30 -2.99 -132.79
CA GLU I 772 8.19 -2.56 -131.94
C GLU I 772 7.06 -3.55 -132.10
N TYR I 773 6.53 -4.04 -130.98
CA TYR I 773 5.48 -5.07 -131.03
C TYR I 773 4.69 -5.05 -129.73
N LEU I 774 3.48 -5.60 -129.81
CA LEU I 774 2.61 -5.77 -128.66
C LEU I 774 2.10 -7.20 -128.64
N GLN I 775 2.04 -7.79 -127.44
CA GLN I 775 1.61 -9.19 -127.28
C GLN I 775 0.12 -9.27 -126.99
N TYR I 776 -0.66 -8.74 -127.94
CA TYR I 776 -2.12 -8.77 -127.87
C TYR I 776 -2.68 -9.39 -129.14
N ILE I 777 -3.70 -10.23 -128.97
CA ILE I 777 -4.31 -10.96 -130.08
C ILE I 777 -5.79 -10.61 -130.12
N PHE I 778 -6.30 -10.36 -131.33
CA PHE I 778 -7.71 -10.05 -131.51
C PHE I 778 -8.58 -11.27 -131.18
N ILE I 779 -9.82 -11.00 -130.82
CA ILE I 779 -10.79 -12.05 -130.50
C ILE I 779 -11.73 -12.32 -131.67
N GLU I 780 -12.11 -11.27 -132.40
CA GLU I 780 -13.07 -11.41 -133.48
C GLU I 780 -12.56 -12.31 -134.61
N ASP I 781 -11.25 -12.47 -134.74
CA ASP I 781 -10.70 -13.32 -135.78
C ASP I 781 -10.96 -14.80 -135.53
N ILE I 782 -11.23 -15.18 -134.28
CA ILE I 782 -11.50 -16.58 -133.96
C ILE I 782 -12.88 -16.98 -134.43
N TRP J 236 39.55 -2.79 -26.23
CA TRP J 236 38.76 -2.08 -27.23
C TRP J 236 39.02 -2.63 -28.63
N GLU J 237 37.96 -3.08 -29.29
CA GLU J 237 38.06 -3.63 -30.63
C GLU J 237 37.80 -2.55 -31.68
N PRO J 238 38.41 -2.69 -32.87
CA PRO J 238 38.20 -1.68 -33.92
C PRO J 238 36.75 -1.52 -34.33
N GLY J 239 35.95 -2.58 -34.27
CA GLY J 239 34.56 -2.50 -34.67
C GLY J 239 33.71 -1.60 -33.80
N PHE J 240 34.16 -1.33 -32.58
CA PHE J 240 33.43 -0.46 -31.67
C PHE J 240 33.64 1.01 -32.04
N ILE J 241 32.81 1.87 -31.46
CA ILE J 241 33.06 3.30 -31.57
C ILE J 241 34.28 3.67 -30.73
N SER J 242 34.74 4.91 -30.91
CA SER J 242 35.91 5.38 -30.19
C SER J 242 35.64 5.36 -28.69
N PHE J 243 36.71 5.14 -27.92
CA PHE J 243 36.59 5.00 -26.47
C PHE J 243 36.04 6.27 -25.84
N GLU J 244 36.50 7.43 -26.34
CA GLU J 244 35.99 8.71 -25.81
C GLU J 244 34.50 8.88 -26.07
N ASP J 245 33.99 8.33 -27.18
CA ASP J 245 32.55 8.38 -27.44
C ASP J 245 31.79 7.63 -26.35
N ALA J 246 32.22 6.42 -26.02
CA ALA J 246 31.55 5.65 -24.97
C ALA J 246 31.71 6.32 -23.62
N ILE J 247 32.86 6.95 -23.36
CA ILE J 247 33.06 7.66 -22.10
C ILE J 247 32.10 8.83 -21.98
N LYS J 248 31.93 9.58 -23.08
CA LYS J 248 30.97 10.70 -23.07
C LYS J 248 29.55 10.19 -22.92
N ARG J 249 29.23 9.03 -23.51
CA ARG J 249 27.93 8.41 -23.28
C ARG J 249 27.73 8.10 -21.80
N VAL J 250 28.74 7.49 -21.16
CA VAL J 250 28.65 7.17 -19.74
C VAL J 250 28.45 8.45 -18.93
N SER J 251 29.10 9.54 -19.34
CA SER J 251 28.89 10.82 -18.67
C SER J 251 27.45 11.28 -18.81
N LYS J 252 26.87 11.15 -20.00
CA LYS J 252 25.52 11.71 -20.19
C LYS J 252 24.45 10.85 -19.55
N ILE J 253 24.68 9.54 -19.38
CA ILE J 253 23.67 8.72 -18.70
C ILE J 253 23.52 9.16 -17.25
N PHE J 254 24.62 9.45 -16.57
CA PHE J 254 24.57 9.83 -15.17
C PHE J 254 24.29 11.32 -15.03
N ILE J 255 23.24 11.64 -14.27
CA ILE J 255 22.94 13.05 -13.99
C ILE J 255 24.01 13.64 -13.07
N ASN J 256 24.41 12.90 -12.05
CA ASN J 256 25.43 13.39 -11.13
C ASN J 256 26.80 13.41 -11.80
N SER J 257 27.64 14.34 -11.36
CA SER J 257 28.99 14.45 -11.89
C SER J 257 29.86 13.31 -11.38
N ILE J 258 30.80 12.89 -12.20
CA ILE J 258 31.73 11.81 -11.88
C ILE J 258 33.04 12.44 -11.42
N ILE J 259 33.43 12.14 -10.18
CA ILE J 259 34.64 12.73 -9.62
C ILE J 259 35.88 12.18 -10.31
N ASN J 260 35.92 10.85 -10.53
CA ASN J 260 37.04 10.19 -11.18
C ASN J 260 36.85 10.04 -12.68
N PHE J 261 36.14 10.99 -13.31
CA PHE J 261 35.85 10.90 -14.74
C PHE J 261 37.12 10.97 -15.57
N ASN J 262 38.07 11.82 -15.19
CA ASN J 262 39.29 12.01 -15.98
C ASN J 262 40.31 10.91 -15.77
N ASP J 263 40.07 9.99 -14.84
CA ASP J 263 40.99 8.89 -14.57
C ASP J 263 40.67 7.63 -15.36
N LEU J 264 39.74 7.71 -16.30
CA LEU J 264 39.27 6.55 -17.05
C LEU J 264 40.07 6.41 -18.35
N ASP J 265 40.60 5.21 -18.59
CA ASP J 265 41.35 4.93 -19.80
C ASP J 265 40.89 3.59 -20.39
N GLU J 266 41.42 3.27 -21.56
CA GLU J 266 41.00 2.06 -22.26
C GLU J 266 41.37 0.78 -21.52
N ASN J 267 42.31 0.84 -20.58
CA ASN J 267 42.78 -0.36 -19.91
C ASN J 267 42.04 -0.62 -18.60
N ASN J 268 41.85 0.42 -17.78
CA ASN J 268 41.29 0.26 -16.45
C ASN J 268 39.80 0.57 -16.38
N PHE J 269 39.13 0.71 -17.52
CA PHE J 269 37.71 1.09 -17.49
C PHE J 269 36.84 -0.01 -16.91
N THR J 270 37.28 -1.27 -17.00
CA THR J 270 36.54 -2.36 -16.37
C THR J 270 36.91 -2.57 -14.91
N THR J 271 37.96 -1.92 -14.42
CA THR J 271 38.44 -2.15 -13.06
C THR J 271 38.22 -0.99 -12.10
N VAL J 272 38.06 0.22 -12.61
CA VAL J 272 37.91 1.41 -11.78
C VAL J 272 36.42 1.63 -11.52
N PRO J 273 35.97 1.60 -10.27
CA PRO J 273 34.56 1.91 -9.99
C PRO J 273 34.31 3.40 -10.01
N LEU J 274 33.12 3.78 -10.46
CA LEU J 274 32.77 5.19 -10.58
C LEU J 274 32.62 5.83 -9.21
N VAL J 275 33.25 6.99 -9.04
CA VAL J 275 33.05 7.82 -7.86
C VAL J 275 32.00 8.87 -8.22
N ILE J 276 30.78 8.68 -7.73
CA ILE J 276 29.63 9.50 -8.11
C ILE J 276 29.33 10.47 -6.98
N ASP J 277 29.33 11.75 -7.30
CA ASP J 277 28.97 12.80 -6.35
C ASP J 277 27.45 12.90 -6.32
N TYR J 278 26.83 12.23 -5.35
CA TYR J 278 25.37 12.13 -5.29
C TYR J 278 24.74 13.42 -4.77
N VAL J 279 24.97 14.51 -5.52
CA VAL J 279 24.23 15.74 -5.27
C VAL J 279 22.75 15.51 -5.54
N THR J 280 22.44 14.83 -6.62
CA THR J 280 21.10 14.35 -6.94
C THR J 280 21.04 12.84 -6.76
N PRO J 281 19.85 12.27 -6.58
CA PRO J 281 19.75 10.81 -6.43
C PRO J 281 20.26 10.09 -7.67
N CYS J 282 20.78 8.88 -7.45
CA CYS J 282 21.33 8.07 -8.52
C CYS J 282 20.35 7.94 -9.68
N ALA J 283 20.77 8.40 -10.85
CA ALA J 283 19.88 8.45 -12.01
C ALA J 283 19.44 7.07 -12.47
N LEU J 284 20.13 6.01 -12.04
CA LEU J 284 19.77 4.68 -12.50
C LEU J 284 18.57 4.13 -11.76
N CYS J 285 18.57 4.22 -10.43
CA CYS J 285 17.53 3.63 -9.61
C CYS J 285 16.84 4.64 -8.70
N LYS J 286 17.14 5.94 -8.85
CA LYS J 286 16.47 7.02 -8.11
C LYS J 286 16.64 6.90 -6.60
N LYS J 287 17.74 6.33 -6.13
CA LYS J 287 18.03 6.29 -4.71
C LYS J 287 18.97 7.43 -4.33
N ARG J 288 18.86 7.88 -3.08
CA ARG J 288 19.60 9.05 -2.63
C ARG J 288 21.10 8.85 -2.75
N SER J 289 21.59 7.69 -2.30
CA SER J 289 23.01 7.40 -2.35
C SER J 289 23.19 5.88 -2.33
N HIS J 290 24.40 5.45 -2.69
CA HIS J 290 24.74 4.04 -2.75
C HIS J 290 25.94 3.77 -1.85
N LYS J 291 25.80 2.74 -1.00
CA LYS J 291 26.93 2.32 -0.19
C LYS J 291 28.08 1.79 -1.04
N HIS J 292 27.75 1.15 -2.16
CA HIS J 292 28.71 0.57 -3.08
C HIS J 292 28.76 1.36 -4.38
N PRO J 293 29.95 1.71 -4.87
CA PRO J 293 30.05 2.46 -6.12
C PRO J 293 29.72 1.58 -7.32
N HIS J 294 29.41 2.25 -8.43
CA HIS J 294 29.09 1.56 -9.68
C HIS J 294 30.37 1.24 -10.45
N GLN J 295 30.32 0.13 -11.18
CA GLN J 295 31.47 -0.36 -11.93
C GLN J 295 31.05 -0.66 -13.36
N LEU J 296 32.02 -0.60 -14.27
CA LEU J 296 31.80 -0.81 -15.70
C LEU J 296 32.26 -2.20 -16.09
N SER J 297 31.51 -2.83 -16.99
CA SER J 297 31.84 -4.15 -17.50
C SER J 297 31.70 -4.18 -19.01
N LEU J 298 32.65 -4.83 -19.67
CA LEU J 298 32.67 -4.96 -21.13
C LEU J 298 32.27 -6.38 -21.49
N GLU J 299 31.06 -6.53 -22.04
CA GLU J 299 30.54 -7.84 -22.42
C GLU J 299 29.75 -7.74 -23.72
N ASN J 300 30.02 -8.67 -24.63
CA ASN J 300 29.25 -8.81 -25.87
C ASN J 300 29.21 -7.53 -26.69
N GLY J 301 30.35 -6.83 -26.73
CA GLY J 301 30.44 -5.61 -27.51
C GLY J 301 29.53 -4.50 -27.04
N ALA J 302 29.28 -4.41 -25.74
CA ALA J 302 28.45 -3.36 -25.17
C ALA J 302 28.92 -3.08 -23.75
N ILE J 303 28.97 -1.81 -23.39
CA ILE J 303 29.45 -1.40 -22.07
C ILE J 303 28.27 -1.40 -21.11
N ARG J 304 28.44 -2.04 -19.96
CA ARG J 304 27.36 -2.26 -19.00
C ARG J 304 27.70 -1.54 -17.70
N ILE J 305 26.74 -0.77 -17.19
CA ILE J 305 26.91 -0.02 -15.96
C ILE J 305 26.09 -0.69 -14.87
N TYR J 306 26.76 -1.23 -13.86
CA TYR J 306 26.13 -1.92 -12.76
C TYR J 306 26.70 -1.42 -11.45
N LYS J 307 26.02 -1.76 -10.35
CA LYS J 307 26.44 -1.37 -9.02
C LYS J 307 27.10 -2.57 -8.33
N THR J 308 28.23 -2.31 -7.66
CA THR J 308 28.95 -3.37 -6.98
C THR J 308 28.19 -3.83 -5.74
N GLY J 309 28.64 -4.94 -5.16
CA GLY J 309 27.96 -5.55 -4.04
C GLY J 309 26.74 -6.32 -4.50
N ASN J 310 25.55 -5.90 -4.07
CA ASN J 310 24.32 -6.46 -4.62
C ASN J 310 23.88 -5.61 -5.80
N PRO J 311 23.77 -6.18 -7.01
CA PRO J 311 23.44 -5.37 -8.18
C PRO J 311 21.94 -5.12 -8.37
N HIS J 312 21.09 -5.65 -7.50
CA HIS J 312 19.65 -5.50 -7.63
C HIS J 312 19.11 -4.28 -6.91
N SER J 313 19.95 -3.56 -6.17
CA SER J 313 19.55 -2.28 -5.58
C SER J 313 19.69 -1.12 -6.55
N CYS J 314 20.27 -1.35 -7.74
CA CYS J 314 20.44 -0.32 -8.74
C CYS J 314 20.30 -0.94 -10.12
N LYS J 315 19.44 -0.34 -10.95
CA LYS J 315 19.18 -0.89 -12.27
C LYS J 315 20.42 -0.79 -13.16
N VAL J 316 20.58 -1.77 -14.04
CA VAL J 316 21.75 -1.89 -14.90
C VAL J 316 21.40 -1.37 -16.29
N LYS J 317 22.23 -0.50 -16.83
CA LYS J 317 22.04 0.06 -18.17
C LYS J 317 23.06 -0.54 -19.14
N ILE J 318 22.60 -0.77 -20.37
CA ILE J 318 23.42 -1.35 -21.43
C ILE J 318 23.54 -0.32 -22.54
N VAL J 319 24.78 -0.13 -23.03
CA VAL J 319 25.06 0.82 -24.10
C VAL J 319 25.86 0.10 -25.18
N PRO J 320 25.37 0.03 -26.41
CA PRO J 320 26.13 -0.64 -27.48
C PRO J 320 27.41 0.11 -27.81
N LEU J 321 28.41 -0.64 -28.26
CA LEU J 321 29.71 -0.09 -28.63
C LEU J 321 29.91 -0.03 -30.14
N ASP J 322 29.57 -1.09 -30.85
CA ASP J 322 29.73 -1.09 -32.31
C ASP J 322 28.85 -0.01 -32.94
N GLY J 323 29.43 0.73 -33.87
CA GLY J 323 28.73 1.83 -34.49
C GLY J 323 27.73 1.43 -35.56
N ASN J 324 27.63 2.21 -36.62
CA ASN J 324 26.70 1.93 -37.70
C ASN J 324 27.08 0.62 -38.40
N LYS J 325 26.24 -0.40 -38.24
CA LYS J 325 26.52 -1.69 -38.87
C LYS J 325 26.46 -1.60 -40.39
N LEU J 326 25.59 -0.73 -40.91
CA LEU J 326 25.47 -0.59 -42.36
C LEU J 326 26.76 -0.03 -42.96
N PHE J 327 27.38 0.94 -42.28
CA PHE J 327 28.66 1.45 -42.73
C PHE J 327 29.72 0.35 -42.69
N ASN J 328 29.70 -0.48 -41.65
CA ASN J 328 30.68 -1.57 -41.55
C ASN J 328 30.53 -2.56 -42.69
N ILE J 329 29.29 -2.96 -43.01
CA ILE J 329 29.10 -3.93 -44.08
C ILE J 329 29.42 -3.30 -45.43
N ALA J 330 29.13 -2.01 -45.60
CA ALA J 330 29.53 -1.34 -46.82
C ALA J 330 31.05 -1.33 -46.97
N GLN J 331 31.77 -1.09 -45.87
CA GLN J 331 33.23 -1.18 -45.91
C GLN J 331 33.68 -2.59 -46.27
N ARG J 332 33.02 -3.60 -45.71
CA ARG J 332 33.36 -4.98 -46.04
C ARG J 332 33.15 -5.25 -47.53
N ILE J 333 32.06 -4.75 -48.11
CA ILE J 333 31.82 -4.93 -49.53
C ILE J 333 32.91 -4.24 -50.35
N LEU J 334 33.23 -2.99 -50.02
CA LEU J 334 34.21 -2.27 -50.83
C LEU J 334 35.62 -2.82 -50.64
N ASP J 335 35.87 -3.54 -49.55
CA ASP J 335 37.17 -4.20 -49.38
C ASP J 335 37.39 -5.29 -50.43
N THR J 336 36.31 -5.95 -50.86
CA THR J 336 36.42 -7.00 -51.86
C THR J 336 36.75 -6.48 -53.25
N ASN J 337 36.66 -5.16 -53.46
CA ASN J 337 36.95 -4.54 -54.75
C ASN J 337 36.12 -5.16 -55.87
N SER J 338 34.80 -5.21 -55.62
CA SER J 338 33.87 -5.81 -56.56
C SER J 338 33.11 -4.79 -57.40
N VAL J 339 33.20 -3.50 -57.09
CA VAL J 339 32.54 -2.46 -57.85
C VAL J 339 33.53 -1.33 -58.07
N LEU J 340 33.70 -0.92 -59.33
CA LEU J 340 34.62 0.14 -59.71
C LEU J 340 33.88 1.16 -60.57
N LEU J 341 34.57 2.26 -60.85
CA LEU J 341 34.01 3.37 -61.62
C LEU J 341 34.48 3.29 -63.07
N THR J 342 33.59 3.69 -63.99
CA THR J 342 33.91 3.70 -65.40
C THR J 342 34.71 4.92 -65.83
N GLU J 343 34.89 5.90 -64.93
CA GLU J 343 35.58 7.16 -65.22
C GLU J 343 34.74 8.00 -66.17
N ARG J 344 33.63 7.43 -66.65
CA ARG J 344 32.72 8.12 -67.56
C ARG J 344 31.42 8.52 -66.89
N GLY J 345 30.99 7.81 -65.85
CA GLY J 345 29.76 8.16 -65.15
C GLY J 345 28.91 6.96 -64.81
N ASP J 346 29.39 5.77 -65.14
CA ASP J 346 28.67 4.52 -64.86
C ASP J 346 29.45 3.68 -63.86
N HIS J 347 28.95 2.48 -63.59
CA HIS J 347 29.58 1.55 -62.67
C HIS J 347 29.64 0.17 -63.31
N ILE J 348 30.66 -0.59 -62.94
CA ILE J 348 30.87 -1.96 -63.41
C ILE J 348 30.79 -2.89 -62.21
N VAL J 349 30.03 -3.97 -62.35
CA VAL J 349 29.78 -4.91 -61.27
C VAL J 349 30.30 -6.28 -61.65
N TRP J 350 30.91 -6.96 -60.69
CA TRP J 350 31.50 -8.28 -60.88
C TRP J 350 30.49 -9.32 -60.37
N ILE J 351 29.67 -9.82 -61.28
CA ILE J 351 28.64 -10.80 -60.97
C ILE J 351 28.73 -11.94 -61.98
N ASN J 352 28.68 -13.18 -61.49
CA ASN J 352 28.74 -14.38 -62.33
C ASN J 352 30.03 -14.40 -63.14
N ASN J 353 31.15 -14.43 -62.40
CA ASN J 353 32.51 -14.50 -62.93
C ASN J 353 32.72 -13.63 -64.16
N SER J 354 32.15 -12.43 -64.15
CA SER J 354 32.27 -11.52 -65.28
C SER J 354 31.99 -10.10 -64.80
N TRP J 355 32.44 -9.13 -65.58
CA TRP J 355 32.24 -7.72 -65.28
C TRP J 355 31.09 -7.21 -66.15
N LYS J 356 30.05 -6.71 -65.51
CA LYS J 356 28.82 -6.33 -66.19
C LYS J 356 28.65 -4.82 -66.19
N PHE J 357 28.08 -4.30 -67.28
CA PHE J 357 27.81 -2.89 -67.45
C PHE J 357 26.33 -2.68 -67.70
N ASN J 358 25.76 -1.69 -67.00
CA ASN J 358 24.36 -1.33 -67.18
C ASN J 358 24.18 0.13 -66.77
N SER J 359 23.48 0.90 -67.61
CA SER J 359 23.27 2.31 -67.37
C SER J 359 21.86 2.67 -66.96
N GLU J 360 20.88 1.77 -67.16
CA GLU J 360 19.49 2.04 -66.85
C GLU J 360 19.02 1.34 -65.59
N GLU J 361 19.35 0.06 -65.42
CA GLU J 361 18.93 -0.70 -64.25
C GLU J 361 20.14 -1.05 -63.40
N PRO J 362 20.16 -0.67 -62.13
CA PRO J 362 21.36 -0.87 -61.31
C PRO J 362 21.56 -2.34 -60.95
N LEU J 363 22.82 -2.67 -60.69
CA LEU J 363 23.22 -4.02 -60.29
C LEU J 363 23.83 -4.06 -58.89
N ILE J 364 23.94 -2.92 -58.21
CA ILE J 364 24.57 -2.90 -56.89
C ILE J 364 23.76 -3.69 -55.89
N THR J 365 22.42 -3.56 -55.94
CA THR J 365 21.58 -4.30 -55.00
C THR J 365 21.70 -5.81 -55.21
N LYS J 366 21.81 -6.24 -56.47
CA LYS J 366 22.02 -7.66 -56.74
C LYS J 366 23.35 -8.13 -56.17
N LEU J 367 24.40 -7.31 -56.28
CA LEU J 367 25.68 -7.65 -55.68
C LEU J 367 25.55 -7.78 -54.16
N ILE J 368 24.84 -6.84 -53.54
CA ILE J 368 24.65 -6.90 -52.09
C ILE J 368 23.91 -8.17 -51.70
N LEU J 369 22.88 -8.54 -52.46
CA LEU J 369 22.16 -9.79 -52.20
C LEU J 369 23.06 -11.00 -52.41
N SER J 370 24.00 -10.92 -53.36
CA SER J 370 24.85 -12.07 -53.66
C SER J 370 25.95 -12.28 -52.62
N ILE J 371 26.49 -11.21 -52.04
CA ILE J 371 27.60 -11.36 -51.09
C ILE J 371 27.12 -11.66 -49.67
N ARG J 372 25.84 -11.99 -49.49
CA ARG J 372 25.34 -12.30 -48.16
C ARG J 372 26.05 -13.52 -47.58
N HIS J 373 26.30 -14.55 -48.40
CA HIS J 373 26.90 -15.78 -47.90
C HIS J 373 28.31 -15.54 -47.35
N GLN J 374 29.12 -14.75 -48.06
CA GLN J 374 30.46 -14.46 -47.56
C GLN J 374 30.41 -13.59 -46.31
N LEU J 375 29.36 -12.79 -46.18
CA LEU J 375 29.21 -11.92 -45.02
C LEU J 375 28.95 -12.74 -43.77
N PRO J 376 29.48 -12.32 -42.60
CA PRO J 376 29.25 -13.10 -41.37
C PRO J 376 27.79 -13.21 -40.94
N LYS J 377 27.59 -13.98 -39.87
CA LYS J 377 26.25 -14.42 -39.48
C LYS J 377 25.33 -13.25 -39.15
N GLU J 378 25.84 -12.24 -38.44
CA GLU J 378 24.99 -11.21 -37.88
C GLU J 378 24.76 -10.03 -38.81
N TYR J 379 25.19 -10.14 -40.06
CA TYR J 379 24.94 -9.11 -41.05
C TYR J 379 24.25 -9.64 -42.31
N SER J 380 24.31 -10.94 -42.57
CA SER J 380 23.69 -11.49 -43.79
C SER J 380 22.17 -11.39 -43.73
N SER J 381 21.57 -11.68 -42.57
CA SER J 381 20.11 -11.65 -42.47
C SER J 381 19.56 -10.23 -42.51
N GLU J 382 20.40 -9.22 -42.30
CA GLU J 382 19.95 -7.83 -42.29
C GLU J 382 19.77 -7.27 -43.70
N LEU J 383 20.23 -7.98 -44.73
CA LEU J 383 20.17 -7.50 -46.10
C LEU J 383 18.94 -8.00 -46.85
N LEU J 384 17.89 -8.42 -46.14
CA LEU J 384 16.71 -8.94 -46.82
C LEU J 384 15.72 -7.84 -47.17
N CYS J 385 15.44 -6.93 -46.24
CA CYS J 385 14.52 -5.84 -46.51
C CYS J 385 15.14 -4.87 -47.51
N PRO J 386 14.41 -4.47 -48.55
CA PRO J 386 15.02 -3.64 -49.61
C PRO J 386 15.60 -2.33 -49.12
N ARG J 387 14.94 -1.67 -48.15
CA ARG J 387 15.33 -0.31 -47.78
C ARG J 387 16.77 -0.25 -47.27
N LYS J 388 17.16 -1.21 -46.43
CA LYS J 388 18.52 -1.25 -45.96
C LYS J 388 19.50 -1.46 -47.11
N ARG J 389 19.12 -2.29 -48.09
CA ARG J 389 19.99 -2.51 -49.23
C ARG J 389 20.18 -1.24 -50.05
N LYS J 390 19.11 -0.46 -50.24
CA LYS J 390 19.29 0.83 -50.93
C LYS J 390 20.14 1.79 -50.11
N THR J 391 20.01 1.75 -48.78
CA THR J 391 20.86 2.59 -47.95
C THR J 391 22.33 2.22 -48.11
N VAL J 392 22.64 0.92 -48.11
CA VAL J 392 24.01 0.49 -48.34
C VAL J 392 24.48 0.85 -49.74
N GLU J 393 23.58 0.81 -50.73
CA GLU J 393 23.93 1.22 -52.08
C GLU J 393 24.32 2.69 -52.12
N ALA J 394 23.54 3.55 -51.43
CA ALA J 394 23.90 4.96 -51.34
C ALA J 394 25.24 5.13 -50.66
N ASN J 395 25.49 4.35 -49.60
CA ASN J 395 26.78 4.44 -48.91
C ASN J 395 27.93 4.12 -49.86
N ILE J 396 27.86 2.98 -50.56
CA ILE J 396 28.98 2.58 -51.40
C ILE J 396 29.13 3.56 -52.56
N ARG J 397 28.02 4.12 -53.06
CA ARG J 397 28.13 5.19 -54.05
C ARG J 397 28.89 6.37 -53.48
N ASP J 398 28.69 6.68 -52.21
CA ASP J 398 29.40 7.79 -51.57
C ASP J 398 30.87 7.49 -51.29
N MET J 399 31.26 6.21 -51.10
CA MET J 399 32.64 5.91 -50.77
C MET J 399 33.57 5.84 -51.97
N LEU J 400 33.06 5.57 -53.16
CA LEU J 400 33.92 5.37 -54.34
C LEU J 400 34.27 6.73 -54.91
N VAL J 401 35.54 7.13 -54.79
CA VAL J 401 35.98 8.45 -55.21
C VAL J 401 36.97 8.40 -56.38
N ASP J 402 37.58 7.25 -56.65
CA ASP J 402 38.63 7.15 -57.65
C ASP J 402 38.08 6.53 -58.94
N SER J 403 38.67 6.92 -60.06
CA SER J 403 38.26 6.46 -61.38
C SER J 403 39.35 5.60 -61.99
N VAL J 404 38.93 4.49 -62.61
CA VAL J 404 39.86 3.55 -63.22
C VAL J 404 39.50 3.35 -64.68
N GLU J 405 40.48 2.89 -65.45
CA GLU J 405 40.32 2.65 -66.88
C GLU J 405 40.18 1.16 -67.14
N THR J 406 39.25 0.80 -68.02
CA THR J 406 38.98 -0.58 -68.37
C THR J 406 39.65 -0.94 -69.69
N ASP J 407 39.96 -2.23 -69.85
CA ASP J 407 40.55 -2.78 -71.06
C ASP J 407 41.88 -2.07 -71.38
N THR J 408 42.82 -2.21 -70.45
CA THR J 408 44.14 -1.59 -70.58
C THR J 408 45.19 -2.54 -71.14
N TYR J 409 45.14 -3.81 -70.79
CA TYR J 409 46.15 -4.77 -71.23
C TYR J 409 45.86 -5.19 -72.66
N PRO J 410 46.77 -4.96 -73.62
CA PRO J 410 46.52 -5.35 -75.00
C PRO J 410 46.85 -6.79 -75.32
N ASP J 411 47.48 -7.52 -74.39
CA ASP J 411 47.94 -8.89 -74.63
C ASP J 411 47.11 -9.90 -73.85
N LYS J 412 45.81 -9.67 -73.75
CA LYS J 412 44.90 -10.57 -73.06
C LYS J 412 43.78 -10.98 -74.01
N LEU J 413 43.49 -12.28 -74.06
CA LEU J 413 42.42 -12.79 -74.90
C LEU J 413 41.26 -13.21 -74.00
N PRO J 414 40.13 -12.52 -74.04
CA PRO J 414 39.02 -12.86 -73.14
C PRO J 414 38.33 -14.14 -73.55
N PHE J 415 37.64 -14.73 -72.57
CA PHE J 415 36.82 -15.91 -72.80
C PHE J 415 35.60 -15.83 -71.91
N LYS J 416 34.63 -16.72 -72.17
CA LYS J 416 33.40 -16.73 -71.39
C LYS J 416 33.65 -17.06 -69.93
N ASN J 417 34.56 -18.01 -69.67
CA ASN J 417 34.83 -18.46 -68.31
C ASN J 417 36.20 -18.05 -67.80
N GLY J 418 36.90 -17.15 -68.50
CA GLY J 418 38.20 -16.73 -68.04
C GLY J 418 38.89 -15.87 -69.10
N VAL J 419 40.22 -15.78 -68.94
CA VAL J 419 41.07 -15.02 -69.84
C VAL J 419 42.35 -15.79 -70.08
N LEU J 420 42.88 -15.69 -71.30
CA LEU J 420 44.08 -16.39 -71.70
C LEU J 420 45.22 -15.39 -71.92
N ASP J 421 46.36 -15.65 -71.28
CA ASP J 421 47.52 -14.79 -71.45
C ASP J 421 48.30 -15.21 -72.68
N LEU J 422 48.53 -14.26 -73.59
CA LEU J 422 49.22 -14.58 -74.84
C LEU J 422 50.69 -14.84 -74.61
N VAL J 423 51.35 -14.00 -73.81
CA VAL J 423 52.81 -14.10 -73.66
C VAL J 423 53.22 -15.41 -73.01
N ASP J 424 52.35 -15.99 -72.17
CA ASP J 424 52.68 -17.21 -71.46
C ASP J 424 51.91 -18.43 -71.95
N GLY J 425 50.81 -18.24 -72.68
CA GLY J 425 50.02 -19.36 -73.15
C GLY J 425 49.39 -20.17 -72.04
N MET J 426 48.89 -19.51 -71.00
CA MET J 426 48.23 -20.19 -69.90
C MET J 426 46.97 -19.43 -69.54
N PHE J 427 46.04 -20.12 -68.89
CA PHE J 427 44.66 -19.66 -68.73
C PHE J 427 44.40 -19.25 -67.29
N TYR J 428 43.82 -18.07 -67.12
CA TYR J 428 43.21 -17.65 -65.85
C TYR J 428 41.72 -17.86 -65.92
N SER J 429 41.15 -18.42 -64.86
CA SER J 429 39.71 -18.65 -64.79
C SER J 429 39.22 -18.40 -63.37
N GLY J 430 38.10 -17.69 -63.26
CA GLY J 430 37.50 -17.44 -61.96
C GLY J 430 37.94 -16.15 -61.31
N ASP J 431 38.17 -16.20 -60.00
CA ASP J 431 38.54 -14.99 -59.26
C ASP J 431 39.91 -14.47 -59.64
N ASP J 432 40.81 -15.36 -60.06
CA ASP J 432 42.17 -14.94 -60.41
C ASP J 432 42.21 -14.08 -61.67
N ALA J 433 41.13 -14.04 -62.46
CA ALA J 433 41.05 -13.19 -63.63
C ALA J 433 40.36 -11.86 -63.35
N LYS J 434 40.01 -11.59 -62.08
CA LYS J 434 39.32 -10.35 -61.76
C LYS J 434 40.22 -9.13 -61.92
N LYS J 435 41.54 -9.32 -61.81
CA LYS J 435 42.47 -8.20 -61.95
C LYS J 435 42.40 -7.58 -63.33
N TYR J 436 42.26 -8.42 -64.36
CA TYR J 436 42.12 -7.93 -65.73
C TYR J 436 40.68 -7.49 -65.94
N THR J 437 40.46 -6.18 -66.00
CA THR J 437 39.12 -5.61 -66.13
C THR J 437 38.70 -5.65 -67.59
N CYS J 438 38.08 -6.76 -67.99
CA CYS J 438 37.58 -6.94 -69.34
C CYS J 438 36.07 -7.11 -69.28
N THR J 439 35.36 -6.38 -70.14
CA THR J 439 33.90 -6.36 -70.14
C THR J 439 33.30 -7.18 -71.28
N VAL J 440 34.10 -7.96 -72.00
CA VAL J 440 33.63 -8.72 -73.15
C VAL J 440 34.21 -10.12 -73.09
N SER J 441 33.74 -10.97 -74.00
CA SER J 441 34.21 -12.34 -74.12
C SER J 441 33.97 -12.82 -75.54
N THR J 442 34.62 -13.94 -75.89
CA THR J 442 34.45 -14.52 -77.21
C THR J 442 33.08 -15.16 -77.40
N GLY J 443 32.28 -15.29 -76.35
CA GLY J 443 30.97 -15.88 -76.45
C GLY J 443 30.93 -17.39 -76.29
N PHE J 444 32.07 -18.03 -76.07
CA PHE J 444 32.12 -19.48 -75.88
C PHE J 444 33.14 -19.81 -74.81
N LYS J 445 32.96 -20.98 -74.19
CA LYS J 445 33.84 -21.43 -73.13
C LYS J 445 35.16 -21.94 -73.70
N PHE J 446 36.12 -22.16 -72.81
CA PHE J 446 37.44 -22.66 -73.17
C PHE J 446 37.62 -24.07 -72.63
N ASP J 447 37.99 -25.00 -73.51
CA ASP J 447 38.23 -26.38 -73.14
C ASP J 447 39.70 -26.70 -73.33
N ASP J 448 40.36 -27.15 -72.27
CA ASP J 448 41.77 -27.48 -72.32
C ASP J 448 42.03 -28.87 -72.87
N THR J 449 40.99 -29.71 -72.99
CA THR J 449 41.19 -31.06 -73.50
C THR J 449 41.68 -31.04 -74.95
N LYS J 450 41.10 -30.18 -75.77
CA LYS J 450 41.51 -30.08 -77.17
C LYS J 450 42.77 -29.26 -77.36
N PHE J 451 43.21 -28.52 -76.34
CA PHE J 451 44.44 -27.72 -76.42
C PHE J 451 45.63 -28.65 -76.16
N VAL J 452 46.00 -29.40 -77.20
CA VAL J 452 47.07 -30.37 -77.11
C VAL J 452 48.06 -30.11 -78.25
N GLU J 453 49.29 -30.63 -78.07
CA GLU J 453 50.33 -30.40 -79.06
C GLU J 453 50.00 -31.05 -80.40
N ASP J 454 49.43 -32.26 -80.37
CA ASP J 454 49.10 -32.99 -81.59
C ASP J 454 47.68 -33.52 -81.51
N SER J 455 46.95 -33.39 -82.61
CA SER J 455 45.59 -33.89 -82.73
C SER J 455 45.32 -34.15 -84.21
N PRO J 456 44.64 -35.26 -84.54
CA PRO J 456 44.43 -35.59 -85.96
C PRO J 456 43.70 -34.50 -86.74
N GLU J 457 42.77 -33.80 -86.09
CA GLU J 457 42.08 -32.71 -86.76
C GLU J 457 43.05 -31.60 -87.15
N MET J 458 44.02 -31.30 -86.29
CA MET J 458 45.02 -30.28 -86.62
C MET J 458 45.86 -30.71 -87.81
N GLU J 459 46.26 -31.98 -87.86
CA GLU J 459 47.05 -32.47 -88.99
C GLU J 459 46.24 -32.40 -90.28
N GLU J 460 44.95 -32.75 -90.21
CA GLU J 460 44.11 -32.68 -91.40
C GLU J 460 43.91 -31.24 -91.85
N LEU J 461 43.80 -30.30 -90.92
CA LEU J 461 43.57 -28.91 -91.26
C LEU J 461 44.84 -28.22 -91.76
N MET J 462 46.01 -28.63 -91.26
CA MET J 462 47.25 -27.92 -91.57
C MET J 462 47.66 -28.03 -93.03
N ASN J 463 47.14 -29.02 -93.76
CA ASN J 463 47.54 -29.17 -95.16
C ASN J 463 47.04 -28.01 -96.02
N ILE J 464 45.84 -27.50 -95.73
CA ILE J 464 45.34 -26.34 -96.47
C ILE J 464 46.26 -25.14 -96.26
N ILE J 465 46.68 -24.91 -95.02
CA ILE J 465 47.56 -23.78 -94.73
C ILE J 465 48.92 -23.97 -95.40
N ASN J 466 49.46 -25.19 -95.34
CA ASN J 466 50.81 -25.42 -95.86
C ASN J 466 50.85 -25.49 -97.38
N ASP J 467 49.74 -25.81 -98.05
CA ASP J 467 49.77 -25.97 -99.49
C ASP J 467 49.97 -24.63 -100.20
N ILE J 468 49.28 -23.58 -99.76
CA ILE J 468 49.32 -22.31 -100.47
C ILE J 468 50.70 -21.69 -100.39
N GLN J 469 51.37 -21.81 -99.24
CA GLN J 469 52.69 -21.21 -99.02
C GLN J 469 53.64 -22.28 -98.50
N PRO J 470 54.32 -23.00 -99.39
CA PRO J 470 55.31 -23.98 -98.93
C PRO J 470 56.45 -23.31 -98.18
N LEU J 471 57.00 -24.04 -97.21
CA LEU J 471 58.10 -23.53 -96.38
C LEU J 471 59.43 -23.69 -97.13
N THR J 472 59.60 -22.87 -98.15
CA THR J 472 60.79 -22.87 -98.99
C THR J 472 61.41 -21.48 -99.01
N ASP J 473 62.64 -21.41 -99.52
CA ASP J 473 63.38 -20.16 -99.53
C ASP J 473 62.78 -19.13 -100.47
N GLU J 474 62.22 -19.59 -101.61
CA GLU J 474 61.68 -18.66 -102.60
C GLU J 474 60.44 -17.93 -102.11
N ASN J 475 59.79 -18.43 -101.05
CA ASN J 475 58.61 -17.81 -100.49
C ASN J 475 58.86 -17.20 -99.11
N LYS J 476 60.12 -17.18 -98.66
CA LYS J 476 60.43 -16.71 -97.31
C LYS J 476 60.09 -15.24 -97.12
N LYS J 477 60.39 -14.41 -98.13
CA LYS J 477 60.13 -12.98 -98.02
C LYS J 477 58.63 -12.72 -97.87
N ASN J 478 57.81 -13.42 -98.63
CA ASN J 478 56.36 -13.30 -98.50
C ASN J 478 55.82 -14.10 -97.33
N ARG J 479 56.53 -15.14 -96.90
CA ARG J 479 56.17 -15.83 -95.67
C ARG J 479 56.25 -14.89 -94.48
N GLU J 480 57.27 -14.03 -94.45
CA GLU J 480 57.41 -13.05 -93.37
C GLU J 480 56.15 -12.20 -93.24
N LEU J 481 55.52 -11.85 -94.36
CA LEU J 481 54.32 -11.02 -94.32
C LEU J 481 53.07 -11.86 -94.03
N TYR J 482 52.95 -13.02 -94.65
CA TYR J 482 51.75 -13.83 -94.49
C TYR J 482 51.62 -14.39 -93.08
N GLU J 483 52.74 -14.85 -92.50
CA GLU J 483 52.72 -15.42 -91.16
C GLU J 483 52.35 -14.36 -90.12
N LYS J 484 52.57 -13.09 -90.42
CA LYS J 484 52.43 -12.05 -89.42
C LYS J 484 51.19 -11.18 -89.63
N THR J 485 50.61 -11.17 -90.83
CA THR J 485 49.40 -10.37 -91.04
C THR J 485 48.20 -10.97 -90.32
N LEU J 486 48.11 -12.30 -90.26
CA LEU J 486 46.98 -12.94 -89.57
C LEU J 486 47.15 -12.88 -88.07
N SER J 487 48.38 -13.02 -87.58
CA SER J 487 48.61 -13.07 -86.13
C SER J 487 48.37 -11.73 -85.45
N SER J 488 48.25 -10.64 -86.20
CA SER J 488 47.99 -9.34 -85.61
C SER J 488 46.54 -9.16 -85.17
N CYS J 489 45.65 -10.10 -85.50
CA CYS J 489 44.24 -9.96 -85.19
C CYS J 489 43.92 -10.27 -83.73
N LEU J 490 44.87 -10.78 -82.96
CA LEU J 490 44.64 -11.19 -81.58
C LEU J 490 44.90 -10.06 -80.58
N CYS J 491 46.04 -9.38 -80.72
CA CYS J 491 46.38 -8.32 -79.79
C CYS J 491 45.42 -7.14 -79.93
N GLY J 492 45.11 -6.50 -78.81
CA GLY J 492 44.16 -5.41 -78.80
C GLY J 492 44.80 -4.05 -78.99
N ALA J 493 46.04 -4.03 -79.47
CA ALA J 493 46.73 -2.76 -79.70
C ALA J 493 46.06 -1.97 -80.82
N THR J 494 46.14 -0.65 -80.71
CA THR J 494 45.52 0.25 -81.69
C THR J 494 46.48 0.43 -82.86
N LYS J 495 46.12 -0.15 -84.01
CA LYS J 495 46.92 -0.03 -85.22
C LYS J 495 45.99 0.16 -86.41
N GLY J 496 46.37 1.07 -87.30
CA GLY J 496 45.53 1.37 -88.46
C GLY J 496 46.22 1.14 -89.79
N CYS J 497 47.02 0.08 -89.86
CA CYS J 497 47.74 -0.28 -91.08
C CYS J 497 46.96 -1.38 -91.80
N LEU J 498 46.35 -1.03 -92.94
CA LEU J 498 45.57 -2.00 -93.69
C LEU J 498 46.49 -2.95 -94.44
N THR J 499 45.97 -4.16 -94.70
CA THR J 499 46.71 -5.20 -95.40
C THR J 499 45.87 -5.70 -96.57
N PHE J 500 46.53 -6.04 -97.67
CA PHE J 500 45.87 -6.52 -98.88
C PHE J 500 46.24 -7.97 -99.13
N PHE J 501 45.24 -8.79 -99.44
CA PHE J 501 45.46 -10.17 -99.85
C PHE J 501 45.34 -10.26 -101.37
N PHE J 502 46.39 -10.74 -102.02
CA PHE J 502 46.46 -10.84 -103.47
C PHE J 502 46.81 -12.26 -103.85
N GLY J 503 46.12 -12.81 -104.83
CA GLY J 503 46.39 -14.15 -105.29
C GLY J 503 45.26 -14.69 -106.12
N GLU J 504 45.50 -15.88 -106.67
CA GLU J 504 44.51 -16.56 -107.49
C GLU J 504 43.48 -17.25 -106.62
N THR J 505 42.35 -17.60 -107.24
CA THR J 505 41.26 -18.25 -106.53
C THR J 505 41.54 -19.75 -106.41
N ALA J 506 40.55 -20.48 -105.88
CA ALA J 506 40.65 -21.94 -105.68
C ALA J 506 41.86 -22.30 -104.82
N THR J 507 42.14 -21.49 -103.81
CA THR J 507 43.25 -21.74 -102.89
C THR J 507 42.79 -21.82 -101.44
N GLY J 508 41.49 -21.69 -101.16
CA GLY J 508 41.00 -21.71 -99.80
C GLY J 508 41.14 -20.42 -99.05
N LYS J 509 41.65 -19.36 -99.69
CA LYS J 509 41.79 -18.07 -99.01
C LYS J 509 40.43 -17.48 -98.68
N SER J 510 39.45 -17.64 -99.58
CA SER J 510 38.11 -17.14 -99.32
C SER J 510 37.46 -17.85 -98.14
N THR J 511 37.79 -19.13 -97.93
CA THR J 511 37.25 -19.86 -96.80
C THR J 511 37.76 -19.31 -95.48
N THR J 512 38.98 -18.77 -95.46
CA THR J 512 39.55 -18.21 -94.24
C THR J 512 38.72 -17.05 -93.71
N LYS J 513 38.04 -16.31 -94.60
CA LYS J 513 37.23 -15.17 -94.17
C LYS J 513 36.13 -15.62 -93.21
N ARG J 514 35.46 -16.73 -93.52
CA ARG J 514 34.44 -17.27 -92.64
C ARG J 514 35.01 -18.15 -91.54
N LEU J 515 36.18 -18.75 -91.75
CA LEU J 515 36.78 -19.60 -90.72
C LEU J 515 37.37 -18.77 -89.58
N LEU J 516 37.76 -17.52 -89.84
CA LEU J 516 38.23 -16.65 -88.78
C LEU J 516 37.11 -16.38 -87.76
N LYS J 517 35.87 -16.30 -88.22
CA LYS J 517 34.75 -16.19 -87.29
C LYS J 517 34.63 -17.44 -86.42
N SER J 518 34.87 -18.61 -87.00
CA SER J 518 34.90 -19.83 -86.20
C SER J 518 36.05 -19.82 -85.20
N ALA J 519 37.16 -19.16 -85.55
CA ALA J 519 38.30 -19.11 -84.63
C ALA J 519 38.09 -18.10 -83.50
N ILE J 520 37.92 -16.83 -83.84
CA ILE J 520 37.82 -15.79 -82.82
C ILE J 520 36.44 -15.79 -82.19
N GLY J 521 35.39 -15.78 -83.01
CA GLY J 521 34.04 -15.80 -82.50
C GLY J 521 33.32 -14.47 -82.56
N ASP J 522 32.92 -13.96 -81.39
CA ASP J 522 32.14 -12.72 -81.34
C ASP J 522 32.96 -11.53 -81.80
N LEU J 523 34.23 -11.46 -81.42
CA LEU J 523 35.05 -10.30 -81.73
C LEU J 523 35.22 -10.11 -83.24
N PHE J 524 35.44 -11.21 -83.97
CA PHE J 524 35.62 -11.10 -85.41
C PHE J 524 34.31 -10.73 -86.09
N VAL J 525 34.40 -9.80 -87.04
CA VAL J 525 33.25 -9.33 -87.80
C VAL J 525 33.64 -9.22 -89.26
N GLU J 526 32.80 -9.75 -90.15
CA GLU J 526 33.02 -9.67 -91.58
C GLU J 526 31.98 -8.75 -92.21
N THR J 527 32.41 -7.99 -93.22
CA THR J 527 31.55 -7.03 -93.89
C THR J 527 31.96 -6.95 -95.35
N GLY J 528 31.36 -5.99 -96.07
CA GLY J 528 31.61 -5.84 -97.48
C GLY J 528 32.20 -4.51 -97.88
N GLN J 529 32.03 -4.14 -99.15
CA GLN J 529 32.57 -2.90 -99.70
C GLN J 529 31.68 -1.69 -99.43
N THR J 530 30.53 -1.88 -98.80
CA THR J 530 29.63 -0.76 -98.54
C THR J 530 30.28 0.27 -97.62
N ILE J 531 31.00 -0.19 -96.60
CA ILE J 531 31.66 0.75 -95.69
C ILE J 531 32.76 1.51 -96.42
N LEU J 532 33.45 0.88 -97.36
CA LEU J 532 34.48 1.58 -98.12
C LEU J 532 33.86 2.63 -99.05
N THR J 533 32.81 2.24 -99.77
CA THR J 533 32.19 3.17 -100.73
C THR J 533 31.48 4.31 -100.01
N ASP J 534 30.71 3.99 -98.98
CA ASP J 534 29.94 5.01 -98.27
C ASP J 534 30.84 5.79 -97.32
N VAL J 535 30.57 7.09 -97.22
CA VAL J 535 31.29 7.95 -96.28
C VAL J 535 30.61 7.86 -94.91
N LEU J 536 31.41 7.61 -93.87
CA LEU J 536 30.85 7.42 -92.54
C LEU J 536 30.27 8.70 -91.96
N ASP J 537 30.78 9.86 -92.40
CA ASP J 537 30.31 11.13 -91.85
C ASP J 537 28.85 11.39 -92.17
N LYS J 538 28.43 11.12 -93.40
CA LYS J 538 27.06 11.42 -93.82
C LYS J 538 26.10 10.40 -93.23
N GLY J 539 25.06 10.89 -92.56
CA GLY J 539 24.03 10.04 -92.00
C GLY J 539 24.49 9.34 -90.74
N PRO J 540 23.55 8.77 -90.00
CA PRO J 540 23.90 7.99 -88.81
C PRO J 540 24.20 6.53 -89.14
N ASN J 541 25.38 6.06 -88.76
CA ASN J 541 25.78 4.68 -89.04
C ASN J 541 25.89 3.91 -87.74
N PRO J 542 24.90 3.09 -87.38
CA PRO J 542 25.00 2.29 -86.14
C PRO J 542 26.16 1.31 -86.15
N PHE J 543 26.54 0.80 -87.32
CA PHE J 543 27.65 -0.15 -87.38
C PHE J 543 28.97 0.52 -87.01
N ILE J 544 29.16 1.78 -87.41
CA ILE J 544 30.37 2.49 -87.01
C ILE J 544 30.39 2.72 -85.49
N ALA J 545 29.22 3.02 -84.91
CA ALA J 545 29.15 3.17 -83.46
C ALA J 545 29.47 1.85 -82.75
N ASN J 546 29.00 0.74 -83.31
CA ASN J 546 29.26 -0.57 -82.73
C ASN J 546 30.64 -1.11 -83.08
N MET J 547 31.39 -0.43 -83.95
CA MET J 547 32.73 -0.86 -84.30
C MET J 547 33.66 -0.85 -83.09
N HIS J 548 33.32 -0.08 -82.05
CA HIS J 548 34.15 0.06 -80.87
C HIS J 548 34.49 -1.31 -80.27
N LEU J 549 35.78 -1.52 -80.01
CA LEU J 549 36.31 -2.74 -79.41
C LEU J 549 35.94 -3.95 -80.28
N LYS J 550 36.54 -3.96 -81.46
CA LYS J 550 36.49 -5.12 -82.36
C LYS J 550 37.92 -5.45 -82.75
N ARG J 551 38.36 -6.68 -82.45
CA ARG J 551 39.75 -7.05 -82.65
C ARG J 551 40.11 -7.09 -84.13
N SER J 552 39.30 -7.79 -84.93
CA SER J 552 39.58 -7.94 -86.35
C SER J 552 38.29 -7.78 -87.15
N VAL J 553 38.36 -7.02 -88.23
CA VAL J 553 37.22 -6.79 -89.12
C VAL J 553 37.68 -7.08 -90.54
N PHE J 554 37.14 -8.15 -91.14
CA PHE J 554 37.40 -8.42 -92.54
C PHE J 554 36.67 -7.38 -93.39
N CYS J 555 37.42 -6.66 -94.22
CA CYS J 555 36.85 -5.49 -94.89
C CYS J 555 35.93 -5.91 -96.03
N SER J 556 36.47 -6.57 -97.05
CA SER J 556 35.68 -6.89 -98.23
C SER J 556 36.43 -7.90 -99.09
N GLU J 557 35.69 -8.50 -100.02
CA GLU J 557 36.22 -9.39 -101.05
C GLU J 557 36.03 -8.81 -102.45
N LEU J 558 36.09 -7.48 -102.55
CA LEU J 558 35.65 -6.80 -103.77
C LEU J 558 36.52 -7.19 -104.96
N PRO J 559 35.94 -7.29 -106.16
CA PRO J 559 36.74 -7.54 -107.36
C PRO J 559 37.39 -6.26 -107.89
N ASP J 560 37.98 -6.35 -109.08
CA ASP J 560 38.65 -5.19 -109.67
C ASP J 560 37.71 -4.01 -109.80
N PHE J 561 38.17 -2.84 -109.38
CA PHE J 561 37.43 -1.61 -109.54
C PHE J 561 37.83 -0.83 -110.79
N ALA J 562 38.86 -1.28 -111.52
CA ALA J 562 39.21 -0.66 -112.78
C ALA J 562 38.15 -0.88 -113.85
N CYS J 563 37.33 -1.92 -113.70
CA CYS J 563 36.25 -2.18 -114.64
C CYS J 563 35.21 -1.07 -114.57
N SER J 564 34.62 -0.76 -115.72
CA SER J 564 33.62 0.30 -115.79
C SER J 564 32.37 -0.07 -115.00
N GLY J 565 31.75 0.94 -114.41
CA GLY J 565 30.55 0.74 -113.63
C GLY J 565 30.75 0.57 -112.14
N SER J 566 31.98 0.72 -111.65
CA SER J 566 32.28 0.57 -110.24
C SER J 566 32.88 1.88 -109.72
N LYS J 567 32.33 2.38 -108.62
CA LYS J 567 32.82 3.62 -108.02
C LYS J 567 34.21 3.40 -107.43
N LYS J 568 35.03 4.44 -107.51
CA LYS J 568 36.40 4.38 -107.01
C LYS J 568 36.41 4.48 -105.49
N ILE J 569 37.55 4.10 -104.90
CA ILE J 569 37.69 4.09 -103.45
C ILE J 569 37.76 5.52 -102.93
N ARG J 570 36.96 5.81 -101.91
CA ARG J 570 36.97 7.13 -101.27
C ARG J 570 38.15 7.19 -100.32
N SER J 571 39.12 8.06 -100.63
CA SER J 571 40.34 8.15 -99.84
C SER J 571 40.14 8.87 -98.51
N ASP J 572 39.01 9.54 -98.30
CA ASP J 572 38.78 10.24 -97.04
C ASP J 572 38.50 9.27 -95.90
N ASN J 573 37.86 8.14 -96.18
CA ASN J 573 37.50 7.21 -95.13
C ASN J 573 38.72 6.50 -94.56
N ILE J 574 39.69 6.16 -95.42
CA ILE J 574 40.86 5.41 -94.95
C ILE J 574 41.75 6.26 -94.05
N LYS J 575 41.70 7.58 -94.20
CA LYS J 575 42.55 8.45 -93.40
C LYS J 575 42.21 8.37 -91.91
N LYS J 576 40.92 8.36 -91.59
CA LYS J 576 40.50 8.36 -90.18
C LYS J 576 40.64 6.99 -89.53
N LEU J 577 40.80 5.92 -90.31
CA LEU J 577 40.92 4.59 -89.72
C LEU J 577 42.22 4.45 -88.94
N THR J 578 43.30 5.07 -89.42
CA THR J 578 44.58 4.99 -88.73
C THR J 578 44.53 5.70 -87.38
N GLU J 579 43.77 6.77 -87.27
CA GLU J 579 43.73 7.54 -86.03
C GLU J 579 43.18 6.68 -84.89
N PRO J 580 43.74 6.78 -83.68
CA PRO J 580 43.23 5.97 -82.57
C PRO J 580 41.79 6.24 -82.23
N CYS J 581 41.31 7.47 -82.42
CA CYS J 581 39.93 7.83 -82.10
C CYS J 581 39.13 8.00 -83.38
N VAL J 582 37.95 7.41 -83.41
CA VAL J 582 37.08 7.49 -84.58
C VAL J 582 36.02 8.57 -84.37
N ARG J 595 37.32 4.18 -78.71
CA ARG J 595 38.56 3.44 -78.96
C ARG J 595 38.38 2.44 -80.09
N ASN J 596 39.38 2.35 -80.96
CA ASN J 596 39.37 1.43 -82.10
C ASN J 596 40.57 0.49 -81.99
N HIS J 597 40.31 -0.81 -82.11
CA HIS J 597 41.35 -1.83 -82.04
C HIS J 597 41.22 -2.82 -83.18
N ALA J 598 40.75 -2.36 -84.34
CA ALA J 598 40.43 -3.24 -85.45
C ALA J 598 41.63 -3.42 -86.38
N THR J 599 41.76 -4.64 -86.90
CA THR J 599 42.73 -4.95 -87.94
C THR J 599 41.95 -5.17 -89.24
N ILE J 600 42.27 -4.39 -90.26
CA ILE J 600 41.52 -4.36 -91.51
C ILE J 600 42.35 -5.02 -92.59
N ILE J 601 41.80 -6.05 -93.23
CA ILE J 601 42.44 -6.74 -94.34
C ILE J 601 41.46 -6.80 -95.49
N ILE J 602 41.92 -6.42 -96.69
CA ILE J 602 41.10 -6.43 -97.89
C ILE J 602 41.63 -7.52 -98.82
N ASP J 603 40.76 -8.44 -99.21
CA ASP J 603 41.11 -9.52 -100.12
C ASP J 603 40.56 -9.20 -101.49
N THR J 604 41.44 -9.19 -102.49
CA THR J 604 41.04 -8.91 -103.86
C THR J 604 41.72 -9.90 -104.80
N ASN J 605 40.99 -10.27 -105.87
CA ASN J 605 41.57 -11.16 -106.88
C ASN J 605 42.70 -10.46 -107.62
N TYR J 606 42.51 -9.20 -107.99
CA TYR J 606 43.51 -8.42 -108.70
C TYR J 606 43.55 -7.01 -108.10
N LYS J 607 44.59 -6.28 -108.47
CA LYS J 607 44.82 -4.96 -107.87
C LYS J 607 43.73 -3.98 -108.30
N PRO J 608 43.16 -3.21 -107.37
CA PRO J 608 42.15 -2.21 -107.75
C PRO J 608 42.78 -0.90 -108.20
N VAL J 609 41.95 0.11 -108.46
CA VAL J 609 42.42 1.43 -108.88
C VAL J 609 41.79 2.47 -107.96
N PHE J 610 42.62 3.34 -107.41
CA PHE J 610 42.16 4.40 -106.52
C PHE J 610 41.90 5.69 -107.30
N ASP J 611 41.40 6.70 -106.58
CA ASP J 611 41.11 8.00 -107.17
C ASP J 611 41.99 9.13 -106.66
N ARG J 612 42.47 9.04 -105.42
CA ARG J 612 43.30 10.08 -104.83
C ARG J 612 44.65 9.48 -104.46
N ILE J 613 45.72 10.18 -104.82
CA ILE J 613 47.08 9.71 -104.60
C ILE J 613 47.86 10.78 -103.85
N ASP J 614 48.67 10.36 -102.88
CA ASP J 614 49.46 11.27 -102.07
C ASP J 614 50.62 10.50 -101.46
N ASN J 615 51.27 11.10 -100.46
CA ASN J 615 52.44 10.49 -99.82
C ASN J 615 52.10 9.75 -98.54
N ALA J 616 50.95 10.02 -97.93
CA ALA J 616 50.62 9.37 -96.66
C ALA J 616 50.13 7.94 -96.87
N LEU J 617 49.69 7.59 -98.08
CA LEU J 617 48.97 6.33 -98.27
C LEU J 617 49.88 5.10 -98.31
N MET J 618 51.06 5.17 -98.94
CA MET J 618 51.87 3.97 -99.05
C MET J 618 52.38 3.49 -97.70
N ARG J 619 52.45 4.37 -96.71
CA ARG J 619 52.76 3.93 -95.35
C ARG J 619 51.60 3.20 -94.68
N ARG J 620 50.41 3.21 -95.29
CA ARG J 620 49.23 2.60 -94.73
C ARG J 620 48.82 1.31 -95.44
N ILE J 621 49.60 0.86 -96.43
CA ILE J 621 49.19 -0.23 -97.31
C ILE J 621 50.23 -1.34 -97.24
N ALA J 622 49.76 -2.57 -97.04
CA ALA J 622 50.59 -3.76 -97.13
C ALA J 622 49.87 -4.80 -97.98
N VAL J 623 50.64 -5.61 -98.70
CA VAL J 623 50.09 -6.58 -99.64
C VAL J 623 50.65 -7.96 -99.34
N VAL J 624 49.81 -8.97 -99.46
CA VAL J 624 50.20 -10.38 -99.34
C VAL J 624 49.89 -11.07 -100.65
N ARG J 625 50.88 -11.76 -101.21
CA ARG J 625 50.78 -12.36 -102.53
C ARG J 625 50.87 -13.88 -102.43
N PHE J 626 50.05 -14.57 -103.22
CA PHE J 626 50.01 -16.03 -103.23
C PHE J 626 50.53 -16.55 -104.56
N ARG J 627 51.35 -17.60 -104.49
CA ARG J 627 51.96 -18.20 -105.67
C ARG J 627 51.47 -19.62 -105.91
N THR J 628 51.61 -20.51 -104.94
CA THR J 628 51.25 -21.91 -105.13
C THR J 628 49.73 -22.08 -105.07
N HIS J 629 49.20 -22.80 -106.04
CA HIS J 629 47.77 -23.06 -106.11
C HIS J 629 47.34 -24.12 -105.09
N LEU J 655 34.41 -26.98 -96.23
CA LEU J 655 32.96 -27.10 -96.33
C LEU J 655 32.26 -26.15 -95.36
N ASP J 656 31.13 -25.58 -95.81
CA ASP J 656 30.37 -24.68 -94.94
C ASP J 656 29.78 -25.44 -93.76
N GLY J 657 29.40 -26.70 -93.97
CA GLY J 657 28.85 -27.49 -92.87
C GLY J 657 29.86 -27.70 -91.76
N LYS J 658 31.14 -27.89 -92.12
CA LYS J 658 32.18 -28.03 -91.12
C LYS J 658 32.33 -26.75 -90.30
N ILE J 659 32.28 -25.60 -90.96
CA ILE J 659 32.46 -24.32 -90.27
C ILE J 659 31.28 -24.02 -89.36
N GLN J 660 30.05 -24.22 -89.84
CA GLN J 660 28.87 -23.87 -89.06
C GLN J 660 28.72 -24.78 -87.84
N ASN J 661 29.23 -26.01 -87.91
CA ASN J 661 29.16 -26.94 -86.79
C ASN J 661 30.27 -26.73 -85.78
N ASN J 662 31.12 -25.71 -85.97
CA ASN J 662 32.20 -25.39 -85.05
C ASN J 662 33.17 -26.56 -84.89
N ARG J 663 33.38 -27.29 -85.99
CA ARG J 663 34.32 -28.40 -85.96
C ARG J 663 35.76 -27.91 -85.84
N TYR J 664 36.08 -26.75 -86.42
CA TYR J 664 37.43 -26.20 -86.42
C TYR J 664 37.53 -24.98 -85.50
N ARG J 665 36.82 -25.02 -84.38
CA ARG J 665 36.87 -23.94 -83.41
C ARG J 665 38.28 -23.79 -82.84
N PHE J 666 38.73 -24.80 -82.09
CA PHE J 666 40.07 -24.77 -81.53
C PHE J 666 41.13 -25.07 -82.59
N ALA J 667 40.78 -25.84 -83.62
CA ALA J 667 41.73 -26.15 -84.68
C ALA J 667 42.22 -24.89 -85.37
N PHE J 668 41.35 -23.92 -85.59
CA PHE J 668 41.76 -22.64 -86.15
C PHE J 668 42.09 -21.60 -85.08
N LEU J 669 41.62 -21.79 -83.85
CA LEU J 669 42.02 -20.89 -82.77
C LEU J 669 43.51 -21.04 -82.48
N TYR J 670 44.02 -22.27 -82.48
CA TYR J 670 45.42 -22.54 -82.17
C TYR J 670 46.38 -22.11 -83.28
N LEU J 671 45.88 -21.94 -84.51
CA LEU J 671 46.75 -21.66 -85.63
C LEU J 671 47.34 -20.25 -85.61
N LEU J 672 46.66 -19.30 -84.97
CA LEU J 672 47.06 -17.90 -84.99
C LEU J 672 47.93 -17.51 -83.79
N VAL J 673 48.32 -18.47 -82.95
CA VAL J 673 48.95 -18.15 -81.68
C VAL J 673 50.46 -18.41 -81.76
N LYS J 674 50.86 -19.37 -82.59
CA LYS J 674 52.28 -19.71 -82.68
C LYS J 674 53.08 -18.59 -83.33
N TRP J 675 52.51 -17.92 -84.34
CA TRP J 675 53.20 -16.78 -84.93
C TRP J 675 53.32 -15.62 -83.96
N TYR J 676 52.29 -15.43 -83.12
CA TYR J 676 52.36 -14.40 -82.07
C TYR J 676 53.48 -14.73 -81.09
N LYS J 677 53.62 -16.01 -80.74
CA LYS J 677 54.77 -16.41 -79.93
C LYS J 677 56.09 -16.11 -80.64
N LYS J 678 56.14 -16.41 -81.94
CA LYS J 678 57.42 -16.38 -82.64
C LYS J 678 57.92 -14.95 -82.86
N TYR J 679 57.05 -14.03 -83.30
CA TYR J 679 57.51 -12.70 -83.69
C TYR J 679 56.79 -11.54 -83.01
N HIS J 680 55.57 -11.73 -82.52
CA HIS J 680 54.79 -10.61 -82.00
C HIS J 680 55.14 -10.25 -80.55
N ILE J 681 56.29 -10.69 -80.06
CA ILE J 681 56.70 -10.40 -78.68
C ILE J 681 57.22 -8.97 -78.56
N PRO J 682 58.22 -8.53 -79.37
CA PRO J 682 58.77 -7.18 -79.15
C PRO J 682 57.75 -6.06 -79.31
N ILE J 683 57.14 -5.94 -80.49
CA ILE J 683 56.24 -4.83 -80.79
C ILE J 683 55.43 -5.19 -82.03
N MET J 684 54.25 -4.58 -82.15
CA MET J 684 53.41 -4.73 -83.34
C MET J 684 53.93 -3.79 -84.43
N LYS J 685 55.00 -4.22 -85.08
CA LYS J 685 55.63 -3.47 -86.17
C LYS J 685 55.59 -4.30 -87.44
N LEU J 686 54.75 -3.89 -88.40
CA LEU J 686 54.67 -4.52 -89.70
C LEU J 686 55.19 -3.54 -90.74
N TYR J 687 56.20 -3.97 -91.50
CA TYR J 687 56.81 -3.10 -92.49
C TYR J 687 55.90 -2.98 -93.72
N PRO J 688 55.52 -1.77 -94.12
CA PRO J 688 54.69 -1.62 -95.31
C PRO J 688 55.43 -2.07 -96.56
N THR J 689 54.68 -2.62 -97.51
CA THR J 689 55.25 -3.19 -98.73
C THR J 689 54.83 -2.37 -99.94
N PRO J 690 55.66 -1.44 -100.41
CA PRO J 690 55.32 -0.66 -101.61
C PRO J 690 55.78 -1.26 -102.93
N GLU J 691 56.21 -2.53 -102.94
CA GLU J 691 56.75 -3.12 -104.16
C GLU J 691 55.69 -3.26 -105.24
N GLU J 692 54.49 -3.71 -104.88
CA GLU J 692 53.47 -4.03 -105.87
C GLU J 692 52.11 -3.48 -105.45
N ILE J 693 52.08 -2.26 -104.92
CA ILE J 693 50.81 -1.58 -104.68
C ILE J 693 50.34 -1.00 -106.01
N PRO J 694 49.06 -1.14 -106.37
CA PRO J 694 48.59 -0.63 -107.66
C PRO J 694 48.77 0.87 -107.80
N ASP J 695 49.00 1.30 -109.04
CA ASP J 695 49.07 2.71 -109.47
C ASP J 695 50.04 3.55 -108.64
N PHE J 696 51.00 2.90 -107.98
CA PHE J 696 52.03 3.60 -107.23
C PHE J 696 53.41 3.46 -107.84
N ALA J 697 53.57 2.65 -108.88
CA ALA J 697 54.88 2.49 -109.52
C ALA J 697 55.35 3.79 -110.15
N PHE J 698 54.47 4.44 -110.92
CA PHE J 698 54.82 5.72 -111.54
C PHE J 698 55.04 6.80 -110.49
N TYR J 699 54.22 6.81 -109.44
CA TYR J 699 54.37 7.81 -108.39
C TYR J 699 55.69 7.65 -107.65
N LEU J 700 56.10 6.41 -107.39
CA LEU J 700 57.39 6.19 -106.74
C LEU J 700 58.55 6.51 -107.68
N LYS J 701 58.40 6.18 -108.96
CA LYS J 701 59.46 6.44 -109.92
C LYS J 701 59.68 7.94 -110.12
N ILE J 702 58.60 8.71 -110.17
CA ILE J 702 58.73 10.15 -110.38
C ILE J 702 59.34 10.86 -109.18
N GLY J 703 59.36 10.19 -108.02
CA GLY J 703 60.01 10.78 -106.86
C GLY J 703 61.50 10.98 -107.05
N THR J 704 62.15 10.10 -107.81
CA THR J 704 63.56 10.23 -108.13
C THR J 704 63.81 11.01 -109.40
N LEU J 705 62.76 11.52 -110.04
CA LEU J 705 62.89 12.28 -111.28
C LEU J 705 62.60 13.76 -111.12
N LEU J 706 61.75 14.16 -110.17
CA LEU J 706 61.41 15.55 -109.96
C LEU J 706 61.58 15.91 -108.49
N VAL J 707 62.16 17.08 -108.25
CA VAL J 707 62.36 17.61 -106.91
C VAL J 707 61.95 19.08 -106.91
N SER J 708 61.23 19.49 -105.86
CA SER J 708 60.72 20.85 -105.78
C SER J 708 61.87 21.86 -105.70
N SER J 709 61.52 23.13 -105.85
CA SER J 709 62.51 24.19 -105.82
C SER J 709 63.16 24.28 -104.44
N SER J 710 64.46 24.53 -104.43
CA SER J 710 65.22 24.59 -103.19
C SER J 710 66.40 25.52 -103.36
N VAL J 711 67.00 25.90 -102.22
CA VAL J 711 68.16 26.78 -102.23
C VAL J 711 69.36 26.11 -102.88
N LYS J 712 69.39 24.79 -102.94
CA LYS J 712 70.53 24.07 -103.50
C LYS J 712 70.74 24.38 -104.98
N HIS J 713 69.70 24.81 -105.69
CA HIS J 713 69.81 25.10 -107.11
C HIS J 713 70.35 26.50 -107.39
N ILE J 714 70.43 27.36 -106.36
CA ILE J 714 70.95 28.71 -106.57
C ILE J 714 72.40 28.71 -107.06
N PRO J 715 73.33 27.96 -106.46
CA PRO J 715 74.71 27.96 -106.99
C PRO J 715 74.82 27.42 -108.41
N LEU J 716 73.88 26.60 -108.86
CA LEU J 716 73.93 26.02 -110.21
C LEU J 716 73.30 26.94 -111.24
N MET J 717 73.74 28.20 -111.27
CA MET J 717 73.21 29.15 -112.24
C MET J 717 73.64 28.82 -113.66
N THR J 718 74.85 28.28 -113.83
CA THR J 718 75.35 27.99 -115.18
C THR J 718 74.49 26.95 -115.88
N ASP J 719 74.09 25.89 -115.16
CA ASP J 719 73.24 24.88 -115.77
C ASP J 719 71.83 25.40 -115.99
N LEU J 720 71.29 26.14 -115.01
CA LEU J 720 69.92 26.63 -115.13
C LEU J 720 69.78 27.61 -116.29
N SER J 721 70.79 28.42 -116.55
CA SER J 721 70.73 29.37 -117.65
C SER J 721 70.66 28.65 -119.01
N LYS J 722 71.42 27.55 -119.15
CA LYS J 722 71.48 26.86 -120.43
C LYS J 722 70.22 26.06 -120.71
N LYS J 723 69.58 25.50 -119.68
CA LYS J 723 68.37 24.70 -119.87
C LYS J 723 67.11 25.53 -120.00
N GLY J 724 67.20 26.85 -119.95
CA GLY J 724 66.05 27.71 -120.07
C GLY J 724 65.38 28.09 -118.78
N TYR J 725 65.84 27.57 -117.64
CA TYR J 725 65.28 27.95 -116.36
C TYR J 725 65.55 29.42 -116.07
N ILE J 726 64.55 30.12 -115.57
CA ILE J 726 64.64 31.53 -115.22
C ILE J 726 64.36 31.66 -113.74
N LEU J 727 65.29 32.24 -113.00
CA LEU J 727 65.18 32.42 -111.55
C LEU J 727 65.07 33.91 -111.25
N TYR J 728 63.84 34.35 -111.00
CA TYR J 728 63.57 35.74 -110.64
C TYR J 728 62.70 35.76 -109.39
N ASP J 729 63.08 36.58 -108.41
CA ASP J 729 62.35 36.72 -107.15
C ASP J 729 62.11 35.36 -106.49
N ASN J 730 63.14 34.52 -106.50
CA ASN J 730 63.09 33.18 -105.91
C ASN J 730 61.97 32.34 -106.53
N VAL J 731 61.76 32.50 -107.84
CA VAL J 731 60.78 31.73 -108.59
C VAL J 731 61.49 31.07 -109.77
N VAL J 732 61.33 29.76 -109.89
CA VAL J 732 61.95 28.98 -110.96
C VAL J 732 60.86 28.57 -111.94
N THR J 733 61.06 28.90 -113.22
CA THR J 733 60.10 28.64 -114.26
C THR J 733 60.64 27.59 -115.23
N LEU J 734 59.75 26.69 -115.67
CA LEU J 734 60.11 25.64 -116.61
C LEU J 734 58.98 25.44 -117.61
N PRO J 735 59.22 25.65 -118.90
CA PRO J 735 58.16 25.43 -119.89
C PRO J 735 57.71 23.98 -119.92
N LEU J 736 56.43 23.79 -120.23
CA LEU J 736 55.86 22.44 -120.28
C LEU J 736 56.46 21.61 -121.41
N THR J 737 56.96 22.26 -122.46
CA THR J 737 57.53 21.54 -123.60
C THR J 737 58.74 20.72 -123.19
N THR J 738 59.57 21.25 -122.28
CA THR J 738 60.72 20.51 -121.79
C THR J 738 60.28 19.22 -121.11
N PHE J 739 59.26 19.31 -120.25
CA PHE J 739 58.74 18.12 -119.59
C PHE J 739 58.16 17.14 -120.60
N GLN J 740 57.45 17.65 -121.61
CA GLN J 740 56.88 16.77 -122.64
C GLN J 740 57.96 16.01 -123.37
N GLN J 741 59.00 16.70 -123.83
CA GLN J 741 60.04 16.02 -124.60
C GLN J 741 60.93 15.15 -123.72
N LYS J 742 61.02 15.43 -122.42
CA LYS J 742 61.76 14.55 -121.53
C LYS J 742 60.97 13.28 -121.23
N ILE J 743 59.66 13.39 -121.04
CA ILE J 743 58.85 12.23 -120.73
C ILE J 743 58.49 11.42 -121.98
N SER J 744 58.67 11.99 -123.16
CA SER J 744 58.38 11.24 -124.39
C SER J 744 59.30 10.04 -124.53
N LYS J 745 60.59 10.19 -124.18
CA LYS J 745 61.54 9.11 -124.39
C LYS J 745 61.35 7.98 -123.38
N TYR J 746 61.11 8.32 -122.11
CA TYR J 746 60.96 7.29 -121.08
C TYR J 746 59.64 6.55 -121.21
N PHE J 747 58.55 7.27 -121.46
CA PHE J 747 57.21 6.69 -121.49
C PHE J 747 56.59 6.86 -122.86
N ASN J 748 55.93 5.80 -123.34
CA ASN J 748 55.21 5.87 -124.61
C ASN J 748 54.02 6.81 -124.46
N SER J 749 54.08 7.96 -125.13
CA SER J 749 53.02 8.95 -125.00
C SER J 749 51.69 8.42 -125.51
N ARG J 750 51.71 7.70 -126.64
CA ARG J 750 50.49 7.21 -127.24
C ARG J 750 49.76 6.20 -126.35
N LEU J 751 50.45 5.62 -125.37
CA LEU J 751 49.85 4.60 -124.51
C LEU J 751 49.59 5.07 -123.10
N PHE J 752 50.23 6.16 -122.65
CA PHE J 752 50.09 6.61 -121.26
C PHE J 752 49.87 8.11 -121.14
N GLY J 753 49.51 8.80 -122.23
CA GLY J 753 49.29 10.23 -122.14
C GLY J 753 48.13 10.58 -121.24
N HIS J 754 47.04 9.79 -121.31
CA HIS J 754 45.90 10.03 -120.45
C HIS J 754 46.27 9.89 -118.97
N ASP J 755 47.08 8.88 -118.64
CA ASP J 755 47.50 8.70 -117.26
C ASP J 755 48.42 9.82 -116.80
N ILE J 756 49.35 10.24 -117.67
CA ILE J 756 50.32 11.27 -117.27
C ILE J 756 49.63 12.62 -117.11
N GLU J 757 48.66 12.92 -117.98
CA GLU J 757 47.96 14.21 -117.87
C GLU J 757 47.17 14.32 -116.58
N SER J 758 46.74 13.19 -116.02
CA SER J 758 46.00 13.22 -114.75
C SER J 758 46.84 13.81 -113.63
N PHE J 759 48.16 13.66 -113.70
CA PHE J 759 49.06 14.32 -112.76
C PHE J 759 49.53 15.67 -113.26
N ILE J 760 49.69 15.82 -114.59
CA ILE J 760 50.14 17.09 -115.15
C ILE J 760 49.17 18.21 -114.80
N ASN J 761 47.87 17.98 -115.02
CA ASN J 761 46.88 19.02 -114.73
C ASN J 761 46.70 19.24 -113.23
N ARG J 762 46.98 18.22 -112.41
CA ARG J 762 46.87 18.39 -110.97
C ARG J 762 47.99 19.27 -110.42
N HIS J 763 49.23 19.02 -110.85
CA HIS J 763 50.39 19.69 -110.29
C HIS J 763 50.90 20.83 -111.16
N LYS J 764 50.12 21.28 -112.13
CA LYS J 764 50.51 22.42 -112.95
C LYS J 764 50.29 23.73 -112.18
N LYS J 765 51.09 24.73 -112.52
CA LYS J 765 51.00 26.05 -111.90
C LYS J 765 50.87 27.11 -112.99
N PHE J 766 50.27 28.24 -112.62
CA PHE J 766 49.98 29.32 -113.56
C PHE J 766 50.81 30.54 -113.22
N ALA J 767 51.46 31.12 -114.24
CA ALA J 767 52.16 32.39 -114.11
C ALA J 767 51.34 33.55 -114.65
N ASN J 768 50.61 33.34 -115.74
CA ASN J 768 49.73 34.35 -116.33
C ASN J 768 48.68 33.62 -117.15
N VAL J 769 47.99 34.36 -118.04
CA VAL J 769 46.93 33.75 -118.85
C VAL J 769 47.51 32.66 -119.75
N SER J 770 48.66 32.92 -120.36
CA SER J 770 49.25 32.00 -121.32
C SER J 770 50.40 31.18 -120.77
N ASP J 771 51.34 31.80 -120.06
CA ASP J 771 52.53 31.09 -119.60
C ASP J 771 52.20 30.19 -118.42
N GLU J 772 52.66 28.94 -118.50
CA GLU J 772 52.50 27.97 -117.42
C GLU J 772 53.85 27.34 -117.13
N TYR J 773 54.12 27.10 -115.86
CA TYR J 773 55.40 26.53 -115.44
C TYR J 773 55.21 25.67 -114.21
N LEU J 774 56.18 24.79 -113.97
CA LEU J 774 56.21 23.95 -112.78
C LEU J 774 57.56 24.11 -112.10
N GLN J 775 57.55 24.19 -110.77
CA GLN J 775 58.78 24.36 -110.00
C GLN J 775 59.40 23.01 -109.65
N TYR J 776 59.56 22.16 -110.66
CA TYR J 776 60.19 20.86 -110.52
C TYR J 776 61.39 20.80 -111.45
N ILE J 777 62.52 20.33 -110.92
CA ILE J 777 63.78 20.27 -111.67
C ILE J 777 64.27 18.84 -111.69
N PHE J 778 64.61 18.34 -112.88
CA PHE J 778 65.11 16.99 -113.02
C PHE J 778 66.47 16.85 -112.35
N ILE J 779 66.68 15.73 -111.67
CA ILE J 779 67.93 15.54 -110.91
C ILE J 779 68.98 14.86 -111.77
N GLU J 780 68.58 14.01 -112.71
CA GLU J 780 69.54 13.25 -113.51
C GLU J 780 70.32 14.10 -114.49
N ASP J 781 69.96 15.38 -114.66
CA ASP J 781 70.70 16.23 -115.57
C ASP J 781 72.14 16.44 -115.12
N ILE J 782 72.41 16.30 -113.82
CA ILE J 782 73.75 16.45 -113.29
C ILE J 782 74.61 15.26 -113.69
N TRP K 236 28.56 30.00 -21.51
CA TRP K 236 27.74 29.82 -22.70
C TRP K 236 28.59 29.58 -23.93
N GLU K 237 28.56 28.35 -24.44
CA GLU K 237 29.34 28.01 -25.62
C GLU K 237 28.68 28.59 -26.88
N PRO K 238 29.48 28.92 -27.89
CA PRO K 238 28.89 29.45 -29.14
C PRO K 238 27.92 28.48 -29.81
N GLY K 239 28.12 27.17 -29.65
CA GLY K 239 27.25 26.20 -30.28
C GLY K 239 25.88 26.09 -29.65
N PHE K 240 25.68 26.66 -28.48
CA PHE K 240 24.38 26.64 -27.83
C PHE K 240 23.45 27.65 -28.49
N ILE K 241 22.15 27.50 -28.20
CA ILE K 241 21.15 28.47 -28.64
C ILE K 241 21.32 29.73 -27.82
N SER K 242 20.66 30.81 -28.23
CA SER K 242 20.78 32.08 -27.52
C SER K 242 20.29 31.95 -26.08
N PHE K 243 20.95 32.69 -25.19
CA PHE K 243 20.61 32.61 -23.77
C PHE K 243 19.17 33.04 -23.51
N GLU K 244 18.71 34.08 -24.22
CA GLU K 244 17.34 34.55 -24.05
C GLU K 244 16.34 33.46 -24.40
N ASP K 245 16.59 32.72 -25.49
CA ASP K 245 15.72 31.60 -25.82
C ASP K 245 15.73 30.55 -24.73
N ALA K 246 16.90 30.27 -24.16
CA ALA K 246 16.99 29.26 -23.09
C ALA K 246 16.17 29.67 -21.88
N ILE K 247 16.30 30.92 -21.43
CA ILE K 247 15.52 31.34 -20.27
C ILE K 247 14.04 31.41 -20.62
N LYS K 248 13.70 31.72 -21.87
CA LYS K 248 12.31 31.70 -22.28
C LYS K 248 11.73 30.28 -22.16
N ARG K 249 12.49 29.28 -22.62
CA ARG K 249 12.03 27.90 -22.48
C ARG K 249 11.90 27.51 -21.01
N VAL K 250 12.87 27.93 -20.18
CA VAL K 250 12.82 27.61 -18.76
C VAL K 250 11.58 28.21 -18.12
N SER K 251 11.27 29.46 -18.45
CA SER K 251 10.06 30.10 -17.94
C SER K 251 8.81 29.41 -18.43
N LYS K 252 8.81 28.99 -19.71
CA LYS K 252 7.65 28.27 -20.25
C LYS K 252 7.45 26.94 -19.55
N ILE K 253 8.52 26.33 -19.05
CA ILE K 253 8.40 25.07 -18.33
C ILE K 253 7.56 25.24 -17.06
N PHE K 254 7.82 26.30 -16.31
CA PHE K 254 7.12 26.54 -15.07
C PHE K 254 5.77 27.21 -15.32
N ILE K 255 4.70 26.59 -14.84
CA ILE K 255 3.39 27.21 -14.89
C ILE K 255 3.35 28.46 -14.01
N ASN K 256 3.91 28.35 -12.80
CA ASN K 256 3.96 29.49 -11.90
C ASN K 256 4.97 30.52 -12.38
N SER K 257 4.70 31.78 -12.05
CA SER K 257 5.59 32.87 -12.44
C SER K 257 6.87 32.84 -11.62
N ILE K 258 7.97 33.26 -12.25
CA ILE K 258 9.27 33.33 -11.60
C ILE K 258 9.51 34.77 -11.17
N ILE K 259 9.65 35.00 -9.86
CA ILE K 259 9.77 36.36 -9.35
C ILE K 259 11.11 36.97 -9.77
N ASN K 260 12.20 36.22 -9.60
CA ASN K 260 13.54 36.71 -9.87
C ASN K 260 14.03 36.36 -11.27
N PHE K 261 13.10 36.20 -12.23
CA PHE K 261 13.49 35.80 -13.57
C PHE K 261 14.34 36.86 -14.26
N ASN K 262 14.11 38.14 -13.94
CA ASN K 262 14.88 39.22 -14.56
C ASN K 262 16.32 39.25 -14.06
N ASP K 263 16.64 38.57 -12.96
CA ASP K 263 17.96 38.62 -12.36
C ASP K 263 18.92 37.58 -12.95
N LEU K 264 18.47 36.75 -13.87
CA LEU K 264 19.30 35.70 -14.45
C LEU K 264 20.06 36.25 -15.66
N ASP K 265 21.37 36.04 -15.67
CA ASP K 265 22.23 36.46 -16.77
C ASP K 265 23.13 35.30 -17.18
N GLU K 266 24.05 35.57 -18.09
CA GLU K 266 24.94 34.55 -18.62
C GLU K 266 26.09 34.19 -17.69
N ASN K 267 26.14 34.76 -16.48
CA ASN K 267 27.22 34.46 -15.55
C ASN K 267 26.73 34.00 -14.18
N ASN K 268 25.43 33.96 -13.93
CA ASN K 268 24.91 33.61 -12.62
C ASN K 268 23.74 32.62 -12.66
N PHE K 269 23.56 31.89 -13.76
CA PHE K 269 22.42 30.99 -13.84
C PHE K 269 22.57 29.80 -12.91
N THR K 270 23.79 29.30 -12.73
CA THR K 270 24.01 28.16 -11.86
C THR K 270 24.05 28.55 -10.38
N THR K 271 24.19 29.84 -10.07
CA THR K 271 24.33 30.29 -8.70
C THR K 271 23.05 30.84 -8.11
N VAL K 272 22.26 31.57 -8.90
CA VAL K 272 21.03 32.19 -8.40
C VAL K 272 19.91 31.16 -8.38
N PRO K 273 19.34 30.86 -7.21
CA PRO K 273 18.21 29.93 -7.16
C PRO K 273 16.96 30.55 -7.75
N LEU K 274 16.07 29.68 -8.23
CA LEU K 274 14.82 30.12 -8.84
C LEU K 274 13.78 30.37 -7.75
N VAL K 275 13.23 31.58 -7.72
CA VAL K 275 12.16 31.94 -6.80
C VAL K 275 10.84 31.74 -7.52
N ILE K 276 10.02 30.82 -7.03
CA ILE K 276 8.77 30.43 -7.68
C ILE K 276 7.61 30.81 -6.78
N ASP K 277 6.65 31.56 -7.33
CA ASP K 277 5.44 31.93 -6.62
C ASP K 277 4.43 30.80 -6.80
N TYR K 278 4.33 29.92 -5.80
CA TYR K 278 3.53 28.71 -5.91
C TYR K 278 2.04 29.00 -5.72
N VAL K 279 1.51 29.82 -6.64
CA VAL K 279 0.07 30.03 -6.69
C VAL K 279 -0.63 28.73 -7.08
N THR K 280 -0.09 28.03 -8.06
CA THR K 280 -0.53 26.72 -8.51
C THR K 280 0.48 25.67 -8.08
N PRO K 281 0.11 24.39 -8.08
CA PRO K 281 1.08 23.35 -7.74
C PRO K 281 2.28 23.36 -8.69
N CYS K 282 3.44 23.03 -8.14
CA CYS K 282 4.68 23.03 -8.91
C CYS K 282 4.57 22.13 -10.13
N ALA K 283 4.76 22.73 -11.31
CA ALA K 283 4.57 21.99 -12.55
C ALA K 283 5.50 20.79 -12.67
N LEU K 284 6.61 20.79 -11.93
CA LEU K 284 7.55 19.68 -12.01
C LEU K 284 7.04 18.46 -11.27
N CYS K 285 6.41 18.65 -10.10
CA CYS K 285 5.99 17.51 -9.28
C CYS K 285 4.62 17.67 -8.64
N LYS K 286 3.87 18.73 -8.94
CA LYS K 286 2.50 18.96 -8.48
C LYS K 286 2.38 19.09 -6.97
N LYS K 287 3.46 19.33 -6.26
CA LYS K 287 3.37 19.56 -4.83
C LYS K 287 2.95 21.00 -4.54
N ARG K 288 2.38 21.19 -3.35
CA ARG K 288 1.85 22.51 -2.98
C ARG K 288 2.96 23.55 -2.90
N SER K 289 4.07 23.20 -2.26
CA SER K 289 5.20 24.12 -2.14
C SER K 289 6.45 23.31 -1.86
N HIS K 290 7.60 23.95 -2.08
CA HIS K 290 8.90 23.35 -1.86
C HIS K 290 9.66 24.13 -0.80
N LYS K 291 10.14 23.43 0.23
CA LYS K 291 10.93 24.08 1.27
C LYS K 291 12.23 24.64 0.74
N HIS K 292 12.74 24.09 -0.36
CA HIS K 292 13.98 24.56 -0.97
C HIS K 292 13.72 25.01 -2.40
N PRO K 293 14.26 26.16 -2.80
CA PRO K 293 14.05 26.64 -4.17
C PRO K 293 14.79 25.79 -5.19
N HIS K 294 14.29 25.82 -6.42
CA HIS K 294 14.93 25.10 -7.52
C HIS K 294 16.13 25.86 -8.03
N GLN K 295 17.09 25.13 -8.59
CA GLN K 295 18.32 25.71 -9.11
C GLN K 295 18.63 25.11 -10.47
N LEU K 296 19.33 25.88 -11.29
CA LEU K 296 19.72 25.47 -12.62
C LEU K 296 21.18 25.00 -12.62
N SER K 297 21.49 24.05 -13.50
CA SER K 297 22.84 23.54 -13.65
C SER K 297 23.15 23.35 -15.12
N LEU K 298 24.43 23.45 -15.47
CA LEU K 298 24.90 23.36 -16.86
C LEU K 298 25.85 22.18 -16.97
N GLU K 299 25.36 21.05 -17.48
CA GLU K 299 26.18 19.87 -17.73
C GLU K 299 25.79 19.27 -19.08
N ASN K 300 26.79 18.80 -19.81
CA ASN K 300 26.59 18.11 -21.09
C ASN K 300 25.85 18.98 -22.10
N GLY K 301 26.06 20.29 -22.04
CA GLY K 301 25.40 21.20 -22.96
C GLY K 301 23.89 21.21 -22.84
N ALA K 302 23.37 21.06 -21.63
CA ALA K 302 21.93 21.05 -21.40
C ALA K 302 21.64 21.69 -20.04
N ILE K 303 20.52 22.40 -19.96
CA ILE K 303 20.08 23.03 -18.72
C ILE K 303 19.27 22.02 -17.93
N ARG K 304 19.67 21.78 -16.68
CA ARG K 304 18.99 20.87 -15.78
C ARG K 304 18.38 21.66 -14.64
N ILE K 305 17.08 21.50 -14.43
CA ILE K 305 16.36 22.21 -13.38
C ILE K 305 16.09 21.21 -12.26
N TYR K 306 16.70 21.44 -11.09
CA TYR K 306 16.57 20.54 -9.95
C TYR K 306 16.30 21.36 -8.70
N LYS K 307 15.60 20.74 -7.75
CA LYS K 307 15.31 21.37 -6.48
C LYS K 307 16.47 21.14 -5.52
N THR K 308 16.87 22.20 -4.82
CA THR K 308 17.94 22.09 -3.84
C THR K 308 17.47 21.31 -2.61
N GLY K 309 18.41 21.00 -1.73
CA GLY K 309 18.10 20.23 -0.55
C GLY K 309 18.02 18.75 -0.84
N ASN K 310 16.80 18.21 -0.92
CA ASN K 310 16.57 16.83 -1.33
C ASN K 310 15.96 16.85 -2.73
N PRO K 311 16.77 16.71 -3.77
CA PRO K 311 16.23 16.77 -5.14
C PRO K 311 15.35 15.59 -5.52
N HIS K 312 15.19 14.59 -4.65
CA HIS K 312 14.26 13.51 -4.93
C HIS K 312 12.80 13.90 -4.72
N SER K 313 12.55 14.95 -3.93
CA SER K 313 11.19 15.41 -3.71
C SER K 313 10.60 16.13 -4.91
N CYS K 314 11.41 16.46 -5.91
CA CYS K 314 10.94 17.14 -7.11
C CYS K 314 11.56 16.46 -8.33
N LYS K 315 10.87 16.56 -9.46
CA LYS K 315 11.35 15.94 -10.68
C LYS K 315 12.25 16.90 -11.45
N VAL K 316 13.34 16.36 -12.00
CA VAL K 316 14.36 17.14 -12.69
C VAL K 316 14.06 17.12 -14.18
N LYS K 317 14.05 18.31 -14.79
CA LYS K 317 13.82 18.46 -16.22
C LYS K 317 15.14 18.75 -16.93
N ILE K 318 15.22 18.34 -18.19
CA ILE K 318 16.41 18.51 -19.02
C ILE K 318 16.07 19.46 -20.15
N VAL K 319 16.90 20.49 -20.34
CA VAL K 319 16.72 21.48 -21.38
C VAL K 319 17.98 21.50 -22.24
N PRO K 320 18.01 20.74 -23.33
CA PRO K 320 19.11 20.84 -24.28
C PRO K 320 19.41 22.29 -24.66
N LEU K 321 20.69 22.62 -24.74
CA LEU K 321 21.14 23.94 -25.18
C LEU K 321 21.59 23.95 -26.63
N ASP K 322 22.46 23.03 -27.03
CA ASP K 322 22.90 22.91 -28.42
C ASP K 322 21.85 22.12 -29.20
N GLY K 323 20.69 22.74 -29.39
CA GLY K 323 19.58 22.12 -30.08
C GLY K 323 19.94 21.70 -31.50
N ASN K 324 20.23 22.66 -32.36
CA ASN K 324 20.68 22.34 -33.70
C ASN K 324 22.05 21.69 -33.67
N LYS K 325 22.22 20.64 -34.45
CA LYS K 325 23.47 19.89 -34.51
C LYS K 325 24.09 19.89 -35.90
N LEU K 326 23.27 19.71 -36.94
CA LEU K 326 23.80 19.70 -38.30
C LEU K 326 24.14 21.11 -38.78
N PHE K 327 23.51 22.13 -38.21
CA PHE K 327 23.77 23.50 -38.65
C PHE K 327 25.20 23.92 -38.31
N ASN K 328 25.68 23.57 -37.13
CA ASN K 328 27.07 23.88 -36.77
C ASN K 328 28.04 23.13 -37.66
N ILE K 329 27.72 21.87 -37.99
CA ILE K 329 28.56 21.10 -38.90
C ILE K 329 28.64 21.77 -40.26
N ALA K 330 27.47 22.22 -40.77
CA ALA K 330 27.45 22.94 -42.03
C ALA K 330 28.26 24.22 -41.97
N GLN K 331 28.17 24.93 -40.84
CA GLN K 331 28.95 26.15 -40.66
C GLN K 331 30.45 25.85 -40.73
N ARG K 332 30.89 24.78 -40.07
CA ARG K 332 32.30 24.42 -40.11
C ARG K 332 32.74 24.03 -41.52
N ILE K 333 31.93 23.22 -42.22
CA ILE K 333 32.29 22.82 -43.57
C ILE K 333 32.40 24.03 -44.49
N LEU K 334 31.48 24.98 -44.36
CA LEU K 334 31.59 26.22 -45.13
C LEU K 334 32.82 27.01 -44.71
N ASP K 335 33.17 26.98 -43.43
CA ASP K 335 34.37 27.68 -42.96
C ASP K 335 35.62 27.09 -43.60
N THR K 336 35.62 25.79 -43.89
CA THR K 336 36.74 25.19 -44.61
C THR K 336 36.89 25.73 -46.03
N ASN K 337 35.86 26.38 -46.57
CA ASN K 337 35.89 26.96 -47.91
C ASN K 337 36.26 25.91 -48.95
N SER K 338 35.65 24.74 -48.83
CA SER K 338 35.97 23.61 -49.69
C SER K 338 35.14 23.59 -50.97
N VAL K 339 33.92 24.13 -50.94
CA VAL K 339 33.05 24.17 -52.10
C VAL K 339 32.69 25.63 -52.41
N LEU K 340 32.67 25.97 -53.69
CA LEU K 340 32.34 27.31 -54.14
C LEU K 340 31.37 27.24 -55.32
N LEU K 341 30.63 28.33 -55.51
CA LEU K 341 29.70 28.43 -56.62
C LEU K 341 30.44 28.72 -57.92
N THR K 342 29.95 28.14 -59.01
CA THR K 342 30.54 28.33 -60.33
C THR K 342 30.02 29.57 -61.03
N GLU K 343 29.08 30.30 -60.42
CA GLU K 343 28.50 31.53 -60.95
C GLU K 343 27.62 31.25 -62.16
N ARG K 344 27.57 29.99 -62.60
CA ARG K 344 26.73 29.60 -63.73
C ARG K 344 25.63 28.64 -63.36
N GLY K 345 25.74 27.95 -62.22
CA GLY K 345 24.69 27.03 -61.80
C GLY K 345 25.20 25.75 -61.18
N ASP K 346 26.47 25.45 -61.39
CA ASP K 346 27.08 24.24 -60.86
C ASP K 346 27.89 24.57 -59.60
N HIS K 347 28.62 23.59 -59.09
CA HIS K 347 29.47 23.77 -57.93
C HIS K 347 30.81 23.09 -58.16
N ILE K 348 31.86 23.65 -57.57
CA ILE K 348 33.20 23.09 -57.63
C ILE K 348 33.53 22.51 -56.27
N VAL K 349 34.06 21.28 -56.26
CA VAL K 349 34.32 20.53 -55.05
C VAL K 349 35.82 20.28 -54.94
N TRP K 350 36.39 20.65 -53.80
CA TRP K 350 37.81 20.44 -53.54
C TRP K 350 37.98 19.13 -52.80
N ILE K 351 38.29 18.06 -53.55
CA ILE K 351 38.50 16.73 -52.97
C ILE K 351 39.63 16.08 -53.74
N ASN K 352 40.33 15.14 -53.09
CA ASN K 352 41.46 14.42 -53.66
C ASN K 352 42.63 15.38 -53.94
N ASN K 353 42.54 16.62 -53.44
CA ASN K 353 43.50 17.70 -53.72
C ASN K 353 43.39 18.14 -55.18
N SER K 354 42.15 18.31 -55.65
CA SER K 354 41.88 18.80 -56.98
C SER K 354 40.46 19.35 -57.01
N TRP K 355 40.23 20.34 -57.87
CA TRP K 355 38.91 20.94 -58.04
C TRP K 355 38.14 20.17 -59.10
N LYS K 356 36.94 19.73 -58.75
CA LYS K 356 36.13 18.87 -59.61
C LYS K 356 34.76 19.50 -59.83
N PHE K 357 34.21 19.29 -61.02
CA PHE K 357 32.87 19.73 -61.38
C PHE K 357 32.02 18.51 -61.69
N ASN K 358 30.71 18.67 -61.48
CA ASN K 358 29.76 17.60 -61.78
C ASN K 358 28.39 18.19 -62.06
N SER K 359 27.71 17.65 -63.07
CA SER K 359 26.39 18.11 -63.45
C SER K 359 25.30 17.08 -63.23
N GLU K 360 25.64 15.80 -63.10
CA GLU K 360 24.65 14.75 -62.93
C GLU K 360 24.70 14.06 -61.59
N GLU K 361 25.90 13.83 -61.03
CA GLU K 361 25.95 13.18 -59.73
C GLU K 361 26.40 14.16 -58.66
N PRO K 362 25.69 14.22 -57.53
CA PRO K 362 26.07 15.16 -56.47
C PRO K 362 27.41 14.78 -55.86
N LEU K 363 28.33 15.74 -55.84
CA LEU K 363 29.64 15.54 -55.26
C LEU K 363 29.78 16.14 -53.86
N ILE K 364 28.82 16.94 -53.42
CA ILE K 364 28.95 17.63 -52.13
C ILE K 364 28.87 16.62 -50.98
N THR K 365 27.97 15.65 -51.08
CA THR K 365 27.88 14.62 -50.06
C THR K 365 29.17 13.83 -49.95
N LYS K 366 29.86 13.63 -51.08
CA LYS K 366 31.13 12.91 -51.06
C LYS K 366 32.17 13.66 -50.23
N LEU K 367 32.24 14.98 -50.38
CA LEU K 367 33.11 15.78 -49.52
C LEU K 367 32.63 15.73 -48.07
N ILE K 368 31.31 15.74 -47.86
CA ILE K 368 30.77 15.68 -46.51
C ILE K 368 31.23 14.43 -45.79
N LEU K 369 31.30 13.31 -46.52
CA LEU K 369 31.74 12.05 -45.94
C LEU K 369 33.25 12.00 -45.70
N SER K 370 34.02 12.90 -46.30
CA SER K 370 35.48 12.83 -46.25
C SER K 370 36.11 13.82 -45.27
N ILE K 371 35.31 14.53 -44.47
CA ILE K 371 35.84 15.50 -43.52
C ILE K 371 35.61 15.08 -42.07
N ARG K 372 35.02 13.91 -41.83
CA ARG K 372 34.72 13.48 -40.46
C ARG K 372 35.97 13.41 -39.59
N HIS K 373 37.12 13.07 -40.19
CA HIS K 373 38.36 12.98 -39.41
C HIS K 373 38.77 14.34 -38.86
N GLN K 374 38.72 15.38 -39.69
CA GLN K 374 39.01 16.73 -39.21
C GLN K 374 37.96 17.20 -38.21
N LEU K 375 36.70 16.85 -38.45
CA LEU K 375 35.61 17.28 -37.59
C LEU K 375 35.74 16.61 -36.22
N PRO K 376 35.35 17.31 -35.15
CA PRO K 376 35.53 16.76 -33.79
C PRO K 376 34.77 15.45 -33.59
N LYS K 377 35.04 14.85 -32.42
CA LYS K 377 34.60 13.48 -32.15
C LYS K 377 33.08 13.36 -32.09
N GLU K 378 32.40 14.30 -31.40
CA GLU K 378 30.97 14.14 -31.15
C GLU K 378 30.11 14.46 -32.36
N TYR K 379 30.67 15.09 -33.39
CA TYR K 379 29.91 15.40 -34.59
C TYR K 379 30.09 14.37 -35.70
N SER K 380 31.22 13.66 -35.70
CA SER K 380 31.53 12.77 -36.82
C SER K 380 30.70 11.50 -36.78
N SER K 381 30.24 11.08 -35.60
CA SER K 381 29.52 9.82 -35.50
C SER K 381 28.20 9.86 -36.26
N GLU K 382 27.48 10.99 -36.16
CA GLU K 382 26.18 11.11 -36.83
C GLU K 382 26.30 11.27 -38.34
N LEU K 383 27.51 11.45 -38.86
CA LEU K 383 27.70 11.72 -40.29
C LEU K 383 27.71 10.46 -41.13
N LEU K 384 27.21 9.33 -40.62
CA LEU K 384 27.16 8.10 -41.39
C LEU K 384 25.79 7.83 -42.00
N CYS K 385 24.72 8.37 -41.43
CA CYS K 385 23.39 8.17 -41.99
C CYS K 385 23.22 9.03 -43.24
N PRO K 386 22.82 8.45 -44.37
CA PRO K 386 22.68 9.24 -45.60
C PRO K 386 21.67 10.38 -45.48
N ARG K 387 20.60 10.20 -44.70
CA ARG K 387 19.60 11.25 -44.56
C ARG K 387 20.19 12.50 -43.90
N LYS K 388 20.99 12.30 -42.86
CA LYS K 388 21.65 13.43 -42.22
C LYS K 388 22.61 14.12 -43.18
N ARG K 389 23.31 13.33 -44.00
CA ARG K 389 24.19 13.91 -45.00
C ARG K 389 23.41 14.75 -46.01
N LYS K 390 22.23 14.26 -46.42
CA LYS K 390 21.39 15.03 -47.33
C LYS K 390 20.92 16.33 -46.68
N THR K 391 20.58 16.28 -45.39
CA THR K 391 20.17 17.49 -44.70
C THR K 391 21.32 18.51 -44.63
N VAL K 392 22.54 18.02 -44.35
CA VAL K 392 23.69 18.92 -44.33
C VAL K 392 23.96 19.48 -45.72
N GLU K 393 23.76 18.66 -46.75
CA GLU K 393 23.90 19.14 -48.12
C GLU K 393 22.89 20.25 -48.41
N ALA K 394 21.65 20.09 -47.95
CA ALA K 394 20.65 21.13 -48.13
C ALA K 394 21.06 22.41 -47.41
N ASN K 395 21.62 22.28 -46.20
CA ASN K 395 22.08 23.46 -45.48
C ASN K 395 23.21 24.16 -46.23
N ILE K 396 24.17 23.40 -46.77
CA ILE K 396 25.25 23.99 -47.55
C ILE K 396 24.69 24.72 -48.77
N ARG K 397 23.75 24.08 -49.47
CA ARG K 397 23.16 24.72 -50.65
C ARG K 397 22.43 26.00 -50.26
N ASP K 398 21.77 26.01 -49.10
CA ASP K 398 21.02 27.17 -48.67
C ASP K 398 21.92 28.31 -48.17
N MET K 399 23.11 27.98 -47.66
CA MET K 399 23.96 28.97 -47.02
C MET K 399 24.92 29.64 -48.00
N LEU K 400 24.98 29.17 -49.25
CA LEU K 400 25.86 29.73 -50.26
C LEU K 400 25.05 30.69 -51.13
N VAL K 401 25.45 31.95 -51.13
CA VAL K 401 24.73 32.99 -51.86
C VAL K 401 25.61 33.80 -52.80
N ASP K 402 26.93 33.69 -52.69
CA ASP K 402 27.84 34.45 -53.53
C ASP K 402 28.37 33.60 -54.68
N SER K 403 28.96 34.27 -55.67
CA SER K 403 29.49 33.63 -56.86
C SER K 403 30.92 34.09 -57.10
N VAL K 404 31.74 33.17 -57.61
CA VAL K 404 33.14 33.44 -57.90
C VAL K 404 33.46 32.94 -59.31
N GLU K 405 34.56 33.44 -59.85
CA GLU K 405 35.03 33.08 -61.18
C GLU K 405 36.26 32.20 -61.07
N THR K 406 36.30 31.15 -61.90
CA THR K 406 37.42 30.23 -61.94
C THR K 406 38.34 30.53 -63.11
N ASP K 407 39.59 30.06 -62.98
CA ASP K 407 40.62 30.26 -64.00
C ASP K 407 40.80 31.74 -64.34
N THR K 408 41.14 32.51 -63.29
CA THR K 408 41.33 33.95 -63.42
C THR K 408 42.79 34.35 -63.56
N TYR K 409 43.69 33.65 -62.88
CA TYR K 409 45.10 34.00 -62.92
C TYR K 409 45.71 33.51 -64.24
N PRO K 410 46.30 34.39 -65.05
CA PRO K 410 46.88 33.98 -66.32
C PRO K 410 48.35 33.59 -66.27
N ASP K 411 48.98 33.65 -65.09
CA ASP K 411 50.39 33.34 -64.93
C ASP K 411 50.59 32.10 -64.06
N LYS K 412 49.71 31.10 -64.20
CA LYS K 412 49.78 29.87 -63.43
C LYS K 412 49.82 28.69 -64.38
N LEU K 413 50.70 27.73 -64.09
CA LEU K 413 50.78 26.50 -64.87
C LEU K 413 50.27 25.35 -64.02
N PRO K 414 49.11 24.78 -64.33
CA PRO K 414 48.57 23.71 -63.49
C PRO K 414 49.31 22.40 -63.66
N PHE K 415 49.17 21.54 -62.66
CA PHE K 415 49.77 20.21 -62.68
C PHE K 415 48.84 19.26 -61.95
N LYS K 416 49.10 17.96 -62.13
CA LYS K 416 48.26 16.94 -61.48
C LYS K 416 48.39 17.01 -59.97
N ASN K 417 49.60 17.22 -59.46
CA ASN K 417 49.87 17.20 -58.03
C ASN K 417 50.07 18.60 -57.45
N GLY K 418 49.77 19.66 -58.19
CA GLY K 418 49.93 21.00 -57.69
C GLY K 418 49.84 22.01 -58.80
N VAL K 419 50.30 23.22 -58.50
CA VAL K 419 50.35 24.31 -59.46
C VAL K 419 51.72 24.97 -59.38
N LEU K 420 52.14 25.58 -60.48
CA LEU K 420 53.45 26.20 -60.60
C LEU K 420 53.29 27.65 -61.01
N ASP K 421 53.94 28.54 -60.26
CA ASP K 421 54.02 29.96 -60.64
C ASP K 421 55.30 30.19 -61.42
N LEU K 422 55.17 30.78 -62.60
CA LEU K 422 56.28 30.91 -63.53
C LEU K 422 57.06 32.20 -63.37
N VAL K 423 56.41 33.30 -62.99
CA VAL K 423 57.09 34.58 -62.89
C VAL K 423 58.17 34.54 -61.82
N ASP K 424 57.85 33.98 -60.65
CA ASP K 424 58.81 33.87 -59.55
C ASP K 424 59.51 32.52 -59.49
N GLY K 425 58.82 31.43 -59.85
CA GLY K 425 59.47 30.15 -60.03
C GLY K 425 59.56 29.26 -58.81
N MET K 426 58.44 29.01 -58.13
CA MET K 426 58.37 27.97 -57.12
C MET K 426 57.09 27.17 -57.31
N PHE K 427 57.14 25.92 -56.86
CA PHE K 427 56.04 24.97 -57.05
C PHE K 427 55.25 24.84 -55.76
N TYR K 428 53.93 25.00 -55.86
CA TYR K 428 53.02 24.85 -54.74
C TYR K 428 52.20 23.59 -54.95
N SER K 429 52.22 22.69 -53.96
CA SER K 429 51.50 21.43 -54.03
C SER K 429 50.64 21.25 -52.79
N GLY K 430 49.50 20.60 -52.96
CA GLY K 430 48.60 20.33 -51.86
C GLY K 430 47.62 21.44 -51.57
N ASP K 431 47.41 21.74 -50.29
CA ASP K 431 46.45 22.77 -49.91
C ASP K 431 46.89 24.16 -50.37
N ASP K 432 48.18 24.37 -50.61
CA ASP K 432 48.67 25.68 -51.02
C ASP K 432 48.13 26.09 -52.39
N ALA K 433 47.69 25.13 -53.20
CA ALA K 433 47.15 25.42 -54.52
C ALA K 433 45.64 25.62 -54.52
N LYS K 434 45.01 25.54 -53.35
CA LYS K 434 43.55 25.71 -53.28
C LYS K 434 43.12 27.12 -53.62
N LYS K 435 43.96 28.11 -53.32
CA LYS K 435 43.59 29.50 -53.58
C LYS K 435 43.40 29.75 -55.07
N TYR K 436 44.24 29.15 -55.91
CA TYR K 436 44.12 29.28 -57.36
C TYR K 436 43.08 28.27 -57.85
N THR K 437 41.95 28.77 -58.35
CA THR K 437 40.87 27.92 -58.83
C THR K 437 41.17 27.49 -60.26
N CYS K 438 41.84 26.36 -60.38
CA CYS K 438 42.18 25.77 -61.67
C CYS K 438 41.43 24.46 -61.85
N THR K 439 40.67 24.36 -62.93
CA THR K 439 39.88 23.17 -63.23
C THR K 439 40.52 22.26 -64.26
N VAL K 440 41.75 22.56 -64.68
CA VAL K 440 42.46 21.77 -65.67
C VAL K 440 43.85 21.45 -65.15
N SER K 441 44.47 20.45 -65.78
CA SER K 441 45.82 20.04 -65.40
C SER K 441 46.48 19.37 -66.60
N THR K 442 47.81 19.27 -66.53
CA THR K 442 48.57 18.64 -67.60
C THR K 442 48.44 17.12 -67.60
N GLY K 443 47.91 16.53 -66.52
CA GLY K 443 47.73 15.10 -66.44
C GLY K 443 48.92 14.31 -65.96
N PHE K 444 50.05 14.96 -65.69
CA PHE K 444 51.24 14.28 -65.21
C PHE K 444 51.83 15.05 -64.02
N LYS K 445 52.48 14.32 -63.13
CA LYS K 445 53.05 14.90 -61.93
C LYS K 445 54.34 15.64 -62.26
N PHE K 446 54.73 16.54 -61.35
CA PHE K 446 55.93 17.34 -61.51
C PHE K 446 57.03 16.81 -60.60
N ASP K 447 58.21 16.60 -61.17
CA ASP K 447 59.37 16.09 -60.44
C ASP K 447 60.42 17.20 -60.36
N ASP K 448 60.79 17.56 -59.12
CA ASP K 448 61.80 18.61 -58.93
C ASP K 448 63.20 18.11 -59.23
N THR K 449 63.45 16.82 -59.07
CA THR K 449 64.79 16.28 -59.29
C THR K 449 65.22 16.42 -60.74
N LYS K 450 64.30 16.16 -61.68
CA LYS K 450 64.66 16.26 -63.08
C LYS K 450 64.78 17.70 -63.54
N PHE K 451 64.11 18.63 -62.86
CA PHE K 451 64.17 20.05 -63.21
C PHE K 451 65.39 20.66 -62.55
N VAL K 452 66.55 20.43 -63.19
CA VAL K 452 67.83 20.93 -62.70
C VAL K 452 68.54 21.66 -63.84
N GLU K 453 69.56 22.43 -63.47
CA GLU K 453 70.28 23.25 -64.44
C GLU K 453 71.04 22.38 -65.44
N ASP K 454 71.72 21.34 -64.96
CA ASP K 454 72.60 20.54 -65.81
C ASP K 454 72.26 19.06 -65.70
N SER K 455 72.17 18.41 -66.87
CA SER K 455 71.97 16.98 -67.06
C SER K 455 72.18 16.69 -68.55
N PRO K 456 72.71 15.52 -68.92
CA PRO K 456 73.10 15.32 -70.33
C PRO K 456 71.95 15.40 -71.32
N GLU K 457 70.74 14.98 -70.92
CA GLU K 457 69.60 15.12 -71.81
C GLU K 457 69.29 16.58 -72.08
N MET K 458 69.40 17.43 -71.05
CA MET K 458 69.22 18.87 -71.25
C MET K 458 70.20 19.38 -72.29
N GLU K 459 71.48 18.99 -72.16
CA GLU K 459 72.49 19.47 -73.09
C GLU K 459 72.24 18.98 -74.50
N GLU K 460 71.84 17.71 -74.64
CA GLU K 460 71.58 17.17 -75.97
C GLU K 460 70.43 17.90 -76.65
N LEU K 461 69.32 18.08 -75.93
CA LEU K 461 68.19 18.79 -76.53
C LEU K 461 68.54 20.24 -76.81
N MET K 462 69.34 20.86 -75.95
CA MET K 462 69.77 22.24 -76.19
C MET K 462 70.61 22.34 -77.46
N ASN K 463 71.50 21.37 -77.67
CA ASN K 463 72.29 21.36 -78.90
C ASN K 463 71.39 21.21 -80.12
N ILE K 464 70.42 20.29 -80.05
CA ILE K 464 69.51 20.08 -81.18
C ILE K 464 68.72 21.35 -81.48
N ILE K 465 68.24 22.03 -80.44
CA ILE K 465 67.43 23.24 -80.64
C ILE K 465 68.29 24.38 -81.18
N ASN K 466 69.48 24.57 -80.60
CA ASN K 466 70.33 25.70 -80.94
C ASN K 466 71.07 25.51 -82.25
N ASP K 467 71.16 24.29 -82.78
CA ASP K 467 71.77 24.11 -84.09
C ASP K 467 70.97 24.79 -85.19
N ILE K 468 69.64 24.84 -85.04
CA ILE K 468 68.79 25.46 -86.05
C ILE K 468 69.04 26.97 -86.11
N GLN K 469 69.14 27.60 -84.94
CA GLN K 469 69.32 29.06 -84.87
C GLN K 469 70.69 29.39 -84.32
N PRO K 470 71.65 29.78 -85.17
CA PRO K 470 72.96 30.20 -84.65
C PRO K 470 72.86 31.46 -83.79
N LEU K 471 73.73 31.53 -82.78
CA LEU K 471 73.76 32.67 -81.87
C LEU K 471 74.65 33.78 -82.43
N THR K 472 74.25 34.29 -83.59
CA THR K 472 74.98 35.35 -84.28
C THR K 472 74.07 36.56 -84.49
N ASP K 473 74.70 37.72 -84.67
CA ASP K 473 73.94 38.96 -84.85
C ASP K 473 73.15 38.97 -86.14
N GLU K 474 73.60 38.24 -87.18
CA GLU K 474 72.85 38.19 -88.42
C GLU K 474 71.51 37.48 -88.25
N ASN K 475 71.39 36.65 -87.21
CA ASN K 475 70.17 35.90 -86.93
C ASN K 475 69.55 36.32 -85.61
N LYS K 476 69.70 37.58 -85.23
CA LYS K 476 69.26 38.04 -83.92
C LYS K 476 67.78 38.44 -83.91
N LYS K 477 67.34 39.18 -84.92
CA LYS K 477 65.93 39.55 -84.98
C LYS K 477 65.05 38.34 -85.20
N ASN K 478 65.49 37.41 -86.07
CA ASN K 478 64.76 36.16 -86.24
C ASN K 478 64.76 35.33 -84.97
N ARG K 479 65.86 35.35 -84.22
CA ARG K 479 65.89 34.68 -82.93
C ARG K 479 64.90 35.30 -81.96
N GLU K 480 64.79 36.63 -81.97
CA GLU K 480 63.79 37.30 -81.15
C GLU K 480 62.38 36.88 -81.53
N LEU K 481 62.10 36.81 -82.83
CA LEU K 481 60.79 36.36 -83.29
C LEU K 481 60.50 34.94 -82.84
N TYR K 482 61.50 34.05 -82.96
CA TYR K 482 61.34 32.66 -82.53
C TYR K 482 61.08 32.57 -81.04
N GLU K 483 61.84 33.32 -80.24
CA GLU K 483 61.62 33.35 -78.79
C GLU K 483 60.22 33.86 -78.46
N LYS K 484 59.80 34.92 -79.13
CA LYS K 484 58.48 35.51 -78.86
C LYS K 484 57.37 34.54 -79.23
N THR K 485 57.50 33.84 -80.35
CA THR K 485 56.41 32.95 -80.78
C THR K 485 56.38 31.68 -79.95
N LEU K 486 57.51 31.26 -79.38
CA LEU K 486 57.46 30.08 -78.52
C LEU K 486 57.19 30.41 -77.05
N SER K 487 57.33 31.67 -76.64
CA SER K 487 57.03 32.02 -75.26
C SER K 487 55.54 32.23 -75.01
N SER K 488 54.74 32.40 -76.06
CA SER K 488 53.31 32.66 -75.90
C SER K 488 52.52 31.40 -75.56
N CYS K 489 53.11 30.22 -75.74
CA CYS K 489 52.38 28.98 -75.46
C CYS K 489 52.07 28.84 -73.97
N LEU K 490 53.02 29.19 -73.11
CA LEU K 490 52.82 29.02 -71.67
C LEU K 490 51.83 30.03 -71.10
N CYS K 491 51.62 31.16 -71.77
CA CYS K 491 50.68 32.16 -71.27
C CYS K 491 49.25 31.64 -71.36
N GLY K 492 48.45 32.00 -70.37
CA GLY K 492 47.05 31.64 -70.34
C GLY K 492 46.09 32.72 -70.76
N ALA K 493 46.58 33.91 -71.07
CA ALA K 493 45.70 35.00 -71.49
C ALA K 493 45.18 34.75 -72.90
N THR K 494 44.04 35.37 -73.21
CA THR K 494 43.43 35.22 -74.52
C THR K 494 44.12 36.12 -75.53
N LYS K 495 44.73 35.52 -76.54
CA LYS K 495 45.41 36.25 -77.60
C LYS K 495 45.07 35.64 -78.94
N GLY K 496 44.96 36.50 -79.96
CA GLY K 496 44.57 36.05 -81.28
C GLY K 496 45.51 36.50 -82.38
N CYS K 497 46.81 36.55 -82.08
CA CYS K 497 47.83 36.93 -83.05
C CYS K 497 48.47 35.65 -83.60
N LEU K 498 48.09 35.27 -84.81
CA LEU K 498 48.63 34.07 -85.42
C LEU K 498 50.07 34.30 -85.87
N THR K 499 50.85 33.21 -85.88
CA THR K 499 52.24 33.24 -86.28
C THR K 499 52.50 32.13 -87.28
N PHE K 500 53.31 32.43 -88.29
CA PHE K 500 53.61 31.50 -89.36
C PHE K 500 55.05 31.01 -89.25
N PHE K 501 55.25 29.71 -89.48
CA PHE K 501 56.57 29.11 -89.55
C PHE K 501 56.96 28.92 -91.01
N PHE K 502 58.06 29.55 -91.41
CA PHE K 502 58.54 29.49 -92.79
C PHE K 502 59.98 29.00 -92.79
N GLY K 503 60.23 27.89 -93.47
CA GLY K 503 61.58 27.35 -93.55
C GLY K 503 61.59 26.08 -94.37
N GLU K 504 62.79 25.57 -94.59
CA GLU K 504 62.98 24.36 -95.36
C GLU K 504 62.74 23.13 -94.50
N THR K 505 62.51 22.00 -95.15
CA THR K 505 62.28 20.74 -94.46
C THR K 505 63.61 20.15 -93.97
N ALA K 506 63.49 19.15 -93.09
CA ALA K 506 64.64 18.46 -92.52
C ALA K 506 65.59 19.45 -91.82
N THR K 507 65.02 20.43 -91.13
CA THR K 507 65.80 21.43 -90.41
C THR K 507 65.53 21.41 -88.92
N GLY K 508 64.87 20.37 -88.41
CA GLY K 508 64.54 20.28 -87.00
C GLY K 508 63.30 21.04 -86.59
N LYS K 509 62.63 21.73 -87.51
CA LYS K 509 61.42 22.47 -87.18
C LYS K 509 60.28 21.51 -86.83
N SER K 510 60.16 20.40 -87.57
CA SER K 510 59.10 19.44 -87.29
C SER K 510 59.29 18.74 -85.95
N THR K 511 60.52 18.70 -85.42
CA THR K 511 60.74 18.12 -84.10
C THR K 511 60.04 18.93 -83.02
N THR K 512 59.97 20.25 -83.18
CA THR K 512 59.30 21.10 -82.22
C THR K 512 57.81 20.76 -82.11
N LYS K 513 57.22 20.28 -83.21
CA LYS K 513 55.80 19.91 -83.17
C LYS K 513 55.56 18.78 -82.17
N ARG K 514 56.43 17.78 -82.16
CA ARG K 514 56.32 16.70 -81.19
C ARG K 514 56.80 17.13 -79.80
N LEU K 515 57.78 18.04 -79.74
CA LEU K 515 58.26 18.51 -78.45
C LEU K 515 57.19 19.31 -77.71
N LEU K 516 56.34 20.03 -78.44
CA LEU K 516 55.23 20.74 -77.80
C LEU K 516 54.29 19.76 -77.10
N LYS K 517 53.95 18.66 -77.78
CA LYS K 517 53.11 17.64 -77.15
C LYS K 517 53.81 16.97 -75.99
N SER K 518 55.11 16.71 -76.12
CA SER K 518 55.85 16.03 -75.07
C SER K 518 55.98 16.90 -73.81
N ALA K 519 56.11 18.21 -73.98
CA ALA K 519 56.33 19.09 -72.84
C ALA K 519 55.03 19.41 -72.10
N ILE K 520 54.08 20.02 -72.81
CA ILE K 520 52.84 20.47 -72.16
C ILE K 520 51.97 19.28 -71.80
N GLY K 521 51.55 18.50 -72.79
CA GLY K 521 50.76 17.31 -72.54
C GLY K 521 49.29 17.47 -72.87
N ASP K 522 48.43 17.36 -71.84
CA ASP K 522 46.99 17.40 -72.07
C ASP K 522 46.53 18.74 -72.60
N LEU K 523 47.09 19.84 -72.08
CA LEU K 523 46.65 21.17 -72.49
C LEU K 523 46.93 21.42 -73.96
N PHE K 524 48.09 20.97 -74.45
CA PHE K 524 48.43 21.13 -75.86
C PHE K 524 47.68 20.11 -76.69
N VAL K 525 46.94 20.59 -77.69
CA VAL K 525 46.19 19.74 -78.60
C VAL K 525 46.50 20.17 -80.03
N GLU K 526 46.91 19.22 -80.86
CA GLU K 526 47.26 19.49 -82.24
C GLU K 526 46.08 19.17 -83.16
N THR K 527 46.12 19.76 -84.35
CA THR K 527 45.06 19.59 -85.33
C THR K 527 45.64 19.75 -86.73
N GLY K 528 44.75 19.74 -87.73
CA GLY K 528 45.16 19.86 -89.11
C GLY K 528 44.53 21.04 -89.83
N GLN K 529 44.56 21.02 -91.16
CA GLN K 529 44.01 22.10 -91.95
C GLN K 529 42.51 21.97 -92.19
N THR K 530 41.89 20.90 -91.70
CA THR K 530 40.45 20.72 -91.90
C THR K 530 39.65 21.79 -91.15
N ILE K 531 40.19 22.31 -90.05
CA ILE K 531 39.48 23.32 -89.27
C ILE K 531 39.40 24.65 -90.00
N LEU K 532 40.23 24.86 -91.01
CA LEU K 532 40.25 26.15 -91.71
C LEU K 532 39.08 26.27 -92.68
N THR K 533 38.97 25.33 -93.62
CA THR K 533 37.93 25.40 -94.63
C THR K 533 36.55 25.03 -94.08
N ASP K 534 36.48 24.12 -93.12
CA ASP K 534 35.20 23.68 -92.58
C ASP K 534 34.52 24.82 -91.83
N VAL K 535 33.20 24.88 -91.95
CA VAL K 535 32.40 25.89 -91.26
C VAL K 535 32.01 25.34 -89.89
N LEU K 536 32.34 26.10 -88.84
CA LEU K 536 32.05 25.64 -87.49
C LEU K 536 30.58 25.76 -87.16
N ASP K 537 29.88 26.74 -87.73
CA ASP K 537 28.46 26.92 -87.45
C ASP K 537 27.64 25.75 -87.97
N LYS K 538 27.99 25.22 -89.13
CA LYS K 538 27.21 24.14 -89.74
C LYS K 538 27.49 22.83 -89.02
N GLY K 539 26.46 22.26 -88.40
CA GLY K 539 26.58 20.98 -87.74
C GLY K 539 27.18 21.09 -86.35
N PRO K 540 27.07 20.01 -85.57
CA PRO K 540 27.68 20.00 -84.22
C PRO K 540 29.14 19.56 -84.31
N ASN K 541 30.04 20.45 -83.91
CA ASN K 541 31.46 20.18 -83.97
C ASN K 541 31.98 19.92 -82.56
N PRO K 542 32.39 18.69 -82.23
CA PRO K 542 32.96 18.44 -80.90
C PRO K 542 34.24 19.23 -80.64
N PHE K 543 35.00 19.56 -81.68
CA PHE K 543 36.20 20.37 -81.49
C PHE K 543 35.85 21.76 -81.00
N ILE K 544 34.75 22.34 -81.52
CA ILE K 544 34.29 23.62 -81.03
C ILE K 544 33.74 23.52 -79.60
N ALA K 545 33.46 22.30 -79.14
CA ALA K 545 33.12 22.12 -77.74
C ALA K 545 34.37 21.96 -76.88
N ASN K 546 35.44 21.39 -77.44
CA ASN K 546 36.62 21.02 -76.67
C ASN K 546 37.74 22.05 -76.73
N MET K 547 37.56 23.20 -77.39
CA MET K 547 38.64 24.16 -77.45
C MET K 547 38.83 24.93 -76.16
N HIS K 548 37.92 24.77 -75.19
CA HIS K 548 37.97 25.53 -73.96
C HIS K 548 39.18 25.14 -73.13
N LEU K 549 39.87 26.14 -72.58
CA LEU K 549 41.00 25.94 -71.67
C LEU K 549 42.10 25.11 -72.31
N LYS K 550 42.48 25.48 -73.53
CA LYS K 550 43.62 24.87 -74.22
C LYS K 550 44.67 25.95 -74.43
N ARG K 551 45.89 25.69 -73.92
CA ARG K 551 46.92 26.73 -73.94
C ARG K 551 47.45 26.96 -75.35
N SER K 552 47.77 25.88 -76.07
CA SER K 552 48.37 26.00 -77.40
C SER K 552 47.76 24.96 -78.32
N VAL K 553 47.49 25.36 -79.56
CA VAL K 553 46.93 24.49 -80.58
C VAL K 553 47.77 24.68 -81.85
N PHE K 554 48.57 23.68 -82.19
CA PHE K 554 49.31 23.70 -83.45
C PHE K 554 48.32 23.52 -84.59
N CYS K 555 48.17 24.55 -85.43
CA CYS K 555 47.10 24.56 -86.41
C CYS K 555 47.33 23.55 -87.52
N SER K 556 48.42 23.71 -88.28
CA SER K 556 48.61 22.86 -89.45
C SER K 556 50.08 22.80 -89.83
N GLU K 557 50.42 21.74 -90.56
CA GLU K 557 51.70 21.60 -91.25
C GLU K 557 51.51 21.55 -92.76
N LEU K 558 50.50 22.26 -93.25
CA LEU K 558 50.04 22.12 -94.63
C LEU K 558 51.13 22.58 -95.62
N PRO K 559 51.16 21.98 -96.81
CA PRO K 559 52.07 22.46 -97.86
C PRO K 559 51.50 23.67 -98.58
N ASP K 560 52.18 24.11 -99.64
CA ASP K 560 51.75 25.30 -100.36
C ASP K 560 50.39 25.09 -101.01
N PHE K 561 49.58 26.15 -101.00
CA PHE K 561 48.28 26.14 -101.67
C PHE K 561 48.35 26.68 -103.10
N ALA K 562 49.55 27.05 -103.57
CA ALA K 562 49.69 27.54 -104.93
C ALA K 562 49.38 26.48 -105.98
N CYS K 563 49.52 25.21 -105.63
CA CYS K 563 49.19 24.13 -106.55
C CYS K 563 47.69 24.11 -106.83
N SER K 564 47.34 23.76 -108.07
CA SER K 564 45.94 23.75 -108.47
C SER K 564 45.18 22.62 -107.75
N GLY K 565 43.87 22.82 -107.61
CA GLY K 565 43.03 21.86 -106.93
C GLY K 565 42.97 21.98 -105.43
N SER K 566 43.59 23.00 -104.85
CA SER K 566 43.60 23.21 -103.41
C SER K 566 42.85 24.50 -103.09
N LYS K 567 41.93 24.43 -102.13
CA LYS K 567 41.16 25.59 -101.72
C LYS K 567 42.07 26.62 -101.06
N LYS K 568 41.84 27.90 -101.38
CA LYS K 568 42.66 28.97 -100.84
C LYS K 568 42.29 29.23 -99.37
N ILE K 569 43.12 30.05 -98.73
CA ILE K 569 42.91 30.36 -97.32
C ILE K 569 41.65 31.18 -97.14
N ARG K 570 40.78 30.74 -96.23
CA ARG K 570 39.52 31.42 -95.97
C ARG K 570 39.76 32.50 -94.91
N SER K 571 39.43 33.74 -95.25
CA SER K 571 39.64 34.87 -94.35
C SER K 571 38.48 35.10 -93.39
N ASP K 572 37.35 34.41 -93.59
CA ASP K 572 36.21 34.58 -92.68
C ASP K 572 36.42 33.85 -91.36
N ASN K 573 37.10 32.71 -91.39
CA ASN K 573 37.31 31.93 -90.17
C ASN K 573 38.28 32.64 -89.23
N ILE K 574 39.35 33.22 -89.79
CA ILE K 574 40.39 33.83 -88.97
C ILE K 574 39.89 35.07 -88.23
N LYS K 575 38.83 35.72 -88.73
CA LYS K 575 38.34 36.93 -88.09
C LYS K 575 37.80 36.66 -86.70
N LYS K 576 37.00 35.59 -86.54
CA LYS K 576 36.40 35.29 -85.26
C LYS K 576 37.36 34.62 -84.29
N LEU K 577 38.47 34.06 -84.78
CA LEU K 577 39.42 33.41 -83.89
C LEU K 577 40.14 34.42 -83.02
N THR K 578 40.46 35.60 -83.56
CA THR K 578 41.16 36.61 -82.79
C THR K 578 40.28 37.20 -81.68
N GLU K 579 38.97 37.27 -81.91
CA GLU K 579 38.08 37.87 -80.94
C GLU K 579 38.12 37.09 -79.63
N PRO K 580 38.15 37.78 -78.48
CA PRO K 580 38.33 37.06 -77.20
C PRO K 580 37.24 36.05 -76.89
N CYS K 581 36.00 36.32 -77.29
CA CYS K 581 34.86 35.48 -76.93
C CYS K 581 34.48 34.60 -78.11
N VAL K 582 34.33 33.31 -77.85
CA VAL K 582 33.93 32.36 -78.88
C VAL K 582 32.44 32.07 -78.79
N ARG K 595 35.19 30.36 -73.48
CA ARG K 595 36.43 31.11 -73.40
C ARG K 595 37.54 30.42 -74.18
N ASN K 596 38.30 31.20 -74.94
CA ASN K 596 39.41 30.69 -75.74
C ASN K 596 40.72 31.24 -75.20
N HIS K 597 41.64 30.34 -74.87
CA HIS K 597 42.96 30.71 -74.34
C HIS K 597 44.07 30.07 -75.16
N ALA K 598 43.85 29.87 -76.45
CA ALA K 598 44.77 29.12 -77.29
C ALA K 598 45.65 30.04 -78.12
N THR K 599 46.86 29.54 -78.41
CA THR K 599 47.79 30.20 -79.31
C THR K 599 47.94 29.36 -80.57
N ILE K 600 47.73 29.98 -81.72
CA ILE K 600 47.66 29.27 -83.01
C ILE K 600 48.91 29.60 -83.81
N ILE K 601 49.63 28.56 -84.22
CA ILE K 601 50.82 28.69 -85.06
C ILE K 601 50.63 27.78 -86.27
N ILE K 602 50.90 28.31 -87.46
CA ILE K 602 50.76 27.59 -88.71
C ILE K 602 52.14 27.42 -89.33
N ASP K 603 52.50 26.18 -89.66
CA ASP K 603 53.77 25.87 -90.29
C ASP K 603 53.53 25.51 -91.74
N THR K 604 54.23 26.19 -92.65
CA THR K 604 54.12 25.94 -94.08
C THR K 604 55.49 26.06 -94.71
N ASN K 605 55.78 25.20 -95.68
CA ASN K 605 57.10 25.19 -96.30
C ASN K 605 57.40 26.49 -97.01
N TYR K 606 56.43 27.05 -97.74
CA TYR K 606 56.63 28.28 -98.48
C TYR K 606 55.39 29.16 -98.29
N LYS K 607 55.31 30.22 -99.09
CA LYS K 607 54.29 31.25 -98.90
C LYS K 607 52.97 30.83 -99.54
N PRO K 608 51.87 30.78 -98.80
CA PRO K 608 50.56 30.51 -99.40
C PRO K 608 49.97 31.79 -100.01
N VAL K 609 48.76 31.64 -100.55
CA VAL K 609 48.06 32.73 -101.22
C VAL K 609 46.67 32.86 -100.60
N PHE K 610 46.27 34.10 -100.30
CA PHE K 610 44.95 34.37 -99.72
C PHE K 610 43.95 34.71 -100.82
N ASP K 611 42.73 34.19 -100.68
CA ASP K 611 41.70 34.45 -101.68
C ASP K 611 41.14 35.87 -101.58
N ARG K 612 40.89 36.34 -100.35
CA ARG K 612 40.30 37.65 -100.12
C ARG K 612 41.06 38.34 -99.00
N ILE K 613 41.16 39.67 -99.11
CA ILE K 613 42.02 40.45 -98.22
C ILE K 613 41.38 41.82 -97.97
N ASP K 614 41.61 42.34 -96.77
CA ASP K 614 41.30 43.72 -96.43
C ASP K 614 42.51 44.29 -95.68
N ASN K 615 42.32 45.44 -95.05
CA ASN K 615 43.42 46.09 -94.33
C ASN K 615 43.55 45.60 -92.89
N ALA K 616 42.71 44.68 -92.45
CA ALA K 616 42.75 44.19 -91.08
C ALA K 616 43.71 43.02 -90.87
N LEU K 617 44.17 42.38 -91.96
CA LEU K 617 44.98 41.18 -91.84
C LEU K 617 46.46 41.46 -91.56
N MET K 618 46.91 42.71 -91.65
CA MET K 618 48.29 43.01 -91.29
C MET K 618 48.57 42.73 -89.82
N ARG K 619 47.63 43.09 -88.95
CA ARG K 619 47.84 42.97 -87.51
C ARG K 619 47.59 41.56 -86.98
N ARG K 620 47.09 40.65 -87.81
CA ARG K 620 46.73 39.31 -87.36
C ARG K 620 47.73 38.24 -87.78
N ILE K 621 48.79 38.59 -88.51
CA ILE K 621 49.70 37.61 -89.09
C ILE K 621 51.12 37.93 -88.65
N ALA K 622 51.84 36.90 -88.21
CA ALA K 622 53.26 36.98 -87.90
C ALA K 622 53.97 35.84 -88.61
N VAL K 623 55.26 36.03 -88.89
CA VAL K 623 56.04 35.08 -89.65
C VAL K 623 57.34 34.76 -88.91
N VAL K 624 57.76 33.50 -88.99
CA VAL K 624 59.04 33.05 -88.45
C VAL K 624 59.86 32.52 -89.62
N ARG K 625 61.11 32.97 -89.71
CA ARG K 625 61.97 32.70 -90.85
C ARG K 625 63.09 31.73 -90.45
N PHE K 626 63.45 30.85 -91.39
CA PHE K 626 64.52 29.88 -91.20
C PHE K 626 65.50 30.00 -92.34
N ARG K 627 66.78 30.17 -92.01
CA ARG K 627 67.85 30.23 -93.01
C ARG K 627 68.76 29.01 -92.95
N THR K 628 69.14 28.58 -91.75
CA THR K 628 70.00 27.41 -91.61
C THR K 628 69.30 26.18 -92.17
N HIS K 629 70.02 25.44 -93.01
CA HIS K 629 69.46 24.28 -93.68
C HIS K 629 70.10 22.99 -93.17
N LEU K 655 66.11 8.81 -81.06
CA LEU K 655 65.78 10.07 -81.73
C LEU K 655 64.26 10.25 -81.81
N ASP K 656 63.65 9.68 -82.84
CA ASP K 656 62.20 9.78 -82.99
C ASP K 656 61.47 9.08 -81.86
N GLY K 657 61.95 7.90 -81.45
CA GLY K 657 61.31 7.17 -80.38
C GLY K 657 61.55 7.77 -79.00
N LYS K 658 62.60 8.57 -78.84
CA LYS K 658 62.88 9.18 -77.54
C LYS K 658 61.77 10.15 -77.15
N ILE K 659 61.26 10.92 -78.11
CA ILE K 659 60.17 11.86 -77.83
C ILE K 659 58.92 11.11 -77.42
N GLN K 660 58.59 10.03 -78.13
CA GLN K 660 57.40 9.24 -77.80
C GLN K 660 57.55 8.49 -76.48
N ASN K 661 58.78 8.30 -76.00
CA ASN K 661 59.02 7.64 -74.73
C ASN K 661 58.98 8.59 -73.54
N ASN K 662 58.64 9.86 -73.76
CA ASN K 662 58.57 10.88 -72.71
C ASN K 662 59.93 11.08 -72.04
N ARG K 663 61.01 10.85 -72.78
CA ARG K 663 62.34 11.08 -72.24
C ARG K 663 62.62 12.57 -72.06
N TYR K 664 62.05 13.41 -72.91
CA TYR K 664 62.25 14.85 -72.87
C TYR K 664 61.02 15.58 -72.37
N ARG K 665 60.34 15.00 -71.37
CA ARG K 665 59.13 15.60 -70.84
C ARG K 665 59.41 16.97 -70.21
N PHE K 666 60.39 17.02 -69.31
CA PHE K 666 60.79 18.28 -68.70
C PHE K 666 61.85 19.01 -69.51
N ALA K 667 62.49 18.33 -70.47
CA ALA K 667 63.56 18.95 -71.24
C ALA K 667 63.05 20.11 -72.07
N PHE K 668 61.89 19.94 -72.72
CA PHE K 668 61.32 21.05 -73.48
C PHE K 668 60.58 22.02 -72.57
N LEU K 669 60.10 21.55 -71.41
CA LEU K 669 59.43 22.45 -70.47
C LEU K 669 60.41 23.50 -69.94
N TYR K 670 61.64 23.08 -69.60
CA TYR K 670 62.65 24.04 -69.16
C TYR K 670 62.98 25.03 -70.26
N LEU K 671 63.12 24.54 -71.49
CA LEU K 671 63.43 25.44 -72.61
C LEU K 671 62.32 26.44 -72.86
N LEU K 672 61.07 26.03 -72.66
CA LEU K 672 59.96 26.96 -72.85
C LEU K 672 59.88 27.97 -71.71
N VAL K 673 60.10 27.52 -70.47
CA VAL K 673 59.97 28.43 -69.33
C VAL K 673 61.11 29.44 -69.30
N LYS K 674 62.30 29.06 -69.75
CA LYS K 674 63.44 29.99 -69.70
C LYS K 674 63.19 31.19 -70.62
N TRP K 675 62.60 30.97 -71.79
CA TRP K 675 62.34 32.07 -72.71
C TRP K 675 61.36 33.08 -72.10
N TYR K 676 60.31 32.59 -71.45
CA TYR K 676 59.43 33.48 -70.72
C TYR K 676 60.17 34.19 -69.59
N LYS K 677 61.13 33.50 -68.96
CA LYS K 677 61.86 34.09 -67.84
C LYS K 677 62.72 35.26 -68.27
N LYS K 678 63.39 35.15 -69.43
CA LYS K 678 64.39 36.16 -69.78
C LYS K 678 63.80 37.57 -69.87
N TYR K 679 62.90 37.81 -70.82
CA TYR K 679 62.38 39.15 -71.02
C TYR K 679 60.86 39.25 -71.11
N HIS K 680 60.12 38.17 -70.87
CA HIS K 680 58.67 38.20 -70.98
C HIS K 680 57.98 38.53 -69.66
N ILE K 681 58.69 39.17 -68.73
CA ILE K 681 58.06 39.60 -67.47
C ILE K 681 56.97 40.64 -67.68
N PRO K 682 57.19 41.75 -68.42
CA PRO K 682 56.21 42.85 -68.38
C PRO K 682 54.84 42.54 -68.95
N ILE K 683 54.77 42.09 -70.20
CA ILE K 683 53.48 41.93 -70.88
C ILE K 683 53.66 41.04 -72.10
N MET K 684 52.60 40.36 -72.49
CA MET K 684 52.56 39.55 -73.71
C MET K 684 52.15 40.44 -74.88
N LYS K 685 53.12 40.73 -75.75
CA LYS K 685 52.86 41.48 -76.98
C LYS K 685 53.46 40.73 -78.15
N LEU K 686 52.64 40.45 -79.16
CA LEU K 686 53.07 39.82 -80.40
C LEU K 686 52.93 40.86 -81.51
N TYR K 687 54.01 41.57 -81.78
CA TYR K 687 53.98 42.60 -82.82
C TYR K 687 53.95 41.95 -84.19
N PRO K 688 52.99 42.28 -85.04
CA PRO K 688 52.94 41.68 -86.39
C PRO K 688 54.14 42.10 -87.22
N THR K 689 54.56 41.20 -88.10
CA THR K 689 55.74 41.39 -88.95
C THR K 689 55.30 41.29 -90.41
N PRO K 690 54.94 42.41 -91.05
CA PRO K 690 54.46 42.35 -92.43
C PRO K 690 55.58 42.44 -93.46
N GLU K 691 56.83 42.28 -93.01
CA GLU K 691 57.96 42.41 -93.93
C GLU K 691 57.98 41.30 -94.97
N GLU K 692 57.65 40.07 -94.56
CA GLU K 692 57.82 38.91 -95.43
C GLU K 692 56.51 38.20 -95.75
N ILE K 693 55.38 38.66 -95.21
CA ILE K 693 54.11 37.98 -95.48
C ILE K 693 53.80 38.08 -96.98
N PRO K 694 53.38 37.00 -97.63
CA PRO K 694 53.13 37.06 -99.08
C PRO K 694 51.94 37.95 -99.41
N ASP K 695 51.83 38.25 -100.71
CA ASP K 695 50.79 39.07 -101.32
C ASP K 695 50.46 40.31 -100.49
N PHE K 696 51.47 40.90 -99.86
CA PHE K 696 51.31 42.14 -99.11
C PHE K 696 52.11 43.30 -99.68
N ALA K 697 53.24 43.02 -100.34
CA ALA K 697 54.08 44.10 -100.85
C ALA K 697 53.35 44.93 -101.89
N PHE K 698 52.63 44.28 -102.80
CA PHE K 698 51.86 45.01 -103.79
C PHE K 698 50.76 45.83 -103.14
N TYR K 699 50.07 45.25 -102.15
CA TYR K 699 49.01 45.98 -101.47
C TYR K 699 49.56 47.16 -100.67
N LEU K 700 50.69 46.97 -99.99
CA LEU K 700 51.31 48.08 -99.27
C LEU K 700 51.73 49.18 -100.24
N LYS K 701 52.32 48.80 -101.38
CA LYS K 701 52.74 49.80 -102.36
C LYS K 701 51.54 50.56 -102.91
N ILE K 702 50.44 49.86 -103.22
CA ILE K 702 49.28 50.54 -103.77
C ILE K 702 48.61 51.41 -102.71
N GLY K 703 48.71 51.02 -101.43
CA GLY K 703 48.22 51.87 -100.36
C GLY K 703 49.05 53.14 -100.19
N THR K 704 50.37 53.02 -100.31
CA THR K 704 51.24 54.19 -100.25
C THR K 704 51.20 55.03 -101.51
N LEU K 705 50.67 54.50 -102.62
CA LEU K 705 50.58 55.25 -103.87
C LEU K 705 49.18 55.75 -104.18
N LEU K 706 48.15 55.21 -103.52
CA LEU K 706 46.78 55.65 -103.72
C LEU K 706 46.16 56.07 -102.39
N VAL K 707 45.44 57.18 -102.41
CA VAL K 707 44.76 57.70 -101.24
C VAL K 707 43.34 58.07 -101.63
N SER K 708 42.45 58.08 -100.64
CA SER K 708 41.05 58.44 -100.85
C SER K 708 40.88 59.95 -100.74
N SER K 709 40.00 60.50 -101.58
CA SER K 709 39.75 61.93 -101.56
C SER K 709 39.07 62.34 -100.25
N SER K 710 39.33 63.59 -99.85
CA SER K 710 38.77 64.13 -98.62
C SER K 710 38.58 65.63 -98.79
N VAL K 711 38.17 66.28 -97.70
CA VAL K 711 37.98 67.73 -97.72
C VAL K 711 39.32 68.43 -97.92
N LYS K 712 40.39 67.88 -97.36
CA LYS K 712 41.72 68.49 -97.48
C LYS K 712 42.21 68.49 -98.93
N HIS K 713 41.68 67.64 -99.79
CA HIS K 713 42.09 67.57 -101.18
C HIS K 713 41.30 68.53 -102.07
N ILE K 714 40.31 69.25 -101.51
CA ILE K 714 39.51 70.17 -102.32
C ILE K 714 40.35 71.30 -102.92
N PRO K 715 41.20 72.00 -102.16
CA PRO K 715 41.99 73.10 -102.77
C PRO K 715 43.11 72.64 -103.68
N LEU K 716 43.26 71.33 -103.92
CA LEU K 716 44.33 70.82 -104.75
C LEU K 716 43.93 70.59 -106.20
N MET K 717 42.65 70.64 -106.52
CA MET K 717 42.19 70.33 -107.88
C MET K 717 42.54 71.43 -108.87
N THR K 718 42.91 72.63 -108.40
CA THR K 718 43.16 73.75 -109.29
C THR K 718 44.24 73.41 -110.33
N ASP K 719 45.26 72.66 -109.94
CA ASP K 719 46.26 72.18 -110.88
C ASP K 719 46.08 70.72 -111.27
N LEU K 720 45.40 69.91 -110.45
CA LEU K 720 45.15 68.51 -110.78
C LEU K 720 44.09 68.34 -111.85
N SER K 721 43.36 69.40 -112.20
CA SER K 721 42.38 69.28 -113.28
C SER K 721 43.05 68.95 -114.61
N LYS K 722 44.32 69.32 -114.78
CA LYS K 722 45.05 68.99 -115.99
C LYS K 722 45.39 67.51 -116.06
N LYS K 723 45.37 66.80 -114.94
CA LYS K 723 45.72 65.38 -114.90
C LYS K 723 44.51 64.47 -115.11
N GLY K 724 43.34 65.05 -115.38
CA GLY K 724 42.12 64.27 -115.52
C GLY K 724 41.28 64.18 -114.26
N TYR K 725 41.62 64.89 -113.21
CA TYR K 725 40.86 64.87 -111.97
C TYR K 725 39.75 65.92 -112.04
N ILE K 726 38.51 65.46 -111.96
CA ILE K 726 37.34 66.33 -112.01
C ILE K 726 36.46 66.03 -110.80
N LEU K 727 35.94 67.09 -110.18
CA LEU K 727 35.05 66.96 -109.03
C LEU K 727 33.62 66.91 -109.55
N TYR K 728 33.15 65.69 -109.83
CA TYR K 728 31.79 65.47 -110.30
C TYR K 728 31.04 64.63 -109.27
N ASP K 729 29.81 65.06 -108.96
CA ASP K 729 28.99 64.43 -107.93
C ASP K 729 29.70 64.41 -106.58
N ASN K 730 30.49 65.46 -106.31
CA ASN K 730 31.25 65.61 -105.07
C ASN K 730 32.25 64.48 -104.86
N VAL K 731 32.65 63.79 -105.93
CA VAL K 731 33.58 62.68 -105.86
C VAL K 731 34.66 62.88 -106.91
N VAL K 732 35.92 62.66 -106.53
CA VAL K 732 37.05 62.71 -107.45
C VAL K 732 37.15 61.37 -108.15
N THR K 733 37.10 61.38 -109.48
CA THR K 733 37.14 60.17 -110.28
C THR K 733 38.21 60.31 -111.36
N LEU K 734 38.84 59.19 -111.69
CA LEU K 734 39.87 59.14 -112.73
C LEU K 734 39.60 57.91 -113.61
N PRO K 735 39.53 58.08 -114.93
CA PRO K 735 39.27 56.92 -115.80
C PRO K 735 40.48 56.01 -115.88
N LEU K 736 40.22 54.79 -116.37
CA LEU K 736 41.27 53.78 -116.44
C LEU K 736 42.36 54.14 -117.45
N THR K 737 42.10 55.07 -118.37
CA THR K 737 43.11 55.45 -119.35
C THR K 737 44.36 55.99 -118.66
N THR K 738 44.18 56.83 -117.65
CA THR K 738 45.30 57.31 -116.86
C THR K 738 45.82 56.25 -115.91
N PHE K 739 44.93 55.44 -115.34
CA PHE K 739 45.32 54.47 -114.33
C PHE K 739 46.27 53.41 -114.90
N GLN K 740 45.96 52.90 -116.10
CA GLN K 740 46.81 51.87 -116.69
C GLN K 740 48.20 52.40 -117.01
N GLN K 741 48.28 53.61 -117.57
CA GLN K 741 49.59 54.14 -117.92
C GLN K 741 50.37 54.60 -116.69
N LYS K 742 49.67 54.89 -115.59
CA LYS K 742 50.36 55.18 -114.33
C LYS K 742 50.86 53.90 -113.67
N ILE K 743 50.09 52.82 -113.75
CA ILE K 743 50.50 51.57 -113.13
C ILE K 743 51.54 50.83 -113.95
N SER K 744 51.63 51.13 -115.25
CA SER K 744 52.66 50.51 -116.08
C SER K 744 54.05 51.05 -115.78
N LYS K 745 54.15 52.22 -115.13
CA LYS K 745 55.46 52.78 -114.80
C LYS K 745 56.19 51.91 -113.79
N TYR K 746 55.48 51.38 -112.80
CA TYR K 746 56.10 50.60 -111.73
C TYR K 746 55.94 49.09 -111.91
N PHE K 747 54.82 48.64 -112.47
CA PHE K 747 54.56 47.23 -112.66
C PHE K 747 54.25 46.96 -114.13
N ASN K 748 54.95 45.99 -114.71
CA ASN K 748 54.71 45.62 -116.10
C ASN K 748 53.43 44.80 -116.22
N SER K 749 52.71 45.01 -117.33
CA SER K 749 51.45 44.31 -117.54
C SER K 749 51.67 42.85 -117.93
N ARG K 750 52.63 42.57 -118.81
CA ARG K 750 52.78 41.25 -119.39
C ARG K 750 53.18 40.18 -118.39
N LEU K 751 53.62 40.55 -117.19
CA LEU K 751 54.03 39.57 -116.19
C LEU K 751 53.12 39.55 -114.96
N PHE K 752 52.66 40.71 -114.49
CA PHE K 752 51.80 40.79 -113.31
C PHE K 752 50.39 41.25 -113.66
N GLY K 753 49.95 40.99 -114.90
CA GLY K 753 48.63 41.41 -115.31
C GLY K 753 47.52 40.74 -114.50
N HIS K 754 47.63 39.43 -114.29
CA HIS K 754 46.64 38.73 -113.50
C HIS K 754 46.66 39.21 -112.04
N ASP K 755 47.84 39.45 -111.50
CA ASP K 755 47.95 39.91 -110.12
C ASP K 755 47.30 41.27 -109.93
N ILE K 756 47.54 42.20 -110.87
CA ILE K 756 46.91 43.51 -110.78
C ILE K 756 45.41 43.42 -111.05
N GLU K 757 45.01 42.54 -111.96
CA GLU K 757 43.59 42.36 -112.26
C GLU K 757 42.83 41.79 -111.07
N SER K 758 43.50 40.97 -110.24
CA SER K 758 42.84 40.42 -109.07
C SER K 758 42.34 41.51 -108.13
N PHE K 759 42.95 42.69 -108.18
CA PHE K 759 42.48 43.85 -107.43
C PHE K 759 41.57 44.73 -108.27
N ILE K 760 41.89 44.89 -109.56
CA ILE K 760 41.10 45.74 -110.44
C ILE K 760 39.66 45.25 -110.50
N ASN K 761 39.46 43.96 -110.77
CA ASN K 761 38.12 43.42 -110.90
C ASN K 761 37.34 43.55 -109.60
N ARG K 762 38.01 43.34 -108.46
CA ARG K 762 37.37 43.57 -107.18
C ARG K 762 37.01 45.02 -106.97
N HIS K 763 37.70 45.95 -107.63
CA HIS K 763 37.40 47.37 -107.51
C HIS K 763 36.94 47.99 -108.83
N LYS K 764 36.34 47.19 -109.71
CA LYS K 764 35.70 47.75 -110.89
C LYS K 764 34.36 48.38 -110.54
N LYS K 765 33.92 49.31 -111.38
CA LYS K 765 32.61 49.92 -111.27
C LYS K 765 31.96 49.97 -112.65
N PHE K 766 30.63 49.83 -112.67
CA PHE K 766 29.88 49.85 -113.92
C PHE K 766 29.39 51.27 -114.19
N ALA K 767 29.88 51.86 -115.28
CA ALA K 767 29.41 53.16 -115.74
C ALA K 767 28.94 53.11 -117.19
N ASN K 768 29.64 52.38 -118.05
CA ASN K 768 29.29 52.23 -119.45
C ASN K 768 29.97 50.97 -119.99
N VAL K 769 30.03 50.84 -121.32
CA VAL K 769 30.56 49.63 -121.93
C VAL K 769 32.05 49.49 -121.63
N SER K 770 32.82 50.56 -121.78
CA SER K 770 34.27 50.49 -121.70
C SER K 770 34.89 51.35 -120.61
N ASP K 771 34.44 52.60 -120.48
CA ASP K 771 35.08 53.53 -119.55
C ASP K 771 34.72 53.18 -118.12
N GLU K 772 35.74 53.04 -117.27
CA GLU K 772 35.56 52.80 -115.85
C GLU K 772 36.45 53.75 -115.07
N TYR K 773 36.02 54.09 -113.86
CA TYR K 773 36.69 55.08 -113.03
C TYR K 773 36.88 54.55 -111.61
N LEU K 774 37.90 55.08 -110.95
CA LEU K 774 38.19 54.76 -109.55
C LEU K 774 38.28 56.05 -108.75
N GLN K 775 38.01 55.94 -107.45
CA GLN K 775 37.98 57.09 -106.55
C GLN K 775 39.26 57.24 -105.74
N TYR K 776 40.41 56.91 -106.34
CA TYR K 776 41.70 57.02 -105.68
C TYR K 776 42.56 58.07 -106.38
N ILE K 777 43.37 58.77 -105.59
CA ILE K 777 44.20 59.85 -106.07
C ILE K 777 45.66 59.49 -105.82
N PHE K 778 46.49 59.60 -106.85
CA PHE K 778 47.92 59.35 -106.70
C PHE K 778 48.57 60.46 -105.89
N ILE K 779 49.61 60.10 -105.14
CA ILE K 779 50.26 61.02 -104.22
C ILE K 779 51.55 61.54 -104.84
N GLU K 780 52.22 60.72 -105.65
CA GLU K 780 53.51 61.09 -106.20
C GLU K 780 53.43 62.31 -107.11
N ASP K 781 52.24 62.67 -107.59
CA ASP K 781 52.10 63.88 -108.41
C ASP K 781 52.46 65.12 -107.61
N ILE K 782 52.04 65.18 -106.35
CA ILE K 782 52.34 66.33 -105.49
C ILE K 782 53.65 66.10 -104.74
N TRP L 236 -6.95 40.02 -25.83
CA TRP L 236 -6.70 39.07 -26.90
C TRP L 236 -5.70 39.63 -27.90
N GLU L 237 -4.69 38.82 -28.24
CA GLU L 237 -3.68 39.27 -29.18
C GLU L 237 -4.01 38.82 -30.60
N PRO L 238 -3.60 39.58 -31.61
CA PRO L 238 -3.85 39.16 -33.00
C PRO L 238 -3.20 37.82 -33.34
N GLY L 239 -2.06 37.50 -32.75
CA GLY L 239 -1.40 36.23 -33.02
C GLY L 239 -2.14 35.02 -32.46
N PHE L 240 -3.06 35.22 -31.54
CA PHE L 240 -3.84 34.13 -31.00
C PHE L 240 -4.92 33.69 -32.00
N ILE L 241 -5.47 32.50 -31.74
CA ILE L 241 -6.64 32.04 -32.50
C ILE L 241 -7.85 32.84 -32.05
N SER L 242 -8.96 32.73 -32.79
CA SER L 242 -10.17 33.45 -32.44
C SER L 242 -10.66 33.04 -31.06
N PHE L 243 -11.24 34.00 -30.34
CA PHE L 243 -11.76 33.72 -29.00
C PHE L 243 -12.81 32.63 -29.03
N GLU L 244 -13.60 32.57 -30.10
CA GLU L 244 -14.61 31.53 -30.24
C GLU L 244 -13.95 30.15 -30.28
N ASP L 245 -12.84 30.02 -30.99
CA ASP L 245 -12.12 28.75 -31.03
C ASP L 245 -11.66 28.35 -29.64
N ALA L 246 -11.07 29.29 -28.90
CA ALA L 246 -10.56 28.97 -27.57
C ALA L 246 -11.69 28.56 -26.64
N ILE L 247 -12.82 29.28 -26.67
CA ILE L 247 -13.91 28.95 -25.76
C ILE L 247 -14.54 27.61 -26.14
N LYS L 248 -14.59 27.28 -27.43
CA LYS L 248 -15.16 25.99 -27.79
C LYS L 248 -14.22 24.84 -27.41
N ARG L 249 -12.91 25.04 -27.51
CA ARG L 249 -12.00 24.02 -26.98
C ARG L 249 -12.16 23.87 -25.47
N VAL L 250 -12.35 24.99 -24.77
CA VAL L 250 -12.63 24.91 -23.34
C VAL L 250 -13.91 24.11 -23.09
N SER L 251 -14.92 24.30 -23.93
CA SER L 251 -16.16 23.53 -23.80
C SER L 251 -15.91 22.05 -23.99
N LYS L 252 -15.13 21.69 -25.01
CA LYS L 252 -14.80 20.27 -25.21
C LYS L 252 -13.94 19.72 -24.08
N ILE L 253 -13.23 20.57 -23.34
CA ILE L 253 -12.45 20.09 -22.20
C ILE L 253 -13.38 19.50 -21.14
N PHE L 254 -14.48 20.18 -20.84
CA PHE L 254 -15.40 19.74 -19.80
C PHE L 254 -16.48 18.85 -20.39
N ILE L 255 -16.63 17.65 -19.85
CA ILE L 255 -17.72 16.77 -20.24
C ILE L 255 -19.06 17.36 -19.81
N ASN L 256 -19.12 17.89 -18.60
CA ASN L 256 -20.34 18.51 -18.10
C ASN L 256 -20.67 19.78 -18.88
N SER L 257 -21.96 20.03 -19.03
CA SER L 257 -22.41 21.24 -19.70
C SER L 257 -22.14 22.47 -18.84
N ILE L 258 -21.86 23.59 -19.50
CA ILE L 258 -21.57 24.85 -18.84
C ILE L 258 -22.80 25.73 -18.94
N ILE L 259 -23.39 26.07 -17.78
CA ILE L 259 -24.62 26.86 -17.78
C ILE L 259 -24.34 28.29 -18.22
N ASN L 260 -23.26 28.89 -17.73
CA ASN L 260 -22.89 30.26 -18.08
C ASN L 260 -21.97 30.32 -19.29
N PHE L 261 -22.08 29.34 -20.19
CA PHE L 261 -21.21 29.29 -21.36
C PHE L 261 -21.39 30.51 -22.26
N ASN L 262 -22.64 30.92 -22.48
CA ASN L 262 -22.92 32.04 -23.38
C ASN L 262 -22.59 33.39 -22.77
N ASP L 263 -22.28 33.45 -21.48
CA ASP L 263 -21.97 34.71 -20.79
C ASP L 263 -20.50 35.10 -20.89
N LEU L 264 -19.66 34.26 -21.50
CA LEU L 264 -18.24 34.54 -21.62
C LEU L 264 -17.97 35.39 -22.85
N ASP L 265 -17.11 36.41 -22.69
CA ASP L 265 -16.74 37.29 -23.78
C ASP L 265 -15.23 37.53 -23.74
N GLU L 266 -14.74 38.31 -24.70
CA GLU L 266 -13.31 38.59 -24.78
C GLU L 266 -12.80 39.35 -23.57
N ASN L 267 -13.67 40.10 -22.89
CA ASN L 267 -13.24 40.96 -21.80
C ASN L 267 -13.51 40.38 -20.42
N ASN L 268 -14.41 39.39 -20.30
CA ASN L 268 -14.80 38.85 -19.01
C ASN L 268 -14.48 37.37 -18.82
N PHE L 269 -13.78 36.74 -19.77
CA PHE L 269 -13.49 35.32 -19.63
C PHE L 269 -12.49 35.05 -18.51
N THR L 270 -11.62 36.01 -18.20
CA THR L 270 -10.69 35.85 -17.10
C THR L 270 -11.33 36.11 -15.74
N THR L 271 -12.48 36.76 -15.71
CA THR L 271 -13.14 37.14 -14.45
C THR L 271 -14.33 36.26 -14.11
N VAL L 272 -15.15 35.89 -15.10
CA VAL L 272 -16.35 35.11 -14.84
C VAL L 272 -15.97 33.65 -14.60
N PRO L 273 -16.27 33.09 -13.43
CA PRO L 273 -15.99 31.68 -13.20
C PRO L 273 -16.95 30.79 -13.97
N LEU L 274 -16.52 29.57 -14.25
CA LEU L 274 -17.34 28.61 -14.97
C LEU L 274 -18.22 27.86 -13.98
N VAL L 275 -19.52 28.12 -14.04
CA VAL L 275 -20.48 27.31 -13.30
C VAL L 275 -20.69 26.01 -14.07
N ILE L 276 -20.64 24.89 -13.37
CA ILE L 276 -20.62 23.57 -13.99
C ILE L 276 -21.74 22.72 -13.38
N ASP L 277 -22.57 22.15 -14.24
CA ASP L 277 -23.60 21.20 -13.81
C ASP L 277 -22.96 19.83 -13.71
N TYR L 278 -22.55 19.45 -12.50
CA TYR L 278 -21.79 18.22 -12.29
C TYR L 278 -22.72 17.00 -12.32
N VAL L 279 -23.32 16.78 -13.49
CA VAL L 279 -24.04 15.54 -13.72
C VAL L 279 -23.08 14.37 -13.80
N THR L 280 -21.92 14.58 -14.40
CA THR L 280 -20.86 13.60 -14.53
C THR L 280 -19.69 13.97 -13.63
N PRO L 281 -18.74 13.04 -13.44
CA PRO L 281 -17.52 13.41 -12.70
C PRO L 281 -16.79 14.55 -13.39
N CYS L 282 -16.18 15.41 -12.58
CA CYS L 282 -15.40 16.52 -13.12
C CYS L 282 -14.29 15.99 -14.02
N ALA L 283 -14.32 16.39 -15.29
CA ALA L 283 -13.40 15.83 -16.27
C ALA L 283 -11.94 16.07 -15.88
N LEU L 284 -11.67 17.12 -15.10
CA LEU L 284 -10.30 17.41 -14.70
C LEU L 284 -9.79 16.45 -13.63
N CYS L 285 -10.63 16.11 -12.65
CA CYS L 285 -10.17 15.31 -11.52
C CYS L 285 -11.15 14.24 -11.06
N LYS L 286 -12.26 14.03 -11.78
CA LYS L 286 -13.21 12.95 -11.52
C LYS L 286 -13.86 13.03 -10.14
N LYS L 287 -13.95 14.23 -9.57
CA LYS L 287 -14.66 14.39 -8.31
C LYS L 287 -16.15 14.63 -8.53
N ARG L 288 -16.94 14.30 -7.52
CA ARG L 288 -18.39 14.44 -7.63
C ARG L 288 -18.79 15.90 -7.81
N SER L 289 -18.21 16.79 -7.01
CA SER L 289 -18.52 18.21 -7.11
C SER L 289 -17.38 18.99 -6.49
N HIS L 290 -17.33 20.29 -6.82
CA HIS L 290 -16.34 21.20 -6.29
C HIS L 290 -17.04 22.31 -5.52
N LYS L 291 -16.58 22.56 -4.30
CA LYS L 291 -17.13 23.65 -3.51
C LYS L 291 -16.89 25.01 -4.16
N HIS L 292 -15.84 25.12 -4.97
CA HIS L 292 -15.53 26.34 -5.70
C HIS L 292 -15.43 26.02 -7.18
N PRO L 293 -16.01 26.84 -8.06
CA PRO L 293 -15.96 26.54 -9.49
C PRO L 293 -14.58 26.79 -10.09
N HIS L 294 -14.46 26.59 -11.40
CA HIS L 294 -13.21 26.75 -12.12
C HIS L 294 -13.19 28.10 -12.83
N GLN L 295 -11.98 28.64 -13.00
CA GLN L 295 -11.78 29.95 -13.60
C GLN L 295 -10.68 29.87 -14.65
N LEU L 296 -10.77 30.76 -15.64
CA LEU L 296 -9.80 30.82 -16.73
C LEU L 296 -8.82 31.97 -16.51
N SER L 297 -7.56 31.73 -16.84
CA SER L 297 -6.52 32.74 -16.76
C SER L 297 -5.71 32.73 -18.05
N LEU L 298 -5.25 33.91 -18.45
CA LEU L 298 -4.46 34.09 -19.67
C LEU L 298 -3.02 34.36 -19.27
N GLU L 299 -2.14 33.39 -19.52
CA GLU L 299 -0.73 33.50 -19.18
C GLU L 299 0.11 32.85 -20.26
N ASN L 300 1.17 33.55 -20.69
CA ASN L 300 2.10 33.04 -21.69
C ASN L 300 1.39 32.61 -22.97
N GLY L 301 0.35 33.35 -23.34
CA GLY L 301 -0.46 32.97 -24.49
C GLY L 301 -1.12 31.63 -24.32
N ALA L 302 -1.53 31.29 -23.09
CA ALA L 302 -2.13 30.01 -22.80
C ALA L 302 -3.29 30.22 -21.83
N ILE L 303 -4.42 29.58 -22.13
CA ILE L 303 -5.59 29.63 -21.27
C ILE L 303 -5.49 28.49 -20.25
N ARG L 304 -5.47 28.86 -18.97
CA ARG L 304 -5.30 27.90 -17.89
C ARG L 304 -6.61 27.81 -17.11
N ILE L 305 -7.17 26.61 -17.03
CA ILE L 305 -8.40 26.36 -16.29
C ILE L 305 -8.04 25.75 -14.94
N TYR L 306 -8.32 26.48 -13.87
CA TYR L 306 -7.96 26.06 -12.52
C TYR L 306 -9.15 26.25 -11.60
N LYS L 307 -9.23 25.40 -10.58
CA LYS L 307 -10.28 25.50 -9.58
C LYS L 307 -9.92 26.58 -8.57
N THR L 308 -10.87 27.49 -8.33
CA THR L 308 -10.64 28.55 -7.35
C THR L 308 -10.61 27.98 -5.94
N GLY L 309 -10.05 28.76 -5.02
CA GLY L 309 -9.87 28.30 -3.67
C GLY L 309 -8.56 27.56 -3.50
N ASN L 310 -8.61 26.23 -3.56
CA ASN L 310 -7.41 25.40 -3.55
C ASN L 310 -7.21 24.83 -4.94
N PRO L 311 -6.31 25.39 -5.76
CA PRO L 311 -6.11 24.85 -7.12
C PRO L 311 -5.50 23.46 -7.12
N HIS L 312 -4.93 23.00 -6.00
CA HIS L 312 -4.27 21.71 -5.96
C HIS L 312 -5.24 20.54 -5.86
N SER L 313 -6.51 20.79 -5.52
CA SER L 313 -7.50 19.72 -5.42
C SER L 313 -8.07 19.33 -6.79
N CYS L 314 -7.85 20.13 -7.82
CA CYS L 314 -8.34 19.84 -9.16
C CYS L 314 -7.21 20.04 -10.15
N LYS L 315 -7.19 19.21 -11.19
CA LYS L 315 -6.11 19.27 -12.18
C LYS L 315 -6.30 20.48 -13.08
N VAL L 316 -5.20 21.16 -13.38
CA VAL L 316 -5.22 22.36 -14.20
C VAL L 316 -4.84 21.98 -15.64
N LYS L 317 -5.64 22.44 -16.60
CA LYS L 317 -5.42 22.17 -18.01
C LYS L 317 -5.01 23.45 -18.74
N ILE L 318 -4.16 23.28 -19.74
CA ILE L 318 -3.57 24.41 -20.48
C ILE L 318 -3.97 24.28 -21.95
N VAL L 319 -4.35 25.39 -22.56
CA VAL L 319 -4.78 25.45 -23.94
C VAL L 319 -3.97 26.50 -24.68
N PRO L 320 -3.28 26.14 -25.77
CA PRO L 320 -2.58 27.15 -26.56
C PRO L 320 -3.56 28.01 -27.37
N LEU L 321 -3.13 29.24 -27.65
CA LEU L 321 -3.90 30.17 -28.46
C LEU L 321 -3.17 30.62 -29.71
N ASP L 322 -1.84 30.66 -29.68
CA ASP L 322 -1.09 31.09 -30.85
C ASP L 322 -1.30 30.12 -32.01
N GLY L 323 -1.56 30.69 -33.20
CA GLY L 323 -1.83 29.89 -34.38
C GLY L 323 -0.58 29.28 -34.96
N ASN L 324 -0.60 29.08 -36.27
CA ASN L 324 0.55 28.50 -36.96
C ASN L 324 1.73 29.46 -36.89
N LYS L 325 2.83 29.00 -36.28
CA LYS L 325 4.03 29.82 -36.22
C LYS L 325 4.57 30.09 -37.62
N LEU L 326 4.56 29.08 -38.47
CA LEU L 326 5.05 29.26 -39.83
C LEU L 326 4.18 30.24 -40.61
N PHE L 327 2.88 30.28 -40.34
CA PHE L 327 2.02 31.29 -40.96
C PHE L 327 2.45 32.68 -40.55
N ASN L 328 2.77 32.88 -39.26
CA ASN L 328 3.26 34.18 -38.81
C ASN L 328 4.58 34.54 -39.48
N ILE L 329 5.48 33.56 -39.59
CA ILE L 329 6.77 33.82 -40.24
C ILE L 329 6.55 34.23 -41.69
N ALA L 330 5.67 33.52 -42.39
CA ALA L 330 5.38 33.83 -43.78
C ALA L 330 4.77 35.22 -43.93
N GLN L 331 3.86 35.59 -43.02
CA GLN L 331 3.22 36.89 -43.15
C GLN L 331 4.19 38.03 -42.84
N ARG L 332 5.09 37.82 -41.87
CA ARG L 332 6.16 38.80 -41.64
C ARG L 332 7.04 38.95 -42.87
N ILE L 333 7.42 37.82 -43.48
CA ILE L 333 8.23 37.87 -44.69
C ILE L 333 7.50 38.63 -45.78
N LEU L 334 6.19 38.43 -45.88
CA LEU L 334 5.39 39.17 -46.85
C LEU L 334 5.41 40.67 -46.57
N ASP L 335 5.33 41.05 -45.29
CA ASP L 335 5.44 42.47 -44.96
C ASP L 335 6.82 43.03 -45.29
N THR L 336 7.87 42.20 -45.23
CA THR L 336 9.19 42.67 -45.63
C THR L 336 9.24 43.05 -47.11
N ASN L 337 8.33 42.52 -47.92
CA ASN L 337 8.24 42.84 -49.34
C ASN L 337 9.56 42.60 -50.07
N SER L 338 10.22 41.50 -49.72
CA SER L 338 11.47 41.12 -50.36
C SER L 338 11.27 40.21 -51.56
N VAL L 339 10.06 39.71 -51.79
CA VAL L 339 9.74 38.88 -52.94
C VAL L 339 8.61 39.51 -53.72
N LEU L 340 8.58 39.25 -55.03
CA LEU L 340 7.55 39.79 -55.91
C LEU L 340 7.28 38.79 -57.02
N LEU L 341 6.08 38.87 -57.59
CA LEU L 341 5.71 38.05 -58.73
C LEU L 341 6.12 38.75 -60.02
N THR L 342 6.75 37.99 -60.91
CA THR L 342 7.31 38.56 -62.15
C THR L 342 6.30 38.58 -63.29
N GLU L 343 5.08 38.09 -63.07
CA GLU L 343 3.97 38.17 -64.02
C GLU L 343 4.18 37.20 -65.19
N ARG L 344 5.36 36.58 -65.26
CA ARG L 344 5.66 35.64 -66.32
C ARG L 344 5.64 34.18 -65.86
N GLY L 345 5.59 33.92 -64.56
CA GLY L 345 5.50 32.56 -64.08
C GLY L 345 6.56 32.19 -63.07
N ASP L 346 7.27 33.17 -62.54
CA ASP L 346 8.31 32.94 -61.56
C ASP L 346 8.41 34.16 -60.65
N HIS L 347 9.40 34.14 -59.75
CA HIS L 347 9.51 35.15 -58.69
C HIS L 347 10.87 35.82 -58.74
N ILE L 348 10.96 36.96 -58.05
CA ILE L 348 12.21 37.68 -57.87
C ILE L 348 12.39 37.92 -56.37
N VAL L 349 13.64 38.04 -55.94
CA VAL L 349 13.97 38.11 -54.52
C VAL L 349 14.99 39.23 -54.29
N TRP L 350 14.76 40.01 -53.24
CA TRP L 350 15.71 41.02 -52.78
C TRP L 350 16.74 40.35 -51.88
N ILE L 351 17.98 40.27 -52.36
CA ILE L 351 19.06 39.62 -51.61
C ILE L 351 20.38 40.22 -52.06
N ASN L 352 21.26 40.47 -51.09
CA ASN L 352 22.59 41.04 -51.32
C ASN L 352 22.45 42.40 -52.03
N ASN L 353 21.50 43.19 -51.52
CA ASN L 353 21.26 44.55 -52.00
C ASN L 353 21.03 44.58 -53.51
N SER L 354 20.38 43.56 -54.05
CA SER L 354 20.11 43.49 -55.47
C SER L 354 18.95 42.55 -55.71
N TRP L 355 18.34 42.69 -56.88
CA TRP L 355 17.25 41.81 -57.30
C TRP L 355 17.82 40.67 -58.13
N LYS L 356 17.76 39.46 -57.59
CA LYS L 356 18.25 38.28 -58.29
C LYS L 356 17.08 37.56 -58.95
N PHE L 357 17.20 37.31 -60.25
CA PHE L 357 16.16 36.67 -61.03
C PHE L 357 16.64 35.29 -61.44
N ASN L 358 15.86 34.26 -61.08
CA ASN L 358 16.25 32.89 -61.37
C ASN L 358 14.99 32.05 -61.52
N SER L 359 15.13 30.91 -62.20
CA SER L 359 14.00 30.03 -62.47
C SER L 359 14.27 28.56 -62.19
N GLU L 360 15.52 28.15 -62.00
CA GLU L 360 15.85 26.75 -61.77
C GLU L 360 16.31 26.49 -60.34
N GLU L 361 17.36 27.15 -59.87
CA GLU L 361 17.73 26.96 -58.48
C GLU L 361 16.82 27.78 -57.58
N PRO L 362 16.49 27.27 -56.39
CA PRO L 362 15.60 28.01 -55.49
C PRO L 362 16.32 29.20 -54.86
N LEU L 363 15.58 30.28 -54.69
CA LEU L 363 16.11 31.51 -54.12
C LEU L 363 15.34 32.00 -52.90
N ILE L 364 14.05 31.66 -52.78
CA ILE L 364 13.25 32.16 -51.67
C ILE L 364 13.74 31.58 -50.35
N THR L 365 14.12 30.31 -50.34
CA THR L 365 14.63 29.71 -49.12
C THR L 365 15.92 30.39 -48.66
N LYS L 366 16.72 30.88 -49.60
CA LYS L 366 17.91 31.65 -49.23
C LYS L 366 17.52 32.90 -48.46
N LEU L 367 16.47 33.59 -48.92
CA LEU L 367 15.97 34.77 -48.21
C LEU L 367 15.43 34.39 -46.84
N ILE L 368 14.73 33.26 -46.75
CA ILE L 368 14.21 32.81 -45.45
C ILE L 368 15.36 32.57 -44.48
N LEU L 369 16.45 31.98 -44.96
CA LEU L 369 17.63 31.79 -44.13
C LEU L 369 18.25 33.14 -43.74
N SER L 370 18.27 34.09 -44.67
CA SER L 370 18.95 35.37 -44.41
C SER L 370 18.20 36.22 -43.40
N ILE L 371 16.87 36.26 -43.48
CA ILE L 371 16.08 37.16 -42.64
C ILE L 371 15.90 36.65 -41.22
N ARG L 372 16.57 35.54 -40.86
CA ARG L 372 16.44 34.99 -39.51
C ARG L 372 16.76 36.03 -38.44
N HIS L 373 17.76 36.88 -38.69
CA HIS L 373 18.18 37.84 -37.68
C HIS L 373 17.08 38.86 -37.37
N GLN L 374 16.37 39.33 -38.40
CA GLN L 374 15.35 40.35 -38.19
C GLN L 374 14.19 39.82 -37.37
N LEU L 375 13.90 38.52 -37.48
CA LEU L 375 12.80 37.93 -36.75
C LEU L 375 13.13 37.87 -35.25
N PRO L 376 12.12 37.83 -34.39
CA PRO L 376 12.38 37.75 -32.95
C PRO L 376 13.15 36.49 -32.57
N LYS L 377 13.61 36.47 -31.33
CA LYS L 377 14.49 35.40 -30.86
C LYS L 377 13.78 34.05 -30.87
N GLU L 378 12.52 34.00 -30.41
CA GLU L 378 11.79 32.75 -30.37
C GLU L 378 11.39 32.28 -31.76
N TYR L 379 11.51 33.13 -32.78
CA TYR L 379 11.11 32.78 -34.14
C TYR L 379 12.28 32.36 -35.02
N SER L 380 13.49 32.80 -34.70
CA SER L 380 14.63 32.56 -35.57
C SER L 380 15.12 31.11 -35.47
N SER L 381 14.94 30.48 -34.31
CA SER L 381 15.51 29.15 -34.09
C SER L 381 14.84 28.08 -34.94
N GLU L 382 13.58 28.29 -35.31
CA GLU L 382 12.82 27.27 -36.03
C GLU L 382 13.08 27.29 -37.53
N LEU L 383 13.88 28.22 -38.04
CA LEU L 383 14.15 28.31 -39.46
C LEU L 383 15.38 27.51 -39.88
N LEU L 384 16.01 26.78 -38.96
CA LEU L 384 17.17 25.97 -39.32
C LEU L 384 16.76 24.67 -40.00
N CYS L 385 15.64 24.08 -39.61
CA CYS L 385 15.21 22.81 -40.19
C CYS L 385 14.76 23.02 -41.63
N PRO L 386 15.27 22.23 -42.58
CA PRO L 386 14.87 22.44 -43.99
C PRO L 386 13.39 22.26 -44.23
N ARG L 387 12.73 21.35 -43.51
CA ARG L 387 11.30 21.11 -43.73
C ARG L 387 10.48 22.35 -43.39
N LYS L 388 10.83 23.02 -42.29
CA LYS L 388 10.13 24.24 -41.92
C LYS L 388 10.33 25.33 -42.97
N ARG L 389 11.55 25.45 -43.49
CA ARG L 389 11.80 26.43 -44.55
C ARG L 389 10.97 26.12 -45.78
N LYS L 390 10.86 24.83 -46.15
CA LYS L 390 10.04 24.45 -47.28
C LYS L 390 8.58 24.79 -47.05
N THR L 391 8.09 24.57 -45.83
CA THR L 391 6.69 24.89 -45.52
C THR L 391 6.45 26.39 -45.63
N VAL L 392 7.37 27.20 -45.11
CA VAL L 392 7.22 28.65 -45.22
C VAL L 392 7.29 29.09 -46.67
N GLU L 393 8.16 28.45 -47.46
CA GLU L 393 8.25 28.76 -48.88
C GLU L 393 6.94 28.45 -49.59
N ALA L 394 6.32 27.32 -49.25
CA ALA L 394 5.01 26.98 -49.82
C ALA L 394 3.97 28.02 -49.42
N ASN L 395 4.00 28.46 -48.18
CA ASN L 395 3.07 29.52 -47.75
C ASN L 395 3.29 30.80 -48.55
N ILE L 396 4.55 31.17 -48.79
CA ILE L 396 4.85 32.36 -49.58
C ILE L 396 4.27 32.23 -50.98
N ARG L 397 4.48 31.08 -51.61
CA ARG L 397 3.91 30.86 -52.93
C ARG L 397 2.39 30.85 -52.91
N ASP L 398 1.78 30.46 -51.79
CA ASP L 398 0.32 30.42 -51.69
C ASP L 398 -0.30 31.74 -51.29
N MET L 399 0.49 32.72 -50.85
CA MET L 399 -0.04 34.02 -50.46
C MET L 399 0.19 35.12 -51.50
N LEU L 400 0.72 34.78 -52.67
CA LEU L 400 0.98 35.76 -53.72
C LEU L 400 0.00 35.51 -54.87
N VAL L 401 -0.93 36.45 -55.07
CA VAL L 401 -1.92 36.35 -56.13
C VAL L 401 -1.89 37.53 -57.08
N ASP L 402 -1.10 38.56 -56.81
CA ASP L 402 -0.99 39.72 -57.69
C ASP L 402 0.36 39.70 -58.40
N SER L 403 0.39 40.38 -59.55
CA SER L 403 1.58 40.48 -60.37
C SER L 403 1.96 41.95 -60.56
N VAL L 404 3.26 42.19 -60.73
CA VAL L 404 3.79 43.54 -60.92
C VAL L 404 4.70 43.55 -62.14
N GLU L 405 4.92 44.75 -62.66
CA GLU L 405 5.78 44.95 -63.82
C GLU L 405 7.15 45.45 -63.39
N THR L 406 8.19 44.93 -64.04
CA THR L 406 9.56 45.30 -63.73
C THR L 406 10.12 46.22 -64.81
N ASP L 407 11.07 47.07 -64.41
CA ASP L 407 11.72 48.03 -65.29
C ASP L 407 10.70 48.94 -65.99
N THR L 408 9.92 49.62 -65.16
CA THR L 408 8.90 50.55 -65.64
C THR L 408 9.41 51.98 -65.76
N TYR L 409 10.24 52.43 -64.81
CA TYR L 409 10.77 53.78 -64.86
C TYR L 409 11.89 53.86 -65.88
N PRO L 410 11.79 54.72 -66.89
CA PRO L 410 12.88 54.85 -67.88
C PRO L 410 13.89 55.95 -67.59
N ASP L 411 13.74 56.68 -66.49
CA ASP L 411 14.63 57.78 -66.14
C ASP L 411 15.64 57.40 -65.07
N LYS L 412 15.77 56.11 -64.76
CA LYS L 412 16.64 55.64 -63.69
C LYS L 412 17.90 55.02 -64.28
N LEU L 413 19.04 55.31 -63.68
CA LEU L 413 20.32 54.73 -64.09
C LEU L 413 20.75 53.70 -63.06
N PRO L 414 20.66 52.41 -63.36
CA PRO L 414 21.06 51.40 -62.39
C PRO L 414 22.56 51.35 -62.19
N PHE L 415 22.96 50.81 -61.04
CA PHE L 415 24.35 50.57 -60.71
C PHE L 415 24.44 49.29 -59.90
N LYS L 416 25.66 48.83 -59.65
CA LYS L 416 25.84 47.60 -58.88
C LYS L 416 25.38 47.77 -57.43
N ASN L 417 25.57 48.95 -56.86
CA ASN L 417 25.23 49.19 -55.45
C ASN L 417 24.19 50.29 -55.28
N GLY L 418 23.42 50.59 -56.32
CA GLY L 418 22.38 51.59 -56.18
C GLY L 418 21.83 52.00 -57.54
N VAL L 419 21.02 53.06 -57.52
CA VAL L 419 20.43 53.64 -58.71
C VAL L 419 20.65 55.14 -58.70
N LEU L 420 20.93 55.70 -59.86
CA LEU L 420 21.21 57.13 -60.01
C LEU L 420 20.05 57.81 -60.73
N ASP L 421 19.59 58.92 -60.20
CA ASP L 421 18.53 59.70 -60.82
C ASP L 421 19.13 60.67 -61.83
N LEU L 422 18.74 60.53 -63.09
CA LEU L 422 19.24 61.43 -64.13
C LEU L 422 18.53 62.77 -64.11
N VAL L 423 17.26 62.81 -63.72
CA VAL L 423 16.47 64.04 -63.83
C VAL L 423 16.94 65.07 -62.81
N ASP L 424 17.15 64.65 -61.56
CA ASP L 424 17.52 65.58 -60.49
C ASP L 424 18.94 65.41 -59.98
N GLY L 425 19.47 64.19 -59.98
CA GLY L 425 20.87 63.99 -59.69
C GLY L 425 21.27 63.70 -58.25
N MET L 426 20.72 62.63 -57.67
CA MET L 426 21.24 62.06 -56.43
C MET L 426 21.25 60.54 -56.56
N PHE L 427 22.10 59.91 -55.75
CA PHE L 427 22.30 58.46 -55.79
C PHE L 427 21.54 57.80 -54.64
N TYR L 428 20.72 56.81 -54.97
CA TYR L 428 19.98 56.03 -53.98
C TYR L 428 20.65 54.66 -53.87
N SER L 429 21.27 54.40 -52.72
CA SER L 429 22.01 53.16 -52.49
C SER L 429 21.47 52.49 -51.23
N GLY L 430 21.17 51.19 -51.34
CA GLY L 430 20.69 50.44 -50.20
C GLY L 430 19.23 50.07 -50.27
N ASP L 431 18.57 50.03 -49.11
CA ASP L 431 17.16 49.66 -49.06
C ASP L 431 16.28 50.69 -49.75
N ASP L 432 16.72 51.95 -49.77
CA ASP L 432 15.94 53.01 -50.40
C ASP L 432 15.82 52.81 -51.91
N ALA L 433 16.69 52.01 -52.51
CA ALA L 433 16.63 51.71 -53.94
C ALA L 433 15.80 50.48 -54.26
N LYS L 434 15.18 49.85 -53.25
CA LYS L 434 14.38 48.66 -53.49
C LYS L 434 13.13 48.97 -54.30
N LYS L 435 12.58 50.17 -54.15
CA LYS L 435 11.35 50.53 -54.85
C LYS L 435 11.53 50.56 -56.36
N TYR L 436 12.76 50.70 -56.85
CA TYR L 436 13.04 50.67 -58.28
C TYR L 436 13.34 49.23 -58.68
N THR L 437 12.40 48.61 -59.39
CA THR L 437 12.54 47.21 -59.81
C THR L 437 13.46 47.15 -61.01
N CYS L 438 14.76 47.10 -60.75
CA CYS L 438 15.78 47.01 -61.78
C CYS L 438 16.53 45.69 -61.64
N THR L 439 16.58 44.92 -62.73
CA THR L 439 17.25 43.63 -62.75
C THR L 439 18.58 43.67 -63.51
N VAL L 440 19.04 44.85 -63.90
CA VAL L 440 20.28 45.00 -64.65
C VAL L 440 21.13 46.06 -63.96
N SER L 441 22.44 46.03 -64.25
CA SER L 441 23.37 46.97 -63.67
C SER L 441 24.57 47.12 -64.59
N THR L 442 25.31 48.22 -64.40
CA THR L 442 26.50 48.47 -65.19
C THR L 442 27.69 47.62 -64.79
N GLY L 443 27.63 46.96 -63.63
CA GLY L 443 28.69 46.07 -63.20
C GLY L 443 29.83 46.72 -62.46
N PHE L 444 29.78 48.03 -62.22
CA PHE L 444 30.82 48.71 -61.47
C PHE L 444 30.19 49.65 -60.45
N LYS L 445 30.94 49.95 -59.40
CA LYS L 445 30.45 50.76 -58.31
C LYS L 445 30.41 52.24 -58.70
N PHE L 446 29.75 53.03 -57.87
CA PHE L 446 29.66 54.47 -58.05
C PHE L 446 30.45 55.16 -56.93
N ASP L 447 31.34 56.07 -57.30
CA ASP L 447 32.18 56.79 -56.36
C ASP L 447 31.86 58.27 -56.45
N ASP L 448 31.43 58.86 -55.34
CA ASP L 448 31.11 60.28 -55.32
C ASP L 448 32.36 61.16 -55.37
N THR L 449 33.52 60.61 -55.02
CA THR L 449 34.76 61.39 -55.04
C THR L 449 35.13 61.80 -56.46
N LYS L 450 35.00 60.88 -57.41
CA LYS L 450 35.37 61.17 -58.79
C LYS L 450 34.33 62.02 -59.52
N PHE L 451 33.09 62.06 -59.02
CA PHE L 451 32.03 62.85 -59.65
C PHE L 451 32.06 64.25 -59.07
N VAL L 452 33.00 65.06 -59.58
CA VAL L 452 33.19 66.43 -59.12
C VAL L 452 33.21 67.35 -60.32
N GLU L 453 32.96 68.64 -60.05
CA GLU L 453 32.93 69.64 -61.12
C GLU L 453 34.31 69.83 -61.76
N ASP L 454 35.36 69.85 -60.95
CA ASP L 454 36.70 70.15 -61.42
C ASP L 454 37.60 68.94 -61.19
N SER L 455 38.32 68.53 -62.25
CA SER L 455 39.27 67.43 -62.19
C SER L 455 40.18 67.54 -63.39
N PRO L 456 41.47 67.21 -63.26
CA PRO L 456 42.36 67.31 -64.44
C PRO L 456 41.90 66.44 -65.61
N GLU L 457 41.35 65.26 -65.33
CA GLU L 457 40.85 64.41 -66.40
C GLU L 457 39.64 65.02 -67.09
N MET L 458 38.81 65.74 -66.33
CA MET L 458 37.69 66.46 -66.95
C MET L 458 38.20 67.43 -68.00
N GLU L 459 39.24 68.20 -67.66
CA GLU L 459 39.81 69.15 -68.61
C GLU L 459 40.44 68.43 -69.80
N GLU L 460 41.22 67.38 -69.53
CA GLU L 460 41.83 66.61 -70.61
C GLU L 460 40.79 66.05 -71.55
N LEU L 461 39.59 65.75 -71.05
CA LEU L 461 38.56 65.20 -71.92
C LEU L 461 37.83 66.28 -72.71
N MET L 462 37.40 67.37 -72.06
CA MET L 462 36.59 68.28 -72.85
C MET L 462 37.45 69.14 -73.76
N ASN L 463 38.77 69.16 -73.58
CA ASN L 463 39.63 69.70 -74.62
C ASN L 463 39.41 68.96 -75.94
N ILE L 464 39.50 67.63 -75.91
CA ILE L 464 39.26 66.84 -77.11
C ILE L 464 37.81 66.98 -77.57
N ILE L 465 36.87 67.04 -76.61
CA ILE L 465 35.46 67.14 -76.96
C ILE L 465 35.20 68.42 -77.75
N ASN L 466 35.75 69.55 -77.29
CA ASN L 466 35.62 70.80 -78.02
C ASN L 466 36.41 70.78 -79.32
N ASP L 467 37.51 70.04 -79.36
CA ASP L 467 38.28 69.93 -80.61
C ASP L 467 37.47 69.24 -81.70
N ILE L 468 36.73 68.19 -81.33
CA ILE L 468 35.95 67.45 -82.34
C ILE L 468 34.85 68.33 -82.91
N GLN L 469 34.12 69.03 -82.04
CA GLN L 469 33.08 69.98 -82.46
C GLN L 469 33.34 71.33 -81.82
N PRO L 470 33.79 72.33 -82.57
CA PRO L 470 33.96 73.67 -81.98
C PRO L 470 32.63 74.21 -81.48
N LEU L 471 32.67 74.89 -80.34
CA LEU L 471 31.48 75.47 -79.73
C LEU L 471 31.29 76.89 -80.24
N THR L 472 30.94 76.99 -81.52
CA THR L 472 30.75 78.26 -82.20
C THR L 472 29.37 78.31 -82.84
N ASP L 473 28.91 79.53 -83.11
CA ASP L 473 27.56 79.73 -83.64
C ASP L 473 27.40 79.21 -85.06
N GLU L 474 28.48 79.09 -85.82
CA GLU L 474 28.38 78.55 -87.18
C GLU L 474 28.02 77.07 -87.17
N ASN L 475 28.18 76.40 -86.03
CA ASN L 475 27.91 74.97 -85.89
C ASN L 475 26.74 74.77 -84.92
N LYS L 476 25.87 75.78 -84.79
CA LYS L 476 24.82 75.72 -83.79
C LYS L 476 23.80 74.63 -84.11
N LYS L 477 23.34 74.55 -85.35
CA LYS L 477 22.36 73.53 -85.72
C LYS L 477 22.96 72.13 -85.63
N ASN L 478 24.20 71.96 -86.10
CA ASN L 478 24.84 70.65 -86.03
C ASN L 478 25.07 70.23 -84.58
N ARG L 479 25.45 71.17 -83.71
CA ARG L 479 25.61 70.86 -82.30
C ARG L 479 24.26 70.53 -81.66
N GLU L 480 23.19 71.21 -82.08
CA GLU L 480 21.86 70.86 -81.59
C GLU L 480 21.49 69.44 -81.97
N LEU L 481 21.79 69.03 -83.21
CA LEU L 481 21.51 67.66 -83.62
C LEU L 481 22.38 66.66 -82.86
N TYR L 482 23.66 66.98 -82.66
CA TYR L 482 24.58 66.06 -81.99
C TYR L 482 24.28 65.91 -80.50
N GLU L 483 23.84 66.99 -79.86
CA GLU L 483 23.67 67.00 -78.41
C GLU L 483 22.55 66.06 -77.96
N LYS L 484 21.49 65.96 -78.75
CA LYS L 484 20.41 65.03 -78.41
C LYS L 484 20.86 63.58 -78.50
N THR L 485 21.55 63.23 -79.59
CA THR L 485 21.96 61.85 -79.79
C THR L 485 23.14 61.46 -78.91
N LEU L 486 23.88 62.43 -78.36
CA LEU L 486 24.91 62.10 -77.39
C LEU L 486 24.29 61.50 -76.13
N SER L 487 23.26 62.15 -75.59
CA SER L 487 22.67 61.78 -74.31
C SER L 487 21.41 60.93 -74.45
N SER L 488 20.97 60.61 -75.68
CA SER L 488 19.81 59.75 -75.84
C SER L 488 20.05 58.32 -75.36
N CYS L 489 21.31 57.93 -75.13
CA CYS L 489 21.61 56.56 -74.74
C CYS L 489 21.26 56.26 -73.30
N LEU L 490 21.34 57.27 -72.41
CA LEU L 490 21.15 57.02 -70.99
C LEU L 490 19.72 56.59 -70.67
N CYS L 491 18.74 57.27 -71.24
CA CYS L 491 17.34 57.01 -70.90
C CYS L 491 16.90 55.64 -71.42
N GLY L 492 15.97 55.04 -70.70
CA GLY L 492 15.43 53.73 -71.05
C GLY L 492 14.24 53.74 -71.98
N ALA L 493 13.91 54.89 -72.56
CA ALA L 493 12.77 54.99 -73.46
C ALA L 493 13.03 54.17 -74.73
N THR L 494 11.95 53.62 -75.28
CA THR L 494 12.04 52.78 -76.47
C THR L 494 11.95 53.66 -77.71
N LYS L 495 12.99 53.60 -78.55
CA LYS L 495 13.04 54.35 -79.79
C LYS L 495 13.68 53.50 -80.88
N GLY L 496 13.34 53.81 -82.12
CA GLY L 496 13.89 53.09 -83.26
C GLY L 496 14.39 54.01 -84.35
N CYS L 497 14.75 55.24 -83.98
CA CYS L 497 15.24 56.23 -84.93
C CYS L 497 16.76 56.10 -85.01
N LEU L 498 17.24 55.54 -86.13
CA LEU L 498 18.67 55.36 -86.32
C LEU L 498 19.36 56.71 -86.51
N THR L 499 20.59 56.80 -86.00
CA THR L 499 21.39 58.01 -86.09
C THR L 499 22.63 57.73 -86.94
N PHE L 500 22.91 58.62 -87.88
CA PHE L 500 24.03 58.49 -88.79
C PHE L 500 25.10 59.53 -88.48
N PHE L 501 26.34 59.10 -88.45
CA PHE L 501 27.49 59.97 -88.23
C PHE L 501 28.28 60.07 -89.53
N PHE L 502 28.49 61.29 -90.01
CA PHE L 502 29.19 61.54 -91.26
C PHE L 502 30.36 62.47 -90.99
N GLY L 503 31.55 62.07 -91.41
CA GLY L 503 32.73 62.90 -91.23
C GLY L 503 33.95 62.19 -91.76
N GLU L 504 35.05 62.95 -91.81
CA GLU L 504 36.31 62.41 -92.30
C GLU L 504 36.95 61.50 -91.25
N THR L 505 37.79 60.59 -91.72
CA THR L 505 38.48 59.68 -90.82
C THR L 505 39.61 60.41 -90.09
N ALA L 506 40.10 59.78 -89.03
CA ALA L 506 41.17 60.32 -88.19
C ALA L 506 40.82 61.71 -87.66
N THR L 507 39.55 61.89 -87.30
CA THR L 507 39.06 63.15 -86.75
C THR L 507 38.41 62.94 -85.39
N GLY L 508 38.86 61.92 -84.65
CA GLY L 508 38.33 61.63 -83.34
C GLY L 508 36.98 60.95 -83.33
N LYS L 509 36.47 60.54 -84.49
CA LYS L 509 35.18 59.87 -84.53
C LYS L 509 35.23 58.51 -83.86
N SER L 510 36.34 57.79 -84.03
CA SER L 510 36.46 56.45 -83.44
C SER L 510 36.66 56.48 -81.92
N THR L 511 36.92 57.65 -81.34
CA THR L 511 37.14 57.74 -79.90
C THR L 511 35.84 57.63 -79.12
N THR L 512 34.72 58.04 -79.72
CA THR L 512 33.45 58.07 -78.99
C THR L 512 32.96 56.66 -78.66
N LYS L 513 33.29 55.67 -79.48
CA LYS L 513 32.88 54.30 -79.17
C LYS L 513 33.63 53.76 -77.95
N ARG L 514 34.93 54.04 -77.87
CA ARG L 514 35.69 53.64 -76.69
C ARG L 514 35.21 54.38 -75.45
N LEU L 515 34.90 55.67 -75.59
CA LEU L 515 34.35 56.41 -74.45
C LEU L 515 33.00 55.86 -74.01
N LEU L 516 32.14 55.49 -74.97
CA LEU L 516 30.85 54.88 -74.62
C LEU L 516 31.04 53.56 -73.90
N LYS L 517 31.97 52.73 -74.39
CA LYS L 517 32.22 51.45 -73.73
C LYS L 517 32.77 51.64 -72.33
N SER L 518 33.68 52.60 -72.14
CA SER L 518 34.25 52.85 -70.83
C SER L 518 33.22 53.45 -69.88
N ALA L 519 32.29 54.25 -70.39
CA ALA L 519 31.36 54.97 -69.52
C ALA L 519 30.20 54.08 -69.09
N ILE L 520 29.38 53.64 -70.04
CA ILE L 520 28.18 52.88 -69.70
C ILE L 520 28.57 51.51 -69.16
N GLY L 521 29.48 50.82 -69.84
CA GLY L 521 29.98 49.55 -69.36
C GLY L 521 29.26 48.34 -69.91
N ASP L 522 28.65 47.55 -69.02
CA ASP L 522 28.03 46.30 -69.42
C ASP L 522 26.84 46.53 -70.34
N LEU L 523 26.03 47.56 -70.06
CA LEU L 523 24.84 47.80 -70.86
C LEU L 523 25.17 48.13 -72.31
N PHE L 524 26.22 48.91 -72.53
CA PHE L 524 26.63 49.25 -73.88
C PHE L 524 27.35 48.07 -74.53
N VAL L 525 26.85 47.66 -75.69
CA VAL L 525 27.43 46.55 -76.45
C VAL L 525 27.58 46.98 -77.90
N GLU L 526 28.79 46.86 -78.43
CA GLU L 526 29.08 47.21 -79.81
C GLU L 526 29.10 45.95 -80.67
N THR L 527 28.85 46.15 -81.97
CA THR L 527 28.83 45.06 -82.92
C THR L 527 29.24 45.58 -84.29
N GLY L 528 29.30 44.69 -85.28
CA GLY L 528 29.71 45.01 -86.61
C GLY L 528 28.55 45.03 -87.60
N GLN L 529 28.89 44.90 -88.87
CA GLN L 529 27.91 44.95 -89.95
C GLN L 529 27.26 43.60 -90.22
N THR L 530 27.60 42.56 -89.46
CA THR L 530 27.01 41.24 -89.68
C THR L 530 25.52 41.25 -89.40
N ILE L 531 25.07 42.03 -88.42
CA ILE L 531 23.65 42.09 -88.10
C ILE L 531 22.85 42.68 -89.26
N LEU L 532 23.42 43.66 -89.98
CA LEU L 532 22.71 44.25 -91.10
C LEU L 532 22.64 43.30 -92.30
N THR L 533 23.58 42.36 -92.39
CA THR L 533 23.62 41.44 -93.52
C THR L 533 22.76 40.20 -93.27
N ASP L 534 22.92 39.57 -92.11
CA ASP L 534 22.18 38.36 -91.80
C ASP L 534 20.78 38.70 -91.30
N VAL L 535 19.83 37.84 -91.62
CA VAL L 535 18.45 38.01 -91.18
C VAL L 535 18.32 37.50 -89.75
N LEU L 536 17.84 38.36 -88.86
CA LEU L 536 17.68 37.96 -87.46
C LEU L 536 16.63 36.87 -87.31
N ASP L 537 15.53 36.97 -88.06
CA ASP L 537 14.47 35.97 -87.97
C ASP L 537 14.95 34.61 -88.46
N LYS L 538 15.72 34.58 -89.54
CA LYS L 538 16.18 33.31 -90.10
C LYS L 538 17.27 32.71 -89.20
N GLY L 539 17.04 31.49 -88.74
CA GLY L 539 17.99 30.79 -87.92
C GLY L 539 18.03 31.30 -86.50
N PRO L 540 18.85 30.66 -85.65
CA PRO L 540 18.97 31.12 -84.26
C PRO L 540 20.01 32.22 -84.12
N ASN L 541 19.62 33.36 -83.55
CA ASN L 541 20.52 34.48 -83.33
C ASN L 541 20.69 34.72 -81.85
N PRO L 542 21.78 34.28 -81.25
CA PRO L 542 21.99 34.52 -79.80
C PRO L 542 22.04 35.99 -79.44
N PHE L 543 22.56 36.84 -80.33
CA PHE L 543 22.59 38.27 -80.06
C PHE L 543 21.18 38.85 -79.93
N ILE L 544 20.28 38.45 -80.84
CA ILE L 544 18.89 38.87 -80.73
C ILE L 544 18.23 38.26 -79.49
N ALA L 545 18.62 37.04 -79.13
CA ALA L 545 18.11 36.44 -77.90
C ALA L 545 18.55 37.21 -76.67
N ASN L 546 19.78 37.74 -76.69
CA ASN L 546 20.36 38.41 -75.53
C ASN L 546 20.39 39.93 -75.68
N MET L 547 19.70 40.49 -76.68
CA MET L 547 19.67 41.94 -76.85
C MET L 547 18.71 42.64 -75.91
N HIS L 548 17.88 41.89 -75.17
CA HIS L 548 16.93 42.51 -74.26
C HIS L 548 17.65 43.27 -73.16
N LEU L 549 17.03 44.36 -72.73
CA LEU L 549 17.56 45.24 -71.69
C LEU L 549 18.96 45.73 -72.04
N LYS L 550 19.04 46.43 -73.17
CA LYS L 550 20.27 47.08 -73.62
C LYS L 550 19.95 48.53 -73.91
N ARG L 551 20.70 49.45 -73.28
CA ARG L 551 20.40 50.87 -73.44
C ARG L 551 20.85 51.39 -74.80
N SER L 552 22.05 51.00 -75.24
CA SER L 552 22.58 51.48 -76.51
C SER L 552 23.44 50.40 -77.14
N VAL L 553 23.32 50.26 -78.47
CA VAL L 553 24.09 49.29 -79.23
C VAL L 553 24.74 50.02 -80.39
N PHE L 554 26.07 50.06 -80.41
CA PHE L 554 26.81 50.62 -81.54
C PHE L 554 26.67 49.67 -82.72
N CYS L 555 25.99 50.13 -83.78
CA CYS L 555 25.59 49.21 -84.84
C CYS L 555 26.77 48.74 -85.67
N SER L 556 27.44 49.66 -86.35
CA SER L 556 28.49 49.27 -87.28
C SER L 556 29.46 50.42 -87.50
N GLU L 557 30.64 50.07 -88.01
CA GLU L 557 31.67 51.01 -88.43
C GLU L 557 32.05 50.80 -89.89
N LEU L 558 31.09 50.33 -90.69
CA LEU L 558 31.36 49.91 -92.05
C LEU L 558 31.79 51.10 -92.92
N PRO L 559 32.62 50.86 -93.94
CA PRO L 559 32.99 51.93 -94.86
C PRO L 559 31.93 52.18 -95.91
N ASP L 560 32.23 53.04 -96.90
CA ASP L 560 31.29 53.36 -97.95
C ASP L 560 30.89 52.12 -98.74
N PHE L 561 29.61 52.03 -99.09
CA PHE L 561 29.08 50.92 -99.86
C PHE L 561 28.99 51.21 -101.35
N ALA L 562 29.49 52.36 -101.80
CA ALA L 562 29.41 52.71 -103.21
C ALA L 562 30.21 51.76 -104.07
N CYS L 563 31.38 51.33 -103.60
CA CYS L 563 32.23 50.44 -104.37
C CYS L 563 31.56 49.09 -104.56
N SER L 564 31.86 48.46 -105.70
CA SER L 564 31.27 47.17 -106.04
C SER L 564 31.84 46.08 -105.13
N GLY L 565 31.19 44.91 -105.17
CA GLY L 565 31.56 43.80 -104.34
C GLY L 565 31.00 43.81 -102.94
N SER L 566 30.23 44.83 -102.58
CA SER L 566 29.62 44.96 -101.26
C SER L 566 28.10 45.05 -101.42
N LYS L 567 27.40 44.25 -100.63
CA LYS L 567 25.94 44.22 -100.72
C LYS L 567 25.35 45.51 -100.18
N LYS L 568 24.28 45.96 -100.83
CA LYS L 568 23.63 47.21 -100.44
C LYS L 568 22.83 47.04 -99.14
N ILE L 569 22.48 48.17 -98.54
CA ILE L 569 21.72 48.15 -97.30
C ILE L 569 20.30 47.68 -97.56
N ARG L 570 19.81 46.77 -96.72
CA ARG L 570 18.45 46.25 -96.84
C ARG L 570 17.55 46.99 -95.85
N SER L 571 16.38 47.42 -96.35
CA SER L 571 15.43 48.18 -95.54
C SER L 571 14.52 47.32 -94.69
N ASP L 572 14.57 45.99 -94.84
CA ASP L 572 13.67 45.12 -94.09
C ASP L 572 14.02 45.10 -92.61
N ASN L 573 15.32 45.20 -92.26
CA ASN L 573 15.71 45.12 -90.86
C ASN L 573 15.25 46.33 -90.07
N ILE L 574 15.31 47.52 -90.67
CA ILE L 574 15.00 48.75 -89.95
C ILE L 574 13.54 48.77 -89.52
N LYS L 575 12.65 48.22 -90.36
CA LYS L 575 11.23 48.25 -90.04
C LYS L 575 10.92 47.52 -88.74
N LYS L 576 11.53 46.35 -88.53
CA LYS L 576 11.32 45.63 -87.28
C LYS L 576 12.22 46.13 -86.16
N LEU L 577 13.34 46.80 -86.49
CA LEU L 577 14.16 47.41 -85.45
C LEU L 577 13.42 48.57 -84.78
N THR L 578 12.68 49.36 -85.59
CA THR L 578 11.94 50.49 -85.02
C THR L 578 10.81 50.03 -84.12
N GLU L 579 10.25 48.84 -84.39
CA GLU L 579 9.12 48.36 -83.61
C GLU L 579 9.53 48.15 -82.15
N PRO L 580 8.73 48.61 -81.19
CA PRO L 580 9.08 48.40 -79.77
C PRO L 580 9.16 46.94 -79.38
N CYS L 581 8.43 46.06 -80.05
CA CYS L 581 8.42 44.64 -79.73
C CYS L 581 9.14 43.86 -80.82
N VAL L 582 9.97 42.90 -80.40
CA VAL L 582 10.71 42.07 -81.35
C VAL L 582 9.92 40.81 -81.66
N ARG L 595 10.36 44.09 -76.83
CA ARG L 595 10.75 44.71 -75.56
C ARG L 595 12.21 45.16 -75.64
N ASN L 596 12.43 46.36 -76.18
CA ASN L 596 13.77 46.87 -76.38
C ASN L 596 13.86 48.32 -75.95
N HIS L 597 15.08 48.74 -75.59
CA HIS L 597 15.35 50.13 -75.26
C HIS L 597 16.66 50.61 -75.88
N ALA L 598 17.13 49.94 -76.94
CA ALA L 598 18.43 50.22 -77.51
C ALA L 598 18.40 51.46 -78.41
N THR L 599 19.54 52.12 -78.50
CA THR L 599 19.74 53.24 -79.40
C THR L 599 20.78 52.85 -80.44
N ILE L 600 20.46 53.05 -81.71
CA ILE L 600 21.28 52.61 -82.83
C ILE L 600 21.96 53.83 -83.44
N ILE L 601 23.29 53.80 -83.47
CA ILE L 601 24.09 54.86 -84.08
C ILE L 601 25.08 54.21 -85.04
N ILE L 602 25.15 54.74 -86.27
CA ILE L 602 26.04 54.23 -87.31
C ILE L 602 26.93 55.36 -87.77
N ASP L 603 28.23 55.10 -87.84
CA ASP L 603 29.20 56.05 -88.35
C ASP L 603 29.84 55.51 -89.62
N THR L 604 29.92 56.36 -90.64
CA THR L 604 30.50 55.97 -91.92
C THR L 604 31.15 57.19 -92.55
N ASN L 605 32.29 56.97 -93.22
CA ASN L 605 33.02 58.08 -93.81
C ASN L 605 32.22 58.75 -94.93
N TYR L 606 31.49 57.97 -95.72
CA TYR L 606 30.74 58.51 -96.85
C TYR L 606 29.35 57.90 -96.86
N LYS L 607 28.44 58.59 -97.53
CA LYS L 607 27.04 58.17 -97.55
C LYS L 607 26.89 56.86 -98.30
N PRO L 608 26.28 55.83 -97.69
CA PRO L 608 26.13 54.54 -98.39
C PRO L 608 25.02 54.59 -99.44
N VAL L 609 24.72 53.44 -100.04
CA VAL L 609 23.70 53.32 -101.08
C VAL L 609 22.63 52.35 -100.60
N PHE L 610 21.38 52.79 -100.66
CA PHE L 610 20.24 51.97 -100.28
C PHE L 610 19.63 51.29 -101.51
N ASP L 611 18.92 50.19 -101.26
CA ASP L 611 18.26 49.45 -102.33
C ASP L 611 16.75 49.66 -102.37
N ARG L 612 16.14 50.02 -101.25
CA ARG L 612 14.70 50.23 -101.17
C ARG L 612 14.44 51.60 -100.58
N ILE L 613 13.55 52.37 -101.20
CA ILE L 613 13.24 53.73 -100.77
C ILE L 613 11.73 53.91 -100.77
N ASP L 614 11.24 54.62 -99.75
CA ASP L 614 9.82 54.96 -99.63
C ASP L 614 9.70 56.15 -98.68
N ASN L 615 8.46 56.46 -98.30
CA ASN L 615 8.22 57.56 -97.37
C ASN L 615 8.50 57.18 -95.92
N ALA L 616 8.64 55.89 -95.62
CA ALA L 616 8.87 55.47 -94.24
C ALA L 616 10.31 55.73 -93.80
N LEU L 617 11.27 55.56 -94.71
CA LEU L 617 12.68 55.72 -94.37
C LEU L 617 13.04 57.17 -94.06
N MET L 618 12.23 58.13 -94.52
CA MET L 618 12.52 59.53 -94.25
C MET L 618 12.44 59.83 -92.76
N ARG L 619 11.37 59.38 -92.10
CA ARG L 619 11.16 59.68 -90.70
C ARG L 619 12.04 58.85 -89.76
N ARG L 620 12.73 57.85 -90.28
CA ARG L 620 13.53 56.94 -89.46
C ARG L 620 15.02 57.25 -89.49
N ILE L 621 15.45 58.28 -90.22
CA ILE L 621 16.87 58.53 -90.44
C ILE L 621 17.21 59.96 -90.01
N ALA L 622 18.25 60.08 -89.19
CA ALA L 622 18.83 61.37 -88.83
C ALA L 622 20.34 61.28 -88.98
N VAL L 623 20.95 62.38 -89.41
CA VAL L 623 22.38 62.41 -89.72
C VAL L 623 23.05 63.54 -88.95
N VAL L 624 24.24 63.27 -88.43
CA VAL L 624 25.09 64.26 -87.77
C VAL L 624 26.40 64.34 -88.52
N ARG L 625 26.81 65.55 -88.87
CA ARG L 625 27.96 65.78 -89.75
C ARG L 625 29.12 66.39 -88.96
N PHE L 626 30.33 65.91 -89.25
CA PHE L 626 31.53 66.42 -88.60
C PHE L 626 32.03 67.68 -89.32
N ARG L 627 32.19 68.77 -88.58
CA ARG L 627 32.68 70.02 -89.10
C ARG L 627 34.19 70.19 -88.89
N THR L 628 34.83 69.25 -88.19
CA THR L 628 36.25 69.38 -87.88
C THR L 628 37.08 69.51 -89.16
N HIS L 629 37.97 70.49 -89.17
CA HIS L 629 38.82 70.75 -90.32
C HIS L 629 39.93 69.71 -90.43
N LEU L 655 47.19 56.76 -75.35
CA LEU L 655 45.85 57.18 -75.74
C LEU L 655 44.87 56.02 -75.69
N ASP L 656 45.15 54.98 -76.48
CA ASP L 656 44.29 53.80 -76.50
C ASP L 656 44.28 53.10 -75.14
N GLY L 657 45.46 52.98 -74.51
CA GLY L 657 45.54 52.33 -73.22
C GLY L 657 44.95 53.14 -72.08
N LYS L 658 44.86 54.46 -72.24
CA LYS L 658 44.29 55.30 -71.19
C LYS L 658 42.82 54.97 -70.97
N ILE L 659 42.06 54.79 -72.06
CA ILE L 659 40.64 54.46 -71.93
C ILE L 659 40.47 53.08 -71.31
N GLN L 660 41.30 52.12 -71.70
CA GLN L 660 41.20 50.77 -71.16
C GLN L 660 41.51 50.74 -69.67
N ASN L 661 42.30 51.69 -69.17
CA ASN L 661 42.64 51.77 -67.76
C ASN L 661 41.59 52.50 -66.93
N ASN L 662 40.39 52.71 -67.49
CA ASN L 662 39.29 53.38 -66.80
C ASN L 662 39.67 54.79 -66.36
N ARG L 663 40.54 55.45 -67.13
CA ARG L 663 40.93 56.81 -66.79
C ARG L 663 39.77 57.78 -66.94
N TYR L 664 38.97 57.61 -67.99
CA TYR L 664 37.81 58.46 -68.26
C TYR L 664 36.51 57.73 -67.99
N ARG L 665 36.51 56.84 -66.98
CA ARG L 665 35.32 56.07 -66.67
C ARG L 665 34.19 56.95 -66.17
N PHE L 666 34.50 57.94 -65.33
CA PHE L 666 33.48 58.83 -64.78
C PHE L 666 33.33 60.13 -65.56
N ALA L 667 34.33 60.53 -66.34
CA ALA L 667 34.26 61.78 -67.08
C ALA L 667 33.14 61.75 -68.11
N PHE L 668 33.05 60.66 -68.87
CA PHE L 668 32.01 60.56 -69.88
C PHE L 668 30.64 60.43 -69.25
N LEU L 669 30.55 59.87 -68.04
CA LEU L 669 29.27 59.90 -67.32
C LEU L 669 28.83 61.34 -67.05
N TYR L 670 29.77 62.19 -66.61
CA TYR L 670 29.43 63.59 -66.38
C TYR L 670 29.02 64.28 -67.67
N LEU L 671 29.74 64.00 -68.77
CA LEU L 671 29.37 64.60 -70.05
C LEU L 671 27.96 64.16 -70.46
N LEU L 672 27.66 62.88 -70.33
CA LEU L 672 26.36 62.37 -70.73
C LEU L 672 25.24 62.95 -69.87
N VAL L 673 25.46 63.05 -68.56
CA VAL L 673 24.41 63.58 -67.69
C VAL L 673 24.21 65.07 -67.92
N LYS L 674 25.30 65.82 -68.17
CA LYS L 674 25.14 67.25 -68.41
C LYS L 674 24.49 67.50 -69.77
N TRP L 675 24.66 66.59 -70.72
CA TRP L 675 23.91 66.69 -71.97
C TRP L 675 22.45 66.31 -71.76
N TYR L 676 22.20 65.27 -70.95
CA TYR L 676 20.83 64.81 -70.74
C TYR L 676 19.99 65.87 -70.04
N LYS L 677 20.57 66.57 -69.07
CA LYS L 677 19.80 67.58 -68.34
C LYS L 677 19.48 68.80 -69.18
N LYS L 678 20.07 68.93 -70.37
CA LYS L 678 19.87 70.12 -71.19
C LYS L 678 18.51 70.11 -71.89
N TYR L 679 18.29 69.13 -72.77
CA TYR L 679 17.13 69.14 -73.65
C TYR L 679 16.19 67.95 -73.48
N HIS L 680 16.63 66.86 -72.85
CA HIS L 680 15.80 65.67 -72.72
C HIS L 680 14.83 65.74 -71.55
N ILE L 681 14.57 66.93 -71.02
CA ILE L 681 13.70 67.11 -69.87
C ILE L 681 12.23 66.94 -70.24
N PRO L 682 11.66 67.73 -71.18
CA PRO L 682 10.21 67.76 -71.32
C PRO L 682 9.62 66.63 -72.15
N ILE L 683 10.35 66.14 -73.15
CA ILE L 683 9.82 65.15 -74.08
C ILE L 683 10.98 64.51 -74.82
N MET L 684 10.77 63.28 -75.29
CA MET L 684 11.73 62.58 -76.14
C MET L 684 11.29 62.73 -77.59
N LYS L 685 11.86 63.74 -78.26
CA LYS L 685 11.59 64.00 -79.66
C LYS L 685 12.91 64.05 -80.42
N LEU L 686 13.01 63.24 -81.48
CA LEU L 686 14.19 63.22 -82.34
C LEU L 686 13.78 63.70 -83.72
N TYR L 687 14.29 64.87 -84.10
CA TYR L 687 13.90 65.48 -85.37
C TYR L 687 14.70 64.85 -86.52
N PRO L 688 14.06 64.22 -87.48
CA PRO L 688 14.80 63.69 -88.64
C PRO L 688 15.30 64.82 -89.53
N THR L 689 16.45 64.56 -90.16
CA THR L 689 17.09 65.55 -91.03
C THR L 689 17.16 65.05 -92.45
N PRO L 690 16.29 65.54 -93.35
CA PRO L 690 16.34 65.12 -94.76
C PRO L 690 17.32 65.91 -95.62
N GLU L 691 18.25 66.65 -95.00
CA GLU L 691 19.12 67.53 -95.77
C GLU L 691 20.09 66.74 -96.64
N GLU L 692 20.75 65.75 -96.06
CA GLU L 692 21.81 65.03 -96.77
C GLU L 692 21.67 63.52 -96.53
N ILE L 693 20.44 63.02 -96.64
CA ILE L 693 20.24 61.57 -96.64
C ILE L 693 20.60 61.02 -98.02
N PRO L 694 21.42 59.97 -98.09
CA PRO L 694 21.86 59.47 -99.40
C PRO L 694 20.70 58.98 -100.25
N ASP L 695 20.88 59.06 -101.58
CA ASP L 695 19.91 58.67 -102.60
C ASP L 695 18.49 59.11 -102.27
N PHE L 696 18.35 60.31 -101.72
CA PHE L 696 17.04 60.89 -101.44
C PHE L 696 16.80 62.22 -102.14
N ALA L 697 17.80 62.79 -102.80
CA ALA L 697 17.59 64.04 -103.53
C ALA L 697 16.61 63.85 -104.67
N PHE L 698 16.76 62.75 -105.42
CA PHE L 698 15.84 62.47 -106.52
C PHE L 698 14.42 62.25 -106.00
N TYR L 699 14.28 61.53 -104.89
CA TYR L 699 12.95 61.29 -104.32
C TYR L 699 12.31 62.59 -103.87
N LEU L 700 13.08 63.45 -103.19
CA LEU L 700 12.54 64.73 -102.74
C LEU L 700 12.16 65.62 -103.92
N LYS L 701 12.99 65.62 -104.97
CA LYS L 701 12.68 66.43 -106.15
C LYS L 701 11.42 65.92 -106.85
N ILE L 702 11.28 64.61 -107.01
CA ILE L 702 10.12 64.06 -107.70
C ILE L 702 8.88 64.13 -106.83
N GLY L 703 9.03 64.31 -105.52
CA GLY L 703 7.88 64.58 -104.68
C GLY L 703 7.16 65.85 -105.05
N THR L 704 7.91 66.87 -105.48
CA THR L 704 7.32 68.10 -106.01
C THR L 704 7.08 68.04 -107.51
N LEU L 705 7.86 67.24 -108.23
CA LEU L 705 7.65 67.11 -109.67
C LEU L 705 6.36 66.35 -109.98
N LEU L 706 6.10 65.26 -109.27
CA LEU L 706 4.92 64.44 -109.49
C LEU L 706 4.25 64.12 -108.17
N VAL L 707 2.92 64.26 -108.14
CA VAL L 707 2.12 63.91 -106.97
C VAL L 707 0.87 63.21 -107.44
N SER L 708 0.31 62.36 -106.56
CA SER L 708 -0.92 61.66 -106.88
C SER L 708 -2.09 62.63 -106.92
N SER L 709 -3.05 62.35 -107.80
CA SER L 709 -4.22 63.19 -107.94
C SER L 709 -5.10 63.11 -106.71
N SER L 710 -5.72 64.24 -106.36
CA SER L 710 -6.58 64.32 -105.19
C SER L 710 -7.95 64.86 -105.55
N VAL L 711 -8.76 65.17 -104.54
CA VAL L 711 -10.12 65.67 -104.78
C VAL L 711 -10.08 66.99 -105.53
N LYS L 712 -9.09 67.84 -105.23
CA LYS L 712 -8.99 69.14 -105.88
C LYS L 712 -8.37 69.07 -107.27
N HIS L 713 -7.89 67.91 -107.71
CA HIS L 713 -7.21 67.78 -108.99
C HIS L 713 -8.02 67.08 -110.06
N ILE L 714 -8.84 66.09 -109.69
CA ILE L 714 -9.57 65.31 -110.71
C ILE L 714 -10.55 66.17 -111.51
N PRO L 715 -11.43 66.97 -110.90
CA PRO L 715 -12.40 67.70 -111.73
C PRO L 715 -11.80 68.85 -112.51
N LEU L 716 -10.90 69.63 -111.90
CA LEU L 716 -10.36 70.80 -112.56
C LEU L 716 -9.40 70.45 -113.69
N MET L 717 -8.89 69.23 -113.73
CA MET L 717 -7.93 68.85 -114.76
C MET L 717 -8.60 68.61 -116.12
N THR L 718 -9.91 68.38 -116.14
CA THR L 718 -10.60 68.13 -117.39
C THR L 718 -10.57 69.34 -118.31
N ASP L 719 -10.74 70.54 -117.74
CA ASP L 719 -10.76 71.75 -118.56
C ASP L 719 -9.41 72.03 -119.20
N LEU L 720 -8.31 71.64 -118.54
CA LEU L 720 -6.98 71.88 -119.08
C LEU L 720 -6.65 71.00 -120.27
N SER L 721 -7.49 70.00 -120.58
CA SER L 721 -7.26 69.17 -121.76
C SER L 721 -7.41 69.96 -123.05
N LYS L 722 -8.08 71.12 -123.00
CA LYS L 722 -8.22 71.97 -124.18
C LYS L 722 -6.90 72.62 -124.61
N LYS L 723 -5.89 72.60 -123.75
CA LYS L 723 -4.59 73.19 -124.05
C LYS L 723 -3.65 72.21 -124.77
N GLY L 724 -4.21 71.16 -125.37
CA GLY L 724 -3.41 70.17 -126.08
C GLY L 724 -3.14 68.89 -125.32
N TYR L 725 -3.62 68.77 -124.09
CA TYR L 725 -3.42 67.55 -123.33
C TYR L 725 -4.44 66.48 -123.72
N ILE L 726 -4.11 65.23 -123.44
CA ILE L 726 -4.91 64.08 -123.82
C ILE L 726 -5.46 63.43 -122.55
N LEU L 727 -6.77 63.17 -122.54
CA LEU L 727 -7.43 62.52 -121.42
C LEU L 727 -7.68 61.05 -121.78
N TYR L 728 -7.19 60.15 -120.93
CA TYR L 728 -7.35 58.71 -121.13
C TYR L 728 -7.81 58.08 -119.84
N ASP L 729 -8.93 57.35 -119.90
CA ASP L 729 -9.51 56.69 -118.72
C ASP L 729 -9.77 57.69 -117.60
N ASN L 730 -10.33 58.84 -117.96
CA ASN L 730 -10.76 59.92 -117.06
C ASN L 730 -9.61 60.49 -116.23
N VAL L 731 -8.37 60.09 -116.48
CA VAL L 731 -7.20 60.63 -115.79
C VAL L 731 -6.20 61.08 -116.84
N VAL L 732 -5.79 62.34 -116.76
CA VAL L 732 -4.83 62.88 -117.72
C VAL L 732 -3.48 62.22 -117.47
N THR L 733 -3.07 61.33 -118.37
CA THR L 733 -1.80 60.63 -118.27
C THR L 733 -0.99 60.85 -119.53
N LEU L 734 0.33 60.88 -119.37
CA LEU L 734 1.24 61.10 -120.48
C LEU L 734 2.09 59.86 -120.72
N PRO L 735 2.34 59.48 -121.98
CA PRO L 735 3.19 58.32 -122.24
C PRO L 735 4.58 58.49 -121.66
N LEU L 736 5.15 57.38 -121.18
CA LEU L 736 6.47 57.43 -120.58
C LEU L 736 7.55 57.81 -121.59
N THR L 737 7.32 57.49 -122.88
CA THR L 737 8.28 57.86 -123.91
C THR L 737 8.40 59.37 -124.03
N THR L 738 7.27 60.09 -123.99
CA THR L 738 7.32 61.55 -124.04
C THR L 738 7.90 62.12 -122.75
N PHE L 739 7.59 61.51 -121.60
CA PHE L 739 8.12 61.99 -120.34
C PHE L 739 9.62 61.80 -120.23
N GLN L 740 10.17 60.78 -120.90
CA GLN L 740 11.61 60.55 -120.84
C GLN L 740 12.38 61.71 -121.45
N GLN L 741 11.90 62.24 -122.58
CA GLN L 741 12.59 63.36 -123.22
C GLN L 741 12.59 64.60 -122.34
N LYS L 742 11.46 64.91 -121.71
CA LYS L 742 11.36 66.11 -120.88
C LYS L 742 12.03 65.92 -119.51
N ILE L 743 12.26 64.68 -119.09
CA ILE L 743 12.91 64.43 -117.81
C ILE L 743 14.41 64.22 -117.93
N SER L 744 14.93 64.02 -119.15
CA SER L 744 16.36 63.78 -119.32
C SER L 744 17.18 65.05 -119.09
N LYS L 745 16.55 66.22 -119.13
CA LYS L 745 17.27 67.48 -118.94
C LYS L 745 17.68 67.71 -117.48
N TYR L 746 16.86 67.27 -116.53
CA TYR L 746 17.12 67.53 -115.12
C TYR L 746 18.25 66.67 -114.55
N PHE L 747 18.36 65.43 -115.00
CA PHE L 747 19.36 64.50 -114.47
C PHE L 747 20.13 63.84 -115.62
N ASN L 748 21.43 63.65 -115.41
CA ASN L 748 22.25 63.00 -116.41
C ASN L 748 21.88 61.53 -116.54
N SER L 749 21.88 61.04 -117.78
CA SER L 749 21.51 59.65 -118.02
C SER L 749 22.62 58.69 -117.63
N ARG L 750 23.88 59.05 -117.89
CA ARG L 750 24.99 58.12 -117.79
C ARG L 750 25.14 57.54 -116.39
N LEU L 751 24.70 58.25 -115.36
CA LEU L 751 24.84 57.77 -113.99
C LEU L 751 23.52 57.54 -113.28
N PHE L 752 22.47 58.31 -113.59
CA PHE L 752 21.17 58.18 -112.95
C PHE L 752 20.20 57.35 -113.78
N GLY L 753 20.66 56.76 -114.88
CA GLY L 753 19.76 56.00 -115.74
C GLY L 753 19.22 54.76 -115.05
N HIS L 754 20.03 54.08 -114.26
CA HIS L 754 19.57 52.90 -113.54
C HIS L 754 18.43 53.26 -112.59
N ASP L 755 18.62 54.33 -111.80
CA ASP L 755 17.58 54.74 -110.86
C ASP L 755 16.33 55.20 -111.59
N ILE L 756 16.48 55.96 -112.67
CA ILE L 756 15.31 56.43 -113.41
C ILE L 756 14.54 55.27 -114.01
N GLU L 757 15.26 54.30 -114.60
CA GLU L 757 14.59 53.14 -115.18
C GLU L 757 13.90 52.30 -114.12
N SER L 758 14.55 52.12 -112.96
CA SER L 758 13.92 51.35 -111.89
C SER L 758 12.64 52.02 -111.41
N PHE L 759 12.69 53.36 -111.21
CA PHE L 759 11.50 54.06 -110.76
C PHE L 759 10.39 54.00 -111.80
N ILE L 760 10.73 54.14 -113.08
CA ILE L 760 9.73 54.09 -114.13
C ILE L 760 9.11 52.70 -114.21
N ASN L 761 9.93 51.65 -114.14
CA ASN L 761 9.43 50.29 -114.22
C ASN L 761 8.60 49.90 -113.00
N ARG L 762 8.89 50.50 -111.83
CA ARG L 762 8.09 50.18 -110.65
C ARG L 762 6.65 50.66 -110.81
N HIS L 763 6.46 51.92 -111.24
CA HIS L 763 5.14 52.53 -111.29
C HIS L 763 4.48 52.45 -112.67
N LYS L 764 5.10 51.79 -113.64
CA LYS L 764 4.50 51.68 -114.96
C LYS L 764 3.28 50.77 -114.91
N LYS L 765 2.29 51.09 -115.75
CA LYS L 765 1.05 50.34 -115.83
C LYS L 765 0.80 49.90 -117.26
N PHE L 766 0.09 48.78 -117.40
CA PHE L 766 -0.21 48.20 -118.71
C PHE L 766 -1.69 48.36 -118.99
N ALA L 767 -2.03 49.20 -119.96
CA ALA L 767 -3.41 49.35 -120.41
C ALA L 767 -3.72 48.40 -121.56
N ASN L 768 -2.76 48.17 -122.45
CA ASN L 768 -2.90 47.23 -123.55
C ASN L 768 -1.50 46.80 -123.98
N VAL L 769 -1.39 46.20 -125.17
CA VAL L 769 -0.10 45.71 -125.64
C VAL L 769 0.89 46.85 -125.81
N SER L 770 0.45 47.97 -126.38
CA SER L 770 1.33 49.07 -126.73
C SER L 770 1.25 50.27 -125.81
N ASP L 771 0.05 50.64 -125.36
CA ASP L 771 -0.12 51.86 -124.57
C ASP L 771 0.23 51.61 -123.11
N GLU L 772 1.18 52.37 -122.59
CA GLU L 772 1.57 52.32 -121.19
C GLU L 772 1.44 53.72 -120.60
N TYR L 773 0.83 53.81 -119.42
CA TYR L 773 0.54 55.09 -118.79
C TYR L 773 0.87 55.03 -117.30
N LEU L 774 1.14 56.19 -116.74
CA LEU L 774 1.37 56.35 -115.31
C LEU L 774 0.38 57.37 -114.75
N GLN L 775 -0.13 57.08 -113.55
CA GLN L 775 -1.17 57.91 -112.93
C GLN L 775 -0.57 59.05 -112.11
N TYR L 776 0.37 59.77 -112.71
CA TYR L 776 1.02 60.91 -112.09
C TYR L 776 0.81 62.14 -112.98
N ILE L 777 0.43 63.25 -112.36
CA ILE L 777 0.08 64.47 -113.06
C ILE L 777 1.08 65.56 -112.70
N PHE L 778 1.59 66.25 -113.71
CA PHE L 778 2.52 67.36 -113.49
C PHE L 778 1.80 68.51 -112.80
N ILE L 779 2.53 69.21 -111.93
CA ILE L 779 1.93 70.24 -111.09
C ILE L 779 2.41 71.64 -111.45
N GLU L 780 3.60 71.79 -112.03
CA GLU L 780 4.13 73.12 -112.31
C GLU L 780 3.24 73.89 -113.29
N ASP L 781 2.49 73.19 -114.14
CA ASP L 781 1.58 73.87 -115.05
C ASP L 781 0.46 74.58 -114.30
N ILE L 782 0.10 74.08 -113.12
CA ILE L 782 -0.94 74.72 -112.31
C ILE L 782 -0.43 76.05 -111.76
#